data_2DW7
#
_entry.id   2DW7
#
_cell.length_a   74.837
_cell.length_b   162.542
_cell.length_c   168.181
_cell.angle_alpha   117.76
_cell.angle_beta   90.03
_cell.angle_gamma   90.67
#
_symmetry.space_group_name_H-M   'P 1'
#
loop_
_entity.id
_entity.type
_entity.pdbx_description
1 polymer 'Bll6730 protein'
2 non-polymer 'MAGNESIUM ION'
3 non-polymer 'S,R MESO-TARTARIC ACID'
4 water water
#
_entity_poly.entity_id   1
_entity_poly.type   'polypeptide(L)'
_entity_poly.pdbx_seq_one_letter_code
;MSVRIVDVREITKPISSPIRNAYIDFTKMTTSLVAVVTDVVREGKRVVGYGFNSNGRYGQGGLIRERFASRILEADPKKL
LNEAGDNLDPDKVWAAMMINEKPGGHGERSVAVGTIDMAVWDAVAKIAGKPLFRLLAERHGVKANPRVFVYAAGGYYYPG
KGLSMLRGEMRGYLDRGYNVVKMKIGGAPIEEDRMRIEAVLEEIGKDAQLAVDANGRFNLETGIAYAKMLRDYPLFWYEE
VGDPLDYALQAALAEFYPGPMATGENLFSHQDARNLLRYGGMRPDRDWLQFDCALSYGLCEYQRTLEVLKTHGWSPSRCI
PHGGHQMSLNIAAGLGLGGNESYPDLFQPYGGFPDGVRVENGHITMPDLPGIGFEGKSDLYKEMKALAE
;
_entity_poly.pdbx_strand_id   A,B,C,D,E,F,G,H,I,J,K,L,M,N,O,P
#
# COMPACT_ATOMS: atom_id res chain seq x y z
N SER A 2 -10.42 5.29 -5.96
CA SER A 2 -9.68 4.13 -5.36
C SER A 2 -9.69 4.09 -3.82
N VAL A 3 -10.08 2.94 -3.26
CA VAL A 3 -10.12 2.78 -1.81
C VAL A 3 -9.49 1.45 -1.38
N ARG A 4 -8.19 1.51 -1.14
CA ARG A 4 -7.37 0.37 -0.74
C ARG A 4 -6.89 0.51 0.69
N ILE A 5 -6.96 -0.57 1.46
CA ILE A 5 -6.44 -0.51 2.81
C ILE A 5 -5.02 -1.02 2.57
N VAL A 6 -4.09 -0.09 2.53
CA VAL A 6 -2.70 -0.38 2.26
C VAL A 6 -1.90 -1.10 3.33
N ASP A 7 -2.23 -0.86 4.59
CA ASP A 7 -1.48 -1.50 5.65
C ASP A 7 -2.22 -1.51 6.98
N VAL A 8 -1.89 -2.51 7.80
CA VAL A 8 -2.48 -2.64 9.11
C VAL A 8 -1.31 -2.88 10.08
N ARG A 9 -0.97 -1.84 10.84
CA ARG A 9 0.13 -1.90 11.77
C ARG A 9 -0.32 -1.90 13.22
N GLU A 10 0.43 -2.62 14.03
CA GLU A 10 0.13 -2.76 15.44
C GLU A 10 1.41 -2.54 16.24
N ILE A 11 1.25 -2.22 17.52
CA ILE A 11 2.36 -1.99 18.42
C ILE A 11 1.79 -2.19 19.82
N THR A 12 2.49 -2.90 20.69
CA THR A 12 1.98 -3.15 22.03
C THR A 12 2.40 -2.07 23.01
N LYS A 13 1.43 -1.52 23.74
CA LYS A 13 1.66 -0.46 24.71
C LYS A 13 1.41 -0.94 26.15
N PRO A 14 2.27 -0.53 27.10
CA PRO A 14 2.09 -0.95 28.50
C PRO A 14 1.10 -0.07 29.22
N ILE A 15 0.25 -0.67 30.02
CA ILE A 15 -0.71 0.09 30.81
C ILE A 15 -0.81 -0.59 32.18
N SER A 16 0.35 -1.03 32.65
CA SER A 16 0.48 -1.72 33.93
C SER A 16 0.75 -0.83 35.15
N SER A 17 0.36 -1.34 36.31
CA SER A 17 0.57 -0.65 37.58
C SER A 17 0.16 -1.67 38.63
N PRO A 18 0.47 -1.39 39.91
CA PRO A 18 0.07 -2.36 40.94
C PRO A 18 -1.37 -2.26 41.42
N ILE A 19 -2.21 -1.56 40.67
CA ILE A 19 -3.62 -1.42 41.05
C ILE A 19 -4.26 -2.82 41.04
N ARG A 20 -5.17 -3.04 41.98
CA ARG A 20 -5.78 -4.36 42.10
C ARG A 20 -7.29 -4.39 42.33
N ASN A 21 -7.94 -5.38 41.73
CA ASN A 21 -9.36 -5.55 41.98
C ASN A 21 -9.53 -6.96 42.57
N ALA A 22 -10.77 -7.34 42.87
CA ALA A 22 -11.07 -8.64 43.47
C ALA A 22 -10.52 -9.86 42.76
N TYR A 23 -10.22 -9.73 41.48
CA TYR A 23 -9.77 -10.86 40.67
C TYR A 23 -8.39 -10.78 40.06
N ILE A 24 -8.00 -9.58 39.68
CA ILE A 24 -6.74 -9.36 38.97
C ILE A 24 -5.97 -8.12 39.40
N ASP A 25 -4.67 -8.13 39.12
CA ASP A 25 -3.86 -6.95 39.39
C ASP A 25 -3.28 -6.61 38.00
N PHE A 26 -3.07 -5.32 37.74
CA PHE A 26 -2.59 -4.91 36.43
C PHE A 26 -1.08 -4.82 36.23
N THR A 27 -0.35 -5.62 37.01
CA THR A 27 1.10 -5.68 36.97
C THR A 27 1.72 -5.82 35.60
N LYS A 28 1.13 -6.65 34.75
CA LYS A 28 1.67 -6.87 33.41
C LYS A 28 0.70 -6.45 32.29
N MET A 29 -0.31 -5.66 32.64
CA MET A 29 -1.31 -5.24 31.67
C MET A 29 -0.76 -4.47 30.47
N THR A 30 -1.25 -4.84 29.29
CA THR A 30 -0.85 -4.22 28.05
C THR A 30 -2.08 -3.96 27.16
N THR A 31 -1.85 -3.32 26.02
CA THR A 31 -2.92 -3.04 25.08
C THR A 31 -2.34 -2.86 23.68
N SER A 32 -3.14 -3.19 22.67
CA SER A 32 -2.70 -3.05 21.29
C SER A 32 -3.19 -1.76 20.64
N LEU A 33 -2.25 -1.02 20.03
CA LEU A 33 -2.58 0.22 19.33
C LEU A 33 -2.52 -0.17 17.87
N VAL A 34 -3.62 0.01 17.16
CA VAL A 34 -3.69 -0.37 15.75
C VAL A 34 -3.95 0.79 14.81
N ALA A 35 -3.39 0.68 13.62
CA ALA A 35 -3.56 1.69 12.60
C ALA A 35 -3.91 1.04 11.28
N VAL A 36 -5.00 1.51 10.68
CA VAL A 36 -5.44 1.01 9.38
C VAL A 36 -5.12 2.11 8.38
N VAL A 37 -4.05 1.91 7.63
CA VAL A 37 -3.59 2.89 6.65
C VAL A 37 -4.25 2.68 5.29
N THR A 38 -4.89 3.72 4.79
CA THR A 38 -5.56 3.65 3.50
C THR A 38 -4.80 4.48 2.48
N ASP A 39 -5.28 4.45 1.23
CA ASP A 39 -4.65 5.21 0.17
C ASP A 39 -5.54 6.40 -0.21
N VAL A 40 -6.65 6.55 0.50
CA VAL A 40 -7.57 7.65 0.24
C VAL A 40 -7.01 8.92 0.84
N VAL A 41 -7.17 10.02 0.12
CA VAL A 41 -6.64 11.29 0.60
C VAL A 41 -7.73 12.34 0.85
N ARG A 42 -7.71 12.88 2.05
CA ARG A 42 -8.66 13.91 2.48
C ARG A 42 -7.82 15.00 3.15
N GLU A 43 -7.98 16.25 2.70
CA GLU A 43 -7.22 17.38 3.24
C GLU A 43 -5.77 17.27 2.83
N GLY A 44 -5.51 16.61 1.70
CA GLY A 44 -4.15 16.45 1.23
C GLY A 44 -3.34 15.49 2.08
N LYS A 45 -4.01 14.84 3.02
CA LYS A 45 -3.36 13.90 3.93
C LYS A 45 -4.05 12.54 3.79
N ARG A 46 -3.27 11.47 3.80
CA ARG A 46 -3.84 10.12 3.68
C ARG A 46 -4.63 9.82 4.94
N VAL A 47 -5.82 9.25 4.79
CA VAL A 47 -6.65 8.92 5.94
C VAL A 47 -6.20 7.60 6.59
N VAL A 48 -5.99 7.67 7.90
CA VAL A 48 -5.57 6.52 8.68
C VAL A 48 -6.52 6.30 9.87
N GLY A 49 -7.00 5.07 10.00
CA GLY A 49 -7.87 4.75 11.12
C GLY A 49 -7.07 4.24 12.30
N TYR A 50 -7.49 4.58 13.52
CA TYR A 50 -6.79 4.14 14.70
C TYR A 50 -7.73 3.45 15.68
N GLY A 51 -7.15 2.62 16.54
CA GLY A 51 -7.92 1.92 17.55
C GLY A 51 -7.01 1.24 18.54
N PHE A 52 -7.57 0.85 19.67
CA PHE A 52 -6.80 0.14 20.71
C PHE A 52 -7.80 -0.62 21.56
N ASN A 53 -7.37 -1.69 22.22
CA ASN A 53 -8.30 -2.44 23.04
C ASN A 53 -8.33 -1.98 24.49
N SER A 54 -9.48 -2.15 25.12
CA SER A 54 -9.67 -1.76 26.51
C SER A 54 -8.73 -2.52 27.44
N ASN A 55 -8.61 -2.02 28.67
CA ASN A 55 -7.75 -2.63 29.67
C ASN A 55 -8.36 -3.94 30.16
N GLY A 56 -7.52 -4.80 30.72
CA GLY A 56 -8.02 -6.04 31.28
C GLY A 56 -7.79 -7.32 30.51
N ARG A 57 -7.77 -7.26 29.18
CA ARG A 57 -7.58 -8.48 28.40
C ARG A 57 -6.22 -8.63 27.72
N TYR A 58 -5.35 -7.63 27.87
CA TYR A 58 -4.01 -7.67 27.27
C TYR A 58 -4.00 -7.39 25.77
N GLY A 59 -2.82 -7.09 25.24
CA GLY A 59 -2.68 -6.80 23.83
C GLY A 59 -2.82 -8.06 23.01
N GLN A 60 -3.10 -7.91 21.73
CA GLN A 60 -3.27 -9.06 20.83
C GLN A 60 -2.42 -8.94 19.58
N GLY A 61 -1.17 -8.50 19.74
CA GLY A 61 -0.30 -8.35 18.59
C GLY A 61 -0.20 -9.60 17.74
N GLY A 62 0.05 -10.74 18.39
CA GLY A 62 0.16 -11.99 17.66
C GLY A 62 -1.02 -12.29 16.77
N LEU A 63 -2.22 -12.29 17.33
CA LEU A 63 -3.42 -12.58 16.57
C LEU A 63 -3.66 -11.57 15.45
N ILE A 64 -3.48 -10.29 15.75
CA ILE A 64 -3.68 -9.25 14.74
C ILE A 64 -2.76 -9.49 13.56
N ARG A 65 -1.50 -9.77 13.90
CA ARG A 65 -0.46 -10.00 12.90
C ARG A 65 -0.67 -11.24 12.04
N GLU A 66 -0.68 -12.38 12.71
CA GLU A 66 -0.81 -13.68 12.06
C GLU A 66 -2.17 -14.12 11.53
N ARG A 67 -3.26 -13.51 11.97
CA ARG A 67 -4.53 -13.97 11.48
C ARG A 67 -5.49 -12.95 10.87
N PHE A 68 -5.63 -11.80 11.50
CA PHE A 68 -6.58 -10.81 11.01
C PHE A 68 -6.09 -9.73 10.07
N ALA A 69 -4.95 -9.10 10.38
CA ALA A 69 -4.43 -8.07 9.49
C ALA A 69 -4.15 -8.68 8.12
N SER A 70 -3.59 -9.89 8.12
CA SER A 70 -3.29 -10.58 6.88
C SER A 70 -4.51 -10.69 5.96
N ARG A 71 -5.54 -11.39 6.43
CA ARG A 71 -6.75 -11.55 5.64
C ARG A 71 -7.24 -10.23 5.04
N ILE A 72 -7.30 -9.18 5.87
CA ILE A 72 -7.76 -7.88 5.39
C ILE A 72 -6.86 -7.34 4.28
N LEU A 73 -5.58 -7.67 4.34
CA LEU A 73 -4.63 -7.22 3.33
C LEU A 73 -4.62 -8.12 2.10
N GLU A 74 -4.88 -9.41 2.30
CA GLU A 74 -4.90 -10.38 1.21
C GLU A 74 -6.21 -10.40 0.43
N ALA A 75 -7.09 -9.44 0.70
CA ALA A 75 -8.38 -9.40 0.03
C ALA A 75 -8.42 -8.47 -1.17
N ASP A 76 -9.42 -8.67 -2.03
CA ASP A 76 -9.60 -7.83 -3.21
C ASP A 76 -10.21 -6.51 -2.73
N PRO A 77 -9.48 -5.41 -2.88
CA PRO A 77 -9.98 -4.09 -2.46
C PRO A 77 -11.38 -3.81 -2.97
N LYS A 78 -11.64 -4.20 -4.20
CA LYS A 78 -12.94 -3.97 -4.82
C LYS A 78 -14.09 -4.70 -4.10
N LYS A 79 -13.78 -5.72 -3.31
CA LYS A 79 -14.83 -6.45 -2.62
C LYS A 79 -15.06 -6.01 -1.17
N LEU A 80 -14.47 -4.88 -0.80
CA LEU A 80 -14.61 -4.37 0.56
C LEU A 80 -15.22 -2.98 0.55
N LEU A 81 -15.85 -2.64 -0.56
CA LEU A 81 -16.44 -1.31 -0.68
C LEU A 81 -17.96 -1.31 -0.64
N ASN A 82 -18.52 -0.12 -0.38
CA ASN A 82 -19.97 0.05 -0.35
C ASN A 82 -20.53 0.02 -1.78
N GLU A 83 -21.82 0.25 -1.92
CA GLU A 83 -22.46 0.26 -3.23
C GLU A 83 -21.78 1.25 -4.16
N ALA A 84 -21.66 2.49 -3.69
CA ALA A 84 -21.04 3.55 -4.48
C ALA A 84 -19.56 3.30 -4.78
N GLY A 85 -18.92 2.44 -4.00
CA GLY A 85 -17.52 2.16 -4.23
C GLY A 85 -16.61 3.32 -3.87
N ASP A 86 -17.14 4.29 -3.12
CA ASP A 86 -16.35 5.45 -2.72
C ASP A 86 -15.88 5.37 -1.27
N ASN A 87 -16.16 4.28 -0.59
CA ASN A 87 -15.74 4.12 0.80
C ASN A 87 -15.74 2.65 1.18
N LEU A 88 -15.04 2.33 2.25
CA LEU A 88 -14.97 0.96 2.76
C LEU A 88 -16.29 0.57 3.42
N ASP A 89 -16.65 -0.71 3.31
CA ASP A 89 -17.86 -1.21 3.95
C ASP A 89 -17.36 -1.95 5.20
N PRO A 90 -17.60 -1.37 6.39
CA PRO A 90 -17.17 -1.98 7.66
C PRO A 90 -17.49 -3.46 7.75
N ASP A 91 -18.74 -3.81 7.47
CA ASP A 91 -19.17 -5.20 7.54
C ASP A 91 -18.45 -6.12 6.57
N LYS A 92 -18.11 -5.61 5.39
CA LYS A 92 -17.41 -6.45 4.43
C LYS A 92 -15.98 -6.70 4.92
N VAL A 93 -15.39 -5.69 5.54
CA VAL A 93 -14.04 -5.84 6.07
C VAL A 93 -14.10 -6.83 7.23
N TRP A 94 -15.13 -6.69 8.06
CA TRP A 94 -15.33 -7.57 9.21
C TRP A 94 -15.43 -9.02 8.72
N ALA A 95 -16.34 -9.25 7.77
CA ALA A 95 -16.54 -10.58 7.23
C ALA A 95 -15.23 -11.10 6.66
N ALA A 96 -14.47 -10.21 6.03
CA ALA A 96 -13.20 -10.59 5.46
C ALA A 96 -12.23 -11.14 6.48
N MET A 97 -12.14 -10.51 7.66
CA MET A 97 -11.21 -11.01 8.66
C MET A 97 -11.74 -12.16 9.50
N MET A 98 -13.03 -12.47 9.37
CA MET A 98 -13.62 -13.56 10.12
C MET A 98 -13.76 -14.87 9.35
N ILE A 99 -13.26 -14.92 8.12
CA ILE A 99 -13.35 -16.16 7.34
C ILE A 99 -12.47 -17.22 7.98
N ASN A 100 -12.97 -18.45 7.99
CA ASN A 100 -12.25 -19.59 8.55
C ASN A 100 -12.03 -19.53 10.05
N GLU A 101 -12.97 -18.88 10.73
CA GLU A 101 -12.94 -18.79 12.18
C GLU A 101 -14.10 -19.66 12.68
N LYS A 102 -13.81 -20.71 13.43
CA LYS A 102 -14.88 -21.57 13.94
C LYS A 102 -15.68 -20.89 15.04
N PRO A 103 -16.97 -21.27 15.19
CA PRO A 103 -17.87 -20.68 16.20
C PRO A 103 -17.42 -20.97 17.63
N GLY A 104 -17.97 -20.21 18.57
CA GLY A 104 -17.59 -20.37 19.96
C GLY A 104 -16.19 -19.82 20.23
N GLY A 105 -15.70 -20.00 21.46
CA GLY A 105 -14.37 -19.51 21.81
C GLY A 105 -14.20 -18.00 21.65
N HIS A 106 -15.16 -17.23 22.15
CA HIS A 106 -15.08 -15.79 22.02
C HIS A 106 -14.27 -15.15 23.15
N GLY A 107 -12.97 -15.07 22.91
CA GLY A 107 -12.03 -14.50 23.84
C GLY A 107 -10.73 -14.36 23.08
N GLU A 108 -9.98 -13.31 23.40
CA GLU A 108 -8.69 -12.99 22.77
C GLU A 108 -8.82 -12.51 21.32
N ARG A 109 -9.27 -13.39 20.43
CA ARG A 109 -9.42 -13.00 19.03
C ARG A 109 -10.53 -11.97 18.92
N SER A 110 -11.46 -11.97 19.89
CA SER A 110 -12.56 -11.02 19.88
C SER A 110 -12.00 -9.62 20.19
N VAL A 111 -10.86 -9.60 20.89
CA VAL A 111 -10.19 -8.35 21.25
C VAL A 111 -9.39 -7.87 20.03
N ALA A 112 -8.75 -8.81 19.35
CA ALA A 112 -7.98 -8.47 18.16
C ALA A 112 -8.91 -7.87 17.10
N VAL A 113 -9.96 -8.62 16.75
CA VAL A 113 -10.89 -8.16 15.74
C VAL A 113 -11.56 -6.87 16.18
N GLY A 114 -11.91 -6.80 17.46
CA GLY A 114 -12.58 -5.62 17.97
C GLY A 114 -11.75 -4.37 17.83
N THR A 115 -10.45 -4.49 18.11
CA THR A 115 -9.58 -3.33 18.03
C THR A 115 -9.31 -2.92 16.56
N ILE A 116 -9.22 -3.90 15.66
CA ILE A 116 -9.01 -3.60 14.24
C ILE A 116 -10.29 -2.93 13.71
N ASP A 117 -11.43 -3.47 14.11
CA ASP A 117 -12.74 -2.95 13.71
C ASP A 117 -12.86 -1.48 14.12
N MET A 118 -12.33 -1.14 15.29
CA MET A 118 -12.39 0.24 15.77
C MET A 118 -11.72 1.15 14.74
N ALA A 119 -10.50 0.76 14.32
CA ALA A 119 -9.75 1.52 13.34
C ALA A 119 -10.46 1.58 12.00
N VAL A 120 -11.05 0.46 11.58
CA VAL A 120 -11.76 0.43 10.30
C VAL A 120 -12.87 1.47 10.27
N TRP A 121 -13.70 1.51 11.32
CA TRP A 121 -14.79 2.48 11.36
C TRP A 121 -14.25 3.91 11.44
N ASP A 122 -13.11 4.07 12.12
CA ASP A 122 -12.51 5.39 12.25
C ASP A 122 -12.16 5.89 10.85
N ALA A 123 -11.58 5.01 10.05
CA ALA A 123 -11.19 5.33 8.69
C ALA A 123 -12.41 5.65 7.84
N VAL A 124 -13.39 4.76 7.88
CA VAL A 124 -14.63 4.93 7.12
C VAL A 124 -15.26 6.30 7.38
N ALA A 125 -15.41 6.67 8.64
CA ALA A 125 -16.00 7.96 8.99
C ALA A 125 -15.14 9.10 8.46
N LYS A 126 -13.82 8.94 8.55
CA LYS A 126 -12.91 9.97 8.06
C LYS A 126 -13.04 10.12 6.54
N ILE A 127 -13.12 8.98 5.85
CA ILE A 127 -13.26 9.00 4.40
C ILE A 127 -14.58 9.66 4.00
N ALA A 128 -15.59 9.54 4.87
CA ALA A 128 -16.89 10.14 4.60
C ALA A 128 -16.95 11.57 5.10
N GLY A 129 -15.89 12.00 5.76
CA GLY A 129 -15.82 13.36 6.26
C GLY A 129 -16.81 13.69 7.37
N LYS A 130 -17.21 12.68 8.15
CA LYS A 130 -18.15 12.92 9.23
C LYS A 130 -17.65 12.34 10.54
N PRO A 131 -18.21 12.80 11.67
CA PRO A 131 -17.79 12.26 12.96
C PRO A 131 -18.44 10.88 13.02
N LEU A 132 -17.72 9.87 13.49
CA LEU A 132 -18.29 8.53 13.53
C LEU A 132 -19.70 8.46 14.10
N PHE A 133 -19.95 9.18 15.18
CA PHE A 133 -21.28 9.12 15.77
C PHE A 133 -22.37 9.68 14.88
N ARG A 134 -22.03 10.66 14.04
CA ARG A 134 -23.01 11.24 13.11
C ARG A 134 -23.28 10.22 12.00
N LEU A 135 -22.22 9.61 11.51
CA LEU A 135 -22.34 8.61 10.45
C LEU A 135 -23.18 7.43 10.90
N LEU A 136 -23.01 7.03 12.17
CA LEU A 136 -23.76 5.91 12.73
C LEU A 136 -25.24 6.20 12.79
N ALA A 137 -25.58 7.36 13.36
CA ALA A 137 -26.98 7.75 13.46
C ALA A 137 -27.60 7.74 12.06
N GLU A 138 -26.88 8.30 11.09
CA GLU A 138 -27.34 8.34 9.71
C GLU A 138 -27.67 6.94 9.21
N ARG A 139 -26.70 6.05 9.30
CA ARG A 139 -26.88 4.69 8.84
C ARG A 139 -28.08 3.99 9.49
N HIS A 140 -28.46 4.43 10.69
CA HIS A 140 -29.59 3.85 11.39
C HIS A 140 -30.88 4.66 11.21
N GLY A 141 -30.77 5.78 10.51
CA GLY A 141 -31.94 6.62 10.29
C GLY A 141 -32.46 7.24 11.57
N VAL A 142 -31.56 7.74 12.40
CA VAL A 142 -31.95 8.38 13.64
C VAL A 142 -31.09 9.63 13.83
N LYS A 143 -31.45 10.46 14.79
CA LYS A 143 -30.68 11.65 15.03
C LYS A 143 -29.72 11.39 16.18
N ALA A 144 -28.44 11.57 15.93
CA ALA A 144 -27.42 11.37 16.95
C ALA A 144 -27.57 12.40 18.05
N ASN A 145 -26.92 12.15 19.18
CA ASN A 145 -26.97 13.07 20.31
C ASN A 145 -25.58 13.09 20.92
N PRO A 146 -24.89 14.23 20.81
CA PRO A 146 -23.54 14.39 21.34
C PRO A 146 -23.41 14.46 22.87
N ARG A 147 -24.52 14.66 23.57
CA ARG A 147 -24.45 14.71 25.04
C ARG A 147 -24.44 13.26 25.57
N VAL A 148 -23.29 12.83 26.09
CA VAL A 148 -23.11 11.47 26.59
C VAL A 148 -22.78 11.40 28.08
N PHE A 149 -23.53 10.57 28.81
CA PHE A 149 -23.29 10.41 30.22
C PHE A 149 -22.01 9.60 30.43
N VAL A 150 -21.19 10.02 31.39
CA VAL A 150 -19.96 9.32 31.71
C VAL A 150 -19.77 9.28 33.21
N TYR A 151 -19.19 8.19 33.70
CA TYR A 151 -18.95 8.04 35.13
C TYR A 151 -17.48 7.71 35.32
N ALA A 152 -16.94 8.09 36.49
CA ALA A 152 -15.53 7.85 36.78
C ALA A 152 -15.32 6.51 37.48
N ALA A 153 -14.48 5.68 36.91
CA ALA A 153 -14.22 4.37 37.49
C ALA A 153 -12.81 4.28 38.08
N GLY A 154 -12.75 3.91 39.35
CA GLY A 154 -11.47 3.77 40.01
C GLY A 154 -11.68 3.03 41.32
N GLY A 155 -11.21 3.63 42.40
CA GLY A 155 -11.36 3.01 43.72
C GLY A 155 -10.71 1.64 43.78
N TYR A 156 -9.54 1.50 43.17
CA TYR A 156 -8.81 0.22 43.20
C TYR A 156 -8.10 0.01 44.55
N TYR A 157 -7.68 -1.22 44.80
CA TYR A 157 -6.94 -1.53 46.01
C TYR A 157 -5.51 -1.27 45.59
N TYR A 158 -4.79 -0.49 46.39
CA TYR A 158 -3.41 -0.17 46.08
C TYR A 158 -2.56 -0.39 47.33
N PRO A 159 -1.34 -0.92 47.17
CA PRO A 159 -0.50 -1.13 48.35
C PRO A 159 -0.28 0.18 49.12
N GLY A 160 -0.69 0.19 50.38
CA GLY A 160 -0.53 1.37 51.21
C GLY A 160 -1.60 2.43 51.05
N LYS A 161 -2.64 2.13 50.29
CA LYS A 161 -3.72 3.08 50.08
C LYS A 161 -4.76 2.96 51.19
N GLY A 162 -5.00 4.05 51.92
CA GLY A 162 -5.98 4.03 53.01
C GLY A 162 -7.25 4.81 52.69
N LEU A 163 -8.15 4.90 53.66
CA LEU A 163 -9.40 5.63 53.46
C LEU A 163 -9.13 7.05 53.02
N SER A 164 -8.07 7.63 53.56
CA SER A 164 -7.68 8.99 53.24
C SER A 164 -7.54 9.16 51.72
N MET A 165 -6.65 8.37 51.13
CA MET A 165 -6.42 8.42 49.70
C MET A 165 -7.63 8.06 48.84
N LEU A 166 -8.35 7.02 49.26
CA LEU A 166 -9.53 6.60 48.52
C LEU A 166 -10.41 7.84 48.38
N ARG A 167 -10.62 8.50 49.52
CA ARG A 167 -11.42 9.72 49.58
C ARG A 167 -10.91 10.75 48.59
N GLY A 168 -9.60 10.94 48.61
CA GLY A 168 -8.98 11.91 47.73
C GLY A 168 -9.29 11.60 46.28
N GLU A 169 -9.07 10.34 45.90
CA GLU A 169 -9.32 9.90 44.54
C GLU A 169 -10.71 10.29 44.10
N MET A 170 -11.70 9.93 44.90
CA MET A 170 -13.07 10.23 44.57
C MET A 170 -13.33 11.71 44.44
N ARG A 171 -12.87 12.48 45.42
CA ARG A 171 -13.05 13.92 45.39
C ARG A 171 -12.42 14.45 44.11
N GLY A 172 -11.30 13.86 43.72
CA GLY A 172 -10.64 14.28 42.51
C GLY A 172 -11.57 14.14 41.32
N TYR A 173 -12.34 13.05 41.28
CA TYR A 173 -13.27 12.82 40.18
C TYR A 173 -14.38 13.85 40.21
N LEU A 174 -14.94 14.10 41.39
CA LEU A 174 -16.01 15.09 41.50
C LEU A 174 -15.50 16.45 41.06
N ASP A 175 -14.25 16.78 41.39
CA ASP A 175 -13.66 18.06 41.00
C ASP A 175 -13.66 18.21 39.51
N ARG A 176 -13.61 17.10 38.80
CA ARG A 176 -13.61 17.16 37.36
C ARG A 176 -15.02 17.10 36.75
N GLY A 177 -16.03 17.16 37.63
CA GLY A 177 -17.41 17.19 37.16
C GLY A 177 -18.22 15.91 37.16
N TYR A 178 -17.61 14.81 37.57
CA TYR A 178 -18.32 13.55 37.59
C TYR A 178 -19.35 13.51 38.72
N ASN A 179 -20.54 12.97 38.46
CA ASN A 179 -21.56 12.84 39.51
C ASN A 179 -21.84 11.37 39.83
N VAL A 180 -21.00 10.49 39.30
CA VAL A 180 -21.10 9.05 39.53
C VAL A 180 -19.73 8.39 39.49
N VAL A 181 -19.31 7.82 40.62
CA VAL A 181 -18.01 7.14 40.72
C VAL A 181 -18.18 5.66 41.10
N LYS A 182 -17.27 4.81 40.64
CA LYS A 182 -17.32 3.37 40.93
C LYS A 182 -16.03 2.96 41.63
N MET A 183 -16.16 2.18 42.72
CA MET A 183 -15.02 1.69 43.49
C MET A 183 -14.99 0.16 43.47
N LYS A 184 -13.83 -0.42 43.78
CA LYS A 184 -13.69 -1.88 43.81
C LYS A 184 -14.04 -2.49 45.18
N ILE A 185 -14.76 -3.60 45.17
CA ILE A 185 -15.10 -4.26 46.42
C ILE A 185 -14.73 -5.73 46.25
N GLY A 186 -14.73 -6.48 47.34
CA GLY A 186 -14.39 -7.90 47.26
C GLY A 186 -12.91 -8.23 47.25
N GLY A 187 -12.08 -7.21 47.47
CA GLY A 187 -10.65 -7.41 47.52
C GLY A 187 -10.18 -7.40 48.98
N ALA A 188 -11.14 -7.29 49.90
CA ALA A 188 -10.86 -7.25 51.32
C ALA A 188 -12.03 -7.84 52.06
N PRO A 189 -11.93 -7.97 53.39
CA PRO A 189 -13.01 -8.52 54.21
C PRO A 189 -14.28 -7.72 54.03
N ILE A 190 -15.43 -8.36 54.21
CA ILE A 190 -16.66 -7.63 54.00
C ILE A 190 -16.81 -6.43 54.92
N GLU A 191 -16.33 -6.52 56.15
CA GLU A 191 -16.46 -5.38 57.07
C GLU A 191 -15.44 -4.28 56.77
N GLU A 192 -14.30 -4.64 56.20
CA GLU A 192 -13.30 -3.66 55.82
C GLU A 192 -13.89 -2.89 54.64
N ASP A 193 -14.43 -3.64 53.67
CA ASP A 193 -15.06 -3.07 52.48
C ASP A 193 -16.20 -2.13 52.85
N ARG A 194 -17.00 -2.51 53.84
CA ARG A 194 -18.11 -1.66 54.25
C ARG A 194 -17.61 -0.31 54.67
N MET A 195 -16.46 -0.31 55.36
CA MET A 195 -15.84 0.93 55.84
C MET A 195 -15.47 1.80 54.63
N ARG A 196 -14.82 1.18 53.64
CA ARG A 196 -14.42 1.91 52.45
C ARG A 196 -15.59 2.61 51.77
N ILE A 197 -16.73 1.92 51.71
CA ILE A 197 -17.94 2.46 51.08
C ILE A 197 -18.49 3.59 51.92
N GLU A 198 -18.62 3.38 53.23
CA GLU A 198 -19.14 4.44 54.08
C GLU A 198 -18.26 5.71 53.94
N ALA A 199 -16.96 5.53 53.82
CA ALA A 199 -16.03 6.65 53.69
C ALA A 199 -16.30 7.40 52.41
N VAL A 200 -16.33 6.68 51.29
CA VAL A 200 -16.58 7.27 49.98
C VAL A 200 -17.94 7.98 49.96
N LEU A 201 -18.95 7.30 50.52
CA LEU A 201 -20.27 7.90 50.57
C LEU A 201 -20.15 9.22 51.33
N GLU A 202 -19.46 9.16 52.48
CA GLU A 202 -19.23 10.32 53.33
C GLU A 202 -18.59 11.44 52.54
N GLU A 203 -17.55 11.09 51.80
CA GLU A 203 -16.82 12.06 51.00
C GLU A 203 -17.62 12.74 49.90
N ILE A 204 -18.38 11.96 49.13
CA ILE A 204 -19.17 12.52 48.04
C ILE A 204 -20.48 13.13 48.52
N GLY A 205 -20.90 12.76 49.72
CA GLY A 205 -22.14 13.29 50.26
C GLY A 205 -23.31 13.23 49.28
N LYS A 206 -23.84 14.40 48.94
CA LYS A 206 -24.97 14.47 48.03
C LYS A 206 -24.59 15.02 46.66
N ASP A 207 -23.30 15.07 46.37
CA ASP A 207 -22.82 15.59 45.10
C ASP A 207 -22.57 14.48 44.07
N ALA A 208 -22.66 13.23 44.51
CA ALA A 208 -22.42 12.10 43.61
C ALA A 208 -22.99 10.80 44.15
N GLN A 209 -23.12 9.82 43.26
CA GLN A 209 -23.62 8.51 43.64
C GLN A 209 -22.51 7.50 43.45
N LEU A 210 -22.54 6.45 44.26
CA LEU A 210 -21.50 5.44 44.24
C LEU A 210 -21.91 4.09 43.64
N ALA A 211 -20.99 3.49 42.89
CA ALA A 211 -21.21 2.16 42.29
C ALA A 211 -20.08 1.25 42.74
N VAL A 212 -20.41 0.01 43.11
CA VAL A 212 -19.40 -0.96 43.56
C VAL A 212 -19.25 -2.07 42.54
N ASP A 213 -18.03 -2.59 42.39
CA ASP A 213 -17.73 -3.61 41.41
C ASP A 213 -16.91 -4.76 42.02
N ALA A 214 -17.50 -5.96 42.06
CA ALA A 214 -16.87 -7.15 42.63
C ALA A 214 -16.04 -7.94 41.63
N ASN A 215 -16.02 -7.47 40.39
CA ASN A 215 -15.24 -8.13 39.34
C ASN A 215 -15.49 -9.63 39.18
N GLY A 216 -16.73 -10.04 39.41
CA GLY A 216 -17.10 -11.43 39.24
C GLY A 216 -16.37 -12.43 40.10
N ARG A 217 -15.95 -11.99 41.28
CA ARG A 217 -15.19 -12.85 42.18
C ARG A 217 -16.04 -13.71 43.12
N PHE A 218 -17.23 -13.25 43.48
CA PHE A 218 -18.08 -13.96 44.43
C PHE A 218 -18.83 -15.22 43.99
N ASN A 219 -19.04 -16.13 44.94
CA ASN A 219 -19.80 -17.34 44.67
C ASN A 219 -21.19 -16.92 45.15
N LEU A 220 -22.19 -17.79 45.02
CA LEU A 220 -23.53 -17.40 45.42
C LEU A 220 -23.67 -16.87 46.85
N GLU A 221 -23.17 -17.61 47.82
CA GLU A 221 -23.30 -17.17 49.22
C GLU A 221 -22.60 -15.87 49.52
N THR A 222 -21.38 -15.70 49.01
CA THR A 222 -20.65 -14.46 49.24
C THR A 222 -21.41 -13.30 48.57
N GLY A 223 -21.91 -13.57 47.36
CA GLY A 223 -22.64 -12.54 46.63
C GLY A 223 -23.84 -12.06 47.42
N ILE A 224 -24.51 -13.01 48.07
CA ILE A 224 -25.69 -12.69 48.88
C ILE A 224 -25.29 -11.96 50.15
N ALA A 225 -24.19 -12.37 50.78
CA ALA A 225 -23.72 -11.71 51.99
C ALA A 225 -23.45 -10.22 51.70
N TYR A 226 -22.72 -9.98 50.61
CA TYR A 226 -22.43 -8.60 50.22
C TYR A 226 -23.71 -7.86 49.83
N ALA A 227 -24.65 -8.58 49.26
CA ALA A 227 -25.91 -7.96 48.85
C ALA A 227 -26.64 -7.43 50.09
N LYS A 228 -26.72 -8.24 51.14
CA LYS A 228 -27.37 -7.84 52.38
C LYS A 228 -26.69 -6.61 53.00
N MET A 229 -25.37 -6.54 52.86
CA MET A 229 -24.60 -5.43 53.39
C MET A 229 -24.74 -4.21 52.48
N LEU A 230 -24.60 -4.42 51.18
CA LEU A 230 -24.70 -3.35 50.19
C LEU A 230 -26.08 -2.69 50.06
N ARG A 231 -27.13 -3.49 50.19
CA ARG A 231 -28.48 -2.95 50.02
C ARG A 231 -28.91 -1.88 51.01
N ASP A 232 -28.18 -1.74 52.12
CA ASP A 232 -28.53 -0.72 53.11
C ASP A 232 -28.02 0.66 52.70
N TYR A 233 -27.21 0.70 51.64
CA TYR A 233 -26.68 1.97 51.15
C TYR A 233 -27.31 2.31 49.81
N PRO A 234 -27.49 3.60 49.52
CA PRO A 234 -28.09 4.06 48.26
C PRO A 234 -27.13 4.01 47.08
N LEU A 235 -26.63 2.83 46.77
CA LEU A 235 -25.70 2.64 45.66
C LEU A 235 -26.31 2.82 44.27
N PHE A 236 -25.49 3.24 43.32
CA PHE A 236 -25.92 3.45 41.94
C PHE A 236 -26.09 2.08 41.29
N TRP A 237 -25.13 1.19 41.53
CA TRP A 237 -25.22 -0.18 41.04
C TRP A 237 -24.22 -1.15 41.67
N TYR A 238 -24.56 -2.43 41.65
CA TYR A 238 -23.76 -3.52 42.18
C TYR A 238 -23.33 -4.28 40.91
N GLU A 239 -22.05 -4.14 40.54
CA GLU A 239 -21.52 -4.73 39.32
C GLU A 239 -20.82 -6.09 39.40
N GLU A 240 -21.02 -6.88 38.34
CA GLU A 240 -20.44 -8.20 38.19
C GLU A 240 -20.21 -8.95 39.52
N VAL A 241 -21.31 -9.35 40.15
CA VAL A 241 -21.26 -10.08 41.40
C VAL A 241 -20.51 -11.41 41.32
N GLY A 242 -20.97 -12.31 40.47
CA GLY A 242 -20.32 -13.60 40.32
C GLY A 242 -19.71 -13.77 38.96
N ASP A 243 -19.24 -14.98 38.66
CA ASP A 243 -18.63 -15.28 37.37
C ASP A 243 -19.50 -14.76 36.21
N PRO A 244 -18.87 -14.19 35.18
CA PRO A 244 -19.59 -13.64 34.03
C PRO A 244 -20.55 -14.61 33.34
N LEU A 245 -20.21 -15.90 33.40
CA LEU A 245 -21.02 -16.92 32.74
C LEU A 245 -21.98 -17.69 33.66
N ASP A 246 -21.98 -17.38 34.96
CA ASP A 246 -22.88 -18.07 35.88
C ASP A 246 -24.21 -17.31 35.94
N TYR A 247 -24.95 -17.40 34.86
CA TYR A 247 -26.23 -16.72 34.75
C TYR A 247 -27.20 -17.07 35.88
N ALA A 248 -27.15 -18.32 36.33
CA ALA A 248 -28.04 -18.75 37.42
C ALA A 248 -27.74 -17.96 38.70
N LEU A 249 -26.46 -17.73 38.95
CA LEU A 249 -26.06 -16.97 40.14
C LEU A 249 -26.64 -15.58 40.05
N GLN A 250 -26.41 -14.92 38.91
CA GLN A 250 -26.93 -13.57 38.71
C GLN A 250 -28.43 -13.53 38.95
N ALA A 251 -29.14 -14.52 38.41
CA ALA A 251 -30.61 -14.55 38.56
C ALA A 251 -31.05 -14.68 40.02
N ALA A 252 -30.36 -15.55 40.77
CA ALA A 252 -30.70 -15.75 42.17
C ALA A 252 -30.52 -14.50 43.01
N LEU A 253 -29.68 -13.59 42.55
CA LEU A 253 -29.43 -12.36 43.30
C LEU A 253 -30.60 -11.40 43.38
N ALA A 254 -31.47 -11.43 42.37
CA ALA A 254 -32.60 -10.51 42.36
C ALA A 254 -33.45 -10.60 43.62
N GLU A 255 -33.50 -11.79 44.24
CA GLU A 255 -34.29 -11.99 45.46
C GLU A 255 -33.72 -11.24 46.67
N PHE A 256 -32.42 -10.94 46.63
CA PHE A 256 -31.78 -10.28 47.75
C PHE A 256 -31.31 -8.85 47.48
N TYR A 257 -31.29 -8.45 46.22
CA TYR A 257 -30.83 -7.10 45.88
C TYR A 257 -31.78 -6.40 44.90
N PRO A 258 -32.71 -5.58 45.43
CA PRO A 258 -33.69 -4.84 44.64
C PRO A 258 -33.04 -3.75 43.79
N GLY A 259 -31.96 -3.18 44.29
CA GLY A 259 -31.27 -2.11 43.59
C GLY A 259 -30.62 -2.52 42.28
N PRO A 260 -30.37 -1.56 41.38
CA PRO A 260 -29.75 -1.88 40.11
C PRO A 260 -28.43 -2.64 40.16
N MET A 261 -28.28 -3.61 39.27
CA MET A 261 -27.07 -4.41 39.16
C MET A 261 -26.57 -4.25 37.75
N ALA A 262 -25.31 -4.64 37.52
CA ALA A 262 -24.70 -4.51 36.21
C ALA A 262 -23.73 -5.64 35.96
N THR A 263 -23.50 -5.94 34.69
CA THR A 263 -22.54 -6.97 34.32
C THR A 263 -22.42 -6.98 32.80
N GLY A 264 -21.49 -7.77 32.27
CA GLY A 264 -21.35 -7.84 30.84
C GLY A 264 -20.02 -7.48 30.23
N GLU A 265 -19.19 -6.76 30.98
CA GLU A 265 -17.88 -6.38 30.47
C GLU A 265 -17.08 -7.59 30.00
N ASN A 266 -17.30 -8.75 30.61
CA ASN A 266 -16.55 -9.94 30.22
C ASN A 266 -17.26 -10.95 29.27
N LEU A 267 -18.35 -10.51 28.64
CA LEU A 267 -19.05 -11.34 27.67
C LEU A 267 -18.64 -10.69 26.35
N PHE A 268 -18.06 -11.46 25.45
CA PHE A 268 -17.55 -10.89 24.22
C PHE A 268 -18.19 -11.24 22.88
N SER A 269 -19.47 -11.59 22.87
CA SER A 269 -20.14 -11.94 21.61
C SER A 269 -21.62 -11.72 21.75
N HIS A 270 -22.33 -11.58 20.63
CA HIS A 270 -23.77 -11.38 20.73
C HIS A 270 -24.41 -12.69 21.25
N GLN A 271 -23.76 -13.83 20.98
CA GLN A 271 -24.28 -15.10 21.48
C GLN A 271 -24.21 -15.12 23.00
N ASP A 272 -23.10 -14.66 23.57
CA ASP A 272 -22.95 -14.64 25.02
C ASP A 272 -23.90 -13.61 25.62
N ALA A 273 -24.09 -12.50 24.93
CA ALA A 273 -25.00 -11.48 25.42
C ALA A 273 -26.43 -12.05 25.42
N ARG A 274 -26.76 -12.81 24.39
CA ARG A 274 -28.08 -13.41 24.29
C ARG A 274 -28.31 -14.36 25.48
N ASN A 275 -27.28 -15.11 25.87
CA ASN A 275 -27.45 -16.04 26.98
C ASN A 275 -27.69 -15.29 28.30
N LEU A 276 -27.04 -14.14 28.46
CA LEU A 276 -27.24 -13.35 29.67
C LEU A 276 -28.67 -12.88 29.72
N LEU A 277 -29.21 -12.42 28.59
CA LEU A 277 -30.60 -11.96 28.56
C LEU A 277 -31.60 -13.11 28.71
N ARG A 278 -31.21 -14.30 28.30
CA ARG A 278 -32.07 -15.47 28.43
C ARG A 278 -32.08 -16.08 29.84
N TYR A 279 -30.91 -16.16 30.46
CA TYR A 279 -30.81 -16.83 31.76
C TYR A 279 -30.38 -16.01 32.97
N GLY A 280 -29.84 -14.81 32.78
CA GLY A 280 -29.36 -13.99 33.88
C GLY A 280 -30.41 -13.41 34.81
N GLY A 281 -31.67 -13.44 34.40
CA GLY A 281 -32.70 -12.90 35.25
C GLY A 281 -32.51 -11.45 35.61
N MET A 282 -31.89 -10.65 34.74
CA MET A 282 -31.70 -9.23 35.06
C MET A 282 -32.99 -8.44 34.82
N ARG A 283 -33.10 -7.29 35.49
CA ARG A 283 -34.28 -6.44 35.38
C ARG A 283 -34.05 -5.37 34.32
N PRO A 284 -34.72 -5.50 33.16
CA PRO A 284 -34.56 -4.52 32.07
C PRO A 284 -34.94 -3.08 32.37
N ASP A 285 -35.68 -2.85 33.45
CA ASP A 285 -36.06 -1.48 33.77
C ASP A 285 -35.00 -0.72 34.60
N ARG A 286 -34.03 -1.44 35.15
CA ARG A 286 -33.03 -0.79 36.00
C ARG A 286 -31.60 -1.31 35.97
N ASP A 287 -31.36 -2.48 35.39
CA ASP A 287 -29.99 -2.96 35.37
C ASP A 287 -29.22 -2.41 34.17
N TRP A 288 -27.90 -2.64 34.15
CA TRP A 288 -27.07 -2.14 33.08
C TRP A 288 -26.22 -3.20 32.41
N LEU A 289 -26.14 -3.15 31.08
CA LEU A 289 -25.36 -4.09 30.30
C LEU A 289 -24.06 -3.39 29.90
N GLN A 290 -22.92 -3.99 30.26
CA GLN A 290 -21.63 -3.38 30.02
C GLN A 290 -20.74 -3.98 28.95
N PHE A 291 -21.35 -4.56 27.92
CA PHE A 291 -20.60 -5.16 26.81
C PHE A 291 -19.69 -4.07 26.22
N ASP A 292 -18.47 -4.47 25.87
CA ASP A 292 -17.45 -3.57 25.32
C ASP A 292 -17.10 -3.97 23.89
N CYS A 293 -17.51 -3.15 22.92
CA CYS A 293 -17.26 -3.49 21.52
C CYS A 293 -15.79 -3.69 21.20
N ALA A 294 -14.92 -2.97 21.89
CA ALA A 294 -13.49 -3.07 21.66
C ALA A 294 -12.95 -4.46 22.00
N LEU A 295 -13.63 -5.17 22.90
CA LEU A 295 -13.21 -6.51 23.29
C LEU A 295 -14.16 -7.57 22.73
N SER A 296 -15.19 -7.13 22.01
CA SER A 296 -16.18 -8.05 21.47
C SER A 296 -16.42 -7.99 19.96
N TYR A 297 -15.35 -8.19 19.19
CA TYR A 297 -15.44 -8.19 17.73
C TYR A 297 -15.89 -6.86 17.10
N GLY A 298 -15.74 -5.77 17.85
CA GLY A 298 -16.07 -4.46 17.33
C GLY A 298 -17.52 -4.03 17.21
N LEU A 299 -17.71 -2.86 16.60
CA LEU A 299 -19.04 -2.29 16.37
C LEU A 299 -19.91 -3.14 15.44
N CYS A 300 -19.29 -3.83 14.47
CA CYS A 300 -20.05 -4.68 13.56
C CYS A 300 -20.77 -5.74 14.36
N GLU A 301 -20.11 -6.21 15.41
CA GLU A 301 -20.70 -7.23 16.28
C GLU A 301 -21.63 -6.57 17.29
N TYR A 302 -21.23 -5.41 17.81
CA TYR A 302 -22.06 -4.71 18.80
C TYR A 302 -23.46 -4.46 18.23
N GLN A 303 -23.52 -4.17 16.94
CA GLN A 303 -24.81 -3.94 16.30
C GLN A 303 -25.69 -5.18 16.37
N ARG A 304 -25.07 -6.35 16.28
CA ARG A 304 -25.82 -7.59 16.38
C ARG A 304 -26.27 -7.75 17.83
N THR A 305 -25.43 -7.37 18.77
CA THR A 305 -25.81 -7.48 20.18
C THR A 305 -27.00 -6.58 20.45
N LEU A 306 -27.00 -5.38 19.87
CA LEU A 306 -28.12 -4.45 20.06
C LEU A 306 -29.39 -5.08 19.50
N GLU A 307 -29.24 -5.84 18.43
CA GLU A 307 -30.38 -6.50 17.82
C GLU A 307 -30.90 -7.55 18.80
N VAL A 308 -29.98 -8.22 19.51
CA VAL A 308 -30.38 -9.21 20.50
C VAL A 308 -31.19 -8.52 21.60
N LEU A 309 -30.77 -7.33 22.01
CA LEU A 309 -31.51 -6.61 23.04
C LEU A 309 -32.95 -6.39 22.57
N LYS A 310 -33.10 -6.02 21.30
CA LYS A 310 -34.41 -5.76 20.74
C LYS A 310 -35.27 -7.01 20.82
N THR A 311 -34.69 -8.16 20.47
CA THR A 311 -35.39 -9.43 20.52
C THR A 311 -35.83 -9.82 21.93
N HIS A 312 -35.19 -9.23 22.94
CA HIS A 312 -35.54 -9.57 24.30
C HIS A 312 -36.22 -8.46 25.07
N GLY A 313 -36.60 -7.41 24.36
CA GLY A 313 -37.29 -6.30 25.00
C GLY A 313 -36.47 -5.30 25.80
N TRP A 314 -35.16 -5.26 25.56
CA TRP A 314 -34.29 -4.32 26.26
C TRP A 314 -34.04 -3.06 25.45
N SER A 315 -33.93 -1.93 26.15
CA SER A 315 -33.65 -0.66 25.49
C SER A 315 -32.15 -0.47 25.36
N PRO A 316 -31.68 0.12 24.26
CA PRO A 316 -30.23 0.32 24.12
C PRO A 316 -29.72 1.29 25.20
N SER A 317 -30.65 2.02 25.81
CA SER A 317 -30.28 2.98 26.85
C SER A 317 -29.85 2.28 28.14
N ARG A 318 -29.91 0.96 28.14
CA ARG A 318 -29.51 0.18 29.31
C ARG A 318 -28.05 -0.19 29.17
N CYS A 319 -27.45 0.20 28.06
CA CYS A 319 -26.04 -0.08 27.80
C CYS A 319 -25.08 1.03 28.22
N ILE A 320 -24.06 0.65 28.98
CA ILE A 320 -23.02 1.57 29.42
C ILE A 320 -21.76 0.72 29.28
N PRO A 321 -21.16 0.73 28.09
CA PRO A 321 -19.95 -0.04 27.79
C PRO A 321 -18.79 0.15 28.76
N HIS A 322 -18.04 -0.93 28.94
CA HIS A 322 -16.87 -0.93 29.77
C HIS A 322 -15.75 -0.48 28.83
N GLY A 323 -14.61 -0.07 29.38
CA GLY A 323 -13.49 0.29 28.53
C GLY A 323 -13.03 1.74 28.56
N GLY A 324 -13.94 2.66 28.82
CA GLY A 324 -13.60 4.06 28.87
C GLY A 324 -12.91 4.63 27.64
N HIS A 325 -13.24 4.13 26.45
CA HIS A 325 -12.63 4.63 25.22
C HIS A 325 -13.61 5.41 24.34
N GLN A 326 -13.07 6.21 23.44
CA GLN A 326 -13.86 7.06 22.57
C GLN A 326 -14.76 6.33 21.57
N MET A 327 -14.40 5.11 21.19
CA MET A 327 -15.22 4.36 20.27
C MET A 327 -16.61 4.23 20.89
N SER A 328 -16.66 3.86 22.17
CA SER A 328 -17.92 3.72 22.89
C SER A 328 -18.66 5.05 22.93
N LEU A 329 -17.93 6.13 23.20
CA LEU A 329 -18.53 7.47 23.25
C LEU A 329 -19.30 7.73 21.94
N ASN A 330 -18.68 7.36 20.82
CA ASN A 330 -19.31 7.53 19.50
C ASN A 330 -20.55 6.65 19.34
N ILE A 331 -20.44 5.37 19.72
CA ILE A 331 -21.58 4.48 19.62
C ILE A 331 -22.71 4.99 20.51
N ALA A 332 -22.36 5.45 21.71
CA ALA A 332 -23.36 5.94 22.65
C ALA A 332 -24.11 7.13 22.09
N ALA A 333 -23.36 8.11 21.58
CA ALA A 333 -23.95 9.32 21.02
C ALA A 333 -24.77 9.04 19.77
N GLY A 334 -24.31 8.12 18.94
CA GLY A 334 -25.04 7.84 17.73
C GLY A 334 -26.23 6.90 17.84
N LEU A 335 -26.10 5.84 18.65
CA LEU A 335 -27.18 4.87 18.78
C LEU A 335 -28.00 4.96 20.06
N GLY A 336 -27.72 5.96 20.88
CA GLY A 336 -28.49 6.13 22.11
C GLY A 336 -28.23 5.17 23.25
N LEU A 337 -26.96 4.90 23.55
CA LEU A 337 -26.63 4.02 24.67
C LEU A 337 -26.86 4.84 25.93
N GLY A 338 -26.81 4.17 27.09
CA GLY A 338 -27.02 4.87 28.34
C GLY A 338 -25.87 5.75 28.79
N GLY A 339 -24.68 5.50 28.27
CA GLY A 339 -23.54 6.30 28.66
C GLY A 339 -22.25 5.53 28.44
N ASN A 340 -21.17 5.95 29.09
CA ASN A 340 -19.88 5.29 28.91
C ASN A 340 -19.04 5.36 30.18
N GLU A 341 -18.15 4.40 30.32
CA GLU A 341 -17.27 4.35 31.47
C GLU A 341 -16.10 5.28 31.16
N SER A 342 -15.43 5.75 32.20
CA SER A 342 -14.29 6.65 32.05
C SER A 342 -13.26 6.41 33.14
N TYR A 343 -11.99 6.50 32.79
CA TYR A 343 -10.91 6.33 33.77
C TYR A 343 -10.05 7.61 33.74
N PRO A 344 -10.44 8.64 34.50
CA PRO A 344 -9.69 9.91 34.53
C PRO A 344 -8.20 9.76 34.85
N ASP A 345 -7.85 8.77 35.66
CA ASP A 345 -6.45 8.60 36.01
C ASP A 345 -5.74 7.40 35.41
N LEU A 346 -6.42 6.26 35.35
CA LEU A 346 -5.77 5.06 34.83
C LEU A 346 -5.65 4.93 33.31
N PHE A 347 -4.75 4.04 32.91
CA PHE A 347 -4.51 3.70 31.52
C PHE A 347 -4.29 4.83 30.53
N GLN A 348 -4.08 6.06 31.00
CA GLN A 348 -3.85 7.13 30.04
C GLN A 348 -2.55 6.93 29.25
N PRO A 349 -2.47 7.48 28.03
CA PRO A 349 -3.44 8.28 27.25
C PRO A 349 -4.52 7.51 26.47
N TYR A 350 -4.62 6.19 26.71
CA TYR A 350 -5.60 5.37 26.01
C TYR A 350 -7.00 5.40 26.64
N GLY A 351 -7.72 6.46 26.31
CA GLY A 351 -9.07 6.65 26.80
C GLY A 351 -9.24 8.14 26.89
N GLY A 352 -10.24 8.61 27.59
CA GLY A 352 -10.42 10.04 27.71
C GLY A 352 -11.21 10.71 26.59
N PHE A 353 -11.15 12.03 26.56
CA PHE A 353 -11.87 12.82 25.59
C PHE A 353 -10.92 13.73 24.84
N PRO A 354 -11.39 14.38 23.76
CA PRO A 354 -10.48 15.27 23.02
C PRO A 354 -10.04 16.44 23.91
N ASP A 355 -8.87 16.98 23.63
CA ASP A 355 -8.37 18.10 24.44
C ASP A 355 -9.42 19.19 24.40
N GLY A 356 -9.69 19.78 25.56
CA GLY A 356 -10.67 20.84 25.63
C GLY A 356 -12.04 20.42 26.17
N VAL A 357 -12.56 19.27 25.77
CA VAL A 357 -13.86 18.88 26.28
C VAL A 357 -13.74 18.51 27.76
N ARG A 358 -14.65 19.06 28.55
CA ARG A 358 -14.68 18.83 29.98
C ARG A 358 -16.00 18.18 30.38
N VAL A 359 -15.99 17.55 31.55
CA VAL A 359 -17.15 16.86 32.10
C VAL A 359 -17.99 17.80 32.93
N GLU A 360 -19.22 18.03 32.49
CA GLU A 360 -20.15 18.91 33.19
C GLU A 360 -21.33 18.08 33.69
N ASN A 361 -21.51 18.05 35.01
CA ASN A 361 -22.59 17.27 35.61
C ASN A 361 -22.70 15.84 35.07
N GLY A 362 -21.60 15.09 35.13
CA GLY A 362 -21.58 13.73 34.63
C GLY A 362 -21.77 13.56 33.13
N HIS A 363 -21.62 14.64 32.38
CA HIS A 363 -21.76 14.57 30.93
C HIS A 363 -20.69 15.31 30.15
N ILE A 364 -20.50 14.91 28.91
CA ILE A 364 -19.54 15.54 28.03
C ILE A 364 -20.30 15.75 26.73
N THR A 365 -19.81 16.66 25.89
CA THR A 365 -20.48 16.89 24.61
C THR A 365 -19.48 16.60 23.50
N MET A 366 -19.84 15.64 22.66
CA MET A 366 -18.98 15.24 21.57
C MET A 366 -18.75 16.35 20.54
N PRO A 367 -17.48 16.75 20.35
CA PRO A 367 -17.18 17.80 19.37
C PRO A 367 -17.29 17.17 17.99
N ASP A 368 -17.59 17.96 16.97
CA ASP A 368 -17.72 17.39 15.63
C ASP A 368 -16.40 17.16 14.91
N LEU A 369 -15.62 16.22 15.42
CA LEU A 369 -14.33 15.86 14.83
C LEU A 369 -14.54 14.68 13.89
N PRO A 370 -13.81 14.64 12.77
CA PRO A 370 -14.00 13.52 11.84
C PRO A 370 -13.57 12.19 12.46
N GLY A 371 -14.29 11.12 12.13
CA GLY A 371 -13.95 9.81 12.67
C GLY A 371 -14.23 9.73 14.16
N ILE A 372 -13.43 8.94 14.87
CA ILE A 372 -13.60 8.75 16.30
C ILE A 372 -13.25 10.02 17.07
N GLY A 373 -12.32 10.79 16.51
CA GLY A 373 -11.93 12.03 17.16
C GLY A 373 -10.64 11.95 17.93
N PHE A 374 -9.87 10.90 17.69
CA PHE A 374 -8.60 10.72 18.38
C PHE A 374 -7.66 11.90 18.20
N GLU A 375 -7.70 12.52 17.01
CA GLU A 375 -6.84 13.65 16.71
C GLU A 375 -7.01 14.78 17.72
N GLY A 376 -8.20 14.88 18.31
CA GLY A 376 -8.46 15.94 19.27
C GLY A 376 -7.71 15.79 20.58
N LYS A 377 -7.17 14.59 20.82
CA LYS A 377 -6.43 14.33 22.06
C LYS A 377 -4.96 14.20 21.70
N SER A 378 -4.25 15.31 21.78
CA SER A 378 -2.84 15.36 21.41
C SER A 378 -1.93 14.29 21.98
N ASP A 379 -1.99 14.06 23.29
CA ASP A 379 -1.13 13.05 23.91
C ASP A 379 -1.41 11.64 23.42
N LEU A 380 -2.63 11.40 22.94
CA LEU A 380 -2.98 10.08 22.43
C LEU A 380 -2.60 10.02 20.95
N TYR A 381 -3.00 11.04 20.20
CA TYR A 381 -2.72 11.10 18.77
C TYR A 381 -1.22 11.05 18.49
N LYS A 382 -0.42 11.59 19.41
CA LYS A 382 1.03 11.58 19.27
C LYS A 382 1.47 10.14 19.09
N GLU A 383 0.94 9.27 19.96
CA GLU A 383 1.23 7.85 19.93
C GLU A 383 0.79 7.21 18.63
N MET A 384 -0.41 7.57 18.18
CA MET A 384 -0.98 7.02 16.96
C MET A 384 -0.25 7.42 15.69
N LYS A 385 0.06 8.70 15.51
CA LYS A 385 0.77 9.11 14.31
C LYS A 385 2.20 8.58 14.33
N ALA A 386 2.65 8.19 15.51
CA ALA A 386 3.98 7.63 15.67
C ALA A 386 3.97 6.21 15.15
N LEU A 387 2.81 5.57 15.21
CA LEU A 387 2.65 4.19 14.72
C LEU A 387 2.55 4.20 13.20
N ALA A 388 1.73 5.09 12.67
CA ALA A 388 1.54 5.20 11.25
C ALA A 388 0.96 6.55 10.90
N GLU A 389 1.36 7.09 9.77
CA GLU A 389 0.88 8.40 9.34
C GLU A 389 0.70 8.43 7.82
N SER B 2 15.82 -32.36 43.03
CA SER B 2 15.36 -31.11 42.37
C SER B 2 14.41 -31.33 41.21
N VAL B 3 13.26 -30.66 41.26
CA VAL B 3 12.24 -30.75 40.22
C VAL B 3 11.97 -29.34 39.69
N ARG B 4 12.28 -29.09 38.42
CA ARG B 4 12.07 -27.77 37.86
C ARG B 4 11.86 -27.77 36.35
N ILE B 5 10.99 -26.88 35.89
CA ILE B 5 10.72 -26.77 34.46
C ILE B 5 11.75 -25.77 33.97
N VAL B 6 12.71 -26.27 33.21
CA VAL B 6 13.78 -25.43 32.73
C VAL B 6 13.41 -24.62 31.50
N ASP B 7 12.50 -25.15 30.71
CA ASP B 7 12.12 -24.41 29.51
C ASP B 7 10.74 -24.83 29.01
N VAL B 8 10.14 -23.95 28.22
CA VAL B 8 8.84 -24.21 27.63
C VAL B 8 8.97 -23.74 26.19
N ARG B 9 9.22 -24.69 25.29
CA ARG B 9 9.39 -24.38 23.88
C ARG B 9 8.11 -24.63 23.08
N GLU B 10 7.98 -23.92 21.97
CA GLU B 10 6.81 -24.02 21.10
C GLU B 10 7.20 -23.83 19.64
N ILE B 11 6.43 -24.42 18.74
CA ILE B 11 6.70 -24.30 17.31
C ILE B 11 5.39 -24.46 16.52
N THR B 12 5.07 -23.47 15.70
CA THR B 12 3.83 -23.53 14.93
C THR B 12 3.94 -24.40 13.68
N LYS B 13 3.06 -25.41 13.60
CA LYS B 13 3.02 -26.35 12.47
C LYS B 13 1.73 -26.20 11.64
N PRO B 14 1.86 -26.15 10.31
CA PRO B 14 0.71 -26.00 9.40
C PRO B 14 0.05 -27.34 9.06
N ILE B 15 -1.26 -27.40 9.26
CA ILE B 15 -2.05 -28.60 8.97
C ILE B 15 -3.21 -28.13 8.12
N SER B 16 -2.89 -27.55 6.98
CA SER B 16 -3.91 -27.02 6.11
C SER B 16 -4.06 -27.73 4.75
N SER B 17 -5.30 -27.88 4.31
CA SER B 17 -5.61 -28.48 3.03
C SER B 17 -6.82 -27.71 2.49
N PRO B 18 -7.36 -28.10 1.32
CA PRO B 18 -8.53 -27.37 0.79
C PRO B 18 -9.83 -27.87 1.43
N ILE B 19 -9.69 -28.77 2.41
CA ILE B 19 -10.79 -29.35 3.17
C ILE B 19 -11.82 -28.28 3.62
N ARG B 20 -13.09 -28.65 3.70
CA ARG B 20 -14.14 -27.71 4.09
C ARG B 20 -15.38 -28.33 4.76
N ASN B 21 -15.93 -27.61 5.76
CA ASN B 21 -17.14 -28.02 6.44
C ASN B 21 -18.18 -26.89 6.23
N ALA B 22 -19.34 -26.98 6.86
CA ALA B 22 -20.36 -25.95 6.65
C ALA B 22 -19.96 -24.57 7.15
N TYR B 23 -19.02 -24.52 8.10
CA TYR B 23 -18.58 -23.25 8.69
C TYR B 23 -17.23 -22.70 8.19
N ILE B 24 -16.23 -23.56 8.02
CA ILE B 24 -14.89 -23.13 7.58
C ILE B 24 -14.18 -24.09 6.62
N ASP B 25 -13.03 -23.65 6.12
CA ASP B 25 -12.18 -24.48 5.25
C ASP B 25 -10.81 -24.40 5.95
N PHE B 26 -9.99 -25.43 5.81
CA PHE B 26 -8.70 -25.46 6.50
C PHE B 26 -7.48 -24.91 5.74
N THR B 27 -7.75 -24.01 4.80
CA THR B 27 -6.74 -23.38 3.98
C THR B 27 -5.52 -22.83 4.74
N LYS B 28 -5.75 -22.19 5.88
CA LYS B 28 -4.66 -21.62 6.66
C LYS B 28 -4.50 -22.26 8.02
N MET B 29 -5.11 -23.43 8.21
CA MET B 29 -5.05 -24.09 9.51
C MET B 29 -3.65 -24.41 10.01
N THR B 30 -3.43 -24.15 11.29
CA THR B 30 -2.15 -24.41 11.95
C THR B 30 -2.38 -25.02 13.33
N THR B 31 -1.30 -25.37 14.01
CA THR B 31 -1.37 -25.94 15.34
C THR B 31 -0.04 -25.70 16.07
N SER B 32 -0.12 -25.61 17.39
CA SER B 32 1.08 -25.38 18.20
C SER B 32 1.62 -26.65 18.81
N LEU B 33 2.90 -26.89 18.58
CA LEU B 33 3.59 -28.05 19.16
C LEU B 33 4.37 -27.49 20.35
N VAL B 34 4.09 -28.00 21.54
CA VAL B 34 4.74 -27.54 22.75
C VAL B 34 5.57 -28.59 23.46
N ALA B 35 6.64 -28.13 24.10
CA ALA B 35 7.54 -29.01 24.83
C ALA B 35 7.84 -28.39 26.18
N VAL B 36 7.60 -29.17 27.24
CA VAL B 36 7.90 -28.72 28.60
C VAL B 36 9.15 -29.47 29.02
N VAL B 37 10.27 -28.77 29.00
CA VAL B 37 11.57 -29.35 29.35
C VAL B 37 11.84 -29.26 30.85
N THR B 38 12.10 -30.41 31.47
CA THR B 38 12.38 -30.47 32.90
C THR B 38 13.84 -30.80 33.13
N ASP B 39 14.25 -30.80 34.40
CA ASP B 39 15.63 -31.12 34.74
C ASP B 39 15.69 -32.51 35.38
N VAL B 40 14.54 -33.17 35.46
CA VAL B 40 14.47 -34.51 36.04
C VAL B 40 15.00 -35.51 35.02
N VAL B 41 15.76 -36.49 35.50
CA VAL B 41 16.33 -37.49 34.62
C VAL B 41 15.82 -38.90 34.92
N ARG B 42 15.32 -39.55 33.87
CA ARG B 42 14.79 -40.91 33.94
C ARG B 42 15.40 -41.65 32.76
N GLU B 43 16.07 -42.78 33.02
CA GLU B 43 16.68 -43.57 31.96
C GLU B 43 17.92 -42.88 31.42
N GLY B 44 18.58 -42.09 32.27
CA GLY B 44 19.76 -41.37 31.82
C GLY B 44 19.44 -40.30 30.78
N LYS B 45 18.15 -40.06 30.55
CA LYS B 45 17.69 -39.07 29.59
C LYS B 45 16.77 -38.07 30.32
N ARG B 46 16.91 -36.79 30.00
CA ARG B 46 16.08 -35.76 30.63
C ARG B 46 14.64 -35.95 30.18
N VAL B 47 13.70 -35.85 31.13
CA VAL B 47 12.29 -36.02 30.78
C VAL B 47 11.70 -34.73 30.21
N VAL B 48 11.07 -34.87 29.06
CA VAL B 48 10.44 -33.75 28.36
C VAL B 48 8.98 -34.04 28.03
N GLY B 49 8.10 -33.11 28.41
CA GLY B 49 6.68 -33.29 28.13
C GLY B 49 6.34 -32.67 26.80
N TYR B 50 5.43 -33.30 26.06
CA TYR B 50 5.02 -32.77 24.77
C TYR B 50 3.50 -32.60 24.70
N GLY B 51 3.06 -31.76 23.78
CA GLY B 51 1.64 -31.52 23.59
C GLY B 51 1.41 -30.68 22.37
N PHE B 52 0.17 -30.66 21.90
CA PHE B 52 -0.20 -29.85 20.74
C PHE B 52 -1.70 -29.64 20.79
N ASN B 53 -2.19 -28.59 20.16
CA ASN B 53 -3.62 -28.35 20.22
C ASN B 53 -4.35 -28.96 19.03
N SER B 54 -5.61 -29.33 19.26
CA SER B 54 -6.45 -29.93 18.23
C SER B 54 -6.67 -29.00 17.04
N ASN B 55 -7.13 -29.57 15.95
CA ASN B 55 -7.38 -28.80 14.73
C ASN B 55 -8.60 -27.89 14.94
N GLY B 56 -8.71 -26.85 14.10
CA GLY B 56 -9.85 -25.97 14.17
C GLY B 56 -9.70 -24.61 14.83
N ARG B 57 -8.85 -24.50 15.84
CA ARG B 57 -8.68 -23.22 16.52
C ARG B 57 -7.37 -22.47 16.23
N TYR B 58 -6.49 -23.06 15.43
CA TYR B 58 -5.21 -22.45 15.07
C TYR B 58 -4.17 -22.51 16.19
N GLY B 59 -2.91 -22.30 15.83
CA GLY B 59 -1.84 -22.33 16.81
C GLY B 59 -1.89 -21.12 17.72
N GLN B 60 -1.25 -21.21 18.87
CA GLN B 60 -1.25 -20.10 19.82
C GLN B 60 0.16 -19.72 20.26
N GLY B 61 1.10 -19.68 19.31
CA GLY B 61 2.47 -19.32 19.62
C GLY B 61 2.60 -18.03 20.44
N GLY B 62 1.97 -16.96 19.95
CA GLY B 62 2.02 -15.69 20.65
C GLY B 62 1.64 -15.77 22.12
N LEU B 63 0.45 -16.30 22.40
CA LEU B 63 -0.03 -16.42 23.79
C LEU B 63 0.85 -17.30 24.66
N ILE B 64 1.30 -18.43 24.11
CA ILE B 64 2.16 -19.32 24.86
C ILE B 64 3.45 -18.59 25.29
N ARG B 65 4.08 -17.84 24.40
CA ARG B 65 5.30 -17.12 24.77
C ARG B 65 5.03 -16.00 25.77
N GLU B 66 4.32 -14.98 25.32
CA GLU B 66 4.02 -13.81 26.12
C GLU B 66 3.42 -13.96 27.52
N ARG B 67 2.33 -14.70 27.63
CA ARG B 67 1.65 -14.82 28.92
C ARG B 67 1.76 -16.09 29.74
N PHE B 68 1.88 -17.24 29.11
CA PHE B 68 1.92 -18.45 29.90
C PHE B 68 3.26 -19.12 30.08
N ALA B 69 4.04 -19.28 29.02
CA ALA B 69 5.33 -19.90 29.17
C ALA B 69 6.10 -19.07 30.18
N SER B 70 5.89 -17.77 30.12
CA SER B 70 6.56 -16.81 31.01
C SER B 70 6.23 -16.99 32.48
N ARG B 71 4.95 -17.02 32.81
CA ARG B 71 4.52 -17.15 34.20
C ARG B 71 5.05 -18.41 34.89
N ILE B 72 5.25 -19.47 34.12
CA ILE B 72 5.77 -20.71 34.68
C ILE B 72 7.26 -20.51 34.99
N LEU B 73 8.04 -20.28 33.94
CA LEU B 73 9.48 -20.07 34.07
C LEU B 73 9.87 -19.06 35.14
N GLU B 74 8.98 -18.11 35.42
CA GLU B 74 9.25 -17.06 36.41
C GLU B 74 8.76 -17.42 37.79
N ALA B 75 8.05 -18.53 37.90
CA ALA B 75 7.52 -18.95 39.18
C ALA B 75 8.59 -19.64 40.00
N ASP B 76 8.50 -19.51 41.33
CA ASP B 76 9.43 -20.14 42.26
C ASP B 76 9.26 -21.66 42.13
N PRO B 77 10.18 -22.33 41.41
CA PRO B 77 10.10 -23.78 41.22
C PRO B 77 9.68 -24.63 42.42
N LYS B 78 10.05 -24.20 43.62
CA LYS B 78 9.71 -24.96 44.81
C LYS B 78 8.23 -24.90 45.16
N LYS B 79 7.48 -24.03 44.49
CA LYS B 79 6.04 -23.89 44.76
C LYS B 79 5.15 -24.56 43.72
N LEU B 80 5.74 -25.39 42.87
CA LEU B 80 4.99 -26.08 41.83
C LEU B 80 5.09 -27.59 42.02
N LEU B 81 5.45 -28.02 43.22
CA LEU B 81 5.62 -29.44 43.47
C LEU B 81 4.55 -30.03 44.38
N ASN B 82 4.44 -31.35 44.36
CA ASN B 82 3.47 -32.05 45.20
C ASN B 82 3.97 -32.06 46.64
N GLU B 83 3.24 -32.74 47.52
CA GLU B 83 3.60 -32.82 48.93
C GLU B 83 5.02 -33.37 49.10
N ALA B 84 5.28 -34.51 48.47
CA ALA B 84 6.58 -35.17 48.54
C ALA B 84 7.71 -34.35 47.91
N GLY B 85 7.35 -33.41 47.03
CA GLY B 85 8.36 -32.59 46.37
C GLY B 85 9.19 -33.36 45.37
N ASP B 86 8.72 -34.53 44.97
CA ASP B 86 9.44 -35.36 44.01
C ASP B 86 8.86 -35.28 42.60
N ASN B 87 7.82 -34.49 42.42
CA ASN B 87 7.19 -34.34 41.11
C ASN B 87 6.41 -33.03 41.03
N LEU B 88 6.12 -32.62 39.81
CA LEU B 88 5.36 -31.40 39.57
C LEU B 88 3.88 -31.62 39.92
N ASP B 89 3.24 -30.58 40.43
CA ASP B 89 1.81 -30.64 40.75
C ASP B 89 1.12 -29.94 39.57
N PRO B 90 0.44 -30.71 38.71
CA PRO B 90 -0.27 -30.14 37.55
C PRO B 90 -1.11 -28.92 37.89
N ASP B 91 -1.92 -29.03 38.94
CA ASP B 91 -2.79 -27.93 39.35
C ASP B 91 -2.03 -26.69 39.81
N LYS B 92 -0.87 -26.87 40.42
CA LYS B 92 -0.11 -25.73 40.87
C LYS B 92 0.48 -25.01 39.66
N VAL B 93 0.91 -25.78 38.66
CA VAL B 93 1.44 -25.21 37.44
C VAL B 93 0.32 -24.47 36.72
N TRP B 94 -0.86 -25.08 36.69
CA TRP B 94 -2.02 -24.50 36.05
C TRP B 94 -2.34 -23.15 36.70
N ALA B 95 -2.47 -23.16 38.02
CA ALA B 95 -2.77 -21.95 38.76
C ALA B 95 -1.71 -20.89 38.47
N ALA B 96 -0.47 -21.36 38.34
CA ALA B 96 0.64 -20.47 38.08
C ALA B 96 0.46 -19.71 36.77
N MET B 97 0.05 -20.41 35.71
CA MET B 97 -0.12 -19.74 34.44
C MET B 97 -1.44 -19.00 34.28
N MET B 98 -2.34 -19.14 35.25
CA MET B 98 -3.63 -18.46 35.18
C MET B 98 -3.74 -17.23 36.07
N ILE B 99 -2.65 -16.83 36.71
CA ILE B 99 -2.69 -15.63 37.56
C ILE B 99 -2.87 -14.39 36.68
N ASN B 100 -3.67 -13.47 37.15
CA ASN B 100 -3.93 -12.23 36.43
C ASN B 100 -4.70 -12.39 35.11
N GLU B 101 -5.53 -13.42 35.05
CA GLU B 101 -6.37 -13.69 33.89
C GLU B 101 -7.78 -13.40 34.36
N LYS B 102 -8.45 -12.42 33.75
CA LYS B 102 -9.82 -12.10 34.15
C LYS B 102 -10.82 -13.16 33.68
N PRO B 103 -11.93 -13.34 34.43
CA PRO B 103 -12.96 -14.33 34.09
C PRO B 103 -13.64 -14.08 32.74
N GLY B 104 -14.31 -15.11 32.23
CA GLY B 104 -14.99 -15.02 30.96
C GLY B 104 -13.98 -15.02 29.82
N GLY B 105 -14.46 -14.85 28.60
CA GLY B 105 -13.59 -14.84 27.44
C GLY B 105 -12.78 -16.12 27.23
N HIS B 106 -13.43 -17.28 27.30
CA HIS B 106 -12.71 -18.53 27.11
C HIS B 106 -12.55 -18.97 25.65
N GLY B 107 -11.46 -18.54 25.06
CA GLY B 107 -11.16 -18.87 23.68
C GLY B 107 -9.73 -18.46 23.39
N GLU B 108 -9.07 -19.15 22.46
CA GLU B 108 -7.70 -18.80 22.15
C GLU B 108 -6.74 -19.07 23.32
N ARG B 109 -6.85 -18.33 24.42
CA ARG B 109 -5.95 -18.57 25.56
C ARG B 109 -6.25 -19.95 26.16
N SER B 110 -7.48 -20.41 25.97
CA SER B 110 -7.89 -21.72 26.47
C SER B 110 -7.15 -22.79 25.70
N VAL B 111 -6.80 -22.47 24.45
CA VAL B 111 -6.06 -23.39 23.59
C VAL B 111 -4.58 -23.38 23.99
N ALA B 112 -4.05 -22.21 24.31
CA ALA B 112 -2.67 -22.08 24.72
C ALA B 112 -2.46 -22.82 26.05
N VAL B 113 -3.29 -22.51 27.04
CA VAL B 113 -3.16 -23.17 28.33
C VAL B 113 -3.40 -24.65 28.19
N GLY B 114 -4.38 -25.01 27.38
CA GLY B 114 -4.70 -26.41 27.18
C GLY B 114 -3.55 -27.22 26.62
N THR B 115 -2.89 -26.68 25.61
CA THR B 115 -1.78 -27.38 25.00
C THR B 115 -0.56 -27.45 25.91
N ILE B 116 -0.34 -26.44 26.74
CA ILE B 116 0.78 -26.46 27.69
C ILE B 116 0.45 -27.50 28.75
N ASP B 117 -0.79 -27.49 29.21
CA ASP B 117 -1.26 -28.43 30.21
C ASP B 117 -1.02 -29.87 29.75
N MET B 118 -1.22 -30.12 28.45
CA MET B 118 -1.04 -31.45 27.92
C MET B 118 0.38 -31.90 28.19
N ALA B 119 1.33 -31.04 27.86
CA ALA B 119 2.74 -31.31 28.07
C ALA B 119 3.07 -31.48 29.55
N VAL B 120 2.49 -30.64 30.41
CA VAL B 120 2.76 -30.75 31.83
C VAL B 120 2.37 -32.12 32.36
N TRP B 121 1.18 -32.61 32.00
CA TRP B 121 0.75 -33.92 32.45
C TRP B 121 1.61 -35.02 31.87
N ASP B 122 2.06 -34.82 30.63
CA ASP B 122 2.91 -35.79 29.96
C ASP B 122 4.19 -35.95 30.77
N ALA B 123 4.75 -34.82 31.19
CA ALA B 123 5.96 -34.81 31.99
C ALA B 123 5.72 -35.49 33.34
N VAL B 124 4.66 -35.06 34.04
CA VAL B 124 4.33 -35.60 35.34
C VAL B 124 4.23 -37.13 35.33
N ALA B 125 3.55 -37.67 34.32
CA ALA B 125 3.39 -39.12 34.20
C ALA B 125 4.75 -39.78 33.96
N LYS B 126 5.57 -39.14 33.13
CA LYS B 126 6.89 -39.66 32.82
C LYS B 126 7.76 -39.65 34.07
N ILE B 127 7.69 -38.58 34.85
CA ILE B 127 8.46 -38.47 36.08
C ILE B 127 8.01 -39.54 37.08
N ALA B 128 6.74 -39.93 37.00
CA ALA B 128 6.20 -40.95 37.90
C ALA B 128 6.42 -42.34 37.32
N GLY B 129 6.93 -42.40 36.10
CA GLY B 129 7.19 -43.66 35.44
C GLY B 129 5.96 -44.49 35.11
N LYS B 130 4.82 -43.82 34.90
CA LYS B 130 3.59 -44.52 34.56
C LYS B 130 2.94 -43.95 33.31
N PRO B 131 2.05 -44.73 32.68
CA PRO B 131 1.37 -44.21 31.49
C PRO B 131 0.36 -43.20 32.04
N LEU B 132 0.20 -42.06 31.39
CA LEU B 132 -0.74 -41.06 31.89
C LEU B 132 -2.09 -41.63 32.31
N PHE B 133 -2.67 -42.47 31.47
CA PHE B 133 -3.98 -43.04 31.80
C PHE B 133 -3.99 -43.87 33.08
N ARG B 134 -2.88 -44.54 33.39
CA ARG B 134 -2.80 -45.33 34.61
C ARG B 134 -2.71 -44.38 35.80
N LEU B 135 -1.88 -43.36 35.66
CA LEU B 135 -1.70 -42.38 36.71
C LEU B 135 -3.02 -41.67 37.03
N LEU B 136 -3.80 -41.38 35.99
CA LEU B 136 -5.08 -40.71 36.17
C LEU B 136 -6.06 -41.57 36.97
N ALA B 137 -6.22 -42.82 36.56
CA ALA B 137 -7.11 -43.75 37.24
C ALA B 137 -6.70 -43.82 38.72
N GLU B 138 -5.40 -43.92 38.95
CA GLU B 138 -4.87 -43.99 40.32
C GLU B 138 -5.32 -42.80 41.14
N ARG B 139 -5.06 -41.60 40.62
CA ARG B 139 -5.43 -40.37 41.30
C ARG B 139 -6.93 -40.29 41.61
N HIS B 140 -7.75 -40.97 40.79
CA HIS B 140 -9.19 -40.96 41.00
C HIS B 140 -9.69 -42.19 41.76
N GLY B 141 -8.77 -43.09 42.09
CA GLY B 141 -9.13 -44.28 42.82
C GLY B 141 -10.06 -45.19 42.03
N VAL B 142 -9.71 -45.43 40.77
CA VAL B 142 -10.49 -46.30 39.90
C VAL B 142 -9.53 -47.13 39.06
N LYS B 143 -10.05 -48.14 38.37
CA LYS B 143 -9.20 -48.98 37.54
C LYS B 143 -9.34 -48.53 36.10
N ALA B 144 -8.23 -48.24 35.45
CA ALA B 144 -8.30 -47.80 34.07
C ALA B 144 -8.72 -48.93 33.13
N ASN B 145 -9.11 -48.58 31.91
CA ASN B 145 -9.49 -49.55 30.91
C ASN B 145 -8.87 -49.21 29.56
N PRO B 146 -7.76 -49.87 29.23
CA PRO B 146 -6.97 -49.71 28.00
C PRO B 146 -7.77 -49.72 26.69
N ARG B 147 -8.97 -50.29 26.71
CA ARG B 147 -9.77 -50.33 25.49
C ARG B 147 -10.56 -49.03 25.38
N VAL B 148 -10.43 -48.38 24.23
CA VAL B 148 -11.12 -47.10 23.99
C VAL B 148 -11.81 -47.08 22.64
N PHE B 149 -13.08 -46.69 22.65
CA PHE B 149 -13.84 -46.61 21.42
C PHE B 149 -13.35 -45.42 20.59
N VAL B 150 -13.22 -45.60 19.28
CA VAL B 150 -12.80 -44.52 18.40
C VAL B 150 -13.59 -44.56 17.11
N TYR B 151 -13.90 -43.39 16.58
CA TYR B 151 -14.65 -43.30 15.33
C TYR B 151 -13.84 -42.47 14.33
N ALA B 152 -14.03 -42.73 13.05
CA ALA B 152 -13.31 -41.99 12.01
C ALA B 152 -14.10 -40.76 11.55
N ALA B 153 -13.48 -39.59 11.64
CA ALA B 153 -14.14 -38.36 11.23
C ALA B 153 -13.55 -37.81 9.93
N GLY B 154 -14.41 -37.58 8.96
CA GLY B 154 -13.98 -37.05 7.69
C GLY B 154 -15.19 -36.59 6.90
N GLY B 155 -15.28 -37.07 5.66
CA GLY B 155 -16.40 -36.69 4.82
C GLY B 155 -16.51 -35.20 4.60
N TYR B 156 -15.38 -34.55 4.39
CA TYR B 156 -15.35 -33.11 4.15
C TYR B 156 -15.74 -32.78 2.72
N TYR B 157 -16.08 -31.53 2.48
CA TYR B 157 -16.41 -31.07 1.13
C TYR B 157 -15.05 -30.73 0.54
N TYR B 158 -14.76 -31.23 -0.64
CA TYR B 158 -13.48 -30.97 -1.28
C TYR B 158 -13.73 -30.60 -2.73
N PRO B 159 -12.96 -29.63 -3.25
CA PRO B 159 -13.18 -29.23 -4.65
C PRO B 159 -13.01 -30.42 -5.61
N GLY B 160 -14.07 -30.74 -6.33
CA GLY B 160 -14.02 -31.85 -7.27
C GLY B 160 -14.28 -33.22 -6.67
N LYS B 161 -14.69 -33.27 -5.41
CA LYS B 161 -14.96 -34.54 -4.73
C LYS B 161 -16.41 -34.94 -4.96
N GLY B 162 -16.62 -36.10 -5.58
CA GLY B 162 -17.97 -36.58 -5.83
C GLY B 162 -18.37 -37.74 -4.94
N LEU B 163 -19.57 -38.28 -5.17
CA LEU B 163 -20.08 -39.40 -4.37
C LEU B 163 -19.09 -40.56 -4.42
N SER B 164 -18.48 -40.74 -5.58
CA SER B 164 -17.51 -41.81 -5.77
C SER B 164 -16.43 -41.75 -4.69
N MET B 165 -15.72 -40.63 -4.65
CA MET B 165 -14.65 -40.43 -3.67
C MET B 165 -15.13 -40.47 -2.24
N LEU B 166 -16.27 -39.82 -1.95
CA LEU B 166 -16.80 -39.80 -0.60
C LEU B 166 -16.88 -41.26 -0.15
N ARG B 167 -17.47 -42.08 -1.02
CA ARG B 167 -17.63 -43.50 -0.78
C ARG B 167 -16.29 -44.14 -0.47
N GLY B 168 -15.30 -43.85 -1.33
CA GLY B 168 -13.98 -44.40 -1.15
C GLY B 168 -13.42 -44.05 0.21
N GLU B 169 -13.49 -42.78 0.58
CA GLU B 169 -12.99 -42.32 1.88
C GLU B 169 -13.55 -43.16 3.01
N MET B 170 -14.88 -43.29 3.04
CA MET B 170 -15.54 -44.05 4.08
C MET B 170 -15.08 -45.50 4.10
N ARG B 171 -15.09 -46.14 2.93
CA ARG B 171 -14.67 -47.53 2.82
C ARG B 171 -13.26 -47.64 3.37
N GLY B 172 -12.45 -46.62 3.07
CA GLY B 172 -11.08 -46.60 3.55
C GLY B 172 -11.05 -46.69 5.08
N TYR B 173 -11.98 -46.01 5.74
CA TYR B 173 -12.03 -46.04 7.19
C TYR B 173 -12.44 -47.41 7.68
N LEU B 174 -13.46 -47.99 7.05
CA LEU B 174 -13.91 -49.32 7.44
C LEU B 174 -12.78 -50.32 7.27
N ASP B 175 -12.01 -50.18 6.19
CA ASP B 175 -10.88 -51.08 5.95
C ASP B 175 -9.90 -51.04 7.11
N ARG B 176 -9.84 -49.89 7.79
CA ARG B 176 -8.95 -49.65 8.93
C ARG B 176 -9.49 -50.22 10.25
N GLY B 177 -10.71 -50.74 10.22
CA GLY B 177 -11.31 -51.31 11.41
C GLY B 177 -12.27 -50.38 12.12
N TYR B 178 -12.69 -49.33 11.43
CA TYR B 178 -13.63 -48.37 12.01
C TYR B 178 -15.06 -48.80 11.76
N ASN B 179 -15.82 -48.92 12.85
CA ASN B 179 -17.22 -49.34 12.80
C ASN B 179 -18.15 -48.13 12.90
N VAL B 180 -17.57 -46.94 12.99
CA VAL B 180 -18.36 -45.71 13.09
C VAL B 180 -17.68 -44.57 12.36
N VAL B 181 -18.33 -44.05 11.33
CA VAL B 181 -17.77 -42.93 10.58
C VAL B 181 -18.64 -41.67 10.72
N LYS B 182 -18.02 -40.49 10.65
CA LYS B 182 -18.75 -39.23 10.74
C LYS B 182 -18.53 -38.41 9.47
N MET B 183 -19.44 -37.50 9.16
CA MET B 183 -19.29 -36.70 7.93
C MET B 183 -19.91 -35.30 8.01
N LYS B 184 -19.39 -34.40 7.18
CA LYS B 184 -19.87 -33.02 7.15
C LYS B 184 -21.15 -32.81 6.35
N ILE B 185 -22.03 -31.95 6.87
CA ILE B 185 -23.24 -31.60 6.16
C ILE B 185 -23.47 -30.12 6.40
N GLY B 186 -24.46 -29.56 5.71
CA GLY B 186 -24.75 -28.16 5.85
C GLY B 186 -23.88 -27.35 4.90
N GLY B 187 -23.05 -28.05 4.13
CA GLY B 187 -22.19 -27.39 3.18
C GLY B 187 -22.76 -27.43 1.78
N ALA B 188 -23.86 -28.15 1.62
CA ALA B 188 -24.53 -28.28 0.33
C ALA B 188 -26.04 -28.09 0.53
N PRO B 189 -26.81 -27.99 -0.59
CA PRO B 189 -28.25 -27.83 -0.38
C PRO B 189 -28.72 -29.09 0.33
N ILE B 190 -29.80 -29.01 1.09
CA ILE B 190 -30.29 -30.16 1.83
C ILE B 190 -30.45 -31.43 0.99
N GLU B 191 -31.01 -31.29 -0.20
CA GLU B 191 -31.20 -32.43 -1.08
C GLU B 191 -29.92 -33.02 -1.64
N GLU B 192 -28.95 -32.17 -1.94
CA GLU B 192 -27.66 -32.66 -2.43
C GLU B 192 -26.99 -33.39 -1.27
N ASP B 193 -27.21 -32.90 -0.05
CA ASP B 193 -26.62 -33.51 1.12
C ASP B 193 -27.25 -34.89 1.30
N ARG B 194 -28.57 -34.95 1.21
CA ARG B 194 -29.26 -36.23 1.34
C ARG B 194 -28.53 -37.26 0.47
N MET B 195 -28.37 -36.94 -0.81
CA MET B 195 -27.70 -37.84 -1.74
C MET B 195 -26.32 -38.28 -1.26
N ARG B 196 -25.62 -37.38 -0.58
CA ARG B 196 -24.29 -37.68 -0.08
C ARG B 196 -24.38 -38.59 1.15
N ILE B 197 -25.46 -38.43 1.91
CA ILE B 197 -25.67 -39.25 3.08
C ILE B 197 -26.06 -40.65 2.61
N GLU B 198 -27.02 -40.73 1.69
CA GLU B 198 -27.46 -42.03 1.18
C GLU B 198 -26.30 -42.81 0.56
N ALA B 199 -25.36 -42.09 -0.05
CA ALA B 199 -24.22 -42.72 -0.69
C ALA B 199 -23.33 -43.48 0.31
N VAL B 200 -23.20 -42.96 1.52
CA VAL B 200 -22.36 -43.60 2.55
C VAL B 200 -23.08 -44.72 3.29
N LEU B 201 -24.38 -44.55 3.53
CA LEU B 201 -25.17 -45.55 4.22
C LEU B 201 -25.12 -46.85 3.41
N GLU B 202 -25.12 -46.68 2.10
CA GLU B 202 -25.08 -47.79 1.15
C GLU B 202 -23.70 -48.46 1.13
N GLU B 203 -22.65 -47.64 1.21
CA GLU B 203 -21.27 -48.12 1.18
C GLU B 203 -20.90 -48.93 2.43
N ILE B 204 -21.28 -48.43 3.60
CA ILE B 204 -20.94 -49.10 4.84
C ILE B 204 -21.91 -50.21 5.18
N GLY B 205 -23.08 -50.17 4.55
CA GLY B 205 -24.08 -51.20 4.79
C GLY B 205 -24.31 -51.49 6.26
N LYS B 206 -24.05 -52.73 6.67
CA LYS B 206 -24.24 -53.13 8.07
C LYS B 206 -22.93 -53.33 8.82
N ASP B 207 -21.83 -52.85 8.24
CA ASP B 207 -20.52 -52.98 8.86
C ASP B 207 -20.13 -51.76 9.69
N ALA B 208 -20.94 -50.69 9.60
CA ALA B 208 -20.65 -49.48 10.34
C ALA B 208 -21.85 -48.55 10.45
N GLN B 209 -21.77 -47.62 11.39
CA GLN B 209 -22.83 -46.65 11.61
C GLN B 209 -22.30 -45.26 11.23
N LEU B 210 -23.21 -44.41 10.77
CA LEU B 210 -22.83 -43.07 10.32
C LEU B 210 -23.27 -41.93 11.22
N ALA B 211 -22.39 -40.94 11.37
CA ALA B 211 -22.67 -39.76 12.18
C ALA B 211 -22.51 -38.54 11.28
N VAL B 212 -23.42 -37.56 11.42
CA VAL B 212 -23.35 -36.35 10.60
C VAL B 212 -23.03 -35.14 11.48
N ASP B 213 -22.27 -34.19 10.93
CA ASP B 213 -21.84 -33.01 11.69
C ASP B 213 -22.09 -31.72 10.89
N ALA B 214 -22.97 -30.87 11.41
CA ALA B 214 -23.31 -29.60 10.76
C ALA B 214 -22.41 -28.43 11.18
N ASN B 215 -21.45 -28.71 12.07
CA ASN B 215 -20.51 -27.70 12.55
C ASN B 215 -21.13 -26.40 13.07
N GLY B 216 -22.31 -26.53 13.67
CA GLY B 216 -23.01 -25.38 14.24
C GLY B 216 -23.39 -24.29 13.27
N ARG B 217 -23.63 -24.65 12.01
CA ARG B 217 -23.98 -23.69 11.00
C ARG B 217 -25.46 -23.34 10.89
N PHE B 218 -26.34 -24.25 11.30
CA PHE B 218 -27.78 -24.04 11.18
C PHE B 218 -28.51 -23.13 12.15
N ASN B 219 -29.55 -22.47 11.66
CA ASN B 219 -30.39 -21.64 12.51
C ASN B 219 -31.49 -22.62 12.92
N LEU B 220 -32.44 -22.20 13.75
CA LEU B 220 -33.48 -23.12 14.20
C LEU B 220 -34.25 -23.82 13.08
N GLU B 221 -34.79 -23.06 12.13
CA GLU B 221 -35.56 -23.66 11.06
C GLU B 221 -34.77 -24.64 10.20
N THR B 222 -33.54 -24.27 9.84
CA THR B 222 -32.70 -25.15 9.04
C THR B 222 -32.37 -26.41 9.83
N GLY B 223 -32.10 -26.23 11.11
CA GLY B 223 -31.77 -27.37 11.95
C GLY B 223 -32.92 -28.35 11.98
N ILE B 224 -34.15 -27.83 12.02
CA ILE B 224 -35.35 -28.65 12.06
C ILE B 224 -35.58 -29.34 10.72
N ALA B 225 -35.32 -28.61 9.63
CA ALA B 225 -35.50 -29.16 8.29
C ALA B 225 -34.61 -30.38 8.15
N TYR B 226 -33.34 -30.21 8.50
CA TYR B 226 -32.37 -31.30 8.40
C TYR B 226 -32.74 -32.42 9.36
N ALA B 227 -33.34 -32.06 10.49
CA ALA B 227 -33.74 -33.06 11.47
C ALA B 227 -34.79 -33.99 10.87
N LYS B 228 -35.78 -33.40 10.22
CA LYS B 228 -36.85 -34.16 9.59
C LYS B 228 -36.31 -35.08 8.49
N MET B 229 -35.27 -34.63 7.81
CA MET B 229 -34.65 -35.41 6.75
C MET B 229 -33.72 -36.47 7.35
N LEU B 230 -32.92 -36.07 8.32
CA LEU B 230 -31.98 -36.96 9.00
C LEU B 230 -32.61 -38.08 9.82
N ARG B 231 -33.73 -37.78 10.49
CA ARG B 231 -34.36 -38.78 11.34
C ARG B 231 -34.87 -40.05 10.65
N ASP B 232 -35.01 -40.01 9.33
CA ASP B 232 -35.48 -41.19 8.61
C ASP B 232 -34.35 -42.20 8.40
N TYR B 233 -33.12 -41.83 8.74
CA TYR B 233 -31.98 -42.73 8.59
C TYR B 233 -31.48 -43.13 9.98
N PRO B 234 -30.94 -44.34 10.10
CA PRO B 234 -30.42 -44.85 11.38
C PRO B 234 -29.03 -44.31 11.73
N LEU B 235 -28.93 -42.99 11.86
CA LEU B 235 -27.67 -42.31 12.18
C LEU B 235 -27.19 -42.55 13.61
N PHE B 236 -25.87 -42.51 13.80
CA PHE B 236 -25.28 -42.70 15.12
C PHE B 236 -25.51 -41.44 15.94
N TRP B 237 -25.34 -40.28 15.32
CA TRP B 237 -25.60 -39.00 15.98
C TRP B 237 -25.63 -37.81 15.03
N TYR B 238 -26.35 -36.77 15.46
CA TYR B 238 -26.50 -35.53 14.72
C TYR B 238 -25.70 -34.53 15.58
N GLU B 239 -24.54 -34.11 15.06
CA GLU B 239 -23.62 -33.22 15.80
C GLU B 239 -23.68 -31.72 15.53
N GLU B 240 -23.51 -30.95 16.61
CA GLU B 240 -23.49 -29.50 16.59
C GLU B 240 -24.42 -28.89 15.54
N VAL B 241 -25.72 -28.98 15.79
CA VAL B 241 -26.70 -28.47 14.86
C VAL B 241 -26.62 -26.97 14.65
N GLY B 242 -26.76 -26.23 15.76
CA GLY B 242 -26.70 -24.77 15.68
C GLY B 242 -25.48 -24.22 16.39
N ASP B 243 -25.44 -22.90 16.54
CA ASP B 243 -24.33 -22.24 17.21
C ASP B 243 -24.05 -22.92 18.55
N PRO B 244 -22.77 -23.10 18.90
CA PRO B 244 -22.35 -23.75 20.15
C PRO B 244 -22.97 -23.15 21.41
N LEU B 245 -23.23 -21.84 21.39
CA LEU B 245 -23.79 -21.13 22.53
C LEU B 245 -25.31 -20.89 22.51
N ASP B 246 -25.99 -21.34 21.44
CA ASP B 246 -27.44 -21.16 21.37
C ASP B 246 -28.11 -22.37 22.01
N TYR B 247 -28.01 -22.46 23.32
CA TYR B 247 -28.57 -23.55 24.07
C TYR B 247 -30.07 -23.73 23.82
N ALA B 248 -30.77 -22.61 23.62
CA ALA B 248 -32.22 -22.69 23.40
C ALA B 248 -32.51 -23.44 22.10
N LEU B 249 -31.68 -23.21 21.09
CA LEU B 249 -31.86 -23.88 19.80
C LEU B 249 -31.67 -25.37 20.01
N GLN B 250 -30.59 -25.76 20.66
CA GLN B 250 -30.33 -27.16 20.91
C GLN B 250 -31.50 -27.82 21.65
N ALA B 251 -32.05 -27.13 22.63
CA ALA B 251 -33.16 -27.68 23.40
C ALA B 251 -34.40 -27.89 22.54
N ALA B 252 -34.71 -26.93 21.69
CA ALA B 252 -35.88 -27.01 20.83
C ALA B 252 -35.81 -28.18 19.87
N LEU B 253 -34.61 -28.63 19.55
CA LEU B 253 -34.43 -29.73 18.64
C LEU B 253 -34.93 -31.09 19.14
N ALA B 254 -34.93 -31.29 20.46
CA ALA B 254 -35.38 -32.57 21.02
C ALA B 254 -36.79 -32.95 20.57
N GLU B 255 -37.63 -31.97 20.28
CA GLU B 255 -39.00 -32.21 19.82
C GLU B 255 -39.06 -32.81 18.41
N PHE B 256 -38.03 -32.59 17.62
CA PHE B 256 -38.01 -33.08 16.26
C PHE B 256 -37.00 -34.18 15.97
N TYR B 257 -36.07 -34.41 16.89
CA TYR B 257 -35.04 -35.41 16.66
C TYR B 257 -34.84 -36.31 17.88
N PRO B 258 -35.48 -37.47 17.90
CA PRO B 258 -35.41 -38.44 18.99
C PRO B 258 -34.05 -39.08 19.10
N GLY B 259 -33.39 -39.26 17.95
CA GLY B 259 -32.09 -39.88 17.91
C GLY B 259 -30.99 -39.10 18.60
N PRO B 260 -29.91 -39.78 19.06
CA PRO B 260 -28.80 -39.09 19.73
C PRO B 260 -28.19 -37.89 18.99
N MET B 261 -27.91 -36.84 19.75
CA MET B 261 -27.29 -35.65 19.22
C MET B 261 -25.99 -35.43 19.98
N ALA B 262 -25.14 -34.57 19.45
CA ALA B 262 -23.86 -34.30 20.09
C ALA B 262 -23.41 -32.85 19.87
N THR B 263 -22.59 -32.35 20.78
CA THR B 263 -22.10 -30.99 20.67
C THR B 263 -21.11 -30.75 21.80
N GLY B 264 -20.44 -29.61 21.78
CA GLY B 264 -19.50 -29.30 22.84
C GLY B 264 -18.05 -29.07 22.45
N GLU B 265 -17.68 -29.47 21.23
CA GLU B 265 -16.30 -29.27 20.79
C GLU B 265 -15.89 -27.81 20.84
N ASN B 266 -16.85 -26.89 20.73
CA ASN B 266 -16.52 -25.48 20.75
C ASN B 266 -16.83 -24.75 22.05
N LEU B 267 -17.00 -25.49 23.13
CA LEU B 267 -17.23 -24.89 24.44
C LEU B 267 -15.89 -25.17 25.14
N PHE B 268 -15.22 -24.12 25.60
CA PHE B 268 -13.91 -24.30 26.18
C PHE B 268 -13.67 -24.08 27.66
N SER B 269 -14.69 -24.20 28.49
CA SER B 269 -14.52 -24.01 29.93
C SER B 269 -15.57 -24.81 30.70
N HIS B 270 -15.32 -25.08 31.98
CA HIS B 270 -16.31 -25.82 32.73
C HIS B 270 -17.55 -24.96 32.90
N GLN B 271 -17.37 -23.63 32.90
CA GLN B 271 -18.50 -22.72 33.03
C GLN B 271 -19.41 -22.83 31.80
N ASP B 272 -18.80 -22.91 30.62
CA ASP B 272 -19.58 -23.02 29.40
C ASP B 272 -20.23 -24.42 29.34
N ALA B 273 -19.53 -25.43 29.84
CA ALA B 273 -20.08 -26.78 29.84
C ALA B 273 -21.28 -26.80 30.78
N ARG B 274 -21.16 -26.10 31.89
CA ARG B 274 -22.24 -26.05 32.86
C ARG B 274 -23.48 -25.41 32.25
N ASN B 275 -23.28 -24.39 31.42
CA ASN B 275 -24.41 -23.72 30.78
C ASN B 275 -25.11 -24.66 29.80
N LEU B 276 -24.34 -25.48 29.09
CA LEU B 276 -24.92 -26.42 28.14
C LEU B 276 -25.80 -27.42 28.90
N LEU B 277 -25.32 -27.91 30.03
CA LEU B 277 -26.09 -28.86 30.81
C LEU B 277 -27.29 -28.21 31.48
N ARG B 278 -27.23 -26.90 31.71
CA ARG B 278 -28.34 -26.20 32.34
C ARG B 278 -29.44 -25.76 31.37
N TYR B 279 -29.04 -25.37 30.16
CA TYR B 279 -30.01 -24.86 29.20
C TYR B 279 -30.15 -25.58 27.86
N GLY B 280 -29.19 -26.44 27.53
CA GLY B 280 -29.22 -27.14 26.25
C GLY B 280 -30.30 -28.18 26.05
N GLY B 281 -30.93 -28.60 27.12
CA GLY B 281 -31.98 -29.61 27.01
C GLY B 281 -31.52 -30.90 26.36
N MET B 282 -30.27 -31.29 26.58
CA MET B 282 -29.80 -32.54 25.99
C MET B 282 -30.24 -33.73 26.82
N ARG B 283 -30.34 -34.89 26.19
CA ARG B 283 -30.77 -36.12 26.85
C ARG B 283 -29.55 -36.89 27.36
N PRO B 284 -29.35 -36.90 28.69
CA PRO B 284 -28.23 -37.60 29.30
C PRO B 284 -28.13 -39.11 29.08
N ASP B 285 -29.20 -39.73 28.62
CA ASP B 285 -29.18 -41.16 28.40
C ASP B 285 -28.68 -41.54 26.99
N ARG B 286 -28.61 -40.57 26.08
CA ARG B 286 -28.18 -40.89 24.74
C ARG B 286 -27.35 -39.87 23.95
N ASP B 287 -27.25 -38.64 24.44
CA ASP B 287 -26.46 -37.65 23.72
C ASP B 287 -25.00 -37.71 24.11
N TRP B 288 -24.16 -37.02 23.34
CA TRP B 288 -22.73 -37.02 23.62
C TRP B 288 -22.14 -35.63 23.80
N LEU B 289 -21.24 -35.50 24.78
CA LEU B 289 -20.56 -34.23 25.09
C LEU B 289 -19.15 -34.33 24.50
N GLN B 290 -18.81 -33.41 23.60
CA GLN B 290 -17.52 -33.45 22.92
C GLN B 290 -16.45 -32.41 23.34
N PHE B 291 -16.46 -32.01 24.60
CA PHE B 291 -15.48 -31.05 25.11
C PHE B 291 -14.08 -31.60 24.85
N ASP B 292 -13.18 -30.73 24.43
CA ASP B 292 -11.79 -31.11 24.10
C ASP B 292 -10.85 -30.43 25.10
N CYS B 293 -10.20 -31.21 25.96
CA CYS B 293 -9.32 -30.64 26.97
C CYS B 293 -8.17 -29.84 26.36
N ALA B 294 -7.70 -30.28 25.19
CA ALA B 294 -6.61 -29.59 24.51
C ALA B 294 -6.96 -28.14 24.16
N LEU B 295 -8.25 -27.87 23.97
CA LEU B 295 -8.69 -26.53 23.61
C LEU B 295 -9.39 -25.86 24.79
N SER B 296 -9.48 -26.57 25.91
CA SER B 296 -10.20 -26.03 27.06
C SER B 296 -9.46 -25.98 28.39
N TYR B 297 -8.28 -25.36 28.36
CA TYR B 297 -7.46 -25.20 29.56
C TYR B 297 -6.90 -26.50 30.12
N GLY B 298 -6.86 -27.53 29.28
CA GLY B 298 -6.29 -28.82 29.66
C GLY B 298 -7.07 -29.74 30.58
N LEU B 299 -6.38 -30.80 31.00
CA LEU B 299 -6.96 -31.81 31.88
C LEU B 299 -7.31 -31.28 33.26
N CYS B 300 -6.56 -30.29 33.74
CA CYS B 300 -6.83 -29.72 35.06
C CYS B 300 -8.21 -29.12 35.04
N GLU B 301 -8.57 -28.56 33.90
CA GLU B 301 -9.89 -27.94 33.72
C GLU B 301 -10.91 -29.03 33.40
N TYR B 302 -10.53 -29.97 32.54
CA TYR B 302 -11.45 -31.06 32.17
C TYR B 302 -11.96 -31.78 33.41
N GLN B 303 -11.13 -31.88 34.44
CA GLN B 303 -11.55 -32.54 35.66
C GLN B 303 -12.66 -31.74 36.33
N ARG B 304 -12.60 -30.43 36.20
CA ARG B 304 -13.66 -29.60 36.78
C ARG B 304 -14.93 -29.78 35.96
N THR B 305 -14.78 -29.92 34.64
CA THR B 305 -15.94 -30.13 33.78
C THR B 305 -16.63 -31.44 34.17
N LEU B 306 -15.82 -32.48 34.43
CA LEU B 306 -16.34 -33.79 34.81
C LEU B 306 -17.13 -33.65 36.10
N GLU B 307 -16.64 -32.77 36.97
CA GLU B 307 -17.31 -32.53 38.24
C GLU B 307 -18.68 -31.87 37.95
N VAL B 308 -18.71 -31.02 36.92
CA VAL B 308 -19.96 -30.37 36.55
C VAL B 308 -20.97 -31.43 36.08
N LEU B 309 -20.50 -32.41 35.29
CA LEU B 309 -21.38 -33.48 34.82
C LEU B 309 -22.01 -34.19 36.03
N LYS B 310 -21.18 -34.41 37.04
CA LYS B 310 -21.54 -35.06 38.29
C LYS B 310 -22.67 -34.32 39.00
N THR B 311 -22.59 -33.00 39.00
CA THR B 311 -23.57 -32.15 39.64
C THR B 311 -24.90 -32.14 38.88
N HIS B 312 -24.87 -32.52 37.61
CA HIS B 312 -26.08 -32.51 36.81
C HIS B 312 -26.59 -33.89 36.43
N GLY B 313 -26.03 -34.92 37.05
CA GLY B 313 -26.48 -36.28 36.80
C GLY B 313 -26.04 -36.96 35.52
N TRP B 314 -24.96 -36.46 34.92
CA TRP B 314 -24.43 -37.06 33.69
C TRP B 314 -23.30 -38.02 33.98
N SER B 315 -23.20 -39.07 33.17
CA SER B 315 -22.14 -40.04 33.33
C SER B 315 -20.96 -39.62 32.46
N PRO B 316 -19.73 -39.85 32.96
CA PRO B 316 -18.56 -39.48 32.16
C PRO B 316 -18.53 -40.28 30.86
N SER B 317 -19.27 -41.38 30.82
CA SER B 317 -19.29 -42.23 29.64
C SER B 317 -20.03 -41.57 28.48
N ARG B 318 -20.61 -40.41 28.75
CA ARG B 318 -21.33 -39.66 27.73
C ARG B 318 -20.36 -38.74 26.97
N CYS B 319 -19.10 -38.76 27.40
CA CYS B 319 -18.07 -37.92 26.80
C CYS B 319 -17.24 -38.60 25.72
N ILE B 320 -17.16 -37.94 24.56
CA ILE B 320 -16.36 -38.43 23.45
C ILE B 320 -15.71 -37.16 22.93
N PRO B 321 -14.55 -36.80 23.50
CA PRO B 321 -13.76 -35.60 23.14
C PRO B 321 -13.49 -35.41 21.66
N HIS B 322 -13.52 -34.15 21.24
CA HIS B 322 -13.23 -33.78 19.87
C HIS B 322 -11.71 -33.64 19.85
N GLY B 323 -11.12 -33.63 18.67
CA GLY B 323 -9.67 -33.45 18.61
C GLY B 323 -8.85 -34.58 18.04
N GLY B 324 -9.28 -35.81 18.29
CA GLY B 324 -8.55 -36.96 17.80
C GLY B 324 -7.11 -37.06 18.26
N HIS B 325 -6.82 -36.63 19.47
CA HIS B 325 -5.44 -36.71 19.98
C HIS B 325 -5.28 -37.69 21.13
N GLN B 326 -4.05 -38.13 21.35
CA GLN B 326 -3.72 -39.10 22.39
C GLN B 326 -4.01 -38.66 23.83
N MET B 327 -4.02 -37.35 24.08
CA MET B 327 -4.30 -36.88 25.43
C MET B 327 -5.69 -37.36 25.81
N SER B 328 -6.63 -37.21 24.88
CA SER B 328 -8.02 -37.65 25.09
C SER B 328 -8.06 -39.16 25.31
N LEU B 329 -7.30 -39.90 24.49
CA LEU B 329 -7.24 -41.36 24.62
C LEU B 329 -6.87 -41.75 26.06
N ASN B 330 -5.89 -41.04 26.62
CA ASN B 330 -5.46 -41.29 27.99
C ASN B 330 -6.55 -40.95 29.00
N ILE B 331 -7.20 -39.80 28.84
CA ILE B 331 -8.24 -39.42 29.78
C ILE B 331 -9.40 -40.41 29.69
N ALA B 332 -9.73 -40.81 28.47
CA ALA B 332 -10.82 -41.76 28.25
C ALA B 332 -10.53 -43.08 28.97
N ALA B 333 -9.34 -43.64 28.73
CA ALA B 333 -8.94 -44.90 29.33
C ALA B 333 -8.85 -44.84 30.85
N GLY B 334 -8.37 -43.72 31.38
CA GLY B 334 -8.24 -43.61 32.82
C GLY B 334 -9.50 -43.21 33.59
N LEU B 335 -10.29 -42.31 33.03
CA LEU B 335 -11.48 -41.83 33.73
C LEU B 335 -12.82 -42.39 33.22
N GLY B 336 -12.76 -43.27 32.24
CA GLY B 336 -13.97 -43.87 31.74
C GLY B 336 -14.85 -43.02 30.85
N LEU B 337 -14.25 -42.33 29.89
CA LEU B 337 -15.05 -41.54 28.98
C LEU B 337 -15.66 -42.51 27.97
N GLY B 338 -16.59 -42.02 27.15
CA GLY B 338 -17.26 -42.86 26.18
C GLY B 338 -16.39 -43.28 25.00
N GLY B 339 -15.32 -42.55 24.75
CA GLY B 339 -14.46 -42.88 23.63
C GLY B 339 -13.71 -41.64 23.14
N ASN B 340 -13.21 -41.68 21.91
CA ASN B 340 -12.48 -40.54 21.37
C ASN B 340 -12.65 -40.41 19.86
N GLU B 341 -12.47 -39.20 19.36
CA GLU B 341 -12.59 -38.94 17.93
C GLU B 341 -11.24 -39.31 17.32
N SER B 342 -11.23 -39.61 16.02
CA SER B 342 -10.01 -39.97 15.32
C SER B 342 -10.05 -39.48 13.89
N TYR B 343 -8.88 -39.09 13.38
CA TYR B 343 -8.72 -38.60 12.02
C TYR B 343 -7.62 -39.41 11.30
N PRO B 344 -7.98 -40.62 10.79
CA PRO B 344 -7.05 -41.51 10.08
C PRO B 344 -6.12 -40.81 9.11
N ASP B 345 -6.69 -40.17 8.09
CA ASP B 345 -5.87 -39.45 7.12
C ASP B 345 -6.17 -37.95 7.12
N LEU B 346 -5.68 -37.27 8.16
CA LEU B 346 -5.88 -35.84 8.32
C LEU B 346 -5.10 -35.34 9.53
N PHE B 347 -4.46 -34.18 9.37
CA PHE B 347 -3.72 -33.57 10.45
C PHE B 347 -2.60 -34.45 11.00
N GLN B 348 -2.14 -35.38 10.18
CA GLN B 348 -1.07 -36.27 10.61
C GLN B 348 0.25 -35.50 10.50
N PRO B 349 1.28 -35.89 11.28
CA PRO B 349 1.28 -36.98 12.26
C PRO B 349 0.64 -36.66 13.60
N TYR B 350 0.19 -35.41 13.76
CA TYR B 350 -0.40 -35.00 15.03
C TYR B 350 -1.71 -35.73 15.28
N GLY B 351 -1.71 -36.55 16.33
CA GLY B 351 -2.87 -37.35 16.68
C GLY B 351 -2.55 -38.81 16.40
N GLY B 352 -3.59 -39.60 16.12
CA GLY B 352 -3.38 -41.02 15.82
C GLY B 352 -3.13 -41.91 17.02
N PHE B 353 -2.53 -43.07 16.77
CA PHE B 353 -2.23 -44.07 17.81
C PHE B 353 -0.77 -44.52 17.72
N PRO B 354 -0.20 -45.03 18.84
CA PRO B 354 1.18 -45.50 18.86
C PRO B 354 1.43 -46.44 17.68
N ASP B 355 2.66 -46.49 17.19
CA ASP B 355 2.98 -47.37 16.07
C ASP B 355 2.72 -48.84 16.42
N GLY B 356 1.96 -49.53 15.57
CA GLY B 356 1.63 -50.92 15.81
C GLY B 356 0.15 -51.11 16.02
N VAL B 357 -0.33 -50.74 17.22
CA VAL B 357 -1.75 -50.89 17.55
C VAL B 357 -2.67 -50.32 16.48
N ARG B 358 -3.65 -51.13 16.09
CA ARG B 358 -4.61 -50.75 15.06
C ARG B 358 -6.04 -50.76 15.56
N VAL B 359 -6.94 -50.26 14.71
CA VAL B 359 -8.35 -50.19 15.04
C VAL B 359 -9.06 -51.49 14.67
N GLU B 360 -9.40 -52.25 15.71
CA GLU B 360 -10.09 -53.53 15.55
C GLU B 360 -11.45 -53.44 16.24
N ASN B 361 -12.50 -53.36 15.43
CA ASN B 361 -13.86 -53.24 15.92
C ASN B 361 -14.08 -51.89 16.58
N GLY B 362 -13.82 -50.83 15.83
CA GLY B 362 -13.99 -49.49 16.37
C GLY B 362 -13.28 -49.25 17.70
N HIS B 363 -12.32 -50.11 18.04
CA HIS B 363 -11.58 -49.95 19.29
C HIS B 363 -10.06 -50.13 19.12
N ILE B 364 -9.33 -49.57 20.08
CA ILE B 364 -7.88 -49.69 20.09
C ILE B 364 -7.55 -50.03 21.53
N THR B 365 -6.36 -50.57 21.76
CA THR B 365 -5.96 -50.90 23.12
C THR B 365 -4.71 -50.11 23.45
N MET B 366 -4.80 -49.30 24.49
CA MET B 366 -3.69 -48.46 24.91
C MET B 366 -2.49 -49.28 25.40
N PRO B 367 -1.34 -49.13 24.72
CA PRO B 367 -0.13 -49.86 25.13
C PRO B 367 0.39 -49.16 26.39
N ASP B 368 1.09 -49.89 27.24
CA ASP B 368 1.60 -49.27 28.47
C ASP B 368 2.89 -48.47 28.28
N LEU B 369 2.78 -47.36 27.55
CA LEU B 369 3.91 -46.47 27.31
C LEU B 369 3.89 -45.38 28.38
N PRO B 370 5.06 -44.92 28.81
CA PRO B 370 5.09 -43.86 29.83
C PRO B 370 4.53 -42.55 29.29
N GLY B 371 3.82 -41.81 30.15
CA GLY B 371 3.25 -40.55 29.73
C GLY B 371 2.09 -40.73 28.75
N ILE B 372 1.93 -39.78 27.85
CA ILE B 372 0.86 -39.83 26.85
C ILE B 372 1.14 -40.95 25.85
N GLY B 373 2.41 -41.24 25.62
CA GLY B 373 2.76 -42.29 24.69
C GLY B 373 3.14 -41.79 23.30
N PHE B 374 3.47 -40.51 23.20
CA PHE B 374 3.85 -39.94 21.91
C PHE B 374 5.08 -40.63 21.32
N GLU B 375 5.99 -41.08 22.17
CA GLU B 375 7.20 -41.75 21.71
C GLU B 375 6.89 -42.96 20.83
N GLY B 376 5.74 -43.58 21.07
CA GLY B 376 5.36 -44.75 20.30
C GLY B 376 5.03 -44.47 18.85
N LYS B 377 4.81 -43.20 18.52
CA LYS B 377 4.48 -42.82 17.15
C LYS B 377 5.69 -42.07 16.58
N SER B 378 6.56 -42.83 15.93
CA SER B 378 7.79 -42.29 15.36
C SER B 378 7.66 -41.01 14.54
N ASP B 379 6.76 -40.99 13.55
CA ASP B 379 6.61 -39.80 12.71
C ASP B 379 6.18 -38.56 13.49
N LEU B 380 5.53 -38.75 14.63
CA LEU B 380 5.11 -37.63 15.47
C LEU B 380 6.25 -37.27 16.41
N TYR B 381 6.81 -38.28 17.08
CA TYR B 381 7.90 -38.05 18.02
C TYR B 381 9.11 -37.39 17.34
N LYS B 382 9.31 -37.69 16.07
CA LYS B 382 10.40 -37.09 15.31
C LYS B 382 10.28 -35.57 15.41
N GLU B 383 9.07 -35.08 15.20
CA GLU B 383 8.76 -33.66 15.25
C GLU B 383 9.00 -33.09 16.65
N MET B 384 8.58 -33.85 17.65
CA MET B 384 8.70 -33.44 19.05
C MET B 384 10.13 -33.38 19.56
N LYS B 385 10.94 -34.41 19.30
CA LYS B 385 12.31 -34.38 19.77
C LYS B 385 13.09 -33.33 18.99
N ALA B 386 12.56 -32.94 17.83
CA ALA B 386 13.19 -31.92 17.00
C ALA B 386 12.99 -30.56 17.66
N LEU B 387 11.89 -30.41 18.39
CA LEU B 387 11.57 -29.16 19.08
C LEU B 387 12.41 -29.05 20.34
N ALA B 388 12.46 -30.13 21.11
CA ALA B 388 13.22 -30.16 22.35
C ALA B 388 13.53 -31.60 22.74
N GLU B 389 14.72 -31.81 23.31
CA GLU B 389 15.12 -33.14 23.74
C GLU B 389 15.94 -33.07 25.02
N SER C 2 13.96 -7.03 33.73
CA SER C 2 13.48 -7.22 32.32
C SER C 2 14.20 -6.38 31.27
N VAL C 3 14.56 -7.01 30.17
CA VAL C 3 15.28 -6.33 29.09
C VAL C 3 14.58 -6.59 27.75
N ARG C 4 13.86 -5.59 27.28
CA ARG C 4 13.12 -5.74 26.04
C ARG C 4 13.05 -4.50 25.17
N ILE C 5 13.20 -4.70 23.86
CA ILE C 5 13.11 -3.60 22.90
C ILE C 5 11.60 -3.40 22.64
N VAL C 6 11.07 -2.31 23.19
CA VAL C 6 9.65 -2.01 23.07
C VAL C 6 9.27 -1.32 21.78
N ASP C 7 10.26 -0.86 21.02
CA ASP C 7 9.96 -0.16 19.79
C ASP C 7 11.18 0.22 18.96
N VAL C 8 10.98 0.37 17.66
CA VAL C 8 12.02 0.77 16.75
C VAL C 8 11.43 1.85 15.83
N ARG C 9 11.64 3.11 16.20
CA ARG C 9 11.14 4.26 15.44
C ARG C 9 12.14 4.72 14.39
N GLU C 10 11.64 5.36 13.35
CA GLU C 10 12.48 5.85 12.27
C GLU C 10 11.90 7.16 11.73
N ILE C 11 12.75 7.97 11.13
CA ILE C 11 12.34 9.22 10.51
C ILE C 11 13.41 9.58 9.50
N THR C 12 12.99 10.02 8.33
CA THR C 12 13.94 10.37 7.32
C THR C 12 14.26 11.85 7.34
N LYS C 13 15.55 12.16 7.22
CA LYS C 13 15.99 13.56 7.26
C LYS C 13 16.82 13.91 6.04
N PRO C 14 16.65 15.14 5.53
CA PRO C 14 17.41 15.59 4.36
C PRO C 14 18.80 16.01 4.77
N ILE C 15 19.74 15.86 3.84
CA ILE C 15 21.14 16.23 4.04
C ILE C 15 21.65 16.45 2.64
N SER C 16 20.82 17.11 1.84
CA SER C 16 21.14 17.36 0.44
C SER C 16 21.69 18.76 0.13
N SER C 17 22.38 18.87 -0.99
CA SER C 17 22.97 20.13 -1.42
C SER C 17 23.55 19.96 -2.85
N PRO C 18 24.04 21.06 -3.46
CA PRO C 18 24.61 20.99 -4.82
C PRO C 18 25.98 20.32 -4.88
N ILE C 19 26.45 19.88 -3.71
CA ILE C 19 27.72 19.19 -3.56
C ILE C 19 27.81 18.08 -4.61
N ARG C 20 28.95 17.98 -5.29
CA ARG C 20 29.11 17.00 -6.34
C ARG C 20 30.51 16.37 -6.37
N ASN C 21 30.59 15.10 -6.74
CA ASN C 21 31.86 14.39 -6.88
C ASN C 21 31.90 13.77 -8.28
N ALA C 22 32.95 13.02 -8.61
CA ALA C 22 33.06 12.42 -9.94
C ALA C 22 31.94 11.49 -10.35
N TYR C 23 31.16 11.02 -9.38
CA TYR C 23 30.10 10.06 -9.65
C TYR C 23 28.68 10.51 -9.38
N ILE C 24 28.52 11.24 -8.29
CA ILE C 24 27.21 11.65 -7.79
C ILE C 24 27.13 13.12 -7.34
N ASP C 25 25.90 13.63 -7.23
CA ASP C 25 25.68 14.95 -6.66
C ASP C 25 24.68 14.67 -5.53
N PHE C 26 24.72 15.43 -4.45
CA PHE C 26 23.86 15.19 -3.30
C PHE C 26 22.52 15.93 -3.29
N THR C 27 22.03 16.27 -4.47
CA THR C 27 20.78 16.99 -4.64
C THR C 27 19.59 16.41 -3.85
N LYS C 28 19.44 15.10 -3.85
CA LYS C 28 18.32 14.47 -3.15
C LYS C 28 18.76 13.59 -1.98
N MET C 29 20.01 13.74 -1.54
CA MET C 29 20.54 12.92 -0.46
C MET C 29 19.76 12.99 0.83
N THR C 30 19.53 11.82 1.43
CA THR C 30 18.80 11.68 2.68
C THR C 30 19.51 10.67 3.59
N THR C 31 18.99 10.53 4.81
CA THR C 31 19.55 9.59 5.77
C THR C 31 18.48 9.20 6.76
N SER C 32 18.58 7.97 7.30
CA SER C 32 17.61 7.48 8.27
C SER C 32 18.09 7.64 9.71
N LEU C 33 17.26 8.23 10.55
CA LEU C 33 17.58 8.42 11.96
C LEU C 33 16.75 7.37 12.67
N VAL C 34 17.40 6.48 13.40
CA VAL C 34 16.70 5.40 14.09
C VAL C 34 16.84 5.46 15.59
N ALA C 35 15.80 4.97 16.27
CA ALA C 35 15.77 4.92 17.70
C ALA C 35 15.28 3.56 18.17
N VAL C 36 16.07 2.91 19.03
CA VAL C 36 15.70 1.62 19.59
C VAL C 36 15.29 1.88 21.03
N VAL C 37 13.98 1.90 21.27
CA VAL C 37 13.43 2.18 22.58
C VAL C 37 13.33 0.91 23.42
N THR C 38 13.94 0.93 24.60
CA THR C 38 13.91 -0.23 25.49
C THR C 38 13.04 0.09 26.70
N ASP C 39 12.87 -0.90 27.58
CA ASP C 39 12.08 -0.72 28.79
C ASP C 39 13.00 -0.66 30.01
N VAL C 40 14.30 -0.75 29.75
CA VAL C 40 15.29 -0.70 30.83
C VAL C 40 15.46 0.73 31.29
N VAL C 41 15.56 0.91 32.61
CA VAL C 41 15.71 2.25 33.15
C VAL C 41 17.05 2.46 33.87
N ARG C 42 17.74 3.50 33.44
CA ARG C 42 19.03 3.88 34.02
C ARG C 42 18.92 5.37 34.29
N GLU C 43 19.12 5.73 35.56
CA GLU C 43 19.06 7.12 36.00
C GLU C 43 17.61 7.61 35.96
N GLY C 44 16.69 6.70 36.25
CA GLY C 44 15.28 7.05 36.27
C GLY C 44 14.72 7.40 34.90
N LYS C 45 15.53 7.19 33.87
CA LYS C 45 15.13 7.49 32.50
C LYS C 45 15.26 6.21 31.67
N ARG C 46 14.29 5.96 30.79
CA ARG C 46 14.32 4.76 29.94
C ARG C 46 15.48 4.90 28.96
N VAL C 47 16.23 3.82 28.78
CA VAL C 47 17.37 3.84 27.85
C VAL C 47 16.91 3.66 26.40
N VAL C 48 17.37 4.55 25.55
CA VAL C 48 17.03 4.52 24.14
C VAL C 48 18.29 4.58 23.28
N GLY C 49 18.41 3.65 22.34
CA GLY C 49 19.56 3.64 21.46
C GLY C 49 19.28 4.44 20.21
N TYR C 50 20.28 5.15 19.69
CA TYR C 50 20.11 5.94 18.50
C TYR C 50 21.13 5.57 17.44
N GLY C 51 20.81 5.91 16.19
CA GLY C 51 21.70 5.63 15.09
C GLY C 51 21.20 6.28 13.81
N PHE C 52 22.08 6.37 12.82
CA PHE C 52 21.71 6.94 11.54
C PHE C 52 22.71 6.45 10.53
N ASN C 53 22.34 6.43 9.25
CA ASN C 53 23.29 5.95 8.27
C ASN C 53 24.10 7.06 7.66
N SER C 54 25.31 6.72 7.23
CA SER C 54 26.23 7.66 6.60
C SER C 54 25.66 8.24 5.29
N ASN C 55 26.25 9.34 4.84
CA ASN C 55 25.83 9.99 3.62
C ASN C 55 26.18 9.14 2.40
N GLY C 56 25.49 9.40 1.28
CA GLY C 56 25.77 8.69 0.06
C GLY C 56 24.88 7.54 -0.37
N ARG C 57 24.23 6.85 0.57
CA ARG C 57 23.40 5.74 0.17
C ARG C 57 21.90 5.98 0.36
N TYR C 58 21.54 7.14 0.90
CA TYR C 58 20.12 7.48 1.12
C TYR C 58 19.52 6.80 2.32
N GLY C 59 18.37 7.30 2.75
CA GLY C 59 17.69 6.72 3.91
C GLY C 59 17.04 5.39 3.55
N GLN C 60 16.74 4.58 4.57
CA GLN C 60 16.12 3.27 4.33
C GLN C 60 14.86 3.06 5.16
N GLY C 61 14.03 4.09 5.22
CA GLY C 61 12.80 3.98 6.00
C GLY C 61 11.95 2.77 5.63
N GLY C 62 11.74 2.57 4.34
CA GLY C 62 10.93 1.44 3.91
C GLY C 62 11.42 0.10 4.43
N LEU C 63 12.69 -0.21 4.16
CA LEU C 63 13.28 -1.48 4.60
C LEU C 63 13.28 -1.64 6.12
N ILE C 64 13.60 -0.57 6.86
CA ILE C 64 13.62 -0.63 8.31
C ILE C 64 12.23 -0.97 8.83
N ARG C 65 11.23 -0.29 8.29
CA ARG C 65 9.86 -0.45 8.73
C ARG C 65 9.21 -1.76 8.29
N GLU C 66 9.36 -2.10 7.02
CA GLU C 66 8.75 -3.28 6.43
C GLU C 66 9.42 -4.62 6.65
N ARG C 67 10.68 -4.63 7.03
CA ARG C 67 11.37 -5.90 7.20
C ARG C 67 12.15 -6.17 8.48
N PHE C 68 13.00 -5.24 8.88
CA PHE C 68 13.84 -5.46 10.04
C PHE C 68 13.33 -5.05 11.41
N ALA C 69 12.65 -3.91 11.50
CA ALA C 69 12.13 -3.47 12.78
C ALA C 69 11.09 -4.47 13.27
N SER C 70 10.27 -4.97 12.37
CA SER C 70 9.21 -5.94 12.71
C SER C 70 9.81 -7.25 13.25
N ARG C 71 10.82 -7.77 12.56
CA ARG C 71 11.47 -8.99 13.00
C ARG C 71 12.00 -8.86 14.43
N ILE C 72 12.41 -7.67 14.81
CA ILE C 72 12.96 -7.50 16.14
C ILE C 72 11.85 -7.46 17.18
N LEU C 73 10.80 -6.71 16.90
CA LEU C 73 9.69 -6.59 17.84
C LEU C 73 8.82 -7.85 17.91
N GLU C 74 8.91 -8.69 16.88
CA GLU C 74 8.14 -9.93 16.84
C GLU C 74 8.93 -11.06 17.44
N ALA C 75 10.21 -10.79 17.70
CA ALA C 75 11.06 -11.81 18.27
C ALA C 75 10.82 -12.03 19.78
N ASP C 76 11.04 -13.26 20.23
CA ASP C 76 10.88 -13.60 21.64
C ASP C 76 11.94 -12.75 22.35
N PRO C 77 11.50 -11.82 23.19
CA PRO C 77 12.42 -10.94 23.93
C PRO C 77 13.45 -11.71 24.74
N LYS C 78 13.05 -12.86 25.28
CA LYS C 78 13.90 -13.69 26.09
C LYS C 78 14.98 -14.41 25.30
N LYS C 79 14.89 -14.35 23.98
CA LYS C 79 15.89 -15.00 23.16
C LYS C 79 16.87 -14.01 22.54
N LEU C 80 16.85 -12.77 23.03
CA LEU C 80 17.75 -11.72 22.52
C LEU C 80 18.64 -11.20 23.62
N LEU C 81 18.82 -11.97 24.68
CA LEU C 81 19.63 -11.54 25.81
C LEU C 81 20.92 -12.30 25.95
N ASN C 82 21.86 -11.73 26.71
CA ASN C 82 23.14 -12.37 26.96
C ASN C 82 22.96 -13.50 27.97
N GLU C 83 24.05 -14.13 28.37
CA GLU C 83 24.00 -15.24 29.33
C GLU C 83 23.31 -14.81 30.62
N ALA C 84 23.76 -13.69 31.18
CA ALA C 84 23.19 -13.19 32.43
C ALA C 84 21.74 -12.74 32.30
N GLY C 85 21.29 -12.47 31.08
CA GLY C 85 19.93 -12.03 30.88
C GLY C 85 19.66 -10.63 31.39
N ASP C 86 20.73 -9.87 31.63
CA ASP C 86 20.58 -8.52 32.13
C ASP C 86 20.80 -7.46 31.05
N ASN C 87 21.05 -7.89 29.82
CA ASN C 87 21.28 -6.96 28.72
C ASN C 87 21.01 -7.64 27.38
N LEU C 88 20.83 -6.83 26.35
CA LEU C 88 20.59 -7.34 25.00
C LEU C 88 21.89 -7.88 24.42
N ASP C 89 21.78 -8.94 23.61
CA ASP C 89 22.94 -9.51 22.93
C ASP C 89 22.87 -8.97 21.49
N PRO C 90 23.77 -8.04 21.14
CA PRO C 90 23.80 -7.46 19.80
C PRO C 90 23.69 -8.48 18.69
N ASP C 91 24.52 -9.52 18.76
CA ASP C 91 24.52 -10.54 17.74
C ASP C 91 23.20 -11.32 17.64
N LYS C 92 22.51 -11.48 18.77
CA LYS C 92 21.25 -12.20 18.73
C LYS C 92 20.21 -11.34 18.05
N VAL C 93 20.25 -10.04 18.30
CA VAL C 93 19.32 -9.11 17.68
C VAL C 93 19.63 -9.07 16.18
N TRP C 94 20.91 -9.06 15.85
CA TRP C 94 21.33 -9.02 14.45
C TRP C 94 20.79 -10.25 13.73
N ALA C 95 21.07 -11.43 14.28
CA ALA C 95 20.59 -12.68 13.69
C ALA C 95 19.07 -12.63 13.54
N ALA C 96 18.41 -12.05 14.54
CA ALA C 96 16.97 -11.95 14.52
C ALA C 96 16.45 -11.18 13.30
N MET C 97 17.08 -10.06 12.98
CA MET C 97 16.61 -9.29 11.85
C MET C 97 17.11 -9.80 10.50
N MET C 98 18.04 -10.75 10.51
CA MET C 98 18.57 -11.29 9.27
C MET C 98 17.97 -12.64 8.85
N ILE C 99 16.98 -13.12 9.59
CA ILE C 99 16.34 -14.39 9.21
C ILE C 99 15.58 -14.20 7.91
N ASN C 100 15.65 -15.20 7.05
CA ASN C 100 14.96 -15.17 5.77
C ASN C 100 15.47 -14.14 4.77
N GLU C 101 16.76 -13.84 4.86
CA GLU C 101 17.41 -12.94 3.97
C GLU C 101 18.36 -13.79 3.15
N LYS C 102 18.16 -13.85 1.83
CA LYS C 102 19.05 -14.65 0.97
C LYS C 102 20.42 -14.00 0.81
N PRO C 103 21.47 -14.81 0.61
CA PRO C 103 22.85 -14.32 0.45
C PRO C 103 23.03 -13.40 -0.78
N GLY C 104 24.16 -12.68 -0.79
CA GLY C 104 24.45 -11.77 -1.89
C GLY C 104 23.55 -10.54 -1.83
N GLY C 105 23.61 -9.68 -2.84
CA GLY C 105 22.78 -8.49 -2.87
C GLY C 105 23.01 -7.59 -1.67
N HIS C 106 24.27 -7.39 -1.33
CA HIS C 106 24.61 -6.54 -0.19
C HIS C 106 24.60 -5.07 -0.54
N GLY C 107 23.46 -4.44 -0.29
CA GLY C 107 23.26 -3.03 -0.56
C GLY C 107 21.89 -2.62 -0.06
N GLU C 108 21.72 -1.35 0.30
CA GLU C 108 20.45 -0.82 0.80
C GLU C 108 20.00 -1.50 2.09
N ARG C 109 19.75 -2.79 2.07
CA ARG C 109 19.33 -3.47 3.30
C ARG C 109 20.52 -3.48 4.27
N SER C 110 21.72 -3.43 3.71
CA SER C 110 22.93 -3.39 4.52
C SER C 110 22.98 -2.04 5.28
N VAL C 111 22.34 -1.02 4.72
CA VAL C 111 22.30 0.29 5.33
C VAL C 111 21.25 0.29 6.39
N ALA C 112 20.12 -0.35 6.09
CA ALA C 112 19.03 -0.42 7.05
C ALA C 112 19.49 -1.18 8.29
N VAL C 113 20.03 -2.39 8.09
CA VAL C 113 20.48 -3.19 9.21
C VAL C 113 21.62 -2.47 9.93
N GLY C 114 22.55 -1.92 9.16
CA GLY C 114 23.67 -1.20 9.75
C GLY C 114 23.24 -0.07 10.67
N THR C 115 22.23 0.70 10.26
CA THR C 115 21.79 1.81 11.08
C THR C 115 21.01 1.34 12.33
N ILE C 116 20.28 0.24 12.22
CA ILE C 116 19.55 -0.29 13.38
C ILE C 116 20.58 -0.84 14.35
N ASP C 117 21.57 -1.54 13.80
CA ASP C 117 22.64 -2.13 14.59
C ASP C 117 23.34 -1.05 15.41
N MET C 118 23.52 0.14 14.83
CA MET C 118 24.17 1.23 15.53
C MET C 118 23.41 1.52 16.81
N ALA C 119 22.10 1.67 16.67
CA ALA C 119 21.23 1.97 17.81
C ALA C 119 21.22 0.83 18.83
N VAL C 120 21.27 -0.40 18.35
CA VAL C 120 21.26 -1.52 19.28
C VAL C 120 22.49 -1.48 20.19
N TRP C 121 23.67 -1.29 19.60
CA TRP C 121 24.89 -1.22 20.39
C TRP C 121 24.89 -0.02 21.32
N ASP C 122 24.30 1.08 20.86
CA ASP C 122 24.22 2.28 21.68
C ASP C 122 23.43 1.94 22.92
N ALA C 123 22.34 1.21 22.75
CA ALA C 123 21.49 0.84 23.86
C ALA C 123 22.23 -0.11 24.79
N VAL C 124 22.86 -1.13 24.22
CA VAL C 124 23.59 -2.12 24.99
C VAL C 124 24.63 -1.47 25.90
N ALA C 125 25.40 -0.54 25.35
CA ALA C 125 26.43 0.14 26.11
C ALA C 125 25.79 0.97 27.22
N LYS C 126 24.68 1.63 26.91
CA LYS C 126 23.98 2.44 27.89
C LYS C 126 23.44 1.56 29.03
N ILE C 127 22.89 0.41 28.67
CA ILE C 127 22.37 -0.51 29.66
C ILE C 127 23.50 -1.00 30.56
N ALA C 128 24.69 -1.14 29.99
CA ALA C 128 25.85 -1.59 30.74
C ALA C 128 26.53 -0.43 31.47
N GLY C 129 26.04 0.79 31.24
CA GLY C 129 26.61 1.96 31.88
C GLY C 129 28.05 2.31 31.48
N LYS C 130 28.45 1.93 30.28
CA LYS C 130 29.80 2.21 29.81
C LYS C 130 29.79 2.89 28.44
N PRO C 131 30.90 3.56 28.07
CA PRO C 131 30.95 4.20 26.77
C PRO C 131 31.12 3.04 25.79
N LEU C 132 30.43 3.08 24.66
CA LEU C 132 30.55 1.97 23.72
C LEU C 132 31.99 1.53 23.45
N PHE C 133 32.89 2.48 23.24
CA PHE C 133 34.28 2.12 22.95
C PHE C 133 34.96 1.36 24.09
N ARG C 134 34.57 1.64 25.34
CA ARG C 134 35.14 0.95 26.48
C ARG C 134 34.61 -0.47 26.51
N LEU C 135 33.30 -0.59 26.30
CA LEU C 135 32.65 -1.89 26.28
C LEU C 135 33.21 -2.79 25.19
N LEU C 136 33.50 -2.18 24.04
CA LEU C 136 34.06 -2.94 22.92
C LEU C 136 35.43 -3.50 23.26
N ALA C 137 36.30 -2.64 23.76
CA ALA C 137 37.66 -3.07 24.13
C ALA C 137 37.56 -4.23 25.12
N GLU C 138 36.69 -4.08 26.12
CA GLU C 138 36.48 -5.11 27.12
C GLU C 138 36.13 -6.44 26.47
N ARG C 139 35.09 -6.43 25.65
CA ARG C 139 34.65 -7.64 24.96
C ARG C 139 35.76 -8.30 24.15
N HIS C 140 36.74 -7.52 23.71
CA HIS C 140 37.85 -8.06 22.93
C HIS C 140 39.09 -8.31 23.77
N GLY C 141 39.01 -7.97 25.06
CA GLY C 141 40.14 -8.19 25.94
C GLY C 141 41.33 -7.33 25.58
N VAL C 142 41.10 -6.05 25.34
CA VAL C 142 42.15 -5.11 25.00
C VAL C 142 41.79 -3.79 25.67
N LYS C 143 42.63 -2.77 25.53
CA LYS C 143 42.26 -1.51 26.16
C LYS C 143 42.02 -0.45 25.11
N ALA C 144 41.05 0.41 25.36
CA ALA C 144 40.74 1.47 24.42
C ALA C 144 41.75 2.59 24.45
N ASN C 145 41.77 3.33 23.36
CA ASN C 145 42.61 4.51 23.19
C ASN C 145 41.67 5.63 22.76
N PRO C 146 41.27 6.50 23.70
CA PRO C 146 40.34 7.60 23.37
C PRO C 146 40.85 8.61 22.35
N ARG C 147 42.10 8.44 21.93
CA ARG C 147 42.71 9.33 20.95
C ARG C 147 42.51 8.75 19.55
N VAL C 148 41.84 9.51 18.70
CA VAL C 148 41.55 9.03 17.36
C VAL C 148 41.91 10.00 16.27
N PHE C 149 42.64 9.51 15.27
CA PHE C 149 43.02 10.33 14.14
C PHE C 149 41.80 10.63 13.26
N VAL C 150 41.66 11.88 12.84
CA VAL C 150 40.57 12.27 11.98
C VAL C 150 41.06 13.20 10.88
N TYR C 151 40.48 13.06 9.69
CA TYR C 151 40.85 13.92 8.56
C TYR C 151 39.60 14.62 8.04
N ALA C 152 39.76 15.81 7.48
CA ALA C 152 38.62 16.56 6.96
C ALA C 152 38.40 16.21 5.48
N ALA C 153 37.18 15.81 5.17
CA ALA C 153 36.83 15.44 3.79
C ALA C 153 35.90 16.47 3.17
N GLY C 154 36.29 16.97 2.00
CA GLY C 154 35.47 17.95 1.32
C GLY C 154 36.01 18.15 -0.07
N GLY C 155 36.23 19.40 -0.45
CA GLY C 155 36.77 19.68 -1.76
C GLY C 155 35.86 19.20 -2.88
N TYR C 156 34.55 19.38 -2.70
CA TYR C 156 33.60 18.96 -3.71
C TYR C 156 33.54 19.97 -4.86
N TYR C 157 32.95 19.56 -5.98
CA TYR C 157 32.76 20.43 -7.12
C TYR C 157 31.44 21.11 -6.80
N TYR C 158 31.40 22.43 -6.89
CA TYR C 158 30.19 23.17 -6.58
C TYR C 158 29.98 24.19 -7.70
N PRO C 159 28.72 24.42 -8.09
CA PRO C 159 28.48 25.40 -9.16
C PRO C 159 29.02 26.79 -8.77
N GLY C 160 29.94 27.31 -9.58
CA GLY C 160 30.51 28.62 -9.31
C GLY C 160 31.66 28.63 -8.32
N LYS C 161 32.12 27.45 -7.91
CA LYS C 161 33.23 27.36 -6.95
C LYS C 161 34.57 27.36 -7.68
N GLY C 162 35.42 28.35 -7.40
CA GLY C 162 36.71 28.44 -8.05
C GLY C 162 37.87 28.09 -7.13
N LEU C 163 39.10 28.23 -7.63
CA LEU C 163 40.29 27.92 -6.84
C LEU C 163 40.30 28.69 -5.53
N SER C 164 39.83 29.93 -5.61
CA SER C 164 39.75 30.81 -4.45
C SER C 164 39.00 30.12 -3.31
N MET C 165 37.75 29.76 -3.57
CA MET C 165 36.92 29.10 -2.57
C MET C 165 37.46 27.76 -2.12
N LEU C 166 37.96 26.97 -3.07
CA LEU C 166 38.49 25.66 -2.74
C LEU C 166 39.53 25.88 -1.65
N ARG C 167 40.43 26.82 -1.92
CA ARG C 167 41.48 27.19 -1.00
C ARG C 167 40.89 27.55 0.37
N GLY C 168 39.88 28.41 0.35
CA GLY C 168 39.25 28.83 1.58
C GLY C 168 38.75 27.64 2.38
N GLU C 169 38.03 26.74 1.72
CA GLU C 169 37.48 25.55 2.35
C GLU C 169 38.59 24.81 3.10
N MET C 170 39.67 24.49 2.40
CA MET C 170 40.78 23.78 3.00
C MET C 170 41.37 24.50 4.18
N ARG C 171 41.63 25.79 4.01
CA ARG C 171 42.20 26.60 5.08
C ARG C 171 41.27 26.54 6.27
N GLY C 172 39.97 26.56 5.98
CA GLY C 172 38.99 26.47 7.04
C GLY C 172 39.19 25.20 7.86
N TYR C 173 39.53 24.10 7.19
CA TYR C 173 39.74 22.84 7.90
C TYR C 173 40.99 22.93 8.75
N LEU C 174 42.07 23.43 8.17
CA LEU C 174 43.31 23.57 8.92
C LEU C 174 43.10 24.45 10.17
N ASP C 175 42.29 25.50 10.02
CA ASP C 175 41.99 26.40 11.13
C ASP C 175 41.37 25.63 12.27
N ARG C 176 40.70 24.53 11.96
CA ARG C 176 40.05 23.77 13.01
C ARG C 176 40.90 22.63 13.57
N GLY C 177 42.14 22.55 13.12
CA GLY C 177 43.03 21.53 13.63
C GLY C 177 43.35 20.32 12.76
N TYR C 178 42.92 20.34 11.50
CA TYR C 178 43.17 19.18 10.67
C TYR C 178 44.51 19.27 9.97
N ASN C 179 45.22 18.15 9.92
CA ASN C 179 46.51 18.11 9.25
C ASN C 179 46.45 17.21 8.04
N VAL C 180 45.24 16.73 7.73
CA VAL C 180 45.03 15.90 6.56
C VAL C 180 43.71 16.31 5.95
N VAL C 181 43.70 16.57 4.65
CA VAL C 181 42.45 16.97 4.03
C VAL C 181 42.25 16.20 2.76
N LYS C 182 40.98 15.95 2.43
CA LYS C 182 40.64 15.21 1.22
C LYS C 182 39.77 16.03 0.31
N MET C 183 40.01 15.88 -1.00
CA MET C 183 39.26 16.58 -2.03
C MET C 183 38.88 15.61 -3.15
N LYS C 184 37.91 16.01 -3.95
CA LYS C 184 37.46 15.19 -5.05
C LYS C 184 38.28 15.45 -6.31
N ILE C 185 38.31 14.46 -7.20
CA ILE C 185 39.00 14.61 -8.47
C ILE C 185 38.21 13.74 -9.44
N GLY C 186 38.51 13.88 -10.73
CA GLY C 186 37.81 13.09 -11.72
C GLY C 186 36.41 13.60 -12.01
N GLY C 187 36.08 14.76 -11.45
CA GLY C 187 34.77 15.32 -11.70
C GLY C 187 34.89 16.44 -12.71
N ALA C 188 36.07 16.53 -13.33
CA ALA C 188 36.38 17.56 -14.33
C ALA C 188 37.57 17.06 -15.15
N PRO C 189 37.89 17.75 -16.27
CA PRO C 189 39.03 17.34 -17.11
C PRO C 189 40.28 17.25 -16.23
N ILE C 190 41.16 16.32 -16.54
CA ILE C 190 42.34 16.16 -15.71
C ILE C 190 43.16 17.43 -15.57
N GLU C 191 43.24 18.24 -16.61
CA GLU C 191 44.03 19.45 -16.49
C GLU C 191 43.43 20.48 -15.53
N GLU C 192 42.12 20.42 -15.33
CA GLU C 192 41.46 21.32 -14.40
C GLU C 192 41.75 20.79 -13.01
N ASP C 193 41.78 19.47 -12.87
CA ASP C 193 42.06 18.83 -11.58
C ASP C 193 43.48 19.12 -11.13
N ARG C 194 44.45 19.05 -12.04
CA ARG C 194 45.83 19.35 -11.69
C ARG C 194 45.85 20.74 -11.04
N MET C 195 45.13 21.67 -11.64
CA MET C 195 45.04 23.04 -11.13
C MET C 195 44.48 23.09 -9.72
N ARG C 196 43.36 22.40 -9.52
CA ARG C 196 42.73 22.38 -8.21
C ARG C 196 43.64 21.74 -7.18
N ILE C 197 44.32 20.67 -7.59
CA ILE C 197 45.24 19.98 -6.72
C ILE C 197 46.35 20.94 -6.34
N GLU C 198 47.01 21.53 -7.32
CA GLU C 198 48.09 22.46 -7.04
C GLU C 198 47.63 23.66 -6.22
N ALA C 199 46.43 24.14 -6.50
CA ALA C 199 45.90 25.26 -5.77
C ALA C 199 45.73 24.92 -4.29
N VAL C 200 45.49 23.65 -4.00
CA VAL C 200 45.29 23.23 -2.62
C VAL C 200 46.59 22.97 -1.89
N LEU C 201 47.57 22.39 -2.59
CA LEU C 201 48.86 22.09 -1.98
C LEU C 201 49.48 23.39 -1.46
N GLU C 202 49.47 24.39 -2.33
CA GLU C 202 50.01 25.71 -2.01
C GLU C 202 49.37 26.28 -0.75
N GLU C 203 48.08 26.07 -0.58
CA GLU C 203 47.37 26.60 0.57
C GLU C 203 47.76 25.97 1.89
N ILE C 204 47.85 24.64 1.94
CA ILE C 204 48.16 23.95 3.18
C ILE C 204 49.66 23.90 3.45
N GLY C 205 50.45 24.12 2.40
CA GLY C 205 51.88 24.10 2.55
C GLY C 205 52.41 22.91 3.32
N LYS C 206 53.06 23.15 4.45
CA LYS C 206 53.62 22.09 5.27
C LYS C 206 52.83 21.84 6.55
N ASP C 207 51.64 22.41 6.63
CA ASP C 207 50.79 22.24 7.81
C ASP C 207 49.78 21.08 7.67
N ALA C 208 49.72 20.50 6.49
CA ALA C 208 48.79 19.41 6.27
C ALA C 208 49.11 18.61 5.02
N GLN C 209 48.52 17.42 4.94
CA GLN C 209 48.71 16.55 3.79
C GLN C 209 47.39 16.41 3.06
N LEU C 210 47.48 16.21 1.75
CA LEU C 210 46.29 16.11 0.91
C LEU C 210 45.95 14.72 0.38
N ALA C 211 44.67 14.38 0.38
CA ALA C 211 44.20 13.11 -0.16
C ALA C 211 43.20 13.41 -1.26
N VAL C 212 43.27 12.65 -2.35
CA VAL C 212 42.34 12.83 -3.47
C VAL C 212 41.42 11.61 -3.62
N ASP C 213 40.17 11.86 -4.00
CA ASP C 213 39.15 10.81 -4.13
C ASP C 213 38.40 10.87 -5.48
N ALA C 214 38.60 9.85 -6.30
CA ALA C 214 37.96 9.77 -7.61
C ALA C 214 36.58 9.11 -7.58
N ASN C 215 36.11 8.75 -6.39
CA ASN C 215 34.80 8.13 -6.25
C ASN C 215 34.47 6.97 -7.18
N GLY C 216 35.49 6.18 -7.51
CA GLY C 216 35.32 5.03 -8.38
C GLY C 216 34.83 5.29 -9.77
N ARG C 217 35.11 6.48 -10.30
CA ARG C 217 34.65 6.87 -11.62
C ARG C 217 35.52 6.45 -12.79
N PHE C 218 36.82 6.27 -12.55
CA PHE C 218 37.76 5.94 -13.63
C PHE C 218 37.81 4.52 -14.16
N ASN C 219 38.13 4.40 -15.45
CA ASN C 219 38.32 3.09 -16.06
C ASN C 219 39.83 2.89 -15.90
N LEU C 220 40.36 1.76 -16.37
CA LEU C 220 41.78 1.52 -16.19
C LEU C 220 42.70 2.60 -16.76
N GLU C 221 42.52 2.93 -18.03
CA GLU C 221 43.36 3.94 -18.65
C GLU C 221 43.29 5.32 -17.98
N THR C 222 42.08 5.77 -17.66
CA THR C 222 41.95 7.05 -16.99
C THR C 222 42.62 6.99 -15.62
N GLY C 223 42.44 5.87 -14.92
CA GLY C 223 43.02 5.70 -13.60
C GLY C 223 44.53 5.82 -13.66
N ILE C 224 45.10 5.25 -14.72
CA ILE C 224 46.54 5.28 -14.92
C ILE C 224 47.02 6.69 -15.26
N ALA C 225 46.26 7.37 -16.11
CA ALA C 225 46.59 8.73 -16.52
C ALA C 225 46.67 9.62 -15.27
N TYR C 226 45.63 9.56 -14.45
CA TYR C 226 45.62 10.34 -13.22
C TYR C 226 46.72 9.89 -12.27
N ALA C 227 47.10 8.62 -12.34
CA ALA C 227 48.13 8.11 -11.45
C ALA C 227 49.46 8.76 -11.80
N LYS C 228 49.75 8.83 -13.09
CA LYS C 228 50.99 9.44 -13.57
C LYS C 228 51.07 10.92 -13.19
N MET C 229 49.91 11.57 -13.17
CA MET C 229 49.84 12.98 -12.83
C MET C 229 49.90 13.14 -11.31
N LEU C 230 49.13 12.35 -10.59
CA LEU C 230 49.07 12.39 -9.13
C LEU C 230 50.36 12.00 -8.42
N ARG C 231 51.09 11.03 -8.97
CA ARG C 231 52.30 10.54 -8.32
C ARG C 231 53.43 11.54 -8.16
N ASP C 232 53.37 12.65 -8.90
CA ASP C 232 54.41 13.67 -8.80
C ASP C 232 54.18 14.57 -7.58
N TYR C 233 53.05 14.41 -6.91
CA TYR C 233 52.76 15.20 -5.73
C TYR C 233 52.80 14.30 -4.50
N PRO C 234 53.17 14.86 -3.34
CA PRO C 234 53.24 14.11 -2.09
C PRO C 234 51.89 13.92 -1.43
N LEU C 235 50.98 13.24 -2.12
CA LEU C 235 49.63 12.99 -1.61
C LEU C 235 49.57 11.97 -0.47
N PHE C 236 48.59 12.11 0.41
CA PHE C 236 48.39 11.19 1.53
C PHE C 236 47.83 9.87 0.99
N TRP C 237 46.87 9.97 0.08
CA TRP C 237 46.32 8.77 -0.56
C TRP C 237 45.47 9.07 -1.79
N TYR C 238 45.39 8.09 -2.68
CA TYR C 238 44.63 8.15 -3.91
C TYR C 238 43.46 7.17 -3.62
N GLU C 239 42.26 7.73 -3.43
CA GLU C 239 41.08 6.93 -3.08
C GLU C 239 40.12 6.51 -4.19
N GLU C 240 39.60 5.28 -4.03
CA GLU C 240 38.64 4.66 -4.94
C GLU C 240 38.83 5.06 -6.41
N VAL C 241 39.92 4.57 -7.01
CA VAL C 241 40.23 4.90 -8.40
C VAL C 241 39.18 4.45 -9.41
N GLY C 242 38.91 3.14 -9.42
CA GLY C 242 37.94 2.56 -10.32
C GLY C 242 36.73 2.04 -9.59
N ASP C 243 35.87 1.33 -10.30
CA ASP C 243 34.64 0.77 -9.72
C ASP C 243 35.02 -0.02 -8.44
N PRO C 244 34.19 0.07 -7.41
CA PRO C 244 34.44 -0.63 -6.15
C PRO C 244 34.66 -2.14 -6.30
N LEU C 245 34.01 -2.75 -7.29
CA LEU C 245 34.10 -4.18 -7.50
C LEU C 245 35.08 -4.64 -8.58
N ASP C 246 35.78 -3.70 -9.21
CA ASP C 246 36.73 -4.06 -10.25
C ASP C 246 38.08 -4.24 -9.60
N TYR C 247 38.21 -5.33 -8.85
CA TYR C 247 39.45 -5.66 -8.14
C TYR C 247 40.66 -5.75 -9.06
N ALA C 248 40.45 -6.22 -10.29
CA ALA C 248 41.57 -6.36 -11.24
C ALA C 248 42.13 -4.99 -11.59
N LEU C 249 41.25 -3.99 -11.69
CA LEU C 249 41.68 -2.63 -12.02
C LEU C 249 42.52 -2.12 -10.86
N GLN C 250 42.00 -2.25 -9.65
CA GLN C 250 42.74 -1.80 -8.49
C GLN C 250 44.13 -2.44 -8.43
N ALA C 251 44.20 -3.72 -8.74
CA ALA C 251 45.48 -4.44 -8.70
C ALA C 251 46.45 -3.93 -9.74
N ALA C 252 45.96 -3.65 -10.95
CA ALA C 252 46.83 -3.16 -12.03
C ALA C 252 47.44 -1.80 -11.71
N LEU C 253 46.78 -1.03 -10.85
CA LEU C 253 47.27 0.28 -10.47
C LEU C 253 48.59 0.31 -9.70
N ALA C 254 48.86 -0.74 -8.93
CA ALA C 254 50.09 -0.79 -8.13
C ALA C 254 51.36 -0.56 -8.97
N GLU C 255 51.31 -0.97 -10.23
CA GLU C 255 52.45 -0.82 -11.12
C GLU C 255 52.73 0.64 -11.47
N PHE C 256 51.71 1.50 -11.36
CA PHE C 256 51.87 2.91 -11.72
C PHE C 256 51.79 3.88 -10.55
N TYR C 257 51.34 3.41 -9.39
CA TYR C 257 51.19 4.30 -8.24
C TYR C 257 51.74 3.68 -6.96
N PRO C 258 52.99 4.00 -6.62
CA PRO C 258 53.68 3.48 -5.43
C PRO C 258 53.08 4.00 -4.15
N GLY C 259 52.57 5.23 -4.21
CA GLY C 259 51.98 5.86 -3.03
C GLY C 259 50.72 5.19 -2.52
N PRO C 260 50.39 5.43 -1.23
CA PRO C 260 49.19 4.81 -0.66
C PRO C 260 47.87 5.07 -1.39
N MET C 261 47.08 4.01 -1.52
CA MET C 261 45.79 4.08 -2.14
C MET C 261 44.76 3.65 -1.12
N ALA C 262 43.50 3.94 -1.37
CA ALA C 262 42.44 3.59 -0.45
C ALA C 262 41.15 3.25 -1.21
N THR C 263 40.29 2.45 -0.57
CA THR C 263 39.02 2.09 -1.18
C THR C 263 38.22 1.28 -0.17
N GLY C 264 36.97 0.99 -0.50
CA GLY C 264 36.17 0.18 0.40
C GLY C 264 34.91 0.77 0.95
N GLU C 265 34.74 2.07 0.83
CA GLU C 265 33.53 2.69 1.35
C GLU C 265 32.29 2.10 0.71
N ASN C 266 32.41 1.58 -0.50
CA ASN C 266 31.25 1.03 -1.20
C ASN C 266 31.15 -0.50 -1.23
N LEU C 267 31.88 -1.16 -0.34
CA LEU C 267 31.80 -2.61 -0.21
C LEU C 267 31.04 -2.75 1.10
N PHE C 268 29.92 -3.46 1.08
CA PHE C 268 29.09 -3.53 2.29
C PHE C 268 28.93 -4.86 3.01
N SER C 269 29.89 -5.76 2.90
CA SER C 269 29.78 -7.05 3.58
C SER C 269 31.16 -7.64 3.80
N HIS C 270 31.28 -8.55 4.76
CA HIS C 270 32.60 -9.16 4.97
C HIS C 270 32.98 -9.98 3.76
N GLN C 271 31.99 -10.49 3.03
CA GLN C 271 32.25 -11.28 1.81
C GLN C 271 32.87 -10.41 0.73
N ASP C 272 32.35 -9.20 0.57
CA ASP C 272 32.89 -8.26 -0.41
C ASP C 272 34.29 -7.81 0.03
N ALA C 273 34.47 -7.57 1.33
CA ALA C 273 35.76 -7.16 1.86
C ALA C 273 36.77 -8.27 1.58
N ARG C 274 36.34 -9.51 1.76
CA ARG C 274 37.23 -10.64 1.52
C ARG C 274 37.66 -10.68 0.08
N ASN C 275 36.76 -10.33 -0.83
CA ASN C 275 37.13 -10.37 -2.25
C ASN C 275 38.14 -9.28 -2.59
N LEU C 276 38.03 -8.14 -1.93
CA LEU C 276 38.96 -7.05 -2.15
C LEU C 276 40.35 -7.51 -1.71
N LEU C 277 40.43 -8.11 -0.52
CA LEU C 277 41.73 -8.58 -0.02
C LEU C 277 42.29 -9.72 -0.87
N ARG C 278 41.42 -10.52 -1.47
CA ARG C 278 41.87 -11.62 -2.31
C ARG C 278 42.30 -11.22 -3.70
N TYR C 279 41.59 -10.28 -4.32
CA TYR C 279 41.91 -9.92 -5.69
C TYR C 279 42.33 -8.48 -5.97
N GLY C 280 42.13 -7.57 -5.03
CA GLY C 280 42.47 -6.17 -5.24
C GLY C 280 43.95 -5.79 -5.34
N GLY C 281 44.82 -6.70 -4.92
CA GLY C 281 46.25 -6.43 -4.97
C GLY C 281 46.70 -5.22 -4.18
N MET C 282 46.00 -4.90 -3.12
CA MET C 282 46.38 -3.76 -2.31
C MET C 282 47.60 -4.06 -1.44
N ARG C 283 48.32 -3.02 -1.05
CA ARG C 283 49.53 -3.18 -0.24
C ARG C 283 49.17 -3.00 1.24
N PRO C 284 49.17 -4.09 2.00
CA PRO C 284 48.83 -4.02 3.42
C PRO C 284 49.73 -3.16 4.33
N ASP C 285 50.89 -2.78 3.82
CA ASP C 285 51.78 -1.95 4.63
C ASP C 285 51.48 -0.47 4.52
N ARG C 286 50.73 -0.07 3.49
CA ARG C 286 50.43 1.36 3.31
C ARG C 286 49.06 1.79 2.81
N ASP C 287 48.25 0.86 2.31
CA ASP C 287 46.95 1.26 1.82
C ASP C 287 45.93 1.33 2.93
N TRP C 288 44.77 1.89 2.65
CA TRP C 288 43.72 2.00 3.66
C TRP C 288 42.39 1.37 3.23
N LEU C 289 41.72 0.73 4.18
CA LEU C 289 40.43 0.08 3.93
C LEU C 289 39.35 0.97 4.54
N GLN C 290 38.42 1.42 3.72
CA GLN C 290 37.39 2.34 4.20
C GLN C 290 35.96 1.82 4.43
N PHE C 291 35.84 0.52 4.74
CA PHE C 291 34.53 -0.09 5.01
C PHE C 291 33.82 0.72 6.08
N ASP C 292 32.50 0.93 5.91
CA ASP C 292 31.69 1.72 6.83
C ASP C 292 30.64 0.83 7.46
N CYS C 293 30.76 0.58 8.76
CA CYS C 293 29.83 -0.32 9.43
C CYS C 293 28.38 0.14 9.32
N ALA C 294 28.17 1.44 9.31
CA ALA C 294 26.82 1.98 9.25
C ALA C 294 26.11 1.58 7.95
N LEU C 295 26.88 1.33 6.91
CA LEU C 295 26.29 0.96 5.63
C LEU C 295 26.51 -0.52 5.35
N SER C 296 27.19 -1.22 6.28
CA SER C 296 27.53 -2.62 6.07
C SER C 296 27.06 -3.62 7.11
N TYR C 297 25.78 -3.57 7.44
CA TYR C 297 25.19 -4.49 8.41
C TYR C 297 25.66 -4.26 9.84
N GLY C 298 26.19 -3.07 10.11
CA GLY C 298 26.63 -2.73 11.46
C GLY C 298 27.93 -3.30 12.01
N LEU C 299 28.15 -3.04 13.31
CA LEU C 299 29.34 -3.50 14.01
C LEU C 299 29.39 -5.04 14.13
N CYS C 300 28.23 -5.67 14.21
CA CYS C 300 28.19 -7.12 14.29
C CYS C 300 28.86 -7.70 13.07
N GLU C 301 28.64 -7.05 11.93
CA GLU C 301 29.22 -7.50 10.69
C GLU C 301 30.68 -7.01 10.56
N TYR C 302 30.90 -5.78 11.01
CA TYR C 302 32.26 -5.20 10.94
C TYR C 302 33.25 -6.10 11.66
N GLN C 303 32.80 -6.73 12.74
CA GLN C 303 33.67 -7.61 13.49
C GLN C 303 34.06 -8.79 12.63
N ARG C 304 33.14 -9.25 11.79
CA ARG C 304 33.47 -10.36 10.88
C ARG C 304 34.47 -9.88 9.81
N THR C 305 34.32 -8.63 9.38
CA THR C 305 35.23 -8.08 8.40
C THR C 305 36.62 -8.02 8.99
N LEU C 306 36.71 -7.57 10.24
CA LEU C 306 38.00 -7.50 10.92
C LEU C 306 38.65 -8.89 10.98
N GLU C 307 37.81 -9.90 11.18
CA GLU C 307 38.30 -11.28 11.22
C GLU C 307 38.86 -11.64 9.85
N VAL C 308 38.23 -11.13 8.79
CA VAL C 308 38.71 -11.40 7.44
C VAL C 308 40.10 -10.78 7.28
N LEU C 309 40.29 -9.57 7.81
CA LEU C 309 41.58 -8.92 7.71
C LEU C 309 42.65 -9.81 8.34
N LYS C 310 42.32 -10.39 9.51
CA LYS C 310 43.24 -11.28 10.18
C LYS C 310 43.56 -12.45 9.27
N THR C 311 42.54 -13.04 8.69
CA THR C 311 42.76 -14.18 7.80
C THR C 311 43.66 -13.86 6.62
N HIS C 312 43.77 -12.58 6.27
CA HIS C 312 44.60 -12.20 5.13
C HIS C 312 45.85 -11.43 5.50
N GLY C 313 46.15 -11.36 6.79
CA GLY C 313 47.35 -10.69 7.24
C GLY C 313 47.34 -9.17 7.33
N TRP C 314 46.14 -8.58 7.38
CA TRP C 314 46.00 -7.14 7.49
C TRP C 314 45.79 -6.71 8.93
N SER C 315 46.32 -5.53 9.27
CA SER C 315 46.17 -5.00 10.60
C SER C 315 44.90 -4.14 10.66
N PRO C 316 44.19 -4.16 11.78
CA PRO C 316 42.98 -3.34 11.87
C PRO C 316 43.34 -1.84 11.77
N SER C 317 44.62 -1.53 11.95
CA SER C 317 45.07 -0.14 11.93
C SER C 317 45.07 0.40 10.51
N ARG C 318 44.81 -0.48 9.55
CA ARG C 318 44.74 -0.07 8.16
C ARG C 318 43.32 0.42 7.83
N CYS C 319 42.43 0.39 8.82
CA CYS C 319 41.06 0.81 8.63
C CYS C 319 40.75 2.23 9.04
N ILE C 320 40.15 2.98 8.12
CA ILE C 320 39.73 4.36 8.38
C ILE C 320 38.36 4.42 7.72
N PRO C 321 37.31 4.07 8.47
CA PRO C 321 35.92 4.06 8.01
C PRO C 321 35.43 5.33 7.36
N HIS C 322 34.59 5.15 6.35
CA HIS C 322 33.98 6.26 5.65
C HIS C 322 32.75 6.60 6.47
N GLY C 323 32.17 7.78 6.26
CA GLY C 323 30.97 8.12 7.00
C GLY C 323 31.02 9.27 7.96
N GLY C 324 32.17 9.48 8.59
CA GLY C 324 32.31 10.58 9.53
C GLY C 324 31.34 10.60 10.69
N HIS C 325 30.99 9.43 11.21
CA HIS C 325 30.03 9.37 12.32
C HIS C 325 30.68 8.83 13.59
N GLN C 326 30.06 9.13 14.72
CA GLN C 326 30.55 8.70 16.02
C GLN C 326 30.65 7.20 16.25
N MET C 327 29.84 6.41 15.55
CA MET C 327 29.88 4.96 15.74
C MET C 327 31.28 4.49 15.36
N SER C 328 31.78 4.98 14.23
CA SER C 328 33.12 4.63 13.77
C SER C 328 34.15 5.09 14.82
N LEU C 329 33.98 6.31 15.36
CA LEU C 329 34.90 6.83 16.37
C LEU C 329 35.03 5.84 17.53
N ASN C 330 33.89 5.30 17.96
CA ASN C 330 33.86 4.31 19.03
C ASN C 330 34.56 3.02 18.65
N ILE C 331 34.32 2.52 17.44
CA ILE C 331 34.94 1.28 17.01
C ILE C 331 36.44 1.50 16.88
N ALA C 332 36.82 2.65 16.36
CA ALA C 332 38.23 2.97 16.18
C ALA C 332 38.93 2.99 17.53
N ALA C 333 38.38 3.72 18.49
CA ALA C 333 38.96 3.82 19.81
C ALA C 333 39.02 2.49 20.54
N GLY C 334 37.98 1.68 20.39
CA GLY C 334 37.95 0.41 21.07
C GLY C 334 38.72 -0.73 20.45
N LEU C 335 38.67 -0.84 19.13
CA LEU C 335 39.34 -1.94 18.45
C LEU C 335 40.66 -1.60 17.73
N GLY C 336 41.10 -0.36 17.86
CA GLY C 336 42.35 0.06 17.24
C GLY C 336 42.39 0.27 15.75
N LEU C 337 41.37 0.93 15.21
CA LEU C 337 41.34 1.20 13.78
C LEU C 337 42.33 2.33 13.53
N GLY C 338 42.62 2.60 12.25
CA GLY C 338 43.58 3.64 11.90
C GLY C 338 43.08 5.06 12.14
N GLY C 339 41.77 5.24 12.21
CA GLY C 339 41.23 6.57 12.42
C GLY C 339 39.81 6.65 11.88
N ASN C 340 39.33 7.85 11.62
CA ASN C 340 37.98 8.03 11.10
C ASN C 340 37.86 9.25 10.18
N GLU C 341 36.91 9.21 9.26
CA GLU C 341 36.68 10.32 8.36
C GLU C 341 35.84 11.34 9.12
N SER C 342 35.88 12.60 8.67
CA SER C 342 35.11 13.66 9.31
C SER C 342 34.66 14.68 8.26
N TYR C 343 33.43 15.16 8.37
CA TYR C 343 32.91 16.18 7.45
C TYR C 343 32.68 17.43 8.29
N PRO C 344 33.65 18.36 8.33
CA PRO C 344 33.47 19.57 9.13
C PRO C 344 32.24 20.41 8.81
N ASP C 345 31.92 20.52 7.54
CA ASP C 345 30.77 21.33 7.15
C ASP C 345 29.53 20.53 6.76
N LEU C 346 29.73 19.52 5.94
CA LEU C 346 28.65 18.68 5.44
C LEU C 346 27.84 17.83 6.41
N PHE C 347 26.64 17.50 5.95
CA PHE C 347 25.67 16.62 6.63
C PHE C 347 25.39 16.80 8.11
N GLN C 348 25.77 17.93 8.69
CA GLN C 348 25.51 18.13 10.12
C GLN C 348 24.01 18.25 10.31
N PRO C 349 23.49 17.94 11.52
CA PRO C 349 24.20 17.48 12.72
C PRO C 349 24.49 15.99 12.81
N TYR C 350 24.26 15.25 11.73
CA TYR C 350 24.51 13.81 11.75
C TYR C 350 25.97 13.52 11.45
N GLY C 351 26.80 13.57 12.49
CA GLY C 351 28.22 13.33 12.34
C GLY C 351 28.87 14.28 13.33
N GLY C 352 30.18 14.45 13.25
CA GLY C 352 30.82 15.36 14.17
C GLY C 352 31.22 14.69 15.48
N PHE C 353 31.39 15.50 16.52
CA PHE C 353 31.84 15.00 17.81
C PHE C 353 31.01 15.65 18.89
N PRO C 354 31.15 15.15 20.13
CA PRO C 354 30.38 15.76 21.21
C PRO C 354 30.79 17.19 21.45
N ASP C 355 29.83 18.02 21.87
CA ASP C 355 30.09 19.42 22.13
C ASP C 355 31.29 19.55 23.06
N GLY C 356 32.26 20.38 22.65
CA GLY C 356 33.44 20.57 23.46
C GLY C 356 34.72 19.98 22.91
N VAL C 357 34.68 18.73 22.46
CA VAL C 357 35.89 18.11 21.94
C VAL C 357 36.29 18.79 20.63
N ARG C 358 37.59 19.04 20.48
CA ARG C 358 38.07 19.68 19.27
C ARG C 358 39.24 18.91 18.70
N VAL C 359 39.47 19.14 17.42
CA VAL C 359 40.56 18.50 16.70
C VAL C 359 41.86 19.26 16.97
N GLU C 360 42.90 18.51 17.32
CA GLU C 360 44.21 19.08 17.57
C GLU C 360 45.23 18.19 16.90
N ASN C 361 45.89 18.72 15.88
CA ASN C 361 46.87 17.93 15.16
C ASN C 361 46.18 16.69 14.61
N GLY C 362 45.01 16.90 14.00
CA GLY C 362 44.29 15.79 13.40
C GLY C 362 43.77 14.71 14.32
N HIS C 363 43.61 15.02 15.60
CA HIS C 363 43.10 14.04 16.56
C HIS C 363 42.06 14.62 17.51
N ILE C 364 41.24 13.74 18.07
CA ILE C 364 40.23 14.13 19.03
C ILE C 364 40.36 13.11 20.14
N THR C 365 39.83 13.42 21.32
CA THR C 365 39.91 12.50 22.43
C THR C 365 38.50 12.18 22.87
N MET C 366 38.14 10.91 22.79
CA MET C 366 36.80 10.46 23.15
C MET C 366 36.48 10.71 24.62
N PRO C 367 35.44 11.50 24.91
CA PRO C 367 35.06 11.74 26.30
C PRO C 367 34.36 10.49 26.80
N ASP C 368 34.38 10.24 28.10
CA ASP C 368 33.74 9.03 28.63
C ASP C 368 32.23 9.16 28.82
N LEU C 369 31.51 9.27 27.70
CA LEU C 369 30.06 9.37 27.71
C LEU C 369 29.48 7.98 27.53
N PRO C 370 28.34 7.69 28.17
CA PRO C 370 27.75 6.36 28.02
C PRO C 370 27.27 6.13 26.59
N GLY C 371 27.42 4.89 26.12
CA GLY C 371 27.00 4.58 24.77
C GLY C 371 27.86 5.21 23.71
N ILE C 372 27.27 5.54 22.57
CA ILE C 372 28.01 6.15 21.48
C ILE C 372 28.43 7.59 21.85
N GLY C 373 27.62 8.24 22.69
CA GLY C 373 27.94 9.59 23.10
C GLY C 373 27.15 10.66 22.37
N PHE C 374 26.08 10.26 21.71
CA PHE C 374 25.26 11.21 20.96
C PHE C 374 24.72 12.32 21.84
N GLU C 375 24.43 12.00 23.10
CA GLU C 375 23.90 12.99 24.04
C GLU C 375 24.83 14.21 24.20
N GLY C 376 26.13 14.00 24.00
CA GLY C 376 27.07 15.08 24.11
C GLY C 376 26.99 16.13 23.02
N LYS C 377 26.30 15.82 21.93
CA LYS C 377 26.14 16.74 20.81
C LYS C 377 24.69 17.22 20.81
N SER C 378 24.42 18.32 21.50
CA SER C 378 23.09 18.88 21.65
C SER C 378 22.27 19.02 20.36
N ASP C 379 22.84 19.63 19.32
CA ASP C 379 22.09 19.80 18.07
C ASP C 379 21.68 18.49 17.41
N LEU C 380 22.43 17.43 17.68
CA LEU C 380 22.12 16.10 17.14
C LEU C 380 21.12 15.41 18.07
N TYR C 381 21.44 15.40 19.36
CA TYR C 381 20.57 14.77 20.35
C TYR C 381 19.17 15.37 20.33
N LYS C 382 19.06 16.65 19.99
CA LYS C 382 17.78 17.31 19.94
C LYS C 382 16.89 16.55 18.97
N GLU C 383 17.47 16.21 17.82
CA GLU C 383 16.78 15.47 16.77
C GLU C 383 16.39 14.07 17.26
N MET C 384 17.32 13.41 17.94
CA MET C 384 17.09 12.07 18.44
C MET C 384 16.02 11.95 19.52
N LYS C 385 16.05 12.83 20.52
CA LYS C 385 15.04 12.73 21.57
C LYS C 385 13.69 13.15 21.02
N ALA C 386 13.71 13.84 19.89
CA ALA C 386 12.49 14.28 19.24
C ALA C 386 11.83 13.06 18.58
N LEU C 387 12.66 12.12 18.14
CA LEU C 387 12.17 10.90 17.52
C LEU C 387 11.59 9.96 18.57
N ALA C 388 12.32 9.78 19.66
CA ALA C 388 11.88 8.90 20.75
C ALA C 388 12.64 9.25 22.04
N GLU C 389 11.96 9.13 23.17
CA GLU C 389 12.57 9.45 24.45
C GLU C 389 12.07 8.50 25.53
N SER D 2 3.85 12.71 -29.63
CA SER D 2 4.20 12.81 -28.18
C SER D 2 4.37 11.47 -27.48
N VAL D 3 5.52 11.30 -26.84
CA VAL D 3 5.86 10.08 -26.11
C VAL D 3 6.26 10.40 -24.66
N ARG D 4 5.33 10.28 -23.73
CA ARG D 4 5.61 10.59 -22.33
C ARG D 4 5.17 9.50 -21.34
N ILE D 5 6.04 9.18 -20.38
CA ILE D 5 5.70 8.22 -19.33
C ILE D 5 4.97 9.09 -18.32
N VAL D 6 3.66 8.93 -18.25
CA VAL D 6 2.83 9.72 -17.37
C VAL D 6 2.71 9.23 -15.93
N ASP D 7 3.02 7.97 -15.69
CA ASP D 7 2.92 7.50 -14.33
C ASP D 7 3.71 6.22 -14.13
N VAL D 8 4.05 5.96 -12.88
CA VAL D 8 4.75 4.74 -12.52
C VAL D 8 4.11 4.28 -11.23
N ARG D 9 3.31 3.22 -11.33
CA ARG D 9 2.61 2.70 -10.17
C ARG D 9 3.16 1.36 -9.73
N GLU D 10 3.01 1.11 -8.43
CA GLU D 10 3.48 -0.13 -7.81
C GLU D 10 2.50 -0.64 -6.79
N ILE D 11 2.40 -1.96 -6.71
CA ILE D 11 1.53 -2.61 -5.75
C ILE D 11 2.35 -3.79 -5.26
N THR D 12 2.45 -3.92 -3.94
CA THR D 12 3.22 -5.03 -3.35
C THR D 12 2.31 -6.22 -3.13
N LYS D 13 2.65 -7.33 -3.75
CA LYS D 13 1.85 -8.54 -3.65
C LYS D 13 2.55 -9.67 -2.90
N PRO D 14 1.81 -10.38 -2.04
CA PRO D 14 2.40 -11.49 -1.29
C PRO D 14 2.48 -12.75 -2.12
N ILE D 15 3.60 -13.44 -2.01
CA ILE D 15 3.82 -14.71 -2.69
C ILE D 15 4.48 -15.58 -1.63
N SER D 16 3.85 -15.62 -0.46
CA SER D 16 4.38 -16.39 0.66
C SER D 16 3.72 -17.73 0.98
N SER D 17 4.53 -18.63 1.56
CA SER D 17 4.11 -19.98 1.96
C SER D 17 5.19 -20.59 2.87
N PRO D 18 4.88 -21.73 3.53
CA PRO D 18 5.84 -22.39 4.44
C PRO D 18 7.03 -22.99 3.72
N ILE D 19 7.02 -22.91 2.38
CA ILE D 19 8.09 -23.42 1.53
C ILE D 19 9.48 -23.07 2.13
N ARG D 20 10.46 -23.96 1.98
CA ARG D 20 11.79 -23.73 2.55
C ARG D 20 12.97 -24.36 1.83
N ASN D 21 14.11 -23.65 1.82
CA ASN D 21 15.33 -24.19 1.24
C ASN D 21 16.44 -24.10 2.29
N ALA D 22 17.66 -24.45 1.91
CA ALA D 22 18.78 -24.45 2.85
C ALA D 22 19.01 -23.11 3.52
N TYR D 23 18.73 -22.02 2.81
CA TYR D 23 18.96 -20.70 3.36
C TYR D 23 17.78 -19.98 3.95
N ILE D 24 16.63 -20.09 3.27
CA ILE D 24 15.44 -19.33 3.65
C ILE D 24 14.11 -20.08 3.62
N ASP D 25 13.06 -19.44 4.15
CA ASP D 25 11.72 -19.99 4.05
C ASP D 25 10.93 -18.79 3.50
N PHE D 26 9.88 -19.04 2.72
CA PHE D 26 9.12 -17.95 2.10
C PHE D 26 7.90 -17.45 2.88
N THR D 27 7.96 -17.61 4.19
CA THR D 27 6.90 -17.18 5.10
C THR D 27 6.40 -15.75 4.89
N LYS D 28 7.30 -14.81 4.65
CA LYS D 28 6.91 -13.42 4.46
C LYS D 28 7.25 -12.89 3.06
N MET D 29 7.52 -13.79 2.12
CA MET D 29 7.89 -13.37 0.78
C MET D 29 6.85 -12.52 0.05
N THR D 30 7.35 -11.47 -0.60
CA THR D 30 6.51 -10.54 -1.35
C THR D 30 7.17 -10.21 -2.68
N THR D 31 6.47 -9.43 -3.50
CA THR D 31 7.00 -9.02 -4.78
C THR D 31 6.33 -7.73 -5.20
N SER D 32 7.02 -6.93 -6.02
CA SER D 32 6.49 -5.66 -6.49
C SER D 32 5.92 -5.76 -7.91
N LEU D 33 4.67 -5.33 -8.07
CA LEU D 33 4.04 -5.31 -9.39
C LEU D 33 4.08 -3.85 -9.83
N VAL D 34 4.75 -3.60 -10.95
CA VAL D 34 4.90 -2.25 -11.45
C VAL D 34 4.21 -1.99 -12.80
N ALA D 35 3.75 -0.75 -12.95
CA ALA D 35 3.11 -0.33 -14.19
C ALA D 35 3.69 1.01 -14.64
N VAL D 36 4.14 1.04 -15.89
CA VAL D 36 4.68 2.26 -16.46
C VAL D 36 3.60 2.74 -17.44
N VAL D 37 2.85 3.74 -17.02
CA VAL D 37 1.78 4.32 -17.82
C VAL D 37 2.29 5.41 -18.76
N THR D 38 2.04 5.23 -20.06
CA THR D 38 2.45 6.21 -21.06
C THR D 38 1.24 6.95 -21.61
N ASP D 39 1.48 7.92 -22.48
CA ASP D 39 0.41 8.70 -23.10
C ASP D 39 0.28 8.30 -24.56
N VAL D 40 1.08 7.34 -25.00
CA VAL D 40 1.03 6.85 -26.37
C VAL D 40 -0.17 5.92 -26.52
N VAL D 41 -0.87 6.06 -27.65
CA VAL D 41 -2.05 5.23 -27.88
C VAL D 41 -1.89 4.29 -29.08
N ARG D 42 -2.13 3.02 -28.82
CA ARG D 42 -2.06 1.97 -29.83
C ARG D 42 -3.35 1.16 -29.67
N GLU D 43 -4.12 1.03 -30.75
CA GLU D 43 -5.39 0.29 -30.74
C GLU D 43 -6.41 1.04 -29.89
N GLY D 44 -6.40 2.37 -30.01
CA GLY D 44 -7.34 3.20 -29.27
C GLY D 44 -7.25 3.07 -27.76
N LYS D 45 -6.22 2.35 -27.31
CA LYS D 45 -6.00 2.12 -25.89
C LYS D 45 -4.61 2.63 -25.52
N ARG D 46 -4.48 3.28 -24.37
CA ARG D 46 -3.19 3.81 -23.93
C ARG D 46 -2.26 2.63 -23.61
N VAL D 47 -1.01 2.72 -24.06
CA VAL D 47 -0.06 1.66 -23.80
C VAL D 47 0.53 1.74 -22.41
N VAL D 48 0.48 0.62 -21.70
CA VAL D 48 1.00 0.55 -20.36
C VAL D 48 1.96 -0.61 -20.22
N GLY D 49 3.13 -0.35 -19.66
CA GLY D 49 4.13 -1.39 -19.47
C GLY D 49 3.99 -2.02 -18.10
N TYR D 50 4.20 -3.33 -18.01
CA TYR D 50 4.10 -4.02 -16.72
C TYR D 50 5.35 -4.81 -16.40
N GLY D 51 5.55 -5.04 -15.11
CA GLY D 51 6.69 -5.82 -14.66
C GLY D 51 6.55 -6.16 -13.19
N PHE D 52 7.33 -7.13 -12.74
CA PHE D 52 7.33 -7.52 -11.34
C PHE D 52 8.66 -8.19 -11.07
N ASN D 53 9.08 -8.20 -9.80
CA ASN D 53 10.37 -8.83 -9.51
C ASN D 53 10.24 -10.29 -9.12
N SER D 54 11.27 -11.08 -9.46
CA SER D 54 11.32 -12.50 -9.12
C SER D 54 11.21 -12.77 -7.61
N ASN D 55 10.93 -14.02 -7.29
CA ASN D 55 10.79 -14.42 -5.89
C ASN D 55 12.15 -14.45 -5.21
N GLY D 56 12.15 -14.34 -3.89
CA GLY D 56 13.40 -14.41 -3.15
C GLY D 56 13.99 -13.15 -2.57
N ARG D 57 13.77 -12.01 -3.22
CA ARG D 57 14.35 -10.77 -2.73
C ARG D 57 13.37 -9.80 -2.15
N TYR D 58 12.09 -10.14 -2.15
CA TYR D 58 11.05 -9.28 -1.58
C TYR D 58 10.70 -8.08 -2.49
N GLY D 59 9.54 -7.47 -2.22
CA GLY D 59 9.13 -6.31 -2.98
C GLY D 59 9.96 -5.07 -2.65
N GLN D 60 9.94 -4.08 -3.55
CA GLN D 60 10.71 -2.86 -3.36
C GLN D 60 9.86 -1.60 -3.51
N GLY D 61 8.66 -1.63 -2.96
CA GLY D 61 7.78 -0.48 -3.03
C GLY D 61 8.44 0.82 -2.59
N GLY D 62 9.08 0.80 -1.42
CA GLY D 62 9.73 1.99 -0.91
C GLY D 62 10.73 2.61 -1.88
N LEU D 63 11.69 1.83 -2.34
CA LEU D 63 12.70 2.30 -3.27
C LEU D 63 12.10 2.78 -4.59
N ILE D 64 11.12 2.05 -5.12
CA ILE D 64 10.51 2.43 -6.39
C ILE D 64 9.83 3.80 -6.26
N ARG D 65 9.06 4.02 -5.21
CA ARG D 65 8.37 5.30 -5.05
C ARG D 65 9.30 6.47 -4.76
N GLU D 66 10.01 6.36 -3.63
CA GLU D 66 10.92 7.39 -3.16
C GLU D 66 12.13 7.76 -4.00
N ARG D 67 12.63 6.86 -4.84
CA ARG D 67 13.79 7.22 -5.63
C ARG D 67 13.71 7.07 -7.13
N PHE D 68 13.42 5.86 -7.59
CA PHE D 68 13.37 5.59 -9.01
C PHE D 68 12.14 6.02 -9.81
N ALA D 69 10.96 5.99 -9.21
CA ALA D 69 9.79 6.42 -9.96
C ALA D 69 9.90 7.90 -10.25
N SER D 70 9.97 8.70 -9.19
CA SER D 70 10.07 10.14 -9.29
C SER D 70 11.17 10.66 -10.21
N ARG D 71 12.27 9.95 -10.32
CA ARG D 71 13.32 10.43 -11.21
C ARG D 71 12.83 10.36 -12.65
N ILE D 72 12.10 9.29 -12.96
CA ILE D 72 11.57 9.09 -14.29
C ILE D 72 10.50 10.12 -14.59
N LEU D 73 9.59 10.31 -13.62
CA LEU D 73 8.51 11.26 -13.76
C LEU D 73 8.95 12.71 -13.73
N GLU D 74 10.15 12.96 -13.25
CA GLU D 74 10.66 14.33 -13.15
C GLU D 74 11.59 14.62 -14.29
N ALA D 75 12.02 13.59 -15.00
CA ALA D 75 12.92 13.77 -16.11
C ALA D 75 12.26 14.48 -17.29
N ASP D 76 13.10 15.12 -18.11
CA ASP D 76 12.65 15.84 -19.29
C ASP D 76 12.24 14.86 -20.37
N PRO D 77 10.92 14.75 -20.62
CA PRO D 77 10.35 13.86 -21.62
C PRO D 77 11.11 13.84 -22.93
N LYS D 78 11.44 15.03 -23.42
CA LYS D 78 12.16 15.20 -24.68
C LYS D 78 13.51 14.48 -24.69
N LYS D 79 13.97 14.05 -23.52
CA LYS D 79 15.27 13.43 -23.42
C LYS D 79 15.32 11.93 -23.14
N LEU D 80 14.18 11.27 -23.27
CA LEU D 80 14.09 9.84 -23.03
C LEU D 80 13.64 9.11 -24.28
N LEU D 81 13.79 9.74 -25.44
CA LEU D 81 13.35 9.14 -26.69
C LEU D 81 14.50 8.71 -27.59
N ASN D 82 14.17 7.86 -28.55
CA ASN D 82 15.16 7.38 -29.52
C ASN D 82 15.44 8.48 -30.54
N GLU D 83 16.25 8.18 -31.54
CA GLU D 83 16.58 9.15 -32.57
C GLU D 83 15.35 9.71 -33.23
N ALA D 84 14.50 8.82 -33.71
CA ALA D 84 13.26 9.20 -34.39
C ALA D 84 12.27 9.96 -33.48
N GLY D 85 12.41 9.81 -32.17
CA GLY D 85 11.51 10.48 -31.26
C GLY D 85 10.12 9.88 -31.25
N ASP D 86 9.97 8.70 -31.83
CA ASP D 86 8.67 8.04 -31.87
C ASP D 86 8.48 6.94 -30.82
N ASN D 87 9.49 6.73 -29.98
CA ASN D 87 9.42 5.72 -28.93
C ASN D 87 10.42 6.03 -27.82
N LEU D 88 10.21 5.42 -26.65
CA LEU D 88 11.10 5.57 -25.51
C LEU D 88 12.39 4.83 -25.75
N ASP D 89 13.50 5.37 -25.25
CA ASP D 89 14.80 4.73 -25.35
C ASP D 89 15.04 4.08 -23.98
N PRO D 90 14.97 2.75 -23.90
CA PRO D 90 15.17 2.01 -22.64
C PRO D 90 16.39 2.48 -21.86
N ASP D 91 17.53 2.56 -22.55
CA ASP D 91 18.77 2.97 -21.91
C ASP D 91 18.73 4.40 -21.38
N LYS D 92 18.01 5.30 -22.04
CA LYS D 92 17.94 6.67 -21.55
C LYS D 92 17.09 6.72 -20.30
N VAL D 93 16.06 5.88 -20.25
CA VAL D 93 15.19 5.85 -19.08
C VAL D 93 15.98 5.24 -17.92
N TRP D 94 16.75 4.21 -18.24
CA TRP D 94 17.58 3.53 -17.25
C TRP D 94 18.56 4.56 -16.65
N ALA D 95 19.29 5.24 -17.52
CA ALA D 95 20.26 6.25 -17.09
C ALA D 95 19.56 7.28 -16.23
N ALA D 96 18.35 7.63 -16.64
CA ALA D 96 17.58 8.61 -15.91
C ALA D 96 17.32 8.20 -14.47
N MET D 97 16.95 6.94 -14.24
CA MET D 97 16.68 6.53 -12.87
C MET D 97 17.91 6.15 -12.05
N MET D 98 19.07 6.04 -12.72
CA MET D 98 20.29 5.72 -12.02
C MET D 98 21.19 6.93 -11.66
N ILE D 99 20.72 8.14 -11.93
CA ILE D 99 21.52 9.32 -11.60
C ILE D 99 21.60 9.45 -10.09
N ASN D 100 22.78 9.84 -9.61
CA ASN D 100 23.02 10.03 -8.19
C ASN D 100 22.95 8.76 -7.36
N GLU D 101 23.35 7.66 -7.97
CA GLU D 101 23.40 6.37 -7.31
C GLU D 101 24.87 6.02 -7.25
N LYS D 102 25.43 5.89 -6.05
CA LYS D 102 26.85 5.54 -5.94
C LYS D 102 27.11 4.08 -6.33
N PRO D 103 28.33 3.80 -6.82
CA PRO D 103 28.71 2.45 -7.24
C PRO D 103 28.69 1.42 -6.09
N GLY D 104 28.74 0.14 -6.45
CA GLY D 104 28.70 -0.92 -5.45
C GLY D 104 27.32 -1.01 -4.80
N GLY D 105 27.18 -1.85 -3.78
CA GLY D 105 25.90 -2.00 -3.12
C GLY D 105 24.77 -2.48 -4.03
N HIS D 106 25.08 -3.42 -4.92
CA HIS D 106 24.05 -3.94 -5.80
C HIS D 106 23.15 -4.96 -5.12
N GLY D 107 22.06 -4.49 -4.54
CA GLY D 107 21.08 -5.32 -3.88
C GLY D 107 19.87 -4.44 -3.60
N GLU D 108 18.68 -5.00 -3.54
CA GLU D 108 17.48 -4.21 -3.29
C GLU D 108 17.18 -3.21 -4.42
N ARG D 109 17.96 -2.15 -4.55
CA ARG D 109 17.70 -1.17 -5.59
C ARG D 109 17.85 -1.81 -6.97
N SER D 110 18.65 -2.87 -7.06
CA SER D 110 18.83 -3.57 -8.32
C SER D 110 17.52 -4.28 -8.69
N VAL D 111 16.73 -4.58 -7.68
CA VAL D 111 15.45 -5.23 -7.87
C VAL D 111 14.42 -4.18 -8.28
N ALA D 112 14.47 -3.03 -7.65
CA ALA D 112 13.57 -1.95 -7.96
C ALA D 112 13.79 -1.49 -9.41
N VAL D 113 15.03 -1.22 -9.77
CA VAL D 113 15.33 -0.76 -11.11
C VAL D 113 15.03 -1.87 -12.12
N GLY D 114 15.38 -3.10 -11.75
CA GLY D 114 15.14 -4.21 -12.66
C GLY D 114 13.66 -4.40 -12.98
N THR D 115 12.80 -4.26 -11.99
CA THR D 115 11.38 -4.45 -12.21
C THR D 115 10.78 -3.28 -12.99
N ILE D 116 11.28 -2.06 -12.78
CA ILE D 116 10.77 -0.91 -13.54
C ILE D 116 11.24 -1.09 -14.99
N ASP D 117 12.49 -1.51 -15.17
CA ASP D 117 13.07 -1.71 -16.49
C ASP D 117 12.24 -2.72 -17.29
N MET D 118 11.72 -3.73 -16.60
CA MET D 118 10.91 -4.74 -17.25
C MET D 118 9.72 -4.06 -17.91
N ALA D 119 9.04 -3.22 -17.13
CA ALA D 119 7.88 -2.50 -17.62
C ALA D 119 8.25 -1.56 -18.75
N VAL D 120 9.40 -0.89 -18.64
CA VAL D 120 9.81 0.03 -19.69
C VAL D 120 9.95 -0.68 -21.02
N TRP D 121 10.65 -1.81 -21.04
CA TRP D 121 10.82 -2.55 -22.28
C TRP D 121 9.48 -3.06 -22.79
N ASP D 122 8.60 -3.45 -21.87
CA ASP D 122 7.29 -3.96 -22.24
C ASP D 122 6.56 -2.87 -23.04
N ALA D 123 6.62 -1.65 -22.53
CA ALA D 123 6.00 -0.51 -23.17
C ALA D 123 6.64 -0.23 -24.52
N VAL D 124 7.96 -0.18 -24.55
CA VAL D 124 8.67 0.09 -25.77
C VAL D 124 8.28 -0.87 -26.88
N ALA D 125 8.25 -2.16 -26.57
CA ALA D 125 7.89 -3.16 -27.57
C ALA D 125 6.45 -2.95 -28.03
N LYS D 126 5.56 -2.62 -27.08
CA LYS D 126 4.16 -2.39 -27.42
C LYS D 126 4.02 -1.18 -28.33
N ILE D 127 4.77 -0.12 -28.04
CA ILE D 127 4.73 1.10 -28.82
C ILE D 127 5.23 0.78 -30.24
N ALA D 128 6.14 -0.18 -30.34
CA ALA D 128 6.71 -0.54 -31.64
C ALA D 128 5.85 -1.61 -32.32
N GLY D 129 4.82 -2.06 -31.62
CA GLY D 129 3.93 -3.06 -32.16
C GLY D 129 4.56 -4.42 -32.43
N LYS D 130 5.61 -4.76 -31.68
CA LYS D 130 6.28 -6.05 -31.86
C LYS D 130 6.40 -6.81 -30.54
N PRO D 131 6.61 -8.13 -30.61
CA PRO D 131 6.76 -8.89 -29.37
C PRO D 131 8.17 -8.53 -28.89
N LEU D 132 8.33 -8.31 -27.59
CA LEU D 132 9.64 -7.93 -27.08
C LEU D 132 10.80 -8.77 -27.62
N PHE D 133 10.64 -10.08 -27.68
CA PHE D 133 11.71 -10.93 -28.16
C PHE D 133 12.06 -10.69 -29.62
N ARG D 134 11.08 -10.28 -30.43
CA ARG D 134 11.35 -9.99 -31.85
C ARG D 134 12.11 -8.67 -31.94
N LEU D 135 11.68 -7.68 -31.17
CA LEU D 135 12.33 -6.38 -31.14
C LEU D 135 13.79 -6.50 -30.68
N LEU D 136 14.04 -7.38 -29.71
CA LEU D 136 15.38 -7.58 -29.18
C LEU D 136 16.29 -8.15 -30.24
N ALA D 137 15.85 -9.22 -30.88
CA ALA D 137 16.63 -9.85 -31.95
C ALA D 137 16.95 -8.82 -33.01
N GLU D 138 15.96 -8.02 -33.39
CA GLU D 138 16.16 -6.98 -34.38
C GLU D 138 17.29 -6.04 -33.97
N ARG D 139 17.16 -5.45 -32.77
CA ARG D 139 18.17 -4.54 -32.24
C ARG D 139 19.58 -5.16 -32.21
N HIS D 140 19.66 -6.48 -32.12
CA HIS D 140 20.96 -7.13 -32.11
C HIS D 140 21.37 -7.66 -33.49
N GLY D 141 20.48 -7.52 -34.47
CA GLY D 141 20.79 -7.99 -35.80
C GLY D 141 20.90 -9.49 -35.88
N VAL D 142 19.96 -10.19 -35.26
CA VAL D 142 19.94 -11.64 -35.26
C VAL D 142 18.51 -12.11 -35.39
N LYS D 143 18.32 -13.43 -35.56
CA LYS D 143 16.98 -13.98 -35.70
C LYS D 143 16.53 -14.58 -34.38
N ALA D 144 15.33 -14.23 -33.96
CA ALA D 144 14.81 -14.77 -32.71
C ALA D 144 14.40 -16.20 -32.96
N ASN D 145 14.32 -16.98 -31.88
CA ASN D 145 13.93 -18.36 -31.94
C ASN D 145 12.84 -18.49 -30.90
N PRO D 146 11.59 -18.58 -31.33
CA PRO D 146 10.47 -18.69 -30.40
C PRO D 146 10.49 -19.94 -29.52
N ARG D 147 11.38 -20.86 -29.82
CA ARG D 147 11.45 -22.09 -29.02
C ARG D 147 12.42 -22.01 -27.85
N VAL D 148 11.85 -22.01 -26.65
CA VAL D 148 12.65 -21.87 -25.43
C VAL D 148 12.59 -23.04 -24.46
N PHE D 149 13.76 -23.50 -24.05
CA PHE D 149 13.86 -24.58 -23.08
C PHE D 149 13.46 -24.06 -21.69
N VAL D 150 12.68 -24.86 -20.97
CA VAL D 150 12.25 -24.50 -19.63
C VAL D 150 12.31 -25.73 -18.74
N TYR D 151 12.65 -25.52 -17.48
CA TYR D 151 12.73 -26.62 -16.52
C TYR D 151 11.87 -26.28 -15.33
N ALA D 152 11.34 -27.28 -14.64
CA ALA D 152 10.47 -27.02 -13.49
C ALA D 152 11.28 -27.00 -12.21
N ALA D 153 11.14 -25.93 -11.43
CA ALA D 153 11.88 -25.79 -10.19
C ALA D 153 10.96 -25.89 -9.00
N GLY D 154 11.31 -26.78 -8.07
CA GLY D 154 10.52 -26.95 -6.87
C GLY D 154 11.30 -27.82 -5.91
N GLY D 155 10.65 -28.87 -5.40
CA GLY D 155 11.30 -29.77 -4.47
C GLY D 155 11.73 -29.08 -3.20
N TYR D 156 10.88 -28.19 -2.70
CA TYR D 156 11.20 -27.46 -1.47
C TYR D 156 10.96 -28.33 -0.25
N TYR D 157 11.50 -27.89 0.89
CA TYR D 157 11.29 -28.58 2.14
C TYR D 157 10.00 -27.98 2.64
N TYR D 158 9.04 -28.81 3.03
CA TYR D 158 7.77 -28.33 3.52
C TYR D 158 7.42 -29.08 4.80
N PRO D 159 6.83 -28.40 5.79
CA PRO D 159 6.49 -29.09 7.03
C PRO D 159 5.52 -30.28 6.75
N GLY D 160 5.96 -31.47 7.12
CA GLY D 160 5.16 -32.66 6.91
C GLY D 160 5.24 -33.27 5.52
N LYS D 161 6.15 -32.77 4.68
CA LYS D 161 6.30 -33.29 3.33
C LYS D 161 7.29 -34.45 3.33
N GLY D 162 6.84 -35.63 2.88
CA GLY D 162 7.69 -36.81 2.84
C GLY D 162 8.08 -37.22 1.42
N LEU D 163 8.81 -38.32 1.30
CA LEU D 163 9.24 -38.78 -0.01
C LEU D 163 8.05 -38.95 -0.95
N SER D 164 6.95 -39.41 -0.39
CA SER D 164 5.72 -39.63 -1.13
C SER D 164 5.33 -38.37 -1.92
N MET D 165 5.12 -37.28 -1.18
CA MET D 165 4.74 -36.01 -1.78
C MET D 165 5.79 -35.45 -2.72
N LEU D 166 7.06 -35.53 -2.32
CA LEU D 166 8.15 -35.02 -3.15
C LEU D 166 7.97 -35.67 -4.52
N ARG D 167 7.83 -36.99 -4.51
CA ARG D 167 7.63 -37.78 -5.70
C ARG D 167 6.45 -37.26 -6.52
N GLY D 168 5.34 -37.03 -5.82
CA GLY D 168 4.14 -36.53 -6.48
C GLY D 168 4.41 -35.23 -7.18
N GLU D 169 5.03 -34.28 -6.47
CA GLU D 169 5.35 -32.98 -7.02
C GLU D 169 6.09 -33.13 -8.36
N MET D 170 7.18 -33.91 -8.33
CA MET D 170 7.98 -34.11 -9.53
C MET D 170 7.17 -34.73 -10.66
N ARG D 171 6.43 -35.80 -10.35
CA ARG D 171 5.61 -36.45 -11.35
C ARG D 171 4.65 -35.42 -11.93
N GLY D 172 4.14 -34.55 -11.07
CA GLY D 172 3.24 -33.50 -11.52
C GLY D 172 3.89 -32.65 -12.59
N TYR D 173 5.19 -32.36 -12.44
CA TYR D 173 5.90 -31.56 -13.42
C TYR D 173 6.04 -32.34 -14.71
N LEU D 174 6.45 -33.60 -14.62
CA LEU D 174 6.61 -34.40 -15.82
C LEU D 174 5.28 -34.49 -16.58
N ASP D 175 4.17 -34.58 -15.82
CA ASP D 175 2.86 -34.66 -16.45
C ASP D 175 2.58 -33.44 -17.32
N ARG D 176 3.22 -32.32 -17.02
CA ARG D 176 3.00 -31.11 -17.82
C ARG D 176 4.00 -30.88 -18.94
N GLY D 177 4.86 -31.85 -19.22
CA GLY D 177 5.81 -31.70 -20.30
C GLY D 177 7.28 -31.43 -20.00
N TYR D 178 7.63 -31.17 -18.76
CA TYR D 178 9.02 -30.88 -18.44
C TYR D 178 9.85 -32.16 -18.48
N ASN D 179 11.08 -32.05 -18.98
CA ASN D 179 12.00 -33.19 -19.03
C ASN D 179 13.21 -32.91 -18.15
N VAL D 180 13.07 -31.93 -17.26
CA VAL D 180 14.12 -31.55 -16.30
C VAL D 180 13.49 -30.89 -15.09
N VAL D 181 13.79 -31.39 -13.90
CA VAL D 181 13.25 -30.80 -12.68
C VAL D 181 14.37 -30.42 -11.71
N LYS D 182 14.03 -29.64 -10.69
CA LYS D 182 15.03 -29.19 -9.73
C LYS D 182 14.48 -29.19 -8.32
N MET D 183 15.29 -29.70 -7.40
CA MET D 183 14.90 -29.80 -6.00
C MET D 183 15.94 -29.15 -5.12
N LYS D 184 15.53 -28.79 -3.91
CA LYS D 184 16.40 -28.20 -2.91
C LYS D 184 17.14 -29.26 -2.10
N ILE D 185 18.39 -28.95 -1.74
CA ILE D 185 19.22 -29.81 -0.90
C ILE D 185 19.90 -28.90 0.11
N GLY D 186 20.53 -29.49 1.13
CA GLY D 186 21.21 -28.70 2.14
C GLY D 186 20.29 -28.26 3.27
N GLY D 187 19.02 -28.65 3.21
CA GLY D 187 18.06 -28.28 4.25
C GLY D 187 17.77 -29.44 5.19
N ALA D 188 18.65 -30.43 5.14
CA ALA D 188 18.54 -31.62 5.97
C ALA D 188 19.89 -32.35 5.92
N PRO D 189 20.12 -33.31 6.84
CA PRO D 189 21.38 -34.08 6.87
C PRO D 189 21.73 -34.63 5.49
N ILE D 190 23.01 -34.78 5.19
CA ILE D 190 23.39 -35.25 3.87
C ILE D 190 22.81 -36.60 3.50
N GLU D 191 22.62 -37.44 4.51
CA GLU D 191 22.07 -38.77 4.28
C GLU D 191 20.60 -38.65 3.86
N GLU D 192 19.83 -37.93 4.66
CA GLU D 192 18.42 -37.73 4.38
C GLU D 192 18.19 -37.09 3.01
N ASP D 193 19.16 -36.32 2.53
CA ASP D 193 19.00 -35.71 1.21
C ASP D 193 19.22 -36.76 0.14
N ARG D 194 20.20 -37.63 0.36
CA ARG D 194 20.48 -38.70 -0.59
C ARG D 194 19.19 -39.47 -0.86
N MET D 195 18.38 -39.60 0.18
CA MET D 195 17.09 -40.31 0.08
C MET D 195 16.18 -39.52 -0.86
N ARG D 196 15.92 -38.27 -0.52
CA ARG D 196 15.07 -37.40 -1.35
C ARG D 196 15.56 -37.42 -2.78
N ILE D 197 16.88 -37.41 -2.99
CA ILE D 197 17.44 -37.42 -4.34
C ILE D 197 17.17 -38.73 -5.08
N GLU D 198 17.31 -39.85 -4.38
CA GLU D 198 17.06 -41.14 -5.02
C GLU D 198 15.57 -41.35 -5.27
N ALA D 199 14.73 -40.85 -4.36
CA ALA D 199 13.30 -40.98 -4.55
C ALA D 199 12.91 -40.31 -5.88
N VAL D 200 13.34 -39.07 -6.07
CA VAL D 200 13.04 -38.30 -7.28
C VAL D 200 13.68 -38.91 -8.52
N LEU D 201 14.93 -39.33 -8.38
CA LEU D 201 15.65 -39.94 -9.50
C LEU D 201 14.82 -41.16 -9.94
N GLU D 202 14.33 -41.87 -8.93
CA GLU D 202 13.51 -43.05 -9.07
C GLU D 202 12.23 -42.75 -9.86
N GLU D 203 11.46 -41.82 -9.33
CA GLU D 203 10.19 -41.38 -9.89
C GLU D 203 10.23 -40.95 -11.35
N ILE D 204 11.24 -40.17 -11.72
CA ILE D 204 11.33 -39.67 -13.09
C ILE D 204 11.97 -40.67 -14.04
N GLY D 205 12.67 -41.65 -13.46
CA GLY D 205 13.31 -42.67 -14.27
C GLY D 205 14.10 -42.11 -15.44
N LYS D 206 13.70 -42.46 -16.66
CA LYS D 206 14.38 -42.00 -17.87
C LYS D 206 13.59 -40.95 -18.63
N ASP D 207 12.54 -40.40 -18.01
CA ASP D 207 11.71 -39.39 -18.66
C ASP D 207 12.15 -37.96 -18.34
N ALA D 208 13.10 -37.81 -17.43
CA ALA D 208 13.57 -36.49 -17.04
C ALA D 208 14.90 -36.52 -16.29
N GLN D 209 15.55 -35.37 -16.21
CA GLN D 209 16.81 -35.24 -15.51
C GLN D 209 16.62 -34.36 -14.30
N LEU D 210 17.42 -34.62 -13.26
CA LEU D 210 17.29 -33.89 -12.00
C LEU D 210 18.42 -32.90 -11.70
N ALA D 211 18.05 -31.75 -11.15
CA ALA D 211 19.03 -30.73 -10.77
C ALA D 211 18.83 -30.44 -9.29
N VAL D 212 19.93 -30.29 -8.55
CA VAL D 212 19.85 -30.00 -7.12
C VAL D 212 20.35 -28.58 -6.83
N ASP D 213 19.77 -27.93 -5.83
CA ASP D 213 20.13 -26.56 -5.51
C ASP D 213 20.35 -26.39 -4.00
N ALA D 214 21.58 -26.04 -3.61
CA ALA D 214 21.93 -25.85 -2.21
C ALA D 214 21.73 -24.41 -1.72
N ASN D 215 21.26 -23.54 -2.60
CA ASN D 215 21.00 -22.15 -2.25
C ASN D 215 22.14 -21.39 -1.57
N GLY D 216 23.37 -21.73 -1.93
CA GLY D 216 24.55 -21.09 -1.39
C GLY D 216 24.75 -21.23 0.11
N ARG D 217 24.25 -22.32 0.69
CA ARG D 217 24.36 -22.55 2.12
C ARG D 217 25.66 -23.23 2.61
N PHE D 218 26.30 -24.01 1.75
CA PHE D 218 27.49 -24.75 2.15
C PHE D 218 28.85 -24.03 2.25
N ASN D 219 29.68 -24.49 3.18
CA ASN D 219 31.02 -23.97 3.31
C ASN D 219 31.83 -24.91 2.44
N LEU D 220 33.13 -24.68 2.31
CA LEU D 220 33.91 -25.54 1.43
C LEU D 220 33.82 -27.04 1.72
N GLU D 221 34.03 -27.43 2.96
CA GLU D 221 34.00 -28.85 3.30
C GLU D 221 32.65 -29.49 3.05
N THR D 222 31.58 -28.82 3.44
CA THR D 222 30.24 -29.36 3.23
C THR D 222 29.98 -29.47 1.73
N GLY D 223 30.39 -28.44 0.99
CA GLY D 223 30.19 -28.46 -0.44
C GLY D 223 30.87 -29.64 -1.10
N ILE D 224 32.06 -29.97 -0.59
CA ILE D 224 32.81 -31.12 -1.11
C ILE D 224 32.14 -32.44 -0.69
N ALA D 225 31.65 -32.50 0.54
CA ALA D 225 31.02 -33.71 1.03
C ALA D 225 29.83 -34.03 0.12
N TYR D 226 28.98 -33.03 -0.10
CA TYR D 226 27.83 -33.22 -0.97
C TYR D 226 28.25 -33.51 -2.41
N ALA D 227 29.39 -32.97 -2.82
CA ALA D 227 29.88 -33.21 -4.17
C ALA D 227 30.20 -34.70 -4.34
N LYS D 228 30.90 -35.27 -3.36
CA LYS D 228 31.27 -36.68 -3.41
C LYS D 228 30.03 -37.58 -3.46
N MET D 229 28.96 -37.15 -2.78
CA MET D 229 27.72 -37.89 -2.72
C MET D 229 26.92 -37.68 -4.01
N LEU D 230 26.82 -36.42 -4.44
CA LEU D 230 26.08 -36.04 -5.64
C LEU D 230 26.66 -36.56 -6.96
N ARG D 231 27.98 -36.62 -7.05
CA ARG D 231 28.63 -37.04 -8.29
C ARG D 231 28.35 -38.48 -8.71
N ASP D 232 27.84 -39.30 -7.79
CA ASP D 232 27.54 -40.69 -8.15
C ASP D 232 26.21 -40.80 -8.90
N TYR D 233 25.46 -39.70 -8.97
CA TYR D 233 24.17 -39.69 -9.66
C TYR D 233 24.28 -38.85 -10.91
N PRO D 234 23.55 -39.21 -11.96
CA PRO D 234 23.57 -38.49 -13.24
C PRO D 234 22.75 -37.19 -13.22
N LEU D 235 23.13 -36.27 -12.32
CA LEU D 235 22.42 -35.00 -12.17
C LEU D 235 22.62 -34.03 -13.34
N PHE D 236 21.62 -33.19 -13.58
CA PHE D 236 21.68 -32.20 -14.65
C PHE D 236 22.64 -31.07 -14.23
N TRP D 237 22.56 -30.66 -12.96
CA TRP D 237 23.47 -29.66 -12.42
C TRP D 237 23.39 -29.52 -10.90
N TYR D 238 24.50 -29.06 -10.33
CA TYR D 238 24.66 -28.83 -8.89
C TYR D 238 24.69 -27.28 -8.80
N GLU D 239 23.63 -26.69 -8.26
CA GLU D 239 23.48 -25.24 -8.19
C GLU D 239 23.84 -24.53 -6.89
N GLU D 240 24.43 -23.34 -7.04
CA GLU D 240 24.83 -22.46 -5.94
C GLU D 240 25.30 -23.22 -4.70
N VAL D 241 26.46 -23.85 -4.81
CA VAL D 241 27.01 -24.63 -3.71
C VAL D 241 27.30 -23.79 -2.47
N GLY D 242 28.16 -22.80 -2.62
CA GLY D 242 28.50 -21.95 -1.50
C GLY D 242 27.98 -20.54 -1.68
N ASP D 243 28.40 -19.63 -0.79
CA ASP D 243 27.99 -18.22 -0.85
C ASP D 243 28.19 -17.69 -2.27
N PRO D 244 27.24 -16.89 -2.78
CA PRO D 244 27.28 -16.31 -4.12
C PRO D 244 28.57 -15.55 -4.46
N LEU D 245 29.18 -14.94 -3.44
CA LEU D 245 30.39 -14.15 -3.61
C LEU D 245 31.71 -14.85 -3.25
N ASP D 246 31.65 -16.11 -2.82
CA ASP D 246 32.87 -16.84 -2.47
C ASP D 246 33.36 -17.55 -3.71
N TYR D 247 33.87 -16.78 -4.67
CA TYR D 247 34.37 -17.32 -5.92
C TYR D 247 35.45 -18.38 -5.73
N ALA D 248 36.27 -18.22 -4.69
CA ALA D 248 37.34 -19.20 -4.46
C ALA D 248 36.73 -20.57 -4.13
N LEU D 249 35.65 -20.57 -3.35
CA LEU D 249 34.98 -21.82 -3.00
C LEU D 249 34.48 -22.48 -4.28
N GLN D 250 33.76 -21.72 -5.10
CA GLN D 250 33.26 -22.27 -6.35
C GLN D 250 34.38 -22.88 -7.17
N ALA D 251 35.50 -22.18 -7.27
CA ALA D 251 36.63 -22.67 -8.05
C ALA D 251 37.23 -23.97 -7.52
N ALA D 252 37.31 -24.09 -6.20
CA ALA D 252 37.87 -25.28 -5.57
C ALA D 252 37.01 -26.52 -5.83
N LEU D 253 35.73 -26.31 -6.07
CA LEU D 253 34.81 -27.42 -6.33
C LEU D 253 35.08 -28.20 -7.62
N ALA D 254 35.61 -27.54 -8.64
CA ALA D 254 35.87 -28.21 -9.91
C ALA D 254 36.70 -29.50 -9.75
N GLU D 255 37.55 -29.54 -8.73
CA GLU D 255 38.41 -30.68 -8.49
C GLU D 255 37.64 -31.90 -7.99
N PHE D 256 36.46 -31.66 -7.42
CA PHE D 256 35.67 -32.76 -6.88
C PHE D 256 34.36 -33.02 -7.62
N TYR D 257 33.95 -32.12 -8.50
CA TYR D 257 32.69 -32.29 -9.20
C TYR D 257 32.81 -31.99 -10.70
N PRO D 258 33.05 -33.03 -11.50
CA PRO D 258 33.20 -32.92 -12.95
C PRO D 258 31.90 -32.49 -13.64
N GLY D 259 30.78 -32.89 -13.06
CA GLY D 259 29.50 -32.57 -13.66
C GLY D 259 29.14 -31.10 -13.66
N PRO D 260 28.25 -30.66 -14.55
CA PRO D 260 27.86 -29.25 -14.61
C PRO D 260 27.38 -28.65 -13.30
N MET D 261 27.81 -27.42 -13.05
CA MET D 261 27.40 -26.69 -11.86
C MET D 261 26.75 -25.40 -12.35
N ALA D 262 26.06 -24.71 -11.45
CA ALA D 262 25.39 -23.48 -11.81
C ALA D 262 25.33 -22.52 -10.63
N THR D 263 25.25 -21.23 -10.93
CA THR D 263 25.18 -20.21 -9.88
C THR D 263 24.94 -18.86 -10.55
N GLY D 264 24.69 -17.83 -9.75
CA GLY D 264 24.50 -16.51 -10.31
C GLY D 264 23.19 -15.80 -10.03
N GLU D 265 22.18 -16.54 -9.60
CA GLU D 265 20.91 -15.93 -9.32
C GLU D 265 21.03 -14.80 -8.31
N ASN D 266 22.04 -14.86 -7.44
CA ASN D 266 22.20 -13.83 -6.43
C ASN D 266 23.30 -12.79 -6.70
N LEU D 267 23.75 -12.70 -7.95
CA LEU D 267 24.72 -11.69 -8.34
C LEU D 267 23.84 -10.72 -9.12
N PHE D 268 23.81 -9.46 -8.72
CA PHE D 268 22.93 -8.50 -9.38
C PHE D 268 23.49 -7.37 -10.22
N SER D 269 24.69 -7.53 -10.78
CA SER D 269 25.29 -6.48 -11.61
C SER D 269 26.27 -7.08 -12.60
N HIS D 270 26.58 -6.36 -13.66
CA HIS D 270 27.55 -6.90 -14.62
C HIS D 270 28.93 -6.95 -13.95
N GLN D 271 29.16 -6.07 -12.97
CA GLN D 271 30.44 -6.06 -12.25
C GLN D 271 30.57 -7.35 -11.45
N ASP D 272 29.49 -7.76 -10.77
CA ASP D 272 29.52 -8.98 -9.99
C ASP D 272 29.63 -10.20 -10.92
N ALA D 273 28.98 -10.12 -12.07
CA ALA D 273 29.04 -11.22 -13.03
C ALA D 273 30.45 -11.33 -13.53
N ARG D 274 31.10 -10.18 -13.73
CA ARG D 274 32.46 -10.18 -14.23
C ARG D 274 33.40 -10.84 -13.22
N ASN D 275 33.17 -10.58 -11.94
CA ASN D 275 34.00 -11.19 -10.91
C ASN D 275 33.84 -12.73 -10.87
N LEU D 276 32.61 -13.21 -11.08
CA LEU D 276 32.36 -14.64 -11.10
C LEU D 276 33.15 -15.26 -12.24
N LEU D 277 33.12 -14.63 -13.42
CA LEU D 277 33.86 -15.17 -14.57
C LEU D 277 35.38 -15.06 -14.40
N ARG D 278 35.81 -14.10 -13.59
CA ARG D 278 37.24 -13.91 -13.36
C ARG D 278 37.81 -14.84 -12.30
N TYR D 279 37.05 -15.07 -11.24
CA TYR D 279 37.56 -15.86 -10.14
C TYR D 279 36.84 -17.16 -9.78
N GLY D 280 35.62 -17.34 -10.26
CA GLY D 280 34.86 -18.54 -9.93
C GLY D 280 35.34 -19.88 -10.49
N GLY D 281 36.26 -19.84 -11.44
CA GLY D 281 36.75 -21.07 -12.01
C GLY D 281 35.70 -21.97 -12.62
N MET D 282 34.63 -21.39 -13.16
CA MET D 282 33.60 -22.22 -13.75
C MET D 282 33.99 -22.69 -15.14
N ARG D 283 33.43 -23.81 -15.59
CA ARG D 283 33.74 -24.39 -16.89
C ARG D 283 32.74 -23.88 -17.93
N PRO D 284 33.19 -23.02 -18.85
CA PRO D 284 32.32 -22.46 -19.88
C PRO D 284 31.70 -23.42 -20.88
N ASP D 285 32.20 -24.66 -20.91
CA ASP D 285 31.64 -25.63 -21.83
C ASP D 285 30.44 -26.40 -21.25
N ARG D 286 30.24 -26.31 -19.94
CA ARG D 286 29.14 -27.06 -19.32
C ARG D 286 28.39 -26.44 -18.15
N ASP D 287 28.91 -25.37 -17.55
CA ASP D 287 28.21 -24.78 -16.41
C ASP D 287 27.16 -23.79 -16.88
N TRP D 288 26.32 -23.35 -15.95
CA TRP D 288 25.25 -22.41 -16.28
C TRP D 288 25.28 -21.15 -15.42
N LEU D 289 25.01 -20.02 -16.06
CA LEU D 289 24.98 -18.73 -15.37
C LEU D 289 23.52 -18.37 -15.20
N GLN D 290 23.10 -18.11 -13.96
CA GLN D 290 21.69 -17.83 -13.69
C GLN D 290 21.28 -16.40 -13.32
N PHE D 291 22.05 -15.42 -13.79
CA PHE D 291 21.73 -14.01 -13.53
C PHE D 291 20.27 -13.73 -13.94
N ASP D 292 19.56 -12.96 -13.12
CA ASP D 292 18.17 -12.64 -13.34
C ASP D 292 18.03 -11.13 -13.57
N CYS D 293 17.69 -10.74 -14.80
CA CYS D 293 17.60 -9.32 -15.12
C CYS D 293 16.58 -8.58 -14.24
N ALA D 294 15.53 -9.28 -13.85
CA ALA D 294 14.52 -8.66 -13.02
C ALA D 294 15.07 -8.19 -11.66
N LEU D 295 16.13 -8.84 -11.20
CA LEU D 295 16.74 -8.49 -9.92
C LEU D 295 18.07 -7.79 -10.11
N SER D 296 18.47 -7.61 -11.37
CA SER D 296 19.76 -7.01 -11.66
C SER D 296 19.75 -5.78 -12.55
N TYR D 297 18.97 -4.76 -12.18
CA TYR D 297 18.90 -3.53 -12.96
C TYR D 297 18.31 -3.67 -14.37
N GLY D 298 17.55 -4.75 -14.60
CA GLY D 298 16.90 -4.97 -15.88
C GLY D 298 17.70 -5.44 -17.08
N LEU D 299 17.02 -5.46 -18.22
CA LEU D 299 17.60 -5.87 -19.49
C LEU D 299 18.70 -4.91 -19.97
N CYS D 300 18.57 -3.63 -19.64
CA CYS D 300 19.60 -2.65 -20.03
C CYS D 300 20.92 -3.09 -19.43
N GLU D 301 20.85 -3.57 -18.19
CA GLU D 301 22.04 -4.06 -17.49
C GLU D 301 22.42 -5.45 -17.98
N TYR D 302 21.42 -6.33 -18.17
CA TYR D 302 21.68 -7.67 -18.64
C TYR D 302 22.48 -7.67 -19.95
N GLN D 303 22.23 -6.68 -20.80
CA GLN D 303 22.97 -6.58 -22.06
C GLN D 303 24.45 -6.32 -21.77
N ARG D 304 24.73 -5.58 -20.70
CA ARG D 304 26.11 -5.31 -20.35
C ARG D 304 26.73 -6.61 -19.83
N THR D 305 25.95 -7.37 -19.07
CA THR D 305 26.44 -8.63 -18.54
C THR D 305 26.79 -9.56 -19.71
N LEU D 306 25.93 -9.58 -20.72
CA LEU D 306 26.17 -10.42 -21.90
C LEU D 306 27.49 -10.01 -22.56
N GLU D 307 27.76 -8.71 -22.56
CA GLU D 307 28.98 -8.20 -23.14
C GLU D 307 30.17 -8.73 -22.31
N VAL D 308 29.99 -8.84 -20.99
CA VAL D 308 31.04 -9.36 -20.13
C VAL D 308 31.32 -10.81 -20.51
N LEU D 309 30.27 -11.58 -20.78
CA LEU D 309 30.45 -12.97 -21.20
C LEU D 309 31.33 -13.02 -22.45
N LYS D 310 31.09 -12.12 -23.40
CA LYS D 310 31.90 -12.07 -24.64
C LYS D 310 33.36 -11.82 -24.32
N THR D 311 33.62 -10.92 -23.38
CA THR D 311 34.98 -10.59 -22.99
C THR D 311 35.70 -11.77 -22.33
N HIS D 312 34.95 -12.72 -21.79
CA HIS D 312 35.59 -13.85 -21.14
C HIS D 312 35.45 -15.17 -21.88
N GLY D 313 34.96 -15.11 -23.11
CA GLY D 313 34.82 -16.31 -23.91
C GLY D 313 33.63 -17.22 -23.66
N TRP D 314 32.60 -16.71 -23.00
CA TRP D 314 31.40 -17.48 -22.70
C TRP D 314 30.31 -17.25 -23.73
N SER D 315 29.54 -18.29 -24.01
CA SER D 315 28.44 -18.19 -24.95
C SER D 315 27.18 -17.80 -24.22
N PRO D 316 26.33 -16.98 -24.83
CA PRO D 316 25.09 -16.58 -24.15
C PRO D 316 24.19 -17.80 -23.91
N SER D 317 24.46 -18.88 -24.63
CA SER D 317 23.68 -20.11 -24.49
C SER D 317 23.94 -20.81 -23.15
N ARG D 318 24.89 -20.28 -22.37
CA ARG D 318 25.21 -20.84 -21.06
C ARG D 318 24.34 -20.21 -20.01
N CYS D 319 23.49 -19.28 -20.43
CA CYS D 319 22.60 -18.56 -19.52
C CYS D 319 21.21 -19.14 -19.41
N ILE D 320 20.77 -19.37 -18.19
CA ILE D 320 19.44 -19.88 -17.89
C ILE D 320 19.04 -19.09 -16.67
N PRO D 321 18.45 -17.91 -16.90
CA PRO D 321 18.00 -16.98 -15.85
C PRO D 321 17.13 -17.58 -14.76
N HIS D 322 17.32 -17.10 -13.55
CA HIS D 322 16.53 -17.53 -12.40
C HIS D 322 15.29 -16.63 -12.44
N GLY D 323 14.23 -16.99 -11.72
CA GLY D 323 13.06 -16.13 -11.69
C GLY D 323 11.78 -16.66 -12.29
N GLY D 324 11.90 -17.47 -13.34
CA GLY D 324 10.72 -18.04 -13.96
C GLY D 324 9.70 -17.03 -14.46
N HIS D 325 10.17 -15.90 -14.98
CA HIS D 325 9.24 -14.90 -15.49
C HIS D 325 9.35 -14.73 -17.02
N GLN D 326 8.31 -14.16 -17.62
CA GLN D 326 8.26 -13.97 -19.06
C GLN D 326 9.32 -13.02 -19.65
N MET D 327 9.82 -12.09 -18.84
CA MET D 327 10.85 -11.18 -19.34
C MET D 327 12.02 -12.05 -19.81
N SER D 328 12.44 -12.97 -18.96
CA SER D 328 13.55 -13.88 -19.30
C SER D 328 13.23 -14.67 -20.56
N LEU D 329 11.99 -15.17 -20.66
CA LEU D 329 11.58 -15.93 -21.84
C LEU D 329 11.84 -15.11 -23.08
N ASN D 330 11.48 -13.82 -23.04
CA ASN D 330 11.71 -12.93 -24.18
C ASN D 330 13.19 -12.73 -24.47
N ILE D 331 13.99 -12.48 -23.44
CA ILE D 331 15.43 -12.28 -23.66
C ILE D 331 16.03 -13.56 -24.21
N ALA D 332 15.61 -14.70 -23.68
CA ALA D 332 16.12 -15.98 -24.14
C ALA D 332 15.83 -16.21 -25.63
N ALA D 333 14.58 -15.99 -26.02
CA ALA D 333 14.17 -16.18 -27.39
C ALA D 333 14.85 -15.21 -28.34
N GLY D 334 15.01 -13.96 -27.93
CA GLY D 334 15.62 -12.97 -28.79
C GLY D 334 17.15 -12.98 -28.85
N LEU D 335 17.82 -13.19 -27.73
CA LEU D 335 19.27 -13.16 -27.70
C LEU D 335 19.97 -14.51 -27.63
N GLY D 336 19.21 -15.59 -27.67
CA GLY D 336 19.81 -16.90 -27.66
C GLY D 336 20.35 -17.44 -26.34
N LEU D 337 19.63 -17.23 -25.25
CA LEU D 337 20.06 -17.74 -23.97
C LEU D 337 19.83 -19.25 -23.97
N GLY D 338 20.34 -19.95 -22.97
CA GLY D 338 20.16 -21.39 -22.91
C GLY D 338 18.77 -21.86 -22.55
N GLY D 339 17.97 -20.99 -21.94
CA GLY D 339 16.63 -21.37 -21.56
C GLY D 339 16.15 -20.52 -20.40
N ASN D 340 15.15 -20.99 -19.67
CA ASN D 340 14.63 -20.23 -18.55
C ASN D 340 14.08 -21.14 -17.44
N GLU D 341 14.06 -20.63 -16.22
CA GLU D 341 13.55 -21.38 -15.10
C GLU D 341 12.03 -21.21 -15.10
N SER D 342 11.32 -22.16 -14.49
CA SER D 342 9.86 -22.10 -14.43
C SER D 342 9.35 -22.67 -13.11
N TYR D 343 8.35 -22.00 -12.52
CA TYR D 343 7.77 -22.46 -11.27
C TYR D 343 6.29 -22.79 -11.47
N PRO D 344 5.99 -24.00 -12.00
CA PRO D 344 4.62 -24.47 -12.28
C PRO D 344 3.60 -24.36 -11.15
N ASP D 345 4.03 -24.55 -9.90
CA ASP D 345 3.11 -24.48 -8.77
C ASP D 345 3.42 -23.39 -7.75
N LEU D 346 4.44 -22.58 -8.01
CA LEU D 346 4.79 -21.54 -7.06
C LEU D 346 4.68 -20.12 -7.56
N PHE D 347 4.44 -19.22 -6.60
CA PHE D 347 4.36 -17.79 -6.87
C PHE D 347 3.39 -17.34 -7.95
N GLN D 348 2.50 -18.22 -8.41
CA GLN D 348 1.54 -17.86 -9.44
C GLN D 348 0.60 -16.78 -8.90
N PRO D 349 0.02 -15.92 -9.77
CA PRO D 349 0.11 -15.81 -11.24
C PRO D 349 1.38 -15.19 -11.82
N TYR D 350 2.27 -14.75 -10.94
CA TYR D 350 3.50 -14.09 -11.33
C TYR D 350 4.61 -14.99 -11.88
N GLY D 351 4.43 -15.38 -13.13
CA GLY D 351 5.40 -16.23 -13.80
C GLY D 351 4.63 -16.97 -14.86
N GLY D 352 5.09 -18.16 -15.19
CA GLY D 352 4.39 -18.96 -16.17
C GLY D 352 4.42 -18.48 -17.61
N PHE D 353 3.47 -18.99 -18.38
CA PHE D 353 3.39 -18.69 -19.79
C PHE D 353 2.00 -18.16 -20.17
N PRO D 354 1.88 -17.66 -21.41
CA PRO D 354 0.57 -17.14 -21.83
C PRO D 354 -0.47 -18.26 -21.79
N ASP D 355 -1.73 -17.87 -21.60
CA ASP D 355 -2.82 -18.84 -21.57
C ASP D 355 -2.81 -19.62 -22.86
N GLY D 356 -2.81 -20.94 -22.76
CA GLY D 356 -2.80 -21.77 -23.95
C GLY D 356 -1.45 -22.26 -24.42
N VAL D 357 -0.38 -21.90 -23.71
CA VAL D 357 0.95 -22.36 -24.09
C VAL D 357 1.23 -23.57 -23.24
N ARG D 358 1.82 -24.60 -23.83
CA ARG D 358 2.13 -25.79 -23.06
C ARG D 358 3.57 -26.24 -23.26
N VAL D 359 4.12 -26.86 -22.22
CA VAL D 359 5.49 -27.35 -22.25
C VAL D 359 5.47 -28.71 -22.90
N GLU D 360 6.22 -28.87 -23.96
CA GLU D 360 6.29 -30.14 -24.63
C GLU D 360 7.75 -30.48 -24.77
N ASN D 361 8.16 -31.58 -24.17
CA ASN D 361 9.56 -32.00 -24.21
C ASN D 361 10.50 -30.94 -23.63
N GLY D 362 10.10 -30.34 -22.51
CA GLY D 362 10.90 -29.34 -21.85
C GLY D 362 11.01 -28.03 -22.61
N HIS D 363 10.11 -27.80 -23.57
CA HIS D 363 10.15 -26.55 -24.33
C HIS D 363 8.77 -25.94 -24.50
N ILE D 364 8.76 -24.63 -24.77
CA ILE D 364 7.54 -23.88 -25.02
C ILE D 364 7.84 -23.04 -26.26
N THR D 365 6.79 -22.58 -26.92
CA THR D 365 6.99 -21.77 -28.12
C THR D 365 6.34 -20.43 -27.88
N MET D 366 7.16 -19.37 -27.92
CA MET D 366 6.67 -18.02 -27.69
C MET D 366 5.67 -17.54 -28.74
N PRO D 367 4.44 -17.23 -28.30
CA PRO D 367 3.44 -16.76 -29.25
C PRO D 367 3.80 -15.32 -29.60
N ASP D 368 3.40 -14.86 -30.79
CA ASP D 368 3.73 -13.49 -31.18
C ASP D 368 2.83 -12.42 -30.58
N LEU D 369 2.92 -12.25 -29.27
CA LEU D 369 2.11 -11.25 -28.56
C LEU D 369 2.94 -9.99 -28.43
N PRO D 370 2.31 -8.82 -28.51
CA PRO D 370 3.09 -7.59 -28.39
C PRO D 370 3.69 -7.44 -26.99
N GLY D 371 4.90 -6.89 -26.93
CA GLY D 371 5.55 -6.71 -25.64
C GLY D 371 5.99 -8.02 -25.02
N ILE D 372 5.99 -8.07 -23.69
CA ILE D 372 6.41 -9.27 -22.98
C ILE D 372 5.38 -10.39 -23.19
N GLY D 373 4.12 -9.99 -23.35
CA GLY D 373 3.08 -10.98 -23.56
C GLY D 373 2.25 -11.27 -22.34
N PHE D 374 2.32 -10.40 -21.34
CA PHE D 374 1.56 -10.60 -20.13
C PHE D 374 0.06 -10.69 -20.37
N GLU D 375 -0.42 -9.97 -21.36
CA GLU D 375 -1.86 -9.96 -21.68
C GLU D 375 -2.37 -11.37 -21.98
N GLY D 376 -1.50 -12.22 -22.49
CA GLY D 376 -1.88 -13.58 -22.82
C GLY D 376 -2.19 -14.47 -21.62
N LYS D 377 -1.82 -14.02 -20.43
CA LYS D 377 -2.07 -14.79 -19.21
C LYS D 377 -3.11 -14.04 -18.41
N SER D 378 -4.37 -14.38 -18.64
CA SER D 378 -5.49 -13.73 -17.99
C SER D 378 -5.40 -13.52 -16.48
N ASP D 379 -5.09 -14.57 -15.73
CA ASP D 379 -5.01 -14.45 -14.28
C ASP D 379 -3.92 -13.47 -13.81
N LEU D 380 -2.88 -13.30 -14.62
CA LEU D 380 -1.81 -12.37 -14.28
C LEU D 380 -2.22 -10.97 -14.75
N TYR D 381 -2.64 -10.86 -16.00
CA TYR D 381 -3.05 -9.58 -16.56
C TYR D 381 -4.18 -8.93 -15.75
N LYS D 382 -5.02 -9.75 -15.14
CA LYS D 382 -6.11 -9.24 -14.34
C LYS D 382 -5.52 -8.34 -13.26
N GLU D 383 -4.45 -8.85 -12.64
CA GLU D 383 -3.76 -8.14 -11.56
C GLU D 383 -3.12 -6.85 -12.09
N MET D 384 -2.52 -6.93 -13.26
CA MET D 384 -1.86 -5.81 -13.87
C MET D 384 -2.80 -4.68 -14.31
N LYS D 385 -3.90 -5.01 -14.98
CA LYS D 385 -4.82 -3.95 -15.41
C LYS D 385 -5.53 -3.37 -14.20
N ALA D 386 -5.51 -4.11 -13.11
CA ALA D 386 -6.12 -3.64 -11.86
C ALA D 386 -5.22 -2.56 -11.25
N LEU D 387 -3.91 -2.66 -11.50
CA LEU D 387 -2.95 -1.69 -10.99
C LEU D 387 -3.02 -0.41 -11.81
N ALA D 388 -3.03 -0.56 -13.14
CA ALA D 388 -3.10 0.57 -14.04
C ALA D 388 -3.59 0.12 -15.40
N GLU D 389 -4.38 0.98 -16.05
CA GLU D 389 -4.91 0.67 -17.37
C GLU D 389 -4.95 1.92 -18.25
N SER E 2 22.38 78.71 -46.78
CA SER E 2 23.33 77.55 -46.63
C SER E 2 24.41 77.73 -45.57
N VAL E 3 24.25 77.04 -44.44
CA VAL E 3 25.22 77.10 -43.35
C VAL E 3 25.95 75.76 -43.29
N ARG E 4 27.24 75.76 -43.63
CA ARG E 4 27.99 74.50 -43.66
C ARG E 4 29.47 74.66 -43.39
N ILE E 5 29.95 74.03 -42.34
CA ILE E 5 31.38 74.07 -42.01
C ILE E 5 32.09 73.27 -43.11
N VAL E 6 32.73 73.98 -44.02
CA VAL E 6 33.43 73.37 -45.16
C VAL E 6 34.81 72.81 -44.83
N ASP E 7 35.35 73.20 -43.69
CA ASP E 7 36.67 72.70 -43.34
C ASP E 7 37.03 73.06 -41.90
N VAL E 8 38.06 72.41 -41.40
CA VAL E 8 38.56 72.65 -40.06
C VAL E 8 40.06 72.37 -40.15
N ARG E 9 40.86 73.42 -40.28
CA ARG E 9 42.31 73.26 -40.37
C ARG E 9 42.99 73.59 -39.05
N GLU E 10 44.19 73.08 -38.87
CA GLU E 10 44.94 73.32 -37.64
C GLU E 10 46.43 73.37 -37.92
N ILE E 11 47.11 74.19 -37.15
CA ILE E 11 48.54 74.34 -37.28
C ILE E 11 49.04 74.40 -35.84
N THR E 12 50.22 73.82 -35.60
CA THR E 12 50.78 73.78 -34.27
C THR E 12 51.94 74.77 -34.13
N LYS E 13 51.69 75.84 -33.37
CA LYS E 13 52.66 76.90 -33.14
C LYS E 13 53.43 76.76 -31.82
N PRO E 14 54.72 77.10 -31.82
CA PRO E 14 55.56 77.01 -30.62
C PRO E 14 55.27 78.15 -29.66
N ILE E 15 55.41 77.87 -28.37
CA ILE E 15 55.21 78.86 -27.33
C ILE E 15 56.06 78.43 -26.17
N SER E 16 57.22 77.88 -26.51
CA SER E 16 58.18 77.39 -25.53
C SER E 16 59.19 78.45 -25.08
N SER E 17 59.85 78.18 -23.96
CA SER E 17 60.83 79.07 -23.35
C SER E 17 61.30 78.49 -22.02
N PRO E 18 62.41 79.00 -21.46
CA PRO E 18 62.97 78.52 -20.18
C PRO E 18 62.13 78.82 -18.93
N ILE E 19 60.89 79.27 -19.15
CA ILE E 19 59.96 79.58 -18.07
C ILE E 19 59.60 78.30 -17.32
N ARG E 20 59.59 78.34 -15.98
CA ARG E 20 59.22 77.13 -15.24
C ARG E 20 58.58 77.41 -13.88
N ASN E 21 57.61 76.58 -13.52
CA ASN E 21 56.92 76.68 -12.23
C ASN E 21 57.30 75.48 -11.34
N ALA E 22 56.60 75.32 -10.23
CA ALA E 22 56.89 74.24 -9.30
C ALA E 22 56.75 72.85 -9.92
N TYR E 23 56.03 72.74 -11.03
CA TYR E 23 55.78 71.44 -11.68
C TYR E 23 56.55 71.13 -12.97
N ILE E 24 56.48 72.03 -13.93
CA ILE E 24 57.16 71.84 -15.21
C ILE E 24 57.88 73.10 -15.69
N ASP E 25 58.49 72.99 -16.87
CA ASP E 25 59.20 74.09 -17.52
C ASP E 25 58.60 74.06 -18.93
N PHE E 26 58.57 75.23 -19.59
CA PHE E 26 57.95 75.30 -20.91
C PHE E 26 58.88 75.11 -22.11
N THR E 27 59.97 74.37 -21.89
CA THR E 27 60.97 74.08 -22.91
C THR E 27 60.41 73.58 -24.24
N LYS E 28 59.41 72.70 -24.21
CA LYS E 28 58.83 72.16 -25.43
C LYS E 28 57.36 72.54 -25.61
N MET E 29 56.90 73.53 -24.86
CA MET E 29 55.50 73.92 -24.94
C MET E 29 55.02 74.35 -26.32
N THR E 30 53.83 73.88 -26.68
CA THR E 30 53.21 74.20 -27.97
C THR E 30 51.73 74.48 -27.78
N THR E 31 51.06 74.84 -28.87
CA THR E 31 49.64 75.11 -28.83
C THR E 31 49.05 74.93 -30.22
N SER E 32 47.76 74.59 -30.28
CA SER E 32 47.09 74.38 -31.56
C SER E 32 46.27 75.59 -31.98
N LEU E 33 46.48 76.02 -33.22
CA LEU E 33 45.72 77.14 -33.76
C LEU E 33 44.73 76.49 -34.70
N VAL E 34 43.45 76.73 -34.47
CA VAL E 34 42.41 76.12 -35.29
C VAL E 34 41.55 77.11 -36.03
N ALA E 35 41.09 76.69 -37.20
CA ALA E 35 40.24 77.52 -38.03
C ALA E 35 39.05 76.70 -38.52
N VAL E 36 37.84 77.22 -38.28
CA VAL E 36 36.64 76.56 -38.73
C VAL E 36 36.13 77.39 -39.89
N VAL E 37 36.36 76.90 -41.10
CA VAL E 37 35.97 77.58 -42.33
C VAL E 37 34.54 77.26 -42.73
N THR E 38 33.71 78.28 -42.88
CA THR E 38 32.33 78.08 -43.28
C THR E 38 32.12 78.56 -44.71
N ASP E 39 30.90 78.41 -45.21
CA ASP E 39 30.57 78.83 -46.56
C ASP E 39 29.66 80.06 -46.49
N VAL E 40 29.38 80.52 -45.27
CA VAL E 40 28.54 81.68 -45.08
C VAL E 40 29.34 82.93 -45.40
N VAL E 41 28.70 83.89 -46.04
CA VAL E 41 29.39 85.12 -46.40
C VAL E 41 28.78 86.36 -45.73
N ARG E 42 29.64 87.10 -45.04
CA ARG E 42 29.26 88.33 -44.35
C ARG E 42 30.29 89.39 -44.76
N GLU E 43 29.77 90.53 -45.25
CA GLU E 43 30.60 91.63 -45.71
C GLU E 43 31.36 91.20 -46.96
N GLY E 44 30.71 90.36 -47.76
CA GLY E 44 31.33 89.88 -48.98
C GLY E 44 32.53 89.00 -48.71
N LYS E 45 32.74 88.65 -47.45
CA LYS E 45 33.87 87.80 -47.04
C LYS E 45 33.31 86.57 -46.32
N ARG E 46 33.89 85.40 -46.58
CA ARG E 46 33.44 84.16 -45.94
C ARG E 46 33.79 84.23 -44.45
N VAL E 47 32.84 83.84 -43.61
CA VAL E 47 33.08 83.86 -42.17
C VAL E 47 33.89 82.63 -41.71
N VAL E 48 34.97 82.90 -40.99
CA VAL E 48 35.83 81.87 -40.48
C VAL E 48 36.03 82.02 -38.97
N GLY E 49 35.81 80.93 -38.24
CA GLY E 49 35.99 80.96 -36.80
C GLY E 49 37.40 80.57 -36.43
N TYR E 50 37.97 81.20 -35.40
CA TYR E 50 39.32 80.87 -34.99
C TYR E 50 39.36 80.51 -33.50
N GLY E 51 40.42 79.80 -33.13
CA GLY E 51 40.59 79.40 -31.75
C GLY E 51 41.96 78.78 -31.54
N PHE E 52 42.37 78.70 -30.28
CA PHE E 52 43.65 78.09 -29.93
C PHE E 52 43.57 77.68 -28.47
N ASN E 53 44.37 76.71 -28.06
CA ASN E 53 44.31 76.27 -26.68
C ASN E 53 45.33 76.98 -25.80
N SER E 54 44.97 77.15 -24.53
CA SER E 54 45.84 77.80 -23.55
C SER E 54 47.18 77.08 -23.38
N ASN E 55 48.11 77.78 -22.76
CA ASN E 55 49.44 77.23 -22.54
C ASN E 55 49.38 76.14 -21.47
N GLY E 56 50.40 75.28 -21.44
CA GLY E 56 50.46 74.26 -20.42
C GLY E 56 50.09 72.84 -20.79
N ARG E 57 49.15 72.66 -21.72
CA ARG E 57 48.74 71.30 -22.08
C ARG E 57 49.20 70.81 -23.44
N TYR E 58 49.93 71.65 -24.19
CA TYR E 58 50.46 71.29 -25.52
C TYR E 58 49.39 71.29 -26.61
N GLY E 59 49.84 71.30 -27.86
CA GLY E 59 48.91 71.29 -28.97
C GLY E 59 48.25 69.93 -29.14
N GLN E 60 47.11 69.90 -29.82
CA GLN E 60 46.39 68.66 -30.04
C GLN E 60 46.09 68.40 -31.53
N GLY E 61 47.08 68.64 -32.39
CA GLY E 61 46.90 68.42 -33.81
C GLY E 61 46.38 67.04 -34.14
N GLY E 62 47.03 66.01 -33.60
CA GLY E 62 46.61 64.64 -33.85
C GLY E 62 45.13 64.39 -33.57
N LEU E 63 44.70 64.68 -32.35
CA LEU E 63 43.31 64.47 -31.96
C LEU E 63 42.33 65.28 -32.79
N ILE E 64 42.66 66.54 -33.06
CA ILE E 64 41.77 67.40 -33.85
C ILE E 64 41.55 66.80 -35.25
N ARG E 65 42.61 66.37 -35.91
CA ARG E 65 42.47 65.80 -37.24
C ARG E 65 41.81 64.43 -37.20
N GLU E 66 42.59 63.48 -36.69
CA GLU E 66 42.23 62.08 -36.58
C GLU E 66 40.90 61.69 -35.93
N ARG E 67 40.35 62.54 -35.06
CA ARG E 67 39.11 62.13 -34.40
C ARG E 67 38.00 63.16 -34.27
N PHE E 68 38.32 64.40 -33.92
CA PHE E 68 37.26 65.39 -33.72
C PHE E 68 36.82 66.26 -34.89
N ALA E 69 37.76 66.77 -35.68
CA ALA E 69 37.43 67.61 -36.83
C ALA E 69 36.74 66.75 -37.88
N SER E 70 37.26 65.54 -38.05
CA SER E 70 36.71 64.58 -39.01
C SER E 70 35.21 64.33 -38.81
N ARG E 71 34.79 64.09 -37.58
CA ARG E 71 33.38 63.84 -37.29
C ARG E 71 32.50 65.01 -37.66
N ILE E 72 33.06 66.22 -37.62
CA ILE E 72 32.30 67.43 -37.92
C ILE E 72 32.10 67.55 -39.42
N LEU E 73 33.17 67.29 -40.16
CA LEU E 73 33.13 67.36 -41.61
C LEU E 73 32.25 66.26 -42.19
N GLU E 74 32.28 65.09 -41.55
CA GLU E 74 31.49 63.94 -41.99
C GLU E 74 30.03 63.97 -41.49
N ALA E 75 29.70 64.98 -40.70
CA ALA E 75 28.35 65.09 -40.18
C ALA E 75 27.43 65.70 -41.22
N ASP E 76 26.14 65.50 -41.03
CA ASP E 76 25.11 66.02 -41.92
C ASP E 76 24.85 67.50 -41.65
N PRO E 77 25.36 68.40 -42.51
CA PRO E 77 25.19 69.85 -42.39
C PRO E 77 23.81 70.35 -42.00
N LYS E 78 22.76 69.62 -42.39
CA LYS E 78 21.40 70.05 -42.05
C LYS E 78 21.00 69.77 -40.60
N LYS E 79 21.85 69.03 -39.89
CA LYS E 79 21.57 68.67 -38.50
C LYS E 79 22.42 69.38 -37.46
N LEU E 80 23.12 70.42 -37.89
CA LEU E 80 23.98 71.19 -37.00
C LEU E 80 23.51 72.63 -36.93
N LEU E 81 22.26 72.88 -37.29
CA LEU E 81 21.74 74.24 -37.30
C LEU E 81 20.71 74.49 -36.23
N ASN E 82 20.47 75.78 -35.94
CA ASN E 82 19.48 76.18 -34.95
C ASN E 82 18.09 75.99 -35.53
N GLU E 83 17.07 76.39 -34.77
CA GLU E 83 15.68 76.26 -35.22
C GLU E 83 15.47 76.95 -36.56
N ALA E 84 15.87 78.21 -36.64
CA ALA E 84 15.72 79.00 -37.85
C ALA E 84 16.54 78.47 -39.02
N GLY E 85 17.56 77.68 -38.74
CA GLY E 85 18.39 77.15 -39.81
C GLY E 85 19.27 78.19 -40.47
N ASP E 86 19.41 79.35 -39.83
CA ASP E 86 20.22 80.43 -40.39
C ASP E 86 21.60 80.53 -39.73
N ASN E 87 21.89 79.65 -38.79
CA ASN E 87 23.19 79.67 -38.11
C ASN E 87 23.49 78.31 -37.49
N LEU E 88 24.76 78.07 -37.19
CA LEU E 88 25.20 76.83 -36.57
C LEU E 88 24.77 76.78 -35.10
N ASP E 89 24.43 75.59 -34.62
CA ASP E 89 24.06 75.41 -33.22
C ASP E 89 25.30 74.85 -32.55
N PRO E 90 25.97 75.66 -31.72
CA PRO E 90 27.19 75.23 -31.02
C PRO E 90 27.07 73.85 -30.37
N ASP E 91 26.00 73.66 -29.60
CA ASP E 91 25.77 72.41 -28.91
C ASP E 91 25.59 71.21 -29.84
N LYS E 92 24.99 71.42 -31.01
CA LYS E 92 24.81 70.33 -31.94
C LYS E 92 26.16 69.95 -32.53
N VAL E 93 26.99 70.94 -32.78
CA VAL E 93 28.31 70.68 -33.33
C VAL E 93 29.13 69.93 -32.27
N TRP E 94 28.99 70.37 -31.02
CA TRP E 94 29.70 69.77 -29.88
C TRP E 94 29.31 68.30 -29.78
N ALA E 95 28.01 68.05 -29.74
CA ALA E 95 27.50 66.68 -29.65
C ALA E 95 28.03 65.86 -30.82
N ALA E 96 28.10 66.49 -31.99
CA ALA E 96 28.58 65.83 -33.18
C ALA E 96 30.00 65.31 -33.01
N MET E 97 30.88 66.13 -32.46
CA MET E 97 32.25 65.68 -32.31
C MET E 97 32.51 64.81 -31.08
N MET E 98 31.52 64.69 -30.21
CA MET E 98 31.67 63.87 -29.02
C MET E 98 31.04 62.47 -29.12
N ILE E 99 30.50 62.11 -30.29
CA ILE E 99 29.90 60.79 -30.45
C ILE E 99 31.00 59.73 -30.38
N ASN E 100 30.67 58.62 -29.73
CA ASN E 100 31.60 57.51 -29.58
C ASN E 100 32.82 57.81 -28.73
N GLU E 101 32.63 58.70 -27.76
CA GLU E 101 33.70 59.06 -26.83
C GLU E 101 33.24 58.51 -25.49
N LYS E 102 34.00 57.58 -24.92
CA LYS E 102 33.63 56.99 -23.63
C LYS E 102 33.84 57.98 -22.48
N PRO E 103 33.04 57.87 -21.41
CA PRO E 103 33.15 58.76 -20.24
C PRO E 103 34.51 58.69 -19.52
N GLY E 104 34.77 59.69 -18.70
CA GLY E 104 36.03 59.74 -17.97
C GLY E 104 37.19 60.06 -18.88
N GLY E 105 38.41 60.03 -18.36
CA GLY E 105 39.57 60.35 -19.17
C GLY E 105 39.55 61.76 -19.75
N HIS E 106 39.12 62.71 -18.94
CA HIS E 106 39.03 64.08 -19.40
C HIS E 106 40.37 64.81 -19.38
N GLY E 107 41.10 64.72 -20.49
CA GLY E 107 42.40 65.35 -20.61
C GLY E 107 42.87 65.15 -22.04
N GLU E 108 43.66 66.09 -22.56
CA GLU E 108 44.16 66.02 -23.93
C GLU E 108 43.06 66.21 -24.98
N ARG E 109 42.03 65.36 -24.99
CA ARG E 109 40.94 65.52 -25.95
C ARG E 109 40.05 66.68 -25.51
N SER E 110 40.09 67.01 -24.23
CA SER E 110 39.29 68.11 -23.70
C SER E 110 39.88 69.42 -24.22
N VAL E 111 41.17 69.39 -24.53
CA VAL E 111 41.87 70.54 -25.06
C VAL E 111 41.56 70.66 -26.55
N ALA E 112 41.51 69.52 -27.24
CA ALA E 112 41.20 69.52 -28.66
C ALA E 112 39.78 70.01 -28.88
N VAL E 113 38.83 69.41 -28.18
CA VAL E 113 37.45 69.82 -28.35
C VAL E 113 37.26 71.26 -27.90
N GLY E 114 37.92 71.63 -26.80
CA GLY E 114 37.80 72.98 -26.30
C GLY E 114 38.27 74.04 -27.29
N THR E 115 39.39 73.78 -27.96
CA THR E 115 39.90 74.73 -28.90
C THR E 115 39.04 74.79 -30.19
N ILE E 116 38.48 73.66 -30.62
CA ILE E 116 37.62 73.66 -31.79
C ILE E 116 36.33 74.41 -31.43
N ASP E 117 35.84 74.17 -30.21
CA ASP E 117 34.63 74.81 -29.72
C ASP E 117 34.79 76.32 -29.72
N MET E 118 36.00 76.78 -29.41
CA MET E 118 36.26 78.22 -29.39
C MET E 118 35.97 78.79 -30.76
N ALA E 119 36.55 78.15 -31.77
CA ALA E 119 36.37 78.57 -33.16
C ALA E 119 34.90 78.50 -33.58
N VAL E 120 34.20 77.44 -33.18
CA VAL E 120 32.80 77.30 -33.54
C VAL E 120 31.98 78.48 -33.04
N TRP E 121 32.17 78.85 -31.77
CA TRP E 121 31.42 79.99 -31.22
C TRP E 121 31.82 81.30 -31.89
N ASP E 122 33.09 81.41 -32.26
CA ASP E 122 33.59 82.60 -32.92
C ASP E 122 32.82 82.76 -34.23
N ALA E 123 32.69 81.65 -34.95
CA ALA E 123 31.97 81.66 -36.22
C ALA E 123 30.50 82.01 -36.01
N VAL E 124 29.87 81.32 -35.08
CA VAL E 124 28.46 81.55 -34.79
C VAL E 124 28.16 83.01 -34.51
N ALA E 125 28.98 83.64 -33.67
CA ALA E 125 28.80 85.05 -33.33
C ALA E 125 28.97 85.91 -34.58
N LYS E 126 29.96 85.59 -35.39
CA LYS E 126 30.23 86.33 -36.61
C LYS E 126 29.05 86.20 -37.58
N ILE E 127 28.53 84.99 -37.71
CA ILE E 127 27.38 84.75 -38.58
C ILE E 127 26.17 85.53 -38.09
N ALA E 128 26.09 85.75 -36.78
CA ALA E 128 24.97 86.48 -36.20
C ALA E 128 25.25 87.98 -36.20
N GLY E 129 26.47 88.34 -36.59
CA GLY E 129 26.87 89.74 -36.63
C GLY E 129 26.97 90.44 -35.29
N LYS E 130 27.24 89.68 -34.22
CA LYS E 130 27.35 90.25 -32.89
C LYS E 130 28.65 89.85 -32.21
N PRO E 131 29.05 90.60 -31.18
CA PRO E 131 30.28 90.24 -30.47
C PRO E 131 29.88 89.02 -29.65
N LEU E 132 30.75 88.02 -29.57
CA LEU E 132 30.41 86.82 -28.82
C LEU E 132 29.82 87.10 -27.45
N PHE E 133 30.44 88.01 -26.69
CA PHE E 133 29.93 88.29 -25.36
C PHE E 133 28.51 88.86 -25.35
N ARG E 134 28.13 89.58 -26.40
CA ARG E 134 26.78 90.14 -26.48
C ARG E 134 25.81 89.00 -26.78
N LEU E 135 26.20 88.14 -27.69
CA LEU E 135 25.37 87.00 -28.10
C LEU E 135 25.12 86.06 -26.91
N LEU E 136 26.16 85.88 -26.10
CA LEU E 136 26.06 85.03 -24.92
C LEU E 136 25.06 85.59 -23.92
N ALA E 137 25.21 86.87 -23.58
CA ALA E 137 24.30 87.51 -22.63
C ALA E 137 22.86 87.35 -23.15
N GLU E 138 22.68 87.59 -24.44
CA GLU E 138 21.35 87.44 -25.06
C GLU E 138 20.77 86.07 -24.82
N ARG E 139 21.53 85.04 -25.21
CA ARG E 139 21.10 83.65 -25.05
C ARG E 139 20.75 83.31 -23.60
N HIS E 140 21.34 84.01 -22.63
CA HIS E 140 21.07 83.77 -21.22
C HIS E 140 20.05 84.75 -20.65
N GLY E 141 19.60 85.68 -21.48
CA GLY E 141 18.62 86.65 -21.03
C GLY E 141 19.15 87.59 -19.96
N VAL E 142 20.36 88.08 -20.16
CA VAL E 142 20.98 88.99 -19.20
C VAL E 142 21.70 90.07 -19.97
N LYS E 143 22.17 91.08 -19.25
CA LYS E 143 22.89 92.17 -19.90
C LYS E 143 24.39 91.99 -19.69
N ALA E 144 25.17 92.11 -20.76
CA ALA E 144 26.61 91.97 -20.62
C ALA E 144 27.18 93.19 -19.92
N ASN E 145 28.47 93.11 -19.61
CA ASN E 145 29.18 94.18 -18.95
C ASN E 145 30.56 94.14 -19.57
N PRO E 146 30.86 95.10 -20.45
CA PRO E 146 32.13 95.25 -21.16
C PRO E 146 33.35 95.34 -20.29
N ARG E 147 33.16 95.79 -19.05
CA ARG E 147 34.29 95.94 -18.14
C ARG E 147 34.64 94.62 -17.45
N VAL E 148 35.84 94.14 -17.75
CA VAL E 148 36.32 92.89 -17.21
C VAL E 148 37.62 93.04 -16.43
N PHE E 149 37.63 92.48 -15.22
CA PHE E 149 38.81 92.53 -14.38
C PHE E 149 39.88 91.58 -14.93
N VAL E 150 41.12 92.02 -14.94
CA VAL E 150 42.22 91.19 -15.44
C VAL E 150 43.43 91.37 -14.55
N TYR E 151 44.20 90.31 -14.37
CA TYR E 151 45.38 90.37 -13.53
C TYR E 151 46.55 89.86 -14.34
N ALA E 152 47.76 90.33 -14.03
CA ALA E 152 48.95 89.92 -14.76
C ALA E 152 49.59 88.71 -14.09
N ALA E 153 49.80 87.65 -14.87
CA ALA E 153 50.39 86.42 -14.35
C ALA E 153 51.80 86.20 -14.89
N GLY E 154 52.74 86.05 -13.97
CA GLY E 154 54.12 85.82 -14.37
C GLY E 154 54.91 85.37 -13.17
N GLY E 155 56.03 86.05 -12.91
CA GLY E 155 56.86 85.70 -11.78
C GLY E 155 57.37 84.28 -11.86
N TYR E 156 57.78 83.85 -13.06
CA TYR E 156 58.30 82.50 -13.23
C TYR E 156 59.75 82.42 -12.76
N TYR E 157 60.23 81.20 -12.59
CA TYR E 157 61.62 80.96 -12.21
C TYR E 157 62.33 80.90 -13.57
N TYR E 158 63.41 81.67 -13.69
CA TYR E 158 64.15 81.71 -14.95
C TYR E 158 65.63 81.59 -14.63
N PRO E 159 66.37 80.86 -15.48
CA PRO E 159 67.81 80.71 -15.20
C PRO E 159 68.51 82.06 -15.15
N GLY E 160 69.12 82.36 -14.00
CA GLY E 160 69.82 83.62 -13.83
C GLY E 160 68.95 84.80 -13.46
N LYS E 161 67.67 84.56 -13.15
CA LYS E 161 66.75 85.63 -12.78
C LYS E 161 66.81 85.85 -11.27
N GLY E 162 67.14 87.08 -10.85
CA GLY E 162 67.24 87.40 -9.44
C GLY E 162 66.13 88.32 -8.96
N LEU E 163 66.19 88.72 -7.70
CA LEU E 163 65.15 89.59 -7.14
C LEU E 163 65.01 90.86 -7.96
N SER E 164 66.13 91.36 -8.45
CA SER E 164 66.17 92.55 -9.27
C SER E 164 65.18 92.44 -10.44
N MET E 165 65.39 91.42 -11.27
CA MET E 165 64.54 91.20 -12.43
C MET E 165 63.10 90.90 -12.06
N LEU E 166 62.90 90.07 -11.04
CA LEU E 166 61.54 89.72 -10.60
C LEU E 166 60.82 91.05 -10.38
N ARG E 167 61.47 91.91 -9.62
CA ARG E 167 60.94 93.24 -9.32
C ARG E 167 60.58 93.98 -10.60
N GLY E 168 61.53 93.98 -11.53
CA GLY E 168 61.33 94.66 -12.80
C GLY E 168 60.08 94.15 -13.49
N GLU E 169 59.98 92.83 -13.62
CA GLU E 169 58.84 92.20 -14.26
C GLU E 169 57.52 92.72 -13.69
N MET E 170 57.41 92.67 -12.37
CA MET E 170 56.19 93.13 -11.70
C MET E 170 55.91 94.60 -11.97
N ARG E 171 56.93 95.43 -11.79
CA ARG E 171 56.78 96.87 -12.04
C ARG E 171 56.31 97.06 -13.47
N GLY E 172 56.84 96.24 -14.38
CA GLY E 172 56.43 96.32 -15.76
C GLY E 172 54.93 96.12 -15.90
N TYR E 173 54.36 95.21 -15.12
CA TYR E 173 52.92 94.94 -15.18
C TYR E 173 52.16 96.14 -14.64
N LEU E 174 52.62 96.67 -13.51
CA LEU E 174 51.93 97.83 -12.91
C LEU E 174 51.95 98.99 -13.89
N ASP E 175 53.06 99.15 -14.60
CA ASP E 175 53.19 100.23 -15.57
C ASP E 175 52.12 100.12 -16.65
N ARG E 176 51.68 98.89 -16.94
CA ARG E 176 50.67 98.67 -17.95
C ARG E 176 49.23 98.74 -17.44
N GLY E 177 49.07 99.02 -16.14
CA GLY E 177 47.73 99.17 -15.57
C GLY E 177 47.14 98.09 -14.69
N TYR E 178 47.92 97.07 -14.38
CA TYR E 178 47.42 95.96 -13.55
C TYR E 178 47.59 96.23 -12.06
N ASN E 179 46.52 96.04 -11.29
CA ASN E 179 46.58 96.26 -9.85
C ASN E 179 46.63 94.94 -9.07
N VAL E 180 46.88 93.85 -9.81
CA VAL E 180 46.99 92.51 -9.26
C VAL E 180 47.99 91.69 -10.08
N VAL E 181 49.01 91.16 -9.43
CA VAL E 181 49.96 90.35 -10.17
C VAL E 181 50.14 88.99 -9.50
N LYS E 182 50.67 88.03 -10.25
CA LYS E 182 50.87 86.68 -9.72
C LYS E 182 52.26 86.11 -10.04
N MET E 183 52.87 85.46 -9.04
CA MET E 183 54.19 84.86 -9.19
C MET E 183 54.12 83.37 -8.84
N LYS E 184 55.14 82.62 -9.25
CA LYS E 184 55.16 81.20 -8.94
C LYS E 184 55.93 80.96 -7.64
N ILE E 185 55.55 79.93 -6.89
CA ILE E 185 56.25 79.58 -5.65
C ILE E 185 56.45 78.07 -5.64
N GLY E 186 57.14 77.54 -4.64
CA GLY E 186 57.36 76.09 -4.60
C GLY E 186 58.42 75.55 -5.54
N GLY E 187 59.07 76.43 -6.27
CA GLY E 187 60.13 75.99 -7.18
C GLY E 187 61.49 76.25 -6.58
N ALA E 188 61.51 76.70 -5.33
CA ALA E 188 62.75 76.99 -4.62
C ALA E 188 62.51 76.80 -3.12
N PRO E 189 63.60 76.72 -2.33
CA PRO E 189 63.44 76.54 -0.88
C PRO E 189 62.40 77.49 -0.32
N ILE E 190 61.71 77.07 0.73
CA ILE E 190 60.66 77.90 1.29
C ILE E 190 61.12 79.31 1.65
N GLU E 191 62.27 79.44 2.30
CA GLU E 191 62.73 80.78 2.69
C GLU E 191 63.11 81.63 1.48
N GLU E 192 63.67 80.97 0.47
CA GLU E 192 64.06 81.66 -0.75
C GLU E 192 62.78 82.23 -1.39
N ASP E 193 61.68 81.48 -1.32
CA ASP E 193 60.42 81.96 -1.87
C ASP E 193 59.92 83.09 -1.01
N ARG E 194 60.24 83.04 0.28
CA ARG E 194 59.81 84.07 1.21
C ARG E 194 60.45 85.38 0.78
N MET E 195 61.72 85.29 0.36
CA MET E 195 62.49 86.44 -0.10
C MET E 195 61.88 86.97 -1.39
N ARG E 196 61.75 86.09 -2.39
CA ARG E 196 61.17 86.45 -3.67
C ARG E 196 59.83 87.14 -3.45
N ILE E 197 59.10 86.74 -2.41
CA ILE E 197 57.80 87.35 -2.13
C ILE E 197 57.92 88.72 -1.48
N GLU E 198 58.82 88.86 -0.50
CA GLU E 198 58.97 90.13 0.17
C GLU E 198 59.37 91.22 -0.82
N ALA E 199 60.27 90.87 -1.74
CA ALA E 199 60.74 91.79 -2.76
C ALA E 199 59.61 92.34 -3.62
N VAL E 200 58.78 91.45 -4.17
CA VAL E 200 57.68 91.86 -5.03
C VAL E 200 56.64 92.63 -4.23
N LEU E 201 56.53 92.28 -2.96
CA LEU E 201 55.56 92.92 -2.10
C LEU E 201 55.96 94.35 -1.84
N GLU E 202 57.27 94.57 -1.74
CA GLU E 202 57.82 95.88 -1.52
C GLU E 202 57.83 96.69 -2.82
N GLU E 203 58.07 96.03 -3.96
CA GLU E 203 58.09 96.70 -5.25
C GLU E 203 56.73 97.29 -5.61
N ILE E 204 55.66 96.53 -5.41
CA ILE E 204 54.32 97.00 -5.74
C ILE E 204 53.71 97.88 -4.66
N GLY E 205 54.29 97.80 -3.46
CA GLY E 205 53.80 98.61 -2.35
C GLY E 205 52.31 98.58 -2.19
N LYS E 206 51.67 99.74 -2.32
CA LYS E 206 50.22 99.84 -2.19
C LYS E 206 49.50 100.06 -3.51
N ASP E 207 50.21 99.86 -4.62
CA ASP E 207 49.61 100.04 -5.94
C ASP E 207 49.06 98.75 -6.53
N ALA E 208 49.32 97.63 -5.86
CA ALA E 208 48.86 96.35 -6.37
C ALA E 208 48.87 95.25 -5.31
N GLN E 209 48.15 94.17 -5.59
CA GLN E 209 48.09 93.03 -4.69
C GLN E 209 48.78 91.85 -5.35
N LEU E 210 49.36 90.98 -4.52
CA LEU E 210 50.09 89.82 -5.02
C LEU E 210 49.41 88.46 -4.81
N ALA E 211 49.52 87.61 -5.82
CA ALA E 211 48.95 86.26 -5.75
C ALA E 211 50.08 85.28 -6.02
N VAL E 212 50.11 84.18 -5.25
CA VAL E 212 51.15 83.15 -5.41
C VAL E 212 50.53 81.85 -5.97
N ASP E 213 51.30 81.13 -6.79
CA ASP E 213 50.83 79.90 -7.42
C ASP E 213 51.86 78.78 -7.27
N ALA E 214 51.48 77.72 -6.56
CA ALA E 214 52.35 76.56 -6.33
C ALA E 214 52.21 75.48 -7.40
N ASN E 215 51.34 75.72 -8.38
CA ASN E 215 51.12 74.78 -9.47
C ASN E 215 50.87 73.33 -9.06
N GLY E 216 50.16 73.16 -7.94
CA GLY E 216 49.81 71.83 -7.46
C GLY E 216 50.96 70.91 -7.16
N ARG E 217 52.10 71.47 -6.77
CA ARG E 217 53.28 70.68 -6.46
C ARG E 217 53.40 70.17 -5.01
N PHE E 218 52.76 70.85 -4.07
CA PHE E 218 52.88 70.46 -2.65
C PHE E 218 52.06 69.28 -2.14
N ASN E 219 52.63 68.58 -1.16
CA ASN E 219 51.92 67.50 -0.49
C ASN E 219 51.27 68.23 0.69
N LEU E 220 50.50 67.52 1.51
CA LEU E 220 49.82 68.19 2.62
C LEU E 220 50.74 68.98 3.57
N GLU E 221 51.81 68.34 4.05
CA GLU E 221 52.70 69.02 4.98
C GLU E 221 53.39 70.24 4.39
N THR E 222 53.88 70.13 3.16
CA THR E 222 54.51 71.26 2.50
C THR E 222 53.49 72.38 2.31
N GLY E 223 52.29 72.01 1.88
CA GLY E 223 51.25 73.00 1.66
C GLY E 223 50.95 73.77 2.93
N ILE E 224 50.96 73.07 4.06
CA ILE E 224 50.71 73.70 5.35
C ILE E 224 51.90 74.59 5.77
N ALA E 225 53.11 74.13 5.51
CA ALA E 225 54.29 74.90 5.86
C ALA E 225 54.23 76.24 5.12
N TYR E 226 54.01 76.19 3.80
CA TYR E 226 53.91 77.39 3.02
C TYR E 226 52.74 78.25 3.46
N ALA E 227 51.66 77.60 3.90
CA ALA E 227 50.49 78.33 4.35
C ALA E 227 50.83 79.19 5.57
N LYS E 228 51.56 78.61 6.51
CA LYS E 228 51.95 79.31 7.73
C LYS E 228 52.84 80.51 7.41
N MET E 229 53.66 80.35 6.37
CA MET E 229 54.58 81.40 5.93
C MET E 229 53.82 82.45 5.12
N LEU E 230 52.99 81.98 4.19
CA LEU E 230 52.20 82.86 3.33
C LEU E 230 51.14 83.68 4.05
N ARG E 231 50.49 83.10 5.05
CA ARG E 231 49.42 83.82 5.75
C ARG E 231 49.82 85.10 6.48
N ASP E 232 51.12 85.31 6.66
CA ASP E 232 51.56 86.53 7.34
C ASP E 232 51.59 87.72 6.38
N TYR E 233 51.42 87.45 5.09
CA TYR E 233 51.43 88.51 4.09
C TYR E 233 50.02 88.70 3.55
N PRO E 234 49.67 89.94 3.16
CA PRO E 234 48.35 90.26 2.62
C PRO E 234 48.19 89.87 1.15
N LEU E 235 48.31 88.57 0.87
CA LEU E 235 48.21 88.04 -0.49
C LEU E 235 46.78 88.06 -1.04
N PHE E 236 46.68 88.15 -2.36
CA PHE E 236 45.37 88.17 -3.02
C PHE E 236 44.79 86.76 -3.03
N TRP E 237 45.65 85.78 -3.30
CA TRP E 237 45.24 84.38 -3.24
C TRP E 237 46.41 83.40 -3.29
N TYR E 238 46.16 82.21 -2.77
CA TYR E 238 47.13 81.12 -2.72
C TYR E 238 46.51 80.11 -3.70
N GLU E 239 47.17 79.95 -4.85
CA GLU E 239 46.68 79.08 -5.93
C GLU E 239 47.25 77.67 -6.04
N GLU E 240 46.37 76.74 -6.41
CA GLU E 240 46.69 75.33 -6.61
C GLU E 240 47.79 74.79 -5.69
N VAL E 241 47.47 74.67 -4.41
CA VAL E 241 48.43 74.21 -3.42
C VAL E 241 48.91 72.80 -3.68
N GLY E 242 47.97 71.86 -3.72
CA GLY E 242 48.34 70.47 -3.97
C GLY E 242 47.83 69.96 -5.30
N ASP E 243 47.93 68.66 -5.54
CA ASP E 243 47.48 68.03 -6.77
C ASP E 243 46.03 68.48 -7.05
N PRO E 244 45.71 68.74 -8.33
CA PRO E 244 44.39 69.19 -8.75
C PRO E 244 43.24 68.27 -8.32
N LEU E 245 43.53 66.99 -8.22
CA LEU E 245 42.51 66.02 -7.84
C LEU E 245 42.51 65.59 -6.35
N ASP E 246 43.44 66.12 -5.55
CA ASP E 246 43.47 65.76 -4.12
C ASP E 246 42.59 66.72 -3.35
N TYR E 247 41.29 66.57 -3.55
CA TYR E 247 40.30 67.39 -2.89
C TYR E 247 40.44 67.39 -1.37
N ALA E 248 40.84 66.25 -0.79
CA ALA E 248 40.97 66.16 0.66
C ALA E 248 42.09 67.10 1.13
N LEU E 249 43.15 67.18 0.35
CA LEU E 249 44.27 68.04 0.70
C LEU E 249 43.76 69.49 0.72
N GLN E 250 43.11 69.89 -0.37
CA GLN E 250 42.58 71.23 -0.46
C GLN E 250 41.70 71.56 0.72
N ALA E 251 40.85 70.62 1.11
CA ALA E 251 39.93 70.87 2.22
C ALA E 251 40.64 71.05 3.56
N ALA E 252 41.69 70.27 3.79
CA ALA E 252 42.44 70.34 5.04
C ALA E 252 43.15 71.68 5.20
N LEU E 253 43.46 72.34 4.09
CA LEU E 253 44.13 73.63 4.11
C LEU E 253 43.33 74.76 4.74
N ALA E 254 42.01 74.69 4.67
CA ALA E 254 41.18 75.74 5.23
C ALA E 254 41.47 76.02 6.71
N GLU E 255 41.93 75.01 7.42
CA GLU E 255 42.24 75.16 8.84
C GLU E 255 43.50 76.00 9.09
N PHE E 256 44.38 76.08 8.10
CA PHE E 256 45.62 76.83 8.26
C PHE E 256 45.73 78.08 7.40
N TYR E 257 44.82 78.28 6.45
CA TYR E 257 44.89 79.44 5.57
C TYR E 257 43.51 80.10 5.41
N PRO E 258 43.22 81.13 6.20
CA PRO E 258 41.96 81.87 6.17
C PRO E 258 41.80 82.69 4.90
N GLY E 259 42.91 83.13 4.34
CA GLY E 259 42.86 83.94 3.14
C GLY E 259 42.40 83.20 1.89
N PRO E 260 41.91 83.92 0.89
CA PRO E 260 41.42 83.28 -0.34
C PRO E 260 42.41 82.35 -1.04
N MET E 261 41.87 81.22 -1.51
CA MET E 261 42.67 80.25 -2.24
C MET E 261 42.02 80.08 -3.61
N ALA E 262 42.74 79.47 -4.53
CA ALA E 262 42.24 79.26 -5.86
C ALA E 262 42.76 77.97 -6.45
N THR E 263 42.00 77.40 -7.38
CA THR E 263 42.41 76.17 -8.06
C THR E 263 41.41 75.87 -9.17
N GLY E 264 41.69 74.85 -9.98
CA GLY E 264 40.76 74.51 -11.04
C GLY E 264 41.26 74.56 -12.47
N GLU E 265 42.40 75.20 -12.71
CA GLU E 265 42.93 75.30 -14.06
C GLU E 265 43.17 73.93 -14.66
N ASN E 266 43.45 72.94 -13.82
CA ASN E 266 43.73 71.60 -14.32
C ASN E 266 42.60 70.59 -14.19
N LEU E 267 41.38 71.08 -14.00
CA LEU E 267 40.22 70.22 -13.96
C LEU E 267 39.53 70.54 -15.29
N PHE E 268 39.33 69.52 -16.12
CA PHE E 268 38.78 69.76 -17.45
C PHE E 268 37.39 69.29 -17.82
N SER E 269 36.49 69.16 -16.86
CA SER E 269 35.13 68.72 -17.16
C SER E 269 34.18 69.18 -16.07
N HIS E 270 32.89 69.23 -16.36
CA HIS E 270 31.95 69.67 -15.35
C HIS E 270 31.90 68.60 -14.25
N GLN E 271 32.20 67.36 -14.60
CA GLN E 271 32.19 66.28 -13.60
C GLN E 271 33.33 66.49 -12.59
N ASP E 272 34.49 66.89 -13.10
CA ASP E 272 35.63 67.12 -12.23
C ASP E 272 35.36 68.40 -11.40
N ALA E 273 34.70 69.37 -12.01
CA ALA E 273 34.41 70.61 -11.29
C ALA E 273 33.45 70.27 -10.16
N ARG E 274 32.48 69.41 -10.46
CA ARG E 274 31.50 69.01 -9.47
C ARG E 274 32.18 68.32 -8.27
N ASN E 275 33.20 67.52 -8.56
CA ASN E 275 33.91 66.85 -7.47
C ASN E 275 34.66 67.85 -6.59
N LEU E 276 35.21 68.89 -7.20
CA LEU E 276 35.91 69.91 -6.44
C LEU E 276 34.95 70.59 -5.51
N LEU E 277 33.75 70.90 -6.00
CA LEU E 277 32.78 71.59 -5.16
C LEU E 277 32.21 70.67 -4.09
N ARG E 278 32.23 69.36 -4.35
CA ARG E 278 31.71 68.40 -3.39
C ARG E 278 32.70 68.04 -2.27
N TYR E 279 33.97 67.90 -2.63
CA TYR E 279 34.97 67.47 -1.69
C TYR E 279 36.11 68.41 -1.36
N GLY E 280 36.30 69.44 -2.17
CA GLY E 280 37.42 70.35 -1.94
C GLY E 280 37.37 71.26 -0.74
N GLY E 281 36.20 71.36 -0.11
CA GLY E 281 36.08 72.21 1.04
C GLY E 281 36.45 73.67 0.81
N MET E 282 36.22 74.17 -0.39
CA MET E 282 36.55 75.56 -0.67
C MET E 282 35.48 76.51 -0.13
N ARG E 283 35.88 77.75 0.15
CA ARG E 283 34.96 78.75 0.68
C ARG E 283 34.35 79.57 -0.45
N PRO E 284 33.06 79.37 -0.74
CA PRO E 284 32.37 80.08 -1.82
C PRO E 284 32.27 81.60 -1.68
N ASP E 285 32.54 82.13 -0.49
CA ASP E 285 32.48 83.58 -0.33
C ASP E 285 33.79 84.27 -0.67
N ARG E 286 34.89 83.51 -0.82
CA ARG E 286 36.17 84.15 -1.10
C ARG E 286 37.18 83.44 -1.98
N ASP E 287 36.95 82.17 -2.29
CA ASP E 287 37.90 81.45 -3.13
C ASP E 287 37.59 81.64 -4.59
N TRP E 288 38.51 81.23 -5.45
CA TRP E 288 38.33 81.37 -6.90
C TRP E 288 38.45 80.07 -7.69
N LEU E 289 37.54 79.89 -8.64
CA LEU E 289 37.54 78.70 -9.50
C LEU E 289 38.16 79.10 -10.84
N GLN E 290 39.23 78.41 -11.23
CA GLN E 290 39.95 78.76 -12.46
C GLN E 290 39.81 77.84 -13.67
N PHE E 291 38.64 77.22 -13.81
CA PHE E 291 38.39 76.32 -14.95
C PHE E 291 38.61 77.11 -16.24
N ASP E 292 39.23 76.48 -17.22
CA ASP E 292 39.53 77.10 -18.51
C ASP E 292 38.75 76.39 -19.61
N CYS E 293 37.77 77.06 -20.19
CA CYS E 293 36.93 76.44 -21.23
C CYS E 293 37.74 75.95 -22.44
N ALA E 294 38.82 76.64 -22.77
CA ALA E 294 39.67 76.26 -23.89
C ALA E 294 40.29 74.89 -23.69
N LEU E 295 40.47 74.48 -22.43
CA LEU E 295 41.07 73.19 -22.13
C LEU E 295 40.03 72.21 -21.61
N SER E 296 38.78 72.66 -21.51
CA SER E 296 37.73 71.82 -20.95
C SER E 296 36.49 71.62 -21.80
N TYR E 297 36.69 71.17 -23.04
CA TYR E 297 35.58 70.91 -23.96
C TYR E 297 34.80 72.16 -24.37
N GLY E 298 35.43 73.32 -24.25
CA GLY E 298 34.80 74.57 -24.67
C GLY E 298 33.68 75.17 -23.85
N LEU E 299 33.09 76.23 -24.40
CA LEU E 299 32.00 76.96 -23.75
C LEU E 299 30.74 76.12 -23.59
N CYS E 300 30.51 75.19 -24.51
CA CYS E 300 29.33 74.34 -24.40
C CYS E 300 29.40 73.57 -23.10
N GLU E 301 30.62 73.17 -22.73
CA GLU E 301 30.86 72.44 -21.51
C GLU E 301 30.90 73.41 -20.33
N TYR E 302 31.57 74.54 -20.51
CA TYR E 302 31.66 75.54 -19.44
C TYR E 302 30.29 75.92 -18.94
N GLN E 303 29.30 75.94 -19.83
CA GLN E 303 27.95 76.29 -19.42
C GLN E 303 27.41 75.23 -18.48
N ARG E 304 27.83 73.97 -18.68
CA ARG E 304 27.37 72.91 -17.80
C ARG E 304 28.06 73.08 -16.45
N THR E 305 29.33 73.48 -16.48
CA THR E 305 30.08 73.69 -15.26
C THR E 305 29.41 74.81 -14.46
N LEU E 306 28.96 75.86 -15.14
CA LEU E 306 28.31 76.97 -14.45
C LEU E 306 27.05 76.48 -13.80
N GLU E 307 26.40 75.52 -14.45
CA GLU E 307 25.17 74.96 -13.91
C GLU E 307 25.52 74.20 -12.61
N VAL E 308 26.67 73.54 -12.60
CA VAL E 308 27.12 72.82 -11.41
C VAL E 308 27.32 73.81 -10.27
N LEU E 309 27.90 74.97 -10.56
CA LEU E 309 28.10 75.98 -9.53
C LEU E 309 26.76 76.34 -8.89
N LYS E 310 25.74 76.57 -9.71
CA LYS E 310 24.42 76.90 -9.17
C LYS E 310 23.95 75.81 -8.23
N THR E 311 24.05 74.57 -8.68
CA THR E 311 23.60 73.44 -7.90
C THR E 311 24.30 73.38 -6.54
N HIS E 312 25.47 74.00 -6.44
CA HIS E 312 26.19 73.99 -5.17
C HIS E 312 26.27 75.32 -4.46
N GLY E 313 25.45 76.28 -4.91
CA GLY E 313 25.40 77.59 -4.29
C GLY E 313 26.54 78.57 -4.57
N TRP E 314 27.28 78.36 -5.63
CA TRP E 314 28.37 79.25 -5.99
C TRP E 314 27.95 80.30 -7.01
N SER E 315 28.52 81.49 -6.91
CA SER E 315 28.22 82.55 -7.85
C SER E 315 29.20 82.48 -9.02
N PRO E 316 28.72 82.78 -10.24
CA PRO E 316 29.64 82.72 -11.39
C PRO E 316 30.72 83.77 -11.23
N SER E 317 30.50 84.74 -10.35
CA SER E 317 31.48 85.79 -10.12
C SER E 317 32.72 85.28 -9.39
N ARG E 318 32.69 84.01 -9.00
CA ARG E 318 33.82 83.41 -8.30
C ARG E 318 34.77 82.81 -9.32
N CYS E 319 34.40 82.89 -10.60
CA CYS E 319 35.21 82.35 -11.67
C CYS E 319 36.17 83.34 -12.34
N ILE E 320 37.44 82.95 -12.43
CA ILE E 320 38.46 83.75 -13.06
C ILE E 320 39.26 82.71 -13.82
N PRO E 321 38.85 82.42 -15.06
CA PRO E 321 39.48 81.44 -15.94
C PRO E 321 40.97 81.58 -16.13
N HIS E 322 41.64 80.45 -16.25
CA HIS E 322 43.07 80.41 -16.49
C HIS E 322 43.20 80.47 -18.02
N GLY E 323 44.39 80.76 -18.52
CA GLY E 323 44.54 80.80 -19.96
C GLY E 323 44.89 82.14 -20.58
N GLY E 324 44.35 83.22 -20.03
CA GLY E 324 44.64 84.54 -20.56
C GLY E 324 44.26 84.76 -22.02
N HIS E 325 43.16 84.15 -22.45
CA HIS E 325 42.73 84.30 -23.83
C HIS E 325 41.42 85.07 -23.95
N GLN E 326 41.15 85.57 -25.15
CA GLN E 326 39.95 86.36 -25.41
C GLN E 326 38.62 85.62 -25.28
N MET E 327 38.64 84.31 -25.45
CA MET E 327 37.41 83.54 -25.33
C MET E 327 36.88 83.76 -23.92
N SER E 328 37.77 83.63 -22.93
CA SER E 328 37.40 83.82 -21.53
C SER E 328 36.86 85.24 -21.32
N LEU E 329 37.55 86.24 -21.90
CA LEU E 329 37.12 87.64 -21.79
C LEU E 329 35.67 87.77 -22.23
N ASN E 330 35.32 87.11 -23.33
CA ASN E 330 33.94 87.14 -23.82
C ASN E 330 32.96 86.47 -22.88
N ILE E 331 33.33 85.30 -22.36
CA ILE E 331 32.45 84.57 -21.43
C ILE E 331 32.28 85.38 -20.15
N ALA E 332 33.38 85.97 -19.69
CA ALA E 332 33.35 86.81 -18.48
C ALA E 332 32.39 87.98 -18.65
N ALA E 333 32.56 88.73 -19.74
CA ALA E 333 31.72 89.89 -20.01
C ALA E 333 30.26 89.54 -20.21
N GLY E 334 30.00 88.42 -20.87
CA GLY E 334 28.63 88.02 -21.12
C GLY E 334 27.88 87.33 -20.00
N LEU E 335 28.57 86.44 -19.29
CA LEU E 335 27.93 85.69 -18.22
C LEU E 335 28.23 86.15 -16.79
N GLY E 336 29.02 87.20 -16.65
CA GLY E 336 29.33 87.72 -15.33
C GLY E 336 30.35 86.95 -14.50
N LEU E 337 31.45 86.55 -15.11
CA LEU E 337 32.49 85.84 -14.36
C LEU E 337 33.24 86.90 -13.56
N GLY E 338 34.10 86.44 -12.64
CA GLY E 338 34.84 87.38 -11.82
C GLY E 338 35.94 88.15 -12.52
N GLY E 339 36.41 87.63 -13.66
CA GLY E 339 37.47 88.30 -14.39
C GLY E 339 38.23 87.30 -15.25
N ASN E 340 39.45 87.64 -15.63
CA ASN E 340 40.23 86.75 -16.47
C ASN E 340 41.72 86.91 -16.20
N GLU E 341 42.48 85.86 -16.50
CA GLU E 341 43.92 85.89 -16.31
C GLU E 341 44.52 86.55 -17.56
N SER E 342 45.71 87.11 -17.42
CA SER E 342 46.38 87.76 -18.54
C SER E 342 47.89 87.55 -18.46
N TYR E 343 48.52 87.29 -19.61
CA TYR E 343 49.96 87.09 -19.65
C TYR E 343 50.62 88.18 -20.49
N PRO E 344 50.78 89.40 -19.93
CA PRO E 344 51.40 90.51 -20.66
C PRO E 344 52.65 90.19 -21.49
N ASP E 345 53.55 89.39 -20.94
CA ASP E 345 54.79 89.08 -21.64
C ASP E 345 55.04 87.64 -22.10
N LEU E 346 54.04 86.78 -22.05
CA LEU E 346 54.25 85.39 -22.45
C LEU E 346 53.22 84.82 -23.43
N PHE E 347 53.66 83.81 -24.17
CA PHE E 347 52.81 83.11 -25.15
C PHE E 347 52.17 84.02 -26.19
N GLN E 348 52.79 85.17 -26.42
CA GLN E 348 52.25 86.10 -27.40
C GLN E 348 52.57 85.57 -28.80
N PRO E 349 51.73 85.91 -29.80
CA PRO E 349 50.51 86.73 -29.78
C PRO E 349 49.21 85.99 -29.42
N TYR E 350 49.30 84.79 -28.88
CA TYR E 350 48.08 84.05 -28.55
C TYR E 350 47.50 84.39 -27.19
N GLY E 351 46.76 85.50 -27.14
CA GLY E 351 46.16 85.96 -25.90
C GLY E 351 45.97 87.46 -25.97
N GLY E 352 46.40 88.18 -24.95
CA GLY E 352 46.27 89.63 -24.96
C GLY E 352 44.88 90.14 -25.31
N PHE E 353 44.82 91.41 -25.74
CA PHE E 353 43.55 92.04 -26.07
C PHE E 353 43.62 92.67 -27.47
N PRO E 354 42.52 93.28 -27.93
CA PRO E 354 42.57 93.92 -29.26
C PRO E 354 43.53 95.11 -29.24
N ASP E 355 44.12 95.44 -30.40
CA ASP E 355 45.03 96.59 -30.50
C ASP E 355 44.28 97.84 -30.02
N GLY E 356 44.87 98.62 -29.12
CA GLY E 356 44.20 99.82 -28.65
C GLY E 356 43.62 99.71 -27.26
N VAL E 357 42.74 98.73 -27.03
CA VAL E 357 42.15 98.55 -25.71
C VAL E 357 43.30 98.34 -24.72
N ARG E 358 43.28 99.09 -23.62
CA ARG E 358 44.34 99.00 -22.62
C ARG E 358 43.85 98.69 -21.22
N VAL E 359 44.80 98.35 -20.35
CA VAL E 359 44.50 98.02 -18.96
C VAL E 359 44.53 99.26 -18.08
N GLU E 360 43.39 99.56 -17.47
CA GLU E 360 43.26 100.71 -16.60
C GLU E 360 42.65 100.30 -15.26
N ASN E 361 43.49 100.30 -14.22
CA ASN E 361 43.06 99.90 -12.88
C ASN E 361 42.61 98.45 -12.88
N GLY E 362 43.47 97.59 -13.42
CA GLY E 362 43.17 96.17 -13.49
C GLY E 362 41.97 95.81 -14.32
N HIS E 363 41.52 96.69 -15.20
CA HIS E 363 40.37 96.39 -16.04
C HIS E 363 40.57 96.80 -17.49
N ILE E 364 39.79 96.18 -18.36
CA ILE E 364 39.83 96.49 -19.78
C ILE E 364 38.38 96.59 -20.19
N THR E 365 38.10 97.24 -21.32
CA THR E 365 36.73 97.35 -21.77
C THR E 365 36.64 96.70 -23.14
N MET E 366 35.77 95.69 -23.24
CA MET E 366 35.60 94.96 -24.49
C MET E 366 35.02 95.80 -25.61
N PRO E 367 35.77 95.95 -26.71
CA PRO E 367 35.28 96.74 -27.84
C PRO E 367 34.22 95.90 -28.53
N ASP E 368 33.27 96.53 -29.20
CA ASP E 368 32.23 95.77 -29.88
C ASP E 368 32.64 95.20 -31.24
N LEU E 369 33.57 94.25 -31.21
CA LEU E 369 34.04 93.59 -32.43
C LEU E 369 33.21 92.32 -32.63
N PRO E 370 32.95 91.95 -33.88
CA PRO E 370 32.17 90.73 -34.13
C PRO E 370 32.93 89.47 -33.69
N GLY E 371 32.21 88.50 -33.13
CA GLY E 371 32.85 87.27 -32.67
C GLY E 371 33.70 87.48 -31.44
N ILE E 372 34.76 86.70 -31.32
CA ILE E 372 35.68 86.80 -30.18
C ILE E 372 36.45 88.11 -30.22
N GLY E 373 36.69 88.60 -31.44
CA GLY E 373 37.41 89.86 -31.59
C GLY E 373 38.88 89.70 -31.93
N PHE E 374 39.26 88.52 -32.40
CA PHE E 374 40.64 88.25 -32.75
C PHE E 374 41.16 89.21 -33.83
N GLU E 375 40.26 89.61 -34.74
CA GLU E 375 40.64 90.52 -35.81
C GLU E 375 41.25 91.82 -35.29
N GLY E 376 40.83 92.24 -34.10
CA GLY E 376 41.33 93.46 -33.52
C GLY E 376 42.79 93.41 -33.10
N LYS E 377 43.36 92.21 -33.03
CA LYS E 377 44.75 92.05 -32.64
C LYS E 377 45.52 91.60 -33.88
N SER E 378 46.05 92.58 -34.61
CA SER E 378 46.77 92.34 -35.84
C SER E 378 47.84 91.24 -35.81
N ASP E 379 48.76 91.28 -34.85
CA ASP E 379 49.80 90.27 -34.77
C ASP E 379 49.28 88.84 -34.57
N LEU E 380 48.09 88.72 -33.99
CA LEU E 380 47.48 87.42 -33.76
C LEU E 380 46.68 87.05 -35.01
N TYR E 381 45.85 87.97 -35.50
CA TYR E 381 45.04 87.72 -36.67
C TYR E 381 45.88 87.37 -37.90
N LYS E 382 47.09 87.91 -37.94
CA LYS E 382 48.01 87.64 -39.05
C LYS E 382 48.21 86.14 -39.13
N GLU E 383 48.45 85.54 -37.97
CA GLU E 383 48.67 84.10 -37.85
C GLU E 383 47.42 83.32 -38.25
N MET E 384 46.26 83.80 -37.82
CA MET E 384 45.00 83.15 -38.11
C MET E 384 44.60 83.18 -39.59
N LYS E 385 44.67 84.35 -40.22
CA LYS E 385 44.29 84.42 -41.64
C LYS E 385 45.31 83.65 -42.48
N ALA E 386 46.49 83.43 -41.91
CA ALA E 386 47.54 82.69 -42.60
C ALA E 386 47.17 81.21 -42.62
N LEU E 387 46.42 80.78 -41.59
CA LEU E 387 45.98 79.39 -41.49
C LEU E 387 44.82 79.15 -42.43
N ALA E 388 43.85 80.06 -42.40
CA ALA E 388 42.68 79.94 -43.27
C ALA E 388 42.02 81.30 -43.42
N GLU E 389 41.49 81.56 -44.60
CA GLU E 389 40.82 82.83 -44.88
C GLU E 389 39.60 82.64 -45.78
N SER F 2 76.06 46.73 -22.79
CA SER F 2 75.22 47.87 -23.27
C SER F 2 73.71 47.59 -23.33
N VAL F 3 72.93 48.46 -22.71
CA VAL F 3 71.46 48.36 -22.67
C VAL F 3 70.92 49.71 -23.14
N ARG F 4 70.37 49.75 -24.35
CA ARG F 4 69.88 51.01 -24.89
C ARG F 4 68.66 50.84 -25.78
N ILE F 5 67.60 51.59 -25.50
CA ILE F 5 66.37 51.51 -26.28
C ILE F 5 66.57 52.18 -27.64
N VAL F 6 67.20 51.46 -28.56
CA VAL F 6 67.49 51.98 -29.89
C VAL F 6 66.32 52.58 -30.70
N ASP F 7 65.09 52.15 -30.45
CA ASP F 7 63.95 52.73 -31.18
C ASP F 7 62.63 52.49 -30.46
N VAL F 8 61.60 53.25 -30.84
CA VAL F 8 60.27 53.11 -30.26
C VAL F 8 59.22 53.37 -31.33
N ARG F 9 58.93 52.33 -32.12
CA ARG F 9 57.96 52.41 -33.20
C ARG F 9 56.51 52.20 -32.76
N GLU F 10 55.59 52.79 -33.51
CA GLU F 10 54.16 52.70 -33.24
C GLU F 10 53.45 52.46 -34.55
N ILE F 11 52.29 51.83 -34.49
CA ILE F 11 51.48 51.55 -35.68
C ILE F 11 50.02 51.42 -35.23
N THR F 12 49.12 52.14 -35.91
CA THR F 12 47.72 52.11 -35.55
C THR F 12 46.98 51.07 -36.33
N LYS F 13 46.36 50.14 -35.61
CA LYS F 13 45.58 49.06 -36.20
C LYS F 13 44.11 49.32 -35.86
N PRO F 14 43.20 48.83 -36.71
CA PRO F 14 41.79 49.05 -36.40
C PRO F 14 41.24 47.84 -35.65
N ILE F 15 40.20 48.09 -34.87
CA ILE F 15 39.52 47.06 -34.09
C ILE F 15 38.07 47.52 -34.08
N SER F 16 37.59 47.84 -35.27
CA SER F 16 36.23 48.35 -35.46
C SER F 16 35.20 47.29 -35.82
N SER F 17 33.97 47.54 -35.41
CA SER F 17 32.88 46.63 -35.67
C SER F 17 31.66 47.44 -35.25
N PRO F 18 30.47 47.04 -35.70
CA PRO F 18 29.29 47.82 -35.30
C PRO F 18 28.69 47.45 -33.93
N ILE F 19 29.50 46.89 -33.04
CA ILE F 19 28.99 46.53 -31.71
C ILE F 19 28.72 47.80 -30.91
N ARG F 20 27.57 47.83 -30.24
CA ARG F 20 27.14 48.99 -29.45
C ARG F 20 26.87 48.71 -27.94
N ASN F 21 27.30 49.63 -27.08
CA ASN F 21 26.97 49.49 -25.67
C ASN F 21 26.11 50.69 -25.34
N ALA F 22 25.83 50.95 -24.07
CA ALA F 22 24.93 52.04 -23.77
C ALA F 22 25.50 53.45 -23.89
N TYR F 23 26.77 53.55 -24.22
CA TYR F 23 27.41 54.86 -24.31
C TYR F 23 28.10 55.08 -25.66
N ILE F 24 28.67 54.00 -26.21
CA ILE F 24 29.43 54.06 -27.43
C ILE F 24 29.14 52.92 -28.42
N ASP F 25 29.66 53.07 -29.63
CA ASP F 25 29.61 52.01 -30.62
C ASP F 25 31.07 52.01 -31.12
N PHE F 26 31.57 50.85 -31.52
CA PHE F 26 32.96 50.74 -31.94
C PHE F 26 33.24 50.92 -33.42
N THR F 27 32.36 51.66 -34.09
CA THR F 27 32.47 51.94 -35.52
C THR F 27 33.84 52.41 -36.00
N LYS F 28 34.49 53.28 -35.23
CA LYS F 28 35.79 53.80 -35.62
C LYS F 28 36.91 53.40 -34.65
N MET F 29 36.64 52.43 -33.79
CA MET F 29 37.63 52.03 -32.80
C MET F 29 38.96 51.58 -33.37
N THR F 30 40.03 52.03 -32.72
CA THR F 30 41.40 51.70 -33.12
C THR F 30 42.25 51.42 -31.89
N THR F 31 43.50 51.04 -32.12
CA THR F 31 44.43 50.75 -31.03
C THR F 31 45.86 50.90 -31.52
N SER F 32 46.75 51.24 -30.60
CA SER F 32 48.16 51.42 -30.95
C SER F 32 48.99 50.20 -30.62
N LEU F 33 49.78 49.74 -31.58
CA LEU F 33 50.65 48.61 -31.38
C LEU F 33 52.05 49.24 -31.28
N VAL F 34 52.72 49.01 -30.15
CA VAL F 34 54.03 49.60 -29.94
C VAL F 34 55.15 48.58 -29.77
N ALA F 35 56.33 48.98 -30.23
CA ALA F 35 57.50 48.12 -30.13
C ALA F 35 58.67 48.93 -29.59
N VAL F 36 59.29 48.42 -28.54
CA VAL F 36 60.44 49.07 -27.94
C VAL F 36 61.63 48.21 -28.33
N VAL F 37 62.39 48.69 -29.32
CA VAL F 37 63.55 47.99 -29.84
C VAL F 37 64.81 48.30 -29.05
N THR F 38 65.46 47.26 -28.53
CA THR F 38 66.69 47.44 -27.76
C THR F 38 67.88 46.94 -28.55
N ASP F 39 69.08 47.08 -27.97
CA ASP F 39 70.30 46.63 -28.63
C ASP F 39 70.83 45.40 -27.89
N VAL F 40 70.10 44.98 -26.86
CA VAL F 40 70.50 43.80 -26.10
C VAL F 40 70.16 42.56 -26.90
N VAL F 41 71.06 41.58 -26.86
CA VAL F 41 70.84 40.34 -27.59
C VAL F 41 70.72 39.11 -26.68
N ARG F 42 69.62 38.39 -26.86
CA ARG F 42 69.35 37.17 -26.10
C ARG F 42 68.96 36.13 -27.12
N GLU F 43 69.67 35.00 -27.09
CA GLU F 43 69.42 33.89 -28.01
C GLU F 43 69.77 34.30 -29.45
N GLY F 44 70.79 35.16 -29.57
CA GLY F 44 71.24 35.62 -30.87
C GLY F 44 70.25 36.52 -31.59
N LYS F 45 69.18 36.90 -30.90
CA LYS F 45 68.16 37.76 -31.46
C LYS F 45 68.01 39.00 -30.58
N ARG F 46 67.85 40.16 -31.21
CA ARG F 46 67.70 41.40 -30.46
C ARG F 46 66.36 41.37 -29.72
N VAL F 47 66.37 41.78 -28.46
CA VAL F 47 65.16 41.78 -27.68
C VAL F 47 64.31 43.01 -27.97
N VAL F 48 63.04 42.76 -28.27
CA VAL F 48 62.09 43.83 -28.58
C VAL F 48 60.83 43.69 -27.70
N GLY F 49 60.45 44.79 -27.06
CA GLY F 49 59.27 44.78 -26.22
C GLY F 49 58.06 45.21 -27.02
N TYR F 50 56.91 44.59 -26.75
CA TYR F 50 55.69 44.94 -27.47
C TYR F 50 54.58 45.33 -26.50
N GLY F 51 53.58 46.04 -27.03
CA GLY F 51 52.46 46.46 -26.24
C GLY F 51 51.40 47.10 -27.11
N PHE F 52 50.19 47.23 -26.57
CA PHE F 52 49.10 47.84 -27.30
C PHE F 52 48.09 48.29 -26.27
N ASN F 53 47.27 49.28 -26.60
CA ASN F 53 46.28 49.75 -25.63
C ASN F 53 44.92 49.06 -25.78
N SER F 54 44.22 48.92 -24.66
CA SER F 54 42.92 48.29 -24.61
C SER F 54 41.92 49.00 -25.50
N ASN F 55 40.80 48.33 -25.77
CA ASN F 55 39.75 48.88 -26.62
C ASN F 55 39.02 49.98 -25.87
N GLY F 56 38.34 50.85 -26.61
CA GLY F 56 37.55 51.89 -26.00
C GLY F 56 38.09 53.31 -25.98
N ARG F 57 39.41 53.48 -25.91
CA ARG F 57 39.97 54.82 -25.85
C ARG F 57 40.68 55.28 -27.12
N TYR F 58 40.74 54.42 -28.14
CA TYR F 58 41.38 54.75 -29.43
C TYR F 58 42.90 54.72 -29.38
N GLY F 59 43.53 54.69 -30.56
CA GLY F 59 44.97 54.68 -30.64
C GLY F 59 45.55 56.04 -30.26
N GLN F 60 46.84 56.06 -29.92
CA GLN F 60 47.50 57.31 -29.53
C GLN F 60 48.80 57.55 -30.30
N GLY F 61 48.77 57.26 -31.59
CA GLY F 61 49.95 57.44 -32.43
C GLY F 61 50.57 58.83 -32.27
N GLY F 62 49.73 59.87 -32.41
CA GLY F 62 50.23 61.22 -32.27
C GLY F 62 51.02 61.46 -31.00
N LEU F 63 50.39 61.22 -29.85
CA LEU F 63 51.05 61.42 -28.56
C LEU F 63 52.32 60.59 -28.39
N ILE F 64 52.27 59.33 -28.79
CA ILE F 64 53.43 58.46 -28.66
C ILE F 64 54.59 59.02 -29.46
N ARG F 65 54.30 59.39 -30.70
CA ARG F 65 55.30 59.93 -31.61
C ARG F 65 55.73 61.35 -31.23
N GLU F 66 54.77 62.26 -31.19
CA GLU F 66 55.02 63.67 -30.91
C GLU F 66 55.48 64.08 -29.52
N ARG F 67 55.24 63.27 -28.49
CA ARG F 67 55.65 63.69 -27.16
C ARG F 67 56.35 62.68 -26.25
N PHE F 68 55.89 61.43 -26.25
CA PHE F 68 56.50 60.43 -25.36
C PHE F 68 57.65 59.57 -25.85
N ALA F 69 57.54 59.02 -27.06
CA ALA F 69 58.64 58.20 -27.60
C ALA F 69 59.87 59.09 -27.70
N SER F 70 59.63 60.32 -28.14
CA SER F 70 60.66 61.34 -28.29
C SER F 70 61.57 61.38 -27.06
N ARG F 71 60.95 61.67 -25.90
CA ARG F 71 61.65 61.75 -24.63
C ARG F 71 62.43 60.47 -24.30
N ILE F 72 61.95 59.32 -24.77
CA ILE F 72 62.64 58.07 -24.48
C ILE F 72 63.99 58.05 -25.22
N LEU F 73 63.95 58.19 -26.54
CA LEU F 73 65.17 58.19 -27.36
C LEU F 73 66.08 59.38 -27.06
N GLU F 74 65.45 60.54 -26.86
CA GLU F 74 66.18 61.77 -26.55
C GLU F 74 66.71 61.77 -25.13
N ALA F 75 67.22 60.64 -24.66
CA ALA F 75 67.74 60.60 -23.30
C ALA F 75 68.99 59.78 -23.15
N ASP F 76 69.75 60.12 -22.12
CA ASP F 76 71.00 59.45 -21.80
C ASP F 76 70.73 58.02 -21.36
N PRO F 77 70.99 57.04 -22.25
CA PRO F 77 70.78 55.61 -21.98
C PRO F 77 71.31 55.12 -20.63
N LYS F 78 72.39 55.73 -20.15
CA LYS F 78 72.96 55.32 -18.88
C LYS F 78 72.16 55.78 -17.68
N LYS F 79 71.25 56.74 -17.86
CA LYS F 79 70.44 57.20 -16.74
C LYS F 79 69.09 56.49 -16.68
N LEU F 80 68.93 55.44 -17.47
CA LEU F 80 67.69 54.68 -17.51
C LEU F 80 67.93 53.24 -17.09
N LEU F 81 69.04 52.99 -16.40
CA LEU F 81 69.39 51.64 -15.98
C LEU F 81 69.27 51.40 -14.48
N ASN F 82 69.21 50.14 -14.09
CA ASN F 82 69.14 49.77 -12.69
C ASN F 82 70.49 49.96 -12.05
N GLU F 83 70.61 49.58 -10.78
CA GLU F 83 71.87 49.70 -10.05
C GLU F 83 73.00 48.99 -10.77
N ALA F 84 72.78 47.73 -11.11
CA ALA F 84 73.78 46.90 -11.80
C ALA F 84 74.11 47.41 -13.21
N GLY F 85 73.21 48.19 -13.78
CA GLY F 85 73.45 48.71 -15.12
C GLY F 85 73.35 47.64 -16.19
N ASP F 86 72.76 46.50 -15.86
CA ASP F 86 72.62 45.41 -16.82
C ASP F 86 71.22 45.31 -17.40
N ASN F 87 70.33 46.21 -17.00
CA ASN F 87 68.95 46.19 -17.50
C ASN F 87 68.30 47.57 -17.33
N LEU F 88 67.22 47.79 -18.07
CA LEU F 88 66.49 49.04 -18.01
C LEU F 88 65.71 49.13 -16.70
N ASP F 89 65.55 50.34 -16.17
CA ASP F 89 64.78 50.54 -14.95
C ASP F 89 63.45 51.10 -15.43
N PRO F 90 62.37 50.31 -15.36
CA PRO F 90 61.05 50.74 -15.80
C PRO F 90 60.65 52.13 -15.29
N ASP F 91 60.81 52.34 -13.99
CA ASP F 91 60.46 53.61 -13.38
C ASP F 91 61.29 54.80 -13.88
N LYS F 92 62.56 54.56 -14.21
CA LYS F 92 63.38 55.64 -14.71
C LYS F 92 62.91 56.00 -16.14
N VAL F 93 62.54 54.99 -16.91
CA VAL F 93 62.05 55.24 -18.26
C VAL F 93 60.74 56.00 -18.17
N TRP F 94 59.89 55.58 -17.21
CA TRP F 94 58.59 56.21 -17.00
C TRP F 94 58.79 57.67 -16.67
N ALA F 95 59.63 57.95 -15.67
CA ALA F 95 59.93 59.31 -15.24
C ALA F 95 60.44 60.11 -16.43
N ALA F 96 61.25 59.45 -17.25
CA ALA F 96 61.82 60.09 -18.42
C ALA F 96 60.74 60.59 -19.39
N MET F 97 59.72 59.79 -19.64
CA MET F 97 58.70 60.24 -20.57
C MET F 97 57.63 61.13 -19.95
N MET F 98 57.65 61.27 -18.63
CA MET F 98 56.67 62.12 -17.97
C MET F 98 57.19 63.51 -17.59
N ILE F 99 58.41 63.85 -17.98
CA ILE F 99 58.95 65.17 -17.66
C ILE F 99 58.17 66.23 -18.44
N ASN F 100 57.91 67.35 -17.78
CA ASN F 100 57.18 68.46 -18.39
C ASN F 100 55.73 68.18 -18.73
N GLU F 101 55.13 67.30 -17.93
CA GLU F 101 53.73 66.94 -18.08
C GLU F 101 53.03 67.53 -16.85
N LYS F 102 52.08 68.45 -17.06
CA LYS F 102 51.39 69.06 -15.94
C LYS F 102 50.39 68.11 -15.31
N PRO F 103 50.12 68.26 -14.00
CA PRO F 103 49.17 67.40 -13.27
C PRO F 103 47.76 67.47 -13.78
N GLY F 104 46.94 66.50 -13.40
CA GLY F 104 45.56 66.46 -13.85
C GLY F 104 45.48 66.08 -15.33
N GLY F 105 44.28 66.12 -15.89
CA GLY F 105 44.09 65.79 -17.28
C GLY F 105 44.49 64.36 -17.64
N HIS F 106 44.04 63.41 -16.84
CA HIS F 106 44.40 62.04 -17.09
C HIS F 106 43.49 61.36 -18.13
N GLY F 107 43.88 61.56 -19.38
CA GLY F 107 43.17 61.00 -20.51
C GLY F 107 44.15 60.96 -21.67
N GLU F 108 43.81 60.19 -22.69
CA GLU F 108 44.64 60.01 -23.89
C GLU F 108 46.13 59.80 -23.68
N ARG F 109 46.80 60.74 -23.02
CA ARG F 109 48.24 60.58 -22.81
C ARG F 109 48.49 59.41 -21.85
N SER F 110 47.50 59.12 -21.02
CA SER F 110 47.59 58.02 -20.06
C SER F 110 47.58 56.71 -20.83
N VAL F 111 46.94 56.74 -21.99
CA VAL F 111 46.86 55.56 -22.86
C VAL F 111 48.18 55.41 -23.62
N ALA F 112 48.73 56.54 -24.06
CA ALA F 112 49.99 56.52 -24.79
C ALA F 112 51.11 56.01 -23.88
N VAL F 113 51.23 56.63 -22.72
CA VAL F 113 52.27 56.22 -21.77
C VAL F 113 52.03 54.79 -21.30
N GLY F 114 50.76 54.46 -21.08
CA GLY F 114 50.43 53.12 -20.64
C GLY F 114 50.87 52.06 -21.62
N THR F 115 50.61 52.30 -22.89
CA THR F 115 50.96 51.31 -23.91
C THR F 115 52.47 51.20 -24.12
N ILE F 116 53.19 52.31 -23.97
CA ILE F 116 54.64 52.30 -24.12
C ILE F 116 55.22 51.55 -22.93
N ASP F 117 54.66 51.84 -21.76
CA ASP F 117 55.08 51.21 -20.52
C ASP F 117 54.95 49.70 -20.62
N MET F 118 53.90 49.23 -21.28
CA MET F 118 53.68 47.80 -21.46
C MET F 118 54.91 47.19 -22.16
N ALA F 119 55.28 47.80 -23.28
CA ALA F 119 56.41 47.35 -24.06
C ALA F 119 57.72 47.41 -23.26
N VAL F 120 57.89 48.47 -22.47
CA VAL F 120 59.11 48.62 -21.68
C VAL F 120 59.27 47.45 -20.71
N TRP F 121 58.20 47.12 -19.99
CA TRP F 121 58.27 46.00 -19.05
C TRP F 121 58.48 44.68 -19.80
N ASP F 122 57.88 44.57 -20.98
CA ASP F 122 58.03 43.37 -21.78
C ASP F 122 59.52 43.15 -22.07
N ALA F 123 60.17 44.24 -22.48
CA ALA F 123 61.59 44.21 -22.79
C ALA F 123 62.42 43.87 -21.56
N VAL F 124 62.14 44.57 -20.46
CA VAL F 124 62.87 44.36 -19.22
C VAL F 124 62.83 42.89 -18.79
N ALA F 125 61.65 42.30 -18.81
CA ALA F 125 61.51 40.90 -18.43
C ALA F 125 62.29 40.00 -19.39
N LYS F 126 62.22 40.30 -20.69
CA LYS F 126 62.96 39.52 -21.68
C LYS F 126 64.45 39.64 -21.44
N ILE F 127 64.93 40.85 -21.17
CA ILE F 127 66.34 41.08 -20.91
C ILE F 127 66.78 40.30 -19.67
N ALA F 128 65.87 40.11 -18.72
CA ALA F 128 66.18 39.39 -17.49
C ALA F 128 65.94 37.89 -17.68
N GLY F 129 65.43 37.51 -18.84
CA GLY F 129 65.17 36.11 -19.14
C GLY F 129 64.08 35.46 -18.30
N LYS F 130 63.13 36.25 -17.82
CA LYS F 130 62.06 35.70 -17.00
C LYS F 130 60.69 36.11 -17.52
N PRO F 131 59.63 35.39 -17.10
CA PRO F 131 58.29 35.77 -17.55
C PRO F 131 57.94 37.00 -16.72
N LEU F 132 57.35 38.02 -17.34
CA LEU F 132 57.03 39.23 -16.60
C LEU F 132 56.41 38.98 -15.23
N PHE F 133 55.43 38.09 -15.16
CA PHE F 133 54.77 37.83 -13.89
C PHE F 133 55.71 37.27 -12.83
N ARG F 134 56.72 36.53 -13.24
CA ARG F 134 57.68 35.97 -12.27
C ARG F 134 58.57 37.10 -11.77
N LEU F 135 59.00 37.94 -12.70
CA LEU F 135 59.86 39.06 -12.36
C LEU F 135 59.15 40.01 -11.40
N LEU F 136 57.86 40.22 -11.64
CA LEU F 136 57.07 41.10 -10.78
C LEU F 136 57.00 40.59 -9.35
N ALA F 137 56.62 39.32 -9.21
CA ALA F 137 56.53 38.72 -7.89
C ALA F 137 57.87 38.85 -7.18
N GLU F 138 58.95 38.58 -7.91
CA GLU F 138 60.30 38.69 -7.34
C GLU F 138 60.53 40.09 -6.78
N ARG F 139 60.31 41.09 -7.62
CA ARG F 139 60.50 42.49 -7.22
C ARG F 139 59.67 42.87 -5.99
N HIS F 140 58.55 42.18 -5.77
CA HIS F 140 57.70 42.46 -4.62
C HIS F 140 57.95 41.52 -3.46
N GLY F 141 58.84 40.55 -3.67
CA GLY F 141 59.15 39.60 -2.61
C GLY F 141 57.98 38.70 -2.28
N VAL F 142 57.30 38.20 -3.30
CA VAL F 142 56.17 37.31 -3.12
C VAL F 142 56.28 36.19 -4.16
N LYS F 143 55.49 35.14 -3.98
CA LYS F 143 55.52 34.02 -4.90
C LYS F 143 54.47 34.27 -5.96
N ALA F 144 54.79 34.01 -7.21
CA ALA F 144 53.80 34.20 -8.25
C ALA F 144 52.76 33.09 -8.24
N ASN F 145 51.65 33.31 -8.93
CA ASN F 145 50.56 32.34 -9.03
C ASN F 145 50.10 32.39 -10.48
N PRO F 146 50.50 31.42 -11.30
CA PRO F 146 50.13 31.35 -12.72
C PRO F 146 48.67 31.04 -13.02
N ARG F 147 47.91 30.70 -11.99
CA ARG F 147 46.49 30.38 -12.15
C ARG F 147 45.70 31.67 -12.03
N VAL F 148 45.15 32.14 -13.16
CA VAL F 148 44.39 33.38 -13.17
C VAL F 148 42.93 33.23 -13.60
N PHE F 149 42.04 33.83 -12.83
CA PHE F 149 40.62 33.79 -13.16
C PHE F 149 40.34 34.74 -14.33
N VAL F 150 39.52 34.29 -15.28
CA VAL F 150 39.16 35.10 -16.42
C VAL F 150 37.69 34.92 -16.73
N TYR F 151 37.04 35.99 -17.16
CA TYR F 151 35.63 35.95 -17.51
C TYR F 151 35.48 36.45 -18.95
N ALA F 152 34.43 35.99 -19.63
CA ALA F 152 34.21 36.38 -21.00
C ALA F 152 33.29 37.60 -21.07
N ALA F 153 33.76 38.66 -21.73
CA ALA F 153 32.97 39.88 -21.86
C ALA F 153 32.43 40.09 -23.28
N GLY F 154 31.13 40.29 -23.39
CA GLY F 154 30.52 40.50 -24.68
C GLY F 154 29.08 40.92 -24.49
N GLY F 155 28.16 40.26 -25.16
CA GLY F 155 26.76 40.60 -25.03
C GLY F 155 26.45 42.01 -25.48
N TYR F 156 27.12 42.45 -26.54
CA TYR F 156 26.91 43.79 -27.07
C TYR F 156 25.58 43.88 -27.85
N TYR F 157 25.13 45.10 -28.11
CA TYR F 157 23.93 45.33 -28.90
C TYR F 157 24.48 45.35 -30.31
N TYR F 158 23.85 44.61 -31.22
CA TYR F 158 24.31 44.54 -32.59
C TYR F 158 23.09 44.67 -33.48
N PRO F 159 23.22 45.39 -34.61
CA PRO F 159 22.07 45.54 -35.51
C PRO F 159 21.56 44.17 -35.99
N GLY F 160 20.30 43.89 -35.68
CA GLY F 160 19.71 42.62 -36.08
C GLY F 160 20.00 41.44 -35.17
N LYS F 161 20.62 41.70 -34.02
CA LYS F 161 20.95 40.64 -33.07
C LYS F 161 19.77 40.41 -32.11
N GLY F 162 19.24 39.19 -32.09
CA GLY F 162 18.11 38.89 -31.22
C GLY F 162 18.48 37.98 -30.07
N LEU F 163 17.49 37.59 -29.26
CA LEU F 163 17.75 36.72 -28.12
C LEU F 163 18.45 35.45 -28.56
N SER F 164 18.07 34.96 -29.72
CA SER F 164 18.66 33.75 -30.28
C SER F 164 20.18 33.86 -30.32
N MET F 165 20.68 34.87 -31.03
CA MET F 165 22.11 35.08 -31.16
C MET F 165 22.80 35.38 -29.84
N LEU F 166 22.16 36.21 -29.01
CA LEU F 166 22.75 36.57 -27.72
C LEU F 166 23.05 35.25 -27.02
N ARG F 167 22.05 34.39 -26.98
CA ARG F 167 22.17 33.08 -26.37
C ARG F 167 23.35 32.33 -26.95
N GLY F 168 23.44 32.32 -28.27
CA GLY F 168 24.51 31.63 -28.94
C GLY F 168 25.86 32.11 -28.49
N GLU F 169 26.01 33.43 -28.48
CA GLU F 169 27.27 34.06 -28.07
C GLU F 169 27.71 33.54 -26.71
N MET F 170 26.80 33.63 -25.73
CA MET F 170 27.09 33.18 -24.39
C MET F 170 27.48 31.72 -24.35
N ARG F 171 26.66 30.86 -24.98
CA ARG F 171 26.94 29.43 -25.01
C ARG F 171 28.32 29.23 -25.59
N GLY F 172 28.66 30.04 -26.59
CA GLY F 172 29.96 29.94 -27.21
C GLY F 172 31.06 30.15 -26.19
N TYR F 173 30.84 31.07 -25.26
CA TYR F 173 31.85 31.33 -24.23
C TYR F 173 31.94 30.15 -23.28
N LEU F 174 30.80 29.62 -22.84
CA LEU F 174 30.79 28.47 -21.95
C LEU F 174 31.50 27.29 -22.62
N ASP F 175 31.31 27.13 -23.93
CA ASP F 175 31.94 26.04 -24.65
C ASP F 175 33.45 26.13 -24.53
N ARG F 176 33.95 27.34 -24.30
CA ARG F 176 35.39 27.50 -24.18
C ARG F 176 35.89 27.48 -22.75
N GLY F 177 35.02 27.08 -21.81
CA GLY F 177 35.44 26.98 -20.42
C GLY F 177 35.20 28.12 -19.46
N TYR F 178 34.55 29.19 -19.92
CA TYR F 178 34.29 30.33 -19.03
C TYR F 178 33.08 30.04 -18.13
N ASN F 179 33.22 30.36 -16.86
CA ASN F 179 32.14 30.16 -15.92
C ASN F 179 31.46 31.47 -15.52
N VAL F 180 31.92 32.56 -16.12
CA VAL F 180 31.30 33.85 -15.87
C VAL F 180 31.25 34.63 -17.18
N VAL F 181 30.10 35.20 -17.48
CA VAL F 181 29.95 35.98 -18.69
C VAL F 181 29.38 37.35 -18.37
N LYS F 182 29.73 38.33 -19.20
CA LYS F 182 29.24 39.71 -19.02
C LYS F 182 28.52 40.24 -20.28
N MET F 183 27.42 40.96 -20.05
CA MET F 183 26.63 41.54 -21.14
C MET F 183 26.32 43.03 -20.91
N LYS F 184 25.96 43.73 -21.98
CA LYS F 184 25.64 45.15 -21.86
C LYS F 184 24.16 45.37 -21.59
N ILE F 185 23.87 46.48 -20.91
CA ILE F 185 22.52 46.87 -20.60
C ILE F 185 22.52 48.40 -20.74
N GLY F 186 21.35 49.01 -20.68
CA GLY F 186 21.29 50.45 -20.84
C GLY F 186 21.26 50.94 -22.30
N GLY F 187 21.19 50.00 -23.24
CA GLY F 187 21.15 50.37 -24.66
C GLY F 187 19.78 50.08 -25.26
N ALA F 188 18.82 49.81 -24.38
CA ALA F 188 17.45 49.50 -24.76
C ALA F 188 16.56 49.85 -23.57
N PRO F 189 15.25 49.92 -23.77
CA PRO F 189 14.40 50.25 -22.62
C PRO F 189 14.61 49.21 -21.52
N ILE F 190 14.31 49.56 -20.27
CA ILE F 190 14.54 48.64 -19.15
C ILE F 190 13.91 47.25 -19.25
N GLU F 191 12.64 47.19 -19.63
CA GLU F 191 11.95 45.91 -19.76
C GLU F 191 12.55 45.05 -20.86
N GLU F 192 13.00 45.70 -21.92
CA GLU F 192 13.60 44.95 -23.00
C GLU F 192 14.89 44.34 -22.44
N ASP F 193 15.59 45.11 -21.60
CA ASP F 193 16.83 44.64 -20.98
C ASP F 193 16.54 43.50 -20.00
N ARG F 194 15.47 43.62 -19.22
CA ARG F 194 15.11 42.56 -18.30
C ARG F 194 15.03 41.27 -19.12
N MET F 195 14.37 41.34 -20.27
CA MET F 195 14.21 40.17 -21.14
C MET F 195 15.51 39.62 -21.70
N ARG F 196 16.43 40.51 -22.07
CA ARG F 196 17.70 40.01 -22.57
C ARG F 196 18.47 39.29 -21.45
N ILE F 197 18.27 39.75 -20.22
CA ILE F 197 18.93 39.16 -19.05
C ILE F 197 18.34 37.80 -18.76
N GLU F 198 17.01 37.72 -18.71
CA GLU F 198 16.35 36.45 -18.47
C GLU F 198 16.72 35.41 -19.54
N ALA F 199 16.83 35.83 -20.78
CA ALA F 199 17.19 34.88 -21.84
C ALA F 199 18.56 34.29 -21.64
N VAL F 200 19.50 35.12 -21.17
CA VAL F 200 20.88 34.68 -20.97
C VAL F 200 21.00 33.78 -19.71
N LEU F 201 20.24 34.11 -18.68
CA LEU F 201 20.23 33.36 -17.43
C LEU F 201 19.72 31.95 -17.72
N GLU F 202 18.74 31.85 -18.62
CA GLU F 202 18.15 30.59 -19.00
C GLU F 202 19.15 29.76 -19.80
N GLU F 203 19.89 30.42 -20.67
CA GLU F 203 20.87 29.74 -21.50
C GLU F 203 22.05 29.14 -20.73
N ILE F 204 22.60 29.90 -19.78
CA ILE F 204 23.74 29.41 -19.01
C ILE F 204 23.32 28.55 -17.84
N GLY F 205 22.05 28.67 -17.43
CA GLY F 205 21.55 27.88 -16.34
C GLY F 205 22.43 27.91 -15.10
N LYS F 206 22.95 26.75 -14.71
CA LYS F 206 23.82 26.64 -13.55
C LYS F 206 25.28 26.40 -13.90
N ASP F 207 25.62 26.58 -15.17
CA ASP F 207 26.99 26.38 -15.63
C ASP F 207 27.81 27.67 -15.63
N ALA F 208 27.16 28.80 -15.40
CA ALA F 208 27.86 30.07 -15.40
C ALA F 208 27.06 31.16 -14.70
N GLN F 209 27.75 32.24 -14.36
CA GLN F 209 27.12 33.38 -13.72
C GLN F 209 27.17 34.57 -14.69
N LEU F 210 26.21 35.46 -14.53
CA LEU F 210 26.11 36.60 -15.43
C LEU F 210 26.40 37.97 -14.81
N ALA F 211 27.14 38.79 -15.55
CA ALA F 211 27.45 40.15 -15.11
C ALA F 211 26.89 41.13 -16.14
N VAL F 212 26.30 42.22 -15.66
CA VAL F 212 25.75 43.25 -16.54
C VAL F 212 26.58 44.55 -16.45
N ASP F 213 26.69 45.27 -17.57
CA ASP F 213 27.49 46.48 -17.64
C ASP F 213 26.71 47.63 -18.33
N ALA F 214 26.42 48.70 -17.59
CA ALA F 214 25.69 49.84 -18.10
C ALA F 214 26.61 50.92 -18.70
N ASN F 215 27.90 50.65 -18.73
CA ASN F 215 28.86 51.58 -19.31
C ASN F 215 28.77 53.04 -18.84
N GLY F 216 28.38 53.23 -17.59
CA GLY F 216 28.28 54.56 -17.02
C GLY F 216 27.28 55.51 -17.65
N ARG F 217 26.24 54.93 -18.25
CA ARG F 217 25.22 55.72 -18.92
C ARG F 217 24.10 56.25 -18.05
N PHE F 218 23.79 55.56 -16.95
CA PHE F 218 22.68 55.98 -16.08
C PHE F 218 22.85 57.19 -15.13
N ASN F 219 21.74 57.88 -14.89
CA ASN F 219 21.75 58.98 -13.94
C ASN F 219 21.29 58.27 -12.66
N LEU F 220 21.15 58.98 -11.55
CA LEU F 220 20.78 58.34 -10.31
C LEU F 220 19.48 57.55 -10.34
N GLU F 221 18.41 58.19 -10.79
CA GLU F 221 17.13 57.52 -10.84
C GLU F 221 17.09 56.30 -11.75
N THR F 222 17.70 56.40 -12.93
CA THR F 222 17.72 55.26 -13.83
C THR F 222 18.55 54.14 -13.19
N GLY F 223 19.68 54.51 -12.59
CA GLY F 223 20.53 53.52 -11.95
C GLY F 223 19.76 52.75 -10.88
N ILE F 224 18.92 53.47 -10.14
CA ILE F 224 18.12 52.86 -9.09
C ILE F 224 17.03 51.97 -9.66
N ALA F 225 16.42 52.43 -10.76
CA ALA F 225 15.36 51.67 -11.42
C ALA F 225 15.93 50.32 -11.85
N TYR F 226 17.06 50.35 -12.53
CA TYR F 226 17.70 49.14 -12.98
C TYR F 226 18.15 48.29 -11.81
N ALA F 227 18.51 48.94 -10.71
CA ALA F 227 18.95 48.23 -9.52
C ALA F 227 17.81 47.37 -8.97
N LYS F 228 16.63 47.97 -8.86
CA LYS F 228 15.46 47.28 -8.37
C LYS F 228 15.08 46.08 -9.26
N MET F 229 15.32 46.22 -10.56
CA MET F 229 15.03 45.17 -11.52
C MET F 229 16.15 44.11 -11.50
N LEU F 230 17.40 44.56 -11.51
CA LEU F 230 18.55 43.68 -11.48
C LEU F 230 18.72 42.86 -10.21
N ARG F 231 18.41 43.44 -9.05
CA ARG F 231 18.59 42.73 -7.78
C ARG F 231 17.77 41.47 -7.58
N ASP F 232 16.75 41.25 -8.42
CA ASP F 232 15.94 40.05 -8.28
C ASP F 232 16.61 38.85 -8.96
N TYR F 233 17.71 39.09 -9.67
CA TYR F 233 18.44 38.02 -10.35
C TYR F 233 19.78 37.83 -9.66
N PRO F 234 20.29 36.59 -9.66
CA PRO F 234 21.58 36.27 -9.03
C PRO F 234 22.77 36.65 -9.90
N LEU F 235 22.90 37.93 -10.19
CA LEU F 235 24.00 38.44 -11.02
C LEU F 235 25.36 38.41 -10.33
N PHE F 236 26.42 38.28 -11.13
CA PHE F 236 27.79 38.26 -10.60
C PHE F 236 28.16 39.67 -10.19
N TRP F 237 27.83 40.65 -11.02
CA TRP F 237 28.08 42.06 -10.68
C TRP F 237 27.33 43.04 -11.60
N TYR F 238 27.12 44.24 -11.07
CA TYR F 238 26.44 45.33 -11.77
C TYR F 238 27.60 46.35 -11.98
N GLU F 239 28.06 46.46 -13.22
CA GLU F 239 29.18 47.32 -13.59
C GLU F 239 28.89 48.74 -14.10
N GLU F 240 29.75 49.67 -13.68
CA GLU F 240 29.70 51.08 -14.06
C GLU F 240 28.30 51.60 -14.26
N VAL F 241 27.56 51.74 -13.17
CA VAL F 241 26.19 52.24 -13.23
C VAL F 241 26.07 53.66 -13.79
N GLY F 242 26.70 54.61 -13.12
CA GLY F 242 26.65 55.99 -13.55
C GLY F 242 28.00 56.46 -14.07
N ASP F 243 28.13 57.77 -14.29
CA ASP F 243 29.36 58.36 -14.80
C ASP F 243 30.54 57.91 -13.93
N PRO F 244 31.68 57.62 -14.55
CA PRO F 244 32.88 57.17 -13.83
C PRO F 244 33.32 58.08 -12.70
N LEU F 245 33.04 59.37 -12.84
CA LEU F 245 33.47 60.37 -11.85
C LEU F 245 32.38 60.83 -10.87
N ASP F 246 31.16 60.31 -11.02
CA ASP F 246 30.09 60.71 -10.10
C ASP F 246 30.08 59.73 -8.90
N TYR F 247 31.10 59.88 -8.05
CA TYR F 247 31.28 59.04 -6.87
C TYR F 247 30.08 59.06 -5.96
N ALA F 248 29.40 60.20 -5.88
CA ALA F 248 28.22 60.29 -5.00
C ALA F 248 27.11 59.38 -5.53
N LEU F 249 27.00 59.27 -6.85
CA LEU F 249 25.96 58.43 -7.44
C LEU F 249 26.28 56.99 -7.03
N GLN F 250 27.50 56.57 -7.30
CA GLN F 250 27.92 55.23 -6.95
C GLN F 250 27.62 54.90 -5.47
N ALA F 251 27.92 55.83 -4.58
CA ALA F 251 27.70 55.65 -3.16
C ALA F 251 26.22 55.48 -2.83
N ALA F 252 25.37 56.27 -3.46
CA ALA F 252 23.93 56.21 -3.20
C ALA F 252 23.31 54.86 -3.62
N LEU F 253 23.98 54.16 -4.53
CA LEU F 253 23.45 52.91 -5.01
C LEU F 253 23.49 51.77 -3.99
N ALA F 254 24.45 51.82 -3.07
CA ALA F 254 24.57 50.78 -2.05
C ALA F 254 23.26 50.52 -1.30
N GLU F 255 22.44 51.56 -1.16
CA GLU F 255 21.18 51.44 -0.44
C GLU F 255 20.15 50.60 -1.21
N PHE F 256 20.33 50.48 -2.52
CA PHE F 256 19.35 49.75 -3.32
C PHE F 256 19.90 48.48 -3.93
N TYR F 257 21.21 48.30 -3.92
CA TYR F 257 21.80 47.13 -4.54
C TYR F 257 22.86 46.45 -3.67
N PRO F 258 22.43 45.45 -2.87
CA PRO F 258 23.30 44.69 -1.96
C PRO F 258 24.34 43.88 -2.69
N GLY F 259 23.99 43.41 -3.88
CA GLY F 259 24.91 42.59 -4.67
C GLY F 259 26.16 43.28 -5.15
N PRO F 260 27.22 42.53 -5.46
CA PRO F 260 28.45 43.17 -5.93
C PRO F 260 28.34 44.11 -7.14
N MET F 261 29.03 45.24 -7.04
CA MET F 261 29.07 46.22 -8.12
C MET F 261 30.51 46.36 -8.55
N ALA F 262 30.72 46.95 -9.73
CA ALA F 262 32.07 47.13 -10.24
C ALA F 262 32.19 48.42 -11.02
N THR F 263 33.40 48.96 -11.11
CA THR F 263 33.64 50.18 -11.88
C THR F 263 35.12 50.47 -11.89
N GLY F 264 35.53 51.50 -12.62
CA GLY F 264 36.94 51.83 -12.64
C GLY F 264 37.67 51.75 -13.96
N GLU F 265 37.09 51.08 -14.95
CA GLU F 265 37.75 50.97 -16.26
C GLU F 265 38.05 52.35 -16.85
N ASN F 266 37.24 53.35 -16.51
CA ASN F 266 37.45 54.68 -17.04
C ASN F 266 38.13 55.69 -16.13
N LEU F 267 38.81 55.20 -15.09
CA LEU F 267 39.56 56.06 -14.20
C LEU F 267 41.00 55.73 -14.59
N PHE F 268 41.77 56.73 -14.99
CA PHE F 268 43.11 56.46 -15.48
C PHE F 268 44.33 56.93 -14.69
N SER F 269 44.21 57.10 -13.38
CA SER F 269 45.35 57.53 -12.57
C SER F 269 45.18 57.09 -11.14
N HIS F 270 46.27 57.00 -10.40
CA HIS F 270 46.13 56.60 -9.01
C HIS F 270 45.33 57.66 -8.25
N GLN F 271 45.40 58.92 -8.71
CA GLN F 271 44.69 60.00 -8.05
C GLN F 271 43.19 59.80 -8.22
N ASP F 272 42.77 59.39 -9.41
CA ASP F 272 41.36 59.16 -9.68
C ASP F 272 40.89 57.93 -8.92
N ALA F 273 41.76 56.93 -8.84
CA ALA F 273 41.44 55.70 -8.12
C ALA F 273 41.26 56.04 -6.65
N ARG F 274 42.13 56.91 -6.14
CA ARG F 274 42.04 57.32 -4.74
C ARG F 274 40.71 58.02 -4.46
N ASN F 275 40.24 58.83 -5.41
CA ASN F 275 38.96 59.52 -5.21
C ASN F 275 37.78 58.56 -5.18
N LEU F 276 37.85 57.51 -6.00
CA LEU F 276 36.80 56.50 -6.01
C LEU F 276 36.77 55.83 -4.63
N LEU F 277 37.95 55.47 -4.10
CA LEU F 277 37.99 54.82 -2.79
C LEU F 277 37.58 55.75 -1.66
N ARG F 278 37.76 57.06 -1.86
CA ARG F 278 37.38 58.02 -0.83
C ARG F 278 35.93 58.39 -0.85
N TYR F 279 35.36 58.52 -2.04
CA TYR F 279 33.96 58.98 -2.13
C TYR F 279 32.91 58.05 -2.75
N GLY F 280 33.38 57.03 -3.47
CA GLY F 280 32.47 56.09 -4.12
C GLY F 280 31.58 55.21 -3.26
N GLY F 281 31.91 55.07 -1.98
CA GLY F 281 31.09 54.25 -1.12
C GLY F 281 31.02 52.79 -1.54
N MET F 282 32.05 52.28 -2.18
CA MET F 282 32.04 50.87 -2.57
C MET F 282 32.34 49.95 -1.38
N ARG F 283 31.90 48.70 -1.47
CA ARG F 283 32.06 47.71 -0.42
C ARG F 283 33.30 46.88 -0.73
N PRO F 284 34.38 47.08 0.04
CA PRO F 284 35.64 46.36 -0.17
C PRO F 284 35.58 44.84 -0.02
N ASP F 285 34.52 44.32 0.58
CA ASP F 285 34.43 42.86 0.74
C ASP F 285 33.82 42.17 -0.48
N ARG F 286 33.15 42.92 -1.35
CA ARG F 286 32.51 42.28 -2.50
C ARG F 286 32.53 43.01 -3.85
N ASP F 287 32.90 44.29 -3.89
CA ASP F 287 32.92 45.00 -5.17
C ASP F 287 34.21 44.77 -5.92
N TRP F 288 34.26 45.18 -7.19
CA TRP F 288 35.46 44.99 -8.00
C TRP F 288 35.97 46.28 -8.62
N LEU F 289 37.29 46.46 -8.61
CA LEU F 289 37.92 47.65 -9.19
C LEU F 289 38.50 47.25 -10.53
N GLN F 290 38.06 47.92 -11.59
CA GLN F 290 38.50 47.57 -12.94
C GLN F 290 39.51 48.49 -13.64
N PHE F 291 40.40 49.09 -12.89
CA PHE F 291 41.43 49.95 -13.46
C PHE F 291 42.23 49.14 -14.48
N ASP F 292 42.55 49.76 -15.61
CA ASP F 292 43.30 49.11 -16.70
C ASP F 292 44.66 49.81 -16.86
N CYS F 293 45.75 49.13 -16.53
CA CYS F 293 47.06 49.74 -16.59
C CYS F 293 47.43 50.23 -17.98
N ALA F 294 46.94 49.53 -19.01
CA ALA F 294 47.23 49.90 -20.39
C ALA F 294 46.67 51.28 -20.72
N LEU F 295 45.64 51.70 -20.03
CA LEU F 295 45.02 53.01 -20.27
C LEU F 295 45.34 53.99 -19.17
N SER F 296 46.11 53.54 -18.17
CA SER F 296 46.40 54.37 -17.02
C SER F 296 47.87 54.57 -16.66
N TYR F 297 48.67 55.01 -17.63
CA TYR F 297 50.09 55.25 -17.42
C TYR F 297 50.90 54.00 -17.11
N GLY F 298 50.38 52.83 -17.48
CA GLY F 298 51.10 51.58 -17.27
C GLY F 298 51.23 50.97 -15.89
N LEU F 299 52.04 49.93 -15.82
CA LEU F 299 52.27 49.19 -14.59
C LEU F 299 52.99 50.02 -13.54
N CYS F 300 53.84 50.95 -13.98
CA CYS F 300 54.57 51.81 -13.05
C CYS F 300 53.56 52.61 -12.27
N GLU F 301 52.49 53.02 -12.93
CA GLU F 301 51.41 53.77 -12.29
C GLU F 301 50.48 52.80 -11.53
N TYR F 302 50.19 51.65 -12.11
CA TYR F 302 49.30 50.67 -11.48
C TYR F 302 49.84 50.30 -10.09
N GLN F 303 51.16 50.24 -9.96
CA GLN F 303 51.77 49.92 -8.67
C GLN F 303 51.44 51.00 -7.64
N ARG F 304 51.33 52.24 -8.09
CA ARG F 304 50.97 53.31 -7.18
C ARG F 304 49.49 53.18 -6.81
N THR F 305 48.67 52.76 -7.77
CA THR F 305 47.24 52.57 -7.49
C THR F 305 47.09 51.47 -6.43
N LEU F 306 47.85 50.39 -6.57
CA LEU F 306 47.79 49.29 -5.62
C LEU F 306 48.16 49.79 -4.23
N GLU F 307 49.10 50.74 -4.19
CA GLU F 307 49.51 51.32 -2.93
C GLU F 307 48.33 52.11 -2.36
N VAL F 308 47.56 52.76 -3.24
CA VAL F 308 46.38 53.50 -2.78
C VAL F 308 45.38 52.53 -2.15
N LEU F 309 45.20 51.36 -2.76
CA LEU F 309 44.29 50.37 -2.20
C LEU F 309 44.74 50.04 -0.77
N LYS F 310 46.05 49.90 -0.54
CA LYS F 310 46.56 49.61 0.80
C LYS F 310 46.15 50.72 1.77
N THR F 311 46.32 51.95 1.34
CA THR F 311 45.98 53.09 2.18
C THR F 311 44.51 53.16 2.53
N HIS F 312 43.67 52.52 1.74
CA HIS F 312 42.23 52.55 2.05
C HIS F 312 41.65 51.23 2.52
N GLY F 313 42.51 50.26 2.79
CA GLY F 313 42.06 48.98 3.29
C GLY F 313 41.52 47.97 2.30
N TRP F 314 41.82 48.15 1.01
CA TRP F 314 41.36 47.24 -0.02
C TRP F 314 42.40 46.21 -0.35
N SER F 315 41.94 45.02 -0.70
CA SER F 315 42.82 43.94 -1.09
C SER F 315 43.05 43.98 -2.60
N PRO F 316 44.27 43.68 -3.04
CA PRO F 316 44.52 43.70 -4.48
C PRO F 316 43.66 42.65 -5.20
N SER F 317 43.15 41.69 -4.43
CA SER F 317 42.32 40.62 -4.99
C SER F 317 40.95 41.14 -5.44
N ARG F 318 40.69 42.42 -5.17
CA ARG F 318 39.43 43.03 -5.56
C ARG F 318 39.57 43.61 -6.97
N CYS F 319 40.77 43.48 -7.53
CA CYS F 319 41.04 44.03 -8.86
C CYS F 319 40.90 43.03 -9.99
N ILE F 320 40.12 43.41 -10.99
CA ILE F 320 39.93 42.59 -12.18
C ILE F 320 39.99 43.62 -13.30
N PRO F 321 41.20 43.87 -13.81
CA PRO F 321 41.44 44.84 -14.88
C PRO F 321 40.59 44.68 -16.14
N HIS F 322 40.24 45.81 -16.73
CA HIS F 322 39.48 45.86 -17.96
C HIS F 322 40.52 45.75 -19.05
N GLY F 323 40.12 45.44 -20.29
CA GLY F 323 41.10 45.37 -21.36
C GLY F 323 41.36 44.03 -22.01
N GLY F 324 41.25 42.96 -21.22
CA GLY F 324 41.48 41.62 -21.76
C GLY F 324 42.82 41.38 -22.43
N HIS F 325 43.88 41.99 -21.91
CA HIS F 325 45.20 41.79 -22.50
C HIS F 325 46.14 41.03 -21.58
N GLN F 326 47.21 40.50 -22.15
CA GLN F 326 48.19 39.72 -21.41
C GLN F 326 48.97 40.48 -20.35
N MET F 327 49.08 41.80 -20.50
CA MET F 327 49.82 42.57 -19.50
C MET F 327 49.11 42.38 -18.17
N SER F 328 47.80 42.52 -18.18
CA SER F 328 47.00 42.36 -16.98
C SER F 328 47.17 40.94 -16.43
N LEU F 329 47.18 39.95 -17.32
CA LEU F 329 47.34 38.57 -16.91
C LEU F 329 48.61 38.42 -16.07
N ASN F 330 49.69 39.05 -16.53
CA ASN F 330 50.97 39.01 -15.82
C ASN F 330 50.91 39.72 -14.48
N ILE F 331 50.27 40.89 -14.44
CA ILE F 331 50.18 41.62 -13.19
C ILE F 331 49.34 40.84 -12.21
N ALA F 332 48.27 40.24 -12.71
CA ALA F 332 47.37 39.45 -11.86
C ALA F 332 48.13 38.29 -11.23
N ALA F 333 48.81 37.51 -12.08
CA ALA F 333 49.57 36.35 -11.63
C ALA F 333 50.68 36.72 -10.67
N GLY F 334 51.37 37.82 -10.95
CA GLY F 334 52.46 38.22 -10.08
C GLY F 334 52.10 38.94 -8.79
N LEU F 335 51.12 39.84 -8.84
CA LEU F 335 50.74 40.61 -7.66
C LEU F 335 49.47 40.19 -6.95
N GLY F 336 48.86 39.11 -7.42
CA GLY F 336 47.64 38.63 -6.77
C GLY F 336 46.37 39.40 -7.01
N LEU F 337 46.09 39.77 -8.24
CA LEU F 337 44.85 40.49 -8.51
C LEU F 337 43.73 39.44 -8.54
N GLY F 338 42.48 39.91 -8.55
CA GLY F 338 41.36 39.00 -8.57
C GLY F 338 41.15 38.23 -9.85
N GLY F 339 41.71 38.71 -10.96
CA GLY F 339 41.54 38.03 -12.22
C GLY F 339 41.69 38.99 -13.38
N ASN F 340 41.17 38.64 -14.55
CA ASN F 340 41.29 39.51 -15.72
C ASN F 340 40.10 39.35 -16.67
N GLU F 341 39.82 40.40 -17.43
CA GLU F 341 38.74 40.35 -18.39
C GLU F 341 39.27 39.67 -19.64
N SER F 342 38.37 39.14 -20.46
CA SER F 342 38.78 38.45 -21.70
C SER F 342 37.71 38.63 -22.77
N TYR F 343 38.13 38.84 -24.01
CA TYR F 343 37.20 38.99 -25.12
C TYR F 343 37.46 37.87 -26.11
N PRO F 344 36.77 36.73 -25.94
CA PRO F 344 36.99 35.60 -26.86
C PRO F 344 36.68 35.93 -28.34
N ASP F 345 35.71 36.80 -28.58
CA ASP F 345 35.33 37.12 -29.94
C ASP F 345 35.74 38.50 -30.45
N LEU F 346 36.14 39.39 -29.54
CA LEU F 346 36.49 40.76 -29.92
C LEU F 346 37.93 41.20 -29.87
N PHE F 347 38.23 42.22 -30.68
CA PHE F 347 39.54 42.86 -30.75
C PHE F 347 40.74 41.97 -31.07
N GLN F 348 40.49 40.72 -31.44
CA GLN F 348 41.60 39.85 -31.74
C GLN F 348 42.34 40.35 -32.98
N PRO F 349 43.63 40.03 -33.11
CA PRO F 349 44.47 39.24 -32.19
C PRO F 349 45.00 39.94 -30.94
N TYR F 350 44.51 41.14 -30.62
CA TYR F 350 45.02 41.85 -29.46
C TYR F 350 44.33 41.43 -28.17
N GLY F 351 45.04 40.60 -27.41
CA GLY F 351 44.49 40.09 -26.18
C GLY F 351 44.43 38.58 -26.29
N GLY F 352 43.71 37.93 -25.38
CA GLY F 352 43.63 36.49 -25.43
C GLY F 352 44.79 35.81 -24.72
N PHE F 353 45.07 34.58 -25.11
CA PHE F 353 46.12 33.82 -24.46
C PHE F 353 47.08 33.14 -25.44
N PRO F 354 48.26 32.76 -24.93
CA PRO F 354 49.22 32.09 -25.80
C PRO F 354 48.55 30.88 -26.47
N ASP F 355 49.05 30.47 -27.63
CA ASP F 355 48.49 29.31 -28.33
C ASP F 355 48.54 28.09 -27.42
N GLY F 356 47.50 27.26 -27.46
CA GLY F 356 47.51 26.09 -26.62
C GLY F 356 46.76 26.23 -25.31
N VAL F 357 47.22 27.10 -24.42
CA VAL F 357 46.53 27.27 -23.13
C VAL F 357 45.03 27.48 -23.30
N ARG F 358 44.25 26.88 -22.41
CA ARG F 358 42.81 27.02 -22.49
C ARG F 358 42.16 27.25 -21.14
N VAL F 359 40.91 27.72 -21.19
CA VAL F 359 40.17 28.02 -19.99
C VAL F 359 39.57 26.78 -19.37
N GLU F 360 39.96 26.52 -18.13
CA GLU F 360 39.50 25.40 -17.34
C GLU F 360 38.67 25.92 -16.17
N ASN F 361 37.36 25.94 -16.36
CA ASN F 361 36.43 26.41 -15.34
C ASN F 361 36.80 27.80 -14.84
N GLY F 362 36.76 28.73 -15.78
CA GLY F 362 37.04 30.13 -15.52
C GLY F 362 38.47 30.47 -15.18
N HIS F 363 39.40 29.56 -15.43
CA HIS F 363 40.81 29.84 -15.14
C HIS F 363 41.74 29.39 -16.23
N ILE F 364 42.92 30.01 -16.26
CA ILE F 364 43.95 29.66 -17.23
C ILE F 364 45.23 29.55 -16.42
N THR F 365 46.23 28.89 -16.97
CA THR F 365 47.48 28.76 -16.25
C THR F 365 48.56 29.39 -17.11
N MET F 366 49.22 30.40 -16.57
CA MET F 366 50.28 31.11 -17.27
C MET F 366 51.48 30.23 -17.59
N PRO F 367 51.80 30.05 -18.87
CA PRO F 367 52.96 29.23 -19.24
C PRO F 367 54.21 30.05 -18.93
N ASP F 368 55.33 29.40 -18.67
CA ASP F 368 56.55 30.13 -18.37
C ASP F 368 57.28 30.67 -19.59
N LEU F 369 56.65 31.62 -20.29
CA LEU F 369 57.24 32.25 -21.46
C LEU F 369 57.96 33.53 -21.01
N PRO F 370 59.10 33.86 -21.63
CA PRO F 370 59.82 35.07 -21.23
C PRO F 370 59.00 36.33 -21.53
N GLY F 371 59.10 37.33 -20.64
CA GLY F 371 58.36 38.55 -20.85
C GLY F 371 56.86 38.37 -20.65
N ILE F 372 56.08 39.15 -21.39
CA ILE F 372 54.63 39.08 -21.28
C ILE F 372 54.12 37.77 -21.86
N GLY F 373 54.84 37.24 -22.85
CA GLY F 373 54.44 35.99 -23.46
C GLY F 373 53.69 36.14 -24.78
N PHE F 374 53.81 37.32 -25.41
CA PHE F 374 53.15 37.57 -26.68
C PHE F 374 53.60 36.58 -27.75
N GLU F 375 54.87 36.18 -27.71
CA GLU F 375 55.40 35.25 -28.69
C GLU F 375 54.59 33.95 -28.76
N GLY F 376 53.98 33.58 -27.64
CA GLY F 376 53.18 32.35 -27.60
C GLY F 376 51.90 32.39 -28.41
N LYS F 377 51.49 33.59 -28.80
CA LYS F 377 50.26 33.77 -29.59
C LYS F 377 50.68 34.18 -30.99
N SER F 378 50.85 33.19 -31.86
CA SER F 378 51.28 33.40 -33.23
C SER F 378 50.56 34.50 -34.01
N ASP F 379 49.23 34.46 -34.05
CA ASP F 379 48.49 35.48 -34.80
C ASP F 379 48.73 36.91 -34.30
N LEU F 380 49.11 37.05 -33.03
CA LEU F 380 49.36 38.37 -32.45
C LEU F 380 50.83 38.72 -32.72
N TYR F 381 51.72 37.78 -32.40
CA TYR F 381 53.15 37.99 -32.58
C TYR F 381 53.49 38.29 -34.04
N LYS F 382 52.70 37.75 -34.95
CA LYS F 382 52.92 38.00 -36.38
C LYS F 382 52.88 39.50 -36.61
N GLU F 383 51.86 40.14 -36.04
CA GLU F 383 51.66 41.58 -36.13
C GLU F 383 52.80 42.34 -35.49
N MET F 384 53.25 41.87 -34.32
CA MET F 384 54.32 42.52 -33.59
C MET F 384 55.67 42.45 -34.27
N LYS F 385 56.08 41.27 -34.73
CA LYS F 385 57.39 41.17 -35.39
C LYS F 385 57.35 41.91 -36.74
N ALA F 386 56.14 42.15 -37.23
CA ALA F 386 55.97 42.87 -38.48
C ALA F 386 56.26 44.35 -38.23
N LEU F 387 55.99 44.82 -37.02
CA LEU F 387 56.23 46.20 -36.65
C LEU F 387 57.72 46.42 -36.42
N ALA F 388 58.34 45.52 -35.68
CA ALA F 388 59.76 45.60 -35.39
C ALA F 388 60.30 44.24 -34.96
N GLU F 389 61.53 43.95 -35.36
CA GLU F 389 62.15 42.68 -35.02
C GLU F 389 63.65 42.85 -34.74
N SER G 2 -46.87 16.48 -23.10
CA SER G 2 -46.65 17.91 -22.74
C SER G 2 -45.19 18.35 -22.72
N VAL G 3 -44.88 19.38 -23.50
CA VAL G 3 -43.54 19.92 -23.56
C VAL G 3 -43.65 21.44 -23.49
N ARG G 4 -43.07 22.02 -22.45
CA ARG G 4 -43.12 23.47 -22.27
C ARG G 4 -42.02 23.95 -21.32
N ILE G 5 -41.57 25.19 -21.53
CA ILE G 5 -40.55 25.78 -20.68
C ILE G 5 -41.35 26.52 -19.61
N VAL G 6 -40.91 26.41 -18.36
CA VAL G 6 -41.62 27.07 -17.28
C VAL G 6 -40.79 28.06 -16.49
N ASP G 7 -39.65 28.44 -17.05
CA ASP G 7 -38.76 29.38 -16.38
C ASP G 7 -37.46 29.58 -17.17
N VAL G 8 -36.83 30.75 -16.97
CA VAL G 8 -35.56 31.05 -17.61
C VAL G 8 -34.81 31.87 -16.57
N ARG G 9 -33.83 31.25 -15.93
CA ARG G 9 -33.07 31.91 -14.88
C ARG G 9 -31.75 32.54 -15.30
N GLU G 10 -31.37 33.60 -14.58
CA GLU G 10 -30.15 34.34 -14.84
C GLU G 10 -29.42 34.64 -13.54
N ILE G 11 -28.10 34.43 -13.53
CA ILE G 11 -27.22 34.73 -12.39
C ILE G 11 -25.91 35.22 -13.01
N THR G 12 -25.38 36.35 -12.56
CA THR G 12 -24.15 36.88 -13.13
C THR G 12 -22.89 36.46 -12.38
N LYS G 13 -22.08 35.66 -13.06
CA LYS G 13 -20.85 35.15 -12.50
C LYS G 13 -19.64 35.99 -12.89
N PRO G 14 -18.80 36.32 -11.90
CA PRO G 14 -17.60 37.12 -12.17
C PRO G 14 -16.52 36.21 -12.74
N ILE G 15 -15.66 36.76 -13.59
CA ILE G 15 -14.53 36.02 -14.17
C ILE G 15 -13.40 37.02 -14.41
N SER G 16 -13.27 37.92 -13.44
CA SER G 16 -12.30 39.01 -13.45
C SER G 16 -10.89 38.68 -13.00
N SER G 17 -9.92 39.37 -13.60
CA SER G 17 -8.53 39.20 -13.28
C SER G 17 -7.78 40.32 -13.99
N PRO G 18 -6.55 40.62 -13.53
CA PRO G 18 -5.72 41.68 -14.11
C PRO G 18 -5.24 41.29 -15.51
N ILE G 19 -5.81 40.20 -16.02
CA ILE G 19 -5.49 39.67 -17.35
C ILE G 19 -5.70 40.80 -18.39
N ARG G 20 -4.69 41.06 -19.22
CA ARG G 20 -4.78 42.15 -20.19
C ARG G 20 -4.25 41.84 -21.59
N ASN G 21 -4.98 42.29 -22.60
CA ASN G 21 -4.55 42.12 -23.98
C ASN G 21 -4.44 43.52 -24.56
N ALA G 22 -4.11 43.63 -25.85
CA ALA G 22 -3.91 44.92 -26.49
C ALA G 22 -5.06 45.86 -26.46
N TYR G 23 -6.25 45.36 -26.19
CA TYR G 23 -7.43 46.22 -26.21
C TYR G 23 -8.12 46.37 -24.88
N ILE G 24 -8.23 45.27 -24.16
CA ILE G 24 -8.97 45.25 -22.90
C ILE G 24 -8.23 44.58 -21.74
N ASP G 25 -8.71 44.84 -20.52
CA ASP G 25 -8.19 44.14 -19.35
C ASP G 25 -9.49 43.57 -18.76
N PHE G 26 -9.40 42.41 -18.11
CA PHE G 26 -10.58 41.75 -17.57
C PHE G 26 -10.94 42.09 -16.13
N THR G 27 -10.54 43.27 -15.69
CA THR G 27 -10.82 43.75 -14.35
C THR G 27 -12.28 43.62 -13.88
N LYS G 28 -13.24 43.92 -14.76
CA LYS G 28 -14.64 43.85 -14.38
C LYS G 28 -15.42 42.80 -15.18
N MET G 29 -14.70 41.91 -15.85
CA MET G 29 -15.35 40.89 -16.68
C MET G 29 -16.34 39.98 -15.96
N THR G 30 -17.49 39.77 -16.58
CA THR G 30 -18.55 38.94 -16.04
C THR G 30 -19.11 38.03 -17.13
N THR G 31 -20.05 37.16 -16.74
CA THR G 31 -20.69 36.26 -17.70
C THR G 31 -22.05 35.83 -17.16
N SER G 32 -22.99 35.53 -18.06
CA SER G 32 -24.31 35.11 -17.65
C SER G 32 -24.48 33.61 -17.68
N LEU G 33 -24.96 33.04 -16.58
CA LEU G 33 -25.22 31.61 -16.50
C LEU G 33 -26.74 31.50 -16.62
N VAL G 34 -27.18 30.76 -17.64
CA VAL G 34 -28.61 30.61 -17.89
C VAL G 34 -29.11 29.19 -17.76
N ALA G 35 -30.36 29.08 -17.33
CA ALA G 35 -31.00 27.77 -17.18
C ALA G 35 -32.39 27.81 -17.79
N VAL G 36 -32.65 26.86 -18.68
CA VAL G 36 -33.95 26.76 -19.31
C VAL G 36 -34.62 25.54 -18.68
N VAL G 37 -35.55 25.81 -17.77
CA VAL G 37 -36.27 24.78 -17.03
C VAL G 37 -37.52 24.31 -17.78
N THR G 38 -37.59 23.01 -18.04
CA THR G 38 -38.72 22.44 -18.75
C THR G 38 -39.55 21.60 -17.79
N ASP G 39 -40.67 21.07 -18.30
CA ASP G 39 -41.55 20.23 -17.50
C ASP G 39 -41.41 18.78 -17.93
N VAL G 40 -40.53 18.54 -18.90
CA VAL G 40 -40.33 17.18 -19.40
C VAL G 40 -39.48 16.42 -18.40
N VAL G 41 -39.80 15.15 -18.19
CA VAL G 41 -39.05 14.34 -17.24
C VAL G 41 -38.36 13.16 -17.91
N ARG G 42 -37.06 13.07 -17.66
CA ARG G 42 -36.22 12.00 -18.18
C ARG G 42 -35.41 11.51 -16.98
N GLU G 43 -35.51 10.21 -16.69
CA GLU G 43 -34.82 9.61 -15.55
C GLU G 43 -35.44 10.09 -14.25
N GLY G 44 -36.76 10.32 -14.26
CA GLY G 44 -37.46 10.78 -13.07
C GLY G 44 -37.02 12.16 -12.60
N LYS G 45 -36.23 12.83 -13.42
CA LYS G 45 -35.73 14.17 -13.09
C LYS G 45 -36.14 15.12 -14.22
N ARG G 46 -36.57 16.32 -13.85
CA ARG G 46 -36.99 17.31 -14.84
C ARG G 46 -35.77 17.74 -15.64
N VAL G 47 -35.92 17.83 -16.96
CA VAL G 47 -34.80 18.23 -17.81
C VAL G 47 -34.63 19.75 -17.82
N VAL G 48 -33.40 20.19 -17.56
CA VAL G 48 -33.07 21.61 -17.53
C VAL G 48 -31.88 21.90 -18.45
N GLY G 49 -32.03 22.90 -19.31
CA GLY G 49 -30.96 23.26 -20.21
C GLY G 49 -30.11 24.36 -19.59
N TYR G 50 -28.79 24.30 -19.80
CA TYR G 50 -27.89 25.29 -19.26
C TYR G 50 -27.03 25.94 -20.35
N GLY G 51 -26.54 27.13 -20.05
CA GLY G 51 -25.70 27.85 -20.98
C GLY G 51 -25.09 29.06 -20.32
N PHE G 52 -24.05 29.60 -20.94
CA PHE G 52 -23.39 30.79 -20.43
C PHE G 52 -22.65 31.43 -21.60
N ASN G 53 -22.41 32.74 -21.54
CA ASN G 53 -21.73 33.40 -22.64
C ASN G 53 -20.23 33.46 -22.44
N SER G 54 -19.51 33.43 -23.55
CA SER G 54 -18.05 33.46 -23.53
C SER G 54 -17.52 34.73 -22.87
N ASN G 55 -16.24 34.71 -22.55
CA ASN G 55 -15.58 35.85 -21.93
C ASN G 55 -15.42 37.00 -22.94
N GLY G 56 -15.25 38.22 -22.42
CA GLY G 56 -15.03 39.36 -23.28
C GLY G 56 -16.17 40.32 -23.54
N ARG G 57 -17.41 39.84 -23.53
CA ARG G 57 -18.53 40.72 -23.82
C ARG G 57 -19.41 41.04 -22.63
N TYR G 58 -19.09 40.50 -21.46
CA TYR G 58 -19.86 40.76 -20.23
C TYR G 58 -21.19 40.04 -20.19
N GLY G 59 -21.77 39.95 -18.99
CA GLY G 59 -23.05 39.30 -18.80
C GLY G 59 -24.18 40.13 -19.40
N GLN G 60 -25.32 39.50 -19.65
CA GLN G 60 -26.46 40.18 -20.23
C GLN G 60 -27.74 39.93 -19.44
N GLY G 61 -27.63 39.97 -18.11
CA GLY G 61 -28.79 39.74 -17.28
C GLY G 61 -29.97 40.63 -17.66
N GLY G 62 -29.73 41.93 -17.78
CA GLY G 62 -30.80 42.84 -18.13
C GLY G 62 -31.57 42.44 -19.37
N LEU G 63 -30.86 42.25 -20.48
CA LEU G 63 -31.49 41.88 -21.75
C LEU G 63 -32.22 40.55 -21.68
N ILE G 64 -31.59 39.56 -21.05
CA ILE G 64 -32.21 38.25 -20.92
C ILE G 64 -33.54 38.35 -20.19
N ARG G 65 -33.55 39.05 -19.07
CA ARG G 65 -34.77 39.16 -18.30
C ARG G 65 -35.85 40.08 -18.92
N GLU G 66 -35.49 41.31 -19.24
CA GLU G 66 -36.46 42.27 -19.79
C GLU G 66 -37.01 42.06 -21.20
N ARG G 67 -36.22 41.46 -22.08
CA ARG G 67 -36.70 41.30 -23.46
C ARG G 67 -36.83 39.91 -24.05
N PHE G 68 -35.80 39.09 -23.91
CA PHE G 68 -35.80 37.76 -24.50
C PHE G 68 -36.37 36.59 -23.68
N ALA G 69 -35.90 36.41 -22.45
CA ALA G 69 -36.43 35.32 -21.63
C ALA G 69 -37.95 35.42 -21.47
N SER G 70 -38.47 36.64 -21.64
CA SER G 70 -39.89 36.89 -21.50
C SER G 70 -40.76 36.56 -22.72
N ARG G 71 -40.28 36.84 -23.92
CA ARG G 71 -41.09 36.54 -25.11
C ARG G 71 -41.33 35.04 -25.19
N ILE G 72 -40.35 34.30 -24.70
CA ILE G 72 -40.37 32.84 -24.68
C ILE G 72 -41.43 32.32 -23.70
N LEU G 73 -41.31 32.72 -22.43
CA LEU G 73 -42.25 32.32 -21.39
C LEU G 73 -43.67 32.87 -21.63
N GLU G 74 -43.81 33.78 -22.58
CA GLU G 74 -45.11 34.37 -22.89
C GLU G 74 -45.68 33.79 -24.17
N ALA G 75 -44.90 32.96 -24.84
CA ALA G 75 -45.33 32.36 -26.09
C ALA G 75 -46.16 31.12 -25.89
N ASP G 76 -47.08 30.90 -26.84
CA ASP G 76 -47.96 29.73 -26.84
C ASP G 76 -47.07 28.49 -27.00
N PRO G 77 -46.77 27.77 -25.89
CA PRO G 77 -45.92 26.57 -25.96
C PRO G 77 -46.31 25.56 -27.02
N LYS G 78 -47.57 25.57 -27.42
CA LYS G 78 -48.02 24.66 -28.46
C LYS G 78 -47.68 25.20 -29.85
N LYS G 79 -46.82 26.20 -29.90
CA LYS G 79 -46.32 26.77 -31.16
C LYS G 79 -44.79 26.78 -31.18
N LEU G 80 -44.17 26.11 -30.22
CA LEU G 80 -42.72 26.04 -30.13
C LEU G 80 -42.23 24.59 -30.22
N LEU G 81 -43.06 23.72 -30.77
CA LEU G 81 -42.71 22.32 -30.87
C LEU G 81 -42.48 21.86 -32.31
N ASN G 82 -41.80 20.72 -32.43
CA ASN G 82 -41.52 20.15 -33.74
C ASN G 82 -42.80 19.53 -34.32
N GLU G 83 -42.68 18.87 -35.47
CA GLU G 83 -43.83 18.24 -36.10
C GLU G 83 -44.50 17.25 -35.17
N ALA G 84 -43.71 16.35 -34.61
CA ALA G 84 -44.21 15.32 -33.70
C ALA G 84 -44.79 15.90 -32.41
N GLY G 85 -44.39 17.12 -32.06
CA GLY G 85 -44.89 17.73 -30.85
C GLY G 85 -44.33 17.08 -29.60
N ASP G 86 -43.27 16.31 -29.74
CA ASP G 86 -42.66 15.64 -28.59
C ASP G 86 -41.39 16.33 -28.10
N ASN G 87 -41.02 17.44 -28.73
CA ASN G 87 -39.81 18.17 -28.33
C ASN G 87 -39.90 19.60 -28.83
N LEU G 88 -39.07 20.46 -28.23
CA LEU G 88 -39.01 21.86 -28.60
C LEU G 88 -38.32 22.03 -29.96
N ASP G 89 -38.76 23.01 -30.73
CA ASP G 89 -38.12 23.31 -32.01
C ASP G 89 -37.23 24.52 -31.74
N PRO G 90 -35.91 24.33 -31.75
CA PRO G 90 -34.95 25.41 -31.49
C PRO G 90 -35.25 26.68 -32.29
N ASP G 91 -35.46 26.52 -33.59
CA ASP G 91 -35.74 27.64 -34.48
C ASP G 91 -37.03 28.37 -34.15
N LYS G 92 -38.03 27.64 -33.69
CA LYS G 92 -39.29 28.28 -33.34
C LYS G 92 -39.10 29.13 -32.08
N VAL G 93 -38.31 28.62 -31.14
CA VAL G 93 -38.03 29.33 -29.90
C VAL G 93 -37.22 30.58 -30.24
N TRP G 94 -36.25 30.42 -31.13
CA TRP G 94 -35.39 31.52 -31.57
C TRP G 94 -36.28 32.61 -32.17
N ALA G 95 -37.11 32.23 -33.13
CA ALA G 95 -38.00 33.17 -33.80
C ALA G 95 -38.87 33.87 -32.76
N ALA G 96 -39.30 33.10 -31.78
CA ALA G 96 -40.15 33.62 -30.71
C ALA G 96 -39.46 34.76 -29.96
N MET G 97 -38.18 34.59 -29.61
CA MET G 97 -37.52 35.65 -28.88
C MET G 97 -36.98 36.79 -29.73
N MET G 98 -37.03 36.64 -31.04
CA MET G 98 -36.55 37.69 -31.94
C MET G 98 -37.66 38.55 -32.55
N ILE G 99 -38.91 38.34 -32.12
CA ILE G 99 -39.99 39.16 -32.66
C ILE G 99 -39.84 40.60 -32.17
N ASN G 100 -40.12 41.55 -33.06
CA ASN G 100 -40.03 42.97 -32.73
C ASN G 100 -38.60 43.47 -32.46
N GLU G 101 -37.64 42.84 -33.10
CA GLU G 101 -36.24 43.23 -32.99
C GLU G 101 -35.87 43.79 -34.36
N LYS G 102 -35.50 45.08 -34.42
CA LYS G 102 -35.14 45.70 -35.69
C LYS G 102 -33.78 45.22 -36.18
N PRO G 103 -33.58 45.21 -37.51
CA PRO G 103 -32.32 44.74 -38.12
C PRO G 103 -31.09 45.58 -37.73
N GLY G 104 -29.92 45.02 -37.97
CA GLY G 104 -28.70 45.72 -37.62
C GLY G 104 -28.50 45.77 -36.13
N GLY G 105 -27.44 46.45 -35.68
CA GLY G 105 -27.17 46.55 -34.25
C GLY G 105 -26.93 45.21 -33.60
N HIS G 106 -26.16 44.36 -34.27
CA HIS G 106 -25.88 43.05 -33.74
C HIS G 106 -24.81 43.04 -32.68
N GLY G 107 -25.24 43.28 -31.44
CA GLY G 107 -24.36 43.30 -30.29
C GLY G 107 -25.13 43.29 -28.98
N GLU G 108 -24.51 42.76 -27.92
CA GLU G 108 -25.14 42.67 -26.60
C GLU G 108 -26.34 41.72 -26.62
N ARG G 109 -27.40 42.09 -27.34
CA ARG G 109 -28.58 41.25 -27.43
C ARG G 109 -28.23 39.94 -28.12
N SER G 110 -27.19 39.96 -28.96
CA SER G 110 -26.74 38.78 -29.67
C SER G 110 -26.13 37.81 -28.67
N VAL G 111 -25.63 38.36 -27.56
CA VAL G 111 -25.02 37.55 -26.50
C VAL G 111 -26.15 36.97 -25.65
N ALA G 112 -27.16 37.78 -25.38
CA ALA G 112 -28.29 37.32 -24.59
C ALA G 112 -29.01 36.19 -25.32
N VAL G 113 -29.41 36.42 -26.56
CA VAL G 113 -30.09 35.40 -27.34
C VAL G 113 -29.19 34.18 -27.53
N GLY G 114 -27.92 34.42 -27.80
CA GLY G 114 -26.98 33.32 -27.99
C GLY G 114 -26.87 32.40 -26.78
N THR G 115 -26.81 32.98 -25.58
CA THR G 115 -26.69 32.19 -24.38
C THR G 115 -28.00 31.46 -24.05
N ILE G 116 -29.15 32.07 -24.34
CA ILE G 116 -30.43 31.40 -24.11
C ILE G 116 -30.55 30.24 -25.10
N ASP G 117 -30.16 30.51 -26.34
CA ASP G 117 -30.19 29.51 -27.40
C ASP G 117 -29.36 28.29 -27.00
N MET G 118 -28.23 28.52 -26.34
CA MET G 118 -27.37 27.42 -25.91
C MET G 118 -28.17 26.48 -25.02
N ALA G 119 -28.85 27.05 -24.04
CA ALA G 119 -29.67 26.30 -23.11
C ALA G 119 -30.82 25.59 -23.82
N VAL G 120 -31.47 26.27 -24.76
CA VAL G 120 -32.57 25.66 -25.49
C VAL G 120 -32.13 24.39 -26.21
N TRP G 121 -31.01 24.45 -26.91
CA TRP G 121 -30.52 23.25 -27.60
C TRP G 121 -30.12 22.17 -26.62
N ASP G 122 -29.58 22.57 -25.48
CA ASP G 122 -29.16 21.62 -24.45
C ASP G 122 -30.39 20.83 -24.00
N ALA G 123 -31.49 21.54 -23.79
CA ALA G 123 -32.74 20.94 -23.38
C ALA G 123 -33.26 20.00 -24.46
N VAL G 124 -33.34 20.50 -25.69
CA VAL G 124 -33.83 19.72 -26.82
C VAL G 124 -33.09 18.39 -26.95
N ALA G 125 -31.77 18.43 -26.89
CA ALA G 125 -30.97 17.22 -27.00
C ALA G 125 -31.27 16.28 -25.84
N LYS G 126 -31.42 16.83 -24.65
CA LYS G 126 -31.73 16.03 -23.46
C LYS G 126 -33.11 15.38 -23.61
N ILE G 127 -34.08 16.14 -24.09
CA ILE G 127 -35.42 15.63 -24.29
C ILE G 127 -35.40 14.50 -25.32
N ALA G 128 -34.47 14.57 -26.27
CA ALA G 128 -34.36 13.56 -27.31
C ALA G 128 -33.45 12.41 -26.87
N GLY G 129 -32.88 12.56 -25.68
CA GLY G 129 -32.00 11.54 -25.14
C GLY G 129 -30.71 11.30 -25.91
N LYS G 130 -30.22 12.33 -26.59
CA LYS G 130 -28.98 12.18 -27.37
C LYS G 130 -27.99 13.28 -27.04
N PRO G 131 -26.71 13.06 -27.34
CA PRO G 131 -25.71 14.10 -27.06
C PRO G 131 -25.97 15.15 -28.15
N LEU G 132 -25.93 16.43 -27.79
CA LEU G 132 -26.20 17.47 -28.77
C LEU G 132 -25.47 17.28 -30.11
N PHE G 133 -24.18 16.94 -30.06
CA PHE G 133 -23.44 16.77 -31.29
C PHE G 133 -23.97 15.64 -32.16
N ARG G 134 -24.54 14.60 -31.55
CA ARG G 134 -25.09 13.48 -32.31
C ARG G 134 -26.38 13.95 -32.97
N LEU G 135 -27.20 14.65 -32.20
CA LEU G 135 -28.47 15.15 -32.69
C LEU G 135 -28.27 16.12 -33.85
N LEU G 136 -27.21 16.92 -33.78
CA LEU G 136 -26.89 17.89 -34.82
C LEU G 136 -26.53 17.18 -36.11
N ALA G 137 -25.61 16.23 -36.02
CA ALA G 137 -25.20 15.49 -37.20
C ALA G 137 -26.42 14.86 -37.85
N GLU G 138 -27.28 14.25 -37.04
CA GLU G 138 -28.49 13.61 -37.52
C GLU G 138 -29.32 14.61 -38.33
N ARG G 139 -29.65 15.74 -37.71
CA ARG G 139 -30.45 16.76 -38.36
C ARG G 139 -29.87 17.21 -39.70
N HIS G 140 -28.54 17.10 -39.84
CA HIS G 140 -27.87 17.51 -41.07
C HIS G 140 -27.61 16.34 -41.99
N GLY G 141 -27.96 15.14 -41.55
CA GLY G 141 -27.74 13.96 -42.37
C GLY G 141 -26.26 13.66 -42.61
N VAL G 142 -25.48 13.74 -41.55
CA VAL G 142 -24.05 13.47 -41.64
C VAL G 142 -23.64 12.68 -40.41
N LYS G 143 -22.41 12.17 -40.41
CA LYS G 143 -21.89 11.40 -39.28
C LYS G 143 -21.01 12.27 -38.38
N ALA G 144 -21.30 12.28 -37.08
CA ALA G 144 -20.53 13.07 -36.13
C ALA G 144 -19.15 12.45 -35.81
N ASN G 145 -18.17 13.30 -35.52
CA ASN G 145 -16.83 12.85 -35.18
C ASN G 145 -16.54 13.46 -33.83
N PRO G 146 -16.51 12.62 -32.78
CA PRO G 146 -16.25 13.08 -31.41
C PRO G 146 -14.80 13.48 -31.10
N ARG G 147 -13.89 13.41 -32.06
CA ARG G 147 -12.52 13.83 -31.80
C ARG G 147 -12.34 15.30 -32.26
N VAL G 148 -12.51 16.23 -31.31
CA VAL G 148 -12.42 17.66 -31.57
C VAL G 148 -11.09 18.29 -31.22
N PHE G 149 -10.53 19.03 -32.17
CA PHE G 149 -9.26 19.72 -31.97
C PHE G 149 -9.47 20.90 -31.05
N VAL G 150 -8.56 21.08 -30.10
CA VAL G 150 -8.63 22.19 -29.15
C VAL G 150 -7.24 22.79 -28.93
N TYR G 151 -7.20 24.10 -28.75
CA TYR G 151 -5.93 24.79 -28.54
C TYR G 151 -6.05 25.59 -27.26
N ALA G 152 -4.93 25.79 -26.59
CA ALA G 152 -4.92 26.55 -25.34
C ALA G 152 -4.67 28.03 -25.60
N ALA G 153 -5.58 28.87 -25.13
CA ALA G 153 -5.45 30.30 -25.31
C ALA G 153 -5.11 31.04 -24.01
N GLY G 154 -4.02 31.79 -24.03
CA GLY G 154 -3.63 32.54 -22.85
C GLY G 154 -2.57 33.55 -23.25
N GLY G 155 -1.44 33.53 -22.55
CA GLY G 155 -0.35 34.44 -22.85
C GLY G 155 -0.75 35.89 -22.70
N TYR G 156 -1.54 36.19 -21.68
CA TYR G 156 -1.98 37.55 -21.45
C TYR G 156 -0.86 38.38 -20.82
N TYR G 157 -1.04 39.69 -20.83
CA TYR G 157 -0.08 40.62 -20.22
C TYR G 157 -0.60 40.69 -18.81
N TYR G 158 0.28 40.49 -17.83
CA TYR G 158 -0.13 40.54 -16.45
C TYR G 158 0.86 41.41 -15.68
N PRO G 159 0.38 42.20 -14.71
CA PRO G 159 1.32 43.04 -13.96
C PRO G 159 2.41 42.21 -13.25
N GLY G 160 3.66 42.46 -13.62
CA GLY G 160 4.77 41.74 -13.02
C GLY G 160 5.08 40.40 -13.66
N LYS G 161 4.42 40.10 -14.79
CA LYS G 161 4.64 38.82 -15.48
C LYS G 161 5.80 38.95 -16.47
N GLY G 162 6.84 38.13 -16.30
CA GLY G 162 8.00 38.19 -17.18
C GLY G 162 8.10 37.00 -18.11
N LEU G 163 9.18 36.94 -18.89
CA LEU G 163 9.38 35.84 -19.82
C LEU G 163 9.34 34.51 -19.09
N SER G 164 9.87 34.51 -17.89
CA SER G 164 9.90 33.32 -17.06
C SER G 164 8.50 32.74 -16.93
N MET G 165 7.58 33.52 -16.37
CA MET G 165 6.21 33.07 -16.18
C MET G 165 5.47 32.75 -17.48
N LEU G 166 5.66 33.58 -18.50
CA LEU G 166 5.02 33.35 -19.78
C LEU G 166 5.36 31.92 -20.17
N ARG G 167 6.65 31.63 -20.13
CA ARG G 167 7.17 30.31 -20.46
C ARG G 167 6.47 29.23 -19.63
N GLY G 168 6.37 29.48 -18.34
CA GLY G 168 5.72 28.53 -17.45
C GLY G 168 4.31 28.25 -17.88
N GLU G 169 3.55 29.31 -18.13
CA GLU G 169 2.15 29.19 -18.55
C GLU G 169 2.03 28.25 -19.76
N MET G 170 2.82 28.53 -20.79
CA MET G 170 2.80 27.72 -22.00
C MET G 170 3.14 26.27 -21.71
N ARG G 171 4.25 26.04 -21.01
CA ARG G 171 4.66 24.68 -20.68
C ARG G 171 3.54 24.00 -19.93
N GLY G 172 2.85 24.75 -19.09
CA GLY G 172 1.73 24.19 -18.36
C GLY G 172 0.68 23.65 -19.32
N TYR G 173 0.44 24.36 -20.41
CA TYR G 173 -0.54 23.93 -21.40
C TYR G 173 -0.06 22.65 -22.09
N LEU G 174 1.21 22.63 -22.50
CA LEU G 174 1.75 21.45 -23.15
C LEU G 174 1.67 20.25 -22.22
N ASP G 175 1.88 20.47 -20.94
CA ASP G 175 1.83 19.39 -19.96
C ASP G 175 0.44 18.78 -19.97
N ARG G 176 -0.56 19.60 -20.30
CA ARG G 176 -1.93 19.13 -20.36
C ARG G 176 -2.35 18.54 -21.70
N GLY G 177 -1.37 18.30 -22.56
CA GLY G 177 -1.66 17.69 -23.83
C GLY G 177 -1.96 18.58 -25.02
N TYR G 178 -1.95 19.89 -24.83
CA TYR G 178 -2.21 20.84 -25.92
C TYR G 178 -0.99 20.99 -26.81
N ASN G 179 -1.18 20.98 -28.13
CA ASN G 179 -0.05 21.15 -29.04
C ASN G 179 -0.14 22.45 -29.84
N VAL G 180 -1.08 23.32 -29.47
CA VAL G 180 -1.20 24.62 -30.09
C VAL G 180 -1.63 25.56 -28.97
N VAL G 181 -0.88 26.65 -28.81
CA VAL G 181 -1.21 27.65 -27.79
C VAL G 181 -1.20 29.05 -28.40
N LYS G 182 -2.01 29.95 -27.86
CA LYS G 182 -2.08 31.31 -28.35
C LYS G 182 -1.77 32.35 -27.25
N MET G 183 -0.97 33.36 -27.60
CA MET G 183 -0.57 34.45 -26.69
C MET G 183 -0.99 35.83 -27.25
N LYS G 184 -1.27 36.77 -26.36
CA LYS G 184 -1.69 38.12 -26.78
C LYS G 184 -0.49 38.97 -27.26
N ILE G 185 -0.73 39.92 -28.17
CA ILE G 185 0.32 40.83 -28.61
C ILE G 185 -0.23 42.22 -28.84
N GLY G 186 0.66 43.19 -29.07
CA GLY G 186 0.23 44.56 -29.26
C GLY G 186 -0.11 45.28 -27.96
N GLY G 187 0.23 44.64 -26.85
CA GLY G 187 -0.01 45.21 -25.54
C GLY G 187 1.29 45.78 -25.00
N ALA G 188 2.31 45.84 -25.86
CA ALA G 188 3.60 46.38 -25.49
C ALA G 188 4.44 46.71 -26.73
N PRO G 189 5.52 47.46 -26.56
CA PRO G 189 6.40 47.83 -27.69
C PRO G 189 6.60 46.63 -28.60
N ILE G 190 6.73 46.87 -29.91
CA ILE G 190 6.89 45.75 -30.84
C ILE G 190 8.14 44.92 -30.59
N GLU G 191 9.25 45.56 -30.24
CA GLU G 191 10.47 44.84 -29.97
C GLU G 191 10.39 44.10 -28.64
N GLU G 192 9.53 44.58 -27.75
CA GLU G 192 9.35 43.92 -26.49
C GLU G 192 8.58 42.65 -26.83
N ASP G 193 7.55 42.81 -27.67
CA ASP G 193 6.70 41.70 -28.11
C ASP G 193 7.47 40.62 -28.88
N ARG G 194 8.45 41.03 -29.67
CA ARG G 194 9.23 40.06 -30.41
C ARG G 194 9.92 39.14 -29.42
N MET G 195 10.41 39.72 -28.33
CA MET G 195 11.10 38.93 -27.33
C MET G 195 10.16 37.98 -26.62
N ARG G 196 8.95 38.45 -26.30
CA ARG G 196 7.99 37.58 -25.65
C ARG G 196 7.76 36.38 -26.56
N ILE G 197 7.55 36.66 -27.85
CA ILE G 197 7.30 35.62 -28.83
C ILE G 197 8.45 34.64 -28.88
N GLU G 198 9.67 35.15 -29.03
CA GLU G 198 10.86 34.28 -29.09
C GLU G 198 10.96 33.43 -27.81
N ALA G 199 10.52 33.98 -26.70
CA ALA G 199 10.55 33.26 -25.44
C ALA G 199 9.76 31.98 -25.61
N VAL G 200 8.48 32.12 -25.98
CA VAL G 200 7.59 30.97 -26.17
C VAL G 200 8.04 29.99 -27.27
N LEU G 201 8.43 30.49 -28.43
CA LEU G 201 8.89 29.61 -29.49
C LEU G 201 9.97 28.70 -28.95
N GLU G 202 10.77 29.23 -28.01
CA GLU G 202 11.87 28.51 -27.37
C GLU G 202 11.36 27.46 -26.38
N GLU G 203 10.48 27.90 -25.50
CA GLU G 203 9.90 27.04 -24.49
C GLU G 203 9.20 25.82 -25.06
N ILE G 204 8.35 26.03 -26.07
CA ILE G 204 7.59 24.93 -26.68
C ILE G 204 8.41 24.15 -27.71
N GLY G 205 9.51 24.75 -28.16
CA GLY G 205 10.36 24.07 -29.13
C GLY G 205 9.60 23.43 -30.27
N LYS G 206 9.72 22.12 -30.40
CA LYS G 206 9.04 21.40 -31.47
C LYS G 206 7.85 20.59 -30.98
N ASP G 207 7.40 20.85 -29.76
CA ASP G 207 6.27 20.11 -29.20
C ASP G 207 4.94 20.85 -29.40
N ALA G 208 5.00 22.07 -29.90
CA ALA G 208 3.79 22.84 -30.10
C ALA G 208 4.00 24.02 -31.03
N GLN G 209 2.89 24.58 -31.51
CA GLN G 209 2.93 25.72 -32.40
C GLN G 209 2.31 26.91 -31.68
N LEU G 210 2.77 28.10 -32.04
CA LEU G 210 2.28 29.33 -31.41
C LEU G 210 1.39 30.22 -32.28
N ALA G 211 0.36 30.78 -31.67
CA ALA G 211 -0.54 31.68 -32.35
C ALA G 211 -0.56 33.00 -31.56
N VAL G 212 -0.54 34.13 -32.29
CA VAL G 212 -0.57 35.45 -31.64
C VAL G 212 -1.90 36.15 -31.92
N ASP G 213 -2.37 36.92 -30.95
CA ASP G 213 -3.64 37.62 -31.06
C ASP G 213 -3.48 39.11 -30.67
N ALA G 214 -3.72 40.01 -31.63
CA ALA G 214 -3.62 41.45 -31.40
C ALA G 214 -4.94 42.07 -30.94
N ASN G 215 -5.97 41.24 -30.81
CA ASN G 215 -7.27 41.74 -30.36
C ASN G 215 -7.85 42.93 -31.10
N GLY G 216 -7.56 43.02 -32.39
CA GLY G 216 -8.05 44.10 -33.23
C GLY G 216 -7.65 45.51 -32.84
N ARG G 217 -6.47 45.64 -32.24
CA ARG G 217 -5.98 46.93 -31.77
C ARG G 217 -5.21 47.73 -32.83
N PHE G 218 -4.59 47.06 -33.78
CA PHE G 218 -3.77 47.75 -34.77
C PHE G 218 -4.45 48.52 -35.92
N ASN G 219 -3.78 49.58 -36.36
CA ASN G 219 -4.25 50.35 -37.51
C ASN G 219 -3.48 49.71 -38.67
N LEU G 220 -3.69 50.16 -39.90
CA LEU G 220 -3.01 49.51 -41.01
C LEU G 220 -1.49 49.45 -40.90
N GLU G 221 -0.86 50.58 -40.62
CA GLU G 221 0.60 50.62 -40.53
C GLU G 221 1.18 49.75 -39.41
N THR G 222 0.55 49.79 -38.24
CA THR G 222 1.03 48.99 -37.13
C THR G 222 0.84 47.50 -37.49
N GLY G 223 -0.30 47.18 -38.08
CA GLY G 223 -0.57 45.80 -38.47
C GLY G 223 0.50 45.29 -39.40
N ILE G 224 0.94 46.14 -40.32
CA ILE G 224 1.96 45.77 -41.28
C ILE G 224 3.32 45.63 -40.61
N ALA G 225 3.61 46.51 -39.67
CA ALA G 225 4.88 46.49 -38.95
C ALA G 225 5.00 45.15 -38.22
N TYR G 226 3.95 44.80 -37.48
CA TYR G 226 3.92 43.54 -36.77
C TYR G 226 3.98 42.36 -37.74
N ALA G 227 3.37 42.53 -38.91
CA ALA G 227 3.37 41.46 -39.90
C ALA G 227 4.79 41.15 -40.34
N LYS G 228 5.55 42.20 -40.64
CA LYS G 228 6.93 42.02 -41.08
C LYS G 228 7.78 41.36 -40.00
N MET G 229 7.46 41.63 -38.74
CA MET G 229 8.17 41.06 -37.60
C MET G 229 7.71 39.63 -37.38
N LEU G 230 6.39 39.45 -37.35
CA LEU G 230 5.77 38.14 -37.14
C LEU G 230 6.07 37.08 -38.22
N ARG G 231 6.10 37.49 -39.48
CA ARG G 231 6.32 36.54 -40.56
C ARG G 231 7.64 35.80 -40.56
N ASP G 232 8.60 36.26 -39.78
CA ASP G 232 9.89 35.58 -39.73
C ASP G 232 9.84 34.36 -38.80
N TYR G 233 8.74 34.21 -38.07
CA TYR G 233 8.57 33.08 -37.16
C TYR G 233 7.50 32.15 -37.71
N PRO G 234 7.63 30.84 -37.43
CA PRO G 234 6.67 29.84 -37.90
C PRO G 234 5.39 29.78 -37.06
N LEU G 235 4.67 30.90 -37.01
CA LEU G 235 3.44 30.98 -36.24
C LEU G 235 2.26 30.19 -36.83
N PHE G 236 1.35 29.77 -35.95
CA PHE G 236 0.18 29.00 -36.36
C PHE G 236 -0.81 29.95 -37.02
N TRP G 237 -0.97 31.13 -36.42
CA TRP G 237 -1.83 32.15 -36.98
C TRP G 237 -1.67 33.52 -36.33
N TYR G 238 -2.03 34.56 -37.09
CA TYR G 238 -1.96 35.96 -36.67
C TYR G 238 -3.44 36.34 -36.58
N GLU G 239 -3.94 36.54 -35.36
CA GLU G 239 -5.36 36.80 -35.13
C GLU G 239 -5.78 38.23 -34.91
N GLU G 240 -6.97 38.55 -35.41
CA GLU G 240 -7.60 39.86 -35.30
C GLU G 240 -6.61 41.04 -35.29
N VAL G 241 -5.96 41.26 -36.43
CA VAL G 241 -4.99 42.32 -36.58
C VAL G 241 -5.57 43.71 -36.32
N GLY G 242 -6.58 44.09 -37.10
CA GLY G 242 -7.20 45.40 -36.93
C GLY G 242 -8.62 45.30 -36.43
N ASP G 243 -9.34 46.42 -36.46
CA ASP G 243 -10.73 46.46 -36.03
C ASP G 243 -11.52 45.34 -36.74
N PRO G 244 -12.44 44.69 -36.00
CA PRO G 244 -13.26 43.59 -36.53
C PRO G 244 -14.04 43.96 -37.80
N LEU G 245 -14.44 45.22 -37.90
CA LEU G 245 -15.23 45.68 -39.04
C LEU G 245 -14.45 46.37 -40.16
N ASP G 246 -13.13 46.50 -40.03
CA ASP G 246 -12.32 47.15 -41.05
C ASP G 246 -11.84 46.10 -42.03
N TYR G 247 -12.77 45.60 -42.82
CA TYR G 247 -12.48 44.56 -43.81
C TYR G 247 -11.38 44.96 -44.78
N ALA G 248 -11.34 46.24 -45.15
CA ALA G 248 -10.30 46.70 -46.08
C ALA G 248 -8.92 46.51 -45.47
N LEU G 249 -8.77 46.78 -44.17
CA LEU G 249 -7.50 46.60 -43.49
C LEU G 249 -7.09 45.15 -43.56
N GLN G 250 -8.00 44.26 -43.15
CA GLN G 250 -7.72 42.84 -43.20
C GLN G 250 -7.27 42.42 -44.60
N ALA G 251 -7.96 42.90 -45.63
CA ALA G 251 -7.60 42.53 -47.01
C ALA G 251 -6.21 42.99 -47.42
N ALA G 252 -5.84 44.21 -47.01
CA ALA G 252 -4.53 44.76 -47.35
C ALA G 252 -3.38 43.97 -46.72
N LEU G 253 -3.65 43.29 -45.61
CA LEU G 253 -2.63 42.50 -44.94
C LEU G 253 -2.11 41.29 -45.72
N ALA G 254 -2.94 40.72 -46.59
CA ALA G 254 -2.51 39.54 -47.35
C ALA G 254 -1.24 39.78 -48.14
N GLU G 255 -0.98 41.02 -48.52
CA GLU G 255 0.22 41.35 -49.28
C GLU G 255 1.49 41.28 -48.45
N PHE G 256 1.35 41.37 -47.14
CA PHE G 256 2.52 41.36 -46.26
C PHE G 256 2.62 40.14 -45.36
N TYR G 257 1.54 39.36 -45.26
CA TYR G 257 1.54 38.18 -44.38
C TYR G 257 0.96 36.95 -45.06
N PRO G 258 1.83 36.11 -45.64
CA PRO G 258 1.46 34.87 -46.33
C PRO G 258 0.88 33.82 -45.40
N GLY G 259 1.38 33.80 -44.17
CA GLY G 259 0.93 32.84 -43.18
C GLY G 259 -0.52 33.00 -42.77
N PRO G 260 -1.13 31.93 -42.25
CA PRO G 260 -2.53 32.01 -41.84
C PRO G 260 -2.90 33.11 -40.86
N MET G 261 -4.05 33.73 -41.10
CA MET G 261 -4.56 34.76 -40.23
C MET G 261 -5.94 34.30 -39.74
N ALA G 262 -6.46 34.96 -38.71
CA ALA G 262 -7.75 34.60 -38.15
C ALA G 262 -8.48 35.80 -37.63
N THR G 263 -9.80 35.72 -37.58
CA THR G 263 -10.59 36.83 -37.05
C THR G 263 -12.03 36.37 -36.99
N GLY G 264 -12.90 37.19 -36.43
CA GLY G 264 -14.31 36.82 -36.39
C GLY G 264 -14.97 36.73 -35.04
N GLU G 265 -14.18 36.60 -33.97
CA GLU G 265 -14.76 36.50 -32.64
C GLU G 265 -15.67 37.66 -32.30
N ASN G 266 -15.40 38.82 -32.88
CA ASN G 266 -16.23 39.99 -32.60
C ASN G 266 -17.27 40.35 -33.64
N LEU G 267 -17.58 39.41 -34.54
CA LEU G 267 -18.65 39.61 -35.52
C LEU G 267 -19.77 38.74 -34.98
N PHE G 268 -20.93 39.32 -34.73
CA PHE G 268 -22.03 38.57 -34.12
C PHE G 268 -23.29 38.26 -34.90
N SER G 269 -23.20 38.18 -36.22
CA SER G 269 -24.39 37.88 -37.03
C SER G 269 -23.97 37.27 -38.35
N HIS G 270 -24.88 36.55 -39.02
CA HIS G 270 -24.52 35.97 -40.30
C HIS G 270 -24.31 37.11 -41.31
N GLN G 271 -25.01 38.23 -41.12
CA GLN G 271 -24.83 39.38 -42.01
C GLN G 271 -23.40 39.92 -41.89
N ASP G 272 -22.89 40.02 -40.65
CA ASP G 272 -21.55 40.54 -40.44
C ASP G 272 -20.54 39.52 -40.96
N ALA G 273 -20.85 38.25 -40.81
CA ALA G 273 -19.95 37.21 -41.30
C ALA G 273 -19.90 37.30 -42.81
N ARG G 274 -21.05 37.55 -43.42
CA ARG G 274 -21.11 37.65 -44.86
C ARG G 274 -20.25 38.81 -45.37
N ASN G 275 -20.25 39.92 -44.63
CA ASN G 275 -19.45 41.06 -45.03
C ASN G 275 -17.96 40.75 -44.95
N LEU G 276 -17.56 39.96 -43.95
CA LEU G 276 -16.15 39.59 -43.82
C LEU G 276 -15.75 38.76 -45.02
N LEU G 277 -16.61 37.83 -45.41
CA LEU G 277 -16.27 36.98 -46.55
C LEU G 277 -16.29 37.74 -47.88
N ARG G 278 -17.10 38.79 -47.95
CA ARG G 278 -17.20 39.62 -49.16
C ARG G 278 -16.06 40.61 -49.30
N TYR G 279 -15.68 41.25 -48.20
CA TYR G 279 -14.66 42.29 -48.27
C TYR G 279 -13.32 42.11 -47.54
N GLY G 280 -13.26 41.13 -46.63
CA GLY G 280 -12.05 40.90 -45.86
C GLY G 280 -10.83 40.37 -46.60
N GLY G 281 -11.02 39.85 -47.80
CA GLY G 281 -9.89 39.34 -48.54
C GLY G 281 -9.14 38.21 -47.85
N MET G 282 -9.85 37.40 -47.06
CA MET G 282 -9.19 36.30 -46.39
C MET G 282 -8.98 35.11 -47.32
N ARG G 283 -7.97 34.28 -47.02
CA ARG G 283 -7.65 33.13 -47.85
C ARG G 283 -8.37 31.90 -47.32
N PRO G 284 -9.41 31.43 -48.04
CA PRO G 284 -10.18 30.25 -47.61
C PRO G 284 -9.42 28.92 -47.49
N ASP G 285 -8.22 28.84 -48.02
CA ASP G 285 -7.45 27.60 -47.91
C ASP G 285 -6.62 27.55 -46.63
N ARG G 286 -6.46 28.66 -45.94
CA ARG G 286 -5.62 28.63 -44.74
C ARG G 286 -6.01 29.52 -43.56
N ASP G 287 -6.94 30.46 -43.75
CA ASP G 287 -7.31 31.31 -42.64
C ASP G 287 -8.39 30.67 -41.77
N TRP G 288 -8.67 31.28 -40.62
CA TRP G 288 -9.67 30.73 -39.71
C TRP G 288 -10.74 31.72 -39.32
N LEU G 289 -11.98 31.27 -39.28
CA LEU G 289 -13.12 32.09 -38.90
C LEU G 289 -13.49 31.73 -37.47
N GLN G 290 -13.46 32.72 -36.59
CA GLN G 290 -13.71 32.49 -35.18
C GLN G 290 -15.05 32.95 -34.60
N PHE G 291 -16.10 32.95 -35.41
CA PHE G 291 -17.43 33.35 -34.95
C PHE G 291 -17.79 32.48 -33.73
N ASP G 292 -18.44 33.10 -32.75
CA ASP G 292 -18.83 32.41 -31.51
C ASP G 292 -20.35 32.43 -31.40
N CYS G 293 -20.97 31.25 -31.53
CA CYS G 293 -22.43 31.17 -31.47
C CYS G 293 -23.01 31.70 -30.17
N ALA G 294 -22.26 31.53 -29.08
CA ALA G 294 -22.72 32.00 -27.78
C ALA G 294 -22.91 33.51 -27.75
N LEU G 295 -22.15 34.22 -28.55
CA LEU G 295 -22.24 35.67 -28.61
C LEU G 295 -22.97 36.15 -29.88
N SER G 296 -23.37 35.21 -30.74
CA SER G 296 -24.00 35.56 -32.00
C SER G 296 -25.37 34.96 -32.28
N TYR G 297 -26.30 35.18 -31.37
CA TYR G 297 -27.66 34.69 -31.52
C TYR G 297 -27.79 33.16 -31.52
N GLY G 298 -26.78 32.48 -30.99
CA GLY G 298 -26.84 31.04 -30.89
C GLY G 298 -26.62 30.17 -32.10
N LEU G 299 -26.84 28.87 -31.92
CA LEU G 299 -26.67 27.87 -32.98
C LEU G 299 -27.68 28.05 -34.12
N CYS G 300 -28.88 28.55 -33.80
CA CYS G 300 -29.87 28.76 -34.83
C CYS G 300 -29.32 29.75 -35.84
N GLU G 301 -28.57 30.73 -35.34
CA GLU G 301 -27.96 31.75 -36.18
C GLU G 301 -26.67 31.20 -36.82
N TYR G 302 -25.89 30.48 -36.03
CA TYR G 302 -24.64 29.91 -36.51
C TYR G 302 -24.88 29.06 -37.75
N GLN G 303 -26.02 28.39 -37.80
CA GLN G 303 -26.35 27.56 -38.94
C GLN G 303 -26.51 28.43 -40.20
N ARG G 304 -27.07 29.63 -40.02
CA ARG G 304 -27.22 30.55 -41.13
C ARG G 304 -25.84 31.04 -41.55
N THR G 305 -24.95 31.26 -40.58
CA THR G 305 -23.62 31.69 -40.91
C THR G 305 -22.92 30.60 -41.73
N LEU G 306 -23.10 29.34 -41.34
CA LEU G 306 -22.47 28.23 -42.06
C LEU G 306 -22.98 28.22 -43.49
N GLU G 307 -24.24 28.58 -43.66
CA GLU G 307 -24.84 28.64 -44.98
C GLU G 307 -24.14 29.73 -45.81
N VAL G 308 -23.80 30.84 -45.15
CA VAL G 308 -23.10 31.93 -45.80
C VAL G 308 -21.75 31.42 -46.29
N LEU G 309 -21.06 30.64 -45.46
CA LEU G 309 -19.75 30.11 -45.87
C LEU G 309 -19.91 29.30 -47.16
N LYS G 310 -20.97 28.50 -47.20
CA LYS G 310 -21.28 27.64 -48.33
C LYS G 310 -21.47 28.50 -49.58
N THR G 311 -22.19 29.60 -49.44
CA THR G 311 -22.43 30.54 -50.53
C THR G 311 -21.14 31.20 -51.02
N HIS G 312 -20.12 31.25 -50.17
CA HIS G 312 -18.86 31.87 -50.57
C HIS G 312 -17.70 30.91 -50.77
N GLY G 313 -18.00 29.62 -50.82
CA GLY G 313 -16.96 28.63 -51.07
C GLY G 313 -16.03 28.24 -49.94
N TRP G 314 -16.43 28.54 -48.70
CA TRP G 314 -15.63 28.20 -47.53
C TRP G 314 -16.07 26.88 -46.90
N SER G 315 -15.09 26.12 -46.41
CA SER G 315 -15.38 24.86 -45.73
C SER G 315 -15.66 25.11 -44.24
N PRO G 316 -16.61 24.37 -43.66
CA PRO G 316 -16.90 24.60 -42.24
C PRO G 316 -15.68 24.25 -41.38
N SER G 317 -14.74 23.51 -41.97
CA SER G 317 -13.52 23.10 -41.27
C SER G 317 -12.57 24.29 -41.03
N ARG G 318 -12.94 25.45 -41.55
CA ARG G 318 -12.14 26.65 -41.39
C ARG G 318 -12.59 27.37 -40.13
N CYS G 319 -13.60 26.83 -39.48
CA CYS G 319 -14.14 27.44 -38.27
C CYS G 319 -13.56 26.89 -36.96
N ILE G 320 -13.11 27.79 -36.11
CA ILE G 320 -12.58 27.44 -34.80
C ILE G 320 -13.15 28.54 -33.92
N PRO G 321 -14.37 28.32 -33.40
CA PRO G 321 -15.08 29.25 -32.54
C PRO G 321 -14.29 29.77 -31.34
N HIS G 322 -14.54 31.02 -31.00
CA HIS G 322 -13.93 31.65 -29.85
C HIS G 322 -14.85 31.31 -28.69
N GLY G 323 -14.37 31.47 -27.46
CA GLY G 323 -15.22 31.20 -26.32
C GLY G 323 -14.82 30.07 -25.40
N GLY G 324 -14.20 29.04 -25.96
CA GLY G 324 -13.77 27.90 -25.16
C GLY G 324 -14.86 27.22 -24.35
N HIS G 325 -16.07 27.15 -24.89
CA HIS G 325 -17.16 26.49 -24.18
C HIS G 325 -17.60 25.20 -24.88
N GLN G 326 -18.30 24.36 -24.13
CA GLN G 326 -18.76 23.07 -24.62
C GLN G 326 -19.78 23.12 -25.76
N MET G 327 -20.54 24.20 -25.86
CA MET G 327 -21.52 24.32 -26.94
C MET G 327 -20.76 24.23 -28.24
N SER G 328 -19.66 24.97 -28.35
CA SER G 328 -18.84 24.93 -29.54
C SER G 328 -18.31 23.54 -29.79
N LEU G 329 -17.86 22.87 -28.73
CA LEU G 329 -17.33 21.50 -28.84
C LEU G 329 -18.36 20.61 -29.53
N ASN G 330 -19.61 20.76 -29.12
CA ASN G 330 -20.71 19.99 -29.71
C ASN G 330 -20.94 20.33 -31.18
N ILE G 331 -20.96 21.63 -31.50
CA ILE G 331 -21.17 22.03 -32.88
C ILE G 331 -20.01 21.54 -33.73
N ALA G 332 -18.80 21.63 -33.20
CA ALA G 332 -17.63 21.20 -33.94
C ALA G 332 -17.69 19.71 -34.26
N ALA G 333 -17.99 18.90 -33.24
CA ALA G 333 -18.06 17.44 -33.41
C ALA G 333 -19.20 17.03 -34.32
N GLY G 334 -20.33 17.72 -34.22
CA GLY G 334 -21.46 17.37 -35.06
C GLY G 334 -21.43 17.86 -36.50
N LEU G 335 -21.02 19.12 -36.69
CA LEU G 335 -21.01 19.72 -38.03
C LEU G 335 -19.66 19.80 -38.73
N GLY G 336 -18.61 19.27 -38.11
CA GLY G 336 -17.31 19.29 -38.75
C GLY G 336 -16.53 20.60 -38.75
N LEU G 337 -16.56 21.33 -37.65
CA LEU G 337 -15.80 22.57 -37.58
C LEU G 337 -14.32 22.20 -37.43
N GLY G 338 -13.44 23.18 -37.57
CA GLY G 338 -12.01 22.91 -37.48
C GLY G 338 -11.49 22.63 -36.09
N GLY G 339 -12.24 23.01 -35.06
CA GLY G 339 -11.82 22.76 -33.71
C GLY G 339 -12.47 23.76 -32.77
N ASN G 340 -11.88 23.96 -31.59
CA ASN G 340 -12.44 24.90 -30.62
C ASN G 340 -11.34 25.52 -29.75
N GLU G 341 -11.62 26.70 -29.23
CA GLU G 341 -10.66 27.39 -28.38
C GLU G 341 -10.85 26.82 -26.97
N SER G 342 -9.80 26.94 -26.14
CA SER G 342 -9.88 26.45 -24.79
C SER G 342 -9.10 27.33 -23.84
N TYR G 343 -9.68 27.58 -22.67
CA TYR G 343 -9.01 28.40 -21.65
C TYR G 343 -8.74 27.52 -20.44
N PRO G 344 -7.57 26.89 -20.38
CA PRO G 344 -7.25 26.03 -19.24
C PRO G 344 -7.22 26.74 -17.89
N ASP G 345 -6.56 27.89 -17.83
CA ASP G 345 -6.45 28.62 -16.58
C ASP G 345 -7.32 29.87 -16.43
N LEU G 346 -8.14 30.18 -17.43
CA LEU G 346 -8.97 31.38 -17.36
C LEU G 346 -10.47 31.11 -17.38
N PHE G 347 -11.22 32.03 -16.78
CA PHE G 347 -12.66 31.96 -16.74
C PHE G 347 -13.23 30.63 -16.23
N GLN G 348 -12.36 29.76 -15.74
CA GLN G 348 -12.82 28.49 -15.20
C GLN G 348 -13.77 28.81 -14.04
N PRO G 349 -14.73 27.92 -13.73
CA PRO G 349 -15.10 26.60 -14.28
C PRO G 349 -15.88 26.61 -15.60
N TYR G 350 -16.26 27.80 -16.08
CA TYR G 350 -17.03 27.92 -17.31
C TYR G 350 -16.19 27.71 -18.57
N GLY G 351 -16.13 26.45 -18.99
CA GLY G 351 -15.36 26.07 -20.15
C GLY G 351 -14.83 24.68 -19.93
N GLY G 352 -13.61 24.43 -20.38
CA GLY G 352 -13.05 23.11 -20.20
C GLY G 352 -13.92 21.97 -20.69
N PHE G 353 -13.53 20.77 -20.29
CA PHE G 353 -14.21 19.55 -20.69
C PHE G 353 -14.83 18.79 -19.52
N PRO G 354 -15.69 17.80 -19.81
CA PRO G 354 -16.28 17.05 -18.71
C PRO G 354 -15.19 16.25 -17.96
N ASP G 355 -15.32 16.19 -16.63
CA ASP G 355 -14.35 15.49 -15.80
C ASP G 355 -13.91 14.16 -16.40
N GLY G 356 -12.62 13.93 -16.42
CA GLY G 356 -12.10 12.70 -16.98
C GLY G 356 -11.44 12.85 -18.33
N VAL G 357 -12.10 13.54 -19.26
CA VAL G 357 -11.49 13.71 -20.58
C VAL G 357 -10.25 14.59 -20.53
N ARG G 358 -9.23 14.18 -21.27
CA ARG G 358 -7.98 14.89 -21.33
C ARG G 358 -7.57 15.21 -22.77
N VAL G 359 -6.70 16.20 -22.90
CA VAL G 359 -6.23 16.61 -24.19
C VAL G 359 -5.06 15.71 -24.54
N GLU G 360 -5.15 15.07 -25.69
CA GLU G 360 -4.08 14.19 -26.11
C GLU G 360 -3.65 14.56 -27.51
N ASN G 361 -2.45 15.14 -27.59
CA ASN G 361 -1.93 15.58 -28.87
C ASN G 361 -2.91 16.55 -29.51
N GLY G 362 -3.24 17.61 -28.75
CA GLY G 362 -4.12 18.66 -29.22
C GLY G 362 -5.55 18.27 -29.50
N HIS G 363 -5.97 17.11 -29.03
CA HIS G 363 -7.34 16.67 -29.26
C HIS G 363 -8.00 16.08 -28.04
N ILE G 364 -9.32 16.09 -28.04
CA ILE G 364 -10.11 15.52 -26.97
C ILE G 364 -11.18 14.67 -27.66
N THR G 365 -11.78 13.74 -26.93
CA THR G 365 -12.81 12.92 -27.53
C THR G 365 -14.08 13.13 -26.75
N MET G 366 -15.12 13.60 -27.43
CA MET G 366 -16.41 13.88 -26.81
C MET G 366 -17.08 12.63 -26.27
N PRO G 367 -17.32 12.58 -24.95
CA PRO G 367 -17.98 11.42 -24.35
C PRO G 367 -19.46 11.51 -24.71
N ASP G 368 -20.15 10.37 -24.77
CA ASP G 368 -21.55 10.39 -25.14
C ASP G 368 -22.49 10.78 -24.01
N LEU G 369 -22.40 12.03 -23.56
CA LEU G 369 -23.25 12.53 -22.49
C LEU G 369 -24.46 13.21 -23.13
N PRO G 370 -25.63 13.13 -22.50
CA PRO G 370 -26.82 13.76 -23.08
C PRO G 370 -26.68 15.28 -23.09
N GLY G 371 -27.22 15.92 -24.14
CA GLY G 371 -27.13 17.37 -24.24
C GLY G 371 -25.71 17.86 -24.47
N ILE G 372 -25.40 19.05 -23.96
CA ILE G 372 -24.06 19.62 -24.12
C ILE G 372 -23.02 18.84 -23.33
N GLY G 373 -23.45 18.24 -22.22
CA GLY G 373 -22.53 17.44 -21.41
C GLY G 373 -21.99 18.18 -20.20
N PHE G 374 -22.66 19.25 -19.81
CA PHE G 374 -22.23 20.04 -18.66
C PHE G 374 -22.20 19.21 -17.38
N GLU G 375 -23.13 18.26 -17.27
CA GLU G 375 -23.20 17.40 -16.10
C GLU G 375 -21.88 16.67 -15.84
N GLY G 376 -21.14 16.40 -16.89
CA GLY G 376 -19.87 15.69 -16.76
C GLY G 376 -18.77 16.47 -16.07
N LYS G 377 -18.97 17.79 -15.93
CA LYS G 377 -17.99 18.64 -15.29
C LYS G 377 -18.61 19.09 -13.95
N SER G 378 -18.32 18.34 -12.91
CA SER G 378 -18.84 18.60 -11.57
C SER G 378 -18.74 20.04 -11.06
N ASP G 379 -17.55 20.62 -11.10
CA ASP G 379 -17.38 22.00 -10.62
C ASP G 379 -18.23 23.02 -11.36
N LEU G 380 -18.56 22.73 -12.62
CA LEU G 380 -19.39 23.63 -13.42
C LEU G 380 -20.86 23.31 -13.15
N TYR G 381 -21.21 22.03 -13.21
CA TYR G 381 -22.58 21.61 -12.98
C TYR G 381 -23.07 22.02 -11.59
N LYS G 382 -22.16 22.08 -10.63
CA LYS G 382 -22.51 22.48 -9.28
C LYS G 382 -23.17 23.86 -9.34
N GLU G 383 -22.54 24.74 -10.11
CA GLU G 383 -23.02 26.10 -10.30
C GLU G 383 -24.38 26.12 -10.99
N MET G 384 -24.51 25.28 -12.01
CA MET G 384 -25.75 25.19 -12.78
C MET G 384 -26.95 24.66 -12.02
N LYS G 385 -26.78 23.55 -11.30
CA LYS G 385 -27.90 23.01 -10.55
C LYS G 385 -28.22 23.93 -9.38
N ALA G 386 -27.28 24.79 -9.03
CA ALA G 386 -27.50 25.74 -7.95
C ALA G 386 -28.43 26.84 -8.46
N LEU G 387 -28.38 27.10 -9.76
CA LEU G 387 -29.22 28.12 -10.37
C LEU G 387 -30.63 27.60 -10.54
N ALA G 388 -30.74 26.37 -11.05
CA ALA G 388 -32.04 25.75 -11.26
C ALA G 388 -31.87 24.26 -11.37
N GLU G 389 -32.85 23.52 -10.86
CA GLU G 389 -32.81 22.06 -10.91
C GLU G 389 -34.21 21.47 -11.12
N SER H 2 -14.82 74.08 -9.15
CA SER H 2 -15.05 72.60 -9.17
C SER H 2 -16.06 72.17 -10.24
N VAL H 3 -15.68 71.19 -11.05
CA VAL H 3 -16.53 70.67 -12.13
C VAL H 3 -16.59 69.13 -12.18
N ARG H 4 -17.66 68.54 -11.63
CA ARG H 4 -17.77 67.09 -11.67
C ARG H 4 -19.20 66.55 -11.67
N ILE H 5 -19.33 65.36 -12.22
CA ILE H 5 -20.61 64.66 -12.33
C ILE H 5 -20.93 64.01 -10.99
N VAL H 6 -22.08 64.38 -10.44
CA VAL H 6 -22.53 63.89 -9.14
C VAL H 6 -23.29 62.58 -9.20
N ASP H 7 -24.23 62.50 -10.15
CA ASP H 7 -25.07 61.32 -10.31
C ASP H 7 -25.33 61.08 -11.81
N VAL H 8 -25.95 59.94 -12.12
CA VAL H 8 -26.31 59.60 -13.49
C VAL H 8 -27.63 58.82 -13.41
N ARG H 9 -28.74 59.56 -13.37
CA ARG H 9 -30.07 58.95 -13.26
C ARG H 9 -30.51 58.31 -14.55
N GLU H 10 -31.36 57.30 -14.42
CA GLU H 10 -31.90 56.58 -15.57
C GLU H 10 -33.33 56.19 -15.25
N ILE H 11 -34.20 56.24 -16.27
CA ILE H 11 -35.60 55.88 -16.11
C ILE H 11 -36.21 55.45 -17.44
N THR H 12 -36.40 54.14 -17.60
CA THR H 12 -36.99 53.62 -18.83
C THR H 12 -38.47 53.98 -18.88
N LYS H 13 -38.91 54.51 -20.02
CA LYS H 13 -40.29 54.90 -20.20
C LYS H 13 -40.85 54.15 -21.39
N PRO H 14 -42.18 54.06 -21.47
CA PRO H 14 -42.84 53.36 -22.57
C PRO H 14 -43.27 54.29 -23.72
N ILE H 15 -43.03 53.83 -24.94
CA ILE H 15 -43.36 54.58 -26.15
C ILE H 15 -43.99 53.61 -27.14
N SER H 16 -44.73 52.65 -26.60
CA SER H 16 -45.38 51.61 -27.40
C SER H 16 -46.75 51.93 -27.99
N SER H 17 -46.99 51.39 -29.18
CA SER H 17 -48.25 51.59 -29.90
C SER H 17 -48.45 50.40 -30.82
N PRO H 18 -49.71 50.12 -31.22
CA PRO H 18 -49.98 48.98 -32.13
C PRO H 18 -49.44 49.28 -33.52
N ILE H 19 -48.57 50.30 -33.57
CA ILE H 19 -47.93 50.75 -34.79
C ILE H 19 -47.01 49.64 -35.37
N ARG H 20 -47.15 49.37 -36.66
CA ARG H 20 -46.35 48.33 -37.31
C ARG H 20 -45.76 48.74 -38.66
N ASN H 21 -44.55 48.27 -38.95
CA ASN H 21 -43.88 48.53 -40.24
C ASN H 21 -43.60 47.16 -40.87
N ALA H 22 -42.87 47.14 -41.98
CA ALA H 22 -42.59 45.87 -42.65
C ALA H 22 -41.68 44.91 -41.88
N TYR H 23 -41.18 45.33 -40.72
CA TYR H 23 -40.26 44.47 -39.99
C TYR H 23 -40.60 44.29 -38.52
N ILE H 24 -41.16 45.35 -37.92
CA ILE H 24 -41.47 45.37 -36.50
C ILE H 24 -42.81 46.02 -36.16
N ASP H 25 -43.25 45.84 -34.91
CA ASP H 25 -44.44 46.52 -34.40
C ASP H 25 -43.95 47.07 -33.06
N PHE H 26 -44.47 48.21 -32.63
CA PHE H 26 -44.01 48.85 -31.40
C PHE H 26 -44.76 48.50 -30.12
N THR H 27 -45.33 47.30 -30.10
CA THR H 27 -46.09 46.79 -28.97
C THR H 27 -45.39 46.91 -27.61
N LYS H 28 -44.10 46.63 -27.56
CA LYS H 28 -43.35 46.68 -26.31
C LYS H 28 -42.25 47.74 -26.32
N MET H 29 -42.30 48.65 -27.29
CA MET H 29 -41.27 49.68 -27.40
C MET H 29 -41.08 50.56 -26.17
N THR H 30 -39.82 50.78 -25.81
CA THR H 30 -39.46 51.60 -24.67
C THR H 30 -38.29 52.50 -25.02
N THR H 31 -37.92 53.38 -24.09
CA THR H 31 -36.80 54.30 -24.28
C THR H 31 -36.22 54.71 -22.94
N SER H 32 -34.92 55.00 -22.91
CA SER H 32 -34.27 55.42 -21.68
C SER H 32 -34.14 56.92 -21.55
N LEU H 33 -34.59 57.46 -20.43
CA LEU H 33 -34.48 58.89 -20.16
C LEU H 33 -33.32 59.02 -19.18
N VAL H 34 -32.29 59.76 -19.59
CA VAL H 34 -31.10 59.92 -18.76
C VAL H 34 -30.85 61.33 -18.29
N ALA H 35 -30.26 61.44 -17.10
CA ALA H 35 -29.93 62.73 -16.51
C ALA H 35 -28.51 62.69 -15.96
N VAL H 36 -27.70 63.65 -16.39
CA VAL H 36 -26.34 63.76 -15.92
C VAL H 36 -26.33 64.95 -14.98
N VAL H 37 -26.31 64.65 -13.68
CA VAL H 37 -26.32 65.67 -12.64
C VAL H 37 -24.91 66.14 -12.29
N THR H 38 -24.69 67.45 -12.41
CA THR H 38 -23.39 68.05 -12.10
C THR H 38 -23.47 68.86 -10.82
N ASP H 39 -22.33 69.39 -10.39
CA ASP H 39 -22.29 70.20 -9.18
C ASP H 39 -22.08 71.66 -9.57
N VAL H 40 -22.03 71.93 -10.86
CA VAL H 40 -21.84 73.29 -11.34
C VAL H 40 -23.18 74.04 -11.22
N VAL H 41 -23.10 75.31 -10.81
CA VAL H 41 -24.31 76.11 -10.66
C VAL H 41 -24.35 77.32 -11.59
N ARG H 42 -25.46 77.41 -12.33
CA ARG H 42 -25.69 78.51 -13.27
C ARG H 42 -27.12 78.98 -13.00
N GLU H 43 -27.31 80.27 -12.80
CA GLU H 43 -28.63 80.82 -12.51
C GLU H 43 -29.02 80.39 -11.10
N GLY H 44 -28.02 80.18 -10.24
CA GLY H 44 -28.31 79.74 -8.89
C GLY H 44 -28.94 78.37 -8.86
N LYS H 45 -28.92 77.70 -10.02
CA LYS H 45 -29.50 76.36 -10.16
C LYS H 45 -28.41 75.41 -10.67
N ARG H 46 -28.36 74.20 -10.12
CA ARG H 46 -27.36 73.22 -10.54
C ARG H 46 -27.66 72.79 -11.97
N VAL H 47 -26.62 72.72 -12.79
CA VAL H 47 -26.79 72.33 -14.18
C VAL H 47 -26.92 70.81 -14.32
N VAL H 48 -27.96 70.37 -15.01
CA VAL H 48 -28.21 68.96 -15.24
C VAL H 48 -28.42 68.69 -16.72
N GLY H 49 -27.69 67.70 -17.23
CA GLY H 49 -27.82 67.34 -18.64
C GLY H 49 -28.86 66.25 -18.81
N TYR H 50 -29.60 66.31 -19.90
CA TYR H 50 -30.64 65.32 -20.17
C TYR H 50 -30.47 64.69 -21.53
N GLY H 51 -31.05 63.51 -21.70
CA GLY H 51 -30.98 62.80 -22.96
C GLY H 51 -31.87 61.58 -22.93
N PHE H 52 -32.14 61.03 -24.11
CA PHE H 52 -32.97 59.84 -24.22
C PHE H 52 -32.65 59.22 -25.57
N ASN H 53 -32.87 57.92 -25.71
CA ASN H 53 -32.57 57.28 -26.98
C ASN H 53 -33.78 57.23 -27.91
N SER H 54 -33.51 57.24 -29.21
CA SER H 54 -34.54 57.22 -30.24
C SER H 54 -35.37 55.95 -30.16
N ASN H 55 -36.52 55.97 -30.84
CA ASN H 55 -37.41 54.83 -30.87
C ASN H 55 -36.82 53.70 -31.70
N GLY H 56 -37.31 52.48 -31.49
CA GLY H 56 -36.84 51.35 -32.25
C GLY H 56 -35.86 50.39 -31.64
N ARG H 57 -34.98 50.85 -30.75
CA ARG H 57 -34.00 49.97 -30.16
C ARG H 57 -34.22 49.63 -28.69
N TYR H 58 -35.27 50.17 -28.09
CA TYR H 58 -35.59 49.89 -26.68
C TYR H 58 -34.68 50.61 -25.70
N GLY H 59 -35.14 50.70 -24.44
CA GLY H 59 -34.35 51.35 -23.41
C GLY H 59 -33.14 50.53 -23.02
N GLN H 60 -32.15 51.17 -22.41
CA GLN H 60 -30.94 50.47 -22.00
C GLN H 60 -30.59 50.70 -20.53
N GLY H 61 -31.61 50.65 -19.67
CA GLY H 61 -31.38 50.84 -18.25
C GLY H 61 -30.28 49.97 -17.68
N GLY H 62 -30.36 48.67 -17.97
CA GLY H 62 -29.35 47.76 -17.47
C GLY H 62 -27.91 48.15 -17.79
N LEU H 63 -27.62 48.34 -19.08
CA LEU H 63 -26.28 48.73 -19.51
C LEU H 63 -25.82 50.07 -18.93
N ILE H 64 -26.72 51.05 -18.93
CA ILE H 64 -26.38 52.36 -18.40
C ILE H 64 -25.95 52.23 -16.95
N ARG H 65 -26.74 51.51 -16.16
CA ARG H 65 -26.43 51.32 -14.75
C ARG H 65 -25.12 50.57 -14.56
N GLU H 66 -25.15 49.30 -14.92
CA GLU H 66 -24.02 48.40 -14.75
C GLU H 66 -22.68 48.71 -15.38
N ARG H 67 -22.67 49.19 -16.62
CA ARG H 67 -21.39 49.43 -17.28
C ARG H 67 -20.93 50.86 -17.61
N PHE H 68 -21.85 51.75 -17.90
CA PHE H 68 -21.43 53.09 -18.27
C PHE H 68 -21.54 54.17 -17.22
N ALA H 69 -22.74 54.36 -16.67
CA ALA H 69 -22.94 55.36 -15.64
C ALA H 69 -21.94 55.18 -14.51
N SER H 70 -21.54 53.93 -14.26
CA SER H 70 -20.58 53.62 -13.19
C SER H 70 -19.15 54.07 -13.50
N ARG H 71 -18.69 53.84 -14.72
CA ARG H 71 -17.34 54.25 -15.09
C ARG H 71 -17.22 55.78 -15.02
N ILE H 72 -18.35 56.46 -15.17
CA ILE H 72 -18.37 57.92 -15.12
C ILE H 72 -18.11 58.34 -13.68
N LEU H 73 -19.07 58.04 -12.82
CA LEU H 73 -19.01 58.37 -11.39
C LEU H 73 -17.76 57.85 -10.70
N GLU H 74 -17.22 56.72 -11.19
CA GLU H 74 -16.03 56.11 -10.62
C GLU H 74 -14.73 56.68 -11.19
N ALA H 75 -14.86 57.60 -12.13
CA ALA H 75 -13.67 58.19 -12.72
C ALA H 75 -13.24 59.42 -11.94
N ASP H 76 -11.96 59.73 -12.03
CA ASP H 76 -11.36 60.88 -11.35
C ASP H 76 -11.90 62.12 -12.07
N PRO H 77 -12.79 62.89 -11.41
CA PRO H 77 -13.39 64.10 -11.97
C PRO H 77 -12.39 65.14 -12.50
N LYS H 78 -11.16 65.07 -11.99
CA LYS H 78 -10.11 65.99 -12.42
C LYS H 78 -9.50 65.58 -13.76
N LYS H 79 -9.92 64.43 -14.28
CA LYS H 79 -9.42 63.94 -15.57
C LYS H 79 -10.50 63.94 -16.65
N LEU H 80 -11.62 64.59 -16.39
CA LEU H 80 -12.72 64.67 -17.35
C LEU H 80 -13.01 66.11 -17.73
N LEU H 81 -12.04 66.99 -17.52
CA LEU H 81 -12.23 68.41 -17.82
C LEU H 81 -11.40 68.90 -19.00
N ASN H 82 -11.80 70.05 -19.53
CA ASN H 82 -11.08 70.66 -20.65
C ASN H 82 -9.77 71.27 -20.15
N GLU H 83 -9.05 71.95 -21.03
CA GLU H 83 -7.79 72.59 -20.66
C GLU H 83 -7.98 73.56 -19.50
N ALA H 84 -8.95 74.46 -19.64
CA ALA H 84 -9.24 75.45 -18.63
C ALA H 84 -9.74 74.86 -17.32
N GLY H 85 -10.25 73.63 -17.36
CA GLY H 85 -10.75 72.99 -16.16
C GLY H 85 -12.04 73.61 -15.66
N ASP H 86 -12.70 74.40 -16.48
CA ASP H 86 -13.95 75.04 -16.10
C ASP H 86 -15.19 74.36 -16.67
N ASN H 87 -14.99 73.27 -17.41
CA ASN H 87 -16.10 72.53 -17.99
C ASN H 87 -15.70 71.09 -18.32
N LEU H 88 -16.70 70.23 -18.48
CA LEU H 88 -16.46 68.84 -18.81
C LEU H 88 -16.00 68.72 -20.26
N ASP H 89 -15.13 67.76 -20.53
CA ASP H 89 -14.65 67.48 -21.89
C ASP H 89 -15.46 66.25 -22.35
N PRO H 90 -16.43 66.45 -23.26
CA PRO H 90 -17.27 65.37 -23.77
C PRO H 90 -16.47 64.12 -24.16
N ASP H 91 -15.42 64.32 -24.94
CA ASP H 91 -14.59 63.21 -25.39
C ASP H 91 -13.88 62.46 -24.27
N LYS H 92 -13.50 63.18 -23.22
CA LYS H 92 -12.84 62.51 -22.09
C LYS H 92 -13.86 61.65 -21.34
N VAL H 93 -15.09 62.15 -21.22
CA VAL H 93 -16.14 61.41 -20.55
C VAL H 93 -16.45 60.16 -21.39
N TRP H 94 -16.51 60.35 -22.71
CA TRP H 94 -16.81 59.28 -23.65
C TRP H 94 -15.75 58.20 -23.48
N ALA H 95 -14.49 58.60 -23.58
CA ALA H 95 -13.39 57.64 -23.44
C ALA H 95 -13.50 56.93 -22.11
N ALA H 96 -13.89 57.67 -21.07
CA ALA H 96 -14.03 57.11 -19.74
C ALA H 96 -15.04 55.96 -19.71
N MET H 97 -16.19 56.14 -20.34
CA MET H 97 -17.17 55.07 -20.33
C MET H 97 -16.93 53.95 -21.33
N MET H 98 -15.96 54.12 -22.23
CA MET H 98 -15.67 53.10 -23.23
C MET H 98 -14.45 52.24 -22.90
N ILE H 99 -13.86 52.43 -21.71
CA ILE H 99 -12.69 51.62 -21.34
C ILE H 99 -13.14 50.16 -21.13
N ASN H 100 -12.29 49.24 -21.57
CA ASN H 100 -12.58 47.81 -21.44
C ASN H 100 -13.77 47.30 -22.25
N GLU H 101 -14.01 47.96 -23.38
CA GLU H 101 -15.08 47.59 -24.30
C GLU H 101 -14.37 47.04 -25.53
N LYS H 102 -14.60 45.77 -25.86
CA LYS H 102 -13.94 45.18 -27.03
C LYS H 102 -14.56 45.69 -28.34
N PRO H 103 -13.76 45.75 -29.41
CA PRO H 103 -14.23 46.23 -30.71
C PRO H 103 -15.36 45.40 -31.30
N GLY H 104 -16.04 45.96 -32.29
CA GLY H 104 -17.14 45.27 -32.95
C GLY H 104 -18.34 45.20 -32.03
N GLY H 105 -19.38 44.49 -32.46
CA GLY H 105 -20.59 44.36 -31.65
C GLY H 105 -21.25 45.68 -31.34
N HIS H 106 -21.38 46.54 -32.35
CA HIS H 106 -22.01 47.86 -32.17
C HIS H 106 -23.53 47.85 -32.26
N GLY H 107 -24.15 47.61 -31.11
CA GLY H 107 -25.61 47.59 -31.05
C GLY H 107 -25.98 47.49 -29.59
N GLU H 108 -27.03 48.19 -29.18
CA GLU H 108 -27.47 48.15 -27.78
C GLU H 108 -26.62 49.07 -26.88
N ARG H 109 -25.35 48.70 -26.65
CA ARG H 109 -24.46 49.54 -25.82
C ARG H 109 -24.25 50.86 -26.54
N SER H 110 -24.41 50.83 -27.85
CA SER H 110 -24.25 52.04 -28.66
C SER H 110 -25.39 52.99 -28.34
N VAL H 111 -26.53 52.43 -27.92
CA VAL H 111 -27.70 53.21 -27.58
C VAL H 111 -27.51 53.77 -26.17
N ALA H 112 -26.94 52.97 -25.28
CA ALA H 112 -26.69 53.40 -23.92
C ALA H 112 -25.70 54.55 -23.92
N VAL H 113 -24.54 54.33 -24.55
CA VAL H 113 -23.53 55.38 -24.62
C VAL H 113 -24.07 56.60 -25.36
N GLY H 114 -24.79 56.36 -26.44
CA GLY H 114 -25.35 57.46 -27.21
C GLY H 114 -26.27 58.35 -26.42
N THR H 115 -27.14 57.75 -25.62
CA THR H 115 -28.07 58.53 -24.83
C THR H 115 -27.38 59.25 -23.67
N ILE H 116 -26.34 58.65 -23.09
CA ILE H 116 -25.59 59.30 -22.01
C ILE H 116 -24.84 60.48 -22.63
N ASP H 117 -24.25 60.25 -23.79
CA ASP H 117 -23.50 61.28 -24.51
C ASP H 117 -24.37 62.49 -24.79
N MET H 118 -25.65 62.25 -25.12
CA MET H 118 -26.56 63.34 -25.39
C MET H 118 -26.62 64.26 -24.18
N ALA H 119 -26.83 63.66 -23.01
CA ALA H 119 -26.90 64.41 -21.75
C ALA H 119 -25.58 65.13 -21.44
N VAL H 120 -24.45 64.47 -21.69
CA VAL H 120 -23.16 65.09 -21.42
C VAL H 120 -23.00 66.38 -22.22
N TRP H 121 -23.30 66.33 -23.52
CA TRP H 121 -23.20 67.53 -24.35
C TRP H 121 -24.19 68.61 -23.91
N ASP H 122 -25.37 68.18 -23.49
CA ASP H 122 -26.39 69.11 -23.03
C ASP H 122 -25.83 69.89 -21.85
N ALA H 123 -25.18 69.17 -20.93
CA ALA H 123 -24.58 69.78 -19.74
C ALA H 123 -23.46 70.72 -20.14
N VAL H 124 -22.54 70.22 -20.96
CA VAL H 124 -21.42 71.03 -21.42
C VAL H 124 -21.87 72.37 -22.01
N ALA H 125 -22.87 72.32 -22.89
CA ALA H 125 -23.39 73.54 -23.51
C ALA H 125 -23.97 74.47 -22.46
N LYS H 126 -24.70 73.90 -21.50
CA LYS H 126 -25.32 74.68 -20.44
C LYS H 126 -24.24 75.33 -19.56
N ILE H 127 -23.19 74.57 -19.25
CA ILE H 127 -22.11 75.09 -18.45
C ILE H 127 -21.41 76.24 -19.18
N ALA H 128 -21.40 76.16 -20.51
CA ALA H 128 -20.77 77.21 -21.33
C ALA H 128 -21.75 78.35 -21.62
N GLY H 129 -23.00 78.16 -21.18
CA GLY H 129 -24.02 79.18 -21.37
C GLY H 129 -24.40 79.44 -22.83
N LYS H 130 -24.26 78.43 -23.68
CA LYS H 130 -24.60 78.59 -25.09
C LYS H 130 -25.53 77.48 -25.56
N PRO H 131 -26.25 77.71 -26.68
CA PRO H 131 -27.14 76.67 -27.19
C PRO H 131 -26.18 75.64 -27.79
N LEU H 132 -26.44 74.35 -27.59
CA LEU H 132 -25.56 73.32 -28.12
C LEU H 132 -25.15 73.54 -29.58
N PHE H 133 -26.12 73.88 -30.44
CA PHE H 133 -25.79 74.09 -31.84
C PHE H 133 -24.81 75.23 -32.08
N ARG H 134 -24.85 76.26 -31.23
CA ARG H 134 -23.93 77.38 -31.38
C ARG H 134 -22.55 76.92 -30.95
N LEU H 135 -22.49 76.23 -29.82
CA LEU H 135 -21.22 75.73 -29.29
C LEU H 135 -20.55 74.79 -30.30
N LEU H 136 -21.35 73.97 -30.98
CA LEU H 136 -20.82 73.04 -31.97
C LEU H 136 -20.20 73.77 -33.14
N ALA H 137 -20.94 74.71 -33.71
CA ALA H 137 -20.42 75.49 -34.82
C ALA H 137 -19.09 76.13 -34.42
N GLU H 138 -19.07 76.72 -33.22
CA GLU H 138 -17.85 77.33 -32.71
C GLU H 138 -16.68 76.37 -32.72
N ARG H 139 -16.86 75.23 -32.06
CA ARG H 139 -15.82 74.22 -31.99
C ARG H 139 -15.31 73.78 -33.37
N HIS H 140 -16.15 73.90 -34.39
CA HIS H 140 -15.77 73.51 -35.75
C HIS H 140 -15.31 74.70 -36.59
N GLY H 141 -15.40 75.90 -36.01
CA GLY H 141 -14.99 77.08 -36.73
C GLY H 141 -15.88 77.39 -37.93
N VAL H 142 -17.18 77.29 -37.72
CA VAL H 142 -18.14 77.55 -38.77
C VAL H 142 -19.30 78.32 -38.22
N LYS H 143 -20.11 78.82 -39.15
CA LYS H 143 -21.26 79.64 -38.85
C LYS H 143 -22.53 78.83 -38.79
N ALA H 144 -22.99 78.54 -37.58
CA ALA H 144 -24.21 77.78 -37.38
C ALA H 144 -25.36 78.42 -38.13
N ASN H 145 -26.34 77.60 -38.50
CA ASN H 145 -27.54 78.05 -39.21
C ASN H 145 -28.74 77.45 -38.46
N PRO H 146 -29.58 78.30 -37.86
CA PRO H 146 -30.80 78.00 -37.09
C PRO H 146 -31.96 77.40 -37.87
N ARG H 147 -31.96 77.59 -39.19
CA ARG H 147 -33.03 77.06 -40.01
C ARG H 147 -32.68 75.62 -40.38
N VAL H 148 -33.56 74.70 -39.97
CA VAL H 148 -33.36 73.28 -40.21
C VAL H 148 -34.52 72.63 -40.92
N PHE H 149 -34.22 71.89 -41.97
CA PHE H 149 -35.26 71.20 -42.72
C PHE H 149 -35.74 70.01 -41.92
N VAL H 150 -37.06 69.80 -41.89
CA VAL H 150 -37.65 68.68 -41.18
C VAL H 150 -38.78 68.07 -42.02
N TYR H 151 -38.91 66.75 -41.93
CA TYR H 151 -39.96 66.04 -42.66
C TYR H 151 -40.77 65.23 -41.66
N ALA H 152 -42.04 65.00 -41.98
CA ALA H 152 -42.90 64.22 -41.10
C ALA H 152 -42.88 62.74 -41.47
N ALA H 153 -42.56 61.90 -40.49
CA ALA H 153 -42.48 60.46 -40.70
C ALA H 153 -43.62 59.73 -40.02
N GLY H 154 -44.36 58.94 -40.79
CA GLY H 154 -45.47 58.18 -40.24
C GLY H 154 -45.92 57.16 -41.27
N GLY H 155 -47.22 57.18 -41.59
CA GLY H 155 -47.75 56.24 -42.56
C GLY H 155 -47.55 54.79 -42.18
N TYR H 156 -47.68 54.49 -40.89
CA TYR H 156 -47.51 53.13 -40.42
C TYR H 156 -48.72 52.27 -40.74
N TYR H 157 -48.55 50.96 -40.63
CA TYR H 157 -49.65 50.03 -40.85
C TYR H 157 -50.29 49.95 -39.48
N TYR H 158 -51.60 50.10 -39.43
CA TYR H 158 -52.32 50.06 -38.15
C TYR H 158 -53.54 49.17 -38.33
N PRO H 159 -53.87 48.38 -37.30
CA PRO H 159 -55.05 47.51 -37.43
C PRO H 159 -56.32 48.32 -37.70
N GLY H 160 -56.94 48.07 -38.85
CA GLY H 160 -58.16 48.77 -39.21
C GLY H 160 -57.96 50.11 -39.88
N LYS H 161 -56.71 50.43 -40.22
CA LYS H 161 -56.40 51.70 -40.87
C LYS H 161 -56.51 51.56 -42.39
N GLY H 162 -57.39 52.34 -42.99
CA GLY H 162 -57.58 52.28 -44.44
C GLY H 162 -57.02 53.47 -45.18
N LEU H 163 -57.23 53.53 -46.50
CA LEU H 163 -56.73 54.63 -47.30
C LEU H 163 -57.23 55.97 -46.76
N SER H 164 -58.47 55.96 -46.29
CA SER H 164 -59.10 57.14 -45.72
C SER H 164 -58.22 57.75 -44.64
N MET H 165 -57.95 56.97 -43.60
CA MET H 165 -57.13 57.42 -42.48
C MET H 165 -55.70 57.78 -42.88
N LEU H 166 -55.08 56.94 -43.72
CA LEU H 166 -53.72 57.20 -44.17
C LEU H 166 -53.71 58.63 -44.72
N ARG H 167 -54.67 58.91 -45.60
CA ARG H 167 -54.82 60.23 -46.21
C ARG H 167 -54.91 61.30 -45.12
N GLY H 168 -55.78 61.06 -44.14
CA GLY H 168 -55.97 62.00 -43.06
C GLY H 168 -54.66 62.31 -42.36
N GLU H 169 -53.94 61.26 -41.98
CA GLU H 169 -52.65 61.41 -41.30
C GLU H 169 -51.73 62.36 -42.07
N MET H 170 -51.56 62.07 -43.36
CA MET H 170 -50.70 62.89 -44.21
C MET H 170 -51.17 64.33 -44.25
N ARG H 171 -52.45 64.54 -44.54
CA ARG H 171 -53.01 65.88 -44.59
C ARG H 171 -52.73 66.58 -43.27
N GLY H 172 -52.83 65.83 -42.17
CA GLY H 172 -52.57 66.38 -40.86
C GLY H 172 -51.16 66.95 -40.79
N TYR H 173 -50.20 66.26 -41.41
CA TYR H 173 -48.82 66.73 -41.41
C TYR H 173 -48.71 68.00 -42.24
N LEU H 174 -49.31 68.01 -43.42
CA LEU H 174 -49.25 69.19 -44.28
C LEU H 174 -49.86 70.39 -43.56
N ASP H 175 -50.94 70.14 -42.81
CA ASP H 175 -51.60 71.21 -42.07
C ASP H 175 -50.64 71.84 -41.07
N ARG H 176 -49.68 71.05 -40.59
CA ARG H 176 -48.74 71.55 -39.60
C ARG H 176 -47.47 72.20 -40.15
N GLY H 177 -47.40 72.34 -41.47
CA GLY H 177 -46.25 73.01 -42.07
C GLY H 177 -45.18 72.19 -42.76
N TYR H 178 -45.43 70.88 -42.94
CA TYR H 178 -44.46 69.98 -43.59
C TYR H 178 -44.69 69.87 -45.11
N ASN H 179 -43.61 69.71 -45.86
CA ASN H 179 -43.71 69.57 -47.31
C ASN H 179 -43.03 68.31 -47.81
N VAL H 180 -42.78 67.39 -46.88
CA VAL H 180 -42.14 66.12 -47.16
C VAL H 180 -42.67 65.14 -46.12
N VAL H 181 -43.40 64.14 -46.59
CA VAL H 181 -43.93 63.13 -45.69
C VAL H 181 -43.38 61.76 -46.05
N LYS H 182 -43.13 60.96 -45.03
CA LYS H 182 -42.60 59.61 -45.28
C LYS H 182 -43.60 58.56 -44.81
N MET H 183 -43.86 57.58 -45.67
CA MET H 183 -44.79 56.50 -45.37
C MET H 183 -44.07 55.15 -45.35
N LYS H 184 -44.69 54.18 -44.69
CA LYS H 184 -44.10 52.85 -44.61
C LYS H 184 -44.61 51.93 -45.73
N ILE H 185 -43.75 51.07 -46.26
CA ILE H 185 -44.17 50.11 -47.29
C ILE H 185 -43.60 48.72 -46.98
N GLY H 186 -43.96 47.73 -47.79
CA GLY H 186 -43.42 46.38 -47.59
C GLY H 186 -44.06 45.55 -46.49
N GLY H 187 -45.04 46.13 -45.80
CA GLY H 187 -45.74 45.42 -44.75
C GLY H 187 -47.07 44.94 -45.29
N ALA H 188 -47.16 44.93 -46.62
CA ALA H 188 -48.34 44.51 -47.36
C ALA H 188 -47.92 44.21 -48.79
N PRO H 189 -48.70 43.38 -49.50
CA PRO H 189 -48.41 43.00 -50.89
C PRO H 189 -48.14 44.22 -51.76
N ILE H 190 -47.31 44.02 -52.78
CA ILE H 190 -46.92 45.12 -53.64
C ILE H 190 -48.02 45.94 -54.28
N GLU H 191 -49.16 45.32 -54.56
CA GLU H 191 -50.25 46.08 -55.17
C GLU H 191 -50.99 46.92 -54.16
N GLU H 192 -51.17 46.38 -52.96
CA GLU H 192 -51.85 47.10 -51.89
C GLU H 192 -50.97 48.28 -51.52
N ASP H 193 -49.65 48.10 -51.62
CA ASP H 193 -48.74 49.18 -51.31
C ASP H 193 -48.79 50.20 -52.44
N ARG H 194 -48.97 49.73 -53.67
CA ARG H 194 -49.06 50.66 -54.79
C ARG H 194 -50.24 51.56 -54.50
N MET H 195 -51.37 50.96 -54.15
CA MET H 195 -52.59 51.71 -53.86
C MET H 195 -52.36 52.74 -52.77
N ARG H 196 -51.79 52.28 -51.64
CA ARG H 196 -51.50 53.15 -50.51
C ARG H 196 -50.69 54.38 -50.94
N ILE H 197 -49.76 54.18 -51.86
CA ILE H 197 -48.92 55.26 -52.38
C ILE H 197 -49.67 56.20 -53.31
N GLU H 198 -50.47 55.65 -54.23
CA GLU H 198 -51.24 56.49 -55.16
C GLU H 198 -52.24 57.37 -54.39
N ALA H 199 -52.61 56.93 -53.19
CA ALA H 199 -53.54 57.67 -52.36
C ALA H 199 -52.90 58.90 -51.70
N VAL H 200 -51.83 58.67 -50.94
CA VAL H 200 -51.12 59.75 -50.27
C VAL H 200 -50.57 60.71 -51.32
N LEU H 201 -50.21 60.16 -52.47
CA LEU H 201 -49.67 60.95 -53.56
C LEU H 201 -50.71 61.93 -54.13
N GLU H 202 -51.96 61.49 -54.20
CA GLU H 202 -53.04 62.35 -54.71
C GLU H 202 -53.49 63.35 -53.65
N GLU H 203 -53.45 62.93 -52.39
CA GLU H 203 -53.84 63.77 -51.27
C GLU H 203 -52.93 65.00 -51.12
N ILE H 204 -51.62 64.81 -51.25
CA ILE H 204 -50.68 65.92 -51.12
C ILE H 204 -50.53 66.71 -52.40
N GLY H 205 -50.93 66.12 -53.51
CA GLY H 205 -50.85 66.81 -54.79
C GLY H 205 -49.51 67.47 -55.05
N LYS H 206 -49.50 68.79 -55.19
CA LYS H 206 -48.28 69.54 -55.44
C LYS H 206 -47.80 70.35 -54.24
N ASP H 207 -48.37 70.07 -53.07
CA ASP H 207 -48.00 70.78 -51.85
C ASP H 207 -46.92 70.06 -51.05
N ALA H 208 -46.59 68.85 -51.45
CA ALA H 208 -45.58 68.08 -50.74
C ALA H 208 -45.04 66.92 -51.55
N GLN H 209 -43.92 66.38 -51.11
CA GLN H 209 -43.29 65.25 -51.76
C GLN H 209 -43.35 64.05 -50.83
N LEU H 210 -43.39 62.86 -51.42
CA LEU H 210 -43.51 61.63 -50.65
C LEU H 210 -42.27 60.75 -50.61
N ALA H 211 -41.98 60.18 -49.45
CA ALA H 211 -40.85 59.27 -49.29
C ALA H 211 -41.38 57.94 -48.74
N VAL H 212 -40.86 56.83 -49.29
CA VAL H 212 -41.28 55.50 -48.85
C VAL H 212 -40.16 54.79 -48.09
N ASP H 213 -40.52 54.01 -47.09
CA ASP H 213 -39.55 53.30 -46.25
C ASP H 213 -39.90 51.82 -46.09
N ALA H 214 -39.04 50.95 -46.62
CA ALA H 214 -39.26 49.50 -46.54
C ALA H 214 -38.65 48.87 -45.29
N ASN H 215 -38.05 49.69 -44.43
CA ASN H 215 -37.44 49.21 -43.19
C ASN H 215 -36.50 48.02 -43.31
N GLY H 216 -35.77 47.94 -44.43
CA GLY H 216 -34.82 46.88 -44.66
C GLY H 216 -35.38 45.47 -44.70
N ARG H 217 -36.63 45.33 -45.10
CA ARG H 217 -37.27 44.04 -45.15
C ARG H 217 -37.06 43.24 -46.44
N PHE H 218 -36.81 43.92 -47.56
CA PHE H 218 -36.65 43.26 -48.86
C PHE H 218 -35.36 42.53 -49.19
N ASN H 219 -35.49 41.46 -49.98
CA ASN H 219 -34.33 40.73 -50.45
C ASN H 219 -34.06 41.39 -51.81
N LEU H 220 -33.01 40.99 -52.51
CA LEU H 220 -32.69 41.63 -53.77
C LEU H 220 -33.82 41.68 -54.78
N GLU H 221 -34.44 40.54 -55.07
CA GLU H 221 -35.53 40.51 -56.05
C GLU H 221 -36.72 41.37 -55.67
N THR H 222 -37.15 41.28 -54.42
CA THR H 222 -38.28 42.07 -53.97
C THR H 222 -37.93 43.54 -54.05
N GLY H 223 -36.71 43.89 -53.66
CA GLY H 223 -36.28 45.27 -53.70
C GLY H 223 -36.35 45.82 -55.12
N ILE H 224 -35.98 44.98 -56.08
CA ILE H 224 -36.00 45.36 -57.49
C ILE H 224 -37.44 45.47 -57.99
N ALA H 225 -38.30 44.56 -57.56
CA ALA H 225 -39.69 44.60 -57.97
C ALA H 225 -40.29 45.93 -57.55
N TYR H 226 -40.13 46.26 -56.27
CA TYR H 226 -40.64 47.51 -55.73
C TYR H 226 -39.98 48.70 -56.41
N ALA H 227 -38.73 48.54 -56.81
CA ALA H 227 -38.02 49.63 -57.48
C ALA H 227 -38.69 49.96 -58.81
N LYS H 228 -39.01 48.92 -59.57
CA LYS H 228 -39.66 49.08 -60.86
C LYS H 228 -41.03 49.76 -60.72
N MET H 229 -41.71 49.44 -59.63
CA MET H 229 -43.03 49.99 -59.34
C MET H 229 -42.90 51.42 -58.82
N LEU H 230 -41.98 51.62 -57.88
CA LEU H 230 -41.74 52.92 -57.26
C LEU H 230 -41.18 53.98 -58.19
N ARG H 231 -40.29 53.59 -59.11
CA ARG H 231 -39.66 54.55 -60.00
C ARG H 231 -40.59 55.31 -60.94
N ASP H 232 -41.82 54.84 -61.10
CA ASP H 232 -42.76 55.53 -61.97
C ASP H 232 -43.40 56.72 -61.27
N TYR H 233 -43.16 56.86 -59.97
CA TYR H 233 -43.72 57.97 -59.21
C TYR H 233 -42.59 58.91 -58.81
N PRO H 234 -42.90 60.21 -58.69
CA PRO H 234 -41.91 61.22 -58.32
C PRO H 234 -41.62 61.27 -56.83
N LEU H 235 -41.15 60.15 -56.28
CA LEU H 235 -40.84 60.05 -54.85
C LEU H 235 -39.61 60.84 -54.42
N PHE H 236 -39.61 61.28 -53.15
CA PHE H 236 -38.50 62.04 -52.58
C PHE H 236 -37.33 61.09 -52.34
N TRP H 237 -37.64 59.90 -51.83
CA TRP H 237 -36.62 58.89 -51.62
C TRP H 237 -37.17 57.51 -51.28
N TYR H 238 -36.37 56.49 -51.58
CA TYR H 238 -36.70 55.09 -51.35
C TYR H 238 -35.71 54.70 -50.21
N GLU H 239 -36.25 54.54 -49.00
CA GLU H 239 -35.45 54.24 -47.82
C GLU H 239 -35.28 52.80 -47.38
N GLU H 240 -34.07 52.48 -46.92
CA GLU H 240 -33.68 51.17 -46.40
C GLU H 240 -34.38 50.00 -47.11
N VAL H 241 -33.98 49.78 -48.36
CA VAL H 241 -34.56 48.71 -49.17
C VAL H 241 -34.31 47.33 -48.58
N GLY H 242 -33.05 46.97 -48.43
CA GLY H 242 -32.73 45.66 -47.88
C GLY H 242 -32.09 45.76 -46.51
N ASP H 243 -31.58 44.64 -46.03
CA ASP H 243 -30.94 44.59 -44.72
C ASP H 243 -29.89 45.71 -44.63
N PRO H 244 -29.80 46.36 -43.46
CA PRO H 244 -28.84 47.46 -43.22
C PRO H 244 -27.39 47.12 -43.55
N LEU H 245 -27.02 45.84 -43.39
CA LEU H 245 -25.65 45.41 -43.61
C LEU H 245 -25.37 44.74 -44.94
N ASP H 246 -26.40 44.59 -45.79
CA ASP H 246 -26.21 43.96 -47.11
C ASP H 246 -25.87 45.04 -48.10
N TYR H 247 -24.64 45.53 -48.00
CA TYR H 247 -24.17 46.61 -48.87
C TYR H 247 -24.24 46.24 -50.34
N ALA H 248 -24.00 44.96 -50.65
CA ALA H 248 -24.03 44.52 -52.04
C ALA H 248 -25.43 44.69 -52.61
N LEU H 249 -26.43 44.41 -51.79
CA LEU H 249 -27.81 44.55 -52.25
C LEU H 249 -28.05 46.03 -52.58
N GLN H 250 -27.74 46.90 -51.64
CA GLN H 250 -27.92 48.32 -51.85
C GLN H 250 -27.24 48.79 -53.14
N ALA H 251 -26.03 48.30 -53.39
CA ALA H 251 -25.30 48.69 -54.57
C ALA H 251 -25.96 48.24 -55.86
N ALA H 252 -26.48 47.01 -55.85
CA ALA H 252 -27.15 46.46 -57.03
C ALA H 252 -28.40 47.24 -57.41
N LEU H 253 -29.01 47.89 -56.44
CA LEU H 253 -30.21 48.68 -56.70
C LEU H 253 -30.01 49.90 -57.59
N ALA H 254 -28.82 50.47 -57.61
CA ALA H 254 -28.57 51.65 -58.44
C ALA H 254 -28.92 51.44 -59.91
N GLU H 255 -28.82 50.20 -60.37
CA GLU H 255 -29.11 49.87 -61.76
C GLU H 255 -30.60 49.94 -62.09
N PHE H 256 -31.45 49.82 -61.07
CA PHE H 256 -32.88 49.85 -61.29
C PHE H 256 -33.61 51.05 -60.71
N TYR H 257 -32.93 51.84 -59.87
CA TYR H 257 -33.58 52.98 -59.26
C TYR H 257 -32.69 54.23 -59.31
N PRO H 258 -32.90 55.08 -60.33
CA PRO H 258 -32.15 56.31 -60.52
C PRO H 258 -32.43 57.34 -59.44
N GLY H 259 -33.66 57.34 -58.93
CA GLY H 259 -34.05 58.29 -57.92
C GLY H 259 -33.35 58.14 -56.58
N PRO H 260 -33.30 59.21 -55.79
CA PRO H 260 -32.63 59.15 -54.49
C PRO H 260 -33.07 58.03 -53.55
N MET H 261 -32.09 57.40 -52.90
CA MET H 261 -32.34 56.34 -51.93
C MET H 261 -31.75 56.79 -50.60
N ALA H 262 -32.14 56.13 -49.53
CA ALA H 262 -31.63 56.49 -48.21
C ALA H 262 -31.49 55.25 -47.33
N THR H 263 -30.61 55.32 -46.34
CA THR H 263 -30.42 54.22 -45.42
C THR H 263 -29.44 54.66 -44.34
N GLY H 264 -29.22 53.82 -43.33
CA GLY H 264 -28.28 54.17 -42.30
C GLY H 264 -28.78 54.27 -40.88
N GLU H 265 -30.10 54.38 -40.70
CA GLU H 265 -30.66 54.49 -39.36
C GLU H 265 -30.25 53.31 -38.48
N ASN H 266 -29.98 52.17 -39.09
CA ASN H 266 -29.61 51.00 -38.30
C ASN H 266 -28.12 50.65 -38.28
N LEU H 267 -27.29 51.61 -38.65
CA LEU H 267 -25.84 51.41 -38.60
C LEU H 267 -25.47 52.30 -37.41
N PHE H 268 -24.81 51.70 -36.41
CA PHE H 268 -24.52 52.45 -35.20
C PHE H 268 -23.08 52.76 -34.84
N SER H 269 -22.19 52.83 -35.82
CA SER H 269 -20.80 53.15 -35.53
C SER H 269 -20.14 53.79 -36.76
N HIS H 270 -19.05 54.51 -36.56
CA HIS H 270 -18.39 55.11 -37.69
C HIS H 270 -17.79 54.02 -38.54
N GLN H 271 -17.47 52.88 -37.93
CA GLN H 271 -16.91 51.75 -38.70
C GLN H 271 -17.99 51.20 -39.65
N ASP H 272 -19.21 51.07 -39.17
CA ASP H 272 -20.30 50.57 -39.99
C ASP H 272 -20.65 51.59 -41.07
N ALA H 273 -20.59 52.88 -40.73
CA ALA H 273 -20.86 53.94 -41.69
C ALA H 273 -19.78 53.87 -42.77
N ARG H 274 -18.54 53.62 -42.37
CA ARG H 274 -17.46 53.54 -43.33
C ARG H 274 -17.67 52.38 -44.31
N ASN H 275 -18.20 51.27 -43.82
CA ASN H 275 -18.46 50.13 -44.69
C ASN H 275 -19.56 50.42 -45.70
N LEU H 276 -20.57 51.17 -45.27
CA LEU H 276 -21.66 51.56 -46.18
C LEU H 276 -21.09 52.41 -47.33
N LEU H 277 -20.22 53.37 -46.99
CA LEU H 277 -19.63 54.24 -47.99
C LEU H 277 -18.65 53.51 -48.87
N ARG H 278 -18.07 52.42 -48.36
CA ARG H 278 -17.11 51.65 -49.13
C ARG H 278 -17.76 50.63 -50.06
N TYR H 279 -18.85 50.03 -49.62
CA TYR H 279 -19.45 48.96 -50.40
C TYR H 279 -20.91 49.13 -50.83
N GLY H 280 -21.61 50.09 -50.22
CA GLY H 280 -23.00 50.30 -50.57
C GLY H 280 -23.33 50.86 -51.94
N GLY H 281 -22.32 51.36 -52.65
CA GLY H 281 -22.56 51.93 -53.96
C GLY H 281 -23.61 53.04 -54.00
N MET H 282 -23.73 53.84 -52.95
CA MET H 282 -24.69 54.91 -52.95
C MET H 282 -24.17 56.09 -53.73
N ARG H 283 -25.08 56.94 -54.22
CA ARG H 283 -24.74 58.11 -55.02
C ARG H 283 -24.64 59.33 -54.11
N PRO H 284 -23.41 59.84 -53.88
CA PRO H 284 -23.19 61.00 -53.00
C PRO H 284 -23.85 62.32 -53.45
N ASP H 285 -24.30 62.39 -54.69
CA ASP H 285 -24.92 63.62 -55.16
C ASP H 285 -26.42 63.67 -54.89
N ARG H 286 -27.03 62.55 -54.52
CA ARG H 286 -28.46 62.53 -54.28
C ARG H 286 -29.03 61.63 -53.19
N ASP H 287 -28.23 60.70 -52.66
CA ASP H 287 -28.77 59.83 -51.62
C ASP H 287 -28.61 60.46 -50.25
N TRP H 288 -29.28 59.87 -49.26
CA TRP H 288 -29.23 60.38 -47.89
C TRP H 288 -28.74 59.37 -46.87
N LEU H 289 -27.92 59.82 -45.93
CA LEU H 289 -27.37 58.99 -44.86
C LEU H 289 -28.16 59.32 -43.61
N GLN H 290 -28.79 58.31 -43.01
CA GLN H 290 -29.64 58.54 -41.83
C GLN H 290 -29.10 58.08 -40.46
N PHE H 291 -27.79 58.10 -40.29
CA PHE H 291 -27.20 57.69 -39.02
C PHE H 291 -27.82 58.53 -37.90
N ASP H 292 -28.09 57.89 -36.76
CA ASP H 292 -28.70 58.56 -35.60
C ASP H 292 -27.71 58.55 -34.44
N CYS H 293 -27.20 59.71 -34.06
CA CYS H 293 -26.21 59.78 -32.97
C CYS H 293 -26.74 59.24 -31.66
N ALA H 294 -28.04 59.39 -31.41
CA ALA H 294 -28.64 58.90 -30.18
C ALA H 294 -28.53 57.39 -30.05
N LEU H 295 -28.45 56.69 -31.17
CA LEU H 295 -28.34 55.24 -31.16
C LEU H 295 -26.94 54.79 -31.54
N SER H 296 -26.06 55.74 -31.83
CA SER H 296 -24.71 55.43 -32.28
C SER H 296 -23.56 56.02 -31.48
N TYR H 297 -23.57 55.79 -30.17
CA TYR H 297 -22.50 56.27 -29.30
C TYR H 297 -22.42 57.79 -29.19
N GLY H 298 -23.51 58.47 -29.52
CA GLY H 298 -23.58 59.91 -29.40
C GLY H 298 -22.84 60.80 -30.40
N LEU H 299 -22.85 62.10 -30.10
CA LEU H 299 -22.22 63.11 -30.93
C LEU H 299 -20.71 62.94 -31.01
N CYS H 300 -20.10 62.45 -29.94
CA CYS H 300 -18.66 62.25 -29.96
C CYS H 300 -18.31 61.27 -31.06
N GLU H 301 -19.18 60.31 -31.27
CA GLU H 301 -18.98 59.30 -32.30
C GLU H 301 -19.43 59.86 -33.67
N TYR H 302 -20.54 60.57 -33.67
CA TYR H 302 -21.07 61.14 -34.91
C TYR H 302 -20.02 62.03 -35.59
N GLN H 303 -19.20 62.68 -34.78
CA GLN H 303 -18.17 63.53 -35.34
C GLN H 303 -17.15 62.69 -36.09
N ARG H 304 -16.93 61.47 -35.59
CA ARG H 304 -15.98 60.60 -36.28
C ARG H 304 -16.63 60.11 -37.59
N THR H 305 -17.94 59.88 -37.55
CA THR H 305 -18.64 59.43 -38.74
C THR H 305 -18.54 60.54 -39.79
N LEU H 306 -18.73 61.79 -39.37
CA LEU H 306 -18.64 62.92 -40.29
C LEU H 306 -17.26 62.94 -40.92
N GLU H 307 -16.25 62.58 -40.13
CA GLU H 307 -14.88 62.55 -40.63
C GLU H 307 -14.78 61.47 -41.70
N VAL H 308 -15.50 60.36 -41.51
CA VAL H 308 -15.50 59.28 -42.48
C VAL H 308 -16.09 59.79 -43.79
N LEU H 309 -17.17 60.56 -43.72
CA LEU H 309 -17.79 61.13 -44.92
C LEU H 309 -16.76 61.93 -45.73
N LYS H 310 -15.96 62.74 -45.03
CA LYS H 310 -14.94 63.54 -45.71
C LYS H 310 -14.03 62.65 -46.50
N THR H 311 -13.54 61.59 -45.85
CA THR H 311 -12.62 60.65 -46.47
C THR H 311 -13.17 59.99 -47.72
N HIS H 312 -14.48 59.96 -47.86
CA HIS H 312 -15.09 59.35 -49.03
C HIS H 312 -15.77 60.30 -49.98
N GLY H 313 -15.54 61.61 -49.80
CA GLY H 313 -16.09 62.60 -50.69
C GLY H 313 -17.55 62.98 -50.54
N TRP H 314 -18.13 62.66 -49.38
CA TRP H 314 -19.53 63.00 -49.13
C TRP H 314 -19.66 64.30 -48.35
N SER H 315 -20.74 65.03 -48.64
CA SER H 315 -21.01 66.27 -47.95
C SER H 315 -21.87 66.00 -46.73
N PRO H 316 -21.63 66.73 -45.64
CA PRO H 316 -22.44 66.50 -44.44
C PRO H 316 -23.90 66.85 -44.71
N SER H 317 -24.14 67.59 -45.78
CA SER H 317 -25.51 68.00 -46.14
C SER H 317 -26.32 66.81 -46.66
N ARG H 318 -25.66 65.67 -46.81
CA ARG H 318 -26.35 64.48 -47.27
C ARG H 318 -26.92 63.71 -46.07
N CYS H 319 -26.69 64.24 -44.87
CA CYS H 319 -27.18 63.60 -43.65
C CYS H 319 -28.50 64.14 -43.12
N ILE H 320 -29.44 63.24 -42.87
CA ILE H 320 -30.73 63.59 -42.31
C ILE H 320 -30.96 62.48 -41.29
N PRO H 321 -30.48 62.68 -40.06
CA PRO H 321 -30.59 61.73 -38.96
C PRO H 321 -31.97 61.18 -38.67
N HIS H 322 -32.01 59.92 -38.30
CA HIS H 322 -33.25 59.26 -37.92
C HIS H 322 -33.43 59.58 -36.43
N GLY H 323 -34.63 59.40 -35.91
CA GLY H 323 -34.84 59.66 -34.50
C GLY H 323 -35.78 60.78 -34.12
N GLY H 324 -35.83 61.81 -34.93
CA GLY H 324 -36.71 62.94 -34.65
C GLY H 324 -36.51 63.61 -33.31
N HIS H 325 -35.27 63.68 -32.84
CA HIS H 325 -34.99 64.31 -31.56
C HIS H 325 -34.19 65.61 -31.70
N GLN H 326 -34.24 66.44 -30.65
CA GLN H 326 -33.58 67.73 -30.64
C GLN H 326 -32.05 67.69 -30.73
N MET H 327 -31.45 66.59 -30.30
CA MET H 327 -30.00 66.49 -30.37
C MET H 327 -29.59 66.62 -31.82
N SER H 328 -30.31 65.92 -32.70
CA SER H 328 -30.04 65.95 -34.13
C SER H 328 -30.25 67.37 -34.66
N LEU H 329 -31.32 68.02 -34.22
CA LEU H 329 -31.62 69.38 -34.65
C LEU H 329 -30.41 70.28 -34.38
N ASN H 330 -29.81 70.13 -33.21
CA ASN H 330 -28.64 70.90 -32.84
C ASN H 330 -27.43 70.57 -33.72
N ILE H 331 -27.18 69.29 -33.94
CA ILE H 331 -26.05 68.90 -34.78
C ILE H 331 -26.25 69.41 -36.20
N ALA H 332 -27.49 69.31 -36.68
CA ALA H 332 -27.81 69.77 -38.03
C ALA H 332 -27.54 71.26 -38.18
N ALA H 333 -28.09 72.05 -37.27
CA ALA H 333 -27.91 73.50 -37.29
C ALA H 333 -26.46 73.92 -37.14
N GLY H 334 -25.72 73.23 -36.28
CA GLY H 334 -24.33 73.61 -36.08
C GLY H 334 -23.32 73.10 -37.09
N LEU H 335 -23.49 71.86 -37.54
CA LEU H 335 -22.54 71.29 -38.48
C LEU H 335 -22.99 71.22 -39.95
N GLY H 336 -24.18 71.77 -40.24
CA GLY H 336 -24.67 71.77 -41.60
C GLY H 336 -25.18 70.46 -42.18
N LEU H 337 -25.97 69.72 -41.42
CA LEU H 337 -26.50 68.47 -41.93
C LEU H 337 -27.63 68.84 -42.87
N GLY H 338 -28.16 67.87 -43.61
CA GLY H 338 -29.23 68.14 -44.55
C GLY H 338 -30.59 68.41 -43.92
N GLY H 339 -30.77 68.00 -42.67
CA GLY H 339 -32.04 68.22 -42.00
C GLY H 339 -32.26 67.20 -40.91
N ASN H 340 -33.51 67.01 -40.49
CA ASN H 340 -33.81 66.04 -39.42
C ASN H 340 -35.18 65.41 -39.60
N GLU H 341 -35.34 64.22 -39.04
CA GLU H 341 -36.61 63.52 -39.12
C GLU H 341 -37.48 64.07 -37.98
N SER H 342 -38.78 63.94 -38.13
CA SER H 342 -39.70 64.41 -37.11
C SER H 342 -40.92 63.48 -37.03
N TYR H 343 -41.27 63.10 -35.81
CA TYR H 343 -42.44 62.24 -35.58
C TYR H 343 -43.44 63.13 -34.85
N PRO H 344 -44.23 63.91 -35.59
CA PRO H 344 -45.21 64.79 -34.96
C PRO H 344 -46.23 64.10 -34.07
N ASP H 345 -46.69 62.94 -34.49
CA ASP H 345 -47.71 62.22 -33.73
C ASP H 345 -47.22 60.97 -33.00
N LEU H 346 -45.92 60.77 -32.90
CA LEU H 346 -45.42 59.58 -32.24
C LEU H 346 -44.36 59.83 -31.18
N PHE H 347 -44.33 58.92 -30.21
CA PHE H 347 -43.36 58.92 -29.12
C PHE H 347 -43.23 60.22 -28.30
N GLN H 348 -44.20 61.12 -28.41
CA GLN H 348 -44.16 62.37 -27.67
C GLN H 348 -44.21 62.07 -26.16
N PRO H 349 -43.64 62.96 -25.33
CA PRO H 349 -42.96 64.23 -25.64
C PRO H 349 -41.48 64.06 -25.99
N TYR H 350 -41.06 62.82 -26.22
CA TYR H 350 -39.67 62.55 -26.54
C TYR H 350 -39.36 62.84 -27.99
N GLY H 351 -39.15 64.12 -28.27
CA GLY H 351 -38.88 64.56 -29.62
C GLY H 351 -39.54 65.91 -29.81
N GLY H 352 -39.90 66.23 -31.04
CA GLY H 352 -40.54 67.51 -31.28
C GLY H 352 -39.58 68.68 -31.12
N PHE H 353 -40.16 69.86 -30.96
CA PHE H 353 -39.42 71.11 -30.82
C PHE H 353 -39.88 71.86 -29.57
N PRO H 354 -39.15 72.92 -29.19
CA PRO H 354 -39.55 73.68 -27.99
C PRO H 354 -40.96 74.29 -28.16
N ASP H 355 -41.73 74.36 -27.08
CA ASP H 355 -43.08 74.91 -27.15
C ASP H 355 -43.03 76.28 -27.83
N GLY H 356 -43.86 76.46 -28.86
CA GLY H 356 -43.87 77.74 -29.55
C GLY H 356 -43.35 77.72 -30.97
N VAL H 357 -42.15 77.20 -31.17
CA VAL H 357 -41.54 77.12 -32.50
C VAL H 357 -42.37 76.24 -33.41
N ARG H 358 -42.75 76.78 -34.56
CA ARG H 358 -43.57 76.03 -35.49
C ARG H 358 -42.85 75.65 -36.76
N VAL H 359 -43.51 74.83 -37.57
CA VAL H 359 -42.95 74.35 -38.83
C VAL H 359 -43.50 75.15 -39.99
N GLU H 360 -42.60 75.78 -40.73
CA GLU H 360 -42.97 76.57 -41.88
C GLU H 360 -42.19 76.10 -43.09
N ASN H 361 -42.92 75.71 -44.13
CA ASN H 361 -42.30 75.24 -45.37
C ASN H 361 -41.27 74.16 -45.10
N GLY H 362 -41.64 73.20 -44.27
CA GLY H 362 -40.73 72.11 -43.94
C GLY H 362 -39.51 72.51 -43.15
N HIS H 363 -39.57 73.68 -42.50
CA HIS H 363 -38.43 74.14 -41.70
C HIS H 363 -38.84 74.70 -40.36
N ILE H 364 -37.89 74.70 -39.43
CA ILE H 364 -38.09 75.26 -38.11
C ILE H 364 -36.86 76.10 -37.85
N THR H 365 -36.94 77.02 -36.90
CA THR H 365 -35.81 77.86 -36.58
C THR H 365 -35.45 77.64 -35.13
N MET H 366 -34.22 77.17 -34.91
CA MET H 366 -33.74 76.89 -33.56
C MET H 366 -33.67 78.14 -32.68
N PRO H 367 -34.42 78.16 -31.56
CA PRO H 367 -34.39 79.30 -30.66
C PRO H 367 -33.08 79.23 -29.89
N ASP H 368 -32.56 80.36 -29.44
CA ASP H 368 -31.30 80.34 -28.71
C ASP H 368 -31.41 79.94 -27.25
N LEU H 369 -31.79 78.68 -27.01
CA LEU H 369 -31.92 78.15 -25.66
C LEU H 369 -30.61 77.48 -25.27
N PRO H 370 -30.22 77.57 -23.98
CA PRO H 370 -28.96 76.93 -23.58
C PRO H 370 -29.01 75.42 -23.69
N GLY H 371 -27.90 74.80 -24.09
CA GLY H 371 -27.87 73.36 -24.24
C GLY H 371 -28.71 72.88 -25.42
N ILE H 372 -29.27 71.68 -25.30
CA ILE H 372 -30.10 71.11 -26.36
C ILE H 372 -31.40 71.88 -26.51
N GLY H 373 -31.89 72.44 -25.41
CA GLY H 373 -33.12 73.21 -25.47
C GLY H 373 -34.34 72.46 -24.99
N PHE H 374 -34.12 71.37 -24.26
CA PHE H 374 -35.22 70.57 -23.75
C PHE H 374 -36.15 71.37 -22.85
N GLU H 375 -35.58 72.33 -22.11
CA GLU H 375 -36.36 73.15 -21.21
C GLU H 375 -37.49 73.89 -21.92
N GLY H 376 -37.29 74.17 -23.20
CA GLY H 376 -38.30 74.88 -23.98
C GLY H 376 -39.55 74.08 -24.27
N LYS H 377 -39.48 72.76 -24.06
CA LYS H 377 -40.63 71.88 -24.28
C LYS H 377 -41.13 71.39 -22.92
N SER H 378 -42.07 72.15 -22.35
CA SER H 378 -42.63 71.85 -21.04
C SER H 378 -43.03 70.41 -20.77
N ASP H 379 -43.83 69.82 -21.65
CA ASP H 379 -44.28 68.44 -21.44
C ASP H 379 -43.14 67.44 -21.38
N LEU H 380 -42.03 67.76 -22.04
CA LEU H 380 -40.87 66.87 -22.04
C LEU H 380 -40.03 67.18 -20.81
N TYR H 381 -39.75 68.47 -20.59
CA TYR H 381 -38.94 68.90 -19.45
C TYR H 381 -39.55 68.45 -18.11
N LYS H 382 -40.88 68.37 -18.08
CA LYS H 382 -41.58 67.94 -16.87
C LYS H 382 -41.05 66.58 -16.48
N GLU H 383 -40.93 65.71 -17.48
CA GLU H 383 -40.44 64.36 -17.29
C GLU H 383 -38.99 64.35 -16.84
N MET H 384 -38.20 65.22 -17.44
CA MET H 384 -36.77 65.33 -17.14
C MET H 384 -36.46 65.86 -15.75
N LYS H 385 -37.12 66.95 -15.34
CA LYS H 385 -36.84 67.47 -14.00
C LYS H 385 -37.40 66.51 -12.96
N ALA H 386 -38.31 65.65 -13.37
CA ALA H 386 -38.90 64.66 -12.47
C ALA H 386 -37.86 63.58 -12.21
N LEU H 387 -36.99 63.33 -13.18
CA LEU H 387 -35.95 62.33 -13.04
C LEU H 387 -34.81 62.86 -12.14
N ALA H 388 -34.39 64.10 -12.41
CA ALA H 388 -33.33 64.72 -11.64
C ALA H 388 -33.40 66.22 -11.82
N GLU H 389 -33.08 66.96 -10.76
CA GLU H 389 -33.10 68.42 -10.80
C GLU H 389 -31.97 69.01 -9.97
N SER I 2 -66.60 5.94 -7.00
CA SER I 2 -65.22 6.41 -7.37
C SER I 2 -65.13 7.92 -7.61
N VAL I 3 -64.54 8.62 -6.65
CA VAL I 3 -64.34 10.06 -6.72
C VAL I 3 -62.98 10.27 -6.09
N ARG I 4 -61.96 10.32 -6.92
CA ARG I 4 -60.59 10.45 -6.44
C ARG I 4 -59.77 11.56 -7.13
N ILE I 5 -59.20 12.47 -6.33
CA ILE I 5 -58.38 13.53 -6.91
C ILE I 5 -57.11 12.89 -7.42
N VAL I 6 -56.92 12.93 -8.73
CA VAL I 6 -55.77 12.33 -9.36
C VAL I 6 -54.57 13.24 -9.49
N ASP I 7 -54.81 14.54 -9.66
CA ASP I 7 -53.70 15.46 -9.82
C ASP I 7 -54.08 16.89 -9.45
N VAL I 8 -53.07 17.65 -9.05
CA VAL I 8 -53.21 19.04 -8.67
C VAL I 8 -52.10 19.74 -9.44
N ARG I 9 -52.47 20.40 -10.52
CA ARG I 9 -51.51 21.08 -11.38
C ARG I 9 -51.50 22.60 -11.24
N GLU I 10 -50.30 23.16 -11.24
CA GLU I 10 -50.13 24.61 -11.13
C GLU I 10 -49.26 25.17 -12.25
N ILE I 11 -49.70 26.28 -12.82
CA ILE I 11 -48.94 26.97 -13.87
C ILE I 11 -48.97 28.45 -13.55
N THR I 12 -47.80 29.05 -13.53
CA THR I 12 -47.70 30.46 -13.20
C THR I 12 -47.78 31.36 -14.44
N LYS I 13 -48.82 32.19 -14.49
CA LYS I 13 -49.03 33.12 -15.59
C LYS I 13 -48.71 34.58 -15.21
N PRO I 14 -48.07 35.32 -16.12
CA PRO I 14 -47.75 36.73 -15.84
C PRO I 14 -48.94 37.65 -16.15
N ILE I 15 -49.14 38.65 -15.32
CA ILE I 15 -50.22 39.63 -15.48
C ILE I 15 -49.63 40.97 -15.09
N SER I 16 -48.45 41.27 -15.66
CA SER I 16 -47.74 42.49 -15.36
C SER I 16 -47.85 43.65 -16.34
N SER I 17 -47.62 44.86 -15.83
CA SER I 17 -47.69 46.08 -16.62
C SER I 17 -47.26 47.29 -15.77
N PRO I 18 -46.91 48.41 -16.42
CA PRO I 18 -46.47 49.65 -15.75
C PRO I 18 -47.51 50.25 -14.80
N ILE I 19 -48.66 49.59 -14.69
CA ILE I 19 -49.76 50.01 -13.81
C ILE I 19 -49.24 50.28 -12.39
N ARG I 20 -49.79 51.30 -11.73
CA ARG I 20 -49.34 51.68 -10.38
C ARG I 20 -50.41 52.31 -9.49
N ASN I 21 -50.45 51.89 -8.24
CA ASN I 21 -51.39 52.47 -7.27
C ASN I 21 -50.51 53.13 -6.22
N ALA I 22 -51.09 53.64 -5.14
CA ALA I 22 -50.32 54.32 -4.11
C ALA I 22 -49.32 53.46 -3.32
N TYR I 23 -49.40 52.15 -3.43
CA TYR I 23 -48.53 51.27 -2.69
C TYR I 23 -47.61 50.42 -3.54
N ILE I 24 -48.14 49.97 -4.67
CA ILE I 24 -47.46 49.04 -5.58
C ILE I 24 -47.60 49.35 -7.07
N ASP I 25 -46.70 48.77 -7.87
CA ASP I 25 -46.82 48.85 -9.30
C ASP I 25 -46.83 47.37 -9.71
N PHE I 26 -47.50 47.03 -10.79
CA PHE I 26 -47.61 45.64 -11.21
C PHE I 26 -46.56 45.13 -12.19
N THR I 27 -45.39 45.75 -12.14
CA THR I 27 -44.27 45.39 -13.00
C THR I 27 -43.92 43.90 -13.07
N LYS I 28 -43.96 43.22 -11.94
CA LYS I 28 -43.63 41.79 -11.90
C LYS I 28 -44.80 40.92 -11.45
N MET I 29 -46.02 41.47 -11.48
CA MET I 29 -47.18 40.73 -11.02
C MET I 29 -47.45 39.43 -11.76
N THR I 30 -47.78 38.39 -11.00
CA THR I 30 -48.06 37.07 -11.54
C THR I 30 -49.27 36.47 -10.83
N THR I 31 -49.69 35.31 -11.31
CA THR I 31 -50.82 34.62 -10.70
C THR I 31 -50.72 33.11 -10.97
N SER I 32 -51.27 32.30 -10.06
CA SER I 32 -51.22 30.86 -10.22
C SER I 32 -52.50 30.30 -10.81
N LEU I 33 -52.36 29.51 -11.87
CA LEU I 33 -53.51 28.86 -12.49
C LEU I 33 -53.46 27.40 -12.00
N VAL I 34 -54.51 26.97 -11.34
CA VAL I 34 -54.53 25.62 -10.80
C VAL I 34 -55.62 24.73 -11.40
N ALA I 35 -55.31 23.45 -11.47
CA ALA I 35 -56.25 22.47 -12.00
C ALA I 35 -56.30 21.26 -11.07
N VAL I 36 -57.50 20.90 -10.63
CA VAL I 36 -57.70 19.75 -9.78
C VAL I 36 -58.32 18.69 -10.68
N VAL I 37 -57.51 17.71 -11.07
CA VAL I 37 -57.92 16.64 -11.95
C VAL I 37 -58.51 15.47 -11.17
N THR I 38 -59.75 15.10 -11.49
CA THR I 38 -60.40 13.99 -10.82
C THR I 38 -60.51 12.79 -11.76
N ASP I 39 -61.05 11.70 -11.26
CA ASP I 39 -61.23 10.49 -12.07
C ASP I 39 -62.71 10.30 -12.37
N VAL I 40 -63.53 11.23 -11.89
CA VAL I 40 -64.97 11.14 -12.13
C VAL I 40 -65.26 11.58 -13.56
N VAL I 41 -66.19 10.90 -14.20
CA VAL I 41 -66.53 11.23 -15.58
C VAL I 41 -67.98 11.69 -15.73
N ARG I 42 -68.14 12.85 -16.34
CA ARG I 42 -69.44 13.45 -16.60
C ARG I 42 -69.41 13.90 -18.06
N GLU I 43 -70.37 13.43 -18.86
CA GLU I 43 -70.44 13.79 -20.27
C GLU I 43 -69.36 13.08 -21.08
N GLY I 44 -69.00 11.87 -20.66
CA GLY I 44 -67.96 11.11 -21.32
C GLY I 44 -66.59 11.78 -21.21
N LYS I 45 -66.54 12.86 -20.44
CA LYS I 45 -65.31 13.63 -20.24
C LYS I 45 -64.99 13.70 -18.75
N ARG I 46 -63.72 13.54 -18.40
CA ARG I 46 -63.31 13.58 -17.01
C ARG I 46 -63.51 15.00 -16.48
N VAL I 47 -64.06 15.13 -15.28
CA VAL I 47 -64.31 16.43 -14.70
C VAL I 47 -63.04 17.00 -14.06
N VAL I 48 -62.71 18.24 -14.43
CA VAL I 48 -61.54 18.92 -13.93
C VAL I 48 -61.92 20.29 -13.37
N GLY I 49 -61.48 20.57 -12.14
CA GLY I 49 -61.78 21.84 -11.53
C GLY I 49 -60.67 22.84 -11.81
N TYR I 50 -61.03 24.09 -12.01
CA TYR I 50 -60.01 25.11 -12.29
C TYR I 50 -60.13 26.29 -11.34
N GLY I 51 -59.03 27.03 -11.22
CA GLY I 51 -59.02 28.20 -10.35
C GLY I 51 -57.73 28.97 -10.53
N PHE I 52 -57.72 30.21 -10.05
CA PHE I 52 -56.54 31.05 -10.14
C PHE I 52 -56.68 32.13 -9.07
N ASN I 53 -55.56 32.68 -8.61
CA ASN I 53 -55.65 33.71 -7.59
C ASN I 53 -55.73 35.12 -8.16
N SER I 54 -56.43 35.99 -7.44
CA SER I 54 -56.59 37.38 -7.82
C SER I 54 -55.25 38.11 -7.96
N ASN I 55 -55.29 39.26 -8.62
CA ASN I 55 -54.10 40.06 -8.83
C ASN I 55 -53.64 40.68 -7.52
N GLY I 56 -52.38 41.09 -7.46
CA GLY I 56 -51.89 41.77 -6.27
C GLY I 56 -51.02 40.99 -5.30
N ARG I 57 -51.25 39.69 -5.17
CA ARG I 57 -50.47 38.90 -4.22
C ARG I 57 -49.47 37.95 -4.82
N TYR I 58 -49.40 37.89 -6.16
CA TYR I 58 -48.46 37.02 -6.88
C TYR I 58 -48.87 35.57 -6.88
N GLY I 59 -48.25 34.77 -7.74
CA GLY I 59 -48.54 33.36 -7.82
C GLY I 59 -47.96 32.60 -6.64
N GLN I 60 -48.47 31.41 -6.37
CA GLN I 60 -48.00 30.61 -5.24
C GLN I 60 -47.62 29.19 -5.66
N GLY I 61 -46.95 29.06 -6.81
CA GLY I 61 -46.55 27.74 -7.28
C GLY I 61 -45.81 26.93 -6.23
N GLY I 62 -44.79 27.52 -5.61
CA GLY I 62 -44.03 26.82 -4.59
C GLY I 62 -44.89 26.22 -3.50
N LEU I 63 -45.68 27.04 -2.84
CA LEU I 63 -46.54 26.57 -1.76
C LEU I 63 -47.54 25.51 -2.22
N ILE I 64 -48.17 25.72 -3.37
CA ILE I 64 -49.16 24.76 -3.88
C ILE I 64 -48.48 23.41 -4.07
N ARG I 65 -47.31 23.49 -4.68
CA ARG I 65 -46.45 22.37 -5.01
C ARG I 65 -45.96 21.63 -3.76
N GLU I 66 -45.03 22.26 -3.06
CA GLU I 66 -44.36 21.72 -1.88
C GLU I 66 -45.10 21.54 -0.56
N ARG I 67 -46.40 21.78 -0.51
CA ARG I 67 -47.05 21.61 0.77
C ARG I 67 -48.52 21.22 0.75
N PHE I 68 -49.32 21.99 0.02
CA PHE I 68 -50.75 21.72 -0.04
C PHE I 68 -51.18 20.70 -1.06
N ALA I 69 -50.74 20.85 -2.31
CA ALA I 69 -51.13 19.89 -3.35
C ALA I 69 -50.73 18.47 -2.93
N SER I 70 -49.56 18.35 -2.30
CA SER I 70 -49.09 17.05 -1.85
C SER I 70 -50.11 16.44 -0.89
N ARG I 71 -50.32 17.08 0.24
CA ARG I 71 -51.27 16.58 1.22
C ARG I 71 -52.56 16.05 0.63
N ILE I 72 -53.15 16.76 -0.31
CA ILE I 72 -54.40 16.31 -0.91
C ILE I 72 -54.23 14.95 -1.56
N LEU I 73 -53.33 14.88 -2.53
CA LEU I 73 -53.07 13.64 -3.24
C LEU I 73 -52.60 12.51 -2.31
N GLU I 74 -51.82 12.84 -1.29
CA GLU I 74 -51.30 11.85 -0.36
C GLU I 74 -52.33 11.42 0.69
N ALA I 75 -53.60 11.78 0.48
CA ALA I 75 -54.63 11.44 1.44
C ALA I 75 -55.45 10.25 0.97
N ASP I 76 -56.32 9.76 1.84
CA ASP I 76 -57.18 8.62 1.55
C ASP I 76 -58.45 9.14 0.85
N PRO I 77 -58.47 9.10 -0.49
CA PRO I 77 -59.61 9.56 -1.29
C PRO I 77 -60.99 9.18 -0.76
N LYS I 78 -61.04 8.23 0.16
CA LYS I 78 -62.30 7.78 0.73
C LYS I 78 -62.75 8.72 1.86
N LYS I 79 -61.77 9.37 2.49
CA LYS I 79 -62.05 10.28 3.59
C LYS I 79 -62.26 11.73 3.17
N LEU I 80 -62.44 11.96 1.88
CA LEU I 80 -62.66 13.30 1.34
C LEU I 80 -63.99 13.39 0.64
N LEU I 81 -64.90 12.47 0.95
CA LEU I 81 -66.20 12.46 0.30
C LEU I 81 -67.34 12.84 1.23
N ASN I 82 -68.48 13.19 0.63
CA ASN I 82 -69.67 13.55 1.39
C ASN I 82 -70.30 12.28 1.96
N GLU I 83 -71.45 12.45 2.61
CA GLU I 83 -72.16 11.31 3.20
C GLU I 83 -72.44 10.23 2.17
N ALA I 84 -73.05 10.63 1.06
CA ALA I 84 -73.39 9.70 -0.01
C ALA I 84 -72.17 9.08 -0.68
N GLY I 85 -71.01 9.71 -0.53
CA GLY I 85 -69.80 9.17 -1.14
C GLY I 85 -69.80 9.30 -2.66
N ASP I 86 -70.69 10.12 -3.20
CA ASP I 86 -70.78 10.31 -4.65
C ASP I 86 -70.12 11.61 -5.12
N ASN I 87 -69.54 12.36 -4.20
CA ASN I 87 -68.87 13.62 -4.56
C ASN I 87 -67.87 14.02 -3.47
N LEU I 88 -66.97 14.92 -3.83
CA LEU I 88 -65.95 15.42 -2.89
C LEU I 88 -66.59 16.36 -1.90
N ASP I 89 -66.07 16.37 -0.67
CA ASP I 89 -66.56 17.27 0.36
C ASP I 89 -65.51 18.39 0.43
N PRO I 90 -65.86 19.59 -0.06
CA PRO I 90 -64.94 20.74 -0.06
C PRO I 90 -64.22 20.93 1.27
N ASP I 91 -64.99 20.95 2.35
CA ASP I 91 -64.44 21.14 3.69
C ASP I 91 -63.48 20.05 4.12
N LYS I 92 -63.72 18.81 3.69
CA LYS I 92 -62.82 17.74 4.06
C LYS I 92 -61.50 17.89 3.31
N VAL I 93 -61.58 18.33 2.05
CA VAL I 93 -60.39 18.55 1.26
C VAL I 93 -59.61 19.71 1.87
N TRP I 94 -60.33 20.74 2.26
CA TRP I 94 -59.73 21.93 2.88
C TRP I 94 -58.97 21.50 4.14
N ALA I 95 -59.66 20.79 5.01
CA ALA I 95 -59.05 20.33 6.27
C ALA I 95 -57.83 19.50 5.96
N ALA I 96 -57.93 18.71 4.90
CA ALA I 96 -56.84 17.85 4.49
C ALA I 96 -55.58 18.64 4.19
N MET I 97 -55.72 19.74 3.44
CA MET I 97 -54.53 20.51 3.11
C MET I 97 -54.07 21.48 4.19
N MET I 98 -54.86 21.64 5.24
CA MET I 98 -54.49 22.54 6.32
C MET I 98 -53.89 21.84 7.55
N ILE I 99 -53.69 20.53 7.47
CA ILE I 99 -53.11 19.82 8.60
C ILE I 99 -51.67 20.24 8.78
N ASN I 100 -51.26 20.38 10.03
CA ASN I 100 -49.90 20.78 10.36
C ASN I 100 -49.52 22.20 9.95
N GLU I 101 -50.52 23.07 9.92
CA GLU I 101 -50.32 24.47 9.61
C GLU I 101 -50.56 25.25 10.92
N LYS I 102 -49.55 25.92 11.44
CA LYS I 102 -49.74 26.68 12.68
C LYS I 102 -50.60 27.94 12.47
N PRO I 103 -51.33 28.37 13.51
CA PRO I 103 -52.20 29.54 13.45
C PRO I 103 -51.44 30.85 13.16
N GLY I 104 -52.19 31.88 12.78
CA GLY I 104 -51.58 33.16 12.44
C GLY I 104 -50.84 33.08 11.11
N GLY I 105 -50.14 34.16 10.75
CA GLY I 105 -49.40 34.19 9.50
C GLY I 105 -50.26 33.96 8.26
N HIS I 106 -51.41 34.64 8.19
CA HIS I 106 -52.33 34.51 7.06
C HIS I 106 -51.99 35.36 5.85
N GLY I 107 -51.06 34.85 5.04
CA GLY I 107 -50.63 35.53 3.83
C GLY I 107 -49.83 34.55 3.00
N GLU I 108 -50.02 34.60 1.68
CA GLU I 108 -49.33 33.70 0.76
C GLU I 108 -49.99 32.34 0.74
N ARG I 109 -49.79 31.57 1.81
CA ARG I 109 -50.39 30.23 1.86
C ARG I 109 -51.90 30.35 1.77
N SER I 110 -52.42 31.50 2.19
CA SER I 110 -53.85 31.74 2.13
C SER I 110 -54.25 31.88 0.65
N VAL I 111 -53.30 32.30 -0.18
CA VAL I 111 -53.52 32.46 -1.60
C VAL I 111 -53.45 31.09 -2.27
N ALA I 112 -52.49 30.28 -1.84
CA ALA I 112 -52.31 28.95 -2.38
C ALA I 112 -53.53 28.10 -2.09
N VAL I 113 -53.93 28.05 -0.82
CA VAL I 113 -55.10 27.27 -0.43
C VAL I 113 -56.35 27.83 -1.09
N GLY I 114 -56.45 29.15 -1.12
CA GLY I 114 -57.63 29.77 -1.71
C GLY I 114 -57.83 29.43 -3.17
N THR I 115 -56.73 29.39 -3.92
CA THR I 115 -56.82 29.09 -5.34
C THR I 115 -57.10 27.61 -5.57
N ILE I 116 -56.56 26.74 -4.72
CA ILE I 116 -56.82 25.29 -4.86
C ILE I 116 -58.30 25.07 -4.51
N ASP I 117 -58.75 25.74 -3.45
CA ASP I 117 -60.14 25.64 -3.00
C ASP I 117 -61.09 26.02 -4.12
N MET I 118 -60.72 27.04 -4.89
CA MET I 118 -61.57 27.47 -6.00
C MET I 118 -61.81 26.31 -6.93
N ALA I 119 -60.73 25.64 -7.31
CA ALA I 119 -60.80 24.50 -8.22
C ALA I 119 -61.60 23.34 -7.62
N VAL I 120 -61.42 23.10 -6.33
CA VAL I 120 -62.14 22.02 -5.66
C VAL I 120 -63.65 22.24 -5.76
N TRP I 121 -64.12 23.44 -5.44
CA TRP I 121 -65.54 23.73 -5.54
C TRP I 121 -66.02 23.65 -6.98
N ASP I 122 -65.17 24.05 -7.91
CA ASP I 122 -65.53 24.01 -9.32
C ASP I 122 -65.81 22.56 -9.71
N ALA I 123 -64.93 21.66 -9.25
CA ALA I 123 -65.09 20.25 -9.52
C ALA I 123 -66.36 19.70 -8.87
N VAL I 124 -66.52 19.98 -7.58
CA VAL I 124 -67.68 19.53 -6.84
C VAL I 124 -68.99 19.90 -7.54
N ALA I 125 -69.11 21.15 -7.97
CA ALA I 125 -70.31 21.61 -8.65
C ALA I 125 -70.49 20.87 -9.96
N LYS I 126 -69.40 20.65 -10.68
CA LYS I 126 -69.45 19.94 -11.95
C LYS I 126 -69.90 18.49 -11.74
N ILE I 127 -69.34 17.85 -10.70
CA ILE I 127 -69.69 16.48 -10.37
C ILE I 127 -71.18 16.39 -10.00
N ALA I 128 -71.72 17.46 -9.42
CA ALA I 128 -73.12 17.50 -9.04
C ALA I 128 -73.99 17.98 -10.21
N GLY I 129 -73.35 18.34 -11.32
CA GLY I 129 -74.07 18.80 -12.49
C GLY I 129 -74.85 20.10 -12.31
N LYS I 130 -74.39 20.95 -11.40
CA LYS I 130 -75.07 22.23 -11.17
C LYS I 130 -74.10 23.41 -11.25
N PRO I 131 -74.63 24.62 -11.45
CA PRO I 131 -73.75 25.80 -11.50
C PRO I 131 -73.36 26.03 -10.04
N LEU I 132 -72.09 26.32 -9.78
CA LEU I 132 -71.65 26.52 -8.40
C LEU I 132 -72.58 27.40 -7.58
N PHE I 133 -73.05 28.51 -8.15
CA PHE I 133 -73.91 29.40 -7.39
C PHE I 133 -75.24 28.77 -7.01
N ARG I 134 -75.74 27.85 -7.83
CA ARG I 134 -77.00 27.18 -7.53
C ARG I 134 -76.75 26.20 -6.38
N LEU I 135 -75.66 25.45 -6.49
CA LEU I 135 -75.29 24.48 -5.48
C LEU I 135 -75.07 25.14 -4.12
N LEU I 136 -74.49 26.33 -4.13
CA LEU I 136 -74.23 27.08 -2.90
C LEU I 136 -75.54 27.48 -2.22
N ALA I 137 -76.44 28.07 -2.99
CA ALA I 137 -77.73 28.50 -2.45
C ALA I 137 -78.44 27.28 -1.84
N GLU I 138 -78.41 26.17 -2.56
CA GLU I 138 -79.03 24.93 -2.08
C GLU I 138 -78.46 24.55 -0.72
N ARG I 139 -77.15 24.42 -0.64
CA ARG I 139 -76.49 24.05 0.60
C ARG I 139 -76.85 24.98 1.76
N HIS I 140 -77.21 26.22 1.45
CA HIS I 140 -77.58 27.19 2.49
C HIS I 140 -79.07 27.31 2.68
N GLY I 141 -79.83 26.59 1.85
CA GLY I 141 -81.26 26.63 1.96
C GLY I 141 -81.85 27.99 1.61
N VAL I 142 -81.36 28.56 0.52
CA VAL I 142 -81.85 29.85 0.05
C VAL I 142 -81.96 29.79 -1.46
N LYS I 143 -82.65 30.74 -2.08
CA LYS I 143 -82.76 30.73 -3.52
C LYS I 143 -81.72 31.71 -4.08
N ALA I 144 -80.94 31.25 -5.05
CA ALA I 144 -79.92 32.10 -5.63
C ALA I 144 -80.57 33.26 -6.38
N ASN I 145 -79.71 34.09 -6.93
CA ASN I 145 -80.10 35.27 -7.71
C ASN I 145 -78.99 35.50 -8.73
N PRO I 146 -79.25 35.14 -9.99
CA PRO I 146 -78.28 35.31 -11.07
C PRO I 146 -77.96 36.77 -11.44
N ARG I 147 -78.59 37.72 -10.77
CA ARG I 147 -78.31 39.12 -11.06
C ARG I 147 -77.26 39.66 -10.07
N VAL I 148 -76.10 40.03 -10.59
CA VAL I 148 -75.03 40.51 -9.73
C VAL I 148 -74.49 41.87 -10.12
N PHE I 149 -74.40 42.76 -9.13
CA PHE I 149 -73.86 44.09 -9.34
C PHE I 149 -72.35 44.01 -9.53
N VAL I 150 -71.84 44.75 -10.51
CA VAL I 150 -70.40 44.78 -10.77
C VAL I 150 -69.97 46.21 -11.08
N TYR I 151 -68.76 46.56 -10.66
CA TYR I 151 -68.23 47.89 -10.89
C TYR I 151 -66.89 47.75 -11.57
N ALA I 152 -66.53 48.75 -12.37
CA ALA I 152 -65.25 48.69 -13.09
C ALA I 152 -64.15 49.35 -12.26
N ALA I 153 -63.06 48.62 -12.06
CA ALA I 153 -61.93 49.13 -11.29
C ALA I 153 -60.72 49.38 -12.16
N GLY I 154 -60.19 50.59 -12.09
CA GLY I 154 -59.03 50.94 -12.86
C GLY I 154 -58.51 52.29 -12.38
N GLY I 155 -58.32 53.21 -13.31
CA GLY I 155 -57.82 54.53 -12.94
C GLY I 155 -56.45 54.47 -12.29
N TYR I 156 -55.59 53.61 -12.80
CA TYR I 156 -54.23 53.48 -12.26
C TYR I 156 -53.34 54.60 -12.74
N TYR I 157 -52.21 54.78 -12.06
CA TYR I 157 -51.24 55.78 -12.46
C TYR I 157 -50.40 55.04 -13.49
N TYR I 158 -50.19 55.66 -14.64
CA TYR I 158 -49.41 55.04 -15.70
C TYR I 158 -48.41 56.06 -16.23
N PRO I 159 -47.18 55.63 -16.56
CA PRO I 159 -46.21 56.60 -17.08
C PRO I 159 -46.73 57.29 -18.35
N GLY I 160 -46.83 58.61 -18.28
CA GLY I 160 -47.30 59.37 -19.43
C GLY I 160 -48.82 59.46 -19.58
N LYS I 161 -49.55 58.98 -18.58
CA LYS I 161 -51.02 59.00 -18.62
C LYS I 161 -51.52 60.33 -18.03
N GLY I 162 -52.27 61.09 -18.84
CA GLY I 162 -52.80 62.36 -18.37
C GLY I 162 -54.30 62.34 -18.15
N LEU I 163 -54.88 63.49 -17.81
CA LEU I 163 -56.32 63.57 -17.58
C LEU I 163 -57.09 63.08 -18.79
N SER I 164 -56.56 63.38 -19.97
CA SER I 164 -57.18 62.96 -21.22
C SER I 164 -57.46 61.45 -21.21
N MET I 165 -56.40 60.67 -21.08
CA MET I 165 -56.50 59.22 -21.06
C MET I 165 -57.32 58.69 -19.89
N LEU I 166 -57.13 59.26 -18.70
CA LEU I 166 -57.88 58.83 -17.53
C LEU I 166 -59.35 58.88 -17.91
N ARG I 167 -59.75 60.01 -18.47
CA ARG I 167 -61.12 60.24 -18.93
C ARG I 167 -61.54 59.15 -19.92
N GLY I 168 -60.67 58.88 -20.88
CA GLY I 168 -60.95 57.87 -21.88
C GLY I 168 -61.22 56.53 -21.24
N GLU I 169 -60.34 56.11 -20.34
CA GLU I 169 -60.49 54.84 -19.64
C GLU I 169 -61.88 54.73 -19.01
N MET I 170 -62.25 55.73 -18.23
CA MET I 170 -63.55 55.72 -17.56
C MET I 170 -64.69 55.63 -18.55
N ARG I 171 -64.68 56.50 -19.56
CA ARG I 171 -65.72 56.50 -20.57
C ARG I 171 -65.81 55.11 -21.19
N GLY I 172 -64.65 54.49 -21.36
CA GLY I 172 -64.61 53.15 -21.92
C GLY I 172 -65.42 52.20 -21.06
N TYR I 173 -65.34 52.35 -19.75
CA TYR I 173 -66.09 51.50 -18.84
C TYR I 173 -67.58 51.77 -18.98
N LEU I 174 -67.95 53.05 -18.98
CA LEU I 174 -69.35 53.41 -19.11
C LEU I 174 -69.91 52.85 -20.41
N ASP I 175 -69.11 52.88 -21.47
CA ASP I 175 -69.54 52.36 -22.77
C ASP I 175 -69.91 50.89 -22.67
N ARG I 176 -69.30 50.18 -21.72
CA ARG I 176 -69.59 48.77 -21.56
C ARG I 176 -70.67 48.40 -20.54
N GLY I 177 -71.39 49.41 -20.07
CA GLY I 177 -72.48 49.16 -19.15
C GLY I 177 -72.28 49.48 -17.67
N TYR I 178 -71.06 49.79 -17.28
CA TYR I 178 -70.79 50.07 -15.86
C TYR I 178 -71.36 51.42 -15.42
N ASN I 179 -71.97 51.44 -14.25
CA ASN I 179 -72.54 52.65 -13.70
C ASN I 179 -71.81 53.06 -12.43
N VAL I 180 -70.65 52.45 -12.20
CA VAL I 180 -69.81 52.73 -11.04
C VAL I 180 -68.33 52.40 -11.35
N VAL I 181 -67.46 53.39 -11.22
CA VAL I 181 -66.07 53.16 -11.50
C VAL I 181 -65.15 53.55 -10.33
N LYS I 182 -63.97 52.94 -10.27
CA LYS I 182 -63.02 53.21 -9.19
C LYS I 182 -61.66 53.65 -9.73
N MET I 183 -61.04 54.60 -9.09
CA MET I 183 -59.74 55.08 -9.53
C MET I 183 -58.80 55.07 -8.33
N LYS I 184 -57.52 55.23 -8.59
CA LYS I 184 -56.54 55.27 -7.51
C LYS I 184 -56.25 56.69 -7.06
N ILE I 185 -55.85 56.83 -5.80
CA ILE I 185 -55.47 58.12 -5.24
C ILE I 185 -54.33 57.84 -4.28
N GLY I 186 -53.66 58.91 -3.85
CA GLY I 186 -52.54 58.75 -2.94
C GLY I 186 -51.26 58.47 -3.69
N GLY I 187 -51.34 58.37 -5.01
CA GLY I 187 -50.15 58.12 -5.78
C GLY I 187 -49.47 59.39 -6.29
N ALA I 188 -50.08 60.52 -5.96
CA ALA I 188 -49.60 61.86 -6.35
C ALA I 188 -50.03 62.88 -5.31
N PRO I 189 -49.44 64.08 -5.34
CA PRO I 189 -49.80 65.12 -4.38
C PRO I 189 -51.31 65.27 -4.26
N ILE I 190 -51.80 65.59 -3.08
CA ILE I 190 -53.24 65.71 -2.87
C ILE I 190 -53.93 66.67 -3.83
N GLU I 191 -53.27 67.74 -4.24
CA GLU I 191 -53.92 68.68 -5.15
C GLU I 191 -53.99 68.13 -6.56
N GLU I 192 -52.99 67.34 -6.95
CA GLU I 192 -52.99 66.75 -8.27
C GLU I 192 -54.11 65.71 -8.28
N ASP I 193 -54.23 64.96 -7.19
CA ASP I 193 -55.27 63.94 -7.09
C ASP I 193 -56.63 64.58 -7.25
N ARG I 194 -56.85 65.72 -6.61
CA ARG I 194 -58.15 66.40 -6.70
C ARG I 194 -58.50 66.63 -8.17
N MET I 195 -57.51 67.01 -8.97
CA MET I 195 -57.71 67.24 -10.41
C MET I 195 -58.19 65.97 -11.07
N ARG I 196 -57.38 64.94 -10.98
CA ARG I 196 -57.70 63.64 -11.57
C ARG I 196 -59.12 63.22 -11.24
N ILE I 197 -59.55 63.49 -10.01
CA ILE I 197 -60.90 63.15 -9.56
C ILE I 197 -61.93 64.04 -10.25
N GLU I 198 -61.74 65.35 -10.17
CA GLU I 198 -62.67 66.30 -10.76
C GLU I 198 -62.78 66.03 -12.24
N ALA I 199 -61.69 65.58 -12.85
CA ALA I 199 -61.68 65.30 -14.27
C ALA I 199 -62.53 64.09 -14.61
N VAL I 200 -62.67 63.18 -13.65
CA VAL I 200 -63.44 61.96 -13.85
C VAL I 200 -64.88 62.20 -13.50
N LEU I 201 -65.11 62.98 -12.45
CA LEU I 201 -66.45 63.32 -11.99
C LEU I 201 -67.18 64.05 -13.11
N GLU I 202 -66.41 64.84 -13.85
CA GLU I 202 -66.87 65.64 -14.98
C GLU I 202 -67.17 64.75 -16.20
N GLU I 203 -66.32 63.76 -16.44
CA GLU I 203 -66.48 62.85 -17.56
C GLU I 203 -67.71 61.93 -17.43
N ILE I 204 -67.93 61.38 -16.24
CA ILE I 204 -69.05 60.48 -16.04
C ILE I 204 -70.35 61.22 -15.76
N GLY I 205 -70.23 62.49 -15.38
CA GLY I 205 -71.42 63.29 -15.10
C GLY I 205 -72.44 62.59 -14.21
N LYS I 206 -73.63 62.36 -14.74
CA LYS I 206 -74.69 61.71 -13.97
C LYS I 206 -74.96 60.29 -14.43
N ASP I 207 -74.07 59.73 -15.23
CA ASP I 207 -74.25 58.38 -15.75
C ASP I 207 -73.53 57.33 -14.91
N ALA I 208 -72.75 57.78 -13.93
CA ALA I 208 -72.04 56.86 -13.07
C ALA I 208 -71.53 57.52 -11.79
N GLN I 209 -71.16 56.69 -10.82
CA GLN I 209 -70.63 57.17 -9.55
C GLN I 209 -69.17 56.76 -9.45
N LEU I 210 -68.39 57.55 -8.71
CA LEU I 210 -66.97 57.31 -8.57
C LEU I 210 -66.52 56.84 -7.19
N ALA I 211 -65.58 55.90 -7.19
CA ALA I 211 -65.02 55.37 -5.95
C ALA I 211 -63.51 55.58 -6.01
N VAL I 212 -62.91 55.98 -4.90
CA VAL I 212 -61.46 56.21 -4.83
C VAL I 212 -60.81 55.17 -3.91
N ASP I 213 -59.59 54.77 -4.25
CA ASP I 213 -58.87 53.75 -3.47
C ASP I 213 -57.43 54.19 -3.17
N ALA I 214 -57.12 54.35 -1.87
CA ALA I 214 -55.78 54.77 -1.45
C ALA I 214 -54.81 53.60 -1.20
N ASN I 215 -55.30 52.38 -1.42
CA ASN I 215 -54.51 51.18 -1.24
C ASN I 215 -53.79 51.06 0.10
N GLY I 216 -54.39 51.60 1.16
CA GLY I 216 -53.81 51.55 2.49
C GLY I 216 -52.47 52.25 2.69
N ARG I 217 -52.22 53.28 1.89
CA ARG I 217 -50.97 54.01 1.97
C ARG I 217 -50.91 55.12 3.01
N PHE I 218 -52.05 55.70 3.37
CA PHE I 218 -52.08 56.83 4.31
C PHE I 218 -51.91 56.57 5.80
N ASN I 219 -51.33 57.54 6.49
CA ASN I 219 -51.20 57.47 7.93
C ASN I 219 -52.44 58.23 8.40
N LEU I 220 -52.67 58.33 9.70
CA LEU I 220 -53.86 59.01 10.16
C LEU I 220 -54.06 60.43 9.63
N GLU I 221 -53.06 61.28 9.78
CA GLU I 221 -53.19 62.66 9.32
C GLU I 221 -53.45 62.80 7.84
N THR I 222 -52.72 62.04 7.02
CA THR I 222 -52.92 62.09 5.58
C THR I 222 -54.33 61.60 5.25
N GLY I 223 -54.75 60.53 5.92
CA GLY I 223 -56.07 59.99 5.68
C GLY I 223 -57.15 61.01 5.95
N ILE I 224 -56.95 61.79 7.00
CA ILE I 224 -57.90 62.83 7.38
C ILE I 224 -57.87 63.98 6.37
N ALA I 225 -56.67 64.35 5.91
CA ALA I 225 -56.52 65.43 4.95
C ALA I 225 -57.33 65.07 3.70
N TYR I 226 -57.10 63.88 3.18
CA TYR I 226 -57.80 63.43 2.00
C TYR I 226 -59.29 63.30 2.28
N ALA I 227 -59.64 63.00 3.52
CA ALA I 227 -61.04 62.85 3.87
C ALA I 227 -61.73 64.21 3.71
N LYS I 228 -61.10 65.25 4.23
CA LYS I 228 -61.65 66.59 4.15
C LYS I 228 -61.82 67.05 2.71
N MET I 229 -60.90 66.61 1.85
CA MET I 229 -60.93 66.95 0.43
C MET I 229 -61.97 66.10 -0.30
N LEU I 230 -61.96 64.80 -0.02
CA LEU I 230 -62.87 63.85 -0.65
C LEU I 230 -64.33 64.02 -0.29
N ARG I 231 -64.62 64.37 0.95
CA ARG I 231 -66.00 64.49 1.38
C ARG I 231 -66.82 65.54 0.67
N ASP I 232 -66.18 66.48 -0.01
CA ASP I 232 -66.92 67.52 -0.72
C ASP I 232 -67.47 66.98 -2.05
N TYR I 233 -67.05 65.78 -2.43
CA TYR I 233 -67.54 65.19 -3.68
C TYR I 233 -68.46 64.04 -3.36
N PRO I 234 -69.45 63.78 -4.23
CA PRO I 234 -70.42 62.69 -4.03
C PRO I 234 -69.86 61.32 -4.43
N LEU I 235 -68.79 60.91 -3.76
CA LEU I 235 -68.14 59.64 -4.04
C LEU I 235 -68.94 58.41 -3.60
N PHE I 236 -68.75 57.30 -4.31
CA PHE I 236 -69.44 56.04 -3.98
C PHE I 236 -68.81 55.45 -2.71
N TRP I 237 -67.48 55.50 -2.64
CA TRP I 237 -66.78 55.03 -1.45
C TRP I 237 -65.30 55.41 -1.44
N TYR I 238 -64.77 55.49 -0.22
CA TYR I 238 -63.38 55.84 0.04
C TYR I 238 -62.79 54.50 0.54
N GLU I 239 -61.96 53.87 -0.29
CA GLU I 239 -61.37 52.57 0.01
C GLU I 239 -59.97 52.49 0.60
N GLU I 240 -59.80 51.51 1.50
CA GLU I 240 -58.55 51.23 2.18
C GLU I 240 -57.70 52.47 2.43
N VAL I 241 -58.16 53.31 3.35
CA VAL I 241 -57.46 54.55 3.68
C VAL I 241 -56.06 54.31 4.24
N GLY I 242 -55.98 53.60 5.36
CA GLY I 242 -54.70 53.32 5.99
C GLY I 242 -54.35 51.85 5.90
N ASP I 243 -53.30 51.45 6.62
CA ASP I 243 -52.83 50.06 6.64
C ASP I 243 -54.01 49.14 6.94
N PRO I 244 -54.09 47.99 6.26
CA PRO I 244 -55.17 47.02 6.44
C PRO I 244 -55.41 46.57 7.89
N LEU I 245 -54.33 46.54 8.67
CA LEU I 245 -54.39 46.10 10.07
C LEU I 245 -54.47 47.20 11.12
N ASP I 246 -54.47 48.47 10.71
CA ASP I 246 -54.54 49.58 11.67
C ASP I 246 -56.00 49.92 11.89
N TYR I 247 -56.70 49.04 12.57
CA TYR I 247 -58.12 49.21 12.84
C TYR I 247 -58.42 50.53 13.56
N ALA I 248 -57.51 50.96 14.42
CA ALA I 248 -57.73 52.20 15.16
C ALA I 248 -57.79 53.38 14.19
N LEU I 249 -56.94 53.35 13.16
CA LEU I 249 -56.92 54.42 12.17
C LEU I 249 -58.29 54.44 11.46
N GLN I 250 -58.69 53.30 10.95
CA GLN I 250 -59.98 53.21 10.28
C GLN I 250 -61.10 53.77 11.14
N ALA I 251 -61.09 53.43 12.43
CA ALA I 251 -62.15 53.88 13.34
C ALA I 251 -62.15 55.39 13.51
N ALA I 252 -60.97 55.97 13.62
CA ALA I 252 -60.84 57.40 13.80
C ALA I 252 -61.36 58.19 12.62
N LEU I 253 -61.37 57.57 11.44
CA LEU I 253 -61.83 58.23 10.23
C LEU I 253 -63.33 58.56 10.20
N ALA I 254 -64.15 57.78 10.88
CA ALA I 254 -65.58 58.00 10.88
C ALA I 254 -65.96 59.42 11.30
N GLU I 255 -65.15 60.02 12.15
CA GLU I 255 -65.41 61.38 12.63
C GLU I 255 -65.25 62.44 11.53
N PHE I 256 -64.48 62.12 10.50
CA PHE I 256 -64.22 63.07 9.42
C PHE I 256 -64.81 62.69 8.07
N TYR I 257 -65.29 61.45 7.93
CA TYR I 257 -65.84 61.01 6.66
C TYR I 257 -67.14 60.26 6.84
N PRO I 258 -68.28 60.96 6.70
CA PRO I 258 -69.63 60.41 6.83
C PRO I 258 -69.96 59.43 5.72
N GLY I 259 -69.43 59.70 4.53
CA GLY I 259 -69.69 58.85 3.39
C GLY I 259 -69.16 57.43 3.49
N PRO I 260 -69.74 56.49 2.74
CA PRO I 260 -69.28 55.10 2.80
C PRO I 260 -67.80 54.88 2.55
N MET I 261 -67.21 54.00 3.35
CA MET I 261 -65.82 53.63 3.21
C MET I 261 -65.77 52.13 2.96
N ALA I 262 -64.61 51.63 2.54
CA ALA I 262 -64.45 50.22 2.25
C ALA I 262 -63.03 49.76 2.55
N THR I 263 -62.89 48.47 2.81
CA THR I 263 -61.58 47.90 3.09
C THR I 263 -61.73 46.40 3.25
N GLY I 264 -60.62 45.68 3.38
CA GLY I 264 -60.70 44.25 3.55
C GLY I 264 -60.03 43.36 2.52
N GLU I 265 -59.71 43.91 1.35
CA GLU I 265 -59.06 43.10 0.31
C GLU I 265 -57.76 42.49 0.80
N ASN I 266 -57.11 43.12 1.79
CA ASN I 266 -55.85 42.61 2.29
C ASN I 266 -55.91 41.89 3.63
N LEU I 267 -57.12 41.47 4.03
CA LEU I 267 -57.29 40.70 5.25
C LEU I 267 -57.60 39.32 4.70
N PHE I 268 -56.80 38.32 5.07
CA PHE I 268 -56.98 36.99 4.49
C PHE I 268 -57.47 35.84 5.34
N SER I 269 -58.19 36.11 6.41
CA SER I 269 -58.71 35.04 7.29
C SER I 269 -59.95 35.50 8.03
N HIS I 270 -60.77 34.56 8.49
CA HIS I 270 -61.97 34.97 9.23
C HIS I 270 -61.53 35.61 10.54
N GLN I 271 -60.36 35.23 11.05
CA GLN I 271 -59.86 35.82 12.29
C GLN I 271 -59.54 37.30 12.08
N ASP I 272 -58.90 37.61 10.94
CA ASP I 272 -58.56 38.99 10.62
C ASP I 272 -59.84 39.78 10.33
N ALA I 273 -60.80 39.13 9.68
CA ALA I 273 -62.06 39.80 9.37
C ALA I 273 -62.77 40.11 10.68
N ARG I 274 -62.68 39.19 11.63
CA ARG I 274 -63.31 39.38 12.92
C ARG I 274 -62.72 40.58 13.64
N ASN I 275 -61.40 40.75 13.53
CA ASN I 275 -60.75 41.86 14.20
C ASN I 275 -61.19 43.19 13.58
N LEU I 276 -61.40 43.22 12.27
CA LEU I 276 -61.85 44.43 11.60
C LEU I 276 -63.22 44.81 12.14
N LEU I 277 -64.11 43.84 12.23
CA LEU I 277 -65.45 44.11 12.73
C LEU I 277 -65.45 44.48 14.22
N ARG I 278 -64.45 44.02 14.96
CA ARG I 278 -64.35 44.32 16.39
C ARG I 278 -63.72 45.67 16.69
N TYR I 279 -62.71 46.05 15.92
CA TYR I 279 -61.99 47.28 16.20
C TYR I 279 -61.99 48.37 15.13
N GLY I 280 -62.37 48.02 13.90
CA GLY I 280 -62.36 49.00 12.82
C GLY I 280 -63.36 50.15 12.85
N GLY I 281 -64.36 50.04 13.72
CA GLY I 281 -65.34 51.09 13.82
C GLY I 281 -66.07 51.40 12.52
N MET I 282 -66.24 50.40 11.66
CA MET I 282 -66.94 50.64 10.41
C MET I 282 -68.46 50.70 10.60
N ARG I 283 -69.14 51.36 9.68
CA ARG I 283 -70.59 51.52 9.78
C ARG I 283 -71.27 50.43 8.96
N PRO I 284 -71.92 49.46 9.63
CA PRO I 284 -72.59 48.35 8.93
C PRO I 284 -73.75 48.72 8.02
N ASP I 285 -74.25 49.94 8.13
CA ASP I 285 -75.36 50.33 7.26
C ASP I 285 -74.90 50.90 5.92
N ARG I 286 -73.62 51.23 5.79
CA ARG I 286 -73.13 51.81 4.54
C ARG I 286 -71.75 51.48 4.04
N ASP I 287 -70.91 50.87 4.88
CA ASP I 287 -69.56 50.55 4.43
C ASP I 287 -69.53 49.22 3.70
N TRP I 288 -68.41 48.91 3.07
CA TRP I 288 -68.28 47.67 2.33
C TRP I 288 -67.06 46.85 2.74
N LEU I 289 -67.24 45.53 2.82
CA LEU I 289 -66.19 44.60 3.18
C LEU I 289 -65.71 43.92 1.89
N GLN I 290 -64.43 44.03 1.60
CA GLN I 290 -63.90 43.49 0.35
C GLN I 290 -63.02 42.24 0.42
N PHE I 291 -63.28 41.38 1.40
CA PHE I 291 -62.51 40.14 1.56
C PHE I 291 -62.58 39.37 0.24
N ASP I 292 -61.46 38.78 -0.16
CA ASP I 292 -61.38 38.01 -1.40
C ASP I 292 -61.10 36.54 -1.08
N CYS I 293 -62.07 35.67 -1.35
CA CYS I 293 -61.91 34.26 -1.04
C CYS I 293 -60.72 33.62 -1.73
N ALA I 294 -60.43 34.07 -2.94
CA ALA I 294 -59.30 33.53 -3.70
C ALA I 294 -57.97 33.76 -2.97
N LEU I 295 -57.89 34.80 -2.17
CA LEU I 295 -56.65 35.09 -1.43
C LEU I 295 -56.79 34.76 0.05
N SER I 296 -57.96 34.28 0.44
CA SER I 296 -58.21 33.98 1.86
C SER I 296 -58.68 32.56 2.17
N TYR I 297 -57.88 31.59 1.77
CA TYR I 297 -58.19 30.18 2.03
C TYR I 297 -59.47 29.66 1.37
N GLY I 298 -59.91 30.33 0.32
CA GLY I 298 -61.09 29.89 -0.41
C GLY I 298 -62.47 30.09 0.17
N LEU I 299 -63.47 29.53 -0.52
CA LEU I 299 -64.86 29.61 -0.10
C LEU I 299 -65.15 28.90 1.21
N CYS I 300 -64.43 27.83 1.50
CA CYS I 300 -64.61 27.10 2.75
C CYS I 300 -64.35 28.05 3.90
N GLU I 301 -63.37 28.93 3.72
CA GLU I 301 -63.02 29.91 4.73
C GLU I 301 -63.97 31.09 4.67
N TYR I 302 -64.31 31.51 3.45
CA TYR I 302 -65.22 32.65 3.26
C TYR I 302 -66.52 32.41 4.00
N GLN I 303 -66.94 31.15 4.05
CA GLN I 303 -68.20 30.83 4.73
C GLN I 303 -68.04 31.09 6.22
N ARG I 304 -66.85 30.87 6.75
CA ARG I 304 -66.62 31.13 8.16
C ARG I 304 -66.61 32.64 8.38
N THR I 305 -66.07 33.38 7.42
CA THR I 305 -66.05 34.83 7.53
C THR I 305 -67.50 35.35 7.54
N LEU I 306 -68.35 34.79 6.69
CA LEU I 306 -69.74 35.21 6.62
C LEU I 306 -70.40 34.95 7.96
N GLU I 307 -69.98 33.88 8.63
CA GLU I 307 -70.53 33.54 9.92
C GLU I 307 -70.10 34.62 10.92
N VAL I 308 -68.88 35.13 10.77
CA VAL I 308 -68.37 36.19 11.63
C VAL I 308 -69.23 37.44 11.46
N LEU I 309 -69.61 37.74 10.22
CA LEU I 309 -70.46 38.91 9.98
C LEU I 309 -71.76 38.77 10.77
N LYS I 310 -72.33 37.56 10.77
CA LYS I 310 -73.57 37.31 11.50
C LYS I 310 -73.37 37.59 12.99
N THR I 311 -72.28 37.08 13.53
CA THR I 311 -71.99 37.26 14.95
C THR I 311 -71.85 38.74 15.32
N HIS I 312 -71.58 39.58 14.34
CA HIS I 312 -71.42 41.00 14.62
C HIS I 312 -72.50 41.90 14.06
N GLY I 313 -73.58 41.28 13.58
CA GLY I 313 -74.71 42.03 13.07
C GLY I 313 -74.60 42.60 11.66
N TRP I 314 -73.67 42.09 10.87
CA TRP I 314 -73.51 42.57 9.49
C TRP I 314 -74.25 41.70 8.49
N SER I 315 -74.77 42.34 7.45
CA SER I 315 -75.47 41.62 6.41
C SER I 315 -74.48 41.18 5.33
N PRO I 316 -74.68 40.00 4.76
CA PRO I 316 -73.76 39.54 3.71
C PRO I 316 -73.82 40.47 2.48
N SER I 317 -74.89 41.28 2.40
CA SER I 317 -75.06 42.20 1.29
C SER I 317 -74.08 43.36 1.36
N ARG I 318 -73.31 43.42 2.45
CA ARG I 318 -72.31 44.46 2.62
C ARG I 318 -70.98 44.04 2.00
N CYS I 319 -70.96 42.82 1.46
CA CYS I 319 -69.75 42.27 0.86
C CYS I 319 -69.68 42.45 -0.66
N ILE I 320 -68.55 42.97 -1.11
CA ILE I 320 -68.27 43.16 -2.53
C ILE I 320 -66.80 42.77 -2.62
N PRO I 321 -66.55 41.49 -2.86
CA PRO I 321 -65.22 40.91 -2.97
C PRO I 321 -64.30 41.59 -3.96
N HIS I 322 -63.02 41.65 -3.58
CA HIS I 322 -61.99 42.20 -4.44
C HIS I 322 -61.55 41.03 -5.35
N GLY I 323 -60.86 41.32 -6.44
CA GLY I 323 -60.41 40.24 -7.31
C GLY I 323 -60.99 40.18 -8.70
N GLY I 324 -62.23 40.59 -8.86
CA GLY I 324 -62.87 40.54 -10.16
C GLY I 324 -62.89 39.19 -10.87
N HIS I 325 -63.05 38.11 -10.11
CA HIS I 325 -63.08 36.79 -10.71
C HIS I 325 -64.44 36.13 -10.58
N GLN I 326 -64.69 35.12 -11.41
CA GLN I 326 -65.96 34.42 -11.44
C GLN I 326 -66.34 33.65 -10.18
N MET I 327 -65.34 33.25 -9.38
CA MET I 327 -65.63 32.54 -8.14
C MET I 327 -66.49 33.45 -7.28
N SER I 328 -66.09 34.70 -7.17
CA SER I 328 -66.82 35.68 -6.38
C SER I 328 -68.23 35.85 -6.95
N LEU I 329 -68.34 35.92 -8.28
CA LEU I 329 -69.63 36.09 -8.93
C LEU I 329 -70.57 34.98 -8.46
N ASN I 330 -70.05 33.77 -8.42
CA ASN I 330 -70.85 32.62 -7.97
C ASN I 330 -71.26 32.76 -6.50
N ILE I 331 -70.30 33.12 -5.64
CA ILE I 331 -70.61 33.26 -4.22
C ILE I 331 -71.64 34.36 -4.04
N ALA I 332 -71.48 35.45 -4.78
CA ALA I 332 -72.40 36.57 -4.68
C ALA I 332 -73.81 36.15 -5.05
N ALA I 333 -73.95 35.51 -6.20
CA ALA I 333 -75.25 35.07 -6.69
C ALA I 333 -75.90 34.03 -5.78
N GLY I 334 -75.11 33.12 -5.24
CA GLY I 334 -75.67 32.11 -4.37
C GLY I 334 -75.94 32.50 -2.93
N LEU I 335 -75.03 33.25 -2.31
CA LEU I 335 -75.19 33.64 -0.91
C LEU I 335 -75.68 35.06 -0.64
N GLY I 336 -76.00 35.80 -1.70
CA GLY I 336 -76.50 37.15 -1.55
C GLY I 336 -75.50 38.24 -1.15
N LEU I 337 -74.32 38.25 -1.76
CA LEU I 337 -73.34 39.27 -1.45
C LEU I 337 -73.79 40.57 -2.14
N GLY I 338 -73.15 41.69 -1.82
CA GLY I 338 -73.53 42.94 -2.41
C GLY I 338 -73.19 43.12 -3.88
N GLY I 339 -72.23 42.34 -4.36
CA GLY I 339 -71.83 42.44 -5.75
C GLY I 339 -70.41 41.97 -5.91
N ASN I 340 -69.74 42.37 -7.00
CA ASN I 340 -68.38 41.95 -7.24
C ASN I 340 -67.58 43.00 -7.99
N GLU I 341 -66.26 42.96 -7.84
CA GLU I 341 -65.38 43.90 -8.53
C GLU I 341 -65.14 43.33 -9.93
N SER I 342 -64.77 44.20 -10.86
CA SER I 342 -64.51 43.79 -12.23
C SER I 342 -63.41 44.65 -12.84
N TYR I 343 -62.55 44.06 -13.66
CA TYR I 343 -61.49 44.81 -14.32
C TYR I 343 -61.70 44.64 -15.81
N PRO I 344 -62.38 45.59 -16.46
CA PRO I 344 -62.62 45.45 -17.90
C PRO I 344 -61.37 45.48 -18.77
N ASP I 345 -60.28 46.05 -18.26
CA ASP I 345 -59.08 46.13 -19.08
C ASP I 345 -57.79 45.65 -18.41
N LEU I 346 -57.91 44.84 -17.37
CA LEU I 346 -56.75 44.35 -16.67
C LEU I 346 -56.75 42.88 -16.32
N PHE I 347 -55.56 42.31 -16.24
CA PHE I 347 -55.37 40.93 -15.86
C PHE I 347 -56.13 39.93 -16.71
N GLN I 348 -56.54 40.34 -17.91
CA GLN I 348 -57.27 39.42 -18.78
C GLN I 348 -56.32 38.37 -19.32
N PRO I 349 -56.81 37.14 -19.58
CA PRO I 349 -58.17 36.60 -19.42
C PRO I 349 -58.59 36.12 -18.04
N TYR I 350 -57.74 36.28 -17.04
CA TYR I 350 -58.07 35.83 -15.68
C TYR I 350 -59.01 36.80 -14.97
N GLY I 351 -60.29 36.72 -15.34
CA GLY I 351 -61.29 37.58 -14.76
C GLY I 351 -62.37 37.77 -15.80
N GLY I 352 -63.32 38.66 -15.56
CA GLY I 352 -64.34 38.90 -16.54
C GLY I 352 -65.60 38.07 -16.38
N PHE I 353 -66.25 37.81 -17.51
CA PHE I 353 -67.51 37.07 -17.54
C PHE I 353 -67.50 36.07 -18.71
N PRO I 354 -68.49 35.16 -18.75
CA PRO I 354 -68.54 34.19 -19.86
C PRO I 354 -68.91 34.89 -21.17
N ASP I 355 -68.25 34.52 -22.26
CA ASP I 355 -68.51 35.11 -23.57
C ASP I 355 -70.02 35.20 -23.81
N GLY I 356 -70.49 36.40 -24.13
CA GLY I 356 -71.91 36.59 -24.37
C GLY I 356 -72.57 37.54 -23.39
N VAL I 357 -72.33 37.34 -22.10
CA VAL I 357 -72.93 38.21 -21.10
C VAL I 357 -72.31 39.60 -21.11
N ARG I 358 -73.17 40.61 -21.21
CA ARG I 358 -72.72 42.00 -21.22
C ARG I 358 -73.29 42.73 -20.01
N VAL I 359 -72.51 43.67 -19.47
CA VAL I 359 -72.94 44.43 -18.31
C VAL I 359 -74.05 45.40 -18.70
N GLU I 360 -75.16 45.36 -17.97
CA GLU I 360 -76.31 46.22 -18.22
C GLU I 360 -76.64 47.01 -16.96
N ASN I 361 -76.37 48.31 -16.99
CA ASN I 361 -76.66 49.15 -15.83
C ASN I 361 -75.97 48.61 -14.59
N GLY I 362 -74.66 48.39 -14.72
CA GLY I 362 -73.89 47.89 -13.59
C GLY I 362 -74.21 46.48 -13.14
N HIS I 363 -74.90 45.70 -13.96
CA HIS I 363 -75.23 44.34 -13.58
C HIS I 363 -75.00 43.34 -14.71
N ILE I 364 -74.84 42.08 -14.34
CA ILE I 364 -74.68 40.99 -15.29
C ILE I 364 -75.60 39.89 -14.79
N THR I 365 -75.96 38.96 -15.67
CA THR I 365 -76.83 37.87 -15.26
C THR I 365 -76.08 36.56 -15.46
N MET I 366 -75.89 35.83 -14.37
CA MET I 366 -75.17 34.56 -14.41
C MET I 366 -75.86 33.52 -15.27
N PRO I 367 -75.20 33.05 -16.33
CA PRO I 367 -75.82 32.02 -17.19
C PRO I 367 -75.74 30.70 -16.42
N ASP I 368 -76.64 29.77 -16.70
CA ASP I 368 -76.62 28.50 -15.98
C ASP I 368 -75.60 27.49 -16.51
N LEU I 369 -74.31 27.81 -16.33
CA LEU I 369 -73.22 26.94 -16.76
C LEU I 369 -72.80 26.08 -15.58
N PRO I 370 -72.40 24.82 -15.83
CA PRO I 370 -71.99 23.96 -14.72
C PRO I 370 -70.72 24.47 -14.06
N GLY I 371 -70.63 24.34 -12.75
CA GLY I 371 -69.45 24.80 -12.03
C GLY I 371 -69.35 26.32 -12.00
N ILE I 372 -68.11 26.82 -11.95
CA ILE I 372 -67.89 28.26 -11.93
C ILE I 372 -68.31 28.90 -13.25
N GLY I 373 -68.19 28.16 -14.33
CA GLY I 373 -68.58 28.68 -15.63
C GLY I 373 -67.42 29.15 -16.47
N PHE I 374 -66.21 28.74 -16.12
CA PHE I 374 -65.01 29.14 -16.85
C PHE I 374 -65.08 28.73 -18.32
N GLU I 375 -65.71 27.59 -18.58
CA GLU I 375 -65.84 27.10 -19.95
C GLU I 375 -66.51 28.12 -20.88
N GLY I 376 -67.37 28.96 -20.32
CA GLY I 376 -68.06 29.95 -21.11
C GLY I 376 -67.19 31.08 -21.64
N LYS I 377 -65.97 31.19 -21.12
CA LYS I 377 -65.04 32.22 -21.54
C LYS I 377 -63.90 31.53 -22.28
N SER I 378 -64.06 31.42 -23.59
CA SER I 378 -63.09 30.74 -24.45
C SER I 378 -61.63 31.11 -24.25
N ASP I 379 -61.31 32.40 -24.26
CA ASP I 379 -59.91 32.82 -24.09
C ASP I 379 -59.31 32.41 -22.74
N LEU I 380 -60.16 32.23 -21.73
CA LEU I 380 -59.68 31.81 -20.42
C LEU I 380 -59.62 30.28 -20.40
N TYR I 381 -60.70 29.64 -20.83
CA TYR I 381 -60.75 28.18 -20.84
C TYR I 381 -59.63 27.59 -21.68
N LYS I 382 -59.23 28.30 -22.73
CA LYS I 382 -58.16 27.82 -23.59
C LYS I 382 -56.93 27.55 -22.73
N GLU I 383 -56.65 28.51 -21.84
CA GLU I 383 -55.51 28.43 -20.92
C GLU I 383 -55.67 27.28 -19.94
N MET I 384 -56.88 27.10 -19.44
CA MET I 384 -57.18 26.06 -18.48
C MET I 384 -57.10 24.65 -19.04
N LYS I 385 -57.71 24.40 -20.20
CA LYS I 385 -57.64 23.06 -20.78
C LYS I 385 -56.21 22.76 -21.24
N ALA I 386 -55.41 23.81 -21.41
CA ALA I 386 -54.03 23.66 -21.82
C ALA I 386 -53.23 23.14 -20.62
N LEU I 387 -53.68 23.51 -19.42
CA LEU I 387 -53.01 23.07 -18.21
C LEU I 387 -53.34 21.61 -17.91
N ALA I 388 -54.63 21.29 -18.02
CA ALA I 388 -55.10 19.94 -17.76
C ALA I 388 -56.46 19.73 -18.41
N GLU I 389 -56.70 18.53 -18.91
CA GLU I 389 -57.97 18.21 -19.54
C GLU I 389 -58.40 16.77 -19.23
N SER J 2 -15.31 48.79 -2.70
CA SER J 2 -16.48 48.12 -3.37
C SER J 2 -17.28 47.19 -2.46
N VAL J 3 -18.58 47.43 -2.37
CA VAL J 3 -19.46 46.62 -1.52
C VAL J 3 -20.71 46.20 -2.30
N ARG J 4 -20.79 44.93 -2.66
CA ARG J 4 -21.89 44.41 -3.45
C ARG J 4 -22.25 43.00 -3.02
N ILE J 5 -23.54 42.67 -3.05
CA ILE J 5 -23.99 41.33 -2.68
C ILE J 5 -24.01 40.49 -3.95
N VAL J 6 -22.90 39.79 -4.21
CA VAL J 6 -22.76 38.96 -5.39
C VAL J 6 -23.81 37.86 -5.56
N ASP J 7 -24.35 37.32 -4.47
CA ASP J 7 -25.33 36.25 -4.62
C ASP J 7 -26.10 35.92 -3.34
N VAL J 8 -27.30 35.39 -3.52
CA VAL J 8 -28.17 35.01 -2.41
C VAL J 8 -28.62 33.57 -2.69
N ARG J 9 -28.06 32.60 -1.93
CA ARG J 9 -28.38 31.17 -2.10
C ARG J 9 -29.27 30.61 -0.99
N GLU J 10 -29.98 29.52 -1.29
CA GLU J 10 -30.87 28.91 -0.31
C GLU J 10 -30.93 27.40 -0.44
N ILE J 11 -31.07 26.73 0.71
CA ILE J 11 -31.19 25.28 0.74
C ILE J 11 -32.24 24.92 1.77
N THR J 12 -33.19 24.10 1.37
CA THR J 12 -34.25 23.70 2.28
C THR J 12 -33.82 22.47 3.06
N LYS J 13 -33.44 22.68 4.32
CA LYS J 13 -33.00 21.60 5.22
C LYS J 13 -34.14 21.03 6.06
N PRO J 14 -34.18 19.71 6.26
CA PRO J 14 -35.26 19.15 7.07
C PRO J 14 -34.95 19.19 8.57
N ILE J 15 -36.00 19.37 9.37
CA ILE J 15 -35.91 19.39 10.83
C ILE J 15 -37.21 18.77 11.37
N SER J 16 -37.71 17.76 10.65
CA SER J 16 -38.93 17.05 11.01
C SER J 16 -38.69 15.93 12.03
N SER J 17 -39.77 15.46 12.64
CA SER J 17 -39.74 14.40 13.65
C SER J 17 -41.18 14.11 14.07
N PRO J 18 -41.42 12.99 14.76
CA PRO J 18 -42.82 12.69 15.16
C PRO J 18 -43.32 13.59 16.30
N ILE J 19 -42.54 14.63 16.58
CA ILE J 19 -42.85 15.63 17.59
C ILE J 19 -44.27 16.17 17.41
N ARG J 20 -44.93 16.55 18.50
CA ARG J 20 -46.29 17.09 18.38
C ARG J 20 -46.68 18.00 19.53
N ASN J 21 -47.57 18.94 19.24
CA ASN J 21 -48.08 19.84 20.26
C ASN J 21 -49.58 19.92 20.10
N ALA J 22 -50.21 20.81 20.86
CA ALA J 22 -51.66 20.97 20.82
C ALA J 22 -52.23 21.30 19.44
N TYR J 23 -51.39 21.83 18.55
CA TYR J 23 -51.83 22.26 17.21
C TYR J 23 -51.24 21.52 16.00
N ILE J 24 -49.94 21.27 16.06
CA ILE J 24 -49.19 20.65 14.96
C ILE J 24 -48.26 19.49 15.35
N ASP J 25 -47.82 18.70 14.36
CA ASP J 25 -46.82 17.67 14.60
C ASP J 25 -45.76 18.04 13.55
N PHE J 26 -44.50 17.78 13.84
CA PHE J 26 -43.42 18.17 12.95
C PHE J 26 -42.99 17.14 11.91
N THR J 27 -43.92 16.29 11.53
CA THR J 27 -43.68 15.24 10.54
C THR J 27 -43.01 15.70 9.25
N LYS J 28 -43.43 16.84 8.72
CA LYS J 28 -42.88 17.34 7.46
C LYS J 28 -42.14 18.67 7.63
N MET J 29 -41.82 19.04 8.86
CA MET J 29 -41.15 20.31 9.13
C MET J 29 -39.82 20.51 8.42
N THR J 30 -39.64 21.70 7.86
CA THR J 30 -38.43 22.06 7.14
C THR J 30 -38.00 23.48 7.52
N THR J 31 -36.85 23.90 7.00
CA THR J 31 -36.34 25.22 7.26
C THR J 31 -35.41 25.66 6.13
N SER J 32 -35.32 26.96 5.89
CA SER J 32 -34.47 27.48 4.84
C SER J 32 -33.14 27.98 5.38
N LEU J 33 -32.06 27.52 4.76
CA LEU J 33 -30.72 27.96 5.15
C LEU J 33 -30.34 28.93 4.03
N VAL J 34 -30.01 30.16 4.40
CA VAL J 34 -29.66 31.17 3.43
C VAL J 34 -28.26 31.71 3.59
N ALA J 35 -27.67 32.09 2.46
CA ALA J 35 -26.32 32.65 2.43
C ALA J 35 -26.31 33.91 1.55
N VAL J 36 -25.82 35.00 2.11
CA VAL J 36 -25.70 36.25 1.38
C VAL J 36 -24.22 36.41 1.11
N VAL J 37 -23.84 36.14 -0.14
CA VAL J 37 -22.44 36.20 -0.56
C VAL J 37 -22.08 37.61 -1.03
N THR J 38 -21.03 38.17 -0.46
CA THR J 38 -20.59 39.52 -0.82
C THR J 38 -19.25 39.43 -1.52
N ASP J 39 -18.74 40.57 -1.96
CA ASP J 39 -17.46 40.64 -2.65
C ASP J 39 -16.42 41.29 -1.75
N VAL J 40 -16.83 41.63 -0.53
CA VAL J 40 -15.94 42.24 0.43
C VAL J 40 -15.04 41.17 1.02
N VAL J 41 -13.76 41.51 1.22
CA VAL J 41 -12.82 40.55 1.76
C VAL J 41 -12.24 40.98 3.10
N ARG J 42 -12.37 40.10 4.07
CA ARG J 42 -11.87 40.32 5.42
C ARG J 42 -11.11 39.05 5.81
N GLU J 43 -9.87 39.24 6.25
CA GLU J 43 -9.05 38.11 6.63
C GLU J 43 -8.83 37.30 5.37
N GLY J 44 -8.54 38.01 4.28
CA GLY J 44 -8.27 37.35 3.01
C GLY J 44 -9.36 36.38 2.57
N LYS J 45 -10.50 36.42 3.26
CA LYS J 45 -11.63 35.54 2.95
C LYS J 45 -12.85 36.41 2.66
N ARG J 46 -13.64 36.04 1.65
CA ARG J 46 -14.82 36.81 1.28
C ARG J 46 -15.84 36.66 2.40
N VAL J 47 -16.47 37.76 2.78
CA VAL J 47 -17.46 37.73 3.85
C VAL J 47 -18.81 37.26 3.33
N VAL J 48 -19.37 36.28 4.02
CA VAL J 48 -20.66 35.71 3.65
C VAL J 48 -21.59 35.70 4.85
N GLY J 49 -22.81 36.20 4.65
CA GLY J 49 -23.78 36.24 5.73
C GLY J 49 -24.65 34.99 5.69
N TYR J 50 -25.02 34.48 6.86
CA TYR J 50 -25.86 33.28 6.91
C TYR J 50 -27.10 33.51 7.75
N GLY J 51 -28.11 32.69 7.53
CA GLY J 51 -29.34 32.81 8.29
C GLY J 51 -30.23 31.62 7.98
N PHE J 52 -31.25 31.41 8.81
CA PHE J 52 -32.20 30.32 8.61
C PHE J 52 -33.44 30.69 9.39
N ASN J 53 -34.60 30.14 9.00
CA ASN J 53 -35.81 30.48 9.72
C ASN J 53 -36.13 29.50 10.82
N SER J 54 -36.76 29.99 11.87
CA SER J 54 -37.16 29.18 13.02
C SER J 54 -38.10 28.05 12.61
N ASN J 55 -38.26 27.09 13.51
CA ASN J 55 -39.12 25.94 13.29
C ASN J 55 -40.57 26.34 13.32
N GLY J 56 -41.43 25.51 12.73
CA GLY J 56 -42.85 25.80 12.78
C GLY J 56 -43.52 26.39 11.55
N ARG J 57 -42.81 27.19 10.77
CA ARG J 57 -43.43 27.79 9.60
C ARG J 57 -42.99 27.23 8.25
N TYR J 58 -42.05 26.27 8.28
CA TYR J 58 -41.54 25.65 7.05
C TYR J 58 -40.57 26.52 6.29
N GLY J 59 -39.82 25.90 5.37
CA GLY J 59 -38.87 26.63 4.56
C GLY J 59 -39.57 27.49 3.52
N GLN J 60 -38.86 28.48 2.99
CA GLN J 60 -39.46 29.39 2.00
C GLN J 60 -38.58 29.53 0.75
N GLY J 61 -38.05 28.41 0.28
CA GLY J 61 -37.21 28.44 -0.90
C GLY J 61 -37.85 29.15 -2.08
N GLY J 62 -39.09 28.78 -2.40
CA GLY J 62 -39.80 29.41 -3.51
C GLY J 62 -39.81 30.93 -3.44
N LEU J 63 -40.34 31.48 -2.35
CA LEU J 63 -40.41 32.92 -2.16
C LEU J 63 -39.05 33.60 -2.20
N ILE J 64 -38.05 33.00 -1.54
CA ILE J 64 -36.72 33.59 -1.50
C ILE J 64 -36.18 33.69 -2.93
N ARG J 65 -36.43 32.66 -3.72
CA ARG J 65 -35.96 32.65 -5.11
C ARG J 65 -36.74 33.59 -6.03
N GLU J 66 -37.99 33.21 -6.31
CA GLU J 66 -38.86 33.96 -7.19
C GLU J 66 -39.08 35.45 -6.95
N ARG J 67 -38.92 35.93 -5.72
CA ARG J 67 -39.13 37.35 -5.45
C ARG J 67 -37.99 38.08 -4.76
N PHE J 68 -37.97 37.93 -3.44
CA PHE J 68 -37.00 38.57 -2.56
C PHE J 68 -35.52 38.50 -2.90
N ALA J 69 -34.99 37.33 -3.20
CA ALA J 69 -33.57 37.23 -3.55
C ALA J 69 -33.36 37.97 -4.87
N SER J 70 -34.28 37.73 -5.79
CA SER J 70 -34.21 38.34 -7.10
C SER J 70 -34.08 39.86 -7.03
N ARG J 71 -34.87 40.50 -6.18
CA ARG J 71 -34.81 41.95 -6.04
C ARG J 71 -33.47 42.47 -5.49
N ILE J 72 -32.85 41.72 -4.58
CA ILE J 72 -31.59 42.16 -4.00
C ILE J 72 -30.52 42.21 -5.06
N LEU J 73 -30.42 41.15 -5.84
CA LEU J 73 -29.41 41.07 -6.89
C LEU J 73 -29.64 42.05 -8.05
N GLU J 74 -30.91 42.31 -8.35
CA GLU J 74 -31.25 43.23 -9.44
C GLU J 74 -31.13 44.70 -9.05
N ALA J 75 -30.96 44.96 -7.76
CA ALA J 75 -30.86 46.32 -7.27
C ALA J 75 -29.54 46.96 -7.66
N ASP J 76 -29.51 48.29 -7.63
CA ASP J 76 -28.30 49.04 -7.94
C ASP J 76 -27.44 48.97 -6.67
N PRO J 77 -26.38 48.14 -6.66
CA PRO J 77 -25.53 48.02 -5.48
C PRO J 77 -25.08 49.33 -4.83
N LYS J 78 -24.96 50.37 -5.64
CA LYS J 78 -24.53 51.68 -5.13
C LYS J 78 -25.61 52.35 -4.30
N LYS J 79 -26.80 51.76 -4.32
CA LYS J 79 -27.93 52.31 -3.57
C LYS J 79 -28.31 51.49 -2.36
N LEU J 80 -27.45 50.56 -1.97
CA LEU J 80 -27.70 49.71 -0.82
C LEU J 80 -26.61 49.89 0.23
N LEU J 81 -25.88 51.00 0.14
CA LEU J 81 -24.79 51.26 1.07
C LEU J 81 -25.08 52.37 2.07
N ASN J 82 -24.30 52.41 3.15
CA ASN J 82 -24.46 53.43 4.17
C ASN J 82 -23.87 54.74 3.65
N GLU J 83 -23.85 55.76 4.50
CA GLU J 83 -23.31 57.07 4.12
C GLU J 83 -21.88 56.96 3.60
N ALA J 84 -21.03 56.31 4.39
CA ALA J 84 -19.64 56.14 4.04
C ALA J 84 -19.42 55.28 2.80
N GLY J 85 -20.40 54.46 2.46
CA GLY J 85 -20.29 53.61 1.29
C GLY J 85 -19.30 52.47 1.49
N ASP J 86 -18.95 52.19 2.75
CA ASP J 86 -18.00 51.13 3.04
C ASP J 86 -18.69 49.86 3.57
N ASN J 87 -20.01 49.87 3.64
CA ASN J 87 -20.75 48.71 4.14
C ASN J 87 -22.21 48.76 3.66
N LEU J 88 -22.88 47.62 3.72
CA LEU J 88 -24.27 47.52 3.32
C LEU J 88 -25.15 48.18 4.37
N ASP J 89 -26.27 48.77 3.92
CA ASP J 89 -27.23 49.38 4.84
C ASP J 89 -28.38 48.36 4.91
N PRO J 90 -28.52 47.69 6.06
CA PRO J 90 -29.57 46.69 6.26
C PRO J 90 -30.95 47.17 5.79
N ASP J 91 -31.34 48.35 6.25
CA ASP J 91 -32.64 48.91 5.91
C ASP J 91 -32.81 49.17 4.42
N LYS J 92 -31.74 49.54 3.73
CA LYS J 92 -31.84 49.79 2.31
C LYS J 92 -32.06 48.46 1.58
N VAL J 93 -31.38 47.42 2.04
CA VAL J 93 -31.51 46.10 1.45
C VAL J 93 -32.94 45.60 1.72
N TRP J 94 -33.43 45.86 2.93
CA TRP J 94 -34.76 45.44 3.32
C TRP J 94 -35.77 46.11 2.39
N ALA J 95 -35.68 47.44 2.29
CA ALA J 95 -36.60 48.19 1.44
C ALA J 95 -36.52 47.66 0.01
N ALA J 96 -35.32 47.31 -0.41
CA ALA J 96 -35.12 46.81 -1.74
C ALA J 96 -35.94 45.55 -2.00
N MET J 97 -35.96 44.62 -1.04
CA MET J 97 -36.70 43.39 -1.27
C MET J 97 -38.18 43.48 -0.97
N MET J 98 -38.60 44.59 -0.40
CA MET J 98 -40.02 44.78 -0.10
C MET J 98 -40.79 45.63 -1.10
N ILE J 99 -40.13 46.04 -2.19
CA ILE J 99 -40.82 46.86 -3.21
C ILE J 99 -41.88 46.02 -3.90
N ASN J 100 -43.02 46.63 -4.16
CA ASN J 100 -44.13 45.96 -4.83
C ASN J 100 -44.78 44.84 -4.03
N GLU J 101 -44.73 44.96 -2.71
CA GLU J 101 -45.35 44.01 -1.80
C GLU J 101 -46.53 44.77 -1.20
N LYS J 102 -47.75 44.27 -1.40
CA LYS J 102 -48.94 44.94 -0.85
C LYS J 102 -49.05 44.71 0.65
N PRO J 103 -49.64 45.67 1.38
CA PRO J 103 -49.81 45.57 2.84
C PRO J 103 -50.66 44.37 3.28
N GLY J 104 -50.61 44.07 4.58
CA GLY J 104 -51.36 42.93 5.11
C GLY J 104 -50.76 41.60 4.66
N GLY J 105 -51.44 40.50 4.97
CA GLY J 105 -50.95 39.17 4.60
C GLY J 105 -49.56 38.85 5.09
N HIS J 106 -49.33 39.08 6.38
CA HIS J 106 -48.04 38.87 7.00
C HIS J 106 -47.75 37.45 7.45
N GLY J 107 -47.31 36.63 6.50
CA GLY J 107 -46.97 35.24 6.76
C GLY J 107 -46.26 34.66 5.54
N GLU J 108 -45.40 33.68 5.78
CA GLU J 108 -44.65 33.01 4.73
C GLU J 108 -43.57 33.93 4.17
N ARG J 109 -44.00 35.02 3.52
CA ARG J 109 -43.03 35.97 2.97
C ARG J 109 -42.29 36.66 4.10
N SER J 110 -42.93 36.75 5.27
CA SER J 110 -42.32 37.37 6.44
C SER J 110 -41.19 36.48 6.92
N VAL J 111 -41.31 35.18 6.65
CA VAL J 111 -40.30 34.21 7.02
C VAL J 111 -39.15 34.29 6.02
N ALA J 112 -39.51 34.40 4.74
CA ALA J 112 -38.48 34.51 3.70
C ALA J 112 -37.65 35.76 3.92
N VAL J 113 -38.31 36.91 4.05
CA VAL J 113 -37.59 38.16 4.26
C VAL J 113 -36.82 38.12 5.57
N GLY J 114 -37.47 37.60 6.62
CA GLY J 114 -36.82 37.52 7.91
C GLY J 114 -35.52 36.73 7.87
N THR J 115 -35.54 35.59 7.16
CA THR J 115 -34.34 34.77 7.12
C THR J 115 -33.24 35.40 6.26
N ILE J 116 -33.62 36.13 5.22
CA ILE J 116 -32.62 36.80 4.37
C ILE J 116 -32.00 37.96 5.18
N ASP J 117 -32.88 38.66 5.89
CA ASP J 117 -32.48 39.78 6.74
C ASP J 117 -31.43 39.32 7.75
N MET J 118 -31.62 38.12 8.29
CA MET J 118 -30.68 37.59 9.28
C MET J 118 -29.30 37.55 8.67
N ALA J 119 -29.20 36.98 7.47
CA ALA J 119 -27.93 36.87 6.77
C ALA J 119 -27.37 38.24 6.44
N VAL J 120 -28.22 39.18 6.06
CA VAL J 120 -27.73 40.51 5.72
C VAL J 120 -27.06 41.16 6.92
N TRP J 121 -27.69 41.10 8.08
CA TRP J 121 -27.08 41.69 9.28
C TRP J 121 -25.80 40.96 9.65
N ASP J 122 -25.79 39.64 9.46
CA ASP J 122 -24.62 38.84 9.77
C ASP J 122 -23.45 39.36 8.94
N ALA J 123 -23.71 39.60 7.65
CA ALA J 123 -22.68 40.12 6.75
C ALA J 123 -22.23 41.51 7.18
N VAL J 124 -23.19 42.39 7.41
CA VAL J 124 -22.88 43.76 7.82
C VAL J 124 -21.96 43.80 9.02
N ALA J 125 -22.29 43.01 10.05
CA ALA J 125 -21.47 42.96 11.26
C ALA J 125 -20.07 42.44 10.93
N LYS J 126 -20.00 41.42 10.08
CA LYS J 126 -18.71 40.86 9.69
C LYS J 126 -17.88 41.87 8.92
N ILE J 127 -18.53 42.61 8.04
CA ILE J 127 -17.84 43.64 7.27
C ILE J 127 -17.32 44.73 8.19
N ALA J 128 -18.04 44.96 9.29
CA ALA J 128 -17.64 45.99 10.25
C ALA J 128 -16.65 45.42 11.28
N GLY J 129 -16.42 44.12 11.21
CA GLY J 129 -15.50 43.46 12.12
C GLY J 129 -15.93 43.44 13.59
N LYS J 130 -17.25 43.46 13.82
CA LYS J 130 -17.76 43.43 15.18
C LYS J 130 -18.81 42.35 15.36
N PRO J 131 -19.07 41.95 16.62
CA PRO J 131 -20.08 40.91 16.85
C PRO J 131 -21.41 41.64 16.63
N LEU J 132 -22.36 41.01 15.98
CA LEU J 132 -23.64 41.68 15.72
C LEU J 132 -24.22 42.41 16.92
N PHE J 133 -24.23 41.74 18.08
CA PHE J 133 -24.79 42.38 19.27
C PHE J 133 -24.05 43.65 19.70
N ARG J 134 -22.76 43.73 19.43
CA ARG J 134 -21.99 44.92 19.79
C ARG J 134 -22.37 46.04 18.83
N LEU J 135 -22.45 45.69 17.55
CA LEU J 135 -22.80 46.65 16.50
C LEU J 135 -24.19 47.23 16.74
N LEU J 136 -25.11 46.37 17.18
CA LEU J 136 -26.46 46.81 17.46
C LEU J 136 -26.49 47.83 18.59
N ALA J 137 -25.86 47.50 19.70
CA ALA J 137 -25.84 48.40 20.85
C ALA J 137 -25.27 49.74 20.41
N GLU J 138 -24.19 49.70 19.64
CA GLU J 138 -23.56 50.91 19.15
C GLU J 138 -24.56 51.77 18.38
N ARG J 139 -25.20 51.17 17.38
CA ARG J 139 -26.19 51.86 16.57
C ARG J 139 -27.31 52.48 17.39
N HIS J 140 -27.59 51.91 18.55
CA HIS J 140 -28.64 52.43 19.44
C HIS J 140 -28.10 53.32 20.54
N GLY J 141 -26.77 53.48 20.58
CA GLY J 141 -26.17 54.30 21.60
C GLY J 141 -26.38 53.76 22.99
N VAL J 142 -26.16 52.47 23.17
CA VAL J 142 -26.31 51.82 24.46
C VAL J 142 -25.17 50.82 24.60
N LYS J 143 -24.96 50.27 25.78
CA LYS J 143 -23.87 49.34 25.93
C LYS J 143 -24.47 47.95 26.00
N ALA J 144 -23.97 47.05 25.17
CA ALA J 144 -24.50 45.69 25.15
C ALA J 144 -24.21 44.96 26.45
N ASN J 145 -24.98 43.89 26.68
CA ASN J 145 -24.81 43.07 27.86
C ASN J 145 -24.82 41.60 27.44
N PRO J 146 -23.62 40.99 27.31
CA PRO J 146 -23.45 39.59 26.91
C PRO J 146 -24.16 38.54 27.73
N ARG J 147 -24.63 38.91 28.91
CA ARG J 147 -25.33 37.96 29.77
C ARG J 147 -26.77 37.84 29.30
N VAL J 148 -27.09 36.74 28.65
CA VAL J 148 -28.45 36.57 28.17
C VAL J 148 -29.18 35.40 28.81
N PHE J 149 -30.38 35.67 29.29
CA PHE J 149 -31.18 34.62 29.91
C PHE J 149 -31.72 33.70 28.83
N VAL J 150 -31.68 32.40 29.09
CA VAL J 150 -32.20 31.41 28.14
C VAL J 150 -32.95 30.33 28.89
N TYR J 151 -34.02 29.82 28.28
CA TYR J 151 -34.80 28.77 28.90
C TYR J 151 -34.88 27.60 27.93
N ALA J 152 -35.03 26.39 28.44
CA ALA J 152 -35.11 25.21 27.59
C ALA J 152 -36.54 24.90 27.24
N ALA J 153 -36.83 24.78 25.95
CA ALA J 153 -38.18 24.49 25.47
C ALA J 153 -38.30 23.08 24.89
N GLY J 154 -39.25 22.32 25.40
CA GLY J 154 -39.44 20.97 24.92
C GLY J 154 -40.74 20.44 25.47
N GLY J 155 -40.68 19.27 26.08
CA GLY J 155 -41.88 18.68 26.65
C GLY J 155 -42.96 18.42 25.62
N TYR J 156 -42.56 17.96 24.44
CA TYR J 156 -43.51 17.67 23.39
C TYR J 156 -44.20 16.35 23.63
N TYR J 157 -45.30 16.13 22.92
CA TYR J 157 -46.04 14.87 23.01
C TYR J 157 -45.33 14.00 21.98
N TYR J 158 -44.94 12.79 22.37
CA TYR J 158 -44.24 11.90 21.46
C TYR J 158 -44.88 10.53 21.55
N PRO J 159 -45.01 9.83 20.42
CA PRO J 159 -45.62 8.50 20.48
C PRO J 159 -44.87 7.56 21.43
N GLY J 160 -45.56 7.08 22.46
CA GLY J 160 -44.95 6.19 23.43
C GLY J 160 -44.16 6.86 24.53
N LYS J 161 -44.25 8.19 24.61
CA LYS J 161 -43.54 8.94 25.64
C LYS J 161 -44.40 9.04 26.90
N GLY J 162 -43.87 8.55 28.02
CA GLY J 162 -44.61 8.59 29.28
C GLY J 162 -44.03 9.57 30.27
N LEU J 163 -44.61 9.62 31.47
CA LEU J 163 -44.14 10.53 32.51
C LEU J 163 -42.66 10.33 32.78
N SER J 164 -42.25 9.07 32.71
CA SER J 164 -40.87 8.69 32.93
C SER J 164 -39.94 9.51 32.04
N MET J 165 -40.14 9.39 30.73
CA MET J 165 -39.33 10.10 29.75
C MET J 165 -39.45 11.62 29.85
N LEU J 166 -40.68 12.11 30.01
CA LEU J 166 -40.91 13.54 30.14
C LEU J 166 -39.95 14.03 31.23
N ARG J 167 -39.99 13.34 32.37
CA ARG J 167 -39.14 13.66 33.51
C ARG J 167 -37.67 13.68 33.09
N GLY J 168 -37.27 12.64 32.38
CA GLY J 168 -35.89 12.55 31.92
C GLY J 168 -35.50 13.76 31.11
N GLU J 169 -36.33 14.09 30.13
CA GLU J 169 -36.08 15.24 29.25
C GLU J 169 -35.79 16.49 30.07
N MET J 170 -36.70 16.82 30.97
CA MET J 170 -36.53 17.99 31.82
C MET J 170 -35.25 17.94 32.64
N ARG J 171 -35.00 16.81 33.31
CA ARG J 171 -33.80 16.67 34.12
C ARG J 171 -32.60 16.90 33.23
N GLY J 172 -32.71 16.42 32.00
CA GLY J 172 -31.62 16.61 31.04
C GLY J 172 -31.32 18.08 30.85
N TYR J 173 -32.37 18.90 30.80
CA TYR J 173 -32.18 20.34 30.63
C TYR J 173 -31.52 20.93 31.86
N LEU J 174 -32.03 20.57 33.04
CA LEU J 174 -31.44 21.08 34.27
C LEU J 174 -29.96 20.72 34.35
N ASP J 175 -29.62 19.51 33.90
CA ASP J 175 -28.24 19.04 33.92
C ASP J 175 -27.33 19.97 33.09
N ARG J 176 -27.89 20.56 32.04
CA ARG J 176 -27.08 21.45 31.21
C ARG J 176 -27.00 22.86 31.78
N GLY J 177 -27.82 23.13 32.78
CA GLY J 177 -27.79 24.44 33.40
C GLY J 177 -28.93 25.38 33.10
N TYR J 178 -30.15 24.86 33.15
CA TYR J 178 -31.31 25.69 32.87
C TYR J 178 -32.24 25.78 34.09
N ASN J 179 -32.63 27.00 34.45
CA ASN J 179 -33.51 27.21 35.60
C ASN J 179 -34.98 27.39 35.23
N VAL J 180 -35.30 27.18 33.95
CA VAL J 180 -36.68 27.31 33.49
C VAL J 180 -36.91 26.35 32.33
N VAL J 181 -38.06 25.70 32.31
CA VAL J 181 -38.33 24.77 31.22
C VAL J 181 -39.79 24.85 30.81
N LYS J 182 -40.04 24.73 29.51
CA LYS J 182 -41.41 24.80 28.98
C LYS J 182 -41.86 23.49 28.36
N MET J 183 -43.12 23.15 28.57
CA MET J 183 -43.66 21.92 28.04
C MET J 183 -45.00 22.14 27.38
N LYS J 184 -45.36 21.25 26.48
CA LYS J 184 -46.62 21.37 25.77
C LYS J 184 -47.80 20.78 26.55
N ILE J 185 -48.95 21.40 26.36
CA ILE J 185 -50.19 20.96 26.97
C ILE J 185 -51.25 21.19 25.91
N GLY J 186 -52.47 20.77 26.18
CA GLY J 186 -53.54 20.94 25.22
C GLY J 186 -53.62 19.79 24.26
N GLY J 187 -52.61 18.92 24.29
CA GLY J 187 -52.58 17.75 23.42
C GLY J 187 -52.87 16.47 24.19
N ALA J 188 -53.99 16.49 24.92
CA ALA J 188 -54.46 15.37 25.76
C ALA J 188 -55.41 15.94 26.81
N PRO J 189 -56.49 15.23 27.15
CA PRO J 189 -57.42 15.74 28.15
C PRO J 189 -56.69 16.40 29.31
N ILE J 190 -57.29 17.43 29.86
CA ILE J 190 -56.69 18.21 30.94
C ILE J 190 -56.04 17.41 32.07
N GLU J 191 -56.75 16.41 32.61
CA GLU J 191 -56.18 15.62 33.71
C GLU J 191 -54.85 14.99 33.33
N GLU J 192 -54.79 14.42 32.12
CA GLU J 192 -53.56 13.81 31.64
C GLU J 192 -52.48 14.88 31.72
N ASP J 193 -52.84 16.10 31.33
CA ASP J 193 -51.90 17.22 31.36
C ASP J 193 -51.55 17.56 32.80
N ARG J 194 -52.54 17.47 33.68
CA ARG J 194 -52.33 17.76 35.10
C ARG J 194 -51.18 16.91 35.64
N MET J 195 -51.27 15.61 35.40
CA MET J 195 -50.26 14.67 35.84
C MET J 195 -48.88 14.97 35.28
N ARG J 196 -48.82 15.25 33.98
CA ARG J 196 -47.54 15.57 33.35
C ARG J 196 -46.89 16.78 34.01
N ILE J 197 -47.68 17.81 34.26
CA ILE J 197 -47.14 18.99 34.91
C ILE J 197 -46.58 18.55 36.26
N GLU J 198 -47.46 17.99 37.09
CA GLU J 198 -47.08 17.54 38.42
C GLU J 198 -45.76 16.77 38.40
N ALA J 199 -45.65 15.85 37.45
CA ALA J 199 -44.46 15.01 37.29
C ALA J 199 -43.20 15.81 36.99
N VAL J 200 -43.34 16.79 36.09
CA VAL J 200 -42.21 17.63 35.71
C VAL J 200 -41.86 18.56 36.87
N LEU J 201 -42.91 19.13 37.45
CA LEU J 201 -42.79 20.05 38.56
C LEU J 201 -42.09 19.37 39.74
N GLU J 202 -42.41 18.10 39.95
CA GLU J 202 -41.79 17.33 41.02
C GLU J 202 -40.37 16.92 40.61
N GLU J 203 -40.20 16.55 39.35
CA GLU J 203 -38.88 16.19 38.87
C GLU J 203 -37.90 17.35 39.06
N ILE J 204 -38.33 18.57 38.73
CA ILE J 204 -37.46 19.73 38.85
C ILE J 204 -37.42 20.29 40.27
N GLY J 205 -38.43 19.94 41.06
CA GLY J 205 -38.50 20.41 42.43
C GLY J 205 -38.27 21.91 42.58
N LYS J 206 -37.20 22.28 43.27
CA LYS J 206 -36.89 23.68 43.49
C LYS J 206 -35.68 24.15 42.69
N ASP J 207 -35.25 23.34 41.73
CA ASP J 207 -34.08 23.70 40.91
C ASP J 207 -34.47 24.39 39.61
N ALA J 208 -35.77 24.44 39.32
CA ALA J 208 -36.23 25.07 38.10
C ALA J 208 -37.72 25.42 38.14
N GLN J 209 -38.13 26.28 37.21
CA GLN J 209 -39.52 26.68 37.10
C GLN J 209 -40.09 26.15 35.79
N LEU J 210 -41.38 25.86 35.78
CA LEU J 210 -42.03 25.30 34.61
C LEU J 210 -42.97 26.25 33.86
N ALA J 211 -42.94 26.16 32.53
CA ALA J 211 -43.80 26.98 31.68
C ALA J 211 -44.58 26.04 30.78
N VAL J 212 -45.87 26.32 30.59
CA VAL J 212 -46.72 25.49 29.74
C VAL J 212 -47.13 26.25 28.47
N ASP J 213 -47.26 25.53 27.36
CA ASP J 213 -47.60 26.14 26.09
C ASP J 213 -48.73 25.37 25.37
N ALA J 214 -49.87 26.05 25.19
CA ALA J 214 -51.04 25.45 24.54
C ALA J 214 -51.05 25.64 23.02
N ASN J 215 -50.01 26.29 22.49
CA ASN J 215 -49.91 26.53 21.05
C ASN J 215 -51.15 27.12 20.37
N GLY J 216 -51.87 27.98 21.09
CA GLY J 216 -53.05 28.64 20.57
C GLY J 216 -54.19 27.75 20.14
N ARG J 217 -54.30 26.59 20.77
CA ARG J 217 -55.34 25.63 20.42
C ARG J 217 -56.69 25.82 21.09
N PHE J 218 -56.70 26.42 22.28
CA PHE J 218 -57.94 26.59 23.06
C PHE J 218 -58.93 27.68 22.66
N ASN J 219 -60.21 27.40 22.88
CA ASN J 219 -61.25 28.39 22.64
C ASN J 219 -61.39 29.05 24.02
N LEU J 220 -62.27 30.03 24.15
CA LEU J 220 -62.37 30.72 25.45
C LEU J 220 -62.64 29.81 26.64
N GLU J 221 -63.68 28.99 26.56
CA GLU J 221 -64.02 28.10 27.66
C GLU J 221 -62.90 27.13 28.04
N THR J 222 -62.29 26.52 27.04
CA THR J 222 -61.20 25.58 27.32
C THR J 222 -60.03 26.33 27.96
N GLY J 223 -59.74 27.51 27.44
CA GLY J 223 -58.65 28.30 27.98
C GLY J 223 -58.87 28.61 29.44
N ILE J 224 -60.12 28.88 29.81
CA ILE J 224 -60.48 29.19 31.18
C ILE J 224 -60.40 27.94 32.06
N ALA J 225 -60.86 26.81 31.53
CA ALA J 225 -60.81 25.56 32.27
C ALA J 225 -59.36 25.27 32.64
N TYR J 226 -58.48 25.31 31.65
CA TYR J 226 -57.07 25.06 31.91
C TYR J 226 -56.48 26.11 32.83
N ALA J 227 -57.03 27.33 32.78
CA ALA J 227 -56.52 28.41 33.62
C ALA J 227 -56.79 28.07 35.08
N LYS J 228 -58.02 27.62 35.35
CA LYS J 228 -58.41 27.27 36.71
C LYS J 228 -57.55 26.11 37.23
N MET J 229 -57.17 25.21 36.34
CA MET J 229 -56.34 24.08 36.71
C MET J 229 -54.88 24.50 36.87
N LEU J 230 -54.40 25.27 35.90
CA LEU J 230 -53.02 25.75 35.89
C LEU J 230 -52.66 26.72 37.00
N ARG J 231 -53.59 27.59 37.37
CA ARG J 231 -53.32 28.59 38.39
C ARG J 231 -52.97 28.06 39.79
N ASP J 232 -53.28 26.80 40.05
CA ASP J 232 -52.97 26.22 41.37
C ASP J 232 -51.49 25.82 41.47
N TYR J 233 -50.77 25.88 40.35
CA TYR J 233 -49.36 25.52 40.35
C TYR J 233 -48.53 26.78 40.11
N PRO J 234 -47.32 26.84 40.68
CA PRO J 234 -46.42 27.99 40.55
C PRO J 234 -45.69 28.01 39.20
N LEU J 235 -46.44 28.07 38.11
CA LEU J 235 -45.88 28.10 36.76
C LEU J 235 -45.17 29.41 36.41
N PHE J 236 -44.18 29.32 35.51
CA PHE J 236 -43.42 30.50 35.07
C PHE J 236 -44.29 31.32 34.12
N TRP J 237 -45.03 30.62 33.25
CA TRP J 237 -45.94 31.30 32.35
C TRP J 237 -46.86 30.35 31.59
N TYR J 238 -48.00 30.88 31.18
CA TYR J 238 -49.03 30.15 30.45
C TYR J 238 -48.96 30.79 29.05
N GLU J 239 -48.40 30.05 28.09
CA GLU J 239 -48.20 30.54 26.72
C GLU J 239 -49.27 30.23 25.66
N GLU J 240 -49.47 31.22 24.77
CA GLU J 240 -50.41 31.15 23.66
C GLU J 240 -51.65 30.31 23.93
N VAL J 241 -52.51 30.82 24.80
CA VAL J 241 -53.73 30.12 25.17
C VAL J 241 -54.67 29.88 23.99
N GLY J 242 -55.12 30.97 23.36
CA GLY J 242 -56.02 30.85 22.24
C GLY J 242 -55.35 31.24 20.93
N ASP J 243 -56.15 31.35 19.87
CA ASP J 243 -55.65 31.74 18.55
C ASP J 243 -54.81 33.01 18.67
N PRO J 244 -53.69 33.08 17.94
CA PRO J 244 -52.78 34.24 17.98
C PRO J 244 -53.46 35.59 17.71
N LEU J 245 -54.50 35.57 16.90
CA LEU J 245 -55.23 36.79 16.53
C LEU J 245 -56.51 37.08 17.31
N ASP J 246 -56.88 36.20 18.25
CA ASP J 246 -58.10 36.42 19.03
C ASP J 246 -57.72 37.21 20.27
N TYR J 247 -57.42 38.49 20.06
CA TYR J 247 -57.02 39.38 21.14
C TYR J 247 -58.07 39.47 22.25
N ALA J 248 -59.34 39.39 21.88
CA ALA J 248 -60.40 39.46 22.87
C ALA J 248 -60.31 38.27 23.84
N LEU J 249 -59.97 37.10 23.30
CA LEU J 249 -59.87 35.90 24.12
C LEU J 249 -58.75 36.11 25.12
N GLN J 250 -57.59 36.51 24.63
CA GLN J 250 -56.45 36.75 25.49
C GLN J 250 -56.78 37.73 26.60
N ALA J 251 -57.53 38.77 26.27
CA ALA J 251 -57.89 39.78 27.26
C ALA J 251 -58.80 39.22 28.34
N ALA J 252 -59.78 38.41 27.93
CA ALA J 252 -60.72 37.82 28.87
C ALA J 252 -60.05 36.89 29.89
N LEU J 253 -58.89 36.36 29.52
CA LEU J 253 -58.17 35.45 30.40
C LEU J 253 -57.61 36.10 31.66
N ALA J 254 -57.30 37.39 31.60
CA ALA J 254 -56.73 38.07 32.77
C ALA J 254 -57.58 37.94 34.02
N GLU J 255 -58.90 37.78 33.84
CA GLU J 255 -59.82 37.65 34.96
C GLU J 255 -59.69 36.31 35.69
N PHE J 256 -59.18 35.30 35.00
CA PHE J 256 -59.03 33.96 35.57
C PHE J 256 -57.60 33.51 35.80
N TYR J 257 -56.62 34.24 35.25
CA TYR J 257 -55.24 33.82 35.41
C TYR J 257 -54.32 34.99 35.77
N PRO J 258 -54.06 35.18 37.08
CA PRO J 258 -53.21 36.26 37.60
C PRO J 258 -51.76 36.10 37.21
N GLY J 259 -51.33 34.85 37.09
CA GLY J 259 -49.95 34.55 36.75
C GLY J 259 -49.53 34.97 35.35
N PRO J 260 -48.23 35.20 35.14
CA PRO J 260 -47.75 35.62 33.82
C PRO J 260 -48.16 34.74 32.65
N MET J 261 -48.54 35.39 31.55
CA MET J 261 -48.93 34.71 30.33
C MET J 261 -47.99 35.18 29.23
N ALA J 262 -47.98 34.45 28.12
CA ALA J 262 -47.10 34.82 27.01
C ALA J 262 -47.76 34.48 25.67
N THR J 263 -47.32 35.17 24.62
CA THR J 263 -47.84 34.92 23.29
C THR J 263 -47.08 35.79 22.30
N GLY J 264 -47.34 35.61 21.01
CA GLY J 264 -46.66 36.42 20.03
C GLY J 264 -45.77 35.72 19.02
N GLU J 265 -45.40 34.48 19.27
CA GLU J 265 -44.55 33.77 18.32
C GLU J 265 -45.18 33.71 16.93
N ASN J 266 -46.52 33.73 16.86
CA ASN J 266 -47.19 33.65 15.57
C ASN J 266 -47.73 34.97 14.99
N LEU J 267 -47.23 36.09 15.49
CA LEU J 267 -47.61 37.39 14.98
C LEU J 267 -46.33 37.79 14.24
N PHE J 268 -46.44 38.07 12.94
CA PHE J 268 -45.25 38.36 12.17
C PHE J 268 -44.99 39.77 11.61
N SER J 269 -45.56 40.80 12.23
CA SER J 269 -45.34 42.16 11.76
C SER J 269 -45.52 43.15 12.90
N HIS J 270 -44.96 44.35 12.76
CA HIS J 270 -45.13 45.32 13.83
C HIS J 270 -46.61 45.71 13.91
N GLN J 271 -47.31 45.62 12.79
CA GLN J 271 -48.73 45.96 12.79
C GLN J 271 -49.51 44.96 13.64
N ASP J 272 -49.18 43.69 13.49
CA ASP J 272 -49.85 42.65 14.27
C ASP J 272 -49.45 42.79 15.75
N ALA J 273 -48.19 43.14 16.00
CA ALA J 273 -47.72 43.32 17.36
C ALA J 273 -48.49 44.48 17.99
N ARG J 274 -48.68 45.54 17.22
CA ARG J 274 -49.40 46.71 17.70
C ARG J 274 -50.84 46.33 18.07
N ASN J 275 -51.47 45.46 17.29
CA ASN J 275 -52.83 45.06 17.61
C ASN J 275 -52.91 44.26 18.90
N LEU J 276 -51.89 43.45 19.17
CA LEU J 276 -51.86 42.67 20.39
C LEU J 276 -51.77 43.62 21.58
N LEU J 277 -50.90 44.62 21.50
CA LEU J 277 -50.75 45.57 22.58
C LEU J 277 -51.99 46.47 22.75
N ARG J 278 -52.75 46.65 21.67
CA ARG J 278 -53.96 47.47 21.72
C ARG J 278 -55.17 46.73 22.24
N TYR J 279 -55.32 45.47 21.85
CA TYR J 279 -56.51 44.72 22.23
C TYR J 279 -56.34 43.47 23.08
N GLY J 280 -55.11 42.95 23.18
CA GLY J 280 -54.85 41.74 23.93
C GLY J 280 -55.02 41.79 25.44
N GLY J 281 -55.07 42.99 26.00
CA GLY J 281 -55.24 43.12 27.43
C GLY J 281 -54.15 42.44 28.24
N MET J 282 -52.94 42.38 27.72
CA MET J 282 -51.86 41.76 28.47
C MET J 282 -51.31 42.70 29.53
N ARG J 283 -50.71 42.12 30.58
CA ARG J 283 -50.14 42.90 31.68
C ARG J 283 -48.66 43.18 31.41
N PRO J 284 -48.31 44.44 31.10
CA PRO J 284 -46.92 44.81 30.82
C PRO J 284 -45.91 44.62 31.94
N ASP J 285 -46.38 44.42 33.16
CA ASP J 285 -45.47 44.24 34.28
C ASP J 285 -45.03 42.78 34.48
N ARG J 286 -45.74 41.85 33.84
CA ARG J 286 -45.40 40.45 34.02
C ARG J 286 -45.54 39.49 32.83
N ASP J 287 -46.22 39.89 31.76
CA ASP J 287 -46.36 39.00 30.62
C ASP J 287 -45.16 39.07 29.69
N TRP J 288 -45.10 38.14 28.75
CA TRP J 288 -43.98 38.10 27.81
C TRP J 288 -44.41 38.10 26.35
N LEU J 289 -43.69 38.85 25.53
CA LEU J 289 -43.97 38.97 24.10
C LEU J 289 -42.94 38.12 23.38
N GLN J 290 -43.41 37.16 22.61
CA GLN J 290 -42.50 36.23 21.93
C GLN J 290 -42.30 36.38 20.42
N PHE J 291 -42.40 37.60 19.91
CA PHE J 291 -42.21 37.86 18.49
C PHE J 291 -40.83 37.31 18.07
N ASP J 292 -40.77 36.70 16.89
CA ASP J 292 -39.55 36.10 16.37
C ASP J 292 -39.12 36.84 15.11
N CYS J 293 -38.02 37.58 15.17
CA CYS J 293 -37.58 38.35 14.02
C CYS J 293 -37.33 37.50 12.78
N ALA J 294 -36.85 36.28 12.99
CA ALA J 294 -36.58 35.39 11.88
C ALA J 294 -37.83 35.06 11.05
N LEU J 295 -38.99 35.14 11.68
CA LEU J 295 -40.24 34.84 11.00
C LEU J 295 -41.03 36.12 10.74
N SER J 296 -40.49 37.26 11.17
CA SER J 296 -41.20 38.52 11.04
C SER J 296 -40.48 39.66 10.32
N TYR J 297 -40.04 39.39 9.10
CA TYR J 297 -39.35 40.38 8.29
C TYR J 297 -38.01 40.84 8.84
N GLY J 298 -37.42 40.03 9.73
CA GLY J 298 -36.10 40.34 10.28
C GLY J 298 -35.96 41.40 11.35
N LEU J 299 -34.70 41.71 11.65
CA LEU J 299 -34.37 42.70 12.67
C LEU J 299 -34.79 44.11 12.26
N CYS J 300 -34.79 44.39 10.95
CA CYS J 300 -35.18 45.71 10.46
C CYS J 300 -36.59 45.96 10.88
N GLU J 301 -37.40 44.91 10.85
CA GLU J 301 -38.79 44.99 11.24
C GLU J 301 -38.92 44.94 12.76
N TYR J 302 -38.12 44.08 13.40
CA TYR J 302 -38.16 43.92 14.86
C TYR J 302 -37.92 45.27 15.53
N GLN J 303 -37.06 46.09 14.92
CA GLN J 303 -36.79 47.40 15.50
C GLN J 303 -38.06 48.24 15.47
N ARG J 304 -38.89 48.06 14.45
CA ARG J 304 -40.12 48.81 14.40
C ARG J 304 -41.09 48.29 15.46
N THR J 305 -41.04 46.99 15.69
CA THR J 305 -41.91 46.40 16.70
C THR J 305 -41.51 46.94 18.08
N LEU J 306 -40.21 47.05 18.33
CA LEU J 306 -39.71 47.59 19.58
C LEU J 306 -40.22 49.01 19.74
N GLU J 307 -40.29 49.74 18.65
CA GLU J 307 -40.77 51.11 18.69
C GLU J 307 -42.25 51.09 19.10
N VAL J 308 -42.97 50.08 18.63
CA VAL J 308 -44.38 49.95 18.97
C VAL J 308 -44.52 49.75 20.49
N LEU J 309 -43.63 48.93 21.06
CA LEU J 309 -43.65 48.68 22.50
C LEU J 309 -43.52 50.00 23.25
N LYS J 310 -42.62 50.88 22.83
CA LYS J 310 -42.48 52.15 23.52
C LYS J 310 -43.78 52.91 23.47
N THR J 311 -44.38 52.98 22.28
CA THR J 311 -45.63 53.70 22.11
C THR J 311 -46.73 53.22 23.04
N HIS J 312 -46.62 51.99 23.51
CA HIS J 312 -47.64 51.46 24.39
C HIS J 312 -47.20 51.26 25.84
N GLY J 313 -46.02 51.77 26.17
CA GLY J 313 -45.53 51.68 27.53
C GLY J 313 -44.89 50.36 27.96
N TRP J 314 -44.49 49.53 27.00
CA TRP J 314 -43.87 48.25 27.32
C TRP J 314 -42.36 48.34 27.30
N SER J 315 -41.72 47.56 28.17
CA SER J 315 -40.27 47.53 28.22
C SER J 315 -39.75 46.44 27.30
N PRO J 316 -38.63 46.68 26.63
CA PRO J 316 -38.09 45.66 25.73
C PRO J 316 -37.71 44.41 26.53
N SER J 317 -37.56 44.56 27.84
CA SER J 317 -37.18 43.44 28.71
C SER J 317 -38.33 42.45 28.84
N ARG J 318 -39.47 42.77 28.25
CA ARG J 318 -40.63 41.88 28.31
C ARG J 318 -40.58 40.93 27.11
N CYS J 319 -39.56 41.08 26.27
CA CYS J 319 -39.41 40.26 25.09
C CYS J 319 -38.49 39.05 25.25
N ILE J 320 -39.00 37.89 24.90
CA ILE J 320 -38.23 36.66 24.92
C ILE J 320 -38.65 35.97 23.63
N PRO J 321 -37.93 36.27 22.54
CA PRO J 321 -38.16 35.74 21.20
C PRO J 321 -38.25 34.22 21.10
N HIS J 322 -39.15 33.77 20.23
CA HIS J 322 -39.33 32.36 19.97
C HIS J 322 -38.27 32.02 18.92
N GLY J 323 -38.00 30.74 18.70
CA GLY J 323 -37.04 30.36 17.68
C GLY J 323 -35.74 29.72 18.12
N GLY J 324 -35.24 30.11 19.29
CA GLY J 324 -34.01 29.54 19.80
C GLY J 324 -32.79 29.69 18.90
N HIS J 325 -32.69 30.79 18.19
CA HIS J 325 -31.55 31.01 17.32
C HIS J 325 -30.63 32.12 17.79
N GLN J 326 -29.40 32.12 17.30
CA GLN J 326 -28.40 33.11 17.68
C GLN J 326 -28.72 34.57 17.31
N MET J 327 -29.54 34.77 16.28
CA MET J 327 -29.90 36.13 15.89
C MET J 327 -30.57 36.79 17.08
N SER J 328 -31.52 36.07 17.68
CA SER J 328 -32.22 36.58 18.84
C SER J 328 -31.25 36.85 20.00
N LEU J 329 -30.31 35.94 20.21
CA LEU J 329 -29.31 36.11 21.27
C LEU J 329 -28.60 37.44 21.11
N ASN J 330 -28.24 37.77 19.87
CA ASN J 330 -27.58 39.03 19.57
C ASN J 330 -28.48 40.23 19.83
N ILE J 331 -29.73 40.16 19.40
CA ILE J 331 -30.66 41.27 19.61
C ILE J 331 -30.90 41.45 21.10
N ALA J 332 -31.05 40.33 21.81
CA ALA J 332 -31.27 40.37 23.26
C ALA J 332 -30.11 41.06 23.97
N ALA J 333 -28.89 40.60 23.68
CA ALA J 333 -27.70 41.17 24.29
C ALA J 333 -27.49 42.64 23.97
N GLY J 334 -27.76 43.02 22.72
CA GLY J 334 -27.56 44.39 22.31
C GLY J 334 -28.63 45.39 22.68
N LEU J 335 -29.89 44.97 22.58
CA LEU J 335 -31.01 45.88 22.86
C LEU J 335 -31.73 45.68 24.18
N GLY J 336 -31.25 44.75 25.00
CA GLY J 336 -31.86 44.51 26.29
C GLY J 336 -33.16 43.75 26.34
N LEU J 337 -33.28 42.69 25.58
CA LEU J 337 -34.52 41.92 25.61
C LEU J 337 -34.51 41.09 26.91
N GLY J 338 -35.63 40.46 27.23
CA GLY J 338 -35.72 39.66 28.44
C GLY J 338 -34.94 38.36 28.41
N GLY J 339 -34.65 37.86 27.21
CA GLY J 339 -33.92 36.61 27.10
C GLY J 339 -34.21 35.95 25.78
N ASN J 340 -33.97 34.64 25.68
CA ASN J 340 -34.20 33.94 24.44
C ASN J 340 -34.61 32.49 24.68
N GLU J 341 -35.34 31.91 23.72
CA GLU J 341 -35.76 30.53 23.83
C GLU J 341 -34.59 29.66 23.37
N SER J 342 -34.58 28.40 23.78
CA SER J 342 -33.51 27.48 23.41
C SER J 342 -34.05 26.06 23.29
N TYR J 343 -33.58 25.33 22.28
CA TYR J 343 -33.98 23.94 22.07
C TYR J 343 -32.70 23.09 22.19
N PRO J 344 -32.45 22.54 23.40
CA PRO J 344 -31.26 21.71 23.64
C PRO J 344 -31.16 20.44 22.80
N ASP J 345 -32.28 19.74 22.65
CA ASP J 345 -32.28 18.51 21.87
C ASP J 345 -33.18 18.58 20.64
N LEU J 346 -33.42 19.76 20.12
CA LEU J 346 -34.29 19.86 18.95
C LEU J 346 -33.84 20.80 17.83
N PHE J 347 -34.15 20.38 16.60
CA PHE J 347 -33.84 21.15 15.40
C PHE J 347 -32.36 21.45 15.19
N GLN J 348 -31.50 20.53 15.59
CA GLN J 348 -30.06 20.76 15.44
C GLN J 348 -29.63 20.49 14.01
N PRO J 349 -28.55 21.16 13.54
CA PRO J 349 -27.74 22.13 14.27
C PRO J 349 -28.22 23.57 14.17
N TYR J 350 -29.37 23.77 13.56
CA TYR J 350 -29.89 25.12 13.40
C TYR J 350 -30.45 25.62 14.73
N GLY J 351 -29.55 26.15 15.54
CA GLY J 351 -29.95 26.67 16.84
C GLY J 351 -28.75 26.69 17.76
N GLY J 352 -28.95 26.29 19.01
CA GLY J 352 -27.86 26.24 19.96
C GLY J 352 -27.08 27.52 20.20
N PHE J 353 -25.79 27.36 20.51
CA PHE J 353 -24.93 28.49 20.79
C PHE J 353 -23.55 28.15 20.25
N PRO J 354 -22.59 29.07 20.33
CA PRO J 354 -21.27 28.72 19.81
C PRO J 354 -20.74 27.52 20.59
N ASP J 355 -19.98 26.66 19.94
CA ASP J 355 -19.43 25.50 20.61
C ASP J 355 -18.64 25.95 21.82
N GLY J 356 -18.75 25.19 22.91
CA GLY J 356 -18.03 25.51 24.12
C GLY J 356 -18.60 26.62 24.98
N VAL J 357 -19.82 27.06 24.71
CA VAL J 357 -20.42 28.12 25.52
C VAL J 357 -21.25 27.45 26.60
N ARG J 358 -20.98 27.84 27.84
CA ARG J 358 -21.67 27.26 28.98
C ARG J 358 -22.95 27.96 29.43
N VAL J 359 -23.89 27.15 29.90
CA VAL J 359 -25.19 27.62 30.39
C VAL J 359 -25.31 27.39 31.89
N GLU J 360 -24.96 28.39 32.70
CA GLU J 360 -25.10 28.24 34.15
C GLU J 360 -26.05 29.24 34.78
N ASN J 361 -27.12 28.72 35.37
CA ASN J 361 -28.17 29.51 36.02
C ASN J 361 -29.17 30.04 34.99
N GLY J 362 -29.41 29.28 33.93
CA GLY J 362 -30.32 29.74 32.90
C GLY J 362 -29.77 30.89 32.07
N HIS J 363 -28.45 31.05 32.05
CA HIS J 363 -27.83 32.11 31.27
C HIS J 363 -26.61 31.65 30.49
N ILE J 364 -26.29 32.39 29.44
CA ILE J 364 -25.13 32.10 28.61
C ILE J 364 -24.44 33.44 28.43
N THR J 365 -23.17 33.43 28.06
CA THR J 365 -22.47 34.68 27.84
C THR J 365 -21.98 34.71 26.40
N MET J 366 -22.45 35.71 25.65
CA MET J 366 -22.09 35.86 24.25
C MET J 366 -20.60 36.11 24.03
N PRO J 367 -19.93 35.20 23.31
CA PRO J 367 -18.49 35.37 23.04
C PRO J 367 -18.38 36.46 21.98
N ASP J 368 -17.27 37.18 21.96
CA ASP J 368 -17.11 38.24 20.98
C ASP J 368 -16.70 37.75 19.59
N LEU J 369 -17.60 37.03 18.93
CA LEU J 369 -17.37 36.51 17.58
C LEU J 369 -17.94 37.52 16.59
N PRO J 370 -17.30 37.70 15.43
CA PRO J 370 -17.81 38.66 14.44
C PRO J 370 -19.16 38.20 13.88
N GLY J 371 -20.05 39.15 13.62
CA GLY J 371 -21.36 38.82 13.10
C GLY J 371 -22.23 38.12 14.12
N ILE J 372 -23.12 37.24 13.65
CA ILE J 372 -24.02 36.50 14.52
C ILE J 372 -23.23 35.49 15.36
N GLY J 373 -22.12 35.00 14.82
CA GLY J 373 -21.30 34.05 15.55
C GLY J 373 -21.54 32.61 15.15
N PHE J 374 -22.16 32.39 13.99
CA PHE J 374 -22.43 31.03 13.53
C PHE J 374 -21.14 30.21 13.38
N GLU J 375 -20.04 30.88 13.02
CA GLU J 375 -18.77 30.20 12.84
C GLU J 375 -18.32 29.44 14.10
N GLY J 376 -18.73 29.95 15.26
CA GLY J 376 -18.38 29.31 16.51
C GLY J 376 -19.03 27.95 16.74
N LYS J 377 -20.06 27.64 15.96
CA LYS J 377 -20.75 26.37 16.10
C LYS J 377 -20.41 25.51 14.87
N SER J 378 -19.35 24.72 14.98
CA SER J 378 -18.86 23.88 13.90
C SER J 378 -19.91 23.06 13.14
N ASP J 379 -20.74 22.31 13.85
CA ASP J 379 -21.74 21.48 13.18
C ASP J 379 -22.75 22.29 12.36
N LEU J 380 -22.95 23.55 12.73
CA LEU J 380 -23.90 24.41 12.02
C LEU J 380 -23.14 25.07 10.87
N TYR J 381 -21.98 25.65 11.19
CA TYR J 381 -21.16 26.32 10.17
C TYR J 381 -20.79 25.38 9.04
N LYS J 382 -20.65 24.09 9.33
CA LYS J 382 -20.30 23.12 8.32
C LYS J 382 -21.36 23.18 7.23
N GLU J 383 -22.61 23.22 7.65
CA GLU J 383 -23.75 23.28 6.76
C GLU J 383 -23.75 24.58 5.94
N MET J 384 -23.44 25.68 6.63
CA MET J 384 -23.41 26.98 6.01
C MET J 384 -22.31 27.18 4.96
N LYS J 385 -21.07 26.80 5.29
CA LYS J 385 -19.99 26.95 4.32
C LYS J 385 -20.19 25.99 3.17
N ALA J 386 -21.02 24.98 3.39
CA ALA J 386 -21.32 24.00 2.36
C ALA J 386 -22.28 24.63 1.34
N LEU J 387 -23.09 25.57 1.82
CA LEU J 387 -24.04 26.27 0.96
C LEU J 387 -23.30 27.32 0.13
N ALA J 388 -22.45 28.09 0.79
CA ALA J 388 -21.69 29.13 0.11
C ALA J 388 -20.48 29.51 0.95
N GLU J 389 -19.37 29.82 0.28
CA GLU J 389 -18.15 30.19 0.97
C GLU J 389 -17.39 31.27 0.21
N SER K 2 -69.04 -3.10 65.71
CA SER K 2 -68.87 -4.49 65.17
C SER K 2 -68.82 -4.59 63.64
N VAL K 3 -67.88 -5.41 63.13
CA VAL K 3 -67.71 -5.63 61.70
C VAL K 3 -67.62 -7.13 61.41
N ARG K 4 -68.67 -7.70 60.82
CA ARG K 4 -68.63 -9.13 60.55
C ARG K 4 -69.32 -9.61 59.28
N ILE K 5 -68.77 -10.68 58.71
CA ILE K 5 -69.31 -11.31 57.51
C ILE K 5 -70.29 -12.36 58.03
N VAL K 6 -71.58 -12.03 57.98
CA VAL K 6 -72.62 -12.93 58.47
C VAL K 6 -72.96 -14.09 57.54
N ASP K 7 -72.71 -13.94 56.24
CA ASP K 7 -73.01 -15.00 55.27
C ASP K 7 -72.24 -14.80 53.96
N VAL K 8 -72.08 -15.88 53.22
CA VAL K 8 -71.40 -15.86 51.92
C VAL K 8 -72.26 -16.70 50.96
N ARG K 9 -73.10 -16.03 50.17
CA ARG K 9 -73.99 -16.70 49.22
C ARG K 9 -73.43 -16.82 47.80
N GLU K 10 -73.84 -17.89 47.11
CA GLU K 10 -73.39 -18.12 45.75
C GLU K 10 -74.50 -18.71 44.89
N ILE K 11 -74.53 -18.30 43.62
CA ILE K 11 -75.50 -18.80 42.67
C ILE K 11 -74.78 -19.02 41.34
N THR K 12 -75.05 -20.14 40.71
CA THR K 12 -74.39 -20.46 39.44
C THR K 12 -75.16 -19.94 38.26
N LYS K 13 -74.64 -18.93 37.57
CA LYS K 13 -75.33 -18.37 36.42
C LYS K 13 -74.84 -18.93 35.09
N PRO K 14 -75.77 -19.16 34.15
CA PRO K 14 -75.35 -19.70 32.86
C PRO K 14 -74.91 -18.56 31.94
N ILE K 15 -73.81 -18.75 31.22
CA ILE K 15 -73.31 -17.75 30.28
C ILE K 15 -72.89 -18.48 29.00
N SER K 16 -73.66 -19.52 28.68
CA SER K 16 -73.43 -20.37 27.53
C SER K 16 -73.98 -19.85 26.20
N SER K 17 -73.46 -20.40 25.11
CA SER K 17 -73.83 -20.01 23.76
C SER K 17 -72.96 -20.86 22.85
N PRO K 18 -73.19 -20.79 21.52
CA PRO K 18 -72.40 -21.58 20.56
C PRO K 18 -71.05 -21.00 20.14
N ILE K 19 -70.63 -19.89 20.75
CA ILE K 19 -69.33 -19.29 20.37
C ILE K 19 -68.18 -20.26 20.62
N ARG K 20 -67.25 -20.30 19.69
CA ARG K 20 -66.13 -21.21 19.82
C ARG K 20 -64.81 -20.56 19.41
N ASN K 21 -63.73 -20.96 20.07
CA ASN K 21 -62.41 -20.47 19.76
C ASN K 21 -61.61 -21.72 19.48
N ALA K 22 -60.35 -21.55 19.15
CA ALA K 22 -59.51 -22.70 18.81
C ALA K 22 -59.39 -23.80 19.85
N TYR K 23 -59.80 -23.56 21.09
CA TYR K 23 -59.64 -24.60 22.13
C TYR K 23 -60.94 -25.15 22.70
N ILE K 24 -61.86 -24.23 22.99
CA ILE K 24 -63.14 -24.52 23.63
C ILE K 24 -64.33 -23.89 22.92
N ASP K 25 -65.51 -24.41 23.21
CA ASP K 25 -66.74 -23.79 22.72
C ASP K 25 -67.46 -23.54 24.05
N PHE K 26 -68.29 -22.51 24.12
CA PHE K 26 -68.95 -22.15 25.37
C PHE K 26 -70.33 -22.75 25.60
N THR K 27 -70.57 -23.91 24.98
CA THR K 27 -71.83 -24.62 25.08
C THR K 27 -72.37 -24.81 26.49
N LYS K 28 -71.50 -25.15 27.43
CA LYS K 28 -71.91 -25.38 28.82
C LYS K 28 -71.32 -24.38 29.80
N MET K 29 -70.77 -23.27 29.28
CA MET K 29 -70.12 -22.28 30.15
C MET K 29 -71.02 -21.69 31.22
N THR K 30 -70.45 -21.57 32.42
CA THR K 30 -71.16 -21.02 33.57
C THR K 30 -70.25 -20.09 34.35
N THR K 31 -70.80 -19.46 35.38
CA THR K 31 -70.04 -18.58 36.23
C THR K 31 -70.68 -18.47 37.62
N SER K 32 -69.88 -18.22 38.64
CA SER K 32 -70.39 -18.10 40.00
C SER K 32 -70.59 -16.65 40.42
N LEU K 33 -71.79 -16.36 40.93
CA LEU K 33 -72.09 -15.02 41.41
C LEU K 33 -72.03 -15.15 42.93
N VAL K 34 -71.16 -14.36 43.56
CA VAL K 34 -71.00 -14.43 44.99
C VAL K 34 -71.37 -13.16 45.71
N ALA K 35 -71.86 -13.32 46.94
CA ALA K 35 -72.23 -12.19 47.77
C ALA K 35 -71.68 -12.37 49.17
N VAL K 36 -70.96 -11.37 49.65
CA VAL K 36 -70.39 -11.41 51.00
C VAL K 36 -71.24 -10.45 51.81
N VAL K 37 -72.13 -11.01 52.62
CA VAL K 37 -73.04 -10.22 53.45
C VAL K 37 -72.41 -9.88 54.80
N THR K 38 -72.36 -8.60 55.11
CA THR K 38 -71.79 -8.13 56.38
C THR K 38 -72.90 -7.60 57.28
N ASP K 39 -72.51 -7.20 58.50
CA ASP K 39 -73.48 -6.66 59.45
C ASP K 39 -73.27 -5.17 59.59
N VAL K 40 -72.32 -4.63 58.83
CA VAL K 40 -72.04 -3.20 58.87
C VAL K 40 -73.12 -2.46 58.11
N VAL K 41 -73.53 -1.31 58.63
CA VAL K 41 -74.56 -0.53 57.97
C VAL K 41 -74.06 0.84 57.52
N ARG K 42 -74.28 1.12 56.25
CA ARG K 42 -73.91 2.40 55.64
C ARG K 42 -75.14 2.83 54.84
N GLU K 43 -75.60 4.04 55.10
CA GLU K 43 -76.77 4.57 54.41
C GLU K 43 -77.99 3.74 54.84
N GLY K 44 -78.05 3.39 56.13
CA GLY K 44 -79.17 2.63 56.67
C GLY K 44 -79.41 1.30 55.99
N LYS K 45 -78.47 0.89 55.14
CA LYS K 45 -78.56 -0.36 54.40
C LYS K 45 -77.32 -1.21 54.73
N ARG K 46 -77.51 -2.51 54.92
CA ARG K 46 -76.41 -3.39 55.22
C ARG K 46 -75.50 -3.48 54.00
N VAL K 47 -74.19 -3.41 54.21
CA VAL K 47 -73.25 -3.48 53.11
C VAL K 47 -72.99 -4.93 52.68
N VAL K 48 -73.14 -5.17 51.38
CA VAL K 48 -72.95 -6.50 50.81
C VAL K 48 -71.95 -6.44 49.66
N GLY K 49 -70.96 -7.31 49.69
CA GLY K 49 -69.97 -7.34 48.62
C GLY K 49 -70.39 -8.34 47.57
N TYR K 50 -70.10 -8.03 46.31
CA TYR K 50 -70.46 -8.92 45.22
C TYR K 50 -69.24 -9.25 44.36
N GLY K 51 -69.33 -10.35 43.64
CA GLY K 51 -68.26 -10.77 42.75
C GLY K 51 -68.72 -11.94 41.89
N PHE K 52 -67.97 -12.21 40.82
CA PHE K 52 -68.28 -13.32 39.94
C PHE K 52 -67.01 -13.64 39.19
N ASN K 53 -66.86 -14.88 38.72
CA ASN K 53 -65.65 -15.23 38.00
C ASN K 53 -65.78 -15.04 36.51
N SER K 54 -64.65 -14.75 35.87
CA SER K 54 -64.59 -14.53 34.43
C SER K 54 -65.02 -15.76 33.64
N ASN K 55 -65.31 -15.55 32.37
CA ASN K 55 -65.72 -16.63 31.50
C ASN K 55 -64.56 -17.56 31.23
N GLY K 56 -64.87 -18.79 30.82
CA GLY K 56 -63.83 -19.75 30.46
C GLY K 56 -63.48 -20.85 31.43
N ARG K 57 -63.59 -20.60 32.73
CA ARG K 57 -63.22 -21.62 33.69
C ARG K 57 -64.40 -22.27 34.41
N TYR K 58 -65.62 -21.83 34.13
CA TYR K 58 -66.83 -22.40 34.74
C TYR K 58 -67.06 -21.92 36.18
N GLY K 59 -68.27 -22.12 36.67
CA GLY K 59 -68.59 -21.74 38.04
C GLY K 59 -67.94 -22.67 39.04
N GLN K 60 -67.82 -22.21 40.29
CA GLN K 60 -67.19 -23.01 41.33
C GLN K 60 -68.06 -23.10 42.58
N GLY K 61 -69.36 -23.32 42.39
CA GLY K 61 -70.26 -23.43 43.52
C GLY K 61 -69.80 -24.45 44.54
N GLY K 62 -69.46 -25.65 44.09
CA GLY K 62 -69.01 -26.69 45.01
C GLY K 62 -67.88 -26.25 45.91
N LEU K 63 -66.78 -25.79 45.32
CA LEU K 63 -65.62 -25.35 46.10
C LEU K 63 -65.92 -24.19 47.03
N ILE K 64 -66.68 -23.21 46.55
CA ILE K 64 -67.02 -22.06 47.37
C ILE K 64 -67.78 -22.52 48.60
N ARG K 65 -68.75 -23.40 48.39
CA ARG K 65 -69.59 -23.90 49.47
C ARG K 65 -68.88 -24.86 50.43
N GLU K 66 -68.45 -25.99 49.91
CA GLU K 66 -67.81 -27.01 50.71
C GLU K 66 -66.42 -26.75 51.27
N ARG K 67 -65.78 -25.66 50.91
CA ARG K 67 -64.43 -25.48 51.43
C ARG K 67 -63.95 -24.07 51.71
N PHE K 68 -64.43 -23.08 50.96
CA PHE K 68 -63.94 -21.73 51.17
C PHE K 68 -64.86 -20.76 51.88
N ALA K 69 -66.14 -20.80 51.56
CA ALA K 69 -67.08 -19.89 52.22
C ALA K 69 -67.16 -20.29 53.69
N SER K 70 -67.09 -21.59 53.94
CA SER K 70 -67.17 -22.13 55.28
C SER K 70 -65.99 -21.69 56.16
N ARG K 71 -64.77 -21.77 55.62
CA ARG K 71 -63.60 -21.39 56.39
C ARG K 71 -63.72 -19.96 56.90
N ILE K 72 -64.39 -19.10 56.13
CA ILE K 72 -64.54 -17.70 56.50
C ILE K 72 -65.54 -17.55 57.64
N LEU K 73 -66.72 -18.14 57.44
CA LEU K 73 -67.76 -18.07 58.44
C LEU K 73 -67.33 -18.74 59.76
N GLU K 74 -66.66 -19.88 59.65
CA GLU K 74 -66.18 -20.62 60.82
C GLU K 74 -64.98 -19.93 61.48
N ALA K 75 -64.59 -18.78 60.95
CA ALA K 75 -63.45 -18.05 61.47
C ALA K 75 -63.86 -17.04 62.52
N ASP K 76 -63.01 -16.88 63.54
CA ASP K 76 -63.30 -15.91 64.59
C ASP K 76 -63.36 -14.52 63.98
N PRO K 77 -64.56 -13.94 63.90
CA PRO K 77 -64.78 -12.60 63.32
C PRO K 77 -63.87 -11.47 63.77
N LYS K 78 -63.31 -11.58 64.97
CA LYS K 78 -62.41 -10.54 65.50
C LYS K 78 -60.97 -10.64 65.02
N LYS K 79 -60.67 -11.70 64.28
CA LYS K 79 -59.33 -11.90 63.75
C LYS K 79 -59.24 -11.64 62.24
N LEU K 80 -60.28 -11.01 61.69
CA LEU K 80 -60.32 -10.70 60.27
C LEU K 80 -60.45 -9.21 60.05
N LEU K 81 -60.09 -8.42 61.06
CA LEU K 81 -60.20 -6.98 60.95
C LEU K 81 -58.85 -6.26 60.88
N ASN K 82 -58.88 -5.01 60.44
CA ASN K 82 -57.67 -4.20 60.34
C ASN K 82 -57.26 -3.74 61.73
N GLU K 83 -56.21 -2.93 61.80
CA GLU K 83 -55.73 -2.42 63.08
C GLU K 83 -56.83 -1.73 63.86
N ALA K 84 -57.50 -0.78 63.21
CA ALA K 84 -58.59 -0.02 63.83
C ALA K 84 -59.81 -0.87 64.20
N GLY K 85 -59.92 -2.05 63.60
CA GLY K 85 -61.06 -2.91 63.90
C GLY K 85 -62.38 -2.36 63.37
N ASP K 86 -62.32 -1.40 62.45
CA ASP K 86 -63.52 -0.82 61.89
C ASP K 86 -63.85 -1.32 60.48
N ASN K 87 -63.03 -2.25 59.97
CA ASN K 87 -63.26 -2.80 58.63
C ASN K 87 -62.54 -4.14 58.49
N LEU K 88 -62.95 -4.92 57.50
CA LEU K 88 -62.35 -6.21 57.23
C LEU K 88 -60.98 -6.04 56.61
N ASP K 89 -60.06 -6.96 56.92
CA ASP K 89 -58.73 -6.94 56.35
C ASP K 89 -58.76 -8.01 55.25
N PRO K 90 -58.74 -7.58 53.97
CA PRO K 90 -58.78 -8.51 52.83
C PRO K 90 -57.80 -9.66 52.97
N ASP K 91 -56.55 -9.34 53.28
CA ASP K 91 -55.52 -10.35 53.42
C ASP K 91 -55.78 -11.34 54.55
N LYS K 92 -56.39 -10.89 55.63
CA LYS K 92 -56.67 -11.79 56.74
C LYS K 92 -57.77 -12.76 56.31
N VAL K 93 -58.76 -12.26 55.57
CA VAL K 93 -59.84 -13.10 55.10
C VAL K 93 -59.27 -14.11 54.11
N TRP K 94 -58.38 -13.64 53.25
CA TRP K 94 -57.74 -14.48 52.25
C TRP K 94 -57.00 -15.63 52.96
N ALA K 95 -56.13 -15.26 53.91
CA ALA K 95 -55.37 -16.24 54.69
C ALA K 95 -56.31 -17.24 55.36
N ALA K 96 -57.42 -16.72 55.85
CA ALA K 96 -58.42 -17.53 56.50
C ALA K 96 -58.95 -18.64 55.58
N MET K 97 -59.27 -18.29 54.33
CA MET K 97 -59.80 -19.31 53.44
C MET K 97 -58.76 -20.20 52.78
N MET K 98 -57.48 -19.85 52.93
CA MET K 98 -56.42 -20.65 52.34
C MET K 98 -55.72 -21.59 53.32
N ILE K 99 -56.22 -21.68 54.56
CA ILE K 99 -55.60 -22.59 55.53
C ILE K 99 -55.85 -24.02 55.09
N ASN K 100 -54.83 -24.87 55.26
CA ASN K 100 -54.92 -26.28 54.92
C ASN K 100 -55.05 -26.56 53.43
N GLU K 101 -54.49 -25.68 52.63
CA GLU K 101 -54.48 -25.83 51.18
C GLU K 101 -53.03 -26.12 50.82
N LYS K 102 -52.75 -27.29 50.23
CA LYS K 102 -51.38 -27.61 49.84
C LYS K 102 -50.92 -26.82 48.62
N PRO K 103 -49.60 -26.57 48.51
CA PRO K 103 -49.04 -25.80 47.40
C PRO K 103 -49.23 -26.46 46.05
N GLY K 104 -49.03 -25.69 44.98
CA GLY K 104 -49.21 -26.21 43.64
C GLY K 104 -50.68 -26.42 43.33
N GLY K 105 -50.97 -26.97 42.16
CA GLY K 105 -52.34 -27.23 41.76
C GLY K 105 -53.22 -26.00 41.68
N HIS K 106 -52.73 -24.97 41.02
CA HIS K 106 -53.49 -23.75 40.91
C HIS K 106 -54.48 -23.73 39.78
N GLY K 107 -55.70 -24.13 40.11
CA GLY K 107 -56.78 -24.17 39.14
C GLY K 107 -58.08 -24.44 39.88
N GLU K 108 -59.19 -24.06 39.26
CA GLU K 108 -60.50 -24.27 39.86
C GLU K 108 -60.63 -23.55 41.23
N ARG K 109 -59.85 -23.94 42.23
CA ARG K 109 -59.96 -23.30 43.53
C ARG K 109 -59.48 -21.85 43.46
N SER K 110 -58.62 -21.58 42.47
CA SER K 110 -58.08 -20.23 42.29
C SER K 110 -59.21 -19.32 41.81
N VAL K 111 -60.18 -19.93 41.14
CA VAL K 111 -61.34 -19.22 40.63
C VAL K 111 -62.32 -19.00 41.76
N ALA K 112 -62.48 -20.01 42.61
CA ALA K 112 -63.37 -19.89 43.75
C ALA K 112 -62.87 -18.81 44.71
N VAL K 113 -61.61 -18.91 45.11
CA VAL K 113 -61.05 -17.91 46.02
C VAL K 113 -61.02 -16.54 45.36
N GLY K 114 -60.69 -16.51 44.06
CA GLY K 114 -60.64 -15.25 43.34
C GLY K 114 -61.97 -14.52 43.31
N THR K 115 -63.05 -15.26 43.08
CA THR K 115 -64.36 -14.64 43.03
C THR K 115 -64.86 -14.21 44.42
N ILE K 116 -64.50 -14.96 45.46
CA ILE K 116 -64.90 -14.57 46.82
C ILE K 116 -64.11 -13.32 47.20
N ASP K 117 -62.83 -13.31 46.85
CA ASP K 117 -61.94 -12.19 47.12
C ASP K 117 -62.50 -10.92 46.52
N MET K 118 -63.09 -11.03 45.32
CA MET K 118 -63.66 -9.88 44.64
C MET K 118 -64.71 -9.25 45.53
N ALA K 119 -65.62 -10.08 46.01
CA ALA K 119 -66.69 -9.64 46.89
C ALA K 119 -66.13 -9.05 48.20
N VAL K 120 -65.10 -9.67 48.76
CA VAL K 120 -64.53 -9.17 50.01
C VAL K 120 -64.02 -7.74 49.84
N TRP K 121 -63.28 -7.49 48.77
CA TRP K 121 -62.76 -6.13 48.55
C TRP K 121 -63.90 -5.15 48.28
N ASP K 122 -64.94 -5.63 47.59
CA ASP K 122 -66.08 -4.79 47.28
C ASP K 122 -66.68 -4.31 48.59
N ALA K 123 -66.82 -5.23 49.53
CA ALA K 123 -67.37 -4.92 50.84
C ALA K 123 -66.47 -3.95 51.60
N VAL K 124 -65.18 -4.26 51.64
CA VAL K 124 -64.22 -3.43 52.33
C VAL K 124 -64.29 -1.98 51.86
N ALA K 125 -64.30 -1.78 50.55
CA ALA K 125 -64.36 -0.44 49.98
C ALA K 125 -65.67 0.25 50.37
N LYS K 126 -66.76 -0.51 50.34
CA LYS K 126 -68.06 0.03 50.71
C LYS K 126 -68.06 0.45 52.18
N ILE K 127 -67.51 -0.40 53.04
CA ILE K 127 -67.45 -0.11 54.46
C ILE K 127 -66.60 1.15 54.70
N ALA K 128 -65.61 1.38 53.83
CA ALA K 128 -64.74 2.55 53.97
C ALA K 128 -65.35 3.75 53.25
N GLY K 129 -66.47 3.53 52.57
CA GLY K 129 -67.14 4.60 51.85
C GLY K 129 -66.37 5.17 50.69
N LYS K 130 -65.51 4.37 50.07
CA LYS K 130 -64.73 4.85 48.93
C LYS K 130 -64.85 3.91 47.73
N PRO K 131 -64.52 4.40 46.53
CA PRO K 131 -64.59 3.54 45.34
C PRO K 131 -63.37 2.62 45.49
N LEU K 132 -63.52 1.34 45.19
CA LEU K 132 -62.39 0.44 45.34
C LEU K 132 -61.09 0.97 44.77
N PHE K 133 -61.13 1.52 43.56
CA PHE K 133 -59.92 2.01 42.93
C PHE K 133 -59.26 3.15 43.70
N ARG K 134 -60.05 3.96 44.40
CA ARG K 134 -59.49 5.06 45.18
C ARG K 134 -58.83 4.47 46.43
N LEU K 135 -59.51 3.50 47.04
CA LEU K 135 -58.98 2.87 48.24
C LEU K 135 -57.68 2.16 47.95
N LEU K 136 -57.59 1.54 46.77
CA LEU K 136 -56.38 0.82 46.37
C LEU K 136 -55.20 1.77 46.23
N ALA K 137 -55.40 2.85 45.48
CA ALA K 137 -54.34 3.83 45.26
C ALA K 137 -53.87 4.33 46.62
N GLU K 138 -54.81 4.61 47.52
CA GLU K 138 -54.47 5.08 48.85
C GLU K 138 -53.54 4.11 49.55
N ARG K 139 -53.97 2.86 49.65
CA ARG K 139 -53.19 1.82 50.31
C ARG K 139 -51.78 1.67 49.72
N HIS K 140 -51.62 2.05 48.45
CA HIS K 140 -50.32 1.96 47.80
C HIS K 140 -49.58 3.29 47.80
N GLY K 141 -50.21 4.33 48.33
CA GLY K 141 -49.57 5.62 48.36
C GLY K 141 -49.33 6.23 47.00
N VAL K 142 -50.34 6.14 46.13
CA VAL K 142 -50.26 6.68 44.78
C VAL K 142 -51.60 7.33 44.46
N LYS K 143 -51.66 8.11 43.38
CA LYS K 143 -52.92 8.73 43.01
C LYS K 143 -53.54 7.87 41.92
N ALA K 144 -54.84 7.65 42.01
CA ALA K 144 -55.50 6.82 41.02
C ALA K 144 -55.70 7.58 39.73
N ASN K 145 -55.94 6.85 38.65
CA ASN K 145 -56.19 7.45 37.34
C ASN K 145 -57.45 6.82 36.80
N PRO K 146 -58.57 7.54 36.87
CA PRO K 146 -59.91 7.14 36.42
C PRO K 146 -60.03 6.75 34.93
N ARG K 147 -59.12 7.24 34.10
CA ARG K 147 -59.21 6.91 32.68
C ARG K 147 -58.48 5.60 32.40
N VAL K 148 -59.27 4.58 32.06
CA VAL K 148 -58.77 3.25 31.78
C VAL K 148 -58.96 2.80 30.34
N PHE K 149 -57.90 2.30 29.74
CA PHE K 149 -57.97 1.82 28.37
C PHE K 149 -58.71 0.50 28.34
N VAL K 150 -59.59 0.34 27.35
CA VAL K 150 -60.35 -0.90 27.19
C VAL K 150 -60.44 -1.26 25.72
N TYR K 151 -60.40 -2.57 25.44
CA TYR K 151 -60.48 -3.05 24.08
C TYR K 151 -61.64 -4.04 23.99
N ALA K 152 -62.26 -4.14 22.82
CA ALA K 152 -63.37 -5.06 22.61
C ALA K 152 -62.90 -6.43 22.15
N ALA K 153 -63.26 -7.47 22.88
CA ALA K 153 -62.86 -8.82 22.53
C ALA K 153 -64.03 -9.64 22.01
N GLY K 154 -63.85 -10.23 20.84
CA GLY K 154 -64.89 -11.03 20.23
C GLY K 154 -64.30 -11.78 19.05
N GLY K 155 -64.97 -11.67 17.90
CA GLY K 155 -64.50 -12.33 16.70
C GLY K 155 -64.43 -13.84 16.85
N TYR K 156 -65.43 -14.40 17.53
CA TYR K 156 -65.48 -15.85 17.73
C TYR K 156 -65.96 -16.57 16.47
N TYR K 157 -65.72 -17.88 16.43
CA TYR K 157 -66.18 -18.71 15.33
C TYR K 157 -67.60 -19.07 15.74
N TYR K 158 -68.55 -18.88 14.84
CA TYR K 158 -69.94 -19.17 15.14
C TYR K 158 -70.53 -19.95 13.97
N PRO K 159 -71.38 -20.94 14.26
CA PRO K 159 -71.97 -21.71 13.16
C PRO K 159 -72.74 -20.80 12.19
N GLY K 160 -72.30 -20.80 10.93
CA GLY K 160 -72.96 -19.98 9.92
C GLY K 160 -72.53 -18.51 9.89
N LYS K 161 -71.48 -18.17 10.62
CA LYS K 161 -70.99 -16.80 10.65
C LYS K 161 -69.96 -16.61 9.54
N GLY K 162 -70.20 -15.66 8.65
CA GLY K 162 -69.29 -15.41 7.54
C GLY K 162 -68.54 -14.09 7.68
N LEU K 163 -67.73 -13.75 6.68
CA LEU K 163 -66.96 -12.51 6.71
C LEU K 163 -67.88 -11.32 6.93
N SER K 164 -69.06 -11.39 6.32
CA SER K 164 -70.06 -10.34 6.43
C SER K 164 -70.33 -10.02 7.90
N MET K 165 -70.79 -11.02 8.65
CA MET K 165 -71.09 -10.84 10.07
C MET K 165 -69.87 -10.46 10.91
N LEU K 166 -68.74 -11.11 10.66
CA LEU K 166 -67.52 -10.81 11.40
C LEU K 166 -67.32 -9.30 11.31
N ARG K 167 -67.37 -8.81 10.09
CA ARG K 167 -67.22 -7.39 9.80
C ARG K 167 -68.22 -6.57 10.63
N GLY K 168 -69.47 -7.01 10.61
CA GLY K 168 -70.50 -6.30 11.34
C GLY K 168 -70.17 -6.21 12.81
N GLU K 169 -69.80 -7.35 13.39
CA GLU K 169 -69.43 -7.40 14.81
C GLU K 169 -68.39 -6.35 15.14
N MET K 170 -67.30 -6.35 14.40
CA MET K 170 -66.23 -5.39 14.62
C MET K 170 -66.71 -3.95 14.50
N ARG K 171 -67.42 -3.65 13.41
CA ARG K 171 -67.93 -2.29 13.19
C ARG K 171 -68.80 -1.91 14.37
N GLY K 172 -69.55 -2.89 14.88
CA GLY K 172 -70.39 -2.65 16.03
C GLY K 172 -69.57 -2.15 17.22
N TYR K 173 -68.37 -2.74 17.40
CA TYR K 173 -67.50 -2.32 18.50
C TYR K 173 -67.01 -0.90 18.28
N LEU K 174 -66.54 -0.62 17.05
CA LEU K 174 -66.05 0.73 16.73
C LEU K 174 -67.16 1.75 16.96
N ASP K 175 -68.40 1.39 16.62
CA ASP K 175 -69.52 2.30 16.80
C ASP K 175 -69.65 2.69 18.27
N ARG K 176 -69.16 1.82 19.16
CA ARG K 176 -69.28 2.11 20.58
C ARG K 176 -68.09 2.84 21.20
N GLY K 177 -67.09 3.14 20.37
CA GLY K 177 -65.93 3.88 20.84
C GLY K 177 -64.64 3.12 20.97
N TYR K 178 -64.57 1.90 20.46
CA TYR K 178 -63.35 1.11 20.58
C TYR K 178 -62.37 1.35 19.43
N ASN K 179 -61.09 1.48 19.76
CA ASN K 179 -60.04 1.68 18.78
C ASN K 179 -59.12 0.47 18.73
N VAL K 180 -59.47 -0.54 19.51
CA VAL K 180 -58.73 -1.80 19.54
C VAL K 180 -59.74 -2.94 19.68
N VAL K 181 -59.72 -3.89 18.74
CA VAL K 181 -60.63 -5.04 18.80
C VAL K 181 -59.80 -6.30 18.62
N LYS K 182 -60.24 -7.38 19.27
CA LYS K 182 -59.56 -8.68 19.23
C LYS K 182 -60.46 -9.74 18.63
N MET K 183 -59.87 -10.67 17.87
CA MET K 183 -60.60 -11.77 17.24
C MET K 183 -59.82 -13.09 17.44
N LYS K 184 -60.52 -14.20 17.33
CA LYS K 184 -59.88 -15.50 17.54
C LYS K 184 -59.31 -16.05 16.25
N ILE K 185 -58.33 -16.93 16.37
CA ILE K 185 -57.70 -17.58 15.23
C ILE K 185 -57.27 -18.98 15.65
N GLY K 186 -56.94 -19.83 14.69
CA GLY K 186 -56.54 -21.18 15.01
C GLY K 186 -57.72 -22.15 15.07
N GLY K 187 -58.91 -21.62 14.82
CA GLY K 187 -60.11 -22.43 14.80
C GLY K 187 -60.57 -22.69 13.36
N ALA K 188 -59.67 -22.45 12.42
CA ALA K 188 -59.93 -22.64 11.00
C ALA K 188 -58.58 -22.83 10.34
N PRO K 189 -58.55 -23.27 9.07
CA PRO K 189 -57.25 -23.44 8.43
C PRO K 189 -56.56 -22.07 8.35
N ILE K 190 -55.23 -22.08 8.26
CA ILE K 190 -54.46 -20.85 8.23
C ILE K 190 -54.90 -19.84 7.16
N GLU K 191 -54.99 -20.29 5.91
CA GLU K 191 -55.38 -19.39 4.84
C GLU K 191 -56.76 -18.81 5.03
N GLU K 192 -57.66 -19.57 5.65
CA GLU K 192 -59.00 -19.06 5.90
C GLU K 192 -58.91 -18.01 7.01
N ASP K 193 -57.97 -18.22 7.94
CA ASP K 193 -57.78 -17.26 9.02
C ASP K 193 -57.21 -15.97 8.45
N ARG K 194 -56.28 -16.08 7.50
CA ARG K 194 -55.71 -14.88 6.88
C ARG K 194 -56.84 -14.03 6.30
N MET K 195 -57.78 -14.69 5.63
CA MET K 195 -58.90 -14.01 5.02
C MET K 195 -59.76 -13.26 6.02
N ARG K 196 -60.00 -13.91 7.16
CA ARG K 196 -60.82 -13.32 8.22
C ARG K 196 -60.12 -12.08 8.77
N ILE K 197 -58.79 -12.17 8.85
CA ILE K 197 -57.98 -11.06 9.35
C ILE K 197 -58.09 -9.93 8.34
N GLU K 198 -57.75 -10.22 7.09
CA GLU K 198 -57.84 -9.22 6.05
C GLU K 198 -59.23 -8.62 6.03
N ALA K 199 -60.25 -9.46 6.14
CA ALA K 199 -61.61 -8.98 6.14
C ALA K 199 -61.84 -7.92 7.20
N VAL K 200 -61.30 -8.13 8.40
CA VAL K 200 -61.49 -7.20 9.52
C VAL K 200 -60.63 -5.94 9.39
N LEU K 201 -59.37 -6.18 9.03
CA LEU K 201 -58.40 -5.11 8.85
C LEU K 201 -59.00 -4.08 7.91
N GLU K 202 -59.71 -4.60 6.91
CA GLU K 202 -60.40 -3.81 5.89
C GLU K 202 -61.54 -3.01 6.51
N GLU K 203 -62.36 -3.69 7.30
CA GLU K 203 -63.52 -3.06 7.94
C GLU K 203 -63.18 -1.91 8.89
N ILE K 204 -62.17 -2.12 9.72
CA ILE K 204 -61.79 -1.09 10.69
C ILE K 204 -60.88 -0.03 10.10
N GLY K 205 -60.27 -0.36 8.97
CA GLY K 205 -59.39 0.58 8.31
C GLY K 205 -58.39 1.24 9.24
N LYS K 206 -58.48 2.56 9.36
CA LYS K 206 -57.57 3.30 10.23
C LYS K 206 -58.24 3.82 11.49
N ASP K 207 -59.43 3.31 11.80
CA ASP K 207 -60.15 3.74 12.99
C ASP K 207 -59.89 2.82 14.19
N ALA K 208 -59.19 1.72 13.96
CA ALA K 208 -58.91 0.78 15.04
C ALA K 208 -57.80 -0.19 14.71
N GLN K 209 -57.27 -0.84 15.74
CA GLN K 209 -56.21 -1.82 15.56
C GLN K 209 -56.76 -3.20 15.92
N LEU K 210 -56.18 -4.23 15.31
CA LEU K 210 -56.65 -5.60 15.52
C LEU K 210 -55.70 -6.50 16.30
N ALA K 211 -56.27 -7.32 17.19
CA ALA K 211 -55.48 -8.28 17.97
C ALA K 211 -56.03 -9.67 17.72
N VAL K 212 -55.14 -10.64 17.53
CA VAL K 212 -55.56 -12.02 17.29
C VAL K 212 -55.24 -12.92 18.48
N ASP K 213 -56.10 -13.89 18.74
CA ASP K 213 -55.94 -14.79 19.88
C ASP K 213 -56.09 -16.27 19.47
N ALA K 214 -55.01 -17.04 19.60
CA ALA K 214 -55.00 -18.45 19.26
C ALA K 214 -55.38 -19.37 20.42
N ASN K 215 -55.72 -18.78 21.56
CA ASN K 215 -56.13 -19.53 22.76
C ASN K 215 -55.23 -20.69 23.16
N GLY K 216 -53.93 -20.54 22.95
CA GLY K 216 -52.95 -21.55 23.31
C GLY K 216 -53.10 -22.89 22.63
N ARG K 217 -53.63 -22.89 21.41
CA ARG K 217 -53.85 -24.13 20.67
C ARG K 217 -52.67 -24.63 19.84
N PHE K 218 -51.80 -23.73 19.39
CA PHE K 218 -50.68 -24.12 18.54
C PHE K 218 -49.46 -24.80 19.14
N ASN K 219 -48.83 -25.65 18.35
CA ASN K 219 -47.59 -26.30 18.76
C ASN K 219 -46.53 -25.35 18.21
N LEU K 220 -45.25 -25.65 18.42
CA LEU K 220 -44.22 -24.73 17.94
C LEU K 220 -44.27 -24.41 16.43
N GLU K 221 -44.31 -25.44 15.60
CA GLU K 221 -44.35 -25.24 14.16
C GLU K 221 -45.56 -24.46 13.68
N THR K 222 -46.72 -24.79 14.21
CA THR K 222 -47.94 -24.08 13.82
C THR K 222 -47.85 -22.63 14.26
N GLY K 223 -47.34 -22.42 15.47
CA GLY K 223 -47.20 -21.07 15.99
C GLY K 223 -46.32 -20.23 15.10
N ILE K 224 -45.25 -20.85 14.61
CA ILE K 224 -44.32 -20.16 13.72
C ILE K 224 -44.96 -19.89 12.34
N ALA K 225 -45.71 -20.86 11.83
CA ALA K 225 -46.36 -20.68 10.55
C ALA K 225 -47.28 -19.47 10.62
N TYR K 226 -48.11 -19.43 11.66
CA TYR K 226 -49.03 -18.32 11.82
C TYR K 226 -48.27 -17.02 12.07
N ALA K 227 -47.10 -17.12 12.68
CA ALA K 227 -46.31 -15.95 12.96
C ALA K 227 -45.88 -15.31 11.64
N LYS K 228 -45.36 -16.16 10.74
CA LYS K 228 -44.91 -15.69 9.44
C LYS K 228 -46.05 -15.03 8.65
N MET K 229 -47.26 -15.54 8.83
CA MET K 229 -48.44 -15.03 8.16
C MET K 229 -48.93 -13.76 8.83
N LEU K 230 -48.99 -13.79 10.16
CA LEU K 230 -49.46 -12.67 10.96
C LEU K 230 -48.57 -11.44 10.96
N ARG K 231 -47.26 -11.65 10.91
CA ARG K 231 -46.32 -10.54 10.94
C ARG K 231 -46.41 -9.56 9.77
N ASP K 232 -47.04 -9.96 8.67
CA ASP K 232 -47.16 -9.08 7.53
C ASP K 232 -48.27 -8.04 7.72
N TYR K 233 -49.05 -8.20 8.78
CA TYR K 233 -50.13 -7.27 9.07
C TYR K 233 -49.78 -6.47 10.33
N PRO K 234 -50.26 -5.22 10.40
CA PRO K 234 -49.99 -4.34 11.55
C PRO K 234 -50.87 -4.64 12.77
N LEU K 235 -50.78 -5.87 13.27
CA LEU K 235 -51.58 -6.29 14.42
C LEU K 235 -51.19 -5.64 15.75
N PHE K 236 -52.16 -5.49 16.65
CA PHE K 236 -51.93 -4.91 17.97
C PHE K 236 -51.17 -5.93 18.83
N TRP K 237 -51.57 -7.20 18.74
CA TRP K 237 -50.86 -8.26 19.45
C TRP K 237 -51.29 -9.65 19.02
N TYR K 238 -50.40 -10.60 19.24
CA TYR K 238 -50.60 -12.01 18.92
C TYR K 238 -50.68 -12.66 20.32
N GLU K 239 -51.90 -13.09 20.70
CA GLU K 239 -52.16 -13.66 22.03
C GLU K 239 -52.15 -15.18 22.18
N GLU K 240 -51.64 -15.60 23.33
CA GLU K 240 -51.54 -17.00 23.71
C GLU K 240 -51.33 -17.95 22.53
N VAL K 241 -50.12 -17.91 21.96
CA VAL K 241 -49.78 -18.75 20.83
C VAL K 241 -49.86 -20.24 21.14
N GLY K 242 -49.06 -20.70 22.10
CA GLY K 242 -49.05 -22.11 22.46
C GLY K 242 -49.60 -22.32 23.84
N ASP K 243 -49.46 -23.55 24.36
CA ASP K 243 -49.93 -23.91 25.70
C ASP K 243 -49.44 -22.86 26.73
N PRO K 244 -50.31 -22.47 27.68
CA PRO K 244 -49.97 -21.49 28.71
C PRO K 244 -48.72 -21.78 29.51
N LEU K 245 -48.41 -23.06 29.66
CA LEU K 245 -47.25 -23.48 30.44
C LEU K 245 -46.01 -23.85 29.64
N ASP K 246 -46.08 -23.80 28.31
CA ASP K 246 -44.92 -24.14 27.49
C ASP K 246 -44.11 -22.85 27.26
N TYR K 247 -43.43 -22.41 28.32
CA TYR K 247 -42.61 -21.20 28.28
C TYR K 247 -41.54 -21.24 27.20
N ALA K 248 -40.96 -22.41 26.98
CA ALA K 248 -39.94 -22.54 25.95
C ALA K 248 -40.53 -22.20 24.55
N LEU K 249 -41.77 -22.62 24.31
CA LEU K 249 -42.41 -22.36 23.02
C LEU K 249 -42.54 -20.85 22.87
N GLN K 250 -43.12 -20.21 23.88
CA GLN K 250 -43.29 -18.78 23.85
C GLN K 250 -41.96 -18.06 23.57
N ALA K 251 -40.88 -18.53 24.20
CA ALA K 251 -39.58 -17.90 24.02
C ALA K 251 -39.05 -18.03 22.61
N ALA K 252 -39.22 -19.20 22.01
CA ALA K 252 -38.76 -19.46 20.66
C ALA K 252 -39.48 -18.58 19.62
N LEU K 253 -40.66 -18.11 19.95
CA LEU K 253 -41.42 -17.28 19.03
C LEU K 253 -40.83 -15.91 18.76
N ALA K 254 -40.09 -15.37 19.73
CA ALA K 254 -39.50 -14.04 19.58
C ALA K 254 -38.65 -13.92 18.31
N GLU K 255 -38.06 -15.02 17.89
CA GLU K 255 -37.21 -15.03 16.70
C GLU K 255 -38.01 -14.84 15.41
N PHE K 256 -39.30 -15.15 15.45
CA PHE K 256 -40.12 -15.05 14.25
C PHE K 256 -41.18 -13.97 14.30
N TYR K 257 -41.44 -13.43 15.48
CA TYR K 257 -42.48 -12.42 15.62
C TYR K 257 -42.03 -11.22 16.44
N PRO K 258 -41.57 -10.17 15.78
CA PRO K 258 -41.09 -8.92 16.41
C PRO K 258 -42.20 -8.16 17.08
N GLY K 259 -43.41 -8.24 16.52
CA GLY K 259 -44.54 -7.53 17.07
C GLY K 259 -44.99 -7.98 18.44
N PRO K 260 -45.69 -7.11 19.17
CA PRO K 260 -46.14 -7.49 20.51
C PRO K 260 -46.97 -8.77 20.62
N MET K 261 -46.66 -9.56 21.66
CA MET K 261 -47.37 -10.79 21.93
C MET K 261 -47.98 -10.66 23.32
N ALA K 262 -48.93 -11.54 23.64
CA ALA K 262 -49.59 -11.50 24.93
C ALA K 262 -49.96 -12.92 25.38
N THR K 263 -50.07 -13.09 26.70
CA THR K 263 -50.43 -14.38 27.28
C THR K 263 -50.62 -14.21 28.76
N GLY K 264 -51.04 -15.26 29.44
CA GLY K 264 -51.22 -15.15 30.88
C GLY K 264 -52.61 -15.32 31.45
N GLU K 265 -53.64 -15.24 30.62
CA GLU K 265 -55.01 -15.41 31.12
C GLU K 265 -55.19 -16.77 31.80
N ASN K 266 -54.41 -17.77 31.40
CA ASN K 266 -54.55 -19.10 31.99
C ASN K 266 -53.50 -19.50 33.04
N LEU K 267 -52.81 -18.50 33.59
CA LEU K 267 -51.83 -18.75 34.63
C LEU K 267 -52.55 -18.16 35.85
N PHE K 268 -52.75 -18.99 36.87
CA PHE K 268 -53.52 -18.53 38.02
C PHE K 268 -52.85 -18.32 39.38
N SER K 269 -51.53 -18.09 39.40
CA SER K 269 -50.85 -17.86 40.67
C SER K 269 -49.62 -16.99 40.45
N HIS K 270 -49.13 -16.35 41.50
CA HIS K 270 -47.93 -15.54 41.32
C HIS K 270 -46.75 -16.45 40.99
N GLN K 271 -46.81 -17.70 41.42
CA GLN K 271 -45.73 -18.66 41.15
C GLN K 271 -45.69 -18.96 39.66
N ASP K 272 -46.86 -19.13 39.06
CA ASP K 272 -46.93 -19.42 37.63
C ASP K 272 -46.53 -18.17 36.85
N ALA K 273 -46.93 -17.00 37.35
CA ALA K 273 -46.57 -15.75 36.70
C ALA K 273 -45.06 -15.61 36.74
N ARG K 274 -44.47 -15.96 37.87
CA ARG K 274 -43.02 -15.87 38.02
C ARG K 274 -42.31 -16.76 37.02
N ASN K 275 -42.86 -17.95 36.76
CA ASN K 275 -42.24 -18.85 35.81
C ASN K 275 -42.31 -18.30 34.38
N LEU K 276 -43.40 -17.63 34.04
CA LEU K 276 -43.55 -17.04 32.72
C LEU K 276 -42.45 -15.97 32.56
N LEU K 277 -42.29 -15.13 33.58
CA LEU K 277 -41.26 -14.10 33.49
C LEU K 277 -39.85 -14.66 33.49
N ARG K 278 -39.65 -15.83 34.08
CA ARG K 278 -38.32 -16.43 34.11
C ARG K 278 -37.96 -17.19 32.85
N TYR K 279 -38.94 -17.88 32.26
CA TYR K 279 -38.64 -18.71 31.10
C TYR K 279 -39.34 -18.40 29.77
N GLY K 280 -40.41 -17.60 29.82
CA GLY K 280 -41.16 -17.25 28.62
C GLY K 280 -40.46 -16.41 27.55
N GLY K 281 -39.36 -15.77 27.91
CA GLY K 281 -38.64 -14.93 26.96
C GLY K 281 -39.48 -13.82 26.37
N MET K 282 -40.43 -13.29 27.13
CA MET K 282 -41.24 -12.19 26.60
C MET K 282 -40.49 -10.88 26.67
N ARG K 283 -40.86 -9.93 25.82
CA ARG K 283 -40.24 -8.60 25.73
C ARG K 283 -40.98 -7.61 26.62
N PRO K 284 -40.37 -7.22 27.76
CA PRO K 284 -41.02 -6.28 28.69
C PRO K 284 -41.33 -4.90 28.16
N ASP K 285 -40.75 -4.54 27.03
CA ASP K 285 -41.03 -3.21 26.48
C ASP K 285 -42.27 -3.18 25.58
N ARG K 286 -42.75 -4.33 25.16
CA ARG K 286 -43.91 -4.35 24.29
C ARG K 286 -44.96 -5.44 24.45
N ASP K 287 -44.66 -6.51 25.18
CA ASP K 287 -45.64 -7.58 25.36
C ASP K 287 -46.64 -7.28 26.48
N TRP K 288 -47.72 -8.06 26.54
CA TRP K 288 -48.74 -7.84 27.56
C TRP K 288 -49.00 -9.09 28.41
N LEU K 289 -49.19 -8.86 29.70
CA LEU K 289 -49.47 -9.92 30.66
C LEU K 289 -50.95 -9.85 30.98
N GLN K 290 -51.66 -10.95 30.74
CA GLN K 290 -53.10 -10.97 30.95
C GLN K 290 -53.66 -11.74 32.14
N PHE K 291 -52.90 -11.79 33.23
CA PHE K 291 -53.35 -12.48 34.45
C PHE K 291 -54.67 -11.91 34.89
N ASP K 292 -55.60 -12.77 35.29
CA ASP K 292 -56.94 -12.35 35.74
C ASP K 292 -57.12 -12.64 37.24
N CYS K 293 -57.22 -11.61 38.06
CA CYS K 293 -57.33 -11.80 39.50
C CYS K 293 -58.54 -12.62 39.90
N ALA K 294 -59.62 -12.49 39.14
CA ALA K 294 -60.85 -13.21 39.43
C ALA K 294 -60.65 -14.72 39.32
N LEU K 295 -59.67 -15.14 38.54
CA LEU K 295 -59.42 -16.56 38.37
C LEU K 295 -58.13 -16.96 39.07
N SER K 296 -57.47 -15.99 39.70
CA SER K 296 -56.17 -16.25 40.33
C SER K 296 -56.04 -15.87 41.81
N TYR K 297 -56.96 -16.39 42.62
CA TYR K 297 -56.93 -16.14 44.05
C TYR K 297 -57.16 -14.69 44.43
N GLY K 298 -57.77 -13.92 43.53
CA GLY K 298 -58.10 -12.53 43.82
C GLY K 298 -57.01 -11.47 43.82
N LEU K 299 -57.41 -10.26 44.24
CA LEU K 299 -56.52 -9.12 44.30
C LEU K 299 -55.40 -9.31 45.34
N CYS K 300 -55.70 -10.01 46.44
CA CYS K 300 -54.68 -10.26 47.46
C CYS K 300 -53.51 -10.99 46.81
N GLU K 301 -53.82 -11.89 45.89
CA GLU K 301 -52.80 -12.64 45.17
C GLU K 301 -52.22 -11.79 44.03
N TYR K 302 -53.08 -11.05 43.35
CA TYR K 302 -52.64 -10.19 42.24
C TYR K 302 -51.54 -9.25 42.70
N GLN K 303 -51.68 -8.76 43.93
CA GLN K 303 -50.67 -7.86 44.48
C GLN K 303 -49.32 -8.57 44.59
N ARG K 304 -49.34 -9.87 44.85
CA ARG K 304 -48.10 -10.60 44.94
C ARG K 304 -47.54 -10.78 43.53
N THR K 305 -48.42 -10.96 42.56
CA THR K 305 -47.98 -11.11 41.17
C THR K 305 -47.32 -9.80 40.72
N LEU K 306 -47.91 -8.67 41.11
CA LEU K 306 -47.36 -7.37 40.76
C LEU K 306 -45.96 -7.23 41.36
N GLU K 307 -45.77 -7.80 42.55
CA GLU K 307 -44.49 -7.76 43.23
C GLU K 307 -43.49 -8.58 42.42
N VAL K 308 -43.96 -9.68 41.85
CA VAL K 308 -43.12 -10.51 41.00
C VAL K 308 -42.64 -9.71 39.78
N LEU K 309 -43.55 -8.95 39.17
CA LEU K 309 -43.18 -8.12 38.02
C LEU K 309 -42.03 -7.19 38.40
N LYS K 310 -42.11 -6.57 39.57
CA LYS K 310 -41.05 -5.67 40.01
C LYS K 310 -39.72 -6.41 40.21
N THR K 311 -39.77 -7.62 40.69
CA THR K 311 -38.56 -8.39 40.87
C THR K 311 -37.93 -8.74 39.53
N HIS K 312 -38.72 -8.69 38.46
CA HIS K 312 -38.18 -9.03 37.15
C HIS K 312 -38.04 -7.87 36.19
N GLY K 313 -38.23 -6.66 36.70
CA GLY K 313 -38.08 -5.48 35.87
C GLY K 313 -39.23 -5.10 34.95
N TRP K 314 -40.43 -5.63 35.21
CA TRP K 314 -41.60 -5.32 34.41
C TRP K 314 -42.43 -4.21 35.02
N SER K 315 -43.05 -3.40 34.17
CA SER K 315 -43.89 -2.32 34.64
C SER K 315 -45.33 -2.84 34.77
N PRO K 316 -46.06 -2.38 35.78
CA PRO K 316 -47.45 -2.83 35.93
C PRO K 316 -48.30 -2.39 34.73
N SER K 317 -47.78 -1.42 33.97
CA SER K 317 -48.50 -0.90 32.80
C SER K 317 -48.52 -1.91 31.67
N ARG K 318 -47.82 -3.02 31.85
CA ARG K 318 -47.77 -4.08 30.84
C ARG K 318 -48.91 -5.06 31.07
N CYS K 319 -49.71 -4.79 32.11
CA CYS K 319 -50.82 -5.65 32.45
C CYS K 319 -52.17 -5.21 31.90
N ILE K 320 -52.84 -6.13 31.23
CA ILE K 320 -54.17 -5.89 30.70
C ILE K 320 -54.90 -7.20 31.02
N PRO K 321 -55.50 -7.26 32.20
CA PRO K 321 -56.24 -8.43 32.68
C PRO K 321 -57.29 -8.97 31.74
N HIS K 322 -57.43 -10.29 31.73
CA HIS K 322 -58.44 -10.97 30.94
C HIS K 322 -59.70 -10.96 31.83
N GLY K 323 -60.86 -11.23 31.25
CA GLY K 323 -62.06 -11.27 32.06
C GLY K 323 -63.14 -10.23 31.81
N GLY K 324 -62.73 -9.03 31.41
CA GLY K 324 -63.69 -7.97 31.15
C GLY K 324 -64.61 -7.62 32.31
N HIS K 325 -64.12 -7.66 33.54
CA HIS K 325 -64.97 -7.34 34.67
C HIS K 325 -64.51 -6.08 35.39
N GLN K 326 -65.42 -5.49 36.16
CA GLN K 326 -65.14 -4.24 36.87
C GLN K 326 -64.06 -4.32 37.94
N MET K 327 -63.80 -5.50 38.48
CA MET K 327 -62.77 -5.63 39.50
C MET K 327 -61.46 -5.21 38.86
N SER K 328 -61.21 -5.71 37.65
CA SER K 328 -59.99 -5.35 36.92
C SER K 328 -59.95 -3.85 36.64
N LEU K 329 -61.09 -3.28 36.28
CA LEU K 329 -61.16 -1.84 36.00
C LEU K 329 -60.66 -1.07 37.21
N ASN K 330 -61.08 -1.51 38.39
CA ASN K 330 -60.67 -0.85 39.63
C ASN K 330 -59.18 -1.02 39.90
N ILE K 331 -58.67 -2.24 39.72
CA ILE K 331 -57.25 -2.46 39.95
C ILE K 331 -56.43 -1.65 38.96
N ALA K 332 -56.90 -1.59 37.71
CA ALA K 332 -56.20 -0.84 36.67
C ALA K 332 -56.11 0.63 37.03
N ALA K 333 -57.26 1.20 37.40
CA ALA K 333 -57.32 2.62 37.73
C ALA K 333 -56.52 2.97 38.97
N GLY K 334 -56.53 2.08 39.96
CA GLY K 334 -55.81 2.35 41.19
C GLY K 334 -54.32 2.06 41.18
N LEU K 335 -53.92 0.97 40.52
CA LEU K 335 -52.53 0.58 40.52
C LEU K 335 -51.75 0.84 39.22
N GLY K 336 -52.40 1.47 38.25
CA GLY K 336 -51.74 1.78 37.00
C GLY K 336 -51.50 0.64 36.03
N LEU K 337 -52.49 -0.22 35.84
CA LEU K 337 -52.31 -1.31 34.89
C LEU K 337 -52.43 -0.72 33.48
N GLY K 338 -52.10 -1.50 32.47
CA GLY K 338 -52.19 -1.01 31.10
C GLY K 338 -53.59 -0.82 30.56
N GLY K 339 -54.57 -1.48 31.18
CA GLY K 339 -55.94 -1.36 30.71
C GLY K 339 -56.73 -2.60 31.08
N ASN K 340 -57.85 -2.83 30.40
CA ASN K 340 -58.69 -3.99 30.69
C ASN K 340 -59.40 -4.54 29.47
N GLU K 341 -59.73 -5.82 29.50
CA GLU K 341 -60.45 -6.44 28.40
C GLU K 341 -61.92 -6.12 28.59
N SER K 342 -62.69 -6.20 27.51
CA SER K 342 -64.12 -5.92 27.56
C SER K 342 -64.86 -6.79 26.54
N TYR K 343 -66.02 -7.32 26.93
CA TYR K 343 -66.84 -8.13 26.02
C TYR K 343 -68.16 -7.38 25.89
N PRO K 344 -68.30 -6.50 24.87
CA PRO K 344 -69.52 -5.73 24.65
C PRO K 344 -70.76 -6.57 24.39
N ASP K 345 -70.61 -7.61 23.59
CA ASP K 345 -71.74 -8.47 23.27
C ASP K 345 -71.61 -9.89 23.77
N LEU K 346 -71.08 -10.06 24.98
CA LEU K 346 -70.91 -11.41 25.53
C LEU K 346 -71.00 -11.44 27.05
N PHE K 347 -71.40 -12.60 27.56
CA PHE K 347 -71.50 -12.87 28.98
C PHE K 347 -72.21 -11.81 29.83
N GLN K 348 -72.98 -10.93 29.18
CA GLN K 348 -73.68 -9.90 29.93
C GLN K 348 -74.82 -10.56 30.71
N PRO K 349 -75.27 -9.93 31.80
CA PRO K 349 -74.80 -8.66 32.36
C PRO K 349 -73.52 -8.75 33.19
N TYR K 350 -72.78 -9.85 33.10
CA TYR K 350 -71.57 -10.02 33.90
C TYR K 350 -70.30 -9.42 33.31
N GLY K 351 -70.17 -8.11 33.46
CA GLY K 351 -69.02 -7.40 32.93
C GLY K 351 -69.46 -5.98 32.66
N GLY K 352 -68.97 -5.40 31.57
CA GLY K 352 -69.36 -4.04 31.23
C GLY K 352 -68.97 -2.94 32.21
N PHE K 353 -69.70 -1.84 32.16
CA PHE K 353 -69.43 -0.66 32.98
C PHE K 353 -70.72 -0.15 33.61
N PRO K 354 -70.62 0.87 34.48
CA PRO K 354 -71.87 1.37 35.08
C PRO K 354 -72.74 2.01 33.99
N ASP K 355 -74.05 2.08 34.24
CA ASP K 355 -74.97 2.69 33.28
C ASP K 355 -74.58 4.17 33.21
N GLY K 356 -74.36 4.67 32.00
CA GLY K 356 -73.98 6.06 31.85
C GLY K 356 -72.64 6.17 31.16
N VAL K 357 -71.61 5.62 31.78
CA VAL K 357 -70.28 5.66 31.20
C VAL K 357 -70.22 4.90 29.88
N ARG K 358 -69.63 5.55 28.87
CA ARG K 358 -69.48 4.94 27.56
C ARG K 358 -68.02 5.01 27.11
N VAL K 359 -67.68 4.15 26.17
CA VAL K 359 -66.34 4.05 25.62
C VAL K 359 -66.11 5.15 24.59
N GLU K 360 -65.10 5.98 24.84
CA GLU K 360 -64.74 7.07 23.93
C GLU K 360 -63.24 7.05 23.69
N ASN K 361 -62.85 6.66 22.48
CA ASN K 361 -61.45 6.56 22.08
C ASN K 361 -60.75 5.48 22.86
N GLY K 362 -61.36 4.29 22.88
CA GLY K 362 -60.79 3.17 23.57
C GLY K 362 -60.62 3.37 25.07
N HIS K 363 -61.28 4.36 25.64
CA HIS K 363 -61.18 4.60 27.08
C HIS K 363 -62.52 4.87 27.76
N ILE K 364 -62.54 4.66 29.07
CA ILE K 364 -63.73 4.91 29.86
C ILE K 364 -63.24 5.65 31.08
N THR K 365 -64.12 6.32 31.78
CA THR K 365 -63.72 7.03 32.97
C THR K 365 -64.51 6.48 34.16
N MET K 366 -63.79 5.94 35.13
CA MET K 366 -64.42 5.38 36.31
C MET K 366 -65.18 6.40 37.15
N PRO K 367 -66.50 6.21 37.30
CA PRO K 367 -67.29 7.13 38.11
C PRO K 367 -66.96 6.85 39.57
N ASP K 368 -67.12 7.83 40.44
CA ASP K 368 -66.81 7.63 41.84
C ASP K 368 -67.90 6.92 42.63
N LEU K 369 -68.13 5.66 42.30
CA LEU K 369 -69.14 4.85 42.98
C LEU K 369 -68.44 4.07 44.10
N PRO K 370 -69.14 3.85 45.23
CA PRO K 370 -68.50 3.10 46.32
C PRO K 370 -68.24 1.66 45.94
N GLY K 371 -67.13 1.11 46.42
CA GLY K 371 -66.80 -0.27 46.08
C GLY K 371 -66.42 -0.46 44.63
N ILE K 372 -66.72 -1.63 44.09
CA ILE K 372 -66.41 -1.94 42.71
C ILE K 372 -67.28 -1.11 41.77
N GLY K 373 -68.48 -0.78 42.22
CA GLY K 373 -69.38 0.02 41.41
C GLY K 373 -70.44 -0.78 40.67
N PHE K 374 -70.66 -2.02 41.11
CA PHE K 374 -71.66 -2.88 40.48
C PHE K 374 -73.06 -2.24 40.52
N GLU K 375 -73.35 -1.50 41.58
CA GLU K 375 -74.65 -0.87 41.72
C GLU K 375 -74.98 0.03 40.54
N GLY K 376 -73.96 0.60 39.91
CA GLY K 376 -74.17 1.49 38.78
C GLY K 376 -74.68 0.80 37.52
N LYS K 377 -74.60 -0.54 37.49
CA LYS K 377 -75.05 -1.30 36.34
C LYS K 377 -76.33 -2.06 36.76
N SER K 378 -77.48 -1.41 36.56
CA SER K 378 -78.77 -1.96 36.94
C SER K 378 -79.03 -3.43 36.56
N ASP K 379 -78.85 -3.79 35.30
CA ASP K 379 -79.11 -5.16 34.88
C ASP K 379 -78.22 -6.19 35.58
N LEU K 380 -77.06 -5.77 36.06
CA LEU K 380 -76.15 -6.67 36.77
C LEU K 380 -76.54 -6.66 38.25
N TYR K 381 -76.68 -5.46 38.82
CA TYR K 381 -77.04 -5.32 40.23
C TYR K 381 -78.36 -6.01 40.55
N LYS K 382 -79.27 -6.06 39.57
CA LYS K 382 -80.55 -6.72 39.78
C LYS K 382 -80.28 -8.15 40.19
N GLU K 383 -79.37 -8.79 39.47
CA GLU K 383 -78.98 -10.18 39.73
C GLU K 383 -78.34 -10.32 41.10
N MET K 384 -77.48 -9.36 41.45
CA MET K 384 -76.78 -9.39 42.72
C MET K 384 -77.66 -9.18 43.94
N LYS K 385 -78.55 -8.19 43.91
CA LYS K 385 -79.42 -7.97 45.06
C LYS K 385 -80.43 -9.10 45.17
N ALA K 386 -80.61 -9.84 44.08
CA ALA K 386 -81.52 -10.97 44.06
C ALA K 386 -80.89 -12.13 44.82
N LEU K 387 -79.55 -12.17 44.80
CA LEU K 387 -78.81 -13.22 45.50
C LEU K 387 -78.79 -12.92 46.99
N ALA K 388 -78.48 -11.67 47.33
CA ALA K 388 -78.43 -11.26 48.73
C ALA K 388 -78.56 -9.74 48.82
N GLU K 389 -79.22 -9.27 49.87
CA GLU K 389 -79.41 -7.85 50.08
C GLU K 389 -79.34 -7.49 51.56
N SER L 2 -72.35 -55.23 22.85
CA SER L 2 -72.55 -53.85 23.41
C SER L 2 -71.68 -53.52 24.62
N VAL L 3 -71.14 -52.30 24.64
CA VAL L 3 -70.31 -51.83 25.74
C VAL L 3 -70.69 -50.37 26.00
N ARG L 4 -71.14 -50.07 27.22
CA ARG L 4 -71.57 -48.73 27.55
C ARG L 4 -71.49 -48.44 29.05
N ILE L 5 -71.07 -47.22 29.41
CA ILE L 5 -71.02 -46.85 30.83
C ILE L 5 -72.44 -46.42 31.14
N VAL L 6 -73.11 -47.16 32.00
CA VAL L 6 -74.49 -46.83 32.35
C VAL L 6 -74.58 -45.84 33.50
N ASP L 7 -73.52 -45.71 34.26
CA ASP L 7 -73.55 -44.78 35.38
C ASP L 7 -72.14 -44.47 35.90
N VAL L 8 -72.03 -43.34 36.58
CA VAL L 8 -70.77 -42.91 37.16
C VAL L 8 -71.19 -42.34 38.49
N ARG L 9 -71.01 -43.14 39.54
CA ARG L 9 -71.38 -42.73 40.88
C ARG L 9 -70.16 -42.27 41.66
N GLU L 10 -70.40 -41.39 42.62
CA GLU L 10 -69.33 -40.84 43.43
C GLU L 10 -69.83 -40.56 44.84
N ILE L 11 -69.00 -40.87 45.83
CA ILE L 11 -69.34 -40.64 47.22
C ILE L 11 -68.11 -40.08 47.95
N THR L 12 -68.30 -39.02 48.72
CA THR L 12 -67.19 -38.39 49.45
C THR L 12 -66.96 -38.95 50.87
N LYS L 13 -65.95 -39.79 51.00
CA LYS L 13 -65.60 -40.39 52.29
C LYS L 13 -64.56 -39.48 52.97
N PRO L 14 -64.51 -39.49 54.31
CA PRO L 14 -63.52 -38.64 55.00
C PRO L 14 -62.26 -39.46 55.31
N ILE L 15 -61.15 -38.77 55.53
CA ILE L 15 -59.87 -39.42 55.87
C ILE L 15 -59.06 -38.41 56.66
N SER L 16 -59.71 -37.84 57.68
CA SER L 16 -59.09 -36.84 58.54
C SER L 16 -58.33 -37.41 59.74
N SER L 17 -57.47 -36.56 60.32
CA SER L 17 -56.66 -36.91 61.48
C SER L 17 -55.88 -35.66 61.87
N PRO L 18 -55.37 -35.58 63.11
CA PRO L 18 -54.61 -34.40 63.51
C PRO L 18 -53.21 -34.36 62.89
N ILE L 19 -52.95 -35.31 62.00
CA ILE L 19 -51.68 -35.43 61.28
C ILE L 19 -51.21 -34.05 60.79
N ARG L 20 -49.90 -33.85 60.72
CA ARG L 20 -49.36 -32.55 60.26
C ARG L 20 -47.96 -32.55 59.65
N ASN L 21 -47.79 -31.79 58.57
CA ASN L 21 -46.49 -31.64 57.93
C ASN L 21 -46.13 -30.16 57.99
N ALA L 22 -45.00 -29.79 57.40
CA ALA L 22 -44.56 -28.40 57.41
C ALA L 22 -45.55 -27.42 56.76
N TYR L 23 -46.43 -27.92 55.90
CA TYR L 23 -47.36 -27.06 55.18
C TYR L 23 -48.86 -27.09 55.53
N ILE L 24 -49.40 -28.29 55.77
CA ILE L 24 -50.83 -28.50 56.06
C ILE L 24 -51.11 -29.49 57.19
N ASP L 25 -52.36 -29.55 57.67
CA ASP L 25 -52.77 -30.55 58.68
C ASP L 25 -54.00 -31.21 58.03
N PHE L 26 -54.22 -32.49 58.32
CA PHE L 26 -55.33 -33.21 57.70
C PHE L 26 -56.68 -33.20 58.43
N THR L 27 -56.89 -32.16 59.23
CA THR L 27 -58.12 -31.99 59.99
C THR L 27 -59.42 -32.18 59.21
N LYS L 28 -59.48 -31.65 57.99
CA LYS L 28 -60.69 -31.75 57.19
C LYS L 28 -60.49 -32.55 55.90
N MET L 29 -59.39 -33.30 55.82
CA MET L 29 -59.10 -34.07 54.62
C MET L 29 -60.18 -35.07 54.22
N THR L 30 -60.45 -35.11 52.92
CA THR L 30 -61.45 -36.01 52.35
C THR L 30 -60.92 -36.60 51.04
N THR L 31 -61.71 -37.50 50.45
CA THR L 31 -61.33 -38.12 49.19
C THR L 31 -62.59 -38.62 48.48
N SER L 32 -62.51 -38.69 47.15
CA SER L 32 -63.65 -39.13 46.36
C SER L 32 -63.51 -40.58 45.94
N LEU L 33 -64.56 -41.36 46.18
CA LEU L 33 -64.59 -42.76 45.79
C LEU L 33 -65.50 -42.79 44.58
N VAL L 34 -64.98 -43.26 43.47
CA VAL L 34 -65.76 -43.29 42.24
C VAL L 34 -65.99 -44.68 41.68
N ALA L 35 -67.13 -44.86 41.03
CA ALA L 35 -67.49 -46.12 40.42
C ALA L 35 -68.00 -45.90 39.00
N VAL L 36 -67.40 -46.60 38.05
CA VAL L 36 -67.81 -46.52 36.67
C VAL L 36 -68.56 -47.81 36.39
N VAL L 37 -69.89 -47.72 36.35
CA VAL L 37 -70.74 -48.87 36.11
C VAL L 37 -70.98 -49.10 34.62
N THR L 38 -70.65 -50.31 34.16
CA THR L 38 -70.84 -50.64 32.75
C THR L 38 -71.98 -51.64 32.61
N ASP L 39 -72.29 -52.00 31.37
CA ASP L 39 -73.34 -52.96 31.09
C ASP L 39 -72.73 -54.29 30.63
N VAL L 40 -71.40 -54.35 30.60
CA VAL L 40 -70.69 -55.55 30.20
C VAL L 40 -70.73 -56.54 31.33
N VAL L 41 -70.92 -57.82 31.01
CA VAL L 41 -70.98 -58.86 32.02
C VAL L 41 -69.87 -59.88 31.87
N ARG L 42 -69.16 -60.08 32.98
CA ARG L 42 -68.06 -61.05 33.06
C ARG L 42 -68.30 -61.82 34.37
N GLU L 43 -68.35 -63.14 34.29
CA GLU L 43 -68.58 -63.96 35.48
C GLU L 43 -70.01 -63.73 35.98
N GLY L 44 -70.94 -63.62 35.04
CA GLY L 44 -72.35 -63.41 35.39
C GLY L 44 -72.60 -62.19 36.25
N LYS L 45 -71.56 -61.38 36.44
CA LYS L 45 -71.64 -60.16 37.24
C LYS L 45 -71.24 -58.97 36.37
N ARG L 46 -71.96 -57.86 36.50
CA ARG L 46 -71.67 -56.66 35.73
C ARG L 46 -70.32 -56.10 36.19
N VAL L 47 -69.47 -55.72 35.23
CA VAL L 47 -68.17 -55.17 35.57
C VAL L 47 -68.26 -53.70 35.97
N VAL L 48 -67.69 -53.39 37.12
CA VAL L 48 -67.68 -52.02 37.64
C VAL L 48 -66.26 -51.58 37.99
N GLY L 49 -65.87 -50.41 37.48
CA GLY L 49 -64.56 -49.90 37.77
C GLY L 49 -64.58 -49.02 39.00
N TYR L 50 -63.53 -49.07 39.80
CA TYR L 50 -63.47 -48.24 41.00
C TYR L 50 -62.20 -47.41 41.04
N GLY L 51 -62.24 -46.35 41.84
CA GLY L 51 -61.09 -45.47 41.97
C GLY L 51 -61.33 -44.45 43.06
N PHE L 52 -60.26 -43.82 43.52
CA PHE L 52 -60.36 -42.80 44.54
C PHE L 52 -59.12 -41.94 44.43
N ASN L 53 -59.19 -40.70 44.89
CA ASN L 53 -58.02 -39.83 44.80
C ASN L 53 -57.16 -39.88 46.05
N SER L 54 -55.85 -39.68 45.87
CA SER L 54 -54.88 -39.68 46.94
C SER L 54 -55.17 -38.62 47.99
N ASN L 55 -54.54 -38.76 49.14
CA ASN L 55 -54.73 -37.83 50.24
C ASN L 55 -54.05 -36.50 49.91
N GLY L 56 -54.47 -35.44 50.59
CA GLY L 56 -53.86 -34.14 50.39
C GLY L 56 -54.57 -33.11 49.55
N ARG L 57 -55.33 -33.52 48.54
CA ARG L 57 -56.01 -32.55 47.70
C ARG L 57 -57.52 -32.46 47.88
N TYR L 58 -58.08 -33.27 48.78
CA TYR L 58 -59.52 -33.27 49.05
C TYR L 58 -60.35 -33.93 47.97
N GLY L 59 -61.59 -34.27 48.30
CA GLY L 59 -62.48 -34.90 47.34
C GLY L 59 -62.95 -33.92 46.29
N GLN L 60 -63.42 -34.44 45.16
CA GLN L 60 -63.87 -33.60 44.06
C GLN L 60 -65.28 -33.96 43.59
N GLY L 61 -66.17 -34.22 44.55
CA GLY L 61 -67.54 -34.57 44.20
C GLY L 61 -68.18 -33.59 43.23
N GLY L 62 -68.13 -32.30 43.56
CA GLY L 62 -68.71 -31.29 42.70
C GLY L 62 -68.27 -31.38 41.25
N LEU L 63 -66.95 -31.33 41.02
CA LEU L 63 -66.42 -31.39 39.66
C LEU L 63 -66.76 -32.68 38.95
N ILE L 64 -66.68 -33.81 39.65
CA ILE L 64 -67.00 -35.09 39.03
C ILE L 64 -68.45 -35.11 38.56
N ARG L 65 -69.36 -34.71 39.44
CA ARG L 65 -70.77 -34.67 39.09
C ARG L 65 -71.04 -33.64 38.03
N GLU L 66 -70.93 -32.39 38.46
CA GLU L 66 -71.20 -31.23 37.65
C GLU L 66 -70.52 -31.10 36.28
N ARG L 67 -69.36 -31.71 36.06
CA ARG L 67 -68.73 -31.53 34.75
C ARG L 67 -68.23 -32.75 33.99
N PHE L 68 -67.41 -33.57 34.64
CA PHE L 68 -66.83 -34.71 33.98
C PHE L 68 -67.68 -35.97 33.86
N ALA L 69 -68.46 -36.27 34.90
CA ALA L 69 -69.32 -37.45 34.87
C ALA L 69 -70.37 -37.26 33.78
N SER L 70 -71.03 -36.11 33.78
CA SER L 70 -72.04 -35.81 32.78
C SER L 70 -71.56 -35.98 31.32
N ARG L 71 -70.35 -35.52 31.03
CA ARG L 71 -69.82 -35.62 29.68
C ARG L 71 -69.61 -37.05 29.23
N ILE L 72 -69.22 -37.91 30.17
CA ILE L 72 -68.99 -39.31 29.85
C ILE L 72 -70.32 -39.98 29.54
N LEU L 73 -71.32 -39.70 30.37
CA LEU L 73 -72.64 -40.28 30.20
C LEU L 73 -73.35 -39.72 28.98
N GLU L 74 -73.27 -38.40 28.78
CA GLU L 74 -73.91 -37.75 27.63
C GLU L 74 -73.22 -38.17 26.34
N ALA L 75 -72.06 -38.79 26.46
CA ALA L 75 -71.29 -39.24 25.33
C ALA L 75 -72.02 -40.32 24.53
N ASP L 76 -71.61 -40.48 23.27
CA ASP L 76 -72.18 -41.47 22.36
C ASP L 76 -71.38 -42.75 22.56
N PRO L 77 -71.91 -43.68 23.37
CA PRO L 77 -71.28 -44.97 23.68
C PRO L 77 -70.56 -45.66 22.53
N LYS L 78 -71.03 -45.44 21.31
CA LYS L 78 -70.43 -46.05 20.12
C LYS L 78 -69.10 -45.43 19.74
N LYS L 79 -68.77 -44.33 20.38
CA LYS L 79 -67.53 -43.60 20.07
C LYS L 79 -66.48 -43.64 21.17
N LEU L 80 -66.68 -44.52 22.15
CA LEU L 80 -65.74 -44.67 23.26
C LEU L 80 -65.14 -46.07 23.30
N LEU L 81 -65.19 -46.77 22.18
CA LEU L 81 -64.67 -48.13 22.12
C LEU L 81 -63.42 -48.27 21.28
N ASN L 82 -62.70 -49.37 21.49
CA ASN L 82 -61.49 -49.65 20.74
C ASN L 82 -61.85 -50.06 19.32
N GLU L 83 -60.85 -50.46 18.53
CA GLU L 83 -61.07 -50.87 17.15
C GLU L 83 -62.08 -52.02 17.09
N ALA L 84 -61.82 -53.07 17.87
CA ALA L 84 -62.67 -54.25 17.90
C ALA L 84 -64.08 -53.96 18.43
N GLY L 85 -64.23 -52.87 19.16
CA GLY L 85 -65.53 -52.52 19.71
C GLY L 85 -65.96 -53.45 20.83
N ASP L 86 -65.03 -54.22 21.37
CA ASP L 86 -65.35 -55.14 22.46
C ASP L 86 -64.94 -54.64 23.83
N ASN L 87 -64.40 -53.42 23.89
CA ASN L 87 -63.98 -52.84 25.17
C ASN L 87 -63.89 -51.32 25.04
N LEU L 88 -63.88 -50.65 26.18
CA LEU L 88 -63.76 -49.19 26.23
C LEU L 88 -62.34 -48.76 25.90
N ASP L 89 -62.21 -47.61 25.25
CA ASP L 89 -60.90 -47.06 24.92
C ASP L 89 -60.65 -45.98 25.97
N PRO L 90 -59.73 -46.22 26.92
CA PRO L 90 -59.43 -45.25 27.98
C PRO L 90 -59.23 -43.83 27.45
N ASP L 91 -58.40 -43.71 26.43
CA ASP L 91 -58.11 -42.40 25.85
C ASP L 91 -59.32 -41.71 25.24
N LYS L 92 -60.24 -42.49 24.67
CA LYS L 92 -61.43 -41.87 24.09
C LYS L 92 -62.33 -41.35 25.19
N VAL L 93 -62.39 -42.10 26.29
CA VAL L 93 -63.22 -41.68 27.42
C VAL L 93 -62.59 -40.43 28.03
N TRP L 94 -61.27 -40.42 28.12
CA TRP L 94 -60.53 -39.29 28.67
C TRP L 94 -60.84 -38.06 27.83
N ALA L 95 -60.63 -38.18 26.53
CA ALA L 95 -60.89 -37.08 25.60
C ALA L 95 -62.33 -36.60 25.76
N ALA L 96 -63.23 -37.54 25.95
CA ALA L 96 -64.64 -37.24 26.11
C ALA L 96 -64.90 -36.33 27.32
N MET L 97 -64.26 -36.61 28.45
CA MET L 97 -64.49 -35.78 29.61
C MET L 97 -63.67 -34.48 29.66
N MET L 98 -62.72 -34.34 28.74
CA MET L 98 -61.90 -33.14 28.69
C MET L 98 -62.33 -32.11 27.63
N ILE L 99 -63.44 -32.36 26.95
CA ILE L 99 -63.90 -31.41 25.93
C ILE L 99 -64.36 -30.12 26.63
N ASN L 100 -64.06 -28.99 26.00
CA ASN L 100 -64.43 -27.68 26.54
C ASN L 100 -63.74 -27.30 27.84
N GLU L 101 -62.55 -27.82 28.03
CA GLU L 101 -61.73 -27.53 29.20
C GLU L 101 -60.56 -26.67 28.68
N LYS L 102 -60.47 -25.42 29.12
CA LYS L 102 -59.37 -24.57 28.67
C LYS L 102 -58.03 -25.00 29.26
N PRO L 103 -56.92 -24.72 28.54
CA PRO L 103 -55.57 -25.08 28.99
C PRO L 103 -55.14 -24.37 30.29
N GLY L 104 -54.08 -24.89 30.91
CA GLY L 104 -53.61 -24.33 32.17
C GLY L 104 -54.55 -24.66 33.31
N GLY L 105 -54.29 -24.09 34.49
CA GLY L 105 -55.14 -24.33 35.66
C GLY L 105 -55.25 -25.79 36.03
N HIS L 106 -54.14 -26.52 36.03
CA HIS L 106 -54.15 -27.93 36.34
C HIS L 106 -54.23 -28.26 37.83
N GLY L 107 -55.36 -27.95 38.44
CA GLY L 107 -55.59 -28.22 39.85
C GLY L 107 -57.04 -28.61 40.04
N GLU L 108 -57.34 -29.37 41.11
CA GLU L 108 -58.70 -29.82 41.42
C GLU L 108 -59.33 -30.73 40.35
N ARG L 109 -59.59 -30.18 39.16
CA ARG L 109 -60.20 -30.95 38.08
C ARG L 109 -59.28 -32.08 37.64
N SER L 110 -57.98 -31.91 37.89
CA SER L 110 -57.00 -32.92 37.53
C SER L 110 -57.19 -34.12 38.47
N VAL L 111 -57.71 -33.84 39.67
CA VAL L 111 -57.97 -34.86 40.67
C VAL L 111 -59.27 -35.59 40.29
N ALA L 112 -60.27 -34.82 39.86
CA ALA L 112 -61.54 -35.41 39.45
C ALA L 112 -61.33 -36.32 38.25
N VAL L 113 -60.69 -35.80 37.21
CA VAL L 113 -60.46 -36.61 36.03
C VAL L 113 -59.56 -37.79 36.35
N GLY L 114 -58.56 -37.54 37.18
CA GLY L 114 -57.64 -38.60 37.54
C GLY L 114 -58.30 -39.77 38.24
N THR L 115 -59.20 -39.46 39.17
CA THR L 115 -59.89 -40.51 39.90
C THR L 115 -60.91 -41.26 39.00
N ILE L 116 -61.56 -40.56 38.08
CA ILE L 116 -62.49 -41.21 37.16
C ILE L 116 -61.69 -42.11 36.23
N ASP L 117 -60.55 -41.59 35.77
CA ASP L 117 -59.66 -42.34 34.88
C ASP L 117 -59.23 -43.64 35.52
N MET L 118 -58.98 -43.61 36.82
CA MET L 118 -58.56 -44.81 37.54
C MET L 118 -59.62 -45.90 37.35
N ALA L 119 -60.88 -45.53 37.61
CA ALA L 119 -62.00 -46.45 37.48
C ALA L 119 -62.15 -46.95 36.04
N VAL L 120 -62.00 -46.05 35.06
CA VAL L 120 -62.13 -46.45 33.67
C VAL L 120 -61.14 -47.56 33.32
N TRP L 121 -59.88 -47.39 33.70
CA TRP L 121 -58.87 -48.40 33.40
C TRP L 121 -59.16 -49.69 34.15
N ASP L 122 -59.68 -49.55 35.37
CA ASP L 122 -60.02 -50.73 36.18
C ASP L 122 -61.04 -51.54 35.41
N ALA L 123 -62.04 -50.85 34.87
CA ALA L 123 -63.10 -51.49 34.10
C ALA L 123 -62.53 -52.13 32.85
N VAL L 124 -61.76 -51.37 32.09
CA VAL L 124 -61.17 -51.87 30.85
C VAL L 124 -60.39 -53.17 31.06
N ALA L 125 -59.57 -53.20 32.12
CA ALA L 125 -58.77 -54.39 32.41
C ALA L 125 -59.68 -55.57 32.76
N LYS L 126 -60.72 -55.29 33.54
CA LYS L 126 -61.68 -56.31 33.94
C LYS L 126 -62.40 -56.87 32.71
N ILE L 127 -62.82 -55.98 31.82
CA ILE L 127 -63.50 -56.38 30.60
C ILE L 127 -62.59 -57.25 29.74
N ALA L 128 -61.29 -56.99 29.82
CA ALA L 128 -60.29 -57.77 29.05
C ALA L 128 -59.87 -59.01 29.83
N GLY L 129 -60.35 -59.13 31.06
CA GLY L 129 -60.02 -60.28 31.89
C GLY L 129 -58.56 -60.40 32.29
N LYS L 130 -57.87 -59.27 32.38
CA LYS L 130 -56.46 -59.29 32.77
C LYS L 130 -56.20 -58.32 33.91
N PRO L 131 -55.08 -58.52 34.62
CA PRO L 131 -54.75 -57.60 35.72
C PRO L 131 -54.28 -56.31 35.03
N LEU L 132 -54.69 -55.15 35.51
CA LEU L 132 -54.30 -53.90 34.86
C LEU L 132 -52.82 -53.83 34.49
N PHE L 133 -51.94 -54.21 35.42
CA PHE L 133 -50.52 -54.15 35.13
C PHE L 133 -50.08 -55.05 33.98
N ARG L 134 -50.76 -56.17 33.78
CA ARG L 134 -50.41 -57.06 32.67
C ARG L 134 -50.87 -56.43 31.37
N LEU L 135 -52.08 -55.87 31.38
CA LEU L 135 -52.66 -55.22 30.21
C LEU L 135 -51.79 -54.04 29.77
N LEU L 136 -51.26 -53.31 30.76
CA LEU L 136 -50.42 -52.15 30.48
C LEU L 136 -49.13 -52.57 29.77
N ALA L 137 -48.44 -53.54 30.35
CA ALA L 137 -47.20 -54.03 29.77
C ALA L 137 -47.48 -54.47 28.33
N GLU L 138 -48.58 -55.18 28.13
CA GLU L 138 -48.96 -55.65 26.80
C GLU L 138 -49.06 -54.49 25.82
N ARG L 139 -49.88 -53.51 26.18
CA ARG L 139 -50.09 -52.34 25.33
C ARG L 139 -48.78 -51.62 24.99
N HIS L 140 -47.77 -51.74 25.85
CA HIS L 140 -46.48 -51.10 25.62
C HIS L 140 -45.45 -52.05 24.99
N GLY L 141 -45.84 -53.31 24.81
CA GLY L 141 -44.94 -54.29 24.24
C GLY L 141 -43.75 -54.57 25.12
N VAL L 142 -44.00 -54.78 26.41
CA VAL L 142 -42.95 -55.07 27.36
C VAL L 142 -43.46 -56.13 28.33
N LYS L 143 -42.56 -56.73 29.10
CA LYS L 143 -42.97 -57.74 30.06
C LYS L 143 -43.06 -57.06 31.41
N ALA L 144 -44.20 -57.18 32.07
CA ALA L 144 -44.36 -56.56 33.38
C ALA L 144 -43.51 -57.30 34.42
N ASN L 145 -43.42 -56.71 35.62
CA ASN L 145 -42.65 -57.29 36.73
C ASN L 145 -43.47 -57.16 38.01
N PRO L 146 -43.99 -58.30 38.51
CA PRO L 146 -44.80 -58.36 39.73
C PRO L 146 -44.16 -57.79 41.01
N ARG L 147 -42.84 -57.80 41.08
CA ARG L 147 -42.16 -57.29 42.27
C ARG L 147 -41.99 -55.76 42.21
N VAL L 148 -42.72 -55.06 43.08
CA VAL L 148 -42.69 -53.62 43.14
C VAL L 148 -42.13 -53.12 44.46
N PHE L 149 -41.18 -52.20 44.38
CA PHE L 149 -40.57 -51.61 45.56
C PHE L 149 -41.56 -50.66 46.24
N VAL L 150 -41.64 -50.72 47.56
CA VAL L 150 -42.53 -49.84 48.31
C VAL L 150 -41.83 -49.36 49.56
N TYR L 151 -42.12 -48.12 49.96
CA TYR L 151 -41.52 -47.55 51.15
C TYR L 151 -42.63 -47.06 52.05
N ALA L 152 -42.38 -47.01 53.36
CA ALA L 152 -43.40 -46.57 54.29
C ALA L 152 -43.27 -45.09 54.57
N ALA L 153 -44.36 -44.35 54.38
CA ALA L 153 -44.35 -42.90 54.59
C ALA L 153 -45.15 -42.50 55.82
N GLY L 154 -44.51 -41.76 56.70
CA GLY L 154 -45.18 -41.32 57.91
C GLY L 154 -44.33 -40.29 58.60
N GLY L 155 -44.08 -40.50 59.89
CA GLY L 155 -43.26 -39.57 60.64
C GLY L 155 -43.85 -38.18 60.70
N TYR L 156 -45.16 -38.10 60.84
CA TYR L 156 -45.83 -36.81 60.89
C TYR L 156 -45.67 -36.17 62.26
N TYR L 157 -45.98 -34.88 62.34
CA TYR L 157 -45.92 -34.16 63.61
C TYR L 157 -47.31 -34.38 64.18
N TYR L 158 -47.38 -34.82 65.43
CA TYR L 158 -48.66 -35.09 66.06
C TYR L 158 -48.66 -34.45 67.44
N PRO L 159 -49.79 -33.87 67.86
CA PRO L 159 -49.81 -33.25 69.19
C PRO L 159 -49.45 -34.26 70.29
N GLY L 160 -48.38 -33.95 71.02
CA GLY L 160 -47.94 -34.82 72.11
C GLY L 160 -47.08 -36.00 71.69
N LYS L 161 -46.67 -36.02 70.42
CA LYS L 161 -45.85 -37.11 69.91
C LYS L 161 -44.36 -36.78 70.13
N GLY L 162 -43.66 -37.64 70.87
CA GLY L 162 -42.24 -37.41 71.16
C GLY L 162 -41.34 -38.37 70.42
N LEU L 163 -40.04 -38.28 70.68
CA LEU L 163 -39.06 -39.15 70.02
C LEU L 163 -39.41 -40.60 70.23
N SER L 164 -39.91 -40.90 71.42
CA SER L 164 -40.32 -42.26 71.79
C SER L 164 -41.28 -42.83 70.74
N MET L 165 -42.41 -42.16 70.57
CA MET L 165 -43.41 -42.59 69.61
C MET L 165 -42.92 -42.59 68.17
N LEU L 166 -42.19 -41.55 67.79
CA LEU L 166 -41.68 -41.46 66.43
C LEU L 166 -40.94 -42.77 66.16
N ARG L 167 -40.06 -43.12 67.11
CA ARG L 167 -39.28 -44.34 67.05
C ARG L 167 -40.19 -45.56 66.86
N GLY L 168 -41.22 -45.61 67.70
CA GLY L 168 -42.16 -46.72 67.64
C GLY L 168 -42.74 -46.86 66.25
N GLU L 169 -43.26 -45.75 65.73
CA GLU L 169 -43.88 -45.72 64.41
C GLU L 169 -42.96 -46.36 63.36
N MET L 170 -41.72 -45.88 63.32
CA MET L 170 -40.75 -46.39 62.36
C MET L 170 -40.51 -47.88 62.54
N ARG L 171 -40.24 -48.28 63.78
CA ARG L 171 -39.99 -49.69 64.07
C ARG L 171 -41.19 -50.49 63.59
N GLY L 172 -42.38 -49.92 63.79
CA GLY L 172 -43.59 -50.58 63.35
C GLY L 172 -43.53 -50.88 61.86
N TYR L 173 -42.99 -49.93 61.08
CA TYR L 173 -42.89 -50.13 59.64
C TYR L 173 -41.88 -51.22 59.32
N LEU L 174 -40.73 -51.18 59.97
CA LEU L 174 -39.70 -52.20 59.74
C LEU L 174 -40.27 -53.59 60.08
N ASP L 175 -41.05 -53.66 61.15
CA ASP L 175 -41.65 -54.93 61.55
C ASP L 175 -42.49 -55.50 60.41
N ARG L 176 -42.97 -54.62 59.54
CA ARG L 176 -43.81 -55.04 58.42
C ARG L 176 -43.02 -55.41 57.14
N GLY L 177 -41.71 -55.22 57.17
CA GLY L 177 -40.90 -55.56 56.01
C GLY L 177 -40.38 -54.39 55.22
N TYR L 178 -40.54 -53.18 55.77
CA TYR L 178 -40.10 -51.96 55.12
C TYR L 178 -38.63 -51.64 55.39
N ASN L 179 -37.86 -51.47 54.32
CA ASN L 179 -36.44 -51.14 54.41
C ASN L 179 -36.14 -49.67 54.09
N VAL L 180 -37.21 -48.89 53.97
CA VAL L 180 -37.13 -47.45 53.69
C VAL L 180 -38.35 -46.77 54.31
N VAL L 181 -38.12 -45.80 55.19
CA VAL L 181 -39.21 -45.07 55.82
C VAL L 181 -39.07 -43.57 55.52
N LYS L 182 -40.13 -42.80 55.74
CA LYS L 182 -40.08 -41.37 55.48
C LYS L 182 -40.66 -40.57 56.63
N MET L 183 -40.07 -39.41 56.89
CA MET L 183 -40.54 -38.58 57.98
C MET L 183 -40.70 -37.12 57.54
N LYS L 184 -41.50 -36.38 58.30
CA LYS L 184 -41.75 -34.98 58.01
C LYS L 184 -40.82 -34.01 58.77
N ILE L 185 -40.16 -33.12 58.04
CA ILE L 185 -39.27 -32.13 58.64
C ILE L 185 -39.79 -30.72 58.35
N GLY L 186 -39.27 -29.73 59.05
CA GLY L 186 -39.71 -28.37 58.82
C GLY L 186 -40.98 -27.98 59.55
N GLY L 187 -41.38 -28.80 60.51
CA GLY L 187 -42.59 -28.49 61.27
C GLY L 187 -42.21 -27.96 62.64
N ALA L 188 -40.90 -27.89 62.89
CA ALA L 188 -40.37 -27.39 64.14
C ALA L 188 -38.90 -27.02 63.92
N PRO L 189 -38.36 -26.07 64.73
CA PRO L 189 -36.97 -25.61 64.65
C PRO L 189 -36.04 -26.62 64.01
N ILE L 190 -35.14 -26.14 63.17
CA ILE L 190 -34.22 -27.05 62.47
C ILE L 190 -33.53 -28.01 63.42
N GLU L 191 -33.11 -27.52 64.60
CA GLU L 191 -32.43 -28.39 65.56
C GLU L 191 -33.32 -29.52 66.10
N GLU L 192 -34.58 -29.19 66.35
CA GLU L 192 -35.55 -30.18 66.83
C GLU L 192 -35.59 -31.27 65.77
N ASP L 193 -35.62 -30.86 64.51
CA ASP L 193 -35.65 -31.81 63.40
C ASP L 193 -34.35 -32.60 63.34
N ARG L 194 -33.25 -32.01 63.80
CA ARG L 194 -31.97 -32.71 63.78
C ARG L 194 -32.09 -33.87 64.75
N MET L 195 -32.72 -33.59 65.89
CA MET L 195 -32.92 -34.61 66.90
C MET L 195 -33.85 -35.69 66.35
N ARG L 196 -35.07 -35.29 66.04
CA ARG L 196 -36.07 -36.22 65.50
C ARG L 196 -35.48 -37.12 64.41
N ILE L 197 -34.50 -36.62 63.66
CA ILE L 197 -33.87 -37.41 62.59
C ILE L 197 -32.82 -38.42 63.09
N GLU L 198 -32.06 -38.06 64.13
CA GLU L 198 -31.05 -38.99 64.65
C GLU L 198 -31.78 -40.19 65.25
N ALA L 199 -32.87 -39.91 65.95
CA ALA L 199 -33.69 -40.95 66.57
C ALA L 199 -34.08 -42.00 65.53
N VAL L 200 -34.94 -41.60 64.60
CA VAL L 200 -35.41 -42.51 63.54
C VAL L 200 -34.29 -43.21 62.76
N LEU L 201 -33.15 -42.52 62.64
CA LEU L 201 -32.00 -43.06 61.91
C LEU L 201 -31.32 -44.09 62.79
N GLU L 202 -31.36 -43.84 64.10
CA GLU L 202 -30.78 -44.75 65.08
C GLU L 202 -31.70 -45.95 65.18
N GLU L 203 -32.92 -45.69 65.63
CA GLU L 203 -33.92 -46.73 65.78
C GLU L 203 -33.84 -47.78 64.64
N ILE L 204 -33.71 -47.32 63.41
CA ILE L 204 -33.64 -48.23 62.28
C ILE L 204 -32.24 -48.81 62.06
N GLY L 205 -31.25 -48.16 62.65
CA GLY L 205 -29.87 -48.63 62.51
C GLY L 205 -29.48 -48.97 61.10
N LYS L 206 -29.14 -50.23 60.86
CA LYS L 206 -28.74 -50.67 59.52
C LYS L 206 -29.79 -51.54 58.85
N ASP L 207 -31.00 -51.53 59.38
CA ASP L 207 -32.09 -52.33 58.82
C ASP L 207 -32.96 -51.55 57.84
N ALA L 208 -32.75 -50.24 57.77
CA ALA L 208 -33.53 -49.40 56.88
C ALA L 208 -32.87 -48.05 56.61
N GLN L 209 -33.35 -47.37 55.56
CA GLN L 209 -32.84 -46.06 55.21
C GLN L 209 -33.94 -45.04 55.43
N LEU L 210 -33.55 -43.81 55.75
CA LEU L 210 -34.50 -42.75 56.03
C LEU L 210 -34.62 -41.66 54.95
N ALA L 211 -35.84 -41.19 54.73
CA ALA L 211 -36.10 -40.13 53.76
C ALA L 211 -36.83 -39.02 54.49
N VAL L 212 -36.47 -37.77 54.22
CA VAL L 212 -37.11 -36.62 54.85
C VAL L 212 -37.94 -35.83 53.83
N ASP L 213 -39.05 -35.25 54.28
CA ASP L 213 -39.95 -34.51 53.40
C ASP L 213 -40.36 -33.16 54.02
N ALA L 214 -39.93 -32.08 53.37
CA ALA L 214 -40.23 -30.73 53.83
C ALA L 214 -41.56 -30.17 53.29
N ASN L 215 -42.25 -30.96 52.47
CA ASN L 215 -43.53 -30.56 51.90
C ASN L 215 -43.55 -29.20 51.21
N GLY L 216 -42.43 -28.85 50.58
CA GLY L 216 -42.31 -27.59 49.86
C GLY L 216 -42.52 -26.33 50.67
N ARG L 217 -42.16 -26.38 51.94
CA ARG L 217 -42.34 -25.23 52.81
C ARG L 217 -41.18 -24.23 52.84
N PHE L 218 -39.97 -24.69 52.54
CA PHE L 218 -38.78 -23.82 52.60
C PHE L 218 -38.53 -22.82 51.48
N ASN L 219 -37.91 -21.70 51.85
CA ASN L 219 -37.52 -20.70 50.87
C ASN L 219 -36.09 -21.11 50.57
N LEU L 220 -35.41 -20.40 49.67
CA LEU L 220 -34.05 -20.80 49.31
C LEU L 220 -33.06 -20.91 50.48
N GLU L 221 -32.99 -19.90 51.32
CA GLU L 221 -32.07 -19.93 52.43
C GLU L 221 -32.35 -21.04 53.43
N THR L 222 -33.62 -21.21 53.80
CA THR L 222 -33.98 -22.27 54.73
C THR L 222 -33.66 -23.63 54.10
N GLY L 223 -33.94 -23.76 52.81
CA GLY L 223 -33.68 -25.02 52.14
C GLY L 223 -32.21 -25.37 52.19
N ILE L 224 -31.38 -24.35 52.06
CA ILE L 224 -29.92 -24.54 52.09
C ILE L 224 -29.46 -24.86 53.50
N ALA L 225 -30.05 -24.19 54.50
CA ALA L 225 -29.70 -24.43 55.88
C ALA L 225 -29.94 -25.90 56.21
N TYR L 226 -31.14 -26.37 55.88
CA TYR L 226 -31.49 -27.76 56.14
C TYR L 226 -30.62 -28.70 55.32
N ALA L 227 -30.19 -28.26 54.14
CA ALA L 227 -29.35 -29.08 53.29
C ALA L 227 -28.02 -29.34 53.97
N LYS L 228 -27.43 -28.29 54.51
CA LYS L 228 -26.15 -28.39 55.21
C LYS L 228 -26.25 -29.31 56.42
N MET L 229 -27.41 -29.30 57.07
CA MET L 229 -27.63 -30.13 58.25
C MET L 229 -27.94 -31.57 57.81
N LEU L 230 -28.81 -31.71 56.83
CA LEU L 230 -29.22 -33.02 56.31
C LEU L 230 -28.12 -33.81 55.60
N ARG L 231 -27.23 -33.13 54.89
CA ARG L 231 -26.18 -33.82 54.15
C ARG L 231 -25.17 -34.60 54.98
N ASP L 232 -25.14 -34.35 56.27
CA ASP L 232 -24.21 -35.08 57.13
C ASP L 232 -24.75 -36.47 57.50
N TYR L 233 -26.00 -36.73 57.16
CA TYR L 233 -26.61 -38.03 57.44
C TYR L 233 -26.81 -38.78 56.13
N PRO L 234 -26.74 -40.11 56.18
CA PRO L 234 -26.92 -40.97 54.99
C PRO L 234 -28.39 -41.18 54.62
N LEU L 235 -29.08 -40.07 54.33
CA LEU L 235 -30.49 -40.11 53.96
C LEU L 235 -30.76 -40.71 52.58
N PHE L 236 -31.95 -41.30 52.42
CA PHE L 236 -32.35 -41.92 51.16
C PHE L 236 -32.70 -40.80 50.17
N TRP L 237 -33.39 -39.78 50.65
CA TRP L 237 -33.71 -38.62 49.81
C TRP L 237 -34.26 -37.43 50.60
N TYR L 238 -34.10 -36.26 50.01
CA TYR L 238 -34.57 -35.00 50.58
C TYR L 238 -35.69 -34.61 49.62
N GLU L 239 -36.93 -34.68 50.11
CA GLU L 239 -38.12 -34.42 49.29
C GLU L 239 -38.76 -33.04 49.37
N GLU L 240 -39.24 -32.58 48.21
CA GLU L 240 -39.93 -31.29 48.06
C GLU L 240 -39.43 -30.19 49.00
N VAL L 241 -38.21 -29.73 48.74
CA VAL L 241 -37.59 -28.69 49.55
C VAL L 241 -38.36 -27.37 49.53
N GLY L 242 -38.53 -26.80 48.35
CA GLY L 242 -39.25 -25.54 48.24
C GLY L 242 -40.56 -25.72 47.51
N ASP L 243 -41.23 -24.61 47.20
CA ASP L 243 -42.49 -24.62 46.49
C ASP L 243 -42.37 -25.51 45.24
N PRO L 244 -43.42 -26.30 44.94
CA PRO L 244 -43.44 -27.21 43.80
C PRO L 244 -43.14 -26.55 42.46
N LEU L 245 -43.49 -25.27 42.34
CA LEU L 245 -43.28 -24.55 41.09
C LEU L 245 -42.04 -23.65 41.01
N ASP L 246 -41.27 -23.60 42.10
CA ASP L 246 -40.06 -22.76 42.11
C ASP L 246 -38.89 -23.60 41.62
N TYR L 247 -38.90 -23.89 40.32
CA TYR L 247 -37.86 -24.69 39.72
C TYR L 247 -36.46 -24.13 39.93
N ALA L 248 -36.34 -22.81 39.97
CA ALA L 248 -35.04 -22.17 40.17
C ALA L 248 -34.49 -22.53 41.55
N LEU L 249 -35.37 -22.56 42.55
CA LEU L 249 -34.96 -22.91 43.90
C LEU L 249 -34.41 -24.34 43.89
N GLN L 250 -35.19 -25.26 43.34
CA GLN L 250 -34.77 -26.65 43.27
C GLN L 250 -33.40 -26.79 42.59
N ALA L 251 -33.19 -26.05 41.52
CA ALA L 251 -31.93 -26.12 40.79
C ALA L 251 -30.75 -25.63 41.62
N ALA L 252 -30.97 -24.54 42.36
CA ALA L 252 -29.92 -23.96 43.18
C ALA L 252 -29.47 -24.91 44.30
N LEU L 253 -30.34 -25.81 44.71
CA LEU L 253 -30.02 -26.76 45.77
C LEU L 253 -28.93 -27.77 45.41
N ALA L 254 -28.81 -28.12 44.13
CA ALA L 254 -27.81 -29.09 43.72
C ALA L 254 -26.39 -28.75 44.19
N GLU L 255 -26.12 -27.45 44.33
CA GLU L 255 -24.80 -26.99 44.77
C GLU L 255 -24.52 -27.31 46.24
N PHE L 256 -25.56 -27.49 47.02
CA PHE L 256 -25.40 -27.76 48.44
C PHE L 256 -25.81 -29.15 48.90
N TYR L 257 -26.48 -29.91 48.04
CA TYR L 257 -26.95 -31.24 48.42
C TYR L 257 -26.68 -32.27 47.33
N PRO L 258 -25.56 -33.00 47.44
CA PRO L 258 -25.15 -34.02 46.47
C PRO L 258 -26.07 -35.24 46.50
N GLY L 259 -26.62 -35.52 47.68
CA GLY L 259 -27.50 -36.66 47.84
C GLY L 259 -28.81 -36.56 47.07
N PRO L 260 -29.44 -37.71 46.75
CA PRO L 260 -30.70 -37.70 46.02
C PRO L 260 -31.81 -36.84 46.61
N MET L 261 -32.51 -36.14 45.72
CA MET L 261 -33.63 -35.30 46.13
C MET L 261 -34.85 -35.80 45.38
N ALA L 262 -36.03 -35.38 45.82
CA ALA L 262 -37.27 -35.80 45.18
C ALA L 262 -38.33 -34.70 45.22
N THR L 263 -39.25 -34.75 44.28
CA THR L 263 -40.33 -33.77 44.23
C THR L 263 -41.29 -34.17 43.13
N GLY L 264 -42.39 -33.43 43.01
CA GLY L 264 -43.34 -33.75 41.95
C GLY L 264 -44.74 -34.15 42.35
N GLU L 265 -44.95 -34.52 43.61
CA GLU L 265 -46.27 -34.92 44.05
C GLU L 265 -47.30 -33.82 43.81
N ASN L 266 -46.87 -32.57 43.80
CA ASN L 266 -47.81 -31.48 43.60
C ASN L 266 -47.82 -30.86 42.21
N LEU L 267 -47.29 -31.59 41.24
CA LEU L 267 -47.32 -31.13 39.85
C LEU L 267 -48.36 -32.06 39.24
N PHE L 268 -49.42 -31.49 38.66
CA PHE L 268 -50.49 -32.31 38.13
C PHE L 268 -50.75 -32.41 36.65
N SER L 269 -49.74 -32.22 35.81
CA SER L 269 -49.93 -32.29 34.36
C SER L 269 -48.62 -32.62 33.68
N HIS L 270 -48.67 -33.12 32.45
CA HIS L 270 -47.43 -33.43 31.77
C HIS L 270 -46.71 -32.11 31.45
N GLN L 271 -47.47 -31.02 31.31
CA GLN L 271 -46.88 -29.73 31.02
C GLN L 271 -46.06 -29.26 32.22
N ASP L 272 -46.61 -29.43 33.42
CA ASP L 272 -45.90 -29.03 34.63
C ASP L 272 -44.68 -29.94 34.85
N ALA L 273 -44.83 -31.22 34.51
CA ALA L 273 -43.74 -32.17 34.66
C ALA L 273 -42.62 -31.75 33.72
N ARG L 274 -43.01 -31.32 32.51
CA ARG L 274 -42.03 -30.91 31.52
C ARG L 274 -41.25 -29.71 32.02
N ASN L 275 -41.92 -28.78 32.69
CA ASN L 275 -41.24 -27.61 33.21
C ASN L 275 -40.24 -27.98 34.31
N LEU L 276 -40.57 -28.97 35.12
CA LEU L 276 -39.66 -29.41 36.16
C LEU L 276 -38.40 -29.98 35.52
N LEU L 277 -38.57 -30.78 34.49
CA LEU L 277 -37.43 -31.37 33.82
C LEU L 277 -36.61 -30.32 33.05
N ARG L 278 -37.27 -29.24 32.62
CA ARG L 278 -36.58 -28.19 31.87
C ARG L 278 -35.83 -27.21 32.76
N TYR L 279 -36.43 -26.85 33.90
CA TYR L 279 -35.82 -25.85 34.76
C TYR L 279 -35.41 -26.24 36.17
N GLY L 280 -35.88 -27.39 36.65
CA GLY L 280 -35.57 -27.81 38.01
C GLY L 280 -34.14 -28.23 38.31
N GLY L 281 -33.34 -28.45 37.29
CA GLY L 281 -31.96 -28.84 37.50
C GLY L 281 -31.79 -30.11 38.32
N MET L 282 -32.72 -31.05 38.20
CA MET L 282 -32.60 -32.28 38.94
C MET L 282 -31.63 -33.24 38.27
N ARG L 283 -31.04 -34.13 39.06
CA ARG L 283 -30.08 -35.10 38.55
C ARG L 283 -30.79 -36.40 38.15
N PRO L 284 -30.89 -36.68 36.84
CA PRO L 284 -31.56 -37.89 36.35
C PRO L 284 -30.95 -39.23 36.76
N ASP L 285 -29.74 -39.22 37.29
CA ASP L 285 -29.11 -40.47 37.69
C ASP L 285 -29.44 -40.85 39.14
N ARG L 286 -29.99 -39.91 39.92
CA ARG L 286 -30.26 -40.23 41.32
C ARG L 286 -31.49 -39.61 41.98
N ASP L 287 -32.12 -38.63 41.34
CA ASP L 287 -33.30 -38.02 41.95
C ASP L 287 -34.56 -38.80 41.61
N TRP L 288 -35.67 -38.48 42.29
CA TRP L 288 -36.93 -39.17 42.07
C TRP L 288 -38.08 -38.25 41.73
N LEU L 289 -38.89 -38.66 40.76
CA LEU L 289 -40.05 -37.90 40.32
C LEU L 289 -41.30 -38.55 40.95
N GLN L 290 -42.04 -37.78 41.73
CA GLN L 290 -43.19 -38.31 42.43
C GLN L 290 -44.60 -37.94 41.93
N PHE L 291 -44.73 -37.75 40.62
CA PHE L 291 -46.02 -37.42 40.03
C PHE L 291 -47.02 -38.52 40.39
N ASP L 292 -48.25 -38.11 40.72
CA ASP L 292 -49.31 -39.04 41.13
C ASP L 292 -50.43 -39.00 40.09
N CYS L 293 -50.61 -40.10 39.34
CA CYS L 293 -51.63 -40.12 38.30
C CYS L 293 -53.04 -39.88 38.82
N ALA L 294 -53.30 -40.32 40.06
CA ALA L 294 -54.62 -40.12 40.66
C ALA L 294 -54.97 -38.65 40.82
N LEU L 295 -53.96 -37.80 40.94
CA LEU L 295 -54.20 -36.37 41.11
C LEU L 295 -53.85 -35.61 39.83
N SER L 296 -53.39 -36.32 38.81
CA SER L 296 -52.95 -35.69 37.59
C SER L 296 -53.59 -36.15 36.29
N TYR L 297 -54.92 -36.11 36.25
CA TYR L 297 -55.67 -36.51 35.06
C TYR L 297 -55.55 -38.00 34.70
N GLY L 298 -55.15 -38.81 35.67
CA GLY L 298 -55.05 -40.25 35.47
C GLY L 298 -53.90 -40.82 34.65
N LEU L 299 -54.01 -42.12 34.40
CA LEU L 299 -53.00 -42.86 33.64
C LEU L 299 -52.90 -42.41 32.20
N CYS L 300 -54.01 -41.97 31.61
CA CYS L 300 -53.99 -41.50 30.24
C CYS L 300 -53.03 -40.33 30.13
N GLU L 301 -53.00 -39.51 31.17
CA GLU L 301 -52.13 -38.35 31.24
C GLU L 301 -50.72 -38.80 31.67
N TYR L 302 -50.66 -39.70 32.65
CA TYR L 302 -49.36 -40.19 33.13
C TYR L 302 -48.52 -40.75 31.99
N GLN L 303 -49.18 -41.35 31.01
CA GLN L 303 -48.46 -41.89 29.87
C GLN L 303 -47.82 -40.76 29.09
N ARG L 304 -48.49 -39.61 29.03
CA ARG L 304 -47.93 -38.47 28.33
C ARG L 304 -46.73 -37.95 29.12
N THR L 305 -46.83 -37.97 30.45
CA THR L 305 -45.74 -37.51 31.30
C THR L 305 -44.53 -38.41 31.07
N LEU L 306 -44.75 -39.72 30.99
CA LEU L 306 -43.66 -40.67 30.76
C LEU L 306 -42.99 -40.36 29.43
N GLU L 307 -43.79 -39.92 28.46
CA GLU L 307 -43.26 -39.56 27.15
C GLU L 307 -42.35 -38.34 27.31
N VAL L 308 -42.73 -37.43 28.20
CA VAL L 308 -41.94 -36.23 28.47
C VAL L 308 -40.58 -36.65 29.05
N LEU L 309 -40.59 -37.63 29.96
CA LEU L 309 -39.33 -38.11 30.54
C LEU L 309 -38.42 -38.59 29.42
N LYS L 310 -38.99 -39.34 28.49
CA LYS L 310 -38.22 -39.88 27.36
C LYS L 310 -37.56 -38.74 26.59
N THR L 311 -38.33 -37.69 26.31
CA THR L 311 -37.84 -36.53 25.58
C THR L 311 -36.70 -35.80 26.29
N HIS L 312 -36.59 -35.99 27.60
CA HIS L 312 -35.55 -35.33 28.36
C HIS L 312 -34.48 -36.26 28.90
N GLY L 313 -34.49 -37.51 28.42
CA GLY L 313 -33.48 -38.48 28.84
C GLY L 313 -33.62 -39.12 30.21
N TRP L 314 -34.83 -39.08 30.78
CA TRP L 314 -35.07 -39.71 32.07
C TRP L 314 -35.64 -41.13 31.94
N SER L 315 -35.28 -41.99 32.87
CA SER L 315 -35.77 -43.36 32.87
C SER L 315 -37.04 -43.43 33.69
N PRO L 316 -38.01 -44.25 33.25
CA PRO L 316 -39.25 -44.34 34.02
C PRO L 316 -38.96 -44.91 35.41
N SER L 317 -37.80 -45.54 35.57
CA SER L 317 -37.43 -46.13 36.85
C SER L 317 -37.11 -45.07 37.90
N ARG L 318 -37.14 -43.81 37.49
CA ARG L 318 -36.87 -42.71 38.40
C ARG L 318 -38.17 -42.25 39.05
N CYS L 319 -39.28 -42.87 38.63
CA CYS L 319 -40.59 -42.52 39.17
C CYS L 319 -41.05 -43.37 40.35
N ILE L 320 -41.47 -42.70 41.40
CA ILE L 320 -42.01 -43.35 42.59
C ILE L 320 -43.18 -42.46 42.96
N PRO L 321 -44.36 -42.73 42.37
CA PRO L 321 -45.60 -41.99 42.60
C PRO L 321 -46.00 -41.77 44.04
N HIS L 322 -46.56 -40.61 44.29
CA HIS L 322 -47.05 -40.26 45.61
C HIS L 322 -48.47 -40.80 45.66
N GLY L 323 -49.06 -40.91 46.85
CA GLY L 323 -50.42 -41.39 46.93
C GLY L 323 -50.65 -42.72 47.62
N GLY L 324 -49.71 -43.64 47.52
CA GLY L 324 -49.84 -44.93 48.16
C GLY L 324 -51.06 -45.74 47.78
N HIS L 325 -51.48 -45.66 46.52
CA HIS L 325 -52.65 -46.40 46.06
C HIS L 325 -52.29 -47.48 45.05
N GLN L 326 -53.19 -48.45 44.90
CA GLN L 326 -52.99 -49.58 44.00
C GLN L 326 -52.88 -49.24 42.53
N MET L 327 -53.45 -48.12 42.10
CA MET L 327 -53.38 -47.74 40.70
C MET L 327 -51.89 -47.58 40.37
N SER L 328 -51.17 -46.90 41.25
CA SER L 328 -49.73 -46.69 41.05
C SER L 328 -48.99 -48.02 41.01
N LEU L 329 -49.34 -48.91 41.94
CA LEU L 329 -48.72 -50.24 41.99
C LEU L 329 -48.84 -50.92 40.62
N ASN L 330 -50.01 -50.80 40.00
CA ASN L 330 -50.24 -51.40 38.69
C ASN L 330 -49.40 -50.73 37.61
N ILE L 331 -49.34 -49.40 37.62
CA ILE L 331 -48.55 -48.71 36.61
C ILE L 331 -47.08 -49.05 36.80
N ALA L 332 -46.65 -49.10 38.06
CA ALA L 332 -45.26 -49.42 38.36
C ALA L 332 -44.89 -50.79 37.83
N ALA L 333 -45.71 -51.79 38.15
CA ALA L 333 -45.46 -53.17 37.72
C ALA L 333 -45.49 -53.32 36.22
N GLY L 334 -46.42 -52.64 35.57
CA GLY L 334 -46.54 -52.77 34.13
C GLY L 334 -45.58 -51.95 33.28
N LEU L 335 -45.31 -50.71 33.69
CA LEU L 335 -44.44 -49.84 32.92
C LEU L 335 -43.01 -49.66 33.47
N GLY L 336 -42.69 -50.35 34.55
CA GLY L 336 -41.34 -50.27 35.10
C GLY L 336 -40.97 -49.01 35.87
N LEU L 337 -41.86 -48.54 36.73
CA LEU L 337 -41.56 -47.36 37.51
C LEU L 337 -40.61 -47.82 38.62
N GLY L 338 -40.04 -46.86 39.34
CA GLY L 338 -39.11 -47.21 40.40
C GLY L 338 -39.71 -47.81 41.65
N GLY L 339 -41.02 -47.63 41.83
CA GLY L 339 -41.67 -48.17 43.01
C GLY L 339 -42.90 -47.36 43.36
N ASN L 340 -43.38 -47.46 44.60
CA ASN L 340 -44.57 -46.74 45.00
C ASN L 340 -44.54 -46.36 46.48
N GLU L 341 -45.27 -45.31 46.83
CA GLU L 341 -45.33 -44.87 48.21
C GLU L 341 -46.39 -45.73 48.90
N SER L 342 -46.31 -45.82 50.22
CA SER L 342 -47.26 -46.61 50.97
C SER L 342 -47.51 -45.99 52.32
N TYR L 343 -48.76 -46.02 52.75
CA TYR L 343 -49.10 -45.45 54.03
C TYR L 343 -49.61 -46.49 55.01
N PRO L 344 -48.75 -47.42 55.45
CA PRO L 344 -49.26 -48.39 56.42
C PRO L 344 -49.88 -47.60 57.57
N ASP L 345 -51.00 -48.09 58.10
CA ASP L 345 -51.70 -47.41 59.19
C ASP L 345 -51.92 -45.91 58.98
N LEU L 346 -52.64 -45.54 57.92
CA LEU L 346 -52.98 -44.16 57.57
C LEU L 346 -53.86 -44.11 56.32
N PHE L 347 -54.91 -43.30 56.34
CA PHE L 347 -55.83 -43.14 55.19
C PHE L 347 -56.59 -44.42 54.81
N GLN L 348 -56.39 -45.49 55.57
CA GLN L 348 -57.05 -46.75 55.27
C GLN L 348 -58.56 -46.63 55.41
N PRO L 349 -59.32 -47.50 54.72
CA PRO L 349 -58.92 -48.59 53.83
C PRO L 349 -58.46 -48.22 52.42
N TYR L 350 -58.33 -46.94 52.12
CA TYR L 350 -57.92 -46.50 50.78
C TYR L 350 -56.40 -46.48 50.62
N GLY L 351 -55.90 -47.50 49.93
CA GLY L 351 -54.47 -47.64 49.71
C GLY L 351 -54.08 -49.07 50.05
N GLY L 352 -53.02 -49.23 50.83
CA GLY L 352 -52.59 -50.57 51.20
C GLY L 352 -52.48 -51.54 50.04
N PHE L 353 -52.47 -52.84 50.35
CA PHE L 353 -52.36 -53.88 49.33
C PHE L 353 -53.48 -54.91 49.47
N PRO L 354 -53.67 -55.76 48.45
CA PRO L 354 -54.73 -56.76 48.55
C PRO L 354 -54.58 -57.55 49.86
N ASP L 355 -55.67 -58.11 50.35
CA ASP L 355 -55.63 -58.91 51.57
C ASP L 355 -54.74 -60.11 51.24
N GLY L 356 -53.80 -60.43 52.13
CA GLY L 356 -52.93 -61.57 51.88
C GLY L 356 -51.50 -61.16 51.57
N VAL L 357 -51.28 -60.58 50.39
CA VAL L 357 -49.96 -60.12 49.96
C VAL L 357 -49.27 -59.23 51.01
N ARG L 358 -48.00 -59.55 51.26
CA ARG L 358 -47.22 -58.83 52.25
C ARG L 358 -45.91 -58.27 51.71
N VAL L 359 -45.31 -57.40 52.51
CA VAL L 359 -44.05 -56.76 52.14
C VAL L 359 -42.86 -57.53 52.69
N GLU L 360 -42.06 -58.05 51.76
CA GLU L 360 -40.87 -58.82 52.09
C GLU L 360 -39.67 -58.08 51.51
N ASN L 361 -38.93 -57.37 52.37
CA ASN L 361 -37.74 -56.60 51.95
C ASN L 361 -38.07 -55.39 51.08
N GLY L 362 -38.94 -54.52 51.60
CA GLY L 362 -39.33 -53.34 50.86
C GLY L 362 -40.02 -53.63 49.54
N HIS L 363 -40.49 -54.85 49.34
CA HIS L 363 -41.17 -55.20 48.09
C HIS L 363 -42.44 -56.03 48.31
N ILE L 364 -43.32 -55.99 47.32
CA ILE L 364 -44.55 -56.75 47.34
C ILE L 364 -44.64 -57.37 45.95
N THR L 365 -45.45 -58.42 45.83
CA THR L 365 -45.59 -59.06 44.53
C THR L 365 -47.05 -58.98 44.13
N MET L 366 -47.31 -58.35 43.00
CA MET L 366 -48.67 -58.17 42.50
C MET L 366 -49.35 -59.49 42.15
N PRO L 367 -50.47 -59.81 42.82
CA PRO L 367 -51.18 -61.05 42.52
C PRO L 367 -51.92 -60.83 41.22
N ASP L 368 -52.16 -61.90 40.46
CA ASP L 368 -52.86 -61.74 39.18
C ASP L 368 -54.38 -61.59 39.29
N LEU L 369 -54.81 -60.47 39.87
CA LEU L 369 -56.23 -60.19 40.03
C LEU L 369 -56.67 -59.34 38.83
N PRO L 370 -57.92 -59.53 38.37
CA PRO L 370 -58.39 -58.73 37.23
C PRO L 370 -58.51 -57.25 37.59
N GLY L 371 -58.17 -56.38 36.64
CA GLY L 371 -58.25 -54.95 36.89
C GLY L 371 -57.18 -54.46 37.87
N ILE L 372 -57.51 -53.44 38.63
CA ILE L 372 -56.57 -52.88 39.60
C ILE L 372 -56.34 -53.86 40.74
N GLY L 373 -57.35 -54.66 41.05
CA GLY L 373 -57.23 -55.64 42.11
C GLY L 373 -57.84 -55.21 43.43
N PHE L 374 -58.72 -54.21 43.37
CA PHE L 374 -59.37 -53.72 44.58
C PHE L 374 -60.18 -54.82 45.29
N GLU L 375 -60.75 -55.74 44.51
CA GLU L 375 -61.53 -56.83 45.07
C GLU L 375 -60.74 -57.65 46.09
N GLY L 376 -59.42 -57.72 45.91
CA GLY L 376 -58.58 -58.47 46.81
C GLY L 376 -58.46 -57.88 48.21
N LYS L 377 -58.87 -56.64 48.36
CA LYS L 377 -58.79 -55.97 49.67
C LYS L 377 -60.22 -55.80 50.17
N SER L 378 -60.70 -56.79 50.92
CA SER L 378 -62.05 -56.81 51.45
C SER L 378 -62.55 -55.53 52.11
N ASP L 379 -61.81 -54.97 53.06
CA ASP L 379 -62.24 -53.75 53.74
C ASP L 379 -62.40 -52.54 52.80
N LEU L 380 -61.70 -52.56 51.68
CA LEU L 380 -61.79 -51.48 50.70
C LEU L 380 -62.94 -51.80 49.74
N TYR L 381 -62.94 -53.01 49.22
CA TYR L 381 -63.98 -53.44 48.29
C TYR L 381 -65.37 -53.32 48.89
N LYS L 382 -65.45 -53.50 50.21
CA LYS L 382 -66.74 -53.40 50.90
C LYS L 382 -67.32 -52.02 50.60
N GLU L 383 -66.47 -51.02 50.74
CA GLU L 383 -66.85 -49.63 50.51
C GLU L 383 -67.25 -49.42 49.05
N MET L 384 -66.49 -50.01 48.14
CA MET L 384 -66.75 -49.87 46.71
C MET L 384 -68.03 -50.53 46.23
N LYS L 385 -68.28 -51.77 46.62
CA LYS L 385 -69.51 -52.43 46.18
C LYS L 385 -70.71 -51.77 46.86
N ALA L 386 -70.45 -51.04 47.94
CA ALA L 386 -71.51 -50.34 48.65
C ALA L 386 -71.92 -49.12 47.82
N LEU L 387 -70.98 -48.58 47.05
CA LEU L 387 -71.24 -47.43 46.22
C LEU L 387 -72.00 -47.87 44.97
N ALA L 388 -71.53 -48.93 44.34
CA ALA L 388 -72.16 -49.45 43.14
C ALA L 388 -71.76 -50.89 42.92
N GLU L 389 -72.69 -51.69 42.42
CA GLU L 389 -72.43 -53.11 42.16
C GLU L 389 -73.12 -53.58 40.89
N SER M 2 92.77 -1.38 -15.19
CA SER M 2 92.22 -2.58 -15.91
C SER M 2 91.45 -3.55 -15.01
N VAL M 3 90.18 -3.74 -15.34
CA VAL M 3 89.28 -4.64 -14.61
C VAL M 3 88.56 -5.57 -15.60
N ARG M 4 89.13 -6.76 -15.77
CA ARG M 4 88.60 -7.74 -16.70
C ARG M 4 88.53 -9.12 -16.05
N ILE M 5 87.64 -9.95 -16.57
CA ILE M 5 87.49 -11.31 -16.07
C ILE M 5 88.29 -12.21 -17.00
N VAL M 6 89.26 -12.92 -16.44
CA VAL M 6 90.11 -13.80 -17.23
C VAL M 6 89.55 -15.21 -17.46
N ASP M 7 88.77 -15.72 -16.51
CA ASP M 7 88.20 -17.05 -16.69
C ASP M 7 86.93 -17.28 -15.86
N VAL M 8 86.33 -18.46 -16.06
CA VAL M 8 85.12 -18.92 -15.37
C VAL M 8 85.17 -20.46 -15.40
N ARG M 9 85.56 -21.09 -14.29
CA ARG M 9 85.66 -22.55 -14.23
C ARG M 9 84.56 -23.18 -13.37
N GLU M 10 84.30 -24.46 -13.60
CA GLU M 10 83.29 -25.17 -12.85
C GLU M 10 83.68 -26.62 -12.52
N ILE M 11 83.23 -27.10 -11.37
CA ILE M 11 83.52 -28.46 -10.95
C ILE M 11 82.28 -29.08 -10.29
N THR M 12 81.72 -30.08 -10.95
CA THR M 12 80.52 -30.75 -10.44
C THR M 12 80.82 -31.67 -9.25
N LYS M 13 80.65 -31.13 -8.05
CA LYS M 13 80.90 -31.87 -6.81
C LYS M 13 79.66 -32.63 -6.32
N PRO M 14 79.84 -33.89 -5.88
CA PRO M 14 78.72 -34.71 -5.39
C PRO M 14 78.31 -34.42 -3.93
N ILE M 15 76.99 -34.37 -3.72
CA ILE M 15 76.39 -34.12 -2.41
C ILE M 15 75.26 -35.14 -2.19
N SER M 16 75.52 -36.38 -2.60
CA SER M 16 74.55 -37.45 -2.47
C SER M 16 74.38 -37.92 -1.03
N SER M 17 73.30 -38.66 -0.79
CA SER M 17 72.99 -39.16 0.55
C SER M 17 71.67 -39.93 0.46
N PRO M 18 71.49 -40.99 1.28
CA PRO M 18 70.23 -41.74 1.24
C PRO M 18 69.08 -40.94 1.87
N ILE M 19 69.36 -39.67 2.14
CA ILE M 19 68.42 -38.71 2.73
C ILE M 19 67.20 -38.52 1.79
N ARG M 20 66.00 -38.68 2.34
CA ARG M 20 64.77 -38.58 1.55
C ARG M 20 63.66 -37.76 2.22
N ASN M 21 63.02 -36.89 1.44
CA ASN M 21 61.91 -36.05 1.93
C ASN M 21 60.66 -36.56 1.22
N ALA M 22 59.52 -35.93 1.46
CA ALA M 22 58.27 -36.38 0.85
C ALA M 22 58.27 -36.45 -0.69
N TYR M 23 59.29 -35.89 -1.33
CA TYR M 23 59.33 -35.86 -2.80
C TYR M 23 60.51 -36.59 -3.44
N ILE M 24 61.72 -36.27 -2.97
CA ILE M 24 62.95 -36.82 -3.55
C ILE M 24 63.92 -37.41 -2.54
N ASP M 25 64.83 -38.25 -3.03
CA ASP M 25 65.89 -38.81 -2.20
C ASP M 25 67.16 -38.24 -2.86
N PHE M 26 68.21 -38.00 -2.07
CA PHE M 26 69.44 -37.41 -2.61
C PHE M 26 70.53 -38.37 -3.11
N THR M 27 70.10 -39.54 -3.55
CA THR M 27 70.97 -40.58 -4.07
C THR M 27 71.98 -40.12 -5.12
N LYS M 28 71.53 -39.27 -6.05
CA LYS M 28 72.41 -38.78 -7.12
C LYS M 28 72.63 -37.27 -7.06
N MET M 29 72.32 -36.65 -5.93
CA MET M 29 72.46 -35.21 -5.80
C MET M 29 73.88 -34.67 -6.02
N THR M 30 73.96 -33.58 -6.77
CA THR M 30 75.23 -32.93 -7.08
C THR M 30 75.08 -31.42 -6.97
N THR M 31 76.19 -30.71 -7.16
CA THR M 31 76.18 -29.25 -7.10
C THR M 31 77.35 -28.70 -7.90
N SER M 32 77.20 -27.50 -8.44
CA SER M 32 78.25 -26.87 -9.22
C SER M 32 79.06 -25.88 -8.39
N LEU M 33 80.38 -26.01 -8.45
CA LEU M 33 81.27 -25.10 -7.74
C LEU M 33 81.83 -24.23 -8.85
N VAL M 34 81.62 -22.92 -8.74
CA VAL M 34 82.09 -21.99 -9.76
C VAL M 34 83.11 -20.98 -9.26
N ALA M 35 84.00 -20.59 -10.16
CA ALA M 35 85.04 -19.61 -9.86
C ALA M 35 85.11 -18.59 -10.97
N VAL M 36 85.02 -17.33 -10.60
CA VAL M 36 85.10 -16.23 -11.54
C VAL M 36 86.47 -15.60 -11.32
N VAL M 37 87.39 -15.91 -12.22
CA VAL M 37 88.77 -15.43 -12.13
C VAL M 37 88.94 -14.06 -12.81
N THR M 38 89.43 -13.09 -12.06
CA THR M 38 89.64 -11.75 -12.58
C THR M 38 91.13 -11.48 -12.73
N ASP M 39 91.45 -10.30 -13.26
CA ASP M 39 92.84 -9.90 -13.43
C ASP M 39 93.20 -8.82 -12.43
N VAL M 40 92.23 -8.46 -11.59
CA VAL M 40 92.45 -7.44 -10.58
C VAL M 40 93.27 -8.04 -9.43
N VAL M 41 94.20 -7.26 -8.90
CA VAL M 41 95.03 -7.75 -7.82
C VAL M 41 94.86 -6.96 -6.54
N ARG M 42 94.58 -7.68 -5.46
CA ARG M 42 94.40 -7.11 -4.13
C ARG M 42 95.22 -7.96 -3.17
N GLU M 43 96.04 -7.30 -2.34
CA GLU M 43 96.89 -8.00 -1.39
C GLU M 43 97.92 -8.79 -2.19
N GLY M 44 98.36 -8.23 -3.32
CA GLY M 44 99.33 -8.89 -4.17
C GLY M 44 98.82 -10.23 -4.69
N LYS M 45 97.53 -10.49 -4.50
CA LYS M 45 96.90 -11.74 -4.93
C LYS M 45 95.74 -11.40 -5.87
N ARG M 46 95.60 -12.17 -6.94
CA ARG M 46 94.52 -11.93 -7.90
C ARG M 46 93.19 -12.25 -7.22
N VAL M 47 92.20 -11.38 -7.41
CA VAL M 47 90.89 -11.60 -6.81
C VAL M 47 90.05 -12.59 -7.62
N VAL M 48 89.54 -13.59 -6.93
CA VAL M 48 88.73 -14.62 -7.55
C VAL M 48 87.39 -14.76 -6.80
N GLY M 49 86.29 -14.76 -7.55
CA GLY M 49 84.99 -14.90 -6.94
C GLY M 49 84.58 -16.36 -6.94
N TYR M 50 83.89 -16.79 -5.88
CA TYR M 50 83.45 -18.18 -5.79
C TYR M 50 81.96 -18.28 -5.53
N GLY M 51 81.39 -19.43 -5.88
CA GLY M 51 79.98 -19.65 -5.66
C GLY M 51 79.63 -21.10 -5.95
N PHE M 52 78.45 -21.51 -5.50
CA PHE M 52 77.97 -22.87 -5.72
C PHE M 52 76.46 -22.84 -5.55
N ASN M 53 75.76 -23.77 -6.18
CA ASN M 53 74.31 -23.80 -6.06
C ASN M 53 73.83 -24.66 -4.91
N SER M 54 72.69 -24.26 -4.35
CA SER M 54 72.08 -24.98 -3.24
C SER M 54 71.74 -26.43 -3.59
N ASN M 55 71.46 -27.22 -2.57
CA ASN M 55 71.11 -28.62 -2.78
C ASN M 55 69.71 -28.73 -3.38
N GLY M 56 69.42 -29.88 -3.98
CA GLY M 56 68.10 -30.10 -4.51
C GLY M 56 67.89 -29.98 -6.01
N ARG M 57 68.65 -29.12 -6.68
CA ARG M 57 68.45 -28.96 -8.11
C ARG M 57 69.56 -29.52 -9.01
N TYR M 58 70.60 -30.08 -8.39
CA TYR M 58 71.73 -30.67 -9.13
C TYR M 58 72.67 -29.63 -9.71
N GLY M 59 73.85 -30.09 -10.10
CA GLY M 59 74.84 -29.19 -10.69
C GLY M 59 74.45 -28.79 -12.09
N GLN M 60 75.04 -27.70 -12.59
CA GLN M 60 74.72 -27.22 -13.93
C GLN M 60 75.97 -26.98 -14.77
N GLY M 61 76.91 -27.91 -14.70
CA GLY M 61 78.14 -27.78 -15.47
C GLY M 61 77.90 -27.52 -16.94
N GLY M 62 77.06 -28.33 -17.56
CA GLY M 62 76.76 -28.15 -18.98
C GLY M 62 76.34 -26.75 -19.34
N LEU M 63 75.28 -26.26 -18.69
CA LEU M 63 74.77 -24.92 -18.96
C LEU M 63 75.79 -23.82 -18.69
N ILE M 64 76.50 -23.92 -17.57
CA ILE M 64 77.51 -22.91 -17.24
C ILE M 64 78.57 -22.85 -18.34
N ARG M 65 79.07 -24.01 -18.74
CA ARG M 65 80.07 -24.07 -19.77
C ARG M 65 79.54 -23.65 -21.14
N GLU M 66 78.54 -24.37 -21.61
CA GLU M 66 77.96 -24.13 -22.93
C GLU M 66 77.20 -22.85 -23.26
N ARG M 67 76.53 -22.23 -22.28
CA ARG M 67 75.78 -21.02 -22.60
C ARG M 67 76.10 -19.75 -21.85
N PHE M 68 76.26 -19.82 -20.54
CA PHE M 68 76.50 -18.64 -19.74
C PHE M 68 77.94 -18.20 -19.53
N ALA M 69 78.83 -19.10 -19.13
CA ALA M 69 80.22 -18.74 -18.91
C ALA M 69 80.84 -18.20 -20.21
N SER M 70 80.55 -18.87 -21.32
CA SER M 70 81.06 -18.47 -22.62
C SER M 70 80.71 -17.04 -23.01
N ARG M 71 79.46 -16.64 -22.77
CA ARG M 71 79.02 -15.29 -23.10
C ARG M 71 79.77 -14.20 -22.33
N ILE M 72 80.09 -14.47 -21.06
CA ILE M 72 80.80 -13.50 -20.23
C ILE M 72 82.20 -13.27 -20.78
N LEU M 73 82.91 -14.37 -21.03
CA LEU M 73 84.27 -14.28 -21.54
C LEU M 73 84.32 -13.73 -22.97
N GLU M 74 83.28 -13.97 -23.75
CA GLU M 74 83.22 -13.50 -25.13
C GLU M 74 82.74 -12.05 -25.25
N ALA M 75 82.40 -11.44 -24.11
CA ALA M 75 81.89 -10.08 -24.11
C ALA M 75 82.97 -9.02 -23.88
N ASP M 76 82.73 -7.83 -24.43
CA ASP M 76 83.66 -6.71 -24.30
C ASP M 76 83.84 -6.30 -22.84
N PRO M 77 84.96 -6.72 -22.22
CA PRO M 77 85.25 -6.41 -20.82
C PRO M 77 85.14 -4.95 -20.41
N LYS M 78 85.10 -4.05 -21.41
CA LYS M 78 84.99 -2.63 -21.11
C LYS M 78 83.54 -2.22 -20.91
N LYS M 79 82.63 -3.12 -21.27
CA LYS M 79 81.19 -2.89 -21.15
C LYS M 79 80.53 -3.59 -19.96
N LEU M 80 81.37 -4.08 -19.04
CA LEU M 80 80.88 -4.78 -17.85
C LEU M 80 81.32 -4.06 -16.60
N LEU M 81 81.67 -2.78 -16.72
CA LEU M 81 82.15 -2.02 -15.58
C LEU M 81 81.19 -0.95 -15.14
N ASN M 82 81.38 -0.48 -13.90
CA ASN M 82 80.56 0.58 -13.35
C ASN M 82 80.94 1.92 -13.99
N GLU M 83 80.35 3.00 -13.49
CA GLU M 83 80.62 4.34 -14.02
C GLU M 83 82.10 4.66 -13.93
N ALA M 84 82.67 4.49 -12.74
CA ALA M 84 84.08 4.76 -12.51
C ALA M 84 85.03 3.84 -13.29
N GLY M 85 84.53 2.69 -13.74
CA GLY M 85 85.35 1.77 -14.48
C GLY M 85 86.41 1.09 -13.62
N ASP M 86 86.25 1.17 -12.30
CA ASP M 86 87.21 0.57 -11.39
C ASP M 86 86.73 -0.75 -10.79
N ASN M 87 85.54 -1.20 -11.20
CA ASN M 87 85.00 -2.45 -10.70
C ASN M 87 83.94 -2.99 -11.65
N LEU M 88 83.64 -4.28 -11.51
CA LEU M 88 82.63 -4.93 -12.33
C LEU M 88 81.23 -4.49 -11.91
N ASP M 89 80.32 -4.40 -12.88
CA ASP M 89 78.94 -4.04 -12.59
C ASP M 89 78.17 -5.38 -12.63
N PRO M 90 77.74 -5.87 -11.46
CA PRO M 90 77.01 -7.14 -11.37
C PRO M 90 75.89 -7.26 -12.40
N ASP M 91 75.04 -6.24 -12.48
CA ASP M 91 73.92 -6.23 -13.40
C ASP M 91 74.33 -6.28 -14.87
N LYS M 92 75.47 -5.68 -15.20
CA LYS M 92 75.90 -5.70 -16.59
C LYS M 92 76.38 -7.10 -16.94
N VAL M 93 77.04 -7.75 -15.98
CA VAL M 93 77.52 -9.11 -16.19
C VAL M 93 76.30 -10.03 -16.33
N TRP M 94 75.31 -9.81 -15.47
CA TRP M 94 74.08 -10.59 -15.48
C TRP M 94 73.43 -10.47 -16.85
N ALA M 95 73.22 -9.23 -17.28
CA ALA M 95 72.60 -8.97 -18.58
C ALA M 95 73.41 -9.65 -19.67
N ALA M 96 74.73 -9.61 -19.52
CA ALA M 96 75.60 -10.23 -20.50
C ALA M 96 75.34 -11.72 -20.65
N MET M 97 75.17 -12.44 -19.54
CA MET M 97 74.95 -13.87 -19.66
C MET M 97 73.51 -14.27 -19.95
N MET M 98 72.59 -13.30 -19.89
CA MET M 98 71.18 -13.58 -20.18
C MET M 98 70.73 -13.20 -21.60
N ILE M 99 71.66 -12.79 -22.45
CA ILE M 99 71.28 -12.44 -23.81
C ILE M 99 70.87 -13.70 -24.57
N ASN M 100 69.84 -13.58 -25.39
CA ASN M 100 69.35 -14.69 -26.17
C ASN M 100 68.74 -15.83 -25.38
N GLU M 101 68.18 -15.49 -24.23
CA GLU M 101 67.51 -16.44 -23.38
C GLU M 101 66.02 -16.08 -23.46
N LYS M 102 65.19 -16.99 -23.96
CA LYS M 102 63.75 -16.73 -24.07
C LYS M 102 63.08 -16.73 -22.70
N PRO M 103 61.99 -15.96 -22.53
CA PRO M 103 61.25 -15.88 -21.27
C PRO M 103 60.62 -17.21 -20.84
N GLY M 104 60.21 -17.27 -19.57
CA GLY M 104 59.64 -18.50 -19.04
C GLY M 104 60.70 -19.58 -18.87
N GLY M 105 60.26 -20.78 -18.49
CA GLY M 105 61.20 -21.87 -18.29
C GLY M 105 62.25 -21.59 -17.23
N HIS M 106 61.83 -21.03 -16.09
CA HIS M 106 62.74 -20.70 -15.00
C HIS M 106 63.09 -21.90 -14.14
N GLY M 107 64.12 -22.61 -14.57
CA GLY M 107 64.59 -23.78 -13.85
C GLY M 107 65.86 -24.26 -14.51
N GLU M 108 66.80 -24.77 -13.71
CA GLU M 108 68.08 -25.27 -14.22
C GLU M 108 69.03 -24.14 -14.64
N ARG M 109 68.67 -23.40 -15.69
CA ARG M 109 69.52 -22.29 -16.13
C ARG M 109 69.51 -21.21 -15.04
N SER M 110 68.44 -21.18 -14.26
CA SER M 110 68.32 -20.22 -13.18
C SER M 110 69.32 -20.57 -12.09
N VAL M 111 69.68 -21.85 -12.04
CA VAL M 111 70.65 -22.34 -11.06
C VAL M 111 72.05 -22.00 -11.55
N ALA M 112 72.28 -22.19 -12.85
CA ALA M 112 73.56 -21.89 -13.47
C ALA M 112 73.87 -20.40 -13.33
N VAL M 113 72.95 -19.55 -13.78
CA VAL M 113 73.16 -18.12 -13.68
C VAL M 113 73.27 -17.70 -12.21
N GLY M 114 72.42 -18.27 -11.37
CA GLY M 114 72.45 -17.91 -9.97
C GLY M 114 73.79 -18.20 -9.30
N THR M 115 74.38 -19.34 -9.63
CA THR M 115 75.65 -19.70 -9.02
C THR M 115 76.81 -18.84 -9.58
N ILE M 116 76.74 -18.48 -10.85
CA ILE M 116 77.78 -17.63 -11.45
C ILE M 116 77.64 -16.24 -10.82
N ASP M 117 76.40 -15.79 -10.68
CA ASP M 117 76.10 -14.48 -10.10
C ASP M 117 76.68 -14.39 -8.70
N MET M 118 76.62 -15.49 -7.97
CA MET M 118 77.15 -15.50 -6.61
C MET M 118 78.62 -15.12 -6.66
N ALA M 119 79.36 -15.80 -7.53
CA ALA M 119 80.78 -15.55 -7.69
C ALA M 119 81.06 -14.12 -8.16
N VAL M 120 80.24 -13.61 -9.08
CA VAL M 120 80.44 -12.26 -9.58
C VAL M 120 80.35 -11.24 -8.44
N TRP M 121 79.34 -11.35 -7.60
CA TRP M 121 79.21 -10.41 -6.49
C TRP M 121 80.35 -10.59 -5.48
N ASP M 122 80.81 -11.82 -5.31
CA ASP M 122 81.89 -12.11 -4.40
C ASP M 122 83.11 -11.33 -4.87
N ALA M 123 83.37 -11.39 -6.16
CA ALA M 123 84.50 -10.69 -6.76
C ALA M 123 84.34 -9.19 -6.59
N VAL M 124 83.18 -8.67 -6.98
CA VAL M 124 82.89 -7.25 -6.88
C VAL M 124 83.17 -6.70 -5.49
N ALA M 125 82.68 -7.41 -4.47
CA ALA M 125 82.87 -6.98 -3.08
C ALA M 125 84.36 -7.01 -2.73
N LYS M 126 85.06 -8.04 -3.19
CA LYS M 126 86.50 -8.17 -2.93
C LYS M 126 87.27 -7.03 -3.60
N ILE M 127 86.91 -6.73 -4.85
CA ILE M 127 87.55 -5.64 -5.59
C ILE M 127 87.31 -4.31 -4.88
N ALA M 128 86.18 -4.18 -4.21
CA ALA M 128 85.85 -2.95 -3.48
C ALA M 128 86.42 -2.98 -2.07
N GLY M 129 86.98 -4.12 -1.70
CA GLY M 129 87.57 -4.27 -0.38
C GLY M 129 86.57 -4.22 0.77
N LYS M 130 85.33 -4.64 0.52
CA LYS M 130 84.32 -4.64 1.57
C LYS M 130 83.63 -5.99 1.68
N PRO M 131 82.99 -6.26 2.82
CA PRO M 131 82.29 -7.54 2.97
C PRO M 131 81.02 -7.36 2.11
N LEU M 132 80.66 -8.37 1.33
CA LEU M 132 79.47 -8.25 0.47
C LEU M 132 78.27 -7.62 1.16
N PHE M 133 77.97 -8.04 2.39
CA PHE M 133 76.81 -7.50 3.07
C PHE M 133 76.92 -6.00 3.36
N ARG M 134 78.13 -5.50 3.56
CA ARG M 134 78.33 -4.07 3.81
C ARG M 134 78.11 -3.32 2.51
N LEU M 135 78.68 -3.86 1.43
CA LEU M 135 78.55 -3.24 0.11
C LEU M 135 77.10 -3.16 -0.31
N LEU M 136 76.34 -4.21 -0.01
CA LEU M 136 74.92 -4.26 -0.35
C LEU M 136 74.14 -3.18 0.36
N ALA M 137 74.31 -3.09 1.67
CA ALA M 137 73.62 -2.08 2.46
C ALA M 137 73.94 -0.69 1.90
N GLU M 138 75.21 -0.48 1.58
CA GLU M 138 75.65 0.79 1.02
C GLU M 138 74.88 1.11 -0.26
N ARG M 139 74.92 0.20 -1.21
CA ARG M 139 74.22 0.38 -2.48
C ARG M 139 72.72 0.67 -2.31
N HIS M 140 72.13 0.21 -1.21
CA HIS M 140 70.72 0.45 -0.94
C HIS M 140 70.50 1.63 -0.01
N GLY M 141 71.58 2.24 0.46
CA GLY M 141 71.45 3.38 1.36
C GLY M 141 70.83 3.02 2.68
N VAL M 142 71.28 1.92 3.27
CA VAL M 142 70.79 1.47 4.56
C VAL M 142 71.97 0.96 5.37
N LYS M 143 71.76 0.78 6.67
CA LYS M 143 72.82 0.29 7.53
C LYS M 143 72.61 -1.19 7.76
N ALA M 144 73.60 -2.00 7.41
CA ALA M 144 73.49 -3.44 7.58
C ALA M 144 73.42 -3.80 9.05
N ASN M 145 73.08 -5.06 9.30
CA ASN M 145 73.00 -5.59 10.65
C ASN M 145 73.71 -6.93 10.59
N PRO M 146 74.80 -7.07 11.36
CA PRO M 146 75.56 -8.32 11.36
C PRO M 146 74.87 -9.56 11.96
N ARG M 147 73.95 -9.36 12.89
CA ARG M 147 73.28 -10.51 13.51
C ARG M 147 72.16 -11.12 12.64
N VAL M 148 72.38 -12.36 12.21
CA VAL M 148 71.43 -13.05 11.35
C VAL M 148 70.81 -14.29 11.98
N PHE M 149 69.49 -14.36 11.94
CA PHE M 149 68.78 -15.51 12.48
C PHE M 149 68.98 -16.72 11.56
N VAL M 150 69.23 -17.88 12.17
CA VAL M 150 69.41 -19.11 11.41
C VAL M 150 68.71 -20.27 12.11
N TYR M 151 68.16 -21.18 11.32
CA TYR M 151 67.47 -22.34 11.86
C TYR M 151 68.08 -23.60 11.26
N ALA M 152 68.04 -24.70 11.99
CA ALA M 152 68.61 -25.94 11.51
C ALA M 152 67.56 -26.78 10.76
N ALA M 153 67.89 -27.15 9.54
CA ALA M 153 66.98 -27.93 8.72
C ALA M 153 67.47 -29.36 8.52
N GLY M 154 66.61 -30.32 8.87
CA GLY M 154 66.95 -31.71 8.71
C GLY M 154 65.71 -32.56 8.90
N GLY M 155 65.79 -33.55 9.79
CA GLY M 155 64.66 -34.40 10.05
C GLY M 155 64.21 -35.15 8.82
N TYR M 156 65.16 -35.60 8.00
CA TYR M 156 64.82 -36.35 6.79
C TYR M 156 64.44 -37.78 7.12
N TYR M 157 63.82 -38.45 6.15
CA TYR M 157 63.44 -39.85 6.27
C TYR M 157 64.70 -40.58 5.83
N TYR M 158 65.16 -41.52 6.63
CA TYR M 158 66.38 -42.26 6.30
C TYR M 158 66.11 -43.74 6.54
N PRO M 159 66.63 -44.61 5.65
CA PRO M 159 66.41 -46.04 5.85
C PRO M 159 66.91 -46.53 7.21
N GLY M 160 65.99 -47.04 8.03
CA GLY M 160 66.34 -47.53 9.34
C GLY M 160 66.41 -46.47 10.44
N LYS M 161 65.97 -45.25 10.13
CA LYS M 161 65.98 -44.17 11.09
C LYS M 161 64.68 -44.17 11.90
N GLY M 162 64.80 -44.31 13.23
CA GLY M 162 63.61 -44.33 14.07
C GLY M 162 63.47 -43.06 14.92
N LEU M 163 62.46 -43.05 15.78
CA LEU M 163 62.23 -41.88 16.64
C LEU M 163 63.47 -41.55 17.46
N SER M 164 64.17 -42.60 17.90
CA SER M 164 65.39 -42.45 18.67
C SER M 164 66.37 -41.51 17.98
N MET M 165 66.77 -41.90 16.77
CA MET M 165 67.71 -41.10 15.97
C MET M 165 67.18 -39.72 15.61
N LEU M 166 65.91 -39.63 15.21
CA LEU M 166 65.31 -38.35 14.86
C LEU M 166 65.58 -37.42 16.03
N ARG M 167 65.24 -37.89 17.23
CA ARG M 167 65.44 -37.17 18.47
C ARG M 167 66.88 -36.72 18.62
N GLY M 168 67.80 -37.66 18.39
CA GLY M 168 69.21 -37.38 18.48
C GLY M 168 69.62 -36.25 17.57
N GLU M 169 69.22 -36.34 16.30
CA GLU M 169 69.52 -35.31 15.30
C GLU M 169 69.12 -33.94 15.79
N MET M 170 67.87 -33.80 16.24
CA MET M 170 67.37 -32.53 16.73
C MET M 170 68.17 -32.02 17.91
N ARG M 171 68.37 -32.89 18.91
CA ARG M 171 69.13 -32.51 20.09
C ARG M 171 70.52 -32.03 19.66
N GLY M 172 71.05 -32.69 18.63
CA GLY M 172 72.35 -32.32 18.10
C GLY M 172 72.32 -30.87 17.64
N TYR M 173 71.23 -30.45 17.01
CA TYR M 173 71.12 -29.07 16.54
C TYR M 173 71.04 -28.12 17.73
N LEU M 174 70.21 -28.44 18.71
CA LEU M 174 70.07 -27.58 19.88
C LEU M 174 71.42 -27.44 20.58
N ASP M 175 72.18 -28.53 20.62
CA ASP M 175 73.50 -28.50 21.25
C ASP M 175 74.39 -27.45 20.59
N ARG M 176 74.10 -27.19 19.32
CA ARG M 176 74.89 -26.22 18.58
C ARG M 176 74.39 -24.77 18.60
N GLY M 177 73.33 -24.50 19.36
CA GLY M 177 72.83 -23.12 19.46
C GLY M 177 71.55 -22.73 18.73
N TYR M 178 71.04 -23.61 17.87
CA TYR M 178 69.83 -23.30 17.15
C TYR M 178 68.66 -23.31 18.13
N ASN M 179 67.59 -22.59 17.81
CA ASN M 179 66.39 -22.54 18.65
C ASN M 179 65.15 -22.74 17.78
N VAL M 180 65.39 -23.22 16.58
CA VAL M 180 64.35 -23.52 15.62
C VAL M 180 64.89 -24.68 14.81
N VAL M 181 64.13 -25.76 14.76
CA VAL M 181 64.55 -26.92 13.99
C VAL M 181 63.44 -27.26 13.02
N LYS M 182 63.79 -27.91 11.91
CA LYS M 182 62.79 -28.30 10.93
C LYS M 182 62.93 -29.77 10.57
N MET M 183 61.78 -30.44 10.41
CA MET M 183 61.75 -31.85 10.04
C MET M 183 60.86 -32.10 8.84
N LYS M 184 61.10 -33.18 8.13
CA LYS M 184 60.30 -33.50 6.95
C LYS M 184 59.02 -34.24 7.37
N ILE M 185 57.97 -34.11 6.55
CA ILE M 185 56.69 -34.80 6.78
C ILE M 185 56.06 -35.10 5.41
N GLY M 186 55.14 -36.06 5.39
CA GLY M 186 54.47 -36.44 4.15
C GLY M 186 55.15 -37.58 3.41
N GLY M 187 56.08 -38.25 4.07
CA GLY M 187 56.76 -39.37 3.43
C GLY M 187 56.44 -40.66 4.16
N ALA M 188 55.46 -40.56 5.06
CA ALA M 188 55.01 -41.67 5.87
C ALA M 188 53.57 -41.36 6.22
N PRO M 189 52.82 -42.35 6.70
CA PRO M 189 51.42 -42.14 7.09
C PRO M 189 51.30 -41.02 8.12
N ILE M 190 50.33 -40.13 7.91
CA ILE M 190 50.11 -38.98 8.79
C ILE M 190 50.18 -39.28 10.28
N GLU M 191 49.64 -40.43 10.69
CA GLU M 191 49.69 -40.78 12.09
C GLU M 191 51.12 -41.10 12.51
N GLU M 192 51.88 -41.71 11.61
CA GLU M 192 53.27 -42.01 11.90
C GLU M 192 53.95 -40.65 12.06
N ASP M 193 53.67 -39.74 11.13
CA ASP M 193 54.25 -38.41 11.17
C ASP M 193 53.85 -37.67 12.44
N ARG M 194 52.63 -37.90 12.92
CA ARG M 194 52.21 -37.25 14.14
C ARG M 194 53.14 -37.75 15.23
N MET M 195 53.39 -39.06 15.21
CA MET M 195 54.26 -39.68 16.20
C MET M 195 55.62 -39.03 16.18
N ARG M 196 56.20 -38.92 14.99
CA ARG M 196 57.51 -38.29 14.81
C ARG M 196 57.52 -36.88 15.39
N ILE M 197 56.48 -36.12 15.06
CA ILE M 197 56.36 -34.75 15.52
C ILE M 197 56.29 -34.68 17.03
N GLU M 198 55.50 -35.57 17.63
CA GLU M 198 55.36 -35.61 19.08
C GLU M 198 56.71 -35.84 19.75
N ALA M 199 57.49 -36.76 19.18
CA ALA M 199 58.82 -37.11 19.71
C ALA M 199 59.79 -35.93 19.73
N VAL M 200 59.99 -35.30 18.57
CA VAL M 200 60.89 -34.16 18.42
C VAL M 200 60.40 -33.00 19.28
N LEU M 201 59.08 -32.85 19.34
CA LEU M 201 58.46 -31.79 20.09
C LEU M 201 58.77 -31.87 21.58
N GLU M 202 58.80 -33.09 22.10
CA GLU M 202 59.07 -33.28 23.52
C GLU M 202 60.57 -33.09 23.81
N GLU M 203 61.40 -33.60 22.90
CA GLU M 203 62.85 -33.51 23.03
C GLU M 203 63.34 -32.07 23.21
N ILE M 204 62.81 -31.15 22.42
CA ILE M 204 63.23 -29.76 22.50
C ILE M 204 62.52 -29.00 23.61
N GLY M 205 61.41 -29.55 24.10
CA GLY M 205 60.67 -28.91 25.16
C GLY M 205 60.44 -27.43 24.94
N LYS M 206 60.97 -26.60 25.85
CA LYS M 206 60.81 -25.14 25.74
C LYS M 206 62.10 -24.43 25.31
N ASP M 207 63.06 -25.20 24.82
CA ASP M 207 64.34 -24.62 24.40
C ASP M 207 64.37 -24.31 22.91
N ALA M 208 63.36 -24.75 22.19
CA ALA M 208 63.31 -24.52 20.75
C ALA M 208 61.92 -24.70 20.16
N GLN M 209 61.73 -24.18 18.95
CA GLN M 209 60.46 -24.29 18.26
C GLN M 209 60.64 -25.18 17.04
N LEU M 210 59.58 -25.88 16.67
CA LEU M 210 59.64 -26.81 15.55
C LEU M 210 58.92 -26.37 14.28
N ALA M 211 59.52 -26.66 13.13
CA ALA M 211 58.92 -26.32 11.84
C ALA M 211 58.84 -27.61 11.02
N VAL M 212 57.72 -27.80 10.31
CA VAL M 212 57.54 -29.01 9.50
C VAL M 212 57.52 -28.65 8.02
N ASP M 213 58.05 -29.54 7.19
CA ASP M 213 58.14 -29.29 5.75
C ASP M 213 57.63 -30.49 4.94
N ALA M 214 56.56 -30.28 4.19
CA ALA M 214 55.95 -31.34 3.37
C ALA M 214 56.52 -31.42 1.95
N ASN M 215 57.48 -30.54 1.65
CA ASN M 215 58.13 -30.50 0.34
C ASN M 215 57.19 -30.48 -0.87
N GLY M 216 56.05 -29.82 -0.71
CA GLY M 216 55.07 -29.69 -1.77
C GLY M 216 54.48 -30.98 -2.32
N ARG M 217 54.38 -31.99 -1.46
CA ARG M 217 53.87 -33.29 -1.88
C ARG M 217 52.35 -33.46 -1.80
N PHE M 218 51.71 -32.74 -0.88
CA PHE M 218 50.26 -32.85 -0.68
C PHE M 218 49.30 -32.24 -1.70
N ASN M 219 48.14 -32.89 -1.85
CA ASN M 219 47.09 -32.37 -2.70
C ASN M 219 46.23 -31.58 -1.72
N LEU M 220 45.17 -30.93 -2.18
CA LEU M 220 44.37 -30.13 -1.26
C LEU M 220 43.84 -30.86 -0.03
N GLU M 221 43.18 -31.99 -0.24
CA GLU M 221 42.63 -32.74 0.88
C GLU M 221 43.69 -33.22 1.88
N THR M 222 44.80 -33.75 1.38
CA THR M 222 45.87 -34.21 2.28
C THR M 222 46.43 -33.02 3.04
N GLY M 223 46.61 -31.89 2.34
CA GLY M 223 47.15 -30.71 2.98
C GLY M 223 46.27 -30.26 4.12
N ILE M 224 44.96 -30.37 3.92
CA ILE M 224 43.99 -29.98 4.94
C ILE M 224 44.00 -30.97 6.11
N ALA M 225 44.11 -32.26 5.79
CA ALA M 225 44.15 -33.29 6.82
C ALA M 225 45.32 -33.02 7.76
N TYR M 226 46.49 -32.84 7.17
CA TYR M 226 47.69 -32.55 7.94
C TYR M 226 47.54 -31.23 8.68
N ALA M 227 46.81 -30.30 8.09
CA ALA M 227 46.62 -28.99 8.71
C ALA M 227 45.86 -29.15 10.02
N LYS M 228 44.79 -29.95 9.97
CA LYS M 228 43.96 -30.19 11.15
C LYS M 228 44.76 -30.87 12.26
N MET M 229 45.69 -31.73 11.85
CA MET M 229 46.55 -32.45 12.79
C MET M 229 47.65 -31.53 13.31
N LEU M 230 48.30 -30.83 12.40
CA LEU M 230 49.39 -29.91 12.74
C LEU M 230 49.00 -28.72 13.60
N ARG M 231 47.82 -28.15 13.35
CA ARG M 231 47.39 -26.96 14.07
C ARG M 231 47.22 -27.12 15.58
N ASP M 232 47.18 -28.35 16.07
CA ASP M 232 47.03 -28.57 17.50
C ASP M 232 48.36 -28.43 18.23
N TYR M 233 49.45 -28.33 17.46
CA TYR M 233 50.78 -28.17 18.04
C TYR M 233 51.30 -26.76 17.78
N PRO M 234 52.11 -26.21 18.69
CA PRO M 234 52.68 -24.86 18.56
C PRO M 234 53.87 -24.79 17.62
N LEU M 235 53.66 -25.19 16.36
CA LEU M 235 54.70 -25.18 15.35
C LEU M 235 55.14 -23.78 14.92
N PHE M 236 56.39 -23.68 14.47
CA PHE M 236 56.95 -22.40 14.02
C PHE M 236 56.39 -22.09 12.63
N TRP M 237 56.30 -23.11 11.79
CA TRP M 237 55.72 -22.94 10.47
C TRP M 237 55.46 -24.26 9.74
N TYR M 238 54.49 -24.22 8.83
CA TYR M 238 54.09 -25.36 8.02
C TYR M 238 54.59 -24.97 6.62
N GLU M 239 55.63 -25.65 6.14
CA GLU M 239 56.25 -25.33 4.86
C GLU M 239 55.85 -26.14 3.63
N GLU M 240 55.81 -25.43 2.49
CA GLU M 240 55.48 -25.98 1.19
C GLU M 240 54.48 -27.14 1.24
N VAL M 241 53.23 -26.82 1.58
CA VAL M 241 52.18 -27.82 1.68
C VAL M 241 51.91 -28.55 0.37
N GLY M 242 51.54 -27.80 -0.68
CA GLY M 242 51.26 -28.40 -1.95
C GLY M 242 52.28 -28.02 -3.00
N ASP M 243 52.02 -28.37 -4.26
CA ASP M 243 52.91 -28.05 -5.37
C ASP M 243 53.26 -26.56 -5.31
N PRO M 244 54.52 -26.22 -5.60
CA PRO M 244 55.03 -24.83 -5.58
C PRO M 244 54.22 -23.85 -6.44
N LEU M 245 53.65 -24.35 -7.53
CA LEU M 245 52.89 -23.53 -8.45
C LEU M 245 51.36 -23.56 -8.28
N ASP M 246 50.86 -24.35 -7.33
CA ASP M 246 49.41 -24.44 -7.11
C ASP M 246 49.02 -23.36 -6.08
N TYR M 247 49.04 -22.12 -6.53
CA TYR M 247 48.72 -20.99 -5.69
C TYR M 247 47.31 -21.10 -5.08
N ALA M 248 46.38 -21.65 -5.84
CA ALA M 248 45.01 -21.79 -5.34
C ALA M 248 44.97 -22.73 -4.11
N LEU M 249 45.79 -23.78 -4.14
CA LEU M 249 45.85 -24.71 -3.04
C LEU M 249 46.37 -23.96 -1.81
N GLN M 250 47.49 -23.30 -1.97
CA GLN M 250 48.07 -22.54 -0.87
C GLN M 250 47.05 -21.56 -0.26
N ALA M 251 46.30 -20.87 -1.11
CA ALA M 251 45.30 -19.92 -0.64
C ALA M 251 44.18 -20.58 0.17
N ALA M 252 43.72 -21.73 -0.30
CA ALA M 252 42.65 -22.45 0.37
C ALA M 252 43.04 -22.92 1.77
N LEU M 253 44.33 -23.08 1.99
CA LEU M 253 44.81 -23.52 3.29
C LEU M 253 44.62 -22.54 4.43
N ALA M 254 44.60 -21.24 4.13
CA ALA M 254 44.44 -20.24 5.17
C ALA M 254 43.19 -20.46 6.03
N GLU M 255 42.17 -21.06 5.45
CA GLU M 255 40.92 -21.32 6.17
C GLU M 255 41.06 -22.40 7.24
N PHE M 256 42.05 -23.28 7.08
CA PHE M 256 42.25 -24.37 8.03
C PHE M 256 43.52 -24.27 8.88
N TYR M 257 44.42 -23.36 8.52
CA TYR M 257 45.67 -23.23 9.26
C TYR M 257 46.02 -21.78 9.56
N PRO M 258 45.65 -21.30 10.76
CA PRO M 258 45.91 -19.94 11.21
C PRO M 258 47.39 -19.65 11.43
N GLY M 259 48.12 -20.68 11.85
CA GLY M 259 49.55 -20.53 12.10
C GLY M 259 50.39 -20.23 10.87
N PRO M 260 51.57 -19.64 11.07
CA PRO M 260 52.45 -19.30 9.94
C PRO M 260 52.79 -20.45 8.99
N MET M 261 52.77 -20.14 7.69
CA MET M 261 53.11 -21.10 6.65
C MET M 261 54.26 -20.52 5.87
N ALA M 262 54.92 -21.35 5.06
CA ALA M 262 56.06 -20.89 4.29
C ALA M 262 56.15 -21.65 2.99
N THR M 263 56.79 -21.06 2.00
CA THR M 263 56.96 -21.69 0.71
C THR M 263 57.82 -20.78 -0.16
N GLY M 264 58.18 -21.25 -1.34
CA GLY M 264 58.97 -20.41 -2.23
C GLY M 264 60.33 -20.93 -2.65
N GLU M 265 60.88 -21.92 -1.94
CA GLU M 265 62.18 -22.46 -2.29
C GLU M 265 62.22 -22.95 -3.72
N ASN M 266 61.08 -23.38 -4.25
CA ASN M 266 61.06 -23.89 -5.61
C ASN M 266 60.52 -22.94 -6.68
N LEU M 267 60.47 -21.64 -6.35
CA LEU M 267 60.05 -20.64 -7.32
C LEU M 267 61.38 -19.96 -7.67
N PHE M 268 61.74 -19.94 -8.95
CA PHE M 268 63.04 -19.40 -9.31
C PHE M 268 63.15 -18.11 -10.13
N SER M 269 62.14 -17.23 -10.04
CA SER M 269 62.18 -15.97 -10.79
C SER M 269 61.31 -14.93 -10.09
N HIS M 270 61.57 -13.65 -10.37
CA HIS M 270 60.74 -12.62 -9.74
C HIS M 270 59.31 -12.74 -10.30
N GLN M 271 59.19 -13.24 -11.53
CA GLN M 271 57.86 -13.42 -12.12
C GLN M 271 57.07 -14.46 -11.34
N ASP M 272 57.73 -15.57 -11.00
CA ASP M 272 57.07 -16.63 -10.25
C ASP M 272 56.76 -16.13 -8.84
N ALA M 273 57.67 -15.33 -8.27
CA ALA M 273 57.46 -14.80 -6.94
C ALA M 273 56.27 -13.87 -6.97
N ARG M 274 56.13 -13.13 -8.06
CA ARG M 274 55.02 -12.19 -8.19
C ARG M 274 53.70 -12.94 -8.24
N ASN M 275 53.69 -14.10 -8.91
CA ASN M 275 52.45 -14.88 -8.99
C ASN M 275 52.05 -15.43 -7.63
N LEU M 276 53.03 -15.81 -6.81
CA LEU M 276 52.75 -16.30 -5.47
C LEU M 276 52.10 -15.21 -4.64
N LEU M 277 52.64 -14.00 -4.73
CA LEU M 277 52.08 -12.89 -3.98
C LEU M 277 50.72 -12.46 -4.50
N ARG M 278 50.46 -12.70 -5.78
CA ARG M 278 49.19 -12.34 -6.39
C ARG M 278 48.09 -13.36 -6.13
N TYR M 279 48.43 -14.65 -6.19
CA TYR M 279 47.41 -15.68 -6.04
C TYR M 279 47.51 -16.65 -4.87
N GLY M 280 48.66 -16.69 -4.21
CA GLY M 280 48.85 -17.62 -3.10
C GLY M 280 48.08 -17.38 -1.82
N GLY M 281 47.50 -16.21 -1.68
CA GLY M 281 46.73 -15.91 -0.48
C GLY M 281 47.51 -16.03 0.81
N MET M 282 48.81 -15.77 0.78
CA MET M 282 49.60 -15.85 2.00
C MET M 282 49.41 -14.62 2.86
N ARG M 283 49.63 -14.77 4.16
CA ARG M 283 49.46 -13.68 5.12
C ARG M 283 50.80 -12.99 5.32
N PRO M 284 50.92 -11.75 4.83
CA PRO M 284 52.17 -10.97 4.95
C PRO M 284 52.61 -10.62 6.37
N ASP M 285 51.74 -10.77 7.35
CA ASP M 285 52.12 -10.45 8.72
C ASP M 285 52.77 -11.63 9.43
N ARG M 286 52.67 -12.84 8.88
CA ARG M 286 53.23 -14.00 9.55
C ARG M 286 53.82 -15.12 8.72
N ASP M 287 53.60 -15.14 7.43
CA ASP M 287 54.17 -16.20 6.61
C ASP M 287 55.59 -15.88 6.18
N TRP M 288 56.28 -16.87 5.62
CA TRP M 288 57.66 -16.69 5.19
C TRP M 288 57.90 -17.06 3.73
N LEU M 289 58.69 -16.25 3.04
CA LEU M 289 59.02 -16.46 1.64
C LEU M 289 60.44 -17.02 1.60
N GLN M 290 60.60 -18.20 1.01
CA GLN M 290 61.89 -18.87 0.98
C GLN M 290 62.64 -18.91 -0.35
N PHE M 291 62.46 -17.88 -1.17
CA PHE M 291 63.16 -17.82 -2.46
C PHE M 291 64.67 -17.93 -2.20
N ASP M 292 65.37 -18.66 -3.06
CA ASP M 292 66.81 -18.88 -2.93
C ASP M 292 67.53 -18.25 -4.12
N CYS M 293 68.29 -17.19 -3.88
CA CYS M 293 68.97 -16.50 -4.98
C CYS M 293 69.92 -17.40 -5.76
N ALA M 294 70.55 -18.35 -5.07
CA ALA M 294 71.47 -19.27 -5.70
C ALA M 294 70.80 -20.13 -6.78
N LEU M 295 69.50 -20.35 -6.63
CA LEU M 295 68.76 -21.16 -7.60
C LEU M 295 67.86 -20.29 -8.48
N SER M 296 67.86 -18.99 -8.21
CA SER M 296 67.00 -18.07 -8.93
C SER M 296 67.66 -16.90 -9.65
N TYR M 297 68.61 -17.20 -10.54
CA TYR M 297 69.32 -16.17 -11.29
C TYR M 297 70.14 -15.19 -10.45
N GLY M 298 70.50 -15.61 -9.22
CA GLY M 298 71.33 -14.80 -8.35
C GLY M 298 70.75 -13.57 -7.66
N LEU M 299 71.64 -12.81 -7.02
CA LEU M 299 71.27 -11.61 -6.29
C LEU M 299 70.75 -10.50 -7.21
N CYS M 300 71.23 -10.45 -8.45
CA CYS M 300 70.75 -9.43 -9.39
C CYS M 300 69.26 -9.62 -9.60
N GLU M 301 68.84 -10.89 -9.61
CA GLU M 301 67.42 -11.22 -9.76
C GLU M 301 66.68 -11.07 -8.43
N TYR M 302 67.32 -11.51 -7.34
CA TYR M 302 66.71 -11.42 -6.01
C TYR M 302 66.31 -9.99 -5.70
N GLN M 303 67.10 -9.03 -6.16
CA GLN M 303 66.79 -7.63 -5.92
C GLN M 303 65.49 -7.26 -6.62
N ARG M 304 65.24 -7.87 -7.78
CA ARG M 304 64.00 -7.60 -8.50
C ARG M 304 62.84 -8.24 -7.73
N THR M 305 63.09 -9.41 -7.14
CA THR M 305 62.07 -10.09 -6.36
C THR M 305 61.72 -9.22 -5.15
N LEU M 306 62.73 -8.62 -4.53
CA LEU M 306 62.49 -7.77 -3.36
C LEU M 306 61.65 -6.59 -3.77
N GLU M 307 61.85 -6.13 -5.00
CA GLU M 307 61.08 -5.01 -5.52
C GLU M 307 59.62 -5.45 -5.67
N VAL M 308 59.41 -6.71 -6.07
CA VAL M 308 58.07 -7.25 -6.21
C VAL M 308 57.38 -7.25 -4.84
N LEU M 309 58.11 -7.64 -3.79
CA LEU M 309 57.55 -7.62 -2.44
C LEU M 309 57.04 -6.23 -2.10
N LYS M 310 57.83 -5.21 -2.45
CA LYS M 310 57.50 -3.81 -2.19
C LYS M 310 56.18 -3.42 -2.88
N THR M 311 56.03 -3.86 -4.12
CA THR M 311 54.84 -3.59 -4.89
C THR M 311 53.59 -4.25 -4.31
N HIS M 312 53.78 -5.31 -3.53
CA HIS M 312 52.64 -5.99 -2.93
C HIS M 312 52.48 -5.80 -1.43
N GLY M 313 53.24 -4.86 -0.86
CA GLY M 313 53.12 -4.57 0.56
C GLY M 313 53.82 -5.51 1.52
N TRP M 314 54.76 -6.32 1.04
CA TRP M 314 55.48 -7.25 1.91
C TRP M 314 56.80 -6.67 2.39
N SER M 315 57.17 -7.00 3.63
CA SER M 315 58.44 -6.55 4.19
C SER M 315 59.53 -7.55 3.85
N PRO M 316 60.76 -7.07 3.56
CA PRO M 316 61.84 -8.00 3.24
C PRO M 316 62.15 -8.90 4.42
N SER M 317 61.71 -8.50 5.61
CA SER M 317 61.93 -9.27 6.84
C SER M 317 61.11 -10.56 6.85
N ARG M 318 60.29 -10.76 5.83
CA ARG M 318 59.47 -11.96 5.72
C ARG M 318 60.22 -13.02 4.94
N CYS M 319 61.42 -12.66 4.49
CA CYS M 319 62.25 -13.56 3.72
C CYS M 319 63.28 -14.34 4.53
N ILE M 320 63.27 -15.65 4.35
CA ILE M 320 64.23 -16.54 5.01
C ILE M 320 64.57 -17.51 3.89
N PRO M 321 65.60 -17.18 3.11
CA PRO M 321 66.06 -17.98 1.97
C PRO M 321 66.39 -19.44 2.28
N HIS M 322 66.08 -20.29 1.32
CA HIS M 322 66.37 -21.71 1.42
C HIS M 322 67.80 -21.86 0.92
N GLY M 323 68.44 -23.00 1.19
CA GLY M 323 69.80 -23.18 0.71
C GLY M 323 70.90 -23.27 1.74
N GLY M 324 70.75 -22.56 2.86
CA GLY M 324 71.75 -22.60 3.91
C GLY M 324 73.16 -22.22 3.49
N HIS M 325 73.29 -21.26 2.57
CA HIS M 325 74.61 -20.83 2.13
C HIS M 325 74.93 -19.39 2.57
N GLN M 326 76.22 -19.05 2.56
CA GLN M 326 76.69 -17.74 2.98
C GLN M 326 76.23 -16.56 2.12
N MET M 327 75.91 -16.80 0.86
CA MET M 327 75.44 -15.72 -0.01
C MET M 327 74.19 -15.14 0.63
N SER M 328 73.28 -16.02 1.04
CA SER M 328 72.04 -15.60 1.69
C SER M 328 72.35 -14.85 2.98
N LEU M 329 73.30 -15.35 3.75
CA LEU M 329 73.69 -14.70 5.00
C LEU M 329 74.05 -13.26 4.74
N ASN M 330 74.80 -13.03 3.66
CA ASN M 330 75.20 -11.69 3.29
C ASN M 330 74.01 -10.82 2.88
N ILE M 331 73.13 -11.37 2.05
CA ILE M 331 71.97 -10.61 1.61
C ILE M 331 71.09 -10.27 2.81
N ALA M 332 70.94 -11.24 3.70
CA ALA M 332 70.12 -11.05 4.90
C ALA M 332 70.67 -9.92 5.77
N ALA M 333 71.98 -9.97 6.05
CA ALA M 333 72.62 -8.96 6.87
C ALA M 333 72.60 -7.57 6.22
N GLY M 334 72.80 -7.53 4.92
CA GLY M 334 72.80 -6.25 4.23
C GLY M 334 71.45 -5.61 3.89
N LEU M 335 70.50 -6.44 3.47
CA LEU M 335 69.19 -5.93 3.08
C LEU M 335 68.06 -6.13 4.07
N GLY M 336 68.37 -6.70 5.24
CA GLY M 336 67.35 -6.90 6.25
C GLY M 336 66.35 -8.02 6.06
N LEU M 337 66.80 -9.19 5.60
CA LEU M 337 65.91 -10.31 5.42
C LEU M 337 65.58 -10.85 6.81
N GLY M 338 64.63 -11.78 6.89
CA GLY M 338 64.24 -12.33 8.18
C GLY M 338 65.24 -13.31 8.79
N GLY M 339 66.12 -13.87 7.98
CA GLY M 339 67.10 -14.80 8.49
C GLY M 339 67.55 -15.72 7.38
N ASN M 340 68.12 -16.87 7.75
CA ASN M 340 68.59 -17.82 6.75
C ASN M 340 68.48 -19.26 7.23
N GLU M 341 68.39 -20.19 6.28
CA GLU M 341 68.31 -21.61 6.60
C GLU M 341 69.74 -22.09 6.83
N SER M 342 69.87 -23.17 7.59
CA SER M 342 71.18 -23.75 7.87
C SER M 342 71.11 -25.26 7.92
N TYR M 343 72.08 -25.88 7.25
CA TYR M 343 72.15 -27.32 7.18
C TYR M 343 73.35 -27.86 7.97
N PRO M 344 73.26 -27.88 9.31
CA PRO M 344 74.42 -28.43 10.02
C PRO M 344 74.54 -29.89 9.59
N ASP M 345 75.77 -30.39 9.53
CA ASP M 345 76.02 -31.77 9.13
C ASP M 345 75.15 -32.27 7.95
N LEU M 346 75.24 -31.57 6.82
CA LEU M 346 74.50 -31.93 5.61
C LEU M 346 74.88 -31.05 4.43
N PHE M 347 75.52 -31.65 3.43
CA PHE M 347 75.96 -30.98 2.21
C PHE M 347 77.34 -30.28 2.30
N GLN M 348 78.00 -30.39 3.46
CA GLN M 348 79.33 -29.78 3.69
C GLN M 348 80.41 -30.24 2.69
N PRO M 349 81.44 -29.40 2.46
CA PRO M 349 81.66 -28.08 3.05
C PRO M 349 80.84 -26.94 2.41
N TYR M 350 80.21 -27.23 1.29
CA TYR M 350 79.42 -26.26 0.53
C TYR M 350 78.24 -25.65 1.29
N GLY M 351 78.53 -24.87 2.33
CA GLY M 351 77.49 -24.24 3.11
C GLY M 351 78.03 -23.87 4.49
N GLY M 352 77.14 -23.72 5.46
CA GLY M 352 77.57 -23.40 6.81
C GLY M 352 78.19 -22.03 6.95
N PHE M 353 78.91 -21.85 8.06
CA PHE M 353 79.57 -20.58 8.36
C PHE M 353 81.10 -20.66 8.36
N PRO M 354 81.75 -19.50 8.54
CA PRO M 354 83.21 -19.45 8.56
C PRO M 354 83.77 -20.06 9.85
N ASP M 355 84.87 -20.78 9.71
CA ASP M 355 85.55 -21.40 10.86
C ASP M 355 85.60 -20.35 11.94
N GLY M 356 85.16 -20.68 13.14
CA GLY M 356 85.20 -19.70 14.21
C GLY M 356 83.85 -19.21 14.68
N VAL M 357 83.01 -18.70 13.76
CA VAL M 357 81.69 -18.19 14.12
C VAL M 357 80.76 -19.27 14.69
N ARG M 358 80.01 -18.93 15.73
CA ARG M 358 79.11 -19.90 16.35
C ARG M 358 77.67 -19.42 16.56
N VAL M 359 76.74 -20.37 16.51
CA VAL M 359 75.32 -20.10 16.69
C VAL M 359 74.96 -19.99 18.18
N GLU M 360 74.56 -18.79 18.60
CA GLU M 360 74.15 -18.58 19.99
C GLU M 360 72.75 -17.98 19.92
N ASN M 361 71.77 -18.70 20.43
CA ASN M 361 70.38 -18.25 20.39
C ASN M 361 69.86 -18.12 18.95
N GLY M 362 70.04 -19.18 18.15
CA GLY M 362 69.56 -19.15 16.79
C GLY M 362 70.10 -18.03 15.91
N HIS M 363 71.22 -17.43 16.31
CA HIS M 363 71.83 -16.35 15.53
C HIS M 363 73.34 -16.49 15.39
N ILE M 364 73.88 -15.85 14.35
CA ILE M 364 75.30 -15.84 14.10
C ILE M 364 75.62 -14.39 13.79
N THR M 365 76.89 -14.02 13.90
CA THR M 365 77.27 -12.65 13.61
C THR M 365 78.29 -12.68 12.48
N MET M 366 77.94 -12.03 11.38
CA MET M 366 78.80 -11.99 10.19
C MET M 366 80.13 -11.28 10.47
N PRO M 367 81.25 -12.00 10.29
CA PRO M 367 82.56 -11.38 10.50
C PRO M 367 82.82 -10.49 9.29
N ASP M 368 83.62 -9.44 9.46
CA ASP M 368 83.91 -8.55 8.34
C ASP M 368 84.97 -9.06 7.36
N LEU M 369 84.63 -10.15 6.67
CA LEU M 369 85.54 -10.74 5.70
C LEU M 369 85.20 -10.16 4.32
N PRO M 370 86.20 -9.98 3.46
CA PRO M 370 85.92 -9.42 2.14
C PRO M 370 85.09 -10.39 1.27
N GLY M 371 84.17 -9.84 0.48
CA GLY M 371 83.34 -10.68 -0.37
C GLY M 371 82.34 -11.47 0.44
N ILE M 372 81.98 -12.65 -0.05
CA ILE M 372 81.03 -13.52 0.64
C ILE M 372 81.62 -14.05 1.94
N GLY M 373 82.93 -14.22 1.96
CA GLY M 373 83.58 -14.71 3.17
C GLY M 373 83.92 -16.19 3.13
N PHE M 374 83.92 -16.77 1.95
CA PHE M 374 84.22 -18.19 1.81
C PHE M 374 85.61 -18.53 2.34
N GLU M 375 86.56 -17.60 2.21
CA GLU M 375 87.91 -17.82 2.69
C GLU M 375 87.96 -18.18 4.17
N GLY M 376 87.00 -17.67 4.94
CA GLY M 376 86.95 -17.96 6.36
C GLY M 376 86.63 -19.40 6.73
N LYS M 377 86.15 -20.17 5.75
CA LYS M 377 85.80 -21.58 5.97
C LYS M 377 86.82 -22.42 5.22
N SER M 378 87.90 -22.78 5.93
CA SER M 378 88.99 -23.55 5.35
C SER M 378 88.62 -24.77 4.53
N ASP M 379 87.79 -25.66 5.09
CA ASP M 379 87.40 -26.87 4.36
C ASP M 379 86.65 -26.60 3.06
N LEU M 380 86.00 -25.45 2.98
CA LEU M 380 85.26 -25.06 1.77
C LEU M 380 86.23 -24.37 0.82
N TYR M 381 86.96 -23.38 1.35
CA TYR M 381 87.92 -22.64 0.54
C TYR M 381 88.96 -23.55 -0.10
N LYS M 382 89.30 -24.64 0.59
CA LYS M 382 90.27 -25.59 0.07
C LYS M 382 89.78 -26.06 -1.30
N GLU M 383 88.50 -26.38 -1.36
CA GLU M 383 87.86 -26.84 -2.58
C GLU M 383 87.87 -25.77 -3.65
N MET M 384 87.59 -24.53 -3.24
CA MET M 384 87.54 -23.41 -4.16
C MET M 384 88.88 -23.02 -4.76
N LYS M 385 89.92 -22.90 -3.93
CA LYS M 385 91.22 -22.53 -4.47
C LYS M 385 91.78 -23.67 -5.31
N ALA M 386 91.23 -24.86 -5.11
CA ALA M 386 91.65 -26.03 -5.87
C ALA M 386 91.08 -25.92 -7.30
N LEU M 387 89.94 -25.26 -7.41
CA LEU M 387 89.28 -25.07 -8.71
C LEU M 387 90.01 -23.98 -9.47
N ALA M 388 90.26 -22.86 -8.80
CA ALA M 388 90.96 -21.74 -9.42
C ALA M 388 91.57 -20.85 -8.35
N GLU M 389 92.72 -20.28 -8.66
CA GLU M 389 93.42 -19.40 -7.72
C GLU M 389 94.11 -18.26 -8.45
N SER N 2 61.62 -60.47 -25.48
CA SER N 2 61.91 -59.52 -24.36
C SER N 2 62.10 -58.13 -24.95
N VAL N 3 61.74 -57.10 -24.16
CA VAL N 3 61.87 -55.71 -24.62
C VAL N 3 62.78 -54.88 -23.72
N ARG N 4 63.85 -54.34 -24.30
CA ARG N 4 64.79 -53.53 -23.54
C ARG N 4 65.35 -52.33 -24.29
N ILE N 5 65.44 -51.21 -23.59
CA ILE N 5 66.02 -50.01 -24.17
C ILE N 5 67.52 -50.24 -24.00
N VAL N 6 68.14 -50.58 -25.12
CA VAL N 6 69.55 -50.89 -25.18
C VAL N 6 70.43 -49.66 -25.04
N ASP N 7 69.97 -48.53 -25.58
CA ASP N 7 70.77 -47.32 -25.48
C ASP N 7 69.94 -46.07 -25.72
N VAL N 8 70.54 -44.93 -25.37
CA VAL N 8 69.97 -43.61 -25.56
C VAL N 8 71.15 -42.73 -25.97
N ARG N 9 71.25 -42.43 -27.26
CA ARG N 9 72.34 -41.59 -27.78
C ARG N 9 71.78 -40.19 -28.06
N GLU N 10 72.66 -39.18 -28.06
CA GLU N 10 72.25 -37.79 -28.30
C GLU N 10 73.38 -36.95 -28.87
N ILE N 11 73.16 -36.39 -30.07
CA ILE N 11 74.14 -35.51 -30.70
C ILE N 11 73.55 -34.10 -30.77
N THR N 12 74.35 -33.08 -30.46
CA THR N 12 73.86 -31.71 -30.50
C THR N 12 74.01 -31.08 -31.89
N LYS N 13 72.88 -30.78 -32.52
CA LYS N 13 72.84 -30.17 -33.86
C LYS N 13 72.66 -28.65 -33.76
N PRO N 14 73.33 -27.88 -34.64
CA PRO N 14 73.19 -26.43 -34.58
C PRO N 14 72.18 -25.92 -35.61
N ILE N 15 71.17 -25.21 -35.13
CA ILE N 15 70.16 -24.66 -36.02
C ILE N 15 70.09 -23.16 -35.77
N SER N 16 71.26 -22.54 -35.83
CA SER N 16 71.38 -21.11 -35.61
C SER N 16 71.45 -20.29 -36.91
N SER N 17 71.08 -19.02 -36.79
CA SER N 17 71.11 -18.07 -37.91
C SER N 17 70.89 -16.69 -37.31
N PRO N 18 71.14 -15.63 -38.11
CA PRO N 18 70.95 -14.27 -37.60
C PRO N 18 69.48 -13.84 -37.51
N ILE N 19 68.60 -14.83 -37.62
CA ILE N 19 67.15 -14.63 -37.53
C ILE N 19 66.89 -13.97 -36.17
N ARG N 20 65.93 -13.05 -36.09
CA ARG N 20 65.67 -12.37 -34.82
C ARG N 20 64.22 -12.00 -34.53
N ASN N 21 63.87 -12.01 -33.24
CA ASN N 21 62.54 -11.63 -32.79
C ASN N 21 62.67 -10.59 -31.67
N ALA N 22 61.54 -10.12 -31.16
CA ALA N 22 61.55 -9.10 -30.13
C ALA N 22 62.26 -9.43 -28.84
N TYR N 23 62.60 -10.69 -28.64
CA TYR N 23 63.26 -11.07 -27.40
C TYR N 23 64.62 -11.70 -27.65
N ILE N 24 64.70 -12.49 -28.73
CA ILE N 24 65.90 -13.24 -29.05
C ILE N 24 66.33 -13.25 -30.50
N ASP N 25 67.60 -13.60 -30.69
CA ASP N 25 68.13 -13.78 -32.05
C ASP N 25 68.66 -15.22 -31.97
N PHE N 26 68.64 -15.93 -33.08
CA PHE N 26 69.07 -17.33 -33.09
C PHE N 26 70.53 -17.59 -33.44
N THR N 27 71.38 -16.61 -33.16
CA THR N 27 72.81 -16.68 -33.42
C THR N 27 73.49 -17.95 -32.94
N LYS N 28 73.15 -18.40 -31.74
CA LYS N 28 73.77 -19.60 -31.17
C LYS N 28 72.79 -20.75 -30.95
N MET N 29 71.61 -20.66 -31.57
CA MET N 29 70.60 -21.69 -31.40
C MET N 29 71.04 -23.09 -31.77
N THR N 30 70.68 -24.05 -30.92
CA THR N 30 71.00 -25.46 -31.12
C THR N 30 69.79 -26.32 -30.77
N THR N 31 69.92 -27.63 -30.99
CA THR N 31 68.86 -28.56 -30.68
C THR N 31 69.44 -29.96 -30.45
N SER N 32 68.77 -30.76 -29.63
CA SER N 32 69.24 -32.11 -29.35
C SER N 32 68.52 -33.16 -30.18
N LEU N 33 69.30 -34.02 -30.84
CA LEU N 33 68.75 -35.11 -31.64
C LEU N 33 68.96 -36.34 -30.78
N VAL N 34 67.86 -37.02 -30.43
CA VAL N 34 67.94 -38.19 -29.58
C VAL N 34 67.47 -39.48 -30.25
N ALA N 35 68.10 -40.57 -29.84
CA ALA N 35 67.76 -41.88 -30.37
C ALA N 35 67.62 -42.87 -29.21
N VAL N 36 66.48 -43.55 -29.17
CA VAL N 36 66.23 -44.57 -28.17
C VAL N 36 66.34 -45.91 -28.89
N VAL N 37 67.47 -46.58 -28.68
CA VAL N 37 67.76 -47.85 -29.31
C VAL N 37 67.22 -49.02 -28.51
N THR N 38 66.38 -49.84 -29.13
CA THR N 38 65.79 -51.00 -28.46
C THR N 38 66.40 -52.28 -29.02
N ASP N 39 66.00 -53.42 -28.43
CA ASP N 39 66.50 -54.71 -28.88
C ASP N 39 65.40 -55.45 -29.63
N VAL N 40 64.24 -54.80 -29.76
CA VAL N 40 63.12 -55.40 -30.47
C VAL N 40 63.38 -55.32 -31.97
N VAL N 41 63.01 -56.37 -32.69
CA VAL N 41 63.23 -56.40 -34.13
C VAL N 41 61.93 -56.51 -34.92
N ARG N 42 61.77 -55.58 -35.86
CA ARG N 42 60.61 -55.53 -36.73
C ARG N 42 61.19 -55.32 -38.13
N GLU N 43 60.85 -56.20 -39.07
CA GLU N 43 61.37 -56.14 -40.44
C GLU N 43 62.83 -56.55 -40.48
N GLY N 44 63.23 -57.39 -39.54
CA GLY N 44 64.62 -57.84 -39.50
C GLY N 44 65.57 -56.71 -39.15
N LYS N 45 65.01 -55.57 -38.74
CA LYS N 45 65.80 -54.40 -38.36
C LYS N 45 65.43 -54.00 -36.93
N ARG N 46 66.43 -53.64 -36.14
CA ARG N 46 66.20 -53.25 -34.75
C ARG N 46 65.42 -51.93 -34.76
N VAL N 47 64.41 -51.84 -33.91
CA VAL N 47 63.60 -50.62 -33.84
C VAL N 47 64.30 -49.55 -32.98
N VAL N 48 64.41 -48.36 -33.55
CA VAL N 48 65.04 -47.23 -32.86
C VAL N 48 64.12 -46.02 -32.88
N GLY N 49 63.93 -45.42 -31.70
CA GLY N 49 63.08 -44.25 -31.60
C GLY N 49 63.91 -42.98 -31.75
N TYR N 50 63.35 -41.98 -32.40
CA TYR N 50 64.08 -40.73 -32.59
C TYR N 50 63.27 -39.54 -32.10
N GLY N 51 63.97 -38.45 -31.81
CA GLY N 51 63.32 -37.25 -31.34
C GLY N 51 64.31 -36.11 -31.27
N PHE N 52 63.79 -34.89 -31.19
CA PHE N 52 64.63 -33.71 -31.09
C PHE N 52 63.77 -32.60 -30.50
N ASN N 53 64.40 -31.63 -29.84
CA ASN N 53 63.61 -30.55 -29.23
C ASN N 53 63.42 -29.37 -30.17
N SER N 54 62.30 -28.68 -29.99
CA SER N 54 61.96 -27.51 -30.79
C SER N 54 62.98 -26.39 -30.66
N ASN N 55 62.92 -25.45 -31.59
CA ASN N 55 63.83 -24.32 -31.59
C ASN N 55 63.51 -23.38 -30.45
N GLY N 56 64.49 -22.57 -30.05
CA GLY N 56 64.26 -21.60 -29.00
C GLY N 56 64.80 -21.86 -27.62
N ARG N 57 64.88 -23.12 -27.21
CA ARG N 57 65.37 -23.40 -25.88
C ARG N 57 66.76 -24.03 -25.80
N TYR N 58 67.37 -24.27 -26.96
CA TYR N 58 68.73 -24.85 -27.03
C TYR N 58 68.76 -26.36 -26.75
N GLY N 59 69.87 -26.99 -27.12
CA GLY N 59 70.02 -28.42 -26.90
C GLY N 59 70.22 -28.72 -25.43
N GLN N 60 69.99 -29.96 -25.04
CA GLN N 60 70.13 -30.37 -23.64
C GLN N 60 71.01 -31.62 -23.48
N GLY N 61 72.11 -31.66 -24.24
CA GLY N 61 73.00 -32.81 -24.16
C GLY N 61 73.42 -33.14 -22.75
N GLY N 62 73.87 -32.14 -22.01
CA GLY N 62 74.29 -32.37 -20.64
C GLY N 62 73.25 -33.08 -19.79
N LEU N 63 72.07 -32.50 -19.68
CA LEU N 63 70.99 -33.08 -18.88
C LEU N 63 70.60 -34.47 -19.34
N ILE N 64 70.48 -34.67 -20.65
CA ILE N 64 70.11 -35.97 -21.18
C ILE N 64 71.12 -37.03 -20.75
N ARG N 65 72.41 -36.70 -20.85
CA ARG N 65 73.48 -37.63 -20.48
C ARG N 65 73.66 -37.92 -18.99
N GLU N 66 73.61 -36.89 -18.16
CA GLU N 66 73.86 -37.05 -16.75
C GLU N 66 72.67 -37.29 -15.84
N ARG N 67 71.46 -37.30 -16.40
CA ARG N 67 70.31 -37.49 -15.54
C ARG N 67 69.14 -38.29 -16.11
N PHE N 68 68.73 -37.98 -17.33
CA PHE N 68 67.57 -38.65 -17.92
C PHE N 68 67.83 -39.86 -18.82
N ALA N 69 68.88 -39.83 -19.63
CA ALA N 69 69.19 -40.99 -20.48
C ALA N 69 69.90 -41.93 -19.54
N SER N 70 70.24 -41.38 -18.38
CA SER N 70 70.90 -42.07 -17.30
C SER N 70 69.93 -43.08 -16.69
N ARG N 71 69.02 -42.58 -15.85
CA ARG N 71 68.04 -43.42 -15.19
C ARG N 71 67.32 -44.38 -16.12
N ILE N 72 67.05 -43.96 -17.35
CA ILE N 72 66.34 -44.84 -18.27
C ILE N 72 67.11 -46.13 -18.48
N LEU N 73 68.42 -46.03 -18.73
CA LEU N 73 69.28 -47.20 -18.96
C LEU N 73 69.51 -48.06 -17.70
N GLU N 74 69.80 -47.42 -16.57
CA GLU N 74 70.05 -48.14 -15.34
C GLU N 74 68.77 -48.53 -14.61
N ALA N 75 67.70 -48.70 -15.38
CA ALA N 75 66.43 -49.10 -14.82
C ALA N 75 66.14 -50.54 -15.24
N ASP N 76 65.42 -51.26 -14.39
CA ASP N 76 65.05 -52.65 -14.66
C ASP N 76 64.01 -52.67 -15.78
N PRO N 77 64.40 -53.14 -16.99
CA PRO N 77 63.53 -53.21 -18.18
C PRO N 77 62.23 -53.99 -18.00
N LYS N 78 62.22 -54.92 -17.06
CA LYS N 78 61.03 -55.72 -16.78
C LYS N 78 59.96 -54.82 -16.15
N LYS N 79 60.38 -53.67 -15.61
CA LYS N 79 59.46 -52.73 -14.97
C LYS N 79 59.06 -51.53 -15.83
N LEU N 80 59.38 -51.58 -17.12
CA LEU N 80 59.06 -50.50 -18.03
C LEU N 80 58.16 -50.99 -19.15
N LEU N 81 57.50 -52.13 -18.92
CA LEU N 81 56.63 -52.71 -19.95
C LEU N 81 55.15 -52.63 -19.61
N ASN N 82 54.32 -52.80 -20.64
CA ASN N 82 52.88 -52.76 -20.46
C ASN N 82 52.43 -54.05 -19.80
N GLU N 83 51.11 -54.23 -19.66
CA GLU N 83 50.55 -55.43 -19.05
C GLU N 83 51.03 -56.69 -19.77
N ALA N 84 50.86 -56.70 -21.08
CA ALA N 84 51.25 -57.85 -21.90
C ALA N 84 52.76 -58.10 -21.91
N GLY N 85 53.54 -57.08 -21.57
CA GLY N 85 54.99 -57.23 -21.55
C GLY N 85 55.58 -57.35 -22.94
N ASP N 86 54.80 -57.00 -23.96
CA ASP N 86 55.29 -57.07 -25.34
C ASP N 86 55.70 -55.72 -25.91
N ASN N 87 55.63 -54.67 -25.10
CA ASN N 87 56.00 -53.33 -25.54
C ASN N 87 56.32 -52.43 -24.33
N LEU N 88 57.02 -51.33 -24.59
CA LEU N 88 57.39 -50.38 -23.56
C LEU N 88 56.16 -49.57 -23.14
N ASP N 89 56.11 -49.21 -21.87
CA ASP N 89 55.02 -48.38 -21.37
C ASP N 89 55.60 -46.96 -21.27
N PRO N 90 55.17 -46.06 -22.16
CA PRO N 90 55.66 -44.68 -22.17
C PRO N 90 55.69 -44.03 -20.77
N ASP N 91 54.57 -44.12 -20.07
CA ASP N 91 54.46 -43.53 -18.74
C ASP N 91 55.41 -44.14 -17.71
N LYS N 92 55.70 -45.43 -17.84
CA LYS N 92 56.60 -46.05 -16.90
C LYS N 92 58.02 -45.54 -17.16
N VAL N 93 58.35 -45.38 -18.44
CA VAL N 93 59.67 -44.88 -18.80
C VAL N 93 59.78 -43.44 -18.31
N TRP N 94 58.71 -42.66 -18.51
CA TRP N 94 58.67 -41.27 -18.08
C TRP N 94 58.92 -41.20 -16.57
N ALA N 95 58.13 -41.96 -15.81
CA ALA N 95 58.26 -41.98 -14.37
C ALA N 95 59.67 -42.36 -13.99
N ALA N 96 60.23 -43.30 -14.76
CA ALA N 96 61.58 -43.76 -14.51
C ALA N 96 62.60 -42.62 -14.58
N MET N 97 62.51 -41.77 -15.60
CA MET N 97 63.47 -40.69 -15.72
C MET N 97 63.17 -39.47 -14.86
N MET N 98 61.99 -39.44 -14.25
CA MET N 98 61.63 -38.31 -13.40
C MET N 98 61.82 -38.55 -11.89
N ILE N 99 62.39 -39.70 -11.52
CA ILE N 99 62.62 -39.97 -10.10
C ILE N 99 63.69 -39.03 -9.56
N ASN N 100 63.48 -38.56 -8.34
CA ASN N 100 64.42 -37.66 -7.69
C ASN N 100 64.53 -36.28 -8.32
N GLU N 101 63.45 -35.85 -8.94
CA GLU N 101 63.39 -34.53 -9.56
C GLU N 101 62.43 -33.73 -8.68
N LYS N 102 62.90 -32.64 -8.07
CA LYS N 102 62.03 -31.82 -7.22
C LYS N 102 61.03 -31.00 -8.05
N PRO N 103 59.86 -30.69 -7.47
CA PRO N 103 58.82 -29.92 -8.16
C PRO N 103 59.23 -28.50 -8.55
N GLY N 104 58.48 -27.90 -9.45
CA GLY N 104 58.79 -26.56 -9.91
C GLY N 104 60.02 -26.56 -10.81
N GLY N 105 60.49 -25.37 -11.19
CA GLY N 105 61.65 -25.27 -12.05
C GLY N 105 61.48 -25.98 -13.36
N HIS N 106 60.30 -25.85 -13.95
CA HIS N 106 60.03 -26.52 -15.20
C HIS N 106 60.66 -25.79 -16.37
N GLY N 107 61.94 -26.05 -16.56
CA GLY N 107 62.71 -25.44 -17.63
C GLY N 107 64.04 -26.17 -17.81
N GLU N 108 64.46 -26.28 -19.06
CA GLU N 108 65.70 -26.97 -19.38
C GLU N 108 65.47 -28.47 -19.33
N ARG N 109 65.28 -29.01 -18.14
CA ARG N 109 65.07 -30.44 -17.96
C ARG N 109 63.77 -30.88 -18.62
N SER N 110 62.82 -29.95 -18.73
CA SER N 110 61.54 -30.24 -19.35
C SER N 110 61.76 -30.48 -20.85
N VAL N 111 62.82 -29.88 -21.37
CA VAL N 111 63.17 -30.01 -22.78
C VAL N 111 63.89 -31.35 -22.98
N ALA N 112 64.75 -31.68 -22.03
CA ALA N 112 65.49 -32.94 -22.07
C ALA N 112 64.51 -34.12 -22.00
N VAL N 113 63.69 -34.12 -20.97
CA VAL N 113 62.72 -35.20 -20.81
C VAL N 113 61.74 -35.23 -21.98
N GLY N 114 61.33 -34.05 -22.43
CA GLY N 114 60.39 -33.98 -23.54
C GLY N 114 60.92 -34.58 -24.82
N THR N 115 62.18 -34.31 -25.13
CA THR N 115 62.77 -34.84 -26.34
C THR N 115 63.04 -36.35 -26.24
N ILE N 116 63.36 -36.84 -25.04
CA ILE N 116 63.57 -38.28 -24.85
C ILE N 116 62.21 -38.98 -24.99
N ASP N 117 61.20 -38.38 -24.37
CA ASP N 117 59.84 -38.89 -24.40
C ASP N 117 59.37 -39.03 -25.85
N MET N 118 59.75 -38.08 -26.70
CA MET N 118 59.36 -38.12 -28.10
C MET N 118 59.84 -39.43 -28.71
N ALA N 119 61.12 -39.72 -28.50
CA ALA N 119 61.75 -40.94 -29.01
C ALA N 119 61.10 -42.19 -28.43
N VAL N 120 60.81 -42.17 -27.12
CA VAL N 120 60.18 -43.33 -26.49
C VAL N 120 58.85 -43.68 -27.16
N TRP N 121 58.01 -42.68 -27.38
CA TRP N 121 56.72 -42.94 -28.02
C TRP N 121 56.91 -43.40 -29.46
N ASP N 122 57.93 -42.86 -30.12
CA ASP N 122 58.22 -43.23 -31.50
C ASP N 122 58.52 -44.73 -31.53
N ALA N 123 59.32 -45.18 -30.58
CA ALA N 123 59.69 -46.58 -30.48
C ALA N 123 58.46 -47.43 -30.17
N VAL N 124 57.70 -47.04 -29.16
CA VAL N 124 56.51 -47.77 -28.76
C VAL N 124 55.56 -48.00 -29.94
N ALA N 125 55.31 -46.95 -30.71
CA ALA N 125 54.41 -47.05 -31.87
C ALA N 125 55.00 -48.00 -32.91
N LYS N 126 56.31 -47.92 -33.12
CA LYS N 126 56.98 -48.79 -34.08
C LYS N 126 56.90 -50.24 -33.62
N ILE N 127 57.12 -50.48 -32.34
CA ILE N 127 57.04 -51.83 -31.77
C ILE N 127 55.62 -52.38 -31.94
N ALA N 128 54.63 -51.50 -31.92
CA ALA N 128 53.24 -51.91 -32.06
C ALA N 128 52.85 -51.96 -33.53
N GLY N 129 53.77 -51.53 -34.38
CA GLY N 129 53.51 -51.54 -35.82
C GLY N 129 52.42 -50.60 -36.29
N LYS N 130 52.20 -49.50 -35.56
CA LYS N 130 51.17 -48.54 -35.94
C LYS N 130 51.73 -47.12 -35.99
N PRO N 131 51.04 -46.21 -36.70
CA PRO N 131 51.51 -44.83 -36.77
C PRO N 131 51.17 -44.25 -35.40
N LEU N 132 52.09 -43.49 -34.81
CA LEU N 132 51.84 -42.94 -33.47
C LEU N 132 50.45 -42.33 -33.30
N PHE N 133 50.00 -41.55 -34.27
CA PHE N 133 48.69 -40.94 -34.14
C PHE N 133 47.54 -41.93 -34.09
N ARG N 134 47.69 -43.08 -34.75
CA ARG N 134 46.65 -44.12 -34.72
C ARG N 134 46.66 -44.78 -33.34
N LEU N 135 47.86 -45.06 -32.84
CA LEU N 135 48.01 -45.69 -31.53
C LEU N 135 47.45 -44.81 -30.44
N LEU N 136 47.64 -43.50 -30.57
CA LEU N 136 47.15 -42.55 -29.59
C LEU N 136 45.64 -42.54 -29.54
N ALA N 137 45.01 -42.41 -30.70
CA ALA N 137 43.56 -42.40 -30.78
C ALA N 137 43.01 -43.68 -30.13
N GLU N 138 43.65 -44.81 -30.45
CA GLU N 138 43.25 -46.09 -29.90
C GLU N 138 43.25 -46.05 -28.38
N ARG N 139 44.40 -45.69 -27.81
CA ARG N 139 44.55 -45.60 -26.36
C ARG N 139 43.51 -44.70 -25.71
N HIS N 140 42.99 -43.72 -26.45
CA HIS N 140 41.99 -42.81 -25.92
C HIS N 140 40.58 -43.21 -26.30
N GLY N 141 40.45 -44.27 -27.09
CA GLY N 141 39.14 -44.73 -27.50
C GLY N 141 38.44 -43.74 -28.39
N VAL N 142 39.16 -43.20 -29.37
CA VAL N 142 38.59 -42.24 -30.30
C VAL N 142 39.13 -42.55 -31.69
N LYS N 143 38.53 -41.94 -32.72
CA LYS N 143 38.94 -42.14 -34.10
C LYS N 143 39.90 -41.03 -34.57
N ALA N 144 41.18 -41.37 -34.67
CA ALA N 144 42.17 -40.40 -35.10
C ALA N 144 41.78 -39.79 -36.45
N ASN N 145 42.28 -38.59 -36.71
CA ASN N 145 42.00 -37.88 -37.95
C ASN N 145 43.34 -37.49 -38.57
N PRO N 146 43.52 -37.80 -39.86
CA PRO N 146 44.77 -37.48 -40.55
C PRO N 146 44.85 -36.05 -41.12
N ARG N 147 43.73 -35.35 -41.18
CA ARG N 147 43.71 -34.00 -41.72
C ARG N 147 44.09 -32.97 -40.65
N VAL N 148 45.37 -32.62 -40.59
CA VAL N 148 45.85 -31.66 -39.60
C VAL N 148 46.12 -30.26 -40.15
N PHE N 149 45.55 -29.26 -39.49
CA PHE N 149 45.75 -27.89 -39.89
C PHE N 149 47.16 -27.46 -39.53
N VAL N 150 47.82 -26.75 -40.45
CA VAL N 150 49.17 -26.27 -40.21
C VAL N 150 49.31 -24.85 -40.76
N TYR N 151 50.10 -24.03 -40.06
CA TYR N 151 50.32 -22.64 -40.48
C TYR N 151 51.81 -22.42 -40.60
N ALA N 152 52.21 -21.51 -41.47
CA ALA N 152 53.63 -21.22 -41.67
C ALA N 152 54.09 -20.09 -40.74
N ALA N 153 55.13 -20.36 -39.97
CA ALA N 153 55.67 -19.37 -39.03
C ALA N 153 57.01 -18.85 -39.48
N GLY N 154 57.11 -17.53 -39.58
CA GLY N 154 58.36 -16.91 -40.00
C GLY N 154 58.28 -15.41 -39.77
N GLY N 155 58.57 -14.64 -40.81
CA GLY N 155 58.52 -13.20 -40.68
C GLY N 155 59.45 -12.66 -39.61
N TYR N 156 60.65 -13.24 -39.52
CA TYR N 156 61.64 -12.80 -38.54
C TYR N 156 62.32 -11.51 -39.00
N TYR N 157 62.99 -10.86 -38.06
CA TYR N 157 63.72 -9.65 -38.36
C TYR N 157 65.07 -10.20 -38.79
N TYR N 158 65.58 -9.74 -39.93
CA TYR N 158 66.85 -10.21 -40.44
C TYR N 158 67.67 -8.99 -40.87
N PRO N 159 68.99 -9.02 -40.62
CA PRO N 159 69.81 -7.88 -41.04
C PRO N 159 69.71 -7.62 -42.54
N GLY N 160 69.24 -6.43 -42.90
CA GLY N 160 69.11 -6.08 -44.31
C GLY N 160 67.83 -6.57 -44.98
N LYS N 161 66.90 -7.10 -44.20
CA LYS N 161 65.64 -7.61 -44.74
C LYS N 161 64.62 -6.47 -44.78
N GLY N 162 64.09 -6.18 -45.96
CA GLY N 162 63.10 -5.12 -46.10
C GLY N 162 61.71 -5.62 -46.40
N LEU N 163 60.77 -4.71 -46.62
CA LEU N 163 59.40 -5.10 -46.91
C LEU N 163 59.35 -6.02 -48.11
N SER N 164 60.21 -5.75 -49.08
CA SER N 164 60.29 -6.55 -50.29
C SER N 164 60.45 -8.02 -49.95
N MET N 165 61.52 -8.35 -49.22
CA MET N 165 61.80 -9.72 -48.83
C MET N 165 60.75 -10.32 -47.93
N LEU N 166 60.28 -9.54 -46.96
CA LEU N 166 59.25 -10.02 -46.04
C LEU N 166 58.11 -10.55 -46.92
N ARG N 167 57.69 -9.72 -47.86
CA ARG N 167 56.64 -10.06 -48.80
C ARG N 167 56.95 -11.37 -49.50
N GLY N 168 58.17 -11.47 -50.02
CA GLY N 168 58.59 -12.67 -50.71
C GLY N 168 58.43 -13.91 -49.85
N GLU N 169 58.94 -13.82 -48.63
CA GLU N 169 58.87 -14.94 -47.68
C GLU N 169 57.43 -15.43 -47.55
N MET N 170 56.53 -14.51 -47.25
CA MET N 170 55.12 -14.86 -47.09
C MET N 170 54.56 -15.50 -48.35
N ARG N 171 54.76 -14.86 -49.51
CA ARG N 171 54.26 -15.39 -50.76
C ARG N 171 54.81 -16.80 -50.95
N GLY N 172 56.06 -17.01 -50.52
CA GLY N 172 56.66 -18.31 -50.62
C GLY N 172 55.85 -19.35 -49.87
N TYR N 173 55.35 -18.95 -48.70
CA TYR N 173 54.55 -19.87 -47.90
C TYR N 173 53.23 -20.17 -48.59
N LEU N 174 52.57 -19.12 -49.08
CA LEU N 174 51.30 -19.32 -49.79
C LEU N 174 51.48 -20.24 -50.98
N ASP N 175 52.62 -20.09 -51.68
CA ASP N 175 52.91 -20.92 -52.84
C ASP N 175 52.93 -22.40 -52.46
N ARG N 176 53.21 -22.69 -51.19
CA ARG N 176 53.25 -24.07 -50.76
C ARG N 176 52.03 -24.58 -49.99
N GLY N 177 50.87 -23.96 -50.22
CA GLY N 177 49.65 -24.41 -49.56
C GLY N 177 49.11 -23.63 -48.36
N TYR N 178 49.97 -23.39 -47.37
CA TYR N 178 49.60 -22.66 -46.16
C TYR N 178 48.65 -21.48 -46.41
N ASN N 179 47.49 -21.50 -45.79
CA ASN N 179 46.52 -20.41 -45.96
C ASN N 179 46.50 -19.50 -44.74
N VAL N 180 47.47 -19.68 -43.85
CA VAL N 180 47.61 -18.87 -42.65
C VAL N 180 49.09 -18.75 -42.30
N VAL N 181 49.60 -17.52 -42.23
CA VAL N 181 51.02 -17.26 -41.91
C VAL N 181 51.24 -16.42 -40.65
N LYS N 182 52.44 -16.53 -40.06
CA LYS N 182 52.76 -15.78 -38.83
C LYS N 182 54.09 -15.03 -38.90
N MET N 183 54.06 -13.72 -38.64
CA MET N 183 55.26 -12.88 -38.67
C MET N 183 55.61 -12.33 -37.29
N LYS N 184 56.85 -11.89 -37.09
CA LYS N 184 57.27 -11.33 -35.80
C LYS N 184 56.91 -9.86 -35.64
N ILE N 185 56.89 -9.37 -34.40
CA ILE N 185 56.61 -7.96 -34.16
C ILE N 185 57.25 -7.54 -32.85
N GLY N 186 57.41 -6.22 -32.65
CA GLY N 186 58.00 -5.73 -31.42
C GLY N 186 59.52 -5.63 -31.41
N GLY N 187 60.15 -5.94 -32.55
CA GLY N 187 61.60 -5.82 -32.65
C GLY N 187 61.94 -4.59 -33.48
N ALA N 188 61.05 -3.62 -33.41
CA ALA N 188 61.16 -2.35 -34.14
C ALA N 188 60.04 -1.41 -33.67
N PRO N 189 60.25 -0.09 -33.77
CA PRO N 189 59.24 0.88 -33.34
C PRO N 189 57.86 0.51 -33.85
N ILE N 190 56.84 0.77 -33.03
CA ILE N 190 55.49 0.40 -33.39
C ILE N 190 55.07 0.72 -34.82
N GLU N 191 55.10 1.99 -35.20
CA GLU N 191 54.69 2.37 -36.56
C GLU N 191 55.44 1.63 -37.66
N GLU N 192 56.67 1.22 -37.38
CA GLU N 192 57.45 0.49 -38.38
C GLU N 192 56.83 -0.90 -38.53
N ASP N 193 56.51 -1.52 -37.39
CA ASP N 193 55.89 -2.83 -37.44
C ASP N 193 54.56 -2.72 -38.18
N ARG N 194 53.90 -1.57 -38.07
CA ARG N 194 52.63 -1.36 -38.77
C ARG N 194 52.80 -1.54 -40.27
N MET N 195 53.84 -0.90 -40.82
CA MET N 195 54.12 -0.97 -42.25
C MET N 195 54.48 -2.38 -42.72
N ARG N 196 55.12 -3.15 -41.86
CA ARG N 196 55.50 -4.51 -42.23
C ARG N 196 54.26 -5.37 -42.30
N ILE N 197 53.39 -5.21 -41.30
CA ILE N 197 52.15 -5.96 -41.27
C ILE N 197 51.33 -5.63 -42.51
N GLU N 198 51.14 -4.33 -42.75
CA GLU N 198 50.37 -3.89 -43.90
C GLU N 198 50.86 -4.45 -45.24
N ALA N 199 52.17 -4.62 -45.35
CA ALA N 199 52.76 -5.16 -46.57
C ALA N 199 52.39 -6.64 -46.70
N VAL N 200 52.47 -7.38 -45.60
CA VAL N 200 52.14 -8.80 -45.62
C VAL N 200 50.65 -9.02 -45.91
N LEU N 201 49.79 -8.19 -45.33
CA LEU N 201 48.33 -8.30 -45.54
C LEU N 201 48.02 -7.93 -46.98
N GLU N 202 48.80 -6.99 -47.52
CA GLU N 202 48.65 -6.51 -48.88
C GLU N 202 49.07 -7.62 -49.84
N GLU N 203 50.20 -8.26 -49.52
CA GLU N 203 50.77 -9.34 -50.31
C GLU N 203 49.89 -10.58 -50.35
N ILE N 204 49.36 -10.98 -49.21
CA ILE N 204 48.52 -12.17 -49.14
C ILE N 204 47.07 -11.90 -49.56
N GLY N 205 46.68 -10.62 -49.54
CA GLY N 205 45.34 -10.26 -49.92
C GLY N 205 44.26 -11.10 -49.27
N LYS N 206 43.49 -11.82 -50.09
CA LYS N 206 42.42 -12.66 -49.60
C LYS N 206 42.73 -14.16 -49.68
N ASP N 207 43.99 -14.48 -49.92
CA ASP N 207 44.39 -15.89 -50.03
C ASP N 207 44.93 -16.44 -48.72
N ALA N 208 45.11 -15.58 -47.72
CA ALA N 208 45.62 -16.05 -46.44
C ALA N 208 45.37 -15.05 -45.31
N GLN N 209 45.49 -15.54 -44.08
CA GLN N 209 45.30 -14.70 -42.91
C GLN N 209 46.63 -14.55 -42.20
N LEU N 210 46.81 -13.40 -41.53
CA LEU N 210 48.05 -13.10 -40.84
C LEU N 210 47.99 -13.16 -39.32
N ALA N 211 49.05 -13.68 -38.71
CA ALA N 211 49.15 -13.75 -37.27
C ALA N 211 50.45 -13.06 -36.84
N VAL N 212 50.39 -12.27 -35.77
CA VAL N 212 51.57 -11.54 -35.28
C VAL N 212 52.03 -12.11 -33.94
N ASP N 213 53.34 -12.12 -33.72
CA ASP N 213 53.92 -12.67 -32.50
C ASP N 213 54.93 -11.71 -31.85
N ALA N 214 54.63 -11.23 -30.65
CA ALA N 214 55.50 -10.30 -29.91
C ALA N 214 56.50 -11.00 -29.01
N ASN N 215 56.48 -12.33 -29.03
CA ASN N 215 57.42 -13.12 -28.23
C ASN N 215 57.53 -12.75 -26.75
N GLY N 216 56.41 -12.29 -26.18
CA GLY N 216 56.38 -11.92 -24.78
C GLY N 216 57.29 -10.78 -24.36
N ARG N 217 57.55 -9.87 -25.28
CA ARG N 217 58.44 -8.76 -24.99
C ARG N 217 57.78 -7.52 -24.37
N PHE N 218 56.48 -7.33 -24.60
CA PHE N 218 55.78 -6.14 -24.11
C PHE N 218 55.36 -6.08 -22.66
N ASN N 219 55.36 -4.86 -22.11
CA ASN N 219 54.87 -4.63 -20.75
C ASN N 219 53.38 -4.29 -20.99
N LEU N 220 52.63 -4.04 -19.93
CA LEU N 220 51.22 -3.76 -20.12
C LEU N 220 50.90 -2.62 -21.07
N GLU N 221 51.51 -1.45 -20.85
CA GLU N 221 51.24 -0.32 -21.71
C GLU N 221 51.59 -0.54 -23.17
N THR N 222 52.75 -1.13 -23.42
CA THR N 222 53.16 -1.40 -24.79
C THR N 222 52.20 -2.40 -25.43
N GLY N 223 51.83 -3.41 -24.67
CA GLY N 223 50.92 -4.41 -25.18
C GLY N 223 49.60 -3.80 -25.59
N ILE N 224 49.14 -2.82 -24.82
CA ILE N 224 47.89 -2.14 -25.11
C ILE N 224 48.04 -1.24 -26.33
N ALA N 225 49.18 -0.57 -26.44
CA ALA N 225 49.42 0.32 -27.57
C ALA N 225 49.36 -0.48 -28.85
N TYR N 226 50.06 -1.61 -28.86
CA TYR N 226 50.06 -2.47 -30.04
C TYR N 226 48.68 -3.06 -30.27
N ALA N 227 47.93 -3.26 -29.20
CA ALA N 227 46.61 -3.82 -29.33
C ALA N 227 45.72 -2.85 -30.11
N LYS N 228 45.80 -1.57 -29.73
CA LYS N 228 44.99 -0.54 -30.37
C LYS N 228 45.34 -0.43 -31.86
N MET N 229 46.60 -0.65 -32.18
CA MET N 229 47.07 -0.58 -33.56
C MET N 229 46.70 -1.85 -34.32
N LEU N 230 46.95 -3.00 -33.69
CA LEU N 230 46.66 -4.29 -34.28
C LEU N 230 45.18 -4.60 -34.51
N ARG N 231 44.33 -4.16 -33.59
CA ARG N 231 42.89 -4.45 -33.71
C ARG N 231 42.18 -3.89 -34.94
N ASP N 232 42.80 -2.93 -35.61
CA ASP N 232 42.18 -2.35 -36.80
C ASP N 232 42.39 -3.25 -38.02
N TYR N 233 43.21 -4.29 -37.87
CA TYR N 233 43.47 -5.20 -38.97
C TYR N 233 42.84 -6.56 -38.66
N PRO N 234 42.39 -7.28 -39.70
CA PRO N 234 41.75 -8.59 -39.53
C PRO N 234 42.76 -9.72 -39.29
N LEU N 235 43.52 -9.62 -38.21
CA LEU N 235 44.53 -10.62 -37.87
C LEU N 235 43.97 -11.95 -37.39
N PHE N 236 44.72 -13.03 -37.62
CA PHE N 236 44.30 -14.36 -37.20
C PHE N 236 44.47 -14.47 -35.68
N TRP N 237 45.59 -13.95 -35.18
CA TRP N 237 45.82 -13.93 -33.74
C TRP N 237 47.00 -13.05 -33.32
N TYR N 238 46.95 -12.60 -32.07
CA TYR N 238 47.97 -11.75 -31.47
C TYR N 238 48.61 -12.69 -30.44
N GLU N 239 49.85 -13.11 -30.71
CA GLU N 239 50.56 -14.07 -29.87
C GLU N 239 51.55 -13.53 -28.83
N GLU N 240 51.57 -14.22 -27.69
CA GLU N 240 52.45 -13.93 -26.57
C GLU N 240 52.77 -12.44 -26.40
N VAL N 241 51.77 -11.66 -25.99
CA VAL N 241 51.93 -10.23 -25.82
C VAL N 241 52.95 -9.86 -24.76
N GLY N 242 52.75 -10.31 -23.54
CA GLY N 242 53.68 -10.02 -22.48
C GLY N 242 54.40 -11.26 -21.98
N ASP N 243 55.14 -11.14 -20.88
CA ASP N 243 55.87 -12.25 -20.29
C ASP N 243 54.95 -13.47 -20.15
N PRO N 244 55.47 -14.67 -20.46
CA PRO N 244 54.70 -15.92 -20.37
C PRO N 244 54.02 -16.16 -19.02
N LEU N 245 54.63 -15.67 -17.95
CA LEU N 245 54.11 -15.86 -16.61
C LEU N 245 53.32 -14.69 -16.02
N ASP N 246 53.17 -13.60 -16.77
CA ASP N 246 52.41 -12.46 -16.25
C ASP N 246 50.96 -12.62 -16.66
N TYR N 247 50.29 -13.56 -16.02
CA TYR N 247 48.90 -13.85 -16.30
C TYR N 247 48.01 -12.64 -16.17
N ALA N 248 48.30 -11.77 -15.20
CA ALA N 248 47.49 -10.57 -14.98
C ALA N 248 47.55 -9.66 -16.21
N LEU N 249 48.72 -9.55 -16.83
CA LEU N 249 48.87 -8.73 -18.02
C LEU N 249 47.99 -9.32 -19.11
N GLN N 250 48.13 -10.62 -19.36
CA GLN N 250 47.33 -11.27 -20.39
C GLN N 250 45.84 -11.02 -20.18
N ALA N 251 45.39 -11.11 -18.93
CA ALA N 251 43.98 -10.90 -18.62
C ALA N 251 43.53 -9.48 -18.92
N ALA N 252 44.37 -8.50 -18.58
CA ALA N 252 44.02 -7.10 -18.80
C ALA N 252 43.85 -6.76 -20.28
N LEU N 253 44.49 -7.53 -21.14
CA LEU N 253 44.42 -7.27 -22.57
C LEU N 253 43.05 -7.51 -23.18
N ALA N 254 42.26 -8.41 -22.60
CA ALA N 254 40.96 -8.72 -23.15
C ALA N 254 40.08 -7.49 -23.32
N GLU N 255 40.31 -6.48 -22.48
CA GLU N 255 39.53 -5.25 -22.55
C GLU N 255 39.85 -4.39 -23.77
N PHE N 256 41.03 -4.60 -24.35
CA PHE N 256 41.46 -3.82 -25.50
C PHE N 256 41.59 -4.61 -26.80
N TYR N 257 41.57 -5.93 -26.72
CA TYR N 257 41.73 -6.73 -27.91
C TYR N 257 40.70 -7.86 -28.00
N PRO N 258 39.59 -7.61 -28.70
CA PRO N 258 38.50 -8.58 -28.87
C PRO N 258 38.93 -9.79 -29.71
N GLY N 259 39.83 -9.56 -30.64
CA GLY N 259 40.29 -10.63 -31.52
C GLY N 259 41.08 -11.74 -30.84
N PRO N 260 41.13 -12.93 -31.43
CA PRO N 260 41.87 -14.03 -30.83
C PRO N 260 43.31 -13.76 -30.47
N MET N 261 43.72 -14.25 -29.30
CA MET N 261 45.09 -14.11 -28.83
C MET N 261 45.62 -15.50 -28.58
N ALA N 262 46.93 -15.63 -28.45
CA ALA N 262 47.55 -16.93 -28.23
C ALA N 262 48.76 -16.79 -27.34
N THR N 263 49.12 -17.88 -26.67
CA THR N 263 50.30 -17.90 -25.81
C THR N 263 50.50 -19.31 -25.29
N GLY N 264 51.60 -19.54 -24.57
CA GLY N 264 51.83 -20.86 -24.01
C GLY N 264 53.07 -21.62 -24.45
N GLU N 265 53.69 -21.19 -25.55
CA GLU N 265 54.88 -21.89 -26.03
C GLU N 265 55.95 -21.94 -24.97
N ASN N 266 55.97 -20.95 -24.06
CA ASN N 266 57.00 -20.92 -23.03
C ASN N 266 56.56 -21.38 -21.63
N LEU N 267 55.45 -22.11 -21.58
CA LEU N 267 54.99 -22.67 -20.32
C LEU N 267 55.31 -24.14 -20.52
N PHE N 268 56.09 -24.72 -19.60
CA PHE N 268 56.53 -26.11 -19.79
C PHE N 268 56.04 -27.20 -18.85
N SER N 269 54.87 -27.03 -18.24
CA SER N 269 54.35 -28.06 -17.33
C SER N 269 52.83 -27.94 -17.24
N HIS N 270 52.17 -29.00 -16.82
CA HIS N 270 50.73 -28.93 -16.70
C HIS N 270 50.39 -27.95 -15.56
N GLN N 271 51.29 -27.81 -14.59
CA GLN N 271 51.04 -26.89 -13.48
C GLN N 271 51.03 -25.45 -14.00
N ASP N 272 51.98 -25.12 -14.87
CA ASP N 272 52.06 -23.78 -15.44
C ASP N 272 50.87 -23.55 -16.37
N ALA N 273 50.46 -24.60 -17.09
CA ALA N 273 49.33 -24.48 -18.00
C ALA N 273 48.09 -24.21 -17.15
N ARG N 274 48.00 -24.88 -16.01
CA ARG N 274 46.86 -24.71 -15.12
C ARG N 274 46.80 -23.28 -14.62
N ASN N 275 47.95 -22.68 -14.34
CA ASN N 275 47.96 -21.30 -13.85
C ASN N 275 47.48 -20.33 -14.94
N LEU N 276 47.84 -20.59 -16.18
CA LEU N 276 47.40 -19.75 -17.29
C LEU N 276 45.88 -19.82 -17.40
N LEU N 277 45.32 -21.02 -17.29
CA LEU N 277 43.87 -21.15 -17.40
C LEU N 277 43.16 -20.55 -16.19
N ARG N 278 43.84 -20.50 -15.05
CA ARG N 278 43.25 -19.95 -13.84
C ARG N 278 43.32 -18.44 -13.76
N TYR N 279 44.44 -17.86 -14.21
CA TYR N 279 44.62 -16.42 -14.08
C TYR N 279 44.80 -15.59 -15.33
N GLY N 280 45.08 -16.25 -16.46
CA GLY N 280 45.29 -15.54 -17.71
C GLY N 280 44.10 -14.84 -18.35
N GLY N 281 42.89 -15.11 -17.88
CA GLY N 281 41.73 -14.47 -18.46
C GLY N 281 41.56 -14.67 -19.96
N MET N 282 42.03 -15.79 -20.50
CA MET N 282 41.88 -16.03 -21.93
C MET N 282 40.46 -16.48 -22.28
N ARG N 283 40.05 -16.26 -23.52
CA ARG N 283 38.71 -16.62 -23.98
C ARG N 283 38.73 -17.99 -24.63
N PRO N 284 38.18 -19.01 -23.95
CA PRO N 284 38.16 -20.38 -24.47
C PRO N 284 37.43 -20.61 -25.79
N ASP N 285 36.64 -19.65 -26.24
CA ASP N 285 35.92 -19.81 -27.49
C ASP N 285 36.73 -19.37 -28.70
N ARG N 286 37.82 -18.62 -28.47
CA ARG N 286 38.60 -18.13 -29.60
C ARG N 286 40.10 -18.03 -29.46
N ASP N 287 40.64 -18.16 -28.26
CA ASP N 287 42.09 -18.07 -28.12
C ASP N 287 42.77 -19.40 -28.36
N TRP N 288 44.09 -19.39 -28.46
CA TRP N 288 44.84 -20.62 -28.71
C TRP N 288 45.93 -20.88 -27.69
N LEU N 289 46.07 -22.14 -27.31
CA LEU N 289 47.09 -22.57 -26.34
C LEU N 289 48.21 -23.25 -27.12
N GLN N 290 49.42 -22.72 -27.00
CA GLN N 290 50.54 -23.24 -27.77
C GLN N 290 51.59 -24.07 -27.03
N PHE N 291 51.18 -24.79 -26.00
CA PHE N 291 52.10 -25.64 -25.25
C PHE N 291 52.78 -26.59 -26.21
N ASP N 292 54.08 -26.82 -26.01
CA ASP N 292 54.87 -27.70 -26.87
C ASP N 292 55.36 -28.89 -26.05
N CYS N 293 54.84 -30.09 -26.35
CA CYS N 293 55.22 -31.28 -25.60
C CYS N 293 56.71 -31.56 -25.63
N ALA N 294 57.36 -31.24 -26.75
CA ALA N 294 58.80 -31.48 -26.90
C ALA N 294 59.62 -30.69 -25.88
N LEU N 295 59.06 -29.57 -25.42
CA LEU N 295 59.76 -28.73 -24.45
C LEU N 295 59.12 -28.85 -23.08
N SER N 296 58.04 -29.63 -22.98
CA SER N 296 57.31 -29.76 -21.73
C SER N 296 57.14 -31.18 -21.17
N TYR N 297 58.26 -31.88 -20.98
CA TYR N 297 58.25 -33.23 -20.42
C TYR N 297 57.53 -34.25 -21.30
N GLY N 298 57.41 -33.94 -22.58
CA GLY N 298 56.78 -34.88 -23.52
C GLY N 298 55.28 -35.10 -23.53
N LEU N 299 54.86 -36.09 -24.31
CA LEU N 299 53.45 -36.45 -24.44
C LEU N 299 52.85 -36.98 -23.16
N CYS N 300 53.65 -37.66 -22.34
CA CYS N 300 53.15 -38.18 -21.07
C CYS N 300 52.64 -37.03 -20.24
N GLU N 301 53.35 -35.91 -20.31
CA GLU N 301 52.98 -34.70 -19.57
C GLU N 301 51.86 -33.96 -20.32
N TYR N 302 51.97 -33.87 -21.63
CA TYR N 302 50.96 -33.18 -22.43
C TYR N 302 49.58 -33.76 -22.15
N GLN N 303 49.50 -35.06 -21.91
CA GLN N 303 48.22 -35.69 -21.62
C GLN N 303 47.66 -35.15 -20.31
N ARG N 304 48.54 -34.83 -19.37
CA ARG N 304 48.10 -34.27 -18.10
C ARG N 304 47.60 -32.84 -18.36
N THR N 305 48.31 -32.14 -19.24
CA THR N 305 47.90 -30.78 -19.57
C THR N 305 46.50 -30.79 -20.19
N LEU N 306 46.26 -31.76 -21.08
CA LEU N 306 44.96 -31.88 -21.73
C LEU N 306 43.88 -32.11 -20.68
N GLU N 307 44.25 -32.85 -19.64
CA GLU N 307 43.32 -33.15 -18.56
C GLU N 307 43.00 -31.83 -17.84
N VAL N 308 44.01 -30.96 -17.71
CA VAL N 308 43.81 -29.66 -17.08
C VAL N 308 42.81 -28.83 -17.89
N LEU N 309 42.91 -28.91 -19.22
CA LEU N 309 41.98 -28.19 -20.08
C LEU N 309 40.55 -28.61 -19.79
N LYS N 310 40.29 -29.91 -19.71
CA LYS N 310 38.94 -30.37 -19.40
C LYS N 310 38.47 -29.82 -18.06
N THR N 311 39.35 -29.88 -17.05
CA THR N 311 38.98 -29.39 -15.71
C THR N 311 38.57 -27.93 -15.75
N HIS N 312 39.02 -27.21 -16.78
CA HIS N 312 38.69 -25.80 -16.87
C HIS N 312 37.75 -25.44 -18.00
N GLY N 313 37.16 -26.46 -18.63
CA GLY N 313 36.21 -26.24 -19.69
C GLY N 313 36.73 -25.90 -21.06
N TRP N 314 38.01 -26.20 -21.32
CA TRP N 314 38.62 -25.93 -22.62
C TRP N 314 38.61 -27.14 -23.53
N SER N 315 38.45 -26.91 -24.83
CA SER N 315 38.45 -27.99 -25.80
C SER N 315 39.88 -28.21 -26.28
N PRO N 316 40.25 -29.47 -26.52
CA PRO N 316 41.61 -29.72 -27.00
C PRO N 316 41.82 -29.09 -28.38
N SER N 317 40.73 -28.75 -29.04
CA SER N 317 40.81 -28.14 -30.37
C SER N 317 41.33 -26.71 -30.30
N ARG N 318 41.55 -26.22 -29.08
CA ARG N 318 42.06 -24.87 -28.88
C ARG N 318 43.58 -24.91 -28.86
N CYS N 319 44.13 -26.12 -28.97
CA CYS N 319 45.58 -26.30 -28.96
C CYS N 319 46.24 -26.35 -30.33
N ILE N 320 47.28 -25.53 -30.49
CA ILE N 320 48.07 -25.49 -31.73
C ILE N 320 49.49 -25.37 -31.20
N PRO N 321 50.14 -26.51 -30.93
CA PRO N 321 51.50 -26.60 -30.42
C PRO N 321 52.55 -25.81 -31.18
N HIS N 322 53.50 -25.27 -30.44
CA HIS N 322 54.61 -24.53 -31.00
C HIS N 322 55.64 -25.61 -31.32
N GLY N 323 56.64 -25.27 -32.12
CA GLY N 323 57.68 -26.25 -32.42
C GLY N 323 57.79 -26.73 -33.86
N GLY N 324 56.65 -26.83 -34.55
CA GLY N 324 56.65 -27.29 -35.93
C GLY N 324 57.27 -28.65 -36.18
N HIS N 325 57.09 -29.58 -35.24
CA HIS N 325 57.65 -30.91 -35.39
C HIS N 325 56.57 -31.98 -35.57
N GLN N 326 56.97 -33.13 -36.09
CA GLN N 326 56.04 -34.23 -36.35
C GLN N 326 55.38 -34.86 -35.13
N MET N 327 56.02 -34.75 -33.97
CA MET N 327 55.44 -35.31 -32.76
C MET N 327 54.08 -34.63 -32.55
N SER N 328 54.07 -33.31 -32.68
CA SER N 328 52.85 -32.53 -32.51
C SER N 328 51.81 -32.96 -33.56
N LEU N 329 52.26 -33.13 -34.80
CA LEU N 329 51.37 -33.56 -35.88
C LEU N 329 50.63 -34.83 -35.49
N ASN N 330 51.36 -35.76 -34.88
CA ASN N 330 50.78 -37.02 -34.43
C ASN N 330 49.79 -36.81 -33.30
N ILE N 331 50.16 -36.00 -32.30
CA ILE N 331 49.26 -35.75 -31.19
C ILE N 331 48.00 -35.04 -31.69
N ALA N 332 48.18 -34.11 -32.61
CA ALA N 332 47.05 -33.37 -33.16
C ALA N 332 46.07 -34.30 -33.88
N ALA N 333 46.61 -35.14 -34.76
CA ALA N 333 45.79 -36.08 -35.52
C ALA N 333 45.10 -37.11 -34.64
N GLY N 334 45.80 -37.58 -33.61
CA GLY N 334 45.22 -38.59 -32.73
C GLY N 334 44.27 -38.10 -31.65
N LEU N 335 44.60 -36.98 -31.01
CA LEU N 335 43.77 -36.45 -29.93
C LEU N 335 42.88 -35.25 -30.28
N GLY N 336 42.89 -34.86 -31.55
CA GLY N 336 42.04 -33.74 -31.96
C GLY N 336 42.45 -32.34 -31.56
N LEU N 337 43.73 -32.02 -31.70
CA LEU N 337 44.20 -30.67 -31.39
C LEU N 337 43.76 -29.77 -32.53
N GLY N 338 43.90 -28.46 -32.35
CA GLY N 338 43.48 -27.52 -33.38
C GLY N 338 44.36 -27.48 -34.61
N GLY N 339 45.60 -27.95 -34.49
CA GLY N 339 46.50 -27.93 -35.61
C GLY N 339 47.94 -27.91 -35.12
N ASN N 340 48.86 -27.48 -35.99
CA ASN N 340 50.28 -27.44 -35.61
C ASN N 340 51.01 -26.32 -36.32
N GLU N 341 52.10 -25.87 -35.70
CA GLU N 341 52.92 -24.81 -36.28
C GLU N 341 53.86 -25.47 -37.29
N SER N 342 54.36 -24.69 -38.25
CA SER N 342 55.26 -25.20 -39.26
C SER N 342 56.28 -24.15 -39.66
N TYR N 343 57.53 -24.57 -39.84
CA TYR N 343 58.62 -23.68 -40.25
C TYR N 343 59.15 -24.09 -41.63
N PRO N 344 58.45 -23.71 -42.71
CA PRO N 344 58.87 -24.04 -44.07
C PRO N 344 60.33 -23.74 -44.40
N ASP N 345 60.79 -22.55 -44.02
CA ASP N 345 62.16 -22.13 -44.31
C ASP N 345 63.16 -22.04 -43.18
N LEU N 346 62.94 -22.75 -42.06
CA LEU N 346 63.91 -22.66 -40.97
C LEU N 346 64.07 -23.95 -40.17
N PHE N 347 65.19 -24.03 -39.46
CA PHE N 347 65.51 -25.18 -38.62
C PHE N 347 65.46 -26.57 -39.26
N GLN N 348 65.37 -26.64 -40.58
CA GLN N 348 65.34 -27.94 -41.27
C GLN N 348 66.67 -28.65 -41.03
N PRO N 349 66.72 -29.98 -41.22
CA PRO N 349 65.60 -30.82 -41.65
C PRO N 349 64.79 -31.35 -40.47
N TYR N 350 64.85 -30.64 -39.33
CA TYR N 350 64.14 -31.06 -38.13
C TYR N 350 62.74 -30.46 -38.03
N GLY N 351 61.86 -30.92 -38.90
CA GLY N 351 60.50 -30.44 -38.90
C GLY N 351 59.79 -30.82 -40.18
N GLY N 352 59.08 -29.86 -40.77
CA GLY N 352 58.37 -30.13 -42.00
C GLY N 352 57.59 -31.43 -41.93
N PHE N 353 57.47 -32.11 -43.06
CA PHE N 353 56.72 -33.35 -43.12
C PHE N 353 57.52 -34.41 -43.89
N PRO N 354 56.98 -35.62 -44.01
CA PRO N 354 57.74 -36.63 -44.75
C PRO N 354 57.70 -36.35 -46.26
N ASP N 355 58.78 -36.69 -46.95
CA ASP N 355 58.89 -36.48 -48.39
C ASP N 355 57.62 -36.88 -49.12
N GLY N 356 57.14 -35.99 -49.97
CA GLY N 356 55.94 -36.29 -50.73
C GLY N 356 54.67 -35.64 -50.21
N VAL N 357 54.43 -35.70 -48.90
CA VAL N 357 53.23 -35.08 -48.35
C VAL N 357 53.31 -33.55 -48.42
N ARG N 358 52.33 -32.95 -49.09
CA ARG N 358 52.30 -31.51 -49.26
C ARG N 358 51.15 -30.84 -48.55
N VAL N 359 51.21 -29.51 -48.53
CA VAL N 359 50.19 -28.70 -47.88
C VAL N 359 49.28 -28.09 -48.93
N GLU N 360 47.97 -28.33 -48.78
CA GLU N 360 46.96 -27.81 -49.69
C GLU N 360 45.82 -27.28 -48.83
N ASN N 361 45.63 -25.97 -48.87
CA ASN N 361 44.57 -25.33 -48.09
C ASN N 361 44.86 -25.44 -46.61
N GLY N 362 46.08 -25.04 -46.24
CA GLY N 362 46.48 -25.05 -44.84
C GLY N 362 46.40 -26.38 -44.13
N HIS N 363 46.34 -27.48 -44.88
CA HIS N 363 46.27 -28.81 -44.26
C HIS N 363 47.19 -29.82 -44.92
N ILE N 364 47.53 -30.85 -44.16
CA ILE N 364 48.35 -31.93 -44.66
C ILE N 364 47.65 -33.21 -44.22
N THR N 365 47.95 -34.32 -44.86
CA THR N 365 47.32 -35.57 -44.47
C THR N 365 48.40 -36.55 -44.04
N MET N 366 48.31 -36.98 -42.78
CA MET N 366 49.30 -37.90 -42.22
C MET N 366 49.33 -39.25 -42.92
N PRO N 367 50.48 -39.61 -43.51
CA PRO N 367 50.59 -40.91 -44.19
C PRO N 367 50.71 -41.96 -43.10
N ASP N 368 50.28 -43.19 -43.38
CA ASP N 368 50.35 -44.24 -42.38
C ASP N 368 51.72 -44.88 -42.22
N LEU N 369 52.67 -44.08 -41.72
CA LEU N 369 54.02 -44.56 -41.49
C LEU N 369 54.12 -45.02 -40.04
N PRO N 370 54.92 -46.07 -39.78
CA PRO N 370 55.04 -46.54 -38.40
C PRO N 370 55.74 -45.51 -37.51
N GLY N 371 55.30 -45.40 -36.26
CA GLY N 371 55.90 -44.45 -35.34
C GLY N 371 55.56 -43.01 -35.71
N ILE N 372 56.48 -42.09 -35.41
CA ILE N 372 56.27 -40.69 -35.71
C ILE N 372 56.29 -40.44 -37.21
N GLY N 373 57.05 -41.25 -37.93
CA GLY N 373 57.11 -41.10 -39.38
C GLY N 373 58.35 -40.38 -39.87
N PHE N 374 59.37 -40.28 -39.01
CA PHE N 374 60.60 -39.60 -39.39
C PHE N 374 61.27 -40.24 -40.61
N GLU N 375 61.14 -41.55 -40.75
CA GLU N 375 61.73 -42.26 -41.87
C GLU N 375 61.26 -41.71 -43.21
N GLY N 376 60.04 -41.18 -43.24
CA GLY N 376 59.50 -40.63 -44.48
C GLY N 376 60.18 -39.37 -44.97
N LYS N 377 60.98 -38.74 -44.11
CA LYS N 377 61.70 -37.51 -44.47
C LYS N 377 63.18 -37.86 -44.55
N SER N 378 63.61 -38.22 -45.76
CA SER N 378 64.99 -38.63 -46.00
C SER N 378 66.07 -37.72 -45.41
N ASP N 379 66.01 -36.42 -45.69
CA ASP N 379 67.04 -35.51 -45.19
C ASP N 379 67.12 -35.45 -43.66
N LEU N 380 66.02 -35.78 -43.00
CA LEU N 380 66.00 -35.78 -41.54
C LEU N 380 66.46 -37.15 -41.05
N TYR N 381 65.87 -38.20 -41.63
CA TYR N 381 66.21 -39.57 -41.25
C TYR N 381 67.70 -39.85 -41.44
N LYS N 382 68.29 -39.22 -42.45
CA LYS N 382 69.71 -39.41 -42.71
C LYS N 382 70.49 -39.06 -41.45
N GLU N 383 70.11 -37.95 -40.83
CA GLU N 383 70.74 -37.46 -39.61
C GLU N 383 70.51 -38.43 -38.46
N MET N 384 69.29 -38.94 -38.37
CA MET N 384 68.92 -39.87 -37.32
C MET N 384 69.61 -41.23 -37.39
N LYS N 385 69.62 -41.87 -38.56
CA LYS N 385 70.27 -43.17 -38.67
C LYS N 385 71.78 -43.01 -38.52
N ALA N 386 72.24 -41.77 -38.69
CA ALA N 386 73.67 -41.47 -38.55
C ALA N 386 74.01 -41.47 -37.06
N LEU N 387 73.03 -41.12 -36.23
CA LEU N 387 73.22 -41.08 -34.79
C LEU N 387 73.19 -42.49 -34.22
N ALA N 388 72.21 -43.28 -34.66
CA ALA N 388 72.06 -44.65 -34.21
C ALA N 388 71.19 -45.43 -35.19
N GLU N 389 71.52 -46.70 -35.37
CA GLU N 389 70.78 -47.55 -36.29
C GLU N 389 70.68 -48.98 -35.75
N SER O 2 -7.60 -44.16 -12.01
CA SER O 2 -6.28 -44.71 -11.57
C SER O 2 -6.35 -46.17 -11.12
N VAL O 3 -5.20 -46.83 -11.15
CA VAL O 3 -5.05 -48.24 -10.77
C VAL O 3 -4.11 -48.38 -9.56
N ARG O 4 -4.68 -48.53 -8.36
CA ARG O 4 -3.85 -48.66 -7.16
C ARG O 4 -4.27 -49.83 -6.27
N ILE O 5 -3.28 -50.48 -5.68
CA ILE O 5 -3.55 -51.60 -4.78
C ILE O 5 -3.59 -51.02 -3.38
N VAL O 6 -4.81 -50.90 -2.85
CA VAL O 6 -5.05 -50.32 -1.54
C VAL O 6 -4.54 -51.17 -0.38
N ASP O 7 -4.76 -52.47 -0.45
CA ASP O 7 -4.30 -53.34 0.62
C ASP O 7 -4.04 -54.78 0.15
N VAL O 8 -3.19 -55.47 0.91
CA VAL O 8 -2.85 -56.86 0.65
C VAL O 8 -3.14 -57.60 1.97
N ARG O 9 -4.30 -58.25 2.04
CA ARG O 9 -4.71 -58.94 3.27
C ARG O 9 -4.46 -60.44 3.28
N GLU O 10 -4.02 -60.93 4.45
CA GLU O 10 -3.71 -62.34 4.65
C GLU O 10 -4.42 -62.90 5.90
N ILE O 11 -5.02 -64.08 5.74
CA ILE O 11 -5.72 -64.78 6.83
C ILE O 11 -5.31 -66.25 6.79
N THR O 12 -4.98 -66.81 7.95
CA THR O 12 -4.55 -68.20 8.03
C THR O 12 -5.64 -69.23 8.37
N LYS O 13 -6.41 -69.65 7.37
CA LYS O 13 -7.48 -70.65 7.57
C LYS O 13 -6.84 -72.04 7.75
N PRO O 14 -7.54 -72.97 8.43
CA PRO O 14 -6.98 -74.31 8.63
C PRO O 14 -7.49 -75.35 7.63
N ILE O 15 -6.63 -76.31 7.31
CA ILE O 15 -6.95 -77.43 6.43
C ILE O 15 -6.11 -78.61 6.92
N SER O 16 -6.26 -78.92 8.20
CA SER O 16 -5.53 -80.00 8.81
C SER O 16 -6.50 -81.12 9.21
N SER O 17 -6.03 -82.37 9.11
CA SER O 17 -6.78 -83.58 9.45
C SER O 17 -5.77 -84.69 9.75
N PRO O 18 -6.25 -85.91 10.07
CA PRO O 18 -5.29 -86.99 10.36
C PRO O 18 -4.71 -87.64 9.10
N ILE O 19 -5.20 -87.19 7.95
CA ILE O 19 -4.78 -87.63 6.62
C ILE O 19 -3.26 -87.86 6.60
N ARG O 20 -2.79 -88.86 5.85
CA ARG O 20 -1.35 -89.14 5.83
C ARG O 20 -0.80 -89.76 4.55
N ASN O 21 0.50 -89.59 4.33
CA ASN O 21 1.21 -90.12 3.18
C ASN O 21 2.56 -90.64 3.68
N ALA O 22 3.34 -91.22 2.78
CA ALA O 22 4.63 -91.81 3.12
C ALA O 22 5.64 -90.88 3.75
N TYR O 23 5.30 -89.60 3.87
CA TYR O 23 6.25 -88.63 4.41
C TYR O 23 5.67 -87.71 5.49
N ILE O 24 4.46 -87.23 5.24
CA ILE O 24 3.83 -86.27 6.14
C ILE O 24 2.38 -86.55 6.54
N ASP O 25 2.01 -86.15 7.76
CA ASP O 25 0.61 -86.29 8.16
C ASP O 25 0.14 -84.83 8.24
N PHE O 26 -1.12 -84.58 7.95
CA PHE O 26 -1.63 -83.22 7.93
C PHE O 26 -2.25 -82.69 9.23
N THR O 27 -1.77 -83.23 10.34
CA THR O 27 -2.22 -82.85 11.67
C THR O 27 -2.27 -81.34 11.94
N LYS O 28 -1.24 -80.62 11.52
CA LYS O 28 -1.17 -79.18 11.73
C LYS O 28 -1.21 -78.36 10.44
N MET O 29 -1.61 -78.98 9.34
CA MET O 29 -1.63 -78.29 8.06
C MET O 29 -2.50 -77.05 8.01
N THR O 30 -1.96 -76.00 7.41
CA THR O 30 -2.65 -74.72 7.26
C THR O 30 -2.43 -74.17 5.85
N THR O 31 -3.06 -73.04 5.57
CA THR O 31 -2.93 -72.40 4.27
C THR O 31 -3.24 -70.91 4.40
N SER O 32 -2.64 -70.09 3.54
CA SER O 32 -2.86 -68.65 3.58
C SER O 32 -3.88 -68.21 2.53
N LEU O 33 -4.87 -67.45 2.99
CA LEU O 33 -5.88 -66.92 2.10
C LEU O 33 -5.50 -65.44 1.94
N VAL O 34 -5.27 -65.03 0.69
CA VAL O 34 -4.86 -63.67 0.41
C VAL O 34 -5.84 -62.88 -0.45
N ALA O 35 -5.89 -61.58 -0.19
CA ALA O 35 -6.74 -60.68 -0.93
C ALA O 35 -5.96 -59.44 -1.34
N VAL O 36 -6.00 -59.13 -2.62
CA VAL O 36 -5.33 -57.96 -3.16
C VAL O 36 -6.46 -56.99 -3.48
N VAL O 37 -6.61 -55.99 -2.61
CA VAL O 37 -7.64 -54.98 -2.76
C VAL O 37 -7.20 -53.82 -3.62
N THR O 38 -7.94 -53.54 -4.69
CA THR O 38 -7.60 -52.44 -5.58
C THR O 38 -8.60 -51.31 -5.41
N ASP O 39 -8.38 -50.21 -6.14
CA ASP O 39 -9.27 -49.06 -6.09
C ASP O 39 -10.05 -48.98 -7.39
N VAL O 40 -9.83 -49.94 -8.28
CA VAL O 40 -10.53 -49.95 -9.55
C VAL O 40 -11.94 -50.47 -9.33
N VAL O 41 -12.91 -49.87 -10.02
CA VAL O 41 -14.29 -50.28 -9.86
C VAL O 41 -14.90 -50.83 -11.14
N ARG O 42 -15.45 -52.04 -11.03
CA ARG O 42 -16.09 -52.71 -12.14
C ARG O 42 -17.43 -53.21 -11.62
N GLU O 43 -18.51 -52.88 -12.32
CA GLU O 43 -19.85 -53.28 -11.93
C GLU O 43 -20.23 -52.62 -10.61
N GLY O 44 -19.79 -51.37 -10.42
CA GLY O 44 -20.10 -50.63 -9.21
C GLY O 44 -19.53 -51.22 -7.93
N LYS O 45 -18.69 -52.24 -8.10
CA LYS O 45 -18.07 -52.92 -6.98
C LYS O 45 -16.54 -52.87 -7.16
N ARG O 46 -15.83 -52.63 -6.07
CA ARG O 46 -14.37 -52.56 -6.12
C ARG O 46 -13.83 -53.95 -6.43
N VAL O 47 -12.88 -54.02 -7.37
CA VAL O 47 -12.29 -55.31 -7.73
C VAL O 47 -11.25 -55.76 -6.71
N VAL O 48 -11.40 -57.00 -6.25
CA VAL O 48 -10.48 -57.58 -5.28
C VAL O 48 -9.96 -58.92 -5.78
N GLY O 49 -8.65 -59.10 -5.73
CA GLY O 49 -8.07 -60.35 -6.17
C GLY O 49 -7.91 -61.29 -5.00
N TYR O 50 -8.10 -62.59 -5.23
CA TYR O 50 -7.97 -63.56 -4.15
C TYR O 50 -7.00 -64.68 -4.53
N GLY O 51 -6.48 -65.35 -3.51
CA GLY O 51 -5.57 -66.45 -3.75
C GLY O 51 -5.27 -67.16 -2.44
N PHE O 52 -4.71 -68.36 -2.55
CA PHE O 52 -4.36 -69.14 -1.37
C PHE O 52 -3.30 -70.14 -1.81
N ASN O 53 -2.49 -70.61 -0.89
CA ASN O 53 -1.46 -71.58 -1.27
C ASN O 53 -1.93 -73.03 -1.10
N SER O 54 -1.38 -73.90 -1.95
CA SER O 54 -1.70 -75.31 -1.94
C SER O 54 -1.36 -75.95 -0.61
N ASN O 55 -1.89 -77.15 -0.40
CA ASN O 55 -1.64 -77.91 0.82
C ASN O 55 -0.21 -78.43 0.85
N GLY O 56 0.27 -78.75 2.04
CA GLY O 56 1.61 -79.31 2.16
C GLY O 56 2.74 -78.43 2.63
N ARG O 57 2.70 -77.13 2.33
CA ARG O 57 3.79 -76.26 2.73
C ARG O 57 3.45 -75.28 3.86
N TYR O 58 2.21 -75.31 4.33
CA TYR O 58 1.77 -74.42 5.43
C TYR O 58 1.54 -72.98 4.99
N GLY O 59 0.84 -72.23 5.83
CA GLY O 59 0.55 -70.84 5.53
C GLY O 59 1.79 -69.98 5.68
N GLN O 60 1.79 -68.80 5.07
CA GLN O 60 2.95 -67.92 5.13
C GLN O 60 2.57 -66.51 5.57
N GLY O 61 1.70 -66.42 6.57
CA GLY O 61 1.28 -65.12 7.08
C GLY O 61 2.43 -64.20 7.40
N GLY O 62 3.39 -64.68 8.18
CA GLY O 62 4.54 -63.87 8.54
C GLY O 62 5.26 -63.24 7.37
N LEU O 63 5.69 -64.07 6.42
CA LEU O 63 6.39 -63.58 5.24
C LEU O 63 5.55 -62.62 4.42
N ILE O 64 4.29 -62.94 4.20
CA ILE O 64 3.41 -62.07 3.42
C ILE O 64 3.34 -60.68 4.06
N ARG O 65 3.13 -60.63 5.37
CA ARG O 65 3.03 -59.36 6.09
C ARG O 65 4.34 -58.60 6.20
N GLU O 66 5.40 -59.25 6.66
CA GLU O 66 6.68 -58.61 6.87
C GLU O 66 7.61 -58.35 5.66
N ARG O 67 7.45 -59.11 4.58
CA ARG O 67 8.34 -58.93 3.43
C ARG O 67 7.72 -58.50 2.10
N PHE O 68 6.72 -59.25 1.64
CA PHE O 68 6.10 -58.99 0.34
C PHE O 68 4.87 -58.10 0.27
N ALA O 69 3.87 -58.35 1.11
CA ALA O 69 2.69 -57.50 1.07
C ALA O 69 3.13 -56.06 1.36
N SER O 70 4.17 -55.90 2.17
CA SER O 70 4.68 -54.57 2.50
C SER O 70 5.33 -53.88 1.27
N ARG O 71 6.34 -54.52 0.70
CA ARG O 71 7.03 -53.98 -0.47
C ARG O 71 6.05 -53.54 -1.55
N ILE O 72 5.05 -54.37 -1.80
CA ILE O 72 4.06 -54.06 -2.82
C ILE O 72 3.29 -52.80 -2.48
N LEU O 73 3.03 -52.60 -1.19
CA LEU O 73 2.29 -51.43 -0.75
C LEU O 73 3.10 -50.15 -0.69
N GLU O 74 4.38 -50.26 -0.36
CA GLU O 74 5.25 -49.07 -0.29
C GLU O 74 5.68 -48.65 -1.70
N ALA O 75 5.39 -49.50 -2.68
CA ALA O 75 5.74 -49.23 -4.06
C ALA O 75 4.93 -48.07 -4.65
N ASP O 76 5.51 -47.36 -5.62
CA ASP O 76 4.77 -46.28 -6.26
C ASP O 76 3.79 -46.94 -7.20
N PRO O 77 2.49 -46.86 -6.91
CA PRO O 77 1.48 -47.48 -7.76
C PRO O 77 1.64 -47.20 -9.26
N LYS O 78 2.13 -46.02 -9.62
CA LYS O 78 2.30 -45.68 -11.03
C LYS O 78 3.35 -46.54 -11.73
N LYS O 79 4.32 -47.04 -10.96
CA LYS O 79 5.37 -47.87 -11.54
C LYS O 79 5.02 -49.36 -11.59
N LEU O 80 3.76 -49.68 -11.33
CA LEU O 80 3.29 -51.06 -11.34
C LEU O 80 2.21 -51.25 -12.40
N LEU O 81 2.14 -50.34 -13.37
CA LEU O 81 1.12 -50.41 -14.39
C LEU O 81 1.66 -50.77 -15.76
N ASN O 82 0.76 -51.20 -16.65
CA ASN O 82 1.13 -51.56 -18.01
C ASN O 82 1.38 -50.29 -18.81
N GLU O 83 1.64 -50.45 -20.10
CA GLU O 83 1.90 -49.31 -20.98
C GLU O 83 0.75 -48.31 -20.95
N ALA O 84 -0.47 -48.80 -21.16
CA ALA O 84 -1.66 -47.97 -21.16
C ALA O 84 -1.96 -47.33 -19.80
N GLY O 85 -1.40 -47.90 -18.73
CA GLY O 85 -1.64 -47.37 -17.41
C GLY O 85 -3.06 -47.60 -16.91
N ASP O 86 -3.79 -48.50 -17.57
CA ASP O 86 -5.16 -48.78 -17.19
C ASP O 86 -5.30 -50.08 -16.41
N ASN O 87 -4.20 -50.75 -16.13
CA ASN O 87 -4.23 -52.00 -15.38
C ASN O 87 -2.86 -52.30 -14.75
N LEU O 88 -2.86 -53.18 -13.75
CA LEU O 88 -1.62 -53.57 -13.09
C LEU O 88 -0.79 -54.48 -14.01
N ASP O 89 0.53 -54.38 -13.91
CA ASP O 89 1.42 -55.23 -14.68
C ASP O 89 1.90 -56.30 -13.69
N PRO O 90 1.42 -57.54 -13.86
CA PRO O 90 1.80 -58.65 -12.97
C PRO O 90 3.30 -58.73 -12.70
N ASP O 91 4.08 -58.70 -13.77
CA ASP O 91 5.53 -58.79 -13.66
C ASP O 91 6.16 -57.63 -12.90
N LYS O 92 5.58 -56.45 -13.03
CA LYS O 92 6.12 -55.30 -12.30
C LYS O 92 5.84 -55.46 -10.81
N VAL O 93 4.67 -55.98 -10.49
CA VAL O 93 4.31 -56.20 -9.08
C VAL O 93 5.23 -57.30 -8.52
N TRP O 94 5.46 -58.32 -9.33
CA TRP O 94 6.32 -59.45 -8.93
C TRP O 94 7.70 -58.91 -8.62
N ALA O 95 8.28 -58.17 -9.57
CA ALA O 95 9.61 -57.61 -9.40
C ALA O 95 9.63 -56.75 -8.15
N ALA O 96 8.54 -56.03 -7.93
CA ALA O 96 8.45 -55.16 -6.78
C ALA O 96 8.61 -55.94 -5.47
N MET O 97 7.95 -57.09 -5.35
CA MET O 97 8.06 -57.83 -4.10
C MET O 97 9.29 -58.70 -3.98
N MET O 98 10.04 -58.82 -5.07
CA MET O 98 11.26 -59.63 -5.04
C MET O 98 12.56 -58.83 -4.88
N ILE O 99 12.45 -57.51 -4.67
CA ILE O 99 13.65 -56.71 -4.50
C ILE O 99 14.31 -57.08 -3.18
N ASN O 100 15.64 -57.12 -3.19
CA ASN O 100 16.41 -57.44 -2.01
C ASN O 100 16.25 -58.86 -1.49
N GLU O 101 15.96 -59.78 -2.42
CA GLU O 101 15.82 -61.19 -2.10
C GLU O 101 17.04 -61.87 -2.74
N LYS O 102 17.89 -62.50 -1.93
CA LYS O 102 19.08 -63.17 -2.48
C LYS O 102 18.71 -64.45 -3.22
N PRO O 103 19.51 -64.85 -4.22
CA PRO O 103 19.26 -66.06 -5.00
C PRO O 103 19.32 -67.35 -4.19
N GLY O 104 18.76 -68.42 -4.76
CA GLY O 104 18.76 -69.69 -4.07
C GLY O 104 17.74 -69.69 -2.94
N GLY O 105 17.71 -70.76 -2.15
CA GLY O 105 16.77 -70.85 -1.05
C GLY O 105 15.30 -70.74 -1.46
N HIS O 106 14.90 -71.43 -2.52
CA HIS O 106 13.52 -71.37 -2.95
C HIS O 106 12.61 -72.23 -2.05
N GLY O 107 12.35 -71.69 -0.85
CA GLY O 107 11.54 -72.39 0.13
C GLY O 107 10.15 -71.85 0.44
N GLU O 108 9.96 -71.33 1.66
CA GLU O 108 8.66 -70.82 2.07
C GLU O 108 8.21 -69.54 1.34
N ARG O 109 9.15 -68.63 1.11
CA ARG O 109 8.87 -67.37 0.46
C ARG O 109 8.28 -67.56 -0.95
N SER O 110 8.59 -68.69 -1.57
CA SER O 110 8.09 -69.01 -2.90
C SER O 110 6.59 -69.25 -2.81
N VAL O 111 6.14 -69.68 -1.63
CA VAL O 111 4.73 -69.93 -1.38
C VAL O 111 4.04 -68.59 -1.12
N ALA O 112 4.70 -67.73 -0.34
CA ALA O 112 4.14 -66.42 -0.05
C ALA O 112 3.98 -65.61 -1.34
N VAL O 113 5.05 -65.52 -2.12
CA VAL O 113 4.98 -64.77 -3.36
C VAL O 113 4.00 -65.41 -4.33
N GLY O 114 4.02 -66.74 -4.38
CA GLY O 114 3.13 -67.46 -5.27
C GLY O 114 1.66 -67.20 -4.99
N THR O 115 1.30 -67.19 -3.72
CA THR O 115 -0.09 -66.96 -3.35
C THR O 115 -0.51 -65.49 -3.59
N ILE O 116 0.40 -64.54 -3.38
CA ILE O 116 0.08 -63.13 -3.63
C ILE O 116 -0.08 -62.96 -5.14
N ASP O 117 0.83 -63.58 -5.88
CA ASP O 117 0.82 -63.53 -7.34
C ASP O 117 -0.52 -64.01 -7.88
N MET O 118 -1.07 -65.05 -7.25
CA MET O 118 -2.35 -65.59 -7.68
C MET O 118 -3.40 -64.49 -7.64
N ALA O 119 -3.47 -63.80 -6.49
CA ALA O 119 -4.41 -62.72 -6.29
C ALA O 119 -4.19 -61.57 -7.28
N VAL O 120 -2.92 -61.24 -7.53
CA VAL O 120 -2.62 -60.15 -8.46
C VAL O 120 -3.18 -60.45 -9.85
N TRP O 121 -2.96 -61.65 -10.35
CA TRP O 121 -3.47 -62.00 -11.67
C TRP O 121 -4.98 -62.03 -11.67
N ASP O 122 -5.55 -62.45 -10.54
CA ASP O 122 -7.01 -62.51 -10.42
C ASP O 122 -7.56 -61.11 -10.60
N ALA O 123 -6.92 -60.15 -9.94
CA ALA O 123 -7.33 -58.75 -10.04
C ALA O 123 -7.16 -58.23 -11.47
N VAL O 124 -5.97 -58.46 -12.04
CA VAL O 124 -5.68 -58.01 -13.39
C VAL O 124 -6.73 -58.47 -14.41
N ALA O 125 -7.10 -59.75 -14.33
CA ALA O 125 -8.08 -60.30 -15.24
C ALA O 125 -9.45 -59.64 -15.02
N LYS O 126 -9.79 -59.42 -13.76
CA LYS O 126 -11.06 -58.79 -13.41
C LYS O 126 -11.08 -57.35 -13.94
N ILE O 127 -9.98 -56.63 -13.76
CA ILE O 127 -9.88 -55.26 -14.22
C ILE O 127 -10.01 -55.23 -15.76
N ALA O 128 -9.56 -56.29 -16.42
CA ALA O 128 -9.64 -56.35 -17.87
C ALA O 128 -10.99 -56.92 -18.31
N GLY O 129 -11.79 -57.36 -17.34
CA GLY O 129 -13.09 -57.91 -17.63
C GLY O 129 -13.10 -59.23 -18.39
N LYS O 130 -12.04 -60.02 -18.23
CA LYS O 130 -11.95 -61.31 -18.91
C LYS O 130 -11.63 -62.43 -17.94
N PRO O 131 -11.89 -63.69 -18.34
CA PRO O 131 -11.58 -64.81 -17.46
C PRO O 131 -10.07 -64.94 -17.55
N LEU O 132 -9.39 -65.17 -16.43
CA LEU O 132 -7.94 -65.26 -16.46
C LEU O 132 -7.39 -66.13 -17.59
N PHE O 133 -7.99 -67.29 -17.80
CA PHE O 133 -7.50 -68.17 -18.85
C PHE O 133 -7.61 -67.59 -20.25
N ARG O 134 -8.62 -66.75 -20.47
CA ARG O 134 -8.78 -66.12 -21.79
C ARG O 134 -7.70 -65.06 -21.95
N LEU O 135 -7.49 -64.28 -20.90
CA LEU O 135 -6.48 -63.22 -20.89
C LEU O 135 -5.08 -63.80 -21.13
N LEU O 136 -4.82 -64.95 -20.52
CA LEU O 136 -3.52 -65.61 -20.67
C LEU O 136 -3.28 -66.02 -22.12
N ALA O 137 -4.25 -66.71 -22.70
CA ALA O 137 -4.12 -67.15 -24.08
C ALA O 137 -3.85 -65.95 -24.96
N GLU O 138 -4.61 -64.88 -24.74
CA GLU O 138 -4.44 -63.65 -25.51
C GLU O 138 -3.00 -63.15 -25.44
N ARG O 139 -2.51 -62.97 -24.22
CA ARG O 139 -1.14 -62.49 -24.01
C ARG O 139 -0.11 -63.38 -24.70
N HIS O 140 -0.43 -64.65 -24.90
CA HIS O 140 0.51 -65.57 -25.55
C HIS O 140 0.21 -65.73 -27.03
N GLY O 141 -0.86 -65.09 -27.50
CA GLY O 141 -1.21 -65.19 -28.90
C GLY O 141 -1.64 -66.59 -29.31
N VAL O 142 -2.48 -67.21 -28.48
CA VAL O 142 -2.99 -68.56 -28.75
C VAL O 142 -4.45 -68.60 -28.35
N LYS O 143 -5.13 -69.70 -28.68
CA LYS O 143 -6.54 -69.84 -28.33
C LYS O 143 -6.61 -70.76 -27.13
N ALA O 144 -7.47 -70.43 -26.17
CA ALA O 144 -7.60 -71.28 -25.00
C ALA O 144 -8.49 -72.47 -25.37
N ASN O 145 -8.73 -73.32 -24.38
CA ASN O 145 -9.58 -74.50 -24.53
C ASN O 145 -10.05 -74.81 -23.13
N PRO O 146 -11.26 -74.36 -22.77
CA PRO O 146 -11.84 -74.58 -21.43
C PRO O 146 -11.85 -76.02 -20.95
N ARG O 147 -11.87 -76.98 -21.88
CA ARG O 147 -11.89 -78.39 -21.50
C ARG O 147 -10.56 -78.83 -20.87
N VAL O 148 -10.56 -79.00 -19.56
CA VAL O 148 -9.35 -79.37 -18.82
C VAL O 148 -9.44 -80.72 -18.15
N PHE O 149 -8.41 -81.54 -18.34
CA PHE O 149 -8.37 -82.86 -17.72
C PHE O 149 -8.09 -82.72 -16.24
N VAL O 150 -8.79 -83.49 -15.42
CA VAL O 150 -8.59 -83.45 -13.98
C VAL O 150 -8.64 -84.88 -13.43
N TYR O 151 -7.84 -85.13 -12.41
CA TYR O 151 -7.80 -86.45 -11.78
C TYR O 151 -8.03 -86.27 -10.29
N ALA O 152 -8.61 -87.28 -9.65
CA ALA O 152 -8.89 -87.23 -8.21
C ALA O 152 -7.72 -87.75 -7.40
N ALA O 153 -7.23 -86.94 -6.46
CA ALA O 153 -6.12 -87.35 -5.63
C ALA O 153 -6.54 -87.60 -4.20
N GLY O 154 -6.19 -88.77 -3.69
CA GLY O 154 -6.55 -89.12 -2.32
C GLY O 154 -5.82 -90.38 -1.93
N GLY O 155 -6.57 -91.36 -1.43
CA GLY O 155 -5.97 -92.62 -1.03
C GLY O 155 -4.93 -92.46 0.06
N TYR O 156 -5.22 -91.59 1.02
CA TYR O 156 -4.29 -91.35 2.11
C TYR O 156 -4.37 -92.47 3.15
N TYR O 157 -3.36 -92.54 4.01
CA TYR O 157 -3.34 -93.50 5.10
C TYR O 157 -4.10 -92.78 6.21
N TYR O 158 -5.10 -93.45 6.78
CA TYR O 158 -5.91 -92.84 7.83
C TYR O 158 -6.02 -93.84 8.97
N PRO O 159 -5.97 -93.36 10.23
CA PRO O 159 -6.09 -94.31 11.34
C PRO O 159 -7.41 -95.10 11.29
N GLY O 160 -7.28 -96.43 11.21
CA GLY O 160 -8.46 -97.28 11.14
C GLY O 160 -9.07 -97.44 9.75
N LYS O 161 -8.39 -96.95 8.73
CA LYS O 161 -8.89 -97.05 7.36
C LYS O 161 -8.43 -98.36 6.74
N GLY O 162 -9.37 -99.19 6.31
CA GLY O 162 -9.00 -100.47 5.70
C GLY O 162 -9.27 -100.51 4.22
N LEU O 163 -9.03 -101.67 3.59
CA LEU O 163 -9.25 -101.82 2.16
C LEU O 163 -10.67 -101.44 1.78
N SER O 164 -11.60 -101.76 2.66
CA SER O 164 -13.01 -101.47 2.46
C SER O 164 -13.21 -99.98 2.15
N MET O 165 -12.76 -99.13 3.08
CA MET O 165 -12.89 -97.69 2.95
C MET O 165 -12.10 -97.13 1.77
N LEU O 166 -10.87 -97.61 1.60
CA LEU O 166 -10.03 -97.15 0.50
C LEU O 166 -10.87 -97.30 -0.77
N ARG O 167 -11.44 -98.50 -0.92
CA ARG O 167 -12.27 -98.83 -2.07
C ARG O 167 -13.40 -97.82 -2.20
N GLY O 168 -14.07 -97.57 -1.07
CA GLY O 168 -15.18 -96.64 -1.07
C GLY O 168 -14.77 -95.29 -1.59
N GLU O 169 -13.66 -94.78 -1.05
CA GLU O 169 -13.13 -93.47 -1.43
C GLU O 169 -12.99 -93.38 -2.95
N MET O 170 -12.27 -94.35 -3.54
CA MET O 170 -12.06 -94.38 -4.96
C MET O 170 -13.36 -94.43 -5.74
N ARG O 171 -14.26 -95.34 -5.36
CA ARG O 171 -15.54 -95.45 -6.03
C ARG O 171 -16.26 -94.11 -5.97
N GLY O 172 -16.11 -93.45 -4.83
CA GLY O 172 -16.70 -92.14 -4.66
C GLY O 172 -16.23 -91.18 -5.74
N TYR O 173 -14.95 -91.24 -6.07
CA TYR O 173 -14.38 -90.37 -7.10
C TYR O 173 -14.94 -90.73 -8.46
N LEU O 174 -14.99 -92.03 -8.78
CA LEU O 174 -15.53 -92.46 -10.06
C LEU O 174 -16.98 -92.02 -10.20
N ASP O 175 -17.73 -92.06 -9.10
CA ASP O 175 -19.12 -91.66 -9.12
C ASP O 175 -19.26 -90.19 -9.54
N ARG O 176 -18.22 -89.40 -9.26
CA ARG O 176 -18.26 -87.97 -9.62
C ARG O 176 -17.95 -87.70 -11.09
N GLY O 177 -17.14 -88.57 -11.70
CA GLY O 177 -16.80 -88.40 -13.10
C GLY O 177 -15.31 -88.51 -13.41
N TYR O 178 -14.52 -88.91 -12.41
CA TYR O 178 -13.09 -89.04 -12.60
C TYR O 178 -12.70 -90.38 -13.20
N ASN O 179 -11.88 -90.36 -14.26
CA ASN O 179 -11.42 -91.59 -14.91
C ASN O 179 -9.95 -91.87 -14.63
N VAL O 180 -9.46 -91.30 -13.54
CA VAL O 180 -8.08 -91.48 -13.11
C VAL O 180 -8.03 -91.04 -11.66
N VAL O 181 -7.37 -91.81 -10.82
CA VAL O 181 -7.28 -91.46 -9.42
C VAL O 181 -5.86 -91.73 -8.95
N LYS O 182 -5.53 -91.19 -7.78
CA LYS O 182 -4.21 -91.35 -7.22
C LYS O 182 -4.29 -91.65 -5.73
N MET O 183 -3.49 -92.60 -5.29
CA MET O 183 -3.46 -93.01 -3.89
C MET O 183 -2.03 -92.93 -3.41
N LYS O 184 -1.83 -93.00 -2.10
CA LYS O 184 -0.49 -92.90 -1.52
C LYS O 184 0.09 -94.24 -1.11
N ILE O 185 1.36 -94.46 -1.45
CA ILE O 185 2.06 -95.69 -1.12
C ILE O 185 3.28 -95.33 -0.30
N GLY O 186 4.12 -96.30 0.01
CA GLY O 186 5.32 -96.03 0.78
C GLY O 186 5.14 -95.79 2.26
N GLY O 187 3.89 -95.59 2.69
CA GLY O 187 3.62 -95.35 4.09
C GLY O 187 3.53 -96.64 4.88
N ALA O 188 3.03 -97.70 4.24
CA ALA O 188 2.91 -99.02 4.85
C ALA O 188 4.02 -99.91 4.27
N PRO O 189 4.21 -101.13 4.82
CA PRO O 189 5.25 -102.04 4.32
C PRO O 189 5.03 -102.41 2.86
N ILE O 190 6.11 -102.76 2.17
CA ILE O 190 6.04 -103.09 0.74
C ILE O 190 4.88 -103.99 0.35
N GLU O 191 4.81 -105.18 0.96
CA GLU O 191 3.73 -106.10 0.64
C GLU O 191 2.33 -105.57 0.95
N GLU O 192 2.19 -104.94 2.12
CA GLU O 192 0.89 -104.39 2.52
C GLU O 192 0.39 -103.41 1.47
N ASP O 193 1.32 -102.67 0.86
CA ASP O 193 0.97 -101.70 -0.17
C ASP O 193 0.43 -102.39 -1.40
N ARG O 194 1.04 -103.52 -1.78
CA ARG O 194 0.57 -104.26 -2.96
C ARG O 194 -0.91 -104.56 -2.78
N MET O 195 -1.23 -105.06 -1.59
CA MET O 195 -2.60 -105.39 -1.20
C MET O 195 -3.57 -104.25 -1.53
N ARG O 196 -3.29 -103.09 -0.95
CA ARG O 196 -4.08 -101.88 -1.13
C ARG O 196 -4.27 -101.45 -2.59
N ILE O 197 -3.19 -101.50 -3.35
CA ILE O 197 -3.26 -101.11 -4.74
C ILE O 197 -4.23 -102.04 -5.43
N GLU O 198 -3.95 -103.34 -5.29
CA GLU O 198 -4.77 -104.37 -5.89
C GLU O 198 -6.24 -104.10 -5.59
N ALA O 199 -6.52 -103.80 -4.33
CA ALA O 199 -7.87 -103.50 -3.89
C ALA O 199 -8.46 -102.34 -4.68
N VAL O 200 -7.65 -101.30 -4.87
CA VAL O 200 -8.09 -100.11 -5.61
C VAL O 200 -8.29 -100.39 -7.10
N LEU O 201 -7.31 -101.08 -7.66
CA LEU O 201 -7.33 -101.44 -9.08
C LEU O 201 -8.60 -102.24 -9.35
N GLU O 202 -8.85 -103.18 -8.45
CA GLU O 202 -10.01 -104.07 -8.49
C GLU O 202 -11.31 -103.27 -8.56
N GLU O 203 -11.49 -102.38 -7.59
CA GLU O 203 -12.66 -101.52 -7.45
C GLU O 203 -13.00 -100.69 -8.68
N ILE O 204 -11.98 -100.07 -9.27
CA ILE O 204 -12.21 -99.23 -10.44
C ILE O 204 -12.32 -100.02 -11.74
N GLY O 205 -11.82 -101.27 -11.71
CA GLY O 205 -11.89 -102.11 -12.88
C GLY O 205 -11.41 -101.44 -14.15
N LYS O 206 -12.31 -101.29 -15.12
CA LYS O 206 -11.96 -100.67 -16.39
C LYS O 206 -12.57 -99.29 -16.56
N ASP O 207 -13.06 -98.73 -15.47
CA ASP O 207 -13.68 -97.40 -15.52
C ASP O 207 -12.72 -96.29 -15.17
N ALA O 208 -11.52 -96.66 -14.73
CA ALA O 208 -10.52 -95.65 -14.35
C ALA O 208 -9.12 -96.23 -14.25
N GLN O 209 -8.14 -95.32 -14.23
CA GLN O 209 -6.75 -95.72 -14.11
C GLN O 209 -6.20 -95.22 -12.77
N LEU O 210 -5.24 -95.95 -12.23
CA LEU O 210 -4.68 -95.62 -10.94
C LEU O 210 -3.25 -95.06 -10.95
N ALA O 211 -3.01 -94.07 -10.10
CA ALA O 211 -1.68 -93.47 -9.98
C ALA O 211 -1.24 -93.59 -8.53
N VAL O 212 0.03 -93.93 -8.31
CA VAL O 212 0.56 -94.08 -6.96
C VAL O 212 1.57 -92.97 -6.65
N ASP O 213 1.62 -92.51 -5.40
CA ASP O 213 2.51 -91.43 -5.00
C ASP O 213 3.28 -91.77 -3.72
N ALA O 214 4.61 -91.88 -3.84
CA ALA O 214 5.46 -92.20 -2.69
C ALA O 214 5.95 -90.97 -1.91
N ASN O 215 5.50 -89.79 -2.34
CA ASN O 215 5.87 -88.54 -1.69
C ASN O 215 7.36 -88.34 -1.40
N GLY O 216 8.19 -88.83 -2.31
CA GLY O 216 9.62 -88.69 -2.19
C GLY O 216 10.27 -89.30 -0.96
N ARG O 217 9.68 -90.36 -0.45
CA ARG O 217 10.19 -91.02 0.74
C ARG O 217 11.27 -92.08 0.52
N PHE O 218 11.26 -92.73 -0.65
CA PHE O 218 12.21 -93.81 -0.93
C PHE O 218 13.65 -93.47 -1.28
N ASN O 219 14.55 -94.38 -0.90
CA ASN O 219 15.96 -94.24 -1.24
C ASN O 219 16.05 -95.03 -2.54
N LEU O 220 17.22 -95.10 -3.16
CA LEU O 220 17.33 -95.81 -4.43
C LEU O 220 16.85 -97.25 -4.41
N GLU O 221 17.36 -98.05 -3.46
CA GLU O 221 16.96 -99.45 -3.38
C GLU O 221 15.47 -99.67 -3.15
N THR O 222 14.89 -98.90 -2.24
CA THR O 222 13.46 -99.03 -1.97
C THR O 222 12.67 -98.63 -3.21
N GLY O 223 13.12 -97.55 -3.87
CA GLY O 223 12.45 -97.09 -5.06
C GLY O 223 12.42 -98.14 -6.13
N ILE O 224 13.53 -98.87 -6.24
CA ILE O 224 13.64 -99.95 -7.22
C ILE O 224 12.76 -101.14 -6.83
N ALA O 225 12.75 -101.47 -5.54
CA ALA O 225 11.93 -102.58 -5.05
C ALA O 225 10.47 -102.32 -5.41
N TYR O 226 9.99 -101.13 -5.10
CA TYR O 226 8.62 -100.77 -5.39
C TYR O 226 8.38 -100.72 -6.89
N ALA O 227 9.42 -100.38 -7.64
CA ALA O 227 9.32 -100.30 -9.09
C ALA O 227 9.03 -101.68 -9.65
N LYS O 228 9.80 -102.66 -9.19
CA LYS O 228 9.62 -104.03 -9.64
C LYS O 228 8.22 -104.56 -9.31
N MET O 229 7.68 -104.11 -8.18
CA MET O 229 6.36 -104.53 -7.75
C MET O 229 5.29 -103.77 -8.52
N LEU O 230 5.48 -102.45 -8.64
CA LEU O 230 4.53 -101.58 -9.33
C LEU O 230 4.41 -101.81 -10.83
N ARG O 231 5.52 -102.12 -11.48
CA ARG O 231 5.51 -102.31 -12.93
C ARG O 231 4.64 -103.45 -13.47
N ASP O 232 4.23 -104.36 -12.59
CA ASP O 232 3.39 -105.47 -13.04
C ASP O 232 1.93 -105.04 -13.17
N TYR O 233 1.62 -103.83 -12.70
CA TYR O 233 0.26 -103.32 -12.77
C TYR O 233 0.21 -102.18 -13.78
N PRO O 234 -0.94 -102.01 -14.47
CA PRO O 234 -1.13 -100.96 -15.48
C PRO O 234 -1.42 -99.59 -14.87
N LEU O 235 -0.47 -99.10 -14.07
CA LEU O 235 -0.61 -97.81 -13.41
C LEU O 235 -0.51 -96.60 -14.36
N PHE O 236 -1.16 -95.50 -13.99
CA PHE O 236 -1.14 -94.27 -14.79
C PHE O 236 0.19 -93.58 -14.61
N TRP O 237 0.68 -93.57 -13.37
CA TRP O 237 2.00 -93.02 -13.10
C TRP O 237 2.52 -93.33 -11.70
N TYR O 238 3.84 -93.31 -11.57
CA TYR O 238 4.54 -93.58 -10.32
C TYR O 238 5.12 -92.19 -9.97
N GLU O 239 4.56 -91.55 -8.95
CA GLU O 239 4.94 -90.20 -8.54
C GLU O 239 5.96 -90.02 -7.41
N GLU O 240 6.80 -89.01 -7.57
CA GLU O 240 7.84 -88.64 -6.61
C GLU O 240 8.41 -89.82 -5.85
N VAL O 241 9.19 -90.64 -6.54
CA VAL O 241 9.79 -91.82 -5.93
C VAL O 241 10.76 -91.48 -4.80
N GLY O 242 11.80 -90.72 -5.10
CA GLY O 242 12.78 -90.36 -4.09
C GLY O 242 12.74 -88.87 -3.79
N ASP O 243 13.72 -88.39 -3.03
CA ASP O 243 13.81 -86.98 -2.65
C ASP O 243 13.65 -86.11 -3.90
N PRO O 244 12.91 -84.99 -3.79
CA PRO O 244 12.68 -84.06 -4.91
C PRO O 244 13.96 -83.56 -5.59
N LEU O 245 15.03 -83.44 -4.83
CA LEU O 245 16.30 -82.95 -5.35
C LEU O 245 17.34 -84.00 -5.72
N ASP O 246 17.03 -85.29 -5.52
CA ASP O 246 17.97 -86.35 -5.87
C ASP O 246 17.73 -86.76 -7.31
N TYR O 247 18.13 -85.89 -8.23
CA TYR O 247 17.94 -86.11 -9.65
C TYR O 247 18.59 -87.41 -10.13
N ALA O 248 19.74 -87.75 -9.55
CA ALA O 248 20.44 -88.97 -9.92
C ALA O 248 19.57 -90.19 -9.63
N LEU O 249 18.87 -90.17 -8.50
CA LEU O 249 17.99 -91.27 -8.13
C LEU O 249 16.90 -91.40 -9.18
N GLN O 250 16.22 -90.31 -9.47
CA GLN O 250 15.15 -90.31 -10.45
C GLN O 250 15.63 -90.87 -11.80
N ALA O 251 16.83 -90.48 -12.21
CA ALA O 251 17.39 -90.94 -13.47
C ALA O 251 17.65 -92.45 -13.48
N ALA O 252 18.18 -92.98 -12.37
CA ALA O 252 18.47 -94.39 -12.26
C ALA O 252 17.22 -95.26 -12.35
N LEU O 253 16.07 -94.70 -12.00
CA LEU O 253 14.83 -95.44 -12.04
C LEU O 253 14.35 -95.84 -13.43
N ALA O 254 14.70 -95.05 -14.44
CA ALA O 254 14.26 -95.34 -15.80
C ALA O 254 14.61 -96.77 -16.26
N GLU O 255 15.69 -97.31 -15.71
CA GLU O 255 16.15 -98.66 -16.05
C GLU O 255 15.24 -99.74 -15.51
N PHE O 256 14.48 -99.43 -14.47
CA PHE O 256 13.59 -100.41 -13.85
C PHE O 256 12.09 -100.12 -14.00
N TYR O 257 11.74 -98.92 -14.46
CA TYR O 257 10.33 -98.57 -14.58
C TYR O 257 10.03 -97.89 -15.91
N PRO O 258 9.60 -98.66 -16.90
CA PRO O 258 9.27 -98.16 -18.25
C PRO O 258 8.05 -97.26 -18.25
N GLY O 259 7.12 -97.53 -17.34
CA GLY O 259 5.90 -96.77 -17.27
C GLY O 259 6.08 -95.31 -16.84
N PRO O 260 5.14 -94.44 -17.20
CA PRO O 260 5.25 -93.03 -16.82
C PRO O 260 5.47 -92.75 -15.34
N MET O 261 6.35 -91.79 -15.07
CA MET O 261 6.66 -91.36 -13.72
C MET O 261 6.35 -89.88 -13.64
N ALA O 262 6.26 -89.35 -12.43
CA ALA O 262 5.95 -87.93 -12.24
C ALA O 262 6.65 -87.39 -11.01
N THR O 263 6.88 -86.09 -11.00
CA THR O 263 7.53 -85.43 -9.86
C THR O 263 7.53 -83.94 -10.10
N GLY O 264 7.99 -83.16 -9.12
CA GLY O 264 8.04 -81.73 -9.31
C GLY O 264 7.21 -80.85 -8.39
N GLU O 265 6.24 -81.42 -7.70
CA GLU O 265 5.42 -80.66 -6.78
C GLU O 265 6.25 -79.94 -5.73
N ASN O 266 7.41 -80.49 -5.39
CA ASN O 266 8.26 -79.87 -4.38
C ASN O 266 9.48 -79.10 -4.89
N LEU O 267 9.44 -78.74 -6.17
CA LEU O 267 10.51 -77.92 -6.75
C LEU O 267 9.79 -76.59 -6.91
N PHE O 268 10.34 -75.52 -6.33
CA PHE O 268 9.65 -74.23 -6.36
C PHE O 268 10.24 -73.07 -7.13
N SER O 269 11.05 -73.34 -8.15
CA SER O 269 11.64 -72.25 -8.94
C SER O 269 11.98 -72.74 -10.33
N HIS O 270 12.11 -71.84 -11.29
CA HIS O 270 12.44 -72.27 -12.64
C HIS O 270 13.85 -72.85 -12.62
N GLN O 271 14.69 -72.39 -11.69
CA GLN O 271 16.05 -72.89 -11.58
C GLN O 271 16.04 -74.35 -11.17
N ASP O 272 15.19 -74.68 -10.19
CA ASP O 272 15.09 -76.05 -9.72
C ASP O 272 14.46 -76.91 -10.82
N ALA O 273 13.50 -76.34 -11.55
CA ALA O 273 12.86 -77.07 -12.63
C ALA O 273 13.89 -77.37 -13.69
N ARG O 274 14.76 -76.41 -13.95
CA ARG O 274 15.79 -76.57 -14.96
C ARG O 274 16.74 -77.70 -14.56
N ASN O 275 17.05 -77.80 -13.28
CA ASN O 275 17.95 -78.86 -12.83
C ASN O 275 17.31 -80.25 -13.00
N LEU O 276 16.00 -80.34 -12.79
CA LEU O 276 15.31 -81.60 -12.95
C LEU O 276 15.40 -82.02 -14.41
N LEU O 277 15.17 -81.08 -15.33
CA LEU O 277 15.23 -81.40 -16.76
C LEU O 277 16.64 -81.70 -17.21
N ARG O 278 17.63 -81.17 -16.50
CA ARG O 278 19.03 -81.41 -16.86
C ARG O 278 19.59 -82.72 -16.32
N TYR O 279 19.22 -83.07 -15.10
CA TYR O 279 19.78 -84.25 -14.47
C TYR O 279 18.83 -85.39 -14.09
N GLY O 280 17.54 -85.12 -14.05
CA GLY O 280 16.57 -86.13 -13.66
C GLY O 280 16.35 -87.32 -14.59
N GLY O 281 16.85 -87.24 -15.81
CA GLY O 281 16.68 -88.34 -16.73
C GLY O 281 15.23 -88.74 -16.98
N MET O 282 14.32 -87.79 -16.92
CA MET O 282 12.92 -88.12 -17.18
C MET O 282 12.65 -88.24 -18.68
N ARG O 283 11.60 -88.99 -19.02
CA ARG O 283 11.24 -89.21 -20.41
C ARG O 283 10.18 -88.20 -20.84
N PRO O 284 10.56 -87.23 -21.68
CA PRO O 284 9.62 -86.20 -22.14
C PRO O 284 8.41 -86.67 -22.94
N ASP O 285 8.41 -87.90 -23.41
CA ASP O 285 7.28 -88.38 -24.18
C ASP O 285 6.18 -88.98 -23.29
N ARG O 286 6.49 -89.25 -22.03
CA ARG O 286 5.50 -89.87 -21.16
C ARG O 286 5.44 -89.47 -19.70
N ASP O 287 6.47 -88.80 -19.19
CA ASP O 287 6.45 -88.43 -17.79
C ASP O 287 5.67 -87.13 -17.57
N TRP O 288 5.42 -86.79 -16.30
CA TRP O 288 4.67 -85.58 -15.97
C TRP O 288 5.40 -84.68 -14.98
N LEU O 289 5.33 -83.37 -15.24
CA LEU O 289 5.97 -82.36 -14.38
C LEU O 289 4.86 -81.72 -13.57
N GLN O 290 4.99 -81.80 -12.25
CA GLN O 290 3.95 -81.28 -11.36
C GLN O 290 4.22 -79.99 -10.59
N PHE O 291 5.02 -79.10 -11.18
CA PHE O 291 5.32 -77.82 -10.55
C PHE O 291 4.00 -77.12 -10.23
N ASP O 292 3.95 -76.48 -9.06
CA ASP O 292 2.76 -75.76 -8.60
C ASP O 292 3.06 -74.27 -8.50
N CYS O 293 2.47 -73.46 -9.38
CA CYS O 293 2.72 -72.02 -9.36
C CYS O 293 2.40 -71.36 -8.03
N ALA O 294 1.36 -71.84 -7.36
CA ALA O 294 0.97 -71.28 -6.08
C ALA O 294 2.08 -71.41 -5.02
N LEU O 295 2.95 -72.40 -5.18
CA LEU O 295 4.04 -72.61 -4.24
C LEU O 295 5.39 -72.21 -4.83
N SER O 296 5.37 -71.77 -6.08
CA SER O 296 6.60 -71.43 -6.78
C SER O 296 6.68 -70.03 -7.36
N TYR O 297 6.47 -69.01 -6.52
CA TYR O 297 6.55 -67.62 -6.94
C TYR O 297 5.50 -67.21 -7.98
N GLY O 298 4.41 -67.97 -8.05
CA GLY O 298 3.31 -67.64 -8.94
C GLY O 298 3.44 -67.88 -10.44
N LEU O 299 2.44 -67.39 -11.17
CA LEU O 299 2.37 -67.52 -12.61
C LEU O 299 3.49 -66.76 -13.32
N CYS O 300 3.93 -65.65 -12.74
CA CYS O 300 5.02 -64.87 -13.34
C CYS O 300 6.25 -65.74 -13.44
N GLU O 301 6.42 -66.58 -12.42
CA GLU O 301 7.56 -67.49 -12.37
C GLU O 301 7.27 -68.73 -13.23
N TYR O 302 6.04 -69.22 -13.15
CA TYR O 302 5.66 -70.40 -13.90
C TYR O 302 5.92 -70.19 -15.40
N GLN O 303 5.74 -68.97 -15.88
CA GLN O 303 5.97 -68.67 -17.28
C GLN O 303 7.45 -68.85 -17.60
N ARG O 304 8.31 -68.55 -16.65
CA ARG O 304 9.73 -68.73 -16.86
C ARG O 304 10.04 -70.24 -16.87
N THR O 305 9.35 -71.00 -16.02
CA THR O 305 9.55 -72.44 -15.99
C THR O 305 9.13 -73.03 -17.32
N LEU O 306 8.02 -72.56 -17.88
CA LEU O 306 7.55 -73.04 -19.18
C LEU O 306 8.59 -72.76 -20.25
N GLU O 307 9.28 -71.63 -20.09
CA GLU O 307 10.32 -71.26 -21.04
C GLU O 307 11.48 -72.27 -20.91
N VAL O 308 11.74 -72.73 -19.68
CA VAL O 308 12.79 -73.71 -19.44
C VAL O 308 12.42 -75.00 -20.16
N LEU O 309 11.14 -75.38 -20.14
CA LEU O 309 10.71 -76.59 -20.82
C LEU O 309 11.03 -76.49 -22.30
N LYS O 310 10.77 -75.34 -22.91
CA LYS O 310 11.06 -75.16 -24.34
C LYS O 310 12.55 -75.31 -24.62
N THR O 311 13.37 -74.79 -23.73
CA THR O 311 14.81 -74.88 -23.90
C THR O 311 15.30 -76.32 -23.83
N HIS O 312 14.52 -77.19 -23.20
CA HIS O 312 14.92 -78.58 -23.09
C HIS O 312 14.10 -79.56 -23.93
N GLY O 313 13.27 -79.02 -24.82
CA GLY O 313 12.47 -79.85 -25.70
C GLY O 313 11.21 -80.48 -25.14
N TRP O 314 10.71 -79.97 -24.02
CA TRP O 314 9.50 -80.50 -23.40
C TRP O 314 8.27 -79.73 -23.81
N SER O 315 7.15 -80.44 -23.95
CA SER O 315 5.89 -79.81 -24.33
C SER O 315 5.17 -79.36 -23.05
N PRO O 316 4.47 -78.23 -23.11
CA PRO O 316 3.76 -77.76 -21.92
C PRO O 316 2.65 -78.75 -21.54
N SER O 317 2.28 -79.61 -22.49
CA SER O 317 1.23 -80.60 -22.28
C SER O 317 1.67 -81.70 -21.31
N ARG O 318 2.94 -81.65 -20.91
CA ARG O 318 3.48 -82.65 -20.00
C ARG O 318 3.29 -82.16 -18.58
N CYS O 319 2.70 -80.98 -18.45
CA CYS O 319 2.46 -80.38 -17.14
C CYS O 319 1.08 -80.62 -16.56
N ILE O 320 1.05 -81.11 -15.32
CA ILE O 320 -0.19 -81.35 -14.60
C ILE O 320 0.13 -80.88 -13.20
N PRO O 321 -0.08 -79.58 -12.94
CA PRO O 321 0.18 -78.93 -11.66
C PRO O 321 -0.42 -79.61 -10.45
N HIS O 322 0.33 -79.57 -9.36
CA HIS O 322 -0.13 -80.11 -8.09
C HIS O 322 -0.92 -78.96 -7.44
N GLY O 323 -1.72 -79.26 -6.41
CA GLY O 323 -2.46 -78.20 -5.76
C GLY O 323 -3.97 -78.23 -5.86
N GLY O 324 -4.48 -78.70 -6.99
CA GLY O 324 -5.91 -78.77 -7.19
C GLY O 324 -6.67 -77.47 -7.04
N HIS O 325 -6.06 -76.36 -7.46
CA HIS O 325 -6.72 -75.06 -7.37
C HIS O 325 -7.07 -74.49 -8.73
N GLN O 326 -7.99 -73.53 -8.74
CA GLN O 326 -8.47 -72.90 -9.97
C GLN O 326 -7.42 -72.11 -10.75
N MET O 327 -6.39 -71.62 -10.06
CA MET O 327 -5.36 -70.86 -10.75
C MET O 327 -4.76 -71.78 -11.82
N SER O 328 -4.44 -73.00 -11.42
CA SER O 328 -3.87 -73.98 -12.33
C SER O 328 -4.84 -74.27 -13.48
N LEU O 329 -6.12 -74.40 -13.14
CA LEU O 329 -7.14 -74.66 -14.16
C LEU O 329 -7.05 -73.60 -15.25
N ASN O 330 -6.90 -72.34 -14.83
CA ASN O 330 -6.80 -71.23 -15.76
C ASN O 330 -5.54 -71.31 -16.60
N ILE O 331 -4.40 -71.58 -15.96
CA ILE O 331 -3.15 -71.68 -16.69
C ILE O 331 -3.22 -72.83 -17.69
N ALA O 332 -3.81 -73.95 -17.25
CA ALA O 332 -3.94 -75.12 -18.09
C ALA O 332 -4.77 -74.81 -19.33
N ALA O 333 -5.94 -74.20 -19.12
CA ALA O 333 -6.84 -73.86 -20.22
C ALA O 333 -6.24 -72.84 -21.18
N GLY O 334 -5.52 -71.87 -20.64
CA GLY O 334 -4.95 -70.83 -21.48
C GLY O 334 -3.65 -71.17 -22.18
N LEU O 335 -2.74 -71.84 -21.49
CA LEU O 335 -1.45 -72.16 -22.07
C LEU O 335 -1.26 -73.60 -22.55
N GLY O 336 -2.32 -74.41 -22.48
CA GLY O 336 -2.23 -75.79 -22.94
C GLY O 336 -1.47 -76.79 -22.08
N LEU O 337 -1.69 -76.76 -20.77
CA LEU O 337 -1.02 -77.72 -19.90
C LEU O 337 -1.73 -79.05 -20.06
N GLY O 338 -1.16 -80.11 -19.50
CA GLY O 338 -1.77 -81.42 -19.65
C GLY O 338 -3.04 -81.64 -18.85
N GLY O 339 -3.23 -80.83 -17.82
CA GLY O 339 -4.42 -80.97 -16.99
C GLY O 339 -4.15 -80.42 -15.61
N ASN O 340 -4.95 -80.84 -14.63
CA ASN O 340 -4.77 -80.35 -13.26
C ASN O 340 -5.19 -81.40 -12.22
N GLU O 341 -4.61 -81.28 -11.03
CA GLU O 341 -4.93 -82.19 -9.95
C GLU O 341 -6.22 -81.68 -9.30
N SER O 342 -6.93 -82.56 -8.62
CA SER O 342 -8.18 -82.20 -7.95
C SER O 342 -8.34 -82.99 -6.65
N TYR O 343 -8.79 -82.32 -5.60
CA TYR O 343 -9.01 -82.93 -4.29
C TYR O 343 -10.50 -82.75 -3.91
N PRO O 344 -11.40 -83.58 -4.48
CA PRO O 344 -12.85 -83.51 -4.23
C PRO O 344 -13.32 -83.65 -2.78
N ASP O 345 -12.55 -84.33 -1.94
CA ASP O 345 -12.93 -84.51 -0.53
C ASP O 345 -11.82 -84.07 0.43
N LEU O 346 -10.93 -83.20 -0.03
CA LEU O 346 -9.83 -82.73 0.81
C LEU O 346 -9.56 -81.22 0.75
N PHE O 347 -9.24 -80.66 1.90
CA PHE O 347 -8.91 -79.24 2.02
C PHE O 347 -9.94 -78.28 1.41
N GLN O 348 -11.22 -78.56 1.60
CA GLN O 348 -12.27 -77.68 1.07
C GLN O 348 -12.56 -76.52 2.03
N PRO O 349 -13.19 -75.44 1.52
CA PRO O 349 -13.66 -75.17 0.16
C PRO O 349 -12.58 -74.63 -0.79
N TYR O 350 -11.33 -74.66 -0.34
CA TYR O 350 -10.19 -74.18 -1.10
C TYR O 350 -9.76 -75.16 -2.19
N GLY O 351 -10.45 -75.12 -3.31
CA GLY O 351 -10.14 -76.02 -4.41
C GLY O 351 -11.37 -76.20 -5.26
N GLY O 352 -11.59 -77.42 -5.75
CA GLY O 352 -12.78 -77.67 -6.55
C GLY O 352 -13.00 -76.82 -7.80
N PHE O 353 -14.27 -76.60 -8.11
CA PHE O 353 -14.66 -75.85 -9.29
C PHE O 353 -15.81 -74.93 -8.90
N PRO O 354 -16.30 -74.12 -9.86
CA PRO O 354 -17.41 -73.22 -9.54
C PRO O 354 -18.66 -74.06 -9.27
N ASP O 355 -19.61 -73.50 -8.53
CA ASP O 355 -20.87 -74.18 -8.22
C ASP O 355 -21.57 -74.47 -9.56
N GLY O 356 -21.81 -75.75 -9.83
CA GLY O 356 -22.46 -76.11 -11.08
C GLY O 356 -21.61 -76.90 -12.04
N VAL O 357 -20.33 -76.53 -12.19
CA VAL O 357 -19.44 -77.26 -13.09
C VAL O 357 -19.36 -78.72 -12.67
N ARG O 358 -19.17 -79.62 -13.64
CA ARG O 358 -19.08 -81.03 -13.33
C ARG O 358 -18.00 -81.78 -14.08
N VAL O 359 -17.41 -82.76 -13.38
CA VAL O 359 -16.35 -83.60 -13.92
C VAL O 359 -16.95 -84.73 -14.76
N GLU O 360 -16.82 -84.62 -16.07
CA GLU O 360 -17.37 -85.64 -16.98
C GLU O 360 -16.30 -86.17 -17.94
N ASN O 361 -15.94 -87.44 -17.77
CA ASN O 361 -14.92 -88.09 -18.59
C ASN O 361 -13.55 -87.59 -18.22
N GLY O 362 -13.32 -87.33 -16.94
CA GLY O 362 -12.03 -86.80 -16.49
C GLY O 362 -11.77 -85.37 -16.97
N HIS O 363 -12.83 -84.67 -17.39
CA HIS O 363 -12.69 -83.29 -17.86
C HIS O 363 -13.76 -82.35 -17.31
N ILE O 364 -13.42 -81.06 -17.29
CA ILE O 364 -14.35 -80.03 -16.85
C ILE O 364 -14.26 -78.95 -17.90
N THR O 365 -15.26 -78.09 -17.98
CA THR O 365 -15.22 -77.01 -18.95
C THR O 365 -15.28 -75.69 -18.20
N MET O 366 -14.24 -74.89 -18.38
CA MET O 366 -14.14 -73.59 -17.72
C MET O 366 -15.24 -72.62 -18.12
N PRO O 367 -16.06 -72.19 -17.15
CA PRO O 367 -17.14 -71.24 -17.47
C PRO O 367 -16.48 -69.87 -17.67
N ASP O 368 -17.10 -68.99 -18.46
CA ASP O 368 -16.51 -67.69 -18.70
C ASP O 368 -16.76 -66.68 -17.58
N LEU O 369 -16.17 -66.96 -16.42
CA LEU O 369 -16.28 -66.08 -15.27
C LEU O 369 -15.08 -65.12 -15.27
N PRO O 370 -15.29 -63.87 -14.84
CA PRO O 370 -14.17 -62.93 -14.84
C PRO O 370 -13.09 -63.34 -13.82
N GLY O 371 -11.83 -63.13 -14.19
CA GLY O 371 -10.74 -63.49 -13.29
C GLY O 371 -10.55 -64.99 -13.18
N ILE O 372 -10.10 -65.44 -12.02
CA ILE O 372 -9.88 -66.86 -11.78
C ILE O 372 -11.22 -67.61 -11.75
N GLY O 373 -12.26 -66.91 -11.29
CA GLY O 373 -13.57 -67.52 -11.23
C GLY O 373 -13.97 -68.01 -9.84
N PHE O 374 -13.27 -67.53 -8.81
CA PHE O 374 -13.55 -67.92 -7.44
C PHE O 374 -14.99 -67.59 -7.03
N GLU O 375 -15.54 -66.50 -7.57
CA GLU O 375 -16.90 -66.09 -7.26
C GLU O 375 -17.92 -67.19 -7.57
N GLY O 376 -17.61 -68.02 -8.55
CA GLY O 376 -18.50 -69.09 -8.94
C GLY O 376 -18.64 -70.21 -7.91
N LYS O 377 -17.74 -70.24 -6.94
CA LYS O 377 -17.77 -71.26 -5.90
C LYS O 377 -18.15 -70.57 -4.60
N SER O 378 -19.45 -70.53 -4.33
CA SER O 378 -20.01 -69.88 -3.14
C SER O 378 -19.32 -70.18 -1.81
N ASP O 379 -19.14 -71.45 -1.47
CA ASP O 379 -18.51 -71.80 -0.20
C ASP O 379 -17.08 -71.29 -0.07
N LEU O 380 -16.41 -71.08 -1.19
CA LEU O 380 -15.03 -70.57 -1.18
C LEU O 380 -15.10 -69.04 -1.15
N TYR O 381 -15.88 -68.47 -2.06
CA TYR O 381 -16.02 -67.02 -2.14
C TYR O 381 -16.50 -66.42 -0.82
N LYS O 382 -17.29 -67.19 -0.07
CA LYS O 382 -17.80 -66.71 1.21
C LYS O 382 -16.61 -66.36 2.07
N GLU O 383 -15.62 -67.25 2.07
CA GLU O 383 -14.41 -67.07 2.86
C GLU O 383 -13.61 -65.86 2.39
N MET O 384 -13.54 -65.70 1.07
CA MET O 384 -12.80 -64.61 0.45
C MET O 384 -13.40 -63.23 0.68
N LYS O 385 -14.72 -63.08 0.47
CA LYS O 385 -15.33 -61.76 0.69
C LYS O 385 -15.34 -61.43 2.18
N ALA O 386 -15.16 -62.46 3.00
CA ALA O 386 -15.10 -62.29 4.46
C ALA O 386 -13.75 -61.67 4.83
N LEU O 387 -12.74 -61.96 4.02
CA LEU O 387 -11.39 -61.44 4.24
C LEU O 387 -11.33 -59.98 3.78
N ALA O 388 -11.85 -59.72 2.59
CA ALA O 388 -11.87 -58.38 2.04
C ALA O 388 -12.93 -58.27 0.96
N GLU O 389 -13.57 -57.11 0.87
CA GLU O 389 -14.60 -56.89 -0.13
C GLU O 389 -14.55 -55.44 -0.66
N SER P 2 17.47 -84.35 35.51
CA SER P 2 16.41 -83.64 34.72
C SER P 2 16.99 -82.68 33.68
N VAL P 3 16.55 -82.86 32.43
CA VAL P 3 16.98 -82.02 31.31
C VAL P 3 15.75 -81.72 30.45
N ARG P 4 15.32 -80.45 30.44
CA ARG P 4 14.16 -80.04 29.67
C ARG P 4 14.25 -78.58 29.22
N ILE P 5 14.04 -78.33 27.93
CA ILE P 5 14.07 -76.97 27.42
C ILE P 5 12.84 -76.27 27.96
N VAL P 6 13.07 -75.35 28.90
CA VAL P 6 12.00 -74.61 29.54
C VAL P 6 11.38 -73.63 28.54
N ASP P 7 12.22 -72.90 27.83
CA ASP P 7 11.73 -71.95 26.85
C ASP P 7 12.69 -71.70 25.70
N VAL P 8 12.12 -71.30 24.57
CA VAL P 8 12.87 -70.97 23.36
C VAL P 8 12.25 -69.68 22.85
N ARG P 9 13.02 -68.59 22.89
CA ARG P 9 12.50 -67.31 22.45
C ARG P 9 13.34 -66.66 21.35
N GLU P 10 12.68 -65.82 20.56
CA GLU P 10 13.32 -65.11 19.45
C GLU P 10 12.97 -63.63 19.46
N ILE P 11 14.00 -62.81 19.24
CA ILE P 11 13.86 -61.36 19.17
C ILE P 11 14.44 -60.95 17.81
N THR P 12 13.62 -60.32 16.98
CA THR P 12 14.08 -59.90 15.66
C THR P 12 14.84 -58.59 15.74
N LYS P 13 16.16 -58.70 15.66
CA LYS P 13 17.02 -57.53 15.72
C LYS P 13 17.23 -57.01 14.30
N PRO P 14 17.67 -55.75 14.17
CA PRO P 14 17.89 -55.20 12.83
C PRO P 14 19.38 -54.99 12.54
N ILE P 15 19.85 -55.54 11.42
CA ILE P 15 21.24 -55.36 11.04
C ILE P 15 21.29 -54.83 9.61
N SER P 16 20.55 -53.75 9.38
CA SER P 16 20.47 -53.13 8.07
C SER P 16 21.44 -51.98 7.87
N SER P 17 21.73 -51.66 6.61
CA SER P 17 22.66 -50.59 6.25
C SER P 17 22.60 -50.30 4.75
N PRO P 18 23.20 -49.19 4.29
CA PRO P 18 23.19 -48.83 2.87
C PRO P 18 24.15 -49.70 2.04
N ILE P 19 24.86 -50.58 2.74
CA ILE P 19 25.81 -51.51 2.13
C ILE P 19 25.14 -52.14 0.89
N ARG P 20 25.92 -52.58 -0.09
CA ARG P 20 25.30 -53.19 -1.27
C ARG P 20 26.22 -54.06 -2.13
N ASN P 21 25.67 -55.16 -2.65
CA ASN P 21 26.43 -56.06 -3.53
C ASN P 21 25.71 -56.21 -4.89
N ALA P 22 26.25 -57.08 -5.73
CA ALA P 22 25.72 -57.30 -7.06
C ALA P 22 24.25 -57.66 -7.16
N TYR P 23 23.73 -58.32 -6.14
CA TYR P 23 22.34 -58.78 -6.15
C TYR P 23 21.40 -58.04 -5.21
N ILE P 24 21.90 -57.73 -4.00
CA ILE P 24 21.09 -57.11 -2.95
C ILE P 24 21.67 -55.92 -2.20
N ASP P 25 20.78 -55.12 -1.60
CA ASP P 25 21.23 -54.01 -0.76
C ASP P 25 20.63 -54.40 0.61
N PHE P 26 21.31 -54.02 1.69
CA PHE P 26 20.85 -54.40 3.03
C PHE P 26 19.94 -53.41 3.75
N THR P 27 19.22 -52.63 2.96
CA THR P 27 18.29 -51.62 3.47
C THR P 27 17.33 -52.11 4.55
N LYS P 28 16.76 -53.29 4.37
CA LYS P 28 15.81 -53.83 5.34
C LYS P 28 16.30 -55.11 6.03
N MET P 29 17.60 -55.38 5.94
CA MET P 29 18.16 -56.59 6.52
C MET P 29 17.95 -56.75 8.03
N THR P 30 17.57 -57.95 8.43
CA THR P 30 17.33 -58.28 9.82
C THR P 30 17.92 -59.64 10.15
N THR P 31 17.83 -60.03 11.42
CA THR P 31 18.35 -61.31 11.86
C THR P 31 17.63 -61.74 13.13
N SER P 32 17.53 -63.05 13.34
CA SER P 32 16.86 -63.57 14.53
C SER P 32 17.84 -63.97 15.62
N LEU P 33 17.59 -63.47 16.83
CA LEU P 33 18.42 -63.80 17.99
C LEU P 33 17.59 -64.80 18.77
N VAL P 34 18.13 -65.99 18.96
CA VAL P 34 17.41 -67.04 19.67
C VAL P 34 18.06 -67.49 20.98
N ALA P 35 17.22 -67.88 21.92
CA ALA P 35 17.68 -68.36 23.21
C ALA P 35 16.95 -69.63 23.58
N VAL P 36 17.73 -70.66 23.89
CA VAL P 36 17.17 -71.94 24.30
C VAL P 36 17.40 -72.03 25.80
N VAL P 37 16.34 -71.79 26.56
CA VAL P 37 16.40 -71.81 28.02
C VAL P 37 16.18 -73.21 28.59
N THR P 38 17.14 -73.69 29.37
CA THR P 38 17.03 -75.01 29.98
C THR P 38 16.80 -74.88 31.48
N ASP P 39 16.62 -76.01 32.14
CA ASP P 39 16.41 -76.04 33.59
C ASP P 39 17.66 -76.56 34.28
N VAL P 40 18.68 -76.87 33.51
CA VAL P 40 19.93 -77.38 34.05
C VAL P 40 20.71 -76.22 34.66
N VAL P 41 21.33 -76.47 35.79
CA VAL P 41 22.10 -75.43 36.46
C VAL P 41 23.59 -75.75 36.56
N ARG P 42 24.40 -74.82 36.10
CA ARG P 42 25.86 -74.93 36.13
C ARG P 42 26.38 -73.59 36.65
N GLU P 43 27.20 -73.62 37.69
CA GLU P 43 27.71 -72.38 38.28
C GLU P 43 26.60 -71.57 38.94
N GLY P 44 25.62 -72.29 39.52
CA GLY P 44 24.49 -71.66 40.19
C GLY P 44 23.63 -70.80 39.28
N LYS P 45 23.91 -70.88 37.98
CA LYS P 45 23.17 -70.12 36.97
C LYS P 45 22.56 -71.08 35.96
N ARG P 46 21.32 -70.82 35.57
CA ARG P 46 20.64 -71.68 34.60
C ARG P 46 21.36 -71.55 33.25
N VAL P 47 21.59 -72.67 32.58
CA VAL P 47 22.26 -72.64 31.28
C VAL P 47 21.29 -72.28 30.16
N VAL P 48 21.69 -71.29 29.36
CA VAL P 48 20.90 -70.83 28.25
C VAL P 48 21.72 -70.83 26.96
N GLY P 49 21.16 -71.41 25.91
CA GLY P 49 21.86 -71.46 24.64
C GLY P 49 21.42 -70.29 23.78
N TYR P 50 22.36 -69.73 23.02
CA TYR P 50 22.06 -68.59 22.15
C TYR P 50 22.47 -68.86 20.71
N GLY P 51 21.85 -68.12 19.81
CA GLY P 51 22.15 -68.25 18.40
C GLY P 51 21.47 -67.17 17.60
N PHE P 52 21.92 -66.98 16.37
CA PHE P 52 21.34 -65.99 15.47
C PHE P 52 21.69 -66.39 14.05
N ASN P 53 20.89 -65.98 13.09
CA ASN P 53 21.19 -66.35 11.71
C ASN P 53 22.06 -65.31 11.00
N SER P 54 22.87 -65.79 10.06
CA SER P 54 23.76 -64.94 9.28
C SER P 54 23.01 -63.88 8.48
N ASN P 55 23.74 -62.89 8.00
CA ASN P 55 23.15 -61.83 7.21
C ASN P 55 22.73 -62.33 5.85
N GLY P 56 21.83 -61.60 5.21
CA GLY P 56 21.41 -61.98 3.86
C GLY P 56 20.09 -62.66 3.65
N ARG P 57 19.64 -63.45 4.62
CA ARG P 57 18.38 -64.15 4.44
C ARG P 57 17.22 -63.64 5.31
N TYR P 58 17.48 -62.62 6.12
CA TYR P 58 16.44 -62.03 6.99
C TYR P 58 16.11 -62.88 8.20
N GLY P 59 15.44 -62.27 9.17
CA GLY P 59 15.04 -62.99 10.38
C GLY P 59 13.91 -63.94 10.11
N GLN P 60 13.72 -64.92 10.99
CA GLN P 60 12.67 -65.91 10.80
C GLN P 60 11.79 -66.05 12.04
N GLY P 61 11.43 -64.93 12.65
CA GLY P 61 10.59 -64.94 13.83
C GLY P 61 9.32 -65.77 13.65
N GLY P 62 8.59 -65.51 12.57
CA GLY P 62 7.37 -66.24 12.32
C GLY P 62 7.53 -67.75 12.35
N LEU P 63 8.43 -68.27 11.53
CA LEU P 63 8.68 -69.71 11.47
C LEU P 63 9.16 -70.30 12.79
N ILE P 64 10.08 -69.61 13.46
CA ILE P 64 10.59 -70.10 14.73
C ILE P 64 9.44 -70.24 15.74
N ARG P 65 8.60 -69.23 15.83
CA ARG P 65 7.48 -69.29 16.76
C ARG P 65 6.36 -70.19 16.23
N GLU P 66 5.53 -69.66 15.34
CA GLU P 66 4.40 -70.38 14.76
C GLU P 66 4.60 -71.86 14.41
N ARG P 67 5.84 -72.31 14.22
CA ARG P 67 5.99 -73.70 13.81
C ARG P 67 7.07 -74.58 14.43
N PHE P 68 8.33 -74.22 14.26
CA PHE P 68 9.41 -75.04 14.80
C PHE P 68 9.60 -75.03 16.31
N ALA P 69 9.82 -73.85 16.90
CA ALA P 69 10.00 -73.75 18.35
C ALA P 69 8.78 -74.33 19.07
N SER P 70 7.65 -74.32 18.36
CA SER P 70 6.42 -74.85 18.92
C SER P 70 6.67 -76.33 19.26
N ARG P 71 6.86 -77.14 18.22
CA ARG P 71 7.11 -78.57 18.39
C ARG P 71 8.14 -78.84 19.49
N ILE P 72 9.28 -78.15 19.42
CA ILE P 72 10.38 -78.30 20.39
C ILE P 72 9.89 -78.35 21.84
N LEU P 73 8.90 -77.48 22.15
CA LEU P 73 8.32 -77.39 23.49
C LEU P 73 7.14 -78.34 23.70
N GLU P 74 6.41 -78.66 22.63
CA GLU P 74 5.28 -79.57 22.73
C GLU P 74 5.79 -81.00 22.79
N ALA P 75 7.11 -81.14 22.91
CA ALA P 75 7.72 -82.45 22.94
C ALA P 75 7.91 -83.01 24.34
N ASP P 76 7.97 -84.33 24.39
CA ASP P 76 8.18 -85.08 25.62
C ASP P 76 9.69 -85.07 25.84
N PRO P 77 10.19 -84.09 26.62
CA PRO P 77 11.61 -83.91 26.92
C PRO P 77 12.32 -85.18 27.35
N LYS P 78 11.56 -86.22 27.62
CA LYS P 78 12.13 -87.50 28.03
C LYS P 78 12.70 -88.18 26.79
N LYS P 79 12.15 -87.81 25.63
CA LYS P 79 12.54 -88.38 24.34
C LYS P 79 13.52 -87.52 23.54
N LEU P 80 14.11 -86.53 24.19
CA LEU P 80 15.07 -85.63 23.54
C LEU P 80 16.42 -85.70 24.22
N LEU P 81 16.66 -86.77 24.97
CA LEU P 81 17.92 -86.92 25.70
C LEU P 81 18.81 -88.00 25.13
N ASN P 82 20.09 -87.94 25.50
CA ASN P 82 21.07 -88.92 25.07
C ASN P 82 20.85 -90.23 25.84
N GLU P 83 21.73 -91.19 25.62
CA GLU P 83 21.64 -92.48 26.30
C GLU P 83 21.62 -92.32 27.81
N ALA P 84 22.61 -91.59 28.31
CA ALA P 84 22.73 -91.34 29.75
C ALA P 84 21.57 -90.52 30.33
N GLY P 85 20.86 -89.80 29.47
CA GLY P 85 19.75 -88.98 29.94
C GLY P 85 20.19 -87.77 30.75
N ASP P 86 21.48 -87.44 30.67
CA ASP P 86 22.01 -86.30 31.41
C ASP P 86 22.20 -85.05 30.55
N ASN P 87 21.83 -85.14 29.27
CA ASN P 87 21.96 -84.02 28.35
C ASN P 87 21.04 -84.17 27.16
N LEU P 88 20.79 -83.07 26.47
CA LEU P 88 19.94 -83.08 25.29
C LEU P 88 20.67 -83.73 24.12
N ASP P 89 19.93 -84.40 23.26
CA ASP P 89 20.50 -85.02 22.06
C ASP P 89 20.13 -84.07 20.91
N PRO P 90 21.14 -83.35 20.38
CA PRO P 90 20.90 -82.40 19.28
C PRO P 90 20.04 -82.98 18.15
N ASP P 91 20.42 -84.16 17.67
CA ASP P 91 19.70 -84.82 16.59
C ASP P 91 18.26 -85.17 16.93
N LYS P 92 18.00 -85.50 18.19
CA LYS P 92 16.62 -85.83 18.57
C LYS P 92 15.77 -84.56 18.57
N VAL P 93 16.38 -83.45 18.99
CA VAL P 93 15.68 -82.17 19.02
C VAL P 93 15.42 -81.75 17.57
N TRP P 94 16.43 -81.94 16.73
CA TRP P 94 16.32 -81.60 15.31
C TRP P 94 15.15 -82.37 14.69
N ALA P 95 15.18 -83.69 14.86
CA ALA P 95 14.14 -84.56 14.32
C ALA P 95 12.79 -84.09 14.84
N ALA P 96 12.78 -83.69 16.10
CA ALA P 96 11.55 -83.22 16.73
C ALA P 96 10.93 -82.03 16.00
N MET P 97 11.76 -81.04 15.65
CA MET P 97 11.22 -79.87 14.96
C MET P 97 11.01 -80.05 13.47
N MET P 98 11.49 -81.15 12.91
CA MET P 98 11.33 -81.42 11.48
C MET P 98 10.19 -82.38 11.13
N ILE P 99 9.40 -82.78 12.13
CA ILE P 99 8.29 -83.67 11.85
C ILE P 99 7.23 -82.94 11.05
N ASN P 100 6.64 -83.63 10.09
CA ASN P 100 5.60 -83.05 9.24
C ASN P 100 6.06 -81.94 8.33
N GLU P 101 7.32 -82.01 7.93
CA GLU P 101 7.91 -81.05 7.01
C GLU P 101 8.15 -81.82 5.72
N LYS P 102 7.49 -81.44 4.62
CA LYS P 102 7.68 -82.12 3.34
C LYS P 102 9.06 -81.83 2.73
N PRO P 103 9.60 -82.79 1.94
CA PRO P 103 10.91 -82.64 1.30
C PRO P 103 10.96 -81.49 0.29
N GLY P 104 12.19 -81.08 -0.06
CA GLY P 104 12.35 -79.98 -0.99
C GLY P 104 12.03 -78.65 -0.33
N GLY P 105 12.08 -77.57 -1.11
CA GLY P 105 11.79 -76.26 -0.57
C GLY P 105 12.71 -75.81 0.55
N HIS P 106 14.02 -75.93 0.37
CA HIS P 106 14.98 -75.55 1.40
C HIS P 106 15.35 -74.08 1.50
N GLY P 107 14.36 -73.26 1.84
CA GLY P 107 14.60 -71.85 1.99
C GLY P 107 13.74 -71.32 3.11
N GLU P 108 14.31 -70.43 3.92
CA GLU P 108 13.59 -69.83 5.05
C GLU P 108 13.58 -70.71 6.29
N ARG P 109 12.81 -71.79 6.25
CA ARG P 109 12.70 -72.71 7.38
C ARG P 109 14.06 -73.29 7.73
N SER P 110 14.94 -73.37 6.74
CA SER P 110 16.28 -73.89 6.94
C SER P 110 17.07 -72.92 7.83
N VAL P 111 16.66 -71.65 7.76
CA VAL P 111 17.29 -70.59 8.54
C VAL P 111 16.75 -70.65 9.96
N ALA P 112 15.44 -70.88 10.07
CA ALA P 112 14.79 -70.97 11.37
C ALA P 112 15.38 -72.15 12.16
N VAL P 113 15.33 -73.33 11.54
CA VAL P 113 15.86 -74.53 12.19
C VAL P 113 17.35 -74.37 12.46
N GLY P 114 18.06 -73.80 11.50
CA GLY P 114 19.49 -73.63 11.66
C GLY P 114 19.86 -72.77 12.86
N THR P 115 19.12 -71.69 13.04
CA THR P 115 19.41 -70.79 14.15
C THR P 115 19.02 -71.40 15.50
N ILE P 116 17.93 -72.18 15.53
CA ILE P 116 17.51 -72.84 16.76
C ILE P 116 18.57 -73.89 17.10
N ASP P 117 18.98 -74.63 16.07
CA ASP P 117 19.98 -75.68 16.22
C ASP P 117 21.25 -75.10 16.84
N MET P 118 21.62 -73.90 16.43
CA MET P 118 22.82 -73.26 16.97
C MET P 118 22.71 -73.18 18.49
N ALA P 119 21.57 -72.67 18.95
CA ALA P 119 21.32 -72.52 20.36
C ALA P 119 21.31 -73.88 21.08
N VAL P 120 20.69 -74.87 20.46
CA VAL P 120 20.63 -76.19 21.09
C VAL P 120 22.03 -76.73 21.36
N TRP P 121 22.91 -76.66 20.38
CA TRP P 121 24.27 -77.14 20.56
C TRP P 121 25.01 -76.32 21.60
N ASP P 122 24.71 -75.02 21.63
CA ASP P 122 25.35 -74.12 22.59
C ASP P 122 25.02 -74.61 23.99
N ALA P 123 23.73 -74.93 24.19
CA ALA P 123 23.25 -75.42 25.47
C ALA P 123 23.91 -76.76 25.82
N VAL P 124 23.86 -77.69 24.87
CA VAL P 124 24.43 -79.02 25.07
C VAL P 124 25.89 -78.95 25.52
N ALA P 125 26.69 -78.13 24.85
CA ALA P 125 28.10 -77.98 25.21
C ALA P 125 28.24 -77.40 26.61
N LYS P 126 27.38 -76.43 26.92
CA LYS P 126 27.40 -75.79 28.24
C LYS P 126 27.03 -76.81 29.33
N ILE P 127 26.01 -77.61 29.06
CA ILE P 127 25.57 -78.64 30.00
C ILE P 127 26.68 -79.67 30.23
N ALA P 128 27.51 -79.88 29.21
CA ALA P 128 28.61 -80.82 29.30
C ALA P 128 29.86 -80.15 29.86
N GLY P 129 29.77 -78.84 30.05
CA GLY P 129 30.89 -78.08 30.58
C GLY P 129 32.12 -78.02 29.68
N LYS P 130 31.92 -78.11 28.37
CA LYS P 130 33.04 -78.04 27.43
C LYS P 130 32.78 -77.01 26.34
N PRO P 131 33.85 -76.57 25.67
CA PRO P 131 33.68 -75.59 24.59
C PRO P 131 33.10 -76.42 23.44
N LEU P 132 32.09 -75.89 22.74
CA LEU P 132 31.48 -76.64 21.64
C LEU P 132 32.47 -77.33 20.73
N PHE P 133 33.52 -76.62 20.32
CA PHE P 133 34.49 -77.22 19.42
C PHE P 133 35.22 -78.41 20.01
N ARG P 134 35.42 -78.42 21.33
CA ARG P 134 36.08 -79.56 21.99
C ARG P 134 35.12 -80.75 22.00
N LEU P 135 33.87 -80.47 22.33
CA LEU P 135 32.84 -81.50 22.39
C LEU P 135 32.64 -82.14 21.02
N LEU P 136 32.71 -81.32 19.97
CA LEU P 136 32.54 -81.82 18.62
C LEU P 136 33.66 -82.78 18.25
N ALA P 137 34.90 -82.35 18.45
CA ALA P 137 36.05 -83.20 18.14
C ALA P 137 35.92 -84.53 18.87
N GLU P 138 35.53 -84.47 20.14
CA GLU P 138 35.35 -85.66 20.95
C GLU P 138 34.36 -86.61 20.28
N ARG P 139 33.15 -86.11 20.01
CA ARG P 139 32.10 -86.91 19.39
C ARG P 139 32.55 -87.56 18.08
N HIS P 140 33.52 -86.94 17.39
CA HIS P 140 34.03 -87.47 16.13
C HIS P 140 35.31 -88.27 16.31
N GLY P 141 35.81 -88.33 17.54
CA GLY P 141 37.01 -89.08 17.81
C GLY P 141 38.23 -88.49 17.13
N VAL P 142 38.36 -87.16 17.22
CA VAL P 142 39.51 -86.47 16.63
C VAL P 142 39.96 -85.40 17.62
N LYS P 143 41.15 -84.86 17.41
CA LYS P 143 41.67 -83.84 18.32
C LYS P 143 41.45 -82.45 17.73
N ALA P 144 40.46 -81.74 18.26
CA ALA P 144 40.14 -80.39 17.79
C ALA P 144 41.38 -79.51 17.66
N ASN P 145 41.26 -78.43 16.91
CA ASN P 145 42.37 -77.49 16.72
C ASN P 145 41.89 -76.07 17.03
N PRO P 146 42.61 -75.38 17.94
CA PRO P 146 42.32 -74.00 18.38
C PRO P 146 42.48 -72.98 17.27
N ARG P 147 43.68 -72.96 16.69
CA ARG P 147 44.00 -72.03 15.62
C ARG P 147 43.09 -72.20 14.41
N VAL P 148 42.34 -71.14 14.12
CA VAL P 148 41.42 -71.13 12.99
C VAL P 148 41.71 -69.98 12.05
N PHE P 149 41.80 -70.27 10.76
CA PHE P 149 42.05 -69.25 9.75
C PHE P 149 40.79 -68.41 9.55
N VAL P 150 40.98 -67.10 9.45
CA VAL P 150 39.85 -66.20 9.25
C VAL P 150 40.26 -65.12 8.24
N TYR P 151 39.30 -64.70 7.43
CA TYR P 151 39.55 -63.66 6.44
C TYR P 151 38.53 -62.54 6.63
N ALA P 152 38.90 -61.31 6.27
CA ALA P 152 37.99 -60.18 6.43
C ALA P 152 37.15 -59.97 5.17
N ALA P 153 35.84 -59.94 5.34
CA ALA P 153 34.92 -59.76 4.22
C ALA P 153 34.26 -58.40 4.25
N GLY P 154 34.40 -57.65 3.17
CA GLY P 154 33.80 -56.35 3.08
C GLY P 154 33.85 -55.87 1.65
N GLY P 155 34.38 -54.67 1.45
CA GLY P 155 34.48 -54.12 0.12
C GLY P 155 33.15 -53.97 -0.58
N TYR P 156 32.13 -53.54 0.17
CA TYR P 156 30.80 -53.35 -0.38
C TYR P 156 30.72 -52.05 -1.18
N TYR P 157 29.67 -51.93 -1.99
CA TYR P 157 29.42 -50.73 -2.75
C TYR P 157 28.64 -49.88 -1.78
N TYR P 158 29.06 -48.63 -1.60
CA TYR P 158 28.37 -47.74 -0.67
C TYR P 158 28.17 -46.40 -1.37
N PRO P 159 27.02 -45.75 -1.13
CA PRO P 159 26.80 -44.46 -1.79
C PRO P 159 27.89 -43.45 -1.42
N GLY P 160 28.59 -42.96 -2.43
CA GLY P 160 29.65 -41.99 -2.20
C GLY P 160 31.00 -42.56 -1.80
N LYS P 161 31.13 -43.88 -1.85
CA LYS P 161 32.38 -44.55 -1.50
C LYS P 161 33.29 -44.65 -2.72
N GLY P 162 34.49 -44.06 -2.63
CA GLY P 162 35.42 -44.10 -3.76
C GLY P 162 36.61 -45.00 -3.50
N LEU P 163 37.54 -45.04 -4.44
CA LEU P 163 38.73 -45.88 -4.31
C LEU P 163 39.45 -45.56 -3.01
N SER P 164 39.47 -44.29 -2.66
CA SER P 164 40.12 -43.82 -1.43
C SER P 164 39.62 -44.63 -0.24
N MET P 165 38.31 -44.56 0.02
CA MET P 165 37.71 -45.27 1.13
C MET P 165 37.86 -46.79 1.04
N LEU P 166 37.66 -47.34 -0.15
CA LEU P 166 37.77 -48.79 -0.34
C LEU P 166 39.14 -49.18 0.22
N ARG P 167 40.16 -48.45 -0.22
CA ARG P 167 41.53 -48.67 0.22
C ARG P 167 41.62 -48.61 1.74
N GLY P 168 41.01 -47.58 2.31
CA GLY P 168 41.03 -47.42 3.74
C GLY P 168 40.47 -48.64 4.43
N GLU P 169 39.29 -49.07 4.00
CA GLU P 169 38.62 -50.23 4.56
C GLU P 169 39.55 -51.43 4.63
N MET P 170 40.16 -51.75 3.48
CA MET P 170 41.06 -52.89 3.40
C MET P 170 42.24 -52.73 4.34
N ARG P 171 42.90 -51.57 4.29
CA ARG P 171 44.04 -51.31 5.15
C ARG P 171 43.62 -51.52 6.61
N GLY P 172 42.39 -51.10 6.91
CA GLY P 172 41.87 -51.25 8.24
C GLY P 172 41.88 -52.72 8.64
N TYR P 173 41.52 -53.60 7.71
CA TYR P 173 41.50 -55.02 8.01
C TYR P 173 42.92 -55.54 8.23
N LEU P 174 43.85 -55.14 7.37
CA LEU P 174 45.23 -55.56 7.51
C LEU P 174 45.78 -55.11 8.86
N ASP P 175 45.40 -53.90 9.28
CA ASP P 175 45.85 -53.37 10.55
C ASP P 175 45.40 -54.27 11.69
N ARG P 176 44.30 -54.98 11.47
CA ARG P 176 43.75 -55.86 12.49
C ARG P 176 44.24 -57.31 12.48
N GLY P 177 45.12 -57.65 11.55
CA GLY P 177 45.66 -59.01 11.52
C GLY P 177 45.11 -59.97 10.49
N TYR P 178 44.54 -59.42 9.42
CA TYR P 178 44.00 -60.23 8.33
C TYR P 178 45.00 -60.15 7.19
N ASN P 179 45.31 -61.29 6.59
CA ASN P 179 46.24 -61.35 5.47
C ASN P 179 45.49 -61.74 4.20
N VAL P 180 44.16 -61.86 4.33
CA VAL P 180 43.28 -62.21 3.21
C VAL P 180 41.95 -61.46 3.34
N VAL P 181 41.61 -60.69 2.33
CA VAL P 181 40.36 -59.94 2.36
C VAL P 181 39.49 -60.18 1.14
N LYS P 182 38.21 -59.82 1.26
CA LYS P 182 37.25 -60.00 0.16
C LYS P 182 36.44 -58.74 -0.16
N MET P 183 36.24 -58.48 -1.46
CA MET P 183 35.49 -57.32 -1.93
C MET P 183 34.39 -57.72 -2.95
N LYS P 184 33.26 -57.02 -2.95
CA LYS P 184 32.17 -57.34 -3.89
C LYS P 184 32.47 -56.81 -5.29
N ILE P 185 31.94 -57.49 -6.30
CA ILE P 185 32.11 -57.08 -7.68
C ILE P 185 30.80 -57.34 -8.43
N GLY P 186 30.73 -56.89 -9.67
CA GLY P 186 29.51 -57.12 -10.44
C GLY P 186 28.42 -56.10 -10.18
N GLY P 187 28.72 -55.14 -9.32
CA GLY P 187 27.74 -54.11 -9.01
C GLY P 187 28.11 -52.80 -9.67
N ALA P 188 29.01 -52.88 -10.66
CA ALA P 188 29.50 -51.74 -11.42
C ALA P 188 30.06 -52.27 -12.73
N PRO P 189 30.23 -51.41 -13.75
CA PRO P 189 30.77 -51.96 -15.00
C PRO P 189 32.09 -52.70 -14.78
N ILE P 190 32.34 -53.70 -15.61
CA ILE P 190 33.53 -54.53 -15.48
C ILE P 190 34.86 -53.78 -15.39
N GLU P 191 35.02 -52.73 -16.19
CA GLU P 191 36.28 -51.97 -16.15
C GLU P 191 36.39 -51.12 -14.89
N GLU P 192 35.24 -50.68 -14.40
CA GLU P 192 35.24 -49.89 -13.18
C GLU P 192 35.65 -50.84 -12.06
N ASP P 193 35.23 -52.10 -12.16
CA ASP P 193 35.58 -53.10 -11.15
C ASP P 193 37.09 -53.39 -11.20
N ARG P 194 37.65 -53.42 -12.41
CA ARG P 194 39.07 -53.67 -12.55
C ARG P 194 39.82 -52.57 -11.79
N MET P 195 39.38 -51.32 -11.98
CA MET P 195 40.02 -50.20 -11.30
C MET P 195 39.88 -50.35 -9.79
N ARG P 196 38.78 -50.95 -9.35
CA ARG P 196 38.54 -51.14 -7.93
C ARG P 196 39.48 -52.21 -7.40
N ILE P 197 39.62 -53.28 -8.17
CA ILE P 197 40.48 -54.39 -7.76
C ILE P 197 41.95 -53.99 -7.69
N GLU P 198 42.46 -53.37 -8.76
CA GLU P 198 43.86 -52.94 -8.80
C GLU P 198 44.18 -52.06 -7.60
N ALA P 199 43.27 -51.13 -7.29
CA ALA P 199 43.44 -50.20 -6.19
C ALA P 199 43.52 -50.86 -4.80
N VAL P 200 42.87 -52.01 -4.64
CA VAL P 200 42.92 -52.72 -3.36
C VAL P 200 44.12 -53.66 -3.38
N LEU P 201 44.47 -54.09 -4.58
CA LEU P 201 45.60 -54.99 -4.79
C LEU P 201 46.86 -54.21 -4.43
N GLU P 202 46.89 -52.95 -4.83
CA GLU P 202 48.02 -52.08 -4.53
C GLU P 202 48.07 -51.69 -3.07
N GLU P 203 46.90 -51.43 -2.49
CA GLU P 203 46.84 -51.07 -1.09
C GLU P 203 47.39 -52.18 -0.19
N ILE P 204 46.99 -53.42 -0.44
CA ILE P 204 47.46 -54.54 0.39
C ILE P 204 48.83 -55.05 -0.02
N GLY P 205 49.26 -54.70 -1.24
CA GLY P 205 50.55 -55.13 -1.72
C GLY P 205 50.85 -56.60 -1.49
N LYS P 206 51.89 -56.89 -0.72
CA LYS P 206 52.27 -58.26 -0.44
C LYS P 206 51.94 -58.69 0.98
N ASP P 207 51.11 -57.90 1.67
CA ASP P 207 50.73 -58.23 3.05
C ASP P 207 49.42 -59.01 3.13
N ALA P 208 48.74 -59.13 2.00
CA ALA P 208 47.47 -59.84 1.99
C ALA P 208 47.03 -60.25 0.59
N GLN P 209 46.08 -61.17 0.53
CA GLN P 209 45.55 -61.65 -0.73
C GLN P 209 44.09 -61.21 -0.85
N LEU P 210 43.66 -61.00 -2.09
CA LEU P 210 42.30 -60.52 -2.36
C LEU P 210 41.33 -61.55 -2.97
N ALA P 211 40.10 -61.53 -2.49
CA ALA P 211 39.06 -62.42 -2.99
C ALA P 211 37.91 -61.56 -3.48
N VAL P 212 37.33 -61.92 -4.63
CA VAL P 212 36.20 -61.17 -5.19
C VAL P 212 34.92 -62.02 -5.13
N ASP P 213 33.79 -61.35 -4.92
CA ASP P 213 32.50 -62.03 -4.80
C ASP P 213 31.43 -61.35 -5.68
N ALA P 214 30.91 -62.09 -6.66
CA ALA P 214 29.90 -61.58 -7.58
C ALA P 214 28.46 -61.84 -7.09
N ASN P 215 28.34 -62.48 -5.93
CA ASN P 215 27.04 -62.76 -5.34
C ASN P 215 26.03 -63.45 -6.26
N GLY P 216 26.54 -64.30 -7.15
CA GLY P 216 25.70 -65.04 -8.07
C GLY P 216 24.85 -64.23 -9.03
N ARG P 217 25.35 -63.06 -9.40
CA ARG P 217 24.61 -62.17 -10.30
C ARG P 217 24.85 -62.40 -11.79
N PHE P 218 26.01 -62.95 -12.17
CA PHE P 218 26.34 -63.16 -13.57
C PHE P 218 25.72 -64.32 -14.34
N ASN P 219 25.49 -64.10 -15.63
CA ASN P 219 24.99 -65.14 -16.51
C ASN P 219 26.29 -65.75 -17.07
N LEU P 220 26.19 -66.78 -17.89
CA LEU P 220 27.40 -67.41 -18.39
C LEU P 220 28.40 -66.47 -19.06
N GLU P 221 27.93 -65.70 -20.04
CA GLU P 221 28.83 -64.79 -20.77
C GLU P 221 29.48 -63.74 -19.87
N THR P 222 28.69 -63.14 -18.99
CA THR P 222 29.25 -62.14 -18.10
C THR P 222 30.27 -62.80 -17.18
N GLY P 223 29.94 -63.98 -16.69
CA GLY P 223 30.85 -64.69 -15.82
C GLY P 223 32.18 -64.94 -16.49
N ILE P 224 32.13 -65.26 -17.77
CA ILE P 224 33.32 -65.54 -18.55
C ILE P 224 34.11 -64.26 -18.81
N ALA P 225 33.40 -63.17 -19.08
CA ALA P 225 34.05 -61.88 -19.34
C ALA P 225 34.85 -61.49 -18.10
N TYR P 226 34.22 -61.54 -16.94
CA TYR P 226 34.87 -61.21 -15.69
C TYR P 226 36.01 -62.20 -15.39
N ALA P 227 35.84 -63.45 -15.83
CA ALA P 227 36.88 -64.45 -15.61
C ALA P 227 38.14 -64.04 -16.35
N LYS P 228 37.99 -63.67 -17.63
CA LYS P 228 39.11 -63.27 -18.44
C LYS P 228 39.84 -62.06 -17.85
N MET P 229 39.07 -61.18 -17.21
CA MET P 229 39.62 -59.97 -16.60
C MET P 229 40.26 -60.31 -15.25
N LEU P 230 39.55 -61.09 -14.46
CA LEU P 230 39.99 -61.50 -13.14
C LEU P 230 41.23 -62.39 -13.11
N ARG P 231 41.32 -63.31 -14.07
CA ARG P 231 42.44 -64.25 -14.11
C ARG P 231 43.83 -63.64 -14.26
N ASP P 232 43.90 -62.38 -14.69
CA ASP P 232 45.20 -61.74 -14.84
C ASP P 232 45.75 -61.26 -13.50
N TYR P 233 44.92 -61.32 -12.46
CA TYR P 233 45.36 -60.90 -11.14
C TYR P 233 45.49 -62.11 -10.23
N PRO P 234 46.41 -62.07 -9.26
CA PRO P 234 46.64 -63.17 -8.32
C PRO P 234 45.61 -63.23 -7.18
N LEU P 235 44.35 -63.38 -7.55
CA LEU P 235 43.26 -63.43 -6.57
C LEU P 235 43.23 -64.71 -5.74
N PHE P 236 42.70 -64.62 -4.53
CA PHE P 236 42.60 -65.76 -3.62
C PHE P 236 41.47 -66.67 -4.11
N TRP P 237 40.35 -66.06 -4.51
CA TRP P 237 39.23 -66.80 -5.06
C TRP P 237 38.18 -65.93 -5.74
N TYR P 238 37.45 -66.54 -6.66
CA TYR P 238 36.38 -65.90 -7.43
C TYR P 238 35.13 -66.58 -6.88
N GLU P 239 34.34 -65.85 -6.10
CA GLU P 239 33.16 -66.40 -5.44
C GLU P 239 31.80 -66.21 -6.11
N GLU P 240 30.96 -67.24 -5.96
CA GLU P 240 29.59 -67.26 -6.49
C GLU P 240 29.41 -66.47 -7.79
N VAL P 241 29.97 -67.00 -8.88
CA VAL P 241 29.90 -66.35 -10.17
C VAL P 241 28.48 -66.21 -10.68
N GLY P 242 27.78 -67.33 -10.84
CA GLY P 242 26.42 -67.30 -11.33
C GLY P 242 25.42 -67.74 -10.28
N ASP P 243 24.16 -67.92 -10.68
CA ASP P 243 23.10 -68.36 -9.77
C ASP P 243 23.57 -69.58 -8.97
N PRO P 244 23.24 -69.64 -7.67
CA PRO P 244 23.64 -70.73 -6.77
C PRO P 244 23.24 -72.11 -7.27
N LEU P 245 22.14 -72.18 -8.01
CA LEU P 245 21.64 -73.44 -8.52
C LEU P 245 21.96 -73.78 -9.97
N ASP P 246 22.66 -72.88 -10.67
CA ASP P 246 23.02 -73.14 -12.07
C ASP P 246 24.37 -73.87 -12.09
N TYR P 247 24.35 -75.13 -11.70
CA TYR P 247 25.55 -75.93 -11.64
C TYR P 247 26.27 -76.02 -12.97
N ALA P 248 25.50 -76.06 -14.06
CA ALA P 248 26.10 -76.13 -15.39
C ALA P 248 26.97 -74.90 -15.67
N LEU P 249 26.50 -73.73 -15.23
CA LEU P 249 27.25 -72.49 -15.42
C LEU P 249 28.57 -72.59 -14.68
N GLN P 250 28.49 -72.95 -13.40
CA GLN P 250 29.70 -73.10 -12.59
C GLN P 250 30.70 -74.05 -13.25
N ALA P 251 30.21 -75.17 -13.76
CA ALA P 251 31.09 -76.15 -14.41
C ALA P 251 31.78 -75.59 -15.65
N ALA P 252 31.03 -74.84 -16.46
CA ALA P 252 31.57 -74.26 -17.68
C ALA P 252 32.70 -73.25 -17.40
N LEU P 253 32.69 -72.65 -16.22
CA LEU P 253 33.70 -71.70 -15.87
C LEU P 253 35.12 -72.26 -15.72
N ALA P 254 35.24 -73.53 -15.35
CA ALA P 254 36.55 -74.13 -15.17
C ALA P 254 37.46 -73.98 -16.39
N GLU P 255 36.86 -73.92 -17.57
CA GLU P 255 37.61 -73.78 -18.82
C GLU P 255 38.25 -72.40 -18.97
N PHE P 256 37.71 -71.41 -18.28
CA PHE P 256 38.23 -70.04 -18.41
C PHE P 256 38.89 -69.49 -17.14
N TYR P 257 38.73 -70.18 -16.02
CA TYR P 257 39.30 -69.69 -14.78
C TYR P 257 40.00 -70.81 -13.99
N PRO P 258 41.33 -70.93 -14.16
CA PRO P 258 42.15 -71.94 -13.50
C PRO P 258 42.24 -71.70 -11.99
N GLY P 259 42.22 -70.42 -11.60
CA GLY P 259 42.31 -70.08 -10.19
C GLY P 259 41.16 -70.56 -9.32
N PRO P 260 41.39 -70.68 -8.01
CA PRO P 260 40.31 -71.14 -7.12
C PRO P 260 39.01 -70.34 -7.16
N MET P 261 37.90 -71.07 -7.12
CA MET P 261 36.58 -70.45 -7.12
C MET P 261 35.86 -70.94 -5.86
N ALA P 262 34.79 -70.26 -5.50
CA ALA P 262 34.03 -70.63 -4.31
C ALA P 262 32.55 -70.36 -4.49
N THR P 263 31.73 -71.07 -3.73
CA THR P 263 30.29 -70.90 -3.80
C THR P 263 29.65 -71.77 -2.74
N GLY P 264 28.34 -71.66 -2.56
CA GLY P 264 27.66 -72.49 -1.58
C GLY P 264 26.94 -71.80 -0.45
N GLU P 265 27.23 -70.51 -0.21
CA GLU P 265 26.57 -69.79 0.87
C GLU P 265 25.06 -69.82 0.71
N ASN P 266 24.57 -69.93 -0.52
CA ASN P 266 23.14 -69.94 -0.75
C ASN P 266 22.50 -71.30 -1.02
N LEU P 267 23.21 -72.36 -0.66
CA LEU P 267 22.66 -73.71 -0.79
C LEU P 267 22.41 -74.08 0.68
N PHE P 268 21.17 -74.43 1.01
CA PHE P 268 20.82 -74.68 2.39
C PHE P 268 20.45 -76.10 2.84
N SER P 269 20.93 -77.13 2.16
CA SER P 269 20.62 -78.50 2.55
C SER P 269 21.70 -79.44 2.06
N HIS P 270 21.82 -80.61 2.66
CA HIS P 270 22.84 -81.55 2.22
C HIS P 270 22.46 -82.04 0.81
N GLN P 271 21.16 -82.02 0.49
CA GLN P 271 20.72 -82.44 -0.84
C GLN P 271 21.21 -81.45 -1.89
N ASP P 272 21.12 -80.16 -1.58
CA ASP P 272 21.57 -79.13 -2.50
C ASP P 272 23.09 -79.17 -2.61
N ALA P 273 23.76 -79.45 -1.48
CA ALA P 273 25.22 -79.54 -1.48
C ALA P 273 25.64 -80.72 -2.34
N ARG P 274 24.87 -81.80 -2.27
CA ARG P 274 25.18 -82.98 -3.05
C ARG P 274 25.06 -82.67 -4.53
N ASN P 275 24.05 -81.89 -4.91
CA ASN P 275 23.88 -81.54 -6.30
C ASN P 275 25.04 -80.70 -6.83
N LEU P 276 25.57 -79.81 -5.99
CA LEU P 276 26.70 -78.97 -6.37
C LEU P 276 27.91 -79.87 -6.63
N LEU P 277 28.15 -80.83 -5.76
CA LEU P 277 29.28 -81.73 -5.94
C LEU P 277 29.10 -82.67 -7.13
N ARG P 278 27.85 -82.95 -7.48
CA ARG P 278 27.55 -83.83 -8.61
C ARG P 278 27.61 -83.14 -9.98
N TYR P 279 27.12 -81.90 -10.04
CA TYR P 279 27.06 -81.19 -11.30
C TYR P 279 27.84 -79.89 -11.46
N GLY P 280 28.31 -79.31 -10.35
CA GLY P 280 29.04 -78.05 -10.41
C GLY P 280 30.42 -78.05 -11.03
N GLY P 281 30.98 -79.23 -11.25
CA GLY P 281 32.30 -79.29 -11.86
C GLY P 281 33.37 -78.52 -11.12
N MET P 282 33.26 -78.43 -9.80
CA MET P 282 34.28 -77.73 -9.04
C MET P 282 35.52 -78.60 -8.82
N ARG P 283 36.66 -77.94 -8.62
CA ARG P 283 37.94 -78.64 -8.41
C ARG P 283 38.18 -78.84 -6.91
N PRO P 284 38.06 -80.10 -6.44
CA PRO P 284 38.26 -80.41 -5.03
C PRO P 284 39.66 -80.12 -4.45
N ASP P 285 40.64 -79.88 -5.29
CA ASP P 285 41.98 -79.61 -4.80
C ASP P 285 42.21 -78.13 -4.51
N ARG P 286 41.32 -77.26 -4.99
CA ARG P 286 41.52 -75.84 -4.79
C ARG P 286 40.31 -74.94 -4.58
N ASP P 287 39.10 -75.44 -4.85
CA ASP P 287 37.93 -74.58 -4.65
C ASP P 287 37.44 -74.63 -3.20
N TRP P 288 36.51 -73.75 -2.87
CA TRP P 288 35.99 -73.69 -1.50
C TRP P 288 34.47 -73.79 -1.42
N LEU P 289 33.99 -74.54 -0.44
CA LEU P 289 32.56 -74.72 -0.24
C LEU P 289 32.16 -73.85 0.94
N GLN P 290 31.22 -72.93 0.71
CA GLN P 290 30.82 -71.99 1.75
C GLN P 290 29.46 -72.19 2.41
N PHE P 291 29.02 -73.44 2.52
CA PHE P 291 27.74 -73.73 3.16
C PHE P 291 27.76 -73.13 4.58
N ASP P 292 26.63 -72.57 5.00
CA ASP P 292 26.49 -71.94 6.32
C ASP P 292 25.46 -72.72 7.15
N CYS P 293 25.92 -73.40 8.20
CA CYS P 293 25.02 -74.21 9.03
C CYS P 293 23.89 -73.39 9.65
N ALA P 294 24.18 -72.13 9.95
CA ALA P 294 23.17 -71.25 10.56
C ALA P 294 21.98 -71.04 9.64
N LEU P 295 22.21 -71.15 8.32
CA LEU P 295 21.14 -70.95 7.35
C LEU P 295 20.72 -72.28 6.73
N SER P 296 21.37 -73.37 7.14
CA SER P 296 21.08 -74.68 6.55
C SER P 296 20.69 -75.79 7.52
N TYR P 297 19.65 -75.55 8.33
CA TYR P 297 19.17 -76.54 9.28
C TYR P 297 20.16 -76.90 10.39
N GLY P 298 21.14 -76.02 10.63
CA GLY P 298 22.10 -76.25 11.69
C GLY P 298 23.21 -77.27 11.54
N LEU P 299 23.93 -77.49 12.63
CA LEU P 299 25.05 -78.42 12.67
C LEU P 299 24.61 -79.87 12.47
N CYS P 300 23.40 -80.21 12.90
CA CYS P 300 22.89 -81.57 12.73
C CYS P 300 22.84 -81.87 11.24
N GLU P 301 22.49 -80.86 10.46
CA GLU P 301 22.41 -80.99 9.01
C GLU P 301 23.80 -80.88 8.40
N TYR P 302 24.59 -79.94 8.91
CA TYR P 302 25.94 -79.73 8.40
C TYR P 302 26.74 -81.02 8.46
N GLN P 303 26.47 -81.84 9.47
CA GLN P 303 27.20 -83.09 9.60
C GLN P 303 26.83 -84.02 8.46
N ARG P 304 25.59 -83.94 8.00
CA ARG P 304 25.16 -84.77 6.89
C ARG P 304 25.84 -84.25 5.62
N THR P 305 25.98 -82.93 5.51
CA THR P 305 26.63 -82.34 4.35
C THR P 305 28.09 -82.81 4.31
N LEU P 306 28.74 -82.83 5.47
CA LEU P 306 30.13 -83.28 5.54
C LEU P 306 30.23 -84.72 5.08
N GLU P 307 29.20 -85.49 5.37
CA GLU P 307 29.17 -86.88 4.96
C GLU P 307 29.08 -86.92 3.43
N VAL P 308 28.33 -85.97 2.85
CA VAL P 308 28.20 -85.90 1.39
C VAL P 308 29.56 -85.62 0.78
N LEU P 309 30.34 -84.74 1.40
CA LEU P 309 31.68 -84.43 0.89
C LEU P 309 32.50 -85.72 0.85
N LYS P 310 32.36 -86.51 1.91
CA LYS P 310 33.06 -87.76 2.09
C LYS P 310 32.74 -88.69 0.91
N THR P 311 31.46 -88.74 0.54
CA THR P 311 30.99 -89.57 -0.56
C THR P 311 31.49 -89.12 -1.94
N HIS P 312 31.91 -87.87 -2.05
CA HIS P 312 32.39 -87.38 -3.32
C HIS P 312 33.87 -87.09 -3.37
N GLY P 313 34.60 -87.54 -2.35
CA GLY P 313 36.03 -87.34 -2.33
C GLY P 313 36.58 -85.98 -1.90
N TRP P 314 35.75 -85.16 -1.27
CA TRP P 314 36.19 -83.83 -0.84
C TRP P 314 36.64 -83.82 0.61
N SER P 315 37.63 -82.99 0.91
CA SER P 315 38.14 -82.88 2.26
C SER P 315 37.36 -81.79 2.98
N PRO P 316 37.11 -81.98 4.29
CA PRO P 316 36.37 -80.96 5.04
C PRO P 316 37.17 -79.67 5.09
N SER P 317 38.47 -79.77 4.80
CA SER P 317 39.34 -78.59 4.83
C SER P 317 39.06 -77.64 3.67
N ARG P 318 38.15 -78.05 2.79
CA ARG P 318 37.78 -77.23 1.64
C ARG P 318 36.62 -76.33 2.02
N CYS P 319 36.15 -76.47 3.26
CA CYS P 319 35.02 -75.68 3.75
C CYS P 319 35.40 -74.43 4.52
N ILE P 320 34.85 -73.31 4.10
CA ILE P 320 35.05 -72.02 4.76
C ILE P 320 33.66 -71.41 4.76
N PRO P 321 32.87 -71.71 5.80
CA PRO P 321 31.50 -71.24 5.97
C PRO P 321 31.30 -69.73 5.84
N HIS P 322 30.16 -69.36 5.27
CA HIS P 322 29.78 -67.97 5.11
C HIS P 322 29.08 -67.62 6.42
N GLY P 323 28.91 -66.33 6.69
CA GLY P 323 28.22 -65.95 7.92
C GLY P 323 29.03 -65.21 8.97
N GLY P 324 30.31 -65.52 9.08
CA GLY P 324 31.16 -64.85 10.05
C GLY P 324 30.71 -64.95 11.50
N HIS P 325 30.12 -66.08 11.88
CA HIS P 325 29.66 -66.26 13.26
C HIS P 325 30.47 -67.31 14.01
N GLN P 326 30.40 -67.26 15.34
CA GLN P 326 31.14 -68.17 16.20
C GLN P 326 30.76 -69.65 16.09
N MET P 327 29.53 -69.95 15.67
CA MET P 327 29.12 -71.34 15.53
C MET P 327 30.07 -71.99 14.54
N SER P 328 30.30 -71.31 13.41
CA SER P 328 31.20 -71.81 12.38
C SER P 328 32.61 -71.99 12.95
N LEU P 329 33.06 -71.01 13.74
CA LEU P 329 34.40 -71.07 14.33
C LEU P 329 34.55 -72.36 15.13
N ASN P 330 33.50 -72.72 15.86
CA ASN P 330 33.52 -73.94 16.65
C ASN P 330 33.55 -75.18 15.76
N ILE P 331 32.71 -75.21 14.72
CA ILE P 331 32.69 -76.36 13.83
C ILE P 331 34.03 -76.51 13.13
N ALA P 332 34.60 -75.38 12.72
CA ALA P 332 35.89 -75.37 12.05
C ALA P 332 36.97 -75.96 12.94
N ALA P 333 37.06 -75.46 14.16
CA ALA P 333 38.07 -75.91 15.13
C ALA P 333 37.90 -77.38 15.51
N GLY P 334 36.66 -77.81 15.66
CA GLY P 334 36.41 -79.20 16.04
C GLY P 334 36.47 -80.24 14.93
N LEU P 335 35.93 -79.91 13.76
CA LEU P 335 35.90 -80.87 12.66
C LEU P 335 36.92 -80.66 11.54
N GLY P 336 37.81 -79.69 11.71
CA GLY P 336 38.83 -79.43 10.71
C GLY P 336 38.41 -78.76 9.41
N LEU P 337 37.57 -77.72 9.48
CA LEU P 337 37.17 -77.03 8.28
C LEU P 337 38.35 -76.15 7.85
N GLY P 338 38.25 -75.56 6.66
CA GLY P 338 39.34 -74.73 6.16
C GLY P 338 39.49 -73.39 6.83
N GLY P 339 38.45 -72.91 7.48
CA GLY P 339 38.50 -71.63 8.14
C GLY P 339 37.11 -71.03 8.27
N ASN P 340 37.02 -69.72 8.47
CA ASN P 340 35.73 -69.08 8.59
C ASN P 340 35.75 -67.65 8.07
N GLU P 341 34.59 -67.16 7.67
CA GLU P 341 34.47 -65.79 7.17
C GLU P 341 34.35 -64.88 8.40
N SER P 342 34.70 -63.62 8.23
CA SER P 342 34.61 -62.67 9.30
C SER P 342 34.22 -61.30 8.78
N TYR P 343 33.32 -60.65 9.52
CA TYR P 343 32.87 -59.33 9.12
C TYR P 343 33.27 -58.28 10.14
N PRO P 344 34.52 -57.79 10.08
CA PRO P 344 34.88 -56.78 11.06
C PRO P 344 33.96 -55.58 10.75
N ASP P 345 33.61 -54.79 11.75
CA ASP P 345 32.73 -53.64 11.54
C ASP P 345 31.67 -53.88 10.46
N LEU P 346 30.68 -54.70 10.81
CA LEU P 346 29.56 -55.04 9.93
C LEU P 346 28.73 -56.13 10.60
N PHE P 347 27.45 -55.85 10.79
CA PHE P 347 26.54 -56.80 11.42
C PHE P 347 26.81 -57.00 12.91
N GLN P 348 27.83 -56.31 13.43
CA GLN P 348 28.16 -56.42 14.86
C GLN P 348 27.02 -55.87 15.72
N PRO P 349 26.87 -56.37 16.95
CA PRO P 349 27.64 -57.40 17.66
C PRO P 349 27.51 -58.86 17.18
N TYR P 350 26.45 -59.15 16.43
CA TYR P 350 26.19 -60.50 15.93
C TYR P 350 27.26 -61.04 14.98
N GLY P 351 28.29 -61.66 15.55
CA GLY P 351 29.39 -62.20 14.77
C GLY P 351 30.67 -61.99 15.55
N GLY P 352 31.69 -61.40 14.91
CA GLY P 352 32.95 -61.14 15.57
C GLY P 352 33.48 -62.23 16.49
N PHE P 353 34.62 -61.96 17.13
CA PHE P 353 35.24 -62.93 18.03
C PHE P 353 35.06 -62.54 19.51
N PRO P 354 35.35 -63.48 20.44
CA PRO P 354 35.23 -63.22 21.88
C PRO P 354 36.27 -62.21 22.40
N ASP P 355 35.83 -61.30 23.25
CA ASP P 355 36.70 -60.25 23.84
C ASP P 355 38.05 -60.77 24.31
N GLY P 356 39.11 -60.22 23.73
CA GLY P 356 40.45 -60.64 24.10
C GLY P 356 41.12 -61.36 22.96
N VAL P 357 40.33 -62.15 22.22
CA VAL P 357 40.80 -62.92 21.07
C VAL P 357 41.76 -62.09 20.20
N ARG P 358 42.55 -62.74 19.36
CA ARG P 358 43.51 -62.01 18.53
C ARG P 358 43.62 -62.48 17.09
N VAL P 359 43.60 -61.53 16.16
CA VAL P 359 43.74 -61.87 14.74
C VAL P 359 45.20 -61.62 14.35
N GLU P 360 46.00 -62.67 14.40
CA GLU P 360 47.40 -62.55 14.05
C GLU P 360 47.74 -63.49 12.91
N ASN P 361 48.20 -62.91 11.80
CA ASN P 361 48.54 -63.68 10.60
C ASN P 361 47.33 -64.44 10.10
N GLY P 362 46.24 -63.73 9.89
CA GLY P 362 45.03 -64.35 9.40
C GLY P 362 44.47 -65.49 10.24
N HIS P 363 44.91 -65.59 11.49
CA HIS P 363 44.40 -66.64 12.37
C HIS P 363 44.03 -66.15 13.75
N ILE P 364 43.16 -66.92 14.42
CA ILE P 364 42.74 -66.61 15.77
C ILE P 364 42.84 -67.94 16.50
N THR P 365 42.90 -67.88 17.82
CA THR P 365 42.98 -69.11 18.60
C THR P 365 41.78 -69.16 19.52
N MET P 366 40.97 -70.21 19.35
CA MET P 366 39.77 -70.39 20.15
C MET P 366 40.05 -70.58 21.63
N PRO P 367 39.54 -69.67 22.47
CA PRO P 367 39.76 -69.79 23.91
C PRO P 367 38.83 -70.91 24.41
N ASP P 368 39.20 -71.60 25.48
CA ASP P 368 38.37 -72.67 25.99
C ASP P 368 37.16 -72.23 26.81
N LEU P 369 36.22 -71.56 26.15
CA LEU P 369 35.01 -71.09 26.80
C LEU P 369 33.92 -72.15 26.60
N PRO P 370 33.04 -72.33 27.60
CA PRO P 370 31.99 -73.34 27.45
C PRO P 370 31.00 -72.97 26.34
N GLY P 371 30.53 -73.98 25.61
CA GLY P 371 29.60 -73.72 24.53
C GLY P 371 30.25 -73.02 23.34
N ILE P 372 29.47 -72.20 22.64
CA ILE P 372 29.97 -71.47 21.48
C ILE P 372 30.97 -70.41 21.92
N GLY P 373 30.77 -69.88 23.13
CA GLY P 373 31.68 -68.87 23.66
C GLY P 373 31.18 -67.45 23.52
N PHE P 374 29.88 -67.30 23.31
CA PHE P 374 29.27 -65.98 23.16
C PHE P 374 29.49 -65.11 24.39
N GLU P 375 29.54 -65.74 25.57
CA GLU P 375 29.75 -65.00 26.81
C GLU P 375 31.05 -64.18 26.79
N GLY P 376 32.04 -64.66 26.04
CA GLY P 376 33.31 -63.96 25.97
C GLY P 376 33.27 -62.64 25.24
N LYS P 377 32.18 -62.38 24.51
CA LYS P 377 32.01 -61.14 23.76
C LYS P 377 30.92 -60.33 24.46
N SER P 378 31.34 -59.49 25.39
CA SER P 378 30.42 -58.67 26.18
C SER P 378 29.32 -57.93 25.42
N ASP P 379 29.70 -57.18 24.39
CA ASP P 379 28.70 -56.42 23.62
C ASP P 379 27.65 -57.30 22.95
N LEU P 380 28.01 -58.56 22.67
CA LEU P 380 27.07 -59.49 22.05
C LEU P 380 26.26 -60.17 23.15
N TYR P 381 26.95 -60.65 24.16
CA TYR P 381 26.29 -61.33 25.28
C TYR P 381 25.28 -60.43 25.97
N LYS P 382 25.56 -59.13 25.98
CA LYS P 382 24.65 -58.17 26.59
C LYS P 382 23.28 -58.33 25.95
N GLU P 383 23.29 -58.41 24.61
CA GLU P 383 22.08 -58.56 23.83
C GLU P 383 21.38 -59.88 24.12
N MET P 384 22.18 -60.93 24.25
CA MET P 384 21.66 -62.26 24.51
C MET P 384 21.03 -62.44 25.89
N LYS P 385 21.72 -62.00 26.95
CA LYS P 385 21.15 -62.15 28.30
C LYS P 385 19.95 -61.22 28.45
N ALA P 386 19.85 -60.23 27.57
CA ALA P 386 18.72 -59.30 27.59
C ALA P 386 17.49 -60.03 27.03
N LEU P 387 17.73 -60.99 26.14
CA LEU P 387 16.65 -61.76 25.53
C LEU P 387 16.15 -62.79 26.52
N ALA P 388 17.08 -63.50 27.14
CA ALA P 388 16.74 -64.52 28.12
C ALA P 388 17.94 -64.82 29.00
N GLU P 389 17.67 -65.11 30.27
CA GLU P 389 18.73 -65.40 31.22
C GLU P 389 18.30 -66.49 32.20
#